data_3ALA
#
_entry.id   3ALA
#
_cell.length_a   394.468
_cell.length_b   115.826
_cell.length_c   179.286
_cell.angle_alpha   90.00
_cell.angle_beta   112.34
_cell.angle_gamma   90.00
#
_symmetry.space_group_name_H-M   'C 1 2 1'
#
loop_
_entity.id
_entity.type
_entity.pdbx_description
1 polymer 'Membrane primary amine oxidase'
2 branched beta-D-mannopyranose-(1-4)-2-acetamido-2-deoxy-beta-D-glucopyranose-(1-4)-2-acetamido-2-deoxy-beta-D-glucopyranose
3 branched 2-acetamido-2-deoxy-beta-D-glucopyranose-(1-4)-2-acetamido-2-deoxy-beta-D-glucopyranose
4 branched beta-L-fucopyranose-(1-6)-2-acetamido-2-deoxy-beta-D-glucopyranose
5 branched 2-acetamido-2-deoxy-beta-D-glucopyranose-(1-4)-[beta-L-fucopyranose-(1-6)]2-acetamido-2-deoxy-beta-D-glucopyranose
6 branched alpha-L-fucopyranose-(1-6)-2-acetamido-2-deoxy-beta-D-glucopyranose
7 non-polymer 'COPPER (II) ION'
8 non-polymer 'CALCIUM ION'
9 non-polymer GLYCEROL
10 non-polymer 2-acetamido-2-deoxy-beta-D-glucopyranose
11 water water
#
_entity_poly.entity_id   1
_entity_poly.type   'polypeptide(L)'
_entity_poly.pdbx_seq_one_letter_code
;DIVDYKDDDDKENLYFQGEPSQLPHCPSVSPSAQPWTHPGQSQLFADLSREELTAVMRFLTQRLGPGLVDAAQARPSDNC
VFSVELQLPPKAAALAHLDRGSPPPAREALAIVFFGRQPQPNVSELVVGPLPHPSYMRDVTVERHGGPLPYHRRPVLFQE
YLDIDQMIFNRELPQASGLLHHCCFYKHRGRNLVTMTTAPRGLQSGDRATWFGLYYNISGAGFFLHHVGLELLVNHKALD
PARWTIQKVFYQGRYYDSLAQLEAQFEAGLVNVVLIPDNGTGGSWSLKSPVPPGPAPPLQFYPQGPRFSVQGSRVASSLW
TFSFGLGAFSGPRIFDVRFQGERLVYEISLQEALAIYGGNSPAAMTTRYVDGGFGMGKYTTPLTRGVDCPYLATYVDWHF
LLESQAPKTIRDAFCVFEQNQGLPLRRHHSDLYSHYFGGLAETVLVVRSMSTLLN(TPQ)DYVWDTVFHPSGAIEIRFYA
TGYISSAFLFGATGKYGNQVSEHTLGTVHTHSAHFKVDLDVAGLENWVWAEDMVFVPMAVPWSPEHQLQRLQVTRKLLEM
EEQAAFLVGSATPRYLYLASNHSNKWGHPRGYRIQMLSFAGEPLPQNSSMARGFSWERYQLAVTQRKEEEPSSSSVFNQN
DPWAPTVDFSDFINNETIAGKDLVAWVTAGFLHIPHAEDIPNTVTVGNGVGFFLRPYNFFDEDPSFYSADSIYFRGDQDA
GACEVNPLACLPQAAACAPDLPAFSHGGFSHN
;
_entity_poly.pdbx_strand_id   A,B,C,D,E,F,G
#
loop_
_chem_comp.id
_chem_comp.type
_chem_comp.name
_chem_comp.formula
BMA D-saccharide, beta linking beta-D-mannopyranose 'C6 H12 O6'
CA non-polymer 'CALCIUM ION' 'Ca 2'
CU non-polymer 'COPPER (II) ION' 'Cu 2'
FUC L-saccharide, alpha linking alpha-L-fucopyranose 'C6 H12 O5'
FUL L-saccharide, beta linking beta-L-fucopyranose 'C6 H12 O5'
GOL non-polymer GLYCEROL 'C3 H8 O3'
NAG D-saccharide, beta linking 2-acetamido-2-deoxy-beta-D-glucopyranose 'C8 H15 N O6'
#
# COMPACT_ATOMS: atom_id res chain seq x y z
N PRO A 24 21.52 3.40 -1.44
CA PRO A 24 21.22 3.83 -2.82
C PRO A 24 19.73 4.23 -3.05
N HIS A 25 19.46 5.53 -3.22
CA HIS A 25 18.13 6.04 -3.60
C HIS A 25 18.01 6.03 -5.14
N CYS A 26 16.96 6.60 -5.74
CA CYS A 26 16.84 6.62 -7.20
C CYS A 26 16.39 7.99 -7.70
N SER A 42 6.18 27.51 -27.80
CA SER A 42 4.73 27.69 -27.86
C SER A 42 3.94 26.97 -26.76
N GLN A 43 3.50 27.79 -25.79
CA GLN A 43 2.28 27.53 -25.00
C GLN A 43 1.17 28.48 -25.50
N LEU A 44 0.65 28.10 -26.65
CA LEU A 44 -0.33 28.84 -27.40
C LEU A 44 -1.65 28.12 -27.23
N PHE A 45 -1.61 26.93 -26.65
CA PHE A 45 -2.78 26.11 -26.38
C PHE A 45 -2.98 25.87 -24.89
N ALA A 46 -2.14 26.44 -24.05
CA ALA A 46 -2.25 26.26 -22.62
C ALA A 46 -3.56 26.83 -22.13
N ASP A 47 -4.18 26.20 -21.14
CA ASP A 47 -5.38 26.77 -20.50
C ASP A 47 -4.96 28.06 -19.86
N LEU A 48 -5.89 28.99 -19.71
CA LEU A 48 -5.59 30.29 -19.07
C LEU A 48 -5.10 30.12 -17.62
N SER A 49 -4.07 30.89 -17.25
CA SER A 49 -3.54 30.89 -15.88
C SER A 49 -4.38 31.68 -14.87
N ARG A 50 -4.12 31.48 -13.58
CA ARG A 50 -4.72 32.31 -12.52
C ARG A 50 -4.79 33.79 -12.92
N GLU A 51 -3.65 34.35 -13.35
CA GLU A 51 -3.54 35.77 -13.67
C GLU A 51 -4.46 36.14 -14.85
N GLU A 52 -4.28 35.42 -15.95
CA GLU A 52 -5.05 35.66 -17.13
C GLU A 52 -6.54 35.66 -16.78
N LEU A 53 -6.97 34.71 -15.98
CA LEU A 53 -8.37 34.63 -15.59
C LEU A 53 -8.76 35.87 -14.81
N THR A 54 -8.00 36.19 -13.77
CA THR A 54 -8.21 37.43 -13.01
C THR A 54 -8.21 38.64 -13.94
N ALA A 55 -7.22 38.71 -14.82
CA ALA A 55 -7.10 39.82 -15.75
C ALA A 55 -8.38 40.03 -16.54
N VAL A 56 -9.02 38.95 -16.94
CA VAL A 56 -10.21 39.02 -17.77
C VAL A 56 -11.44 39.39 -16.94
N MET A 57 -11.49 38.85 -15.73
CA MET A 57 -12.58 39.17 -14.82
C MET A 57 -12.54 40.64 -14.44
N ARG A 58 -11.35 41.16 -14.10
CA ARG A 58 -11.17 42.57 -13.87
C ARG A 58 -11.75 43.31 -15.06
N PHE A 59 -11.25 43.05 -16.25
CA PHE A 59 -11.73 43.75 -17.45
C PHE A 59 -13.24 43.65 -17.63
N LEU A 60 -13.81 42.51 -17.30
CA LEU A 60 -15.24 42.36 -17.47
C LEU A 60 -16.03 43.19 -16.47
N THR A 61 -15.67 43.09 -15.19
CA THR A 61 -16.25 43.94 -14.15
C THR A 61 -16.34 45.42 -14.60
N GLN A 62 -15.19 45.94 -15.02
CA GLN A 62 -15.10 47.28 -15.55
C GLN A 62 -16.06 47.49 -16.72
N ARG A 63 -15.92 46.74 -17.81
CA ARG A 63 -16.64 47.08 -19.04
C ARG A 63 -18.12 46.59 -19.09
N LEU A 64 -18.56 45.81 -18.10
CA LEU A 64 -19.91 45.21 -18.19
C LEU A 64 -20.93 46.00 -17.40
N GLY A 65 -20.54 47.22 -17.06
CA GLY A 65 -21.40 48.09 -16.32
C GLY A 65 -21.54 47.55 -14.93
N PRO A 66 -22.02 48.40 -14.03
CA PRO A 66 -22.42 47.85 -12.75
C PRO A 66 -23.73 47.08 -12.94
N GLY A 67 -24.12 46.35 -11.91
CA GLY A 67 -25.28 45.45 -11.97
C GLY A 67 -24.84 44.00 -11.88
N LEU A 68 -23.54 43.82 -11.98
CA LEU A 68 -22.93 42.53 -12.20
C LEU A 68 -22.70 41.76 -10.90
N VAL A 69 -23.47 40.70 -10.74
CA VAL A 69 -23.42 39.84 -9.57
C VAL A 69 -22.46 38.66 -9.81
N ASP A 70 -22.08 38.01 -8.72
CA ASP A 70 -21.21 36.85 -8.76
C ASP A 70 -22.06 35.64 -8.98
N ALA A 71 -21.64 34.78 -9.90
CA ALA A 71 -22.46 33.66 -10.31
C ALA A 71 -22.94 32.85 -9.14
N ALA A 72 -22.12 32.67 -8.12
CA ALA A 72 -22.51 31.85 -6.99
C ALA A 72 -23.70 32.42 -6.14
N GLN A 73 -23.96 33.71 -6.31
CA GLN A 73 -25.04 34.36 -5.64
C GLN A 73 -26.15 34.64 -6.62
N ALA A 74 -25.89 34.60 -7.92
CA ALA A 74 -26.88 35.11 -8.87
C ALA A 74 -28.24 34.42 -8.81
N ARG A 75 -29.27 35.20 -9.10
CA ARG A 75 -30.60 34.71 -9.27
C ARG A 75 -30.93 34.91 -10.72
N PRO A 76 -32.03 34.33 -11.18
CA PRO A 76 -32.33 34.36 -12.60
C PRO A 76 -32.31 35.74 -13.22
N SER A 77 -32.86 36.72 -12.52
CA SER A 77 -32.96 38.05 -13.05
C SER A 77 -31.67 38.85 -12.90
N ASP A 78 -30.63 38.28 -12.29
CA ASP A 78 -29.32 38.93 -12.22
C ASP A 78 -28.51 38.89 -13.52
N ASN A 79 -27.52 39.76 -13.60
CA ASN A 79 -26.55 39.70 -14.66
C ASN A 79 -25.32 39.08 -14.05
N CYS A 80 -24.77 38.06 -14.70
CA CYS A 80 -23.55 37.44 -14.15
C CYS A 80 -22.68 36.75 -15.18
N VAL A 81 -21.43 36.56 -14.79
CA VAL A 81 -20.46 35.91 -15.62
C VAL A 81 -20.43 34.49 -15.16
N PHE A 82 -20.77 33.59 -16.08
CA PHE A 82 -20.93 32.17 -15.81
C PHE A 82 -19.61 31.42 -15.95
N SER A 83 -18.82 31.79 -16.94
CA SER A 83 -17.60 31.09 -17.28
C SER A 83 -16.61 31.98 -17.96
N VAL A 84 -15.34 31.81 -17.63
CA VAL A 84 -14.24 32.41 -18.39
C VAL A 84 -13.21 31.34 -18.69
N GLU A 85 -12.94 31.10 -19.97
CA GLU A 85 -11.95 30.10 -20.35
C GLU A 85 -11.33 30.43 -21.68
N LEU A 86 -10.25 29.72 -22.02
CA LEU A 86 -9.47 29.97 -23.24
C LEU A 86 -10.34 29.89 -24.47
N GLN A 87 -10.13 30.84 -25.38
CA GLN A 87 -10.71 30.80 -26.71
C GLN A 87 -9.58 30.30 -27.59
N LEU A 88 -9.81 29.17 -28.24
CA LEU A 88 -8.78 28.54 -29.05
C LEU A 88 -8.54 29.33 -30.31
N PRO A 89 -7.27 29.44 -30.73
CA PRO A 89 -6.87 30.27 -31.87
C PRO A 89 -7.30 29.67 -33.20
N PRO A 90 -7.42 30.49 -34.26
CA PRO A 90 -7.61 29.93 -35.61
C PRO A 90 -6.39 29.09 -36.07
N LYS A 91 -6.65 28.08 -36.92
CA LYS A 91 -5.61 27.11 -37.27
C LYS A 91 -4.53 27.74 -38.14
N ALA A 92 -4.94 28.45 -39.18
CA ALA A 92 -4.02 29.02 -40.11
C ALA A 92 -3.00 29.83 -39.37
N ALA A 93 -3.44 30.71 -38.48
CA ALA A 93 -2.54 31.55 -37.70
C ALA A 93 -1.69 30.76 -36.71
N ALA A 94 -2.31 29.85 -35.99
CA ALA A 94 -1.60 28.93 -35.09
C ALA A 94 -0.46 28.21 -35.81
N LEU A 95 -0.73 27.71 -37.01
CA LEU A 95 0.24 26.96 -37.81
C LEU A 95 1.32 27.87 -38.35
N ALA A 96 0.93 28.98 -38.93
CA ALA A 96 1.88 30.01 -39.35
C ALA A 96 2.92 30.22 -38.26
N HIS A 97 2.47 30.31 -37.02
CA HIS A 97 3.37 30.56 -35.92
C HIS A 97 4.24 29.36 -35.68
N LEU A 98 3.59 28.20 -35.61
CA LEU A 98 4.23 26.96 -35.18
C LEU A 98 5.25 26.47 -36.16
N ASP A 99 5.00 26.70 -37.44
CA ASP A 99 5.85 26.16 -38.50
C ASP A 99 6.58 27.24 -39.24
N ARG A 100 5.84 28.08 -39.98
CA ARG A 100 6.39 29.21 -40.75
C ARG A 100 7.15 30.23 -39.85
N GLY A 101 6.92 30.22 -38.53
CA GLY A 101 7.63 31.13 -37.63
C GLY A 101 7.02 32.52 -37.47
N SER A 102 5.88 32.78 -38.11
CA SER A 102 5.16 34.06 -37.97
C SER A 102 4.78 34.34 -36.51
N PRO A 103 4.29 35.56 -36.24
CA PRO A 103 3.93 35.83 -34.85
C PRO A 103 2.70 35.03 -34.40
N PRO A 104 2.55 34.86 -33.06
CA PRO A 104 1.39 34.18 -32.50
C PRO A 104 0.13 34.94 -32.80
N PRO A 105 -1.01 34.26 -32.91
CA PRO A 105 -2.27 34.99 -32.95
C PRO A 105 -2.66 35.50 -31.56
N ALA A 106 -3.53 36.51 -31.53
CA ALA A 106 -4.00 37.09 -30.29
C ALA A 106 -4.44 35.97 -29.35
N ARG A 107 -3.90 35.95 -28.13
CA ARG A 107 -4.39 35.04 -27.12
C ARG A 107 -5.61 35.64 -26.51
N GLU A 108 -6.73 34.94 -26.63
CA GLU A 108 -8.02 35.44 -26.26
C GLU A 108 -8.73 34.51 -25.27
N ALA A 109 -9.87 34.95 -24.77
CA ALA A 109 -10.63 34.19 -23.81
C ALA A 109 -12.06 34.30 -24.24
N LEU A 110 -12.87 33.33 -23.84
CA LEU A 110 -14.29 33.38 -24.10
C LEU A 110 -15.02 33.38 -22.78
N ALA A 111 -15.99 34.30 -22.67
CA ALA A 111 -16.78 34.45 -21.46
C ALA A 111 -18.22 34.21 -21.79
N ILE A 112 -18.91 33.42 -20.97
CA ILE A 112 -20.34 33.29 -21.08
C ILE A 112 -20.98 34.14 -20.01
N VAL A 113 -21.84 35.05 -20.44
CA VAL A 113 -22.53 35.96 -19.53
C VAL A 113 -24.04 35.80 -19.55
N PHE A 114 -24.64 35.61 -18.37
CA PHE A 114 -26.10 35.60 -18.24
C PHE A 114 -26.57 37.05 -18.03
N PHE A 115 -27.46 37.51 -18.92
CA PHE A 115 -27.98 38.87 -18.86
C PHE A 115 -29.44 38.80 -18.48
N GLY A 116 -29.68 38.70 -17.18
CA GLY A 116 -31.01 38.58 -16.61
C GLY A 116 -31.65 39.93 -16.36
N ARG A 117 -30.93 40.89 -15.76
CA ARG A 117 -31.49 42.25 -15.45
C ARG A 117 -31.73 42.96 -16.78
N GLN A 118 -32.81 42.58 -17.46
CA GLN A 118 -33.06 43.00 -18.84
C GLN A 118 -34.51 42.67 -19.26
N PRO A 119 -35.18 43.57 -19.98
CA PRO A 119 -36.52 43.28 -20.49
C PRO A 119 -36.53 42.00 -21.29
N GLN A 120 -35.59 41.83 -22.22
CA GLN A 120 -35.44 40.56 -23.01
C GLN A 120 -34.11 39.87 -22.62
N PRO A 121 -34.13 39.02 -21.57
CA PRO A 121 -32.86 38.46 -21.12
C PRO A 121 -32.30 37.45 -22.11
N ASN A 122 -30.98 37.42 -22.22
CA ASN A 122 -30.27 36.49 -23.09
C ASN A 122 -29.01 35.92 -22.44
N VAL A 123 -28.49 34.82 -22.96
CA VAL A 123 -27.11 34.44 -22.67
C VAL A 123 -26.29 34.94 -23.82
N SER A 124 -25.12 35.49 -23.53
CA SER A 124 -24.26 36.02 -24.56
C SER A 124 -22.85 35.44 -24.47
N GLU A 125 -22.22 35.29 -25.62
CA GLU A 125 -20.85 34.79 -25.72
C GLU A 125 -19.95 35.93 -26.10
N LEU A 126 -18.94 36.16 -25.29
CA LEU A 126 -18.09 37.34 -25.43
C LEU A 126 -16.62 36.94 -25.57
N VAL A 127 -15.96 37.38 -26.63
CA VAL A 127 -14.53 37.16 -26.77
C VAL A 127 -13.74 38.34 -26.24
N VAL A 128 -12.88 38.08 -25.25
CA VAL A 128 -12.11 39.12 -24.62
C VAL A 128 -10.62 38.90 -24.86
N GLY A 129 -9.94 39.94 -25.31
CA GLY A 129 -8.50 39.90 -25.45
C GLY A 129 -7.92 41.27 -25.70
N PRO A 130 -6.61 41.35 -25.99
CA PRO A 130 -5.68 40.22 -26.02
C PRO A 130 -4.93 40.07 -24.73
N LEU A 131 -4.82 38.85 -24.22
CA LEU A 131 -4.05 38.57 -23.00
C LEU A 131 -2.56 38.71 -23.27
N PRO A 132 -1.77 39.03 -22.25
CA PRO A 132 -2.08 39.06 -20.82
C PRO A 132 -2.91 40.26 -20.31
N HIS A 133 -3.05 41.35 -21.10
CA HIS A 133 -3.79 42.52 -20.66
C HIS A 133 -4.78 43.04 -21.67
N PRO A 134 -6.02 42.54 -21.55
CA PRO A 134 -7.05 42.69 -22.56
C PRO A 134 -7.47 44.11 -22.74
N SER A 135 -7.84 44.46 -23.97
CA SER A 135 -8.27 45.80 -24.32
C SER A 135 -9.65 45.79 -25.00
N TYR A 136 -10.03 44.72 -25.68
CA TYR A 136 -11.32 44.65 -26.38
C TYR A 136 -12.24 43.57 -25.85
N MET A 137 -13.45 43.53 -26.40
CA MET A 137 -14.44 42.57 -26.00
C MET A 137 -15.53 42.56 -27.07
N ARG A 138 -15.79 41.42 -27.71
CA ARG A 138 -16.64 41.36 -28.90
C ARG A 138 -17.73 40.32 -28.68
N ASP A 139 -18.99 40.70 -28.90
CA ASP A 139 -20.08 39.75 -28.74
C ASP A 139 -20.15 38.92 -30.01
N VAL A 140 -19.86 37.62 -29.89
CA VAL A 140 -19.82 36.73 -31.03
C VAL A 140 -21.08 35.90 -31.15
N THR A 141 -21.99 36.03 -30.19
CA THR A 141 -23.21 35.22 -30.18
C THR A 141 -23.90 35.18 -31.53
N VAL A 142 -24.24 36.35 -32.06
CA VAL A 142 -25.03 36.40 -33.31
C VAL A 142 -24.20 35.96 -34.53
N GLU A 143 -22.92 36.29 -34.53
CA GLU A 143 -21.97 35.73 -35.49
C GLU A 143 -22.09 34.22 -35.46
N ARG A 144 -21.82 33.63 -34.30
CA ARG A 144 -21.74 32.20 -34.22
C ARG A 144 -23.09 31.48 -34.38
N HIS A 145 -24.10 31.87 -33.65
CA HIS A 145 -25.33 31.10 -33.65
C HIS A 145 -26.43 31.73 -34.48
N GLY A 146 -26.10 32.82 -35.18
CA GLY A 146 -27.06 33.48 -36.09
C GLY A 146 -28.29 34.06 -35.38
N GLY A 147 -28.13 34.49 -34.13
CA GLY A 147 -29.22 35.07 -33.36
C GLY A 147 -28.94 34.97 -31.87
N PRO A 148 -29.82 35.57 -31.05
CA PRO A 148 -29.60 35.58 -29.61
C PRO A 148 -29.77 34.19 -29.02
N LEU A 149 -29.13 33.92 -27.89
CA LEU A 149 -29.31 32.67 -27.16
C LEU A 149 -30.43 32.82 -26.14
N PRO A 150 -31.53 32.11 -26.36
CA PRO A 150 -32.62 32.14 -25.41
C PRO A 150 -32.18 31.88 -23.99
N TYR A 151 -32.81 32.58 -23.07
CA TYR A 151 -32.36 32.56 -21.69
C TYR A 151 -32.63 31.23 -21.05
N HIS A 152 -33.65 30.52 -21.52
CA HIS A 152 -34.02 29.25 -20.95
C HIS A 152 -33.00 28.17 -21.24
N ARG A 153 -32.16 28.38 -22.23
CA ARG A 153 -31.06 27.46 -22.51
C ARG A 153 -29.92 27.50 -21.52
N ARG A 154 -29.89 28.50 -20.65
CA ARG A 154 -28.76 28.63 -19.75
CA ARG A 154 -28.77 28.64 -19.75
C ARG A 154 -28.74 27.44 -18.79
N PRO A 155 -27.53 26.97 -18.41
CA PRO A 155 -27.39 25.92 -17.41
C PRO A 155 -27.91 26.32 -16.07
N VAL A 156 -28.41 25.36 -15.30
CA VAL A 156 -28.91 25.65 -13.98
C VAL A 156 -27.73 25.96 -13.10
N LEU A 157 -27.75 27.18 -12.52
CA LEU A 157 -26.72 27.67 -11.60
C LEU A 157 -26.73 26.91 -10.28
N PHE A 158 -25.61 27.01 -9.58
CA PHE A 158 -25.49 26.39 -8.28
C PHE A 158 -26.52 26.98 -7.34
N GLN A 159 -26.63 28.32 -7.37
CA GLN A 159 -27.60 29.03 -6.57
C GLN A 159 -29.01 28.66 -6.92
N GLU A 160 -29.28 28.47 -8.20
CA GLU A 160 -30.56 27.98 -8.63
C GLU A 160 -30.90 26.61 -7.99
N TYR A 161 -29.91 25.71 -7.89
CA TYR A 161 -30.13 24.41 -7.25
C TYR A 161 -30.47 24.61 -5.77
N LEU A 162 -29.76 25.50 -5.12
CA LEU A 162 -30.04 25.83 -3.72
C LEU A 162 -31.42 26.44 -3.51
N ASP A 163 -31.80 27.38 -4.35
CA ASP A 163 -33.14 27.94 -4.28
C ASP A 163 -34.18 26.83 -4.40
N ILE A 164 -34.01 25.98 -5.39
CA ILE A 164 -34.92 24.84 -5.60
C ILE A 164 -35.04 23.99 -4.37
N ASP A 165 -33.93 23.77 -3.67
CA ASP A 165 -33.98 23.01 -2.43
C ASP A 165 -34.71 23.76 -1.31
N GLN A 166 -34.52 25.09 -1.23
CA GLN A 166 -35.31 25.88 -0.30
C GLN A 166 -36.78 25.59 -0.54
N MET A 167 -37.25 25.77 -1.76
CA MET A 167 -38.63 25.47 -2.05
C MET A 167 -39.04 24.09 -1.56
N ILE A 168 -38.30 23.07 -1.94
CA ILE A 168 -38.67 21.69 -1.65
C ILE A 168 -38.75 21.45 -0.16
N PHE A 169 -37.73 21.90 0.54
CA PHE A 169 -37.58 21.55 1.93
C PHE A 169 -38.33 22.46 2.89
N ASN A 170 -38.41 23.75 2.56
CA ASN A 170 -39.20 24.67 3.33
C ASN A 170 -40.65 24.65 2.89
N ARG A 171 -40.94 25.00 1.65
CA ARG A 171 -42.33 25.16 1.21
C ARG A 171 -43.12 23.90 1.02
N GLU A 172 -42.46 22.86 0.54
CA GLU A 172 -43.20 21.75 -0.08
C GLU A 172 -43.28 20.48 0.75
N LEU A 173 -42.14 19.91 1.11
CA LEU A 173 -42.12 18.62 1.82
C LEU A 173 -42.89 18.63 3.13
N PRO A 174 -42.91 19.76 3.85
CA PRO A 174 -43.65 19.77 5.09
C PRO A 174 -45.10 19.46 4.94
N GLN A 175 -45.65 19.80 3.78
CA GLN A 175 -47.02 19.47 3.46
C GLN A 175 -47.30 17.98 3.45
N ALA A 176 -46.26 17.15 3.41
CA ALA A 176 -46.43 15.71 3.44
C ALA A 176 -45.65 15.05 4.56
N SER A 177 -45.35 15.82 5.59
CA SER A 177 -44.63 15.31 6.73
C SER A 177 -45.28 14.13 7.46
N GLY A 178 -46.60 13.97 7.32
CA GLY A 178 -47.28 12.81 7.87
C GLY A 178 -46.73 11.54 7.26
N LEU A 179 -46.82 11.48 5.94
CA LEU A 179 -46.21 10.41 5.19
C LEU A 179 -44.71 10.28 5.45
N LEU A 180 -43.99 11.37 5.34
CA LEU A 180 -42.54 11.33 5.46
C LEU A 180 -42.06 10.81 6.81
N HIS A 181 -42.78 11.15 7.88
CA HIS A 181 -42.46 10.61 9.19
C HIS A 181 -42.60 9.09 9.21
N HIS A 182 -43.58 8.57 8.50
CA HIS A 182 -43.86 7.15 8.51
C HIS A 182 -42.85 6.34 7.71
N CYS A 183 -42.33 6.89 6.64
CA CYS A 183 -41.54 6.10 5.70
C CYS A 183 -40.07 6.37 5.71
N CYS A 184 -39.68 7.54 6.22
CA CYS A 184 -38.43 8.18 5.82
C CYS A 184 -37.67 8.92 6.90
N PHE A 185 -38.04 8.73 8.16
CA PHE A 185 -37.31 9.32 9.27
C PHE A 185 -37.16 10.83 9.10
N TYR A 186 -38.20 11.47 8.57
CA TYR A 186 -38.28 12.93 8.47
C TYR A 186 -38.32 13.56 9.88
N LYS A 187 -37.72 14.73 10.04
CA LYS A 187 -37.66 15.39 11.37
C LYS A 187 -37.23 16.87 11.30
N ARG A 191 -33.71 17.48 5.51
CA ARG A 191 -32.66 17.56 6.55
C ARG A 191 -31.78 16.30 6.51
N ASN A 192 -32.42 15.14 6.53
CA ASN A 192 -31.74 13.88 6.25
C ASN A 192 -31.98 13.39 4.82
N LEU A 193 -32.51 14.23 3.96
CA LEU A 193 -32.78 13.86 2.58
C LEU A 193 -32.09 14.81 1.68
N VAL A 194 -31.78 14.33 0.49
CA VAL A 194 -31.10 15.11 -0.53
C VAL A 194 -31.80 14.89 -1.89
N THR A 195 -31.65 15.86 -2.80
CA THR A 195 -32.25 15.79 -4.11
C THR A 195 -31.13 15.59 -5.13
N MET A 196 -31.46 14.97 -6.25
CA MET A 196 -30.56 14.92 -7.39
C MET A 196 -31.28 15.36 -8.65
N THR A 197 -30.67 16.27 -9.39
CA THR A 197 -31.25 16.70 -10.65
C THR A 197 -31.31 15.61 -11.71
N THR A 198 -32.10 15.90 -12.75
CA THR A 198 -32.11 15.14 -14.01
C THR A 198 -32.06 16.15 -15.15
N ALA A 199 -32.10 15.69 -16.38
CA ALA A 199 -32.16 16.57 -17.56
C ALA A 199 -32.57 15.70 -18.75
N PRO A 200 -33.07 16.31 -19.83
CA PRO A 200 -33.35 17.71 -20.01
C PRO A 200 -34.54 18.14 -19.18
N ARG A 201 -34.91 19.41 -19.27
CA ARG A 201 -35.80 19.99 -18.32
C ARG A 201 -37.09 20.36 -19.00
N GLY A 202 -37.90 19.36 -19.28
CA GLY A 202 -39.21 19.53 -19.89
C GLY A 202 -39.51 18.63 -21.07
N LEU A 203 -40.37 19.08 -21.97
CA LEU A 203 -40.78 18.29 -23.10
C LEU A 203 -40.71 19.03 -24.41
N GLN A 204 -40.13 20.22 -24.39
CA GLN A 204 -40.37 21.15 -25.48
C GLN A 204 -39.49 22.33 -25.35
N SER A 205 -39.07 22.90 -26.47
CA SER A 205 -38.15 24.02 -26.42
C SER A 205 -38.82 25.12 -25.65
N GLY A 206 -38.06 25.73 -24.73
CA GLY A 206 -38.58 26.71 -23.79
C GLY A 206 -38.81 26.23 -22.36
N ASP A 207 -39.13 24.95 -22.19
CA ASP A 207 -39.43 24.42 -20.85
C ASP A 207 -38.22 24.46 -19.91
N ARG A 208 -38.52 24.53 -18.61
CA ARG A 208 -37.51 24.40 -17.57
C ARG A 208 -38.13 23.75 -16.32
N ALA A 209 -38.74 22.59 -16.53
CA ALA A 209 -39.29 21.78 -15.46
C ALA A 209 -38.40 20.58 -15.32
N THR A 210 -37.94 20.30 -14.12
CA THR A 210 -36.95 19.27 -13.84
C THR A 210 -37.47 18.29 -12.80
N TRP A 211 -37.40 17.01 -13.09
CA TRP A 211 -37.69 15.98 -12.12
C TRP A 211 -36.52 15.87 -11.15
N PHE A 212 -36.82 15.84 -9.86
CA PHE A 212 -35.81 15.62 -8.83
C PHE A 212 -36.20 14.43 -7.99
N GLY A 213 -35.28 13.47 -7.86
CA GLY A 213 -35.48 12.33 -7.01
C GLY A 213 -34.99 12.68 -5.62
N LEU A 214 -35.46 11.94 -4.63
CA LEU A 214 -35.11 12.21 -3.24
C LEU A 214 -34.46 10.99 -2.63
N TYR A 215 -33.37 11.19 -1.94
CA TYR A 215 -32.59 10.10 -1.42
C TYR A 215 -32.18 10.39 0.01
N TYR A 216 -31.89 9.35 0.77
CA TYR A 216 -31.29 9.52 2.07
C TYR A 216 -29.91 10.06 1.92
N ASN A 217 -29.61 11.13 2.66
CA ASN A 217 -28.28 11.72 2.70
C ASN A 217 -27.32 10.81 3.43
N ILE A 218 -26.95 9.69 2.83
CA ILE A 218 -25.97 8.74 3.42
C ILE A 218 -24.63 9.44 3.65
N SER A 219 -23.93 8.99 4.67
CA SER A 219 -22.69 9.61 5.08
C SER A 219 -21.47 8.77 4.69
N GLY A 220 -20.55 9.39 3.94
CA GLY A 220 -19.33 8.71 3.50
C GLY A 220 -19.49 7.60 2.46
N ALA A 221 -20.62 7.61 1.75
CA ALA A 221 -20.90 6.60 0.75
C ALA A 221 -21.99 7.15 -0.16
N GLY A 222 -22.17 6.53 -1.31
CA GLY A 222 -23.07 7.04 -2.33
C GLY A 222 -24.51 7.01 -1.91
N PHE A 223 -25.19 8.14 -2.09
CA PHE A 223 -26.60 8.23 -1.78
C PHE A 223 -27.43 7.65 -2.89
N PHE A 224 -26.84 7.63 -4.07
CA PHE A 224 -27.49 7.26 -5.31
C PHE A 224 -28.21 5.92 -5.24
N LEU A 225 -27.76 5.07 -4.34
CA LEU A 225 -28.36 3.76 -4.13
C LEU A 225 -29.49 3.75 -3.11
N HIS A 226 -29.99 4.94 -2.75
CA HIS A 226 -30.95 5.08 -1.64
C HIS A 226 -32.08 6.06 -1.94
N HIS A 227 -32.71 5.84 -3.08
CA HIS A 227 -33.87 6.55 -3.52
C HIS A 227 -34.98 6.21 -2.56
N VAL A 228 -35.66 7.21 -2.02
CA VAL A 228 -36.76 6.99 -1.07
C VAL A 228 -38.09 6.70 -1.77
N GLY A 229 -38.13 6.86 -3.09
CA GLY A 229 -39.32 6.53 -3.86
C GLY A 229 -40.11 7.73 -4.32
N LEU A 230 -39.58 8.92 -4.13
CA LEU A 230 -40.33 10.16 -4.34
C LEU A 230 -39.58 11.04 -5.30
N GLU A 231 -40.27 11.47 -6.34
CA GLU A 231 -39.73 12.41 -7.29
C GLU A 231 -40.71 13.56 -7.47
N LEU A 232 -40.17 14.75 -7.66
CA LEU A 232 -40.96 15.96 -7.76
C LEU A 232 -40.63 16.72 -9.04
N LEU A 233 -41.65 17.03 -9.83
CA LEU A 233 -41.48 17.81 -11.04
C LEU A 233 -41.52 19.32 -10.73
N VAL A 234 -40.36 19.93 -10.58
CA VAL A 234 -40.25 21.33 -10.28
C VAL A 234 -40.20 22.18 -11.52
N ASN A 235 -41.13 23.11 -11.65
CA ASN A 235 -41.08 24.12 -12.71
C ASN A 235 -40.37 25.36 -12.23
N HIS A 236 -39.13 25.52 -12.68
CA HIS A 236 -38.32 26.66 -12.29
C HIS A 236 -37.97 27.56 -13.46
N LYS A 237 -38.93 27.76 -14.36
CA LYS A 237 -38.73 28.64 -15.49
C LYS A 237 -38.79 30.09 -15.10
N ALA A 238 -39.71 30.45 -14.21
CA ALA A 238 -39.92 31.86 -13.85
C ALA A 238 -38.63 32.48 -13.35
N LEU A 239 -38.39 33.73 -13.77
CA LEU A 239 -37.27 34.52 -13.29
C LEU A 239 -37.37 34.83 -11.78
N ASP A 240 -38.59 34.76 -11.22
CA ASP A 240 -38.82 34.96 -9.81
C ASP A 240 -39.07 33.62 -9.13
N PRO A 241 -38.11 33.12 -8.37
CA PRO A 241 -38.28 31.90 -7.66
C PRO A 241 -39.57 31.79 -6.87
N ALA A 242 -40.13 32.89 -6.37
CA ALA A 242 -41.43 32.86 -5.71
C ALA A 242 -42.48 32.18 -6.59
N ARG A 243 -42.46 32.49 -7.88
CA ARG A 243 -43.42 31.93 -8.80
C ARG A 243 -43.17 30.45 -9.17
N TRP A 244 -42.05 29.87 -8.77
CA TRP A 244 -41.78 28.47 -9.09
C TRP A 244 -42.75 27.55 -8.41
N THR A 245 -43.20 26.51 -9.13
CA THR A 245 -44.24 25.61 -8.65
C THR A 245 -43.82 24.15 -8.82
N ILE A 246 -44.63 23.23 -8.30
CA ILE A 246 -44.43 21.80 -8.47
C ILE A 246 -45.56 21.19 -9.30
N GLN A 247 -45.24 20.83 -10.55
CA GLN A 247 -46.24 20.33 -11.48
C GLN A 247 -46.74 18.91 -11.20
N LYS A 248 -45.90 18.07 -10.65
CA LYS A 248 -46.32 16.69 -10.40
C LYS A 248 -45.51 16.06 -9.32
N VAL A 249 -46.02 14.96 -8.78
CA VAL A 249 -45.33 14.24 -7.75
C VAL A 249 -45.43 12.78 -8.12
N PHE A 250 -44.32 12.08 -7.95
CA PHE A 250 -44.33 10.64 -8.10
C PHE A 250 -43.92 10.03 -6.79
N TYR A 251 -44.69 9.05 -6.32
CA TYR A 251 -44.36 8.34 -5.10
C TYR A 251 -44.62 6.86 -5.24
N GLN A 252 -43.58 6.10 -4.96
CA GLN A 252 -43.65 4.64 -4.92
C GLN A 252 -44.61 4.03 -5.94
N GLY A 253 -44.49 4.45 -7.18
CA GLY A 253 -45.26 3.84 -8.25
C GLY A 253 -46.46 4.62 -8.75
N ARG A 254 -46.88 5.68 -8.06
CA ARG A 254 -48.09 6.38 -8.47
C ARG A 254 -47.85 7.85 -8.63
N TYR A 255 -48.68 8.51 -9.45
CA TYR A 255 -48.56 9.97 -9.74
C TYR A 255 -49.55 10.80 -8.94
N TYR A 256 -49.10 11.93 -8.41
CA TYR A 256 -49.98 12.90 -7.73
C TYR A 256 -49.75 14.34 -8.25
N ASP A 257 -50.74 15.22 -8.13
CA ASP A 257 -50.64 16.58 -8.70
C ASP A 257 -49.78 17.48 -7.84
N SER A 258 -49.81 17.23 -6.52
CA SER A 258 -49.01 17.98 -5.54
C SER A 258 -48.73 17.16 -4.27
N LEU A 259 -47.87 17.70 -3.43
CA LEU A 259 -47.69 17.20 -2.09
C LEU A 259 -48.95 17.29 -1.21
N ALA A 260 -49.73 18.37 -1.30
CA ALA A 260 -51.08 18.38 -0.73
C ALA A 260 -51.71 16.99 -1.04
N GLN A 261 -51.80 16.65 -2.33
CA GLN A 261 -52.48 15.42 -2.79
C GLN A 261 -51.94 14.19 -2.13
N LEU A 262 -50.61 14.04 -2.23
CA LEU A 262 -49.96 12.87 -1.66
C LEU A 262 -50.35 12.73 -0.17
N GLU A 263 -50.07 13.72 0.63
CA GLU A 263 -50.51 13.68 2.02
C GLU A 263 -52.05 13.51 2.16
N ALA A 264 -52.87 14.30 1.49
CA ALA A 264 -54.31 14.03 1.59
C ALA A 264 -54.59 12.56 1.36
N GLN A 265 -53.87 11.96 0.40
CA GLN A 265 -54.19 10.59 0.04
C GLN A 265 -53.63 9.54 0.97
N PHE A 266 -52.43 9.77 1.49
CA PHE A 266 -51.89 9.00 2.61
C PHE A 266 -52.82 9.00 3.82
N GLU A 267 -53.20 10.16 4.28
CA GLU A 267 -54.12 10.30 5.42
C GLU A 267 -55.52 9.79 5.08
N ALA A 268 -55.85 9.70 3.81
CA ALA A 268 -57.13 9.16 3.37
C ALA A 268 -57.14 7.63 3.28
N GLY A 269 -55.98 7.03 3.44
CA GLY A 269 -55.88 5.59 3.51
C GLY A 269 -55.77 4.92 2.18
N LEU A 270 -55.17 5.58 1.19
CA LEU A 270 -54.99 4.93 -0.12
C LEU A 270 -53.54 4.75 -0.53
N VAL A 271 -52.59 5.38 0.16
CA VAL A 271 -51.17 5.24 -0.16
C VAL A 271 -50.50 4.30 0.80
N ASN A 272 -50.09 3.13 0.33
CA ASN A 272 -49.39 2.18 1.20
C ASN A 272 -47.86 2.35 1.10
N VAL A 273 -47.33 3.15 2.01
CA VAL A 273 -45.89 3.27 2.26
C VAL A 273 -45.19 1.93 2.22
N VAL A 274 -44.00 1.91 1.60
CA VAL A 274 -43.08 0.79 1.74
C VAL A 274 -41.84 1.36 2.43
N LEU A 275 -41.57 0.93 3.67
CA LEU A 275 -40.48 1.54 4.45
C LEU A 275 -39.13 1.16 3.81
N ILE A 276 -38.40 2.18 3.38
CA ILE A 276 -37.04 2.02 2.92
C ILE A 276 -36.07 2.33 4.07
N PRO A 277 -35.20 1.36 4.41
CA PRO A 277 -34.30 1.59 5.54
C PRO A 277 -33.34 2.74 5.40
N ASP A 278 -32.85 3.17 6.54
CA ASP A 278 -32.10 4.41 6.71
C ASP A 278 -30.61 4.18 6.73
N ASN A 279 -30.22 2.90 6.82
CA ASN A 279 -28.93 2.48 7.36
C ASN A 279 -28.69 0.96 7.16
N GLY A 280 -27.42 0.57 7.11
CA GLY A 280 -27.09 -0.84 6.92
C GLY A 280 -25.60 -1.07 6.74
N THR A 281 -25.25 -2.18 6.12
CA THR A 281 -23.85 -2.53 5.92
C THR A 281 -23.63 -3.29 4.62
N GLY A 282 -22.41 -3.25 4.12
CA GLY A 282 -22.08 -3.83 2.83
C GLY A 282 -21.83 -2.77 1.79
N GLY A 283 -21.78 -3.19 0.53
CA GLY A 283 -21.51 -2.29 -0.56
C GLY A 283 -22.66 -1.37 -0.85
N SER A 284 -23.87 -1.78 -0.52
CA SER A 284 -25.01 -0.88 -0.62
C SER A 284 -24.78 0.35 0.25
N TRP A 285 -24.07 0.20 1.35
CA TRP A 285 -23.96 1.26 2.32
C TRP A 285 -22.59 1.85 2.43
N SER A 286 -21.59 1.16 1.96
CA SER A 286 -20.23 1.60 2.21
C SER A 286 -19.25 1.41 1.05
N LEU A 287 -18.16 2.14 1.11
CA LEU A 287 -17.00 1.92 0.25
C LEU A 287 -15.80 1.45 1.05
N LYS A 288 -15.83 1.56 2.39
CA LYS A 288 -14.75 1.07 3.26
C LYS A 288 -14.77 -0.45 3.36
N SER A 289 -13.65 -1.09 3.05
CA SER A 289 -13.57 -2.54 3.07
C SER A 289 -13.49 -3.03 4.48
N PRO A 290 -14.13 -4.18 4.77
CA PRO A 290 -13.97 -4.81 6.07
C PRO A 290 -12.67 -5.63 6.20
N VAL A 291 -11.81 -5.63 5.18
CA VAL A 291 -10.64 -6.48 5.19
C VAL A 291 -9.40 -5.63 5.25
N PRO A 292 -8.51 -5.91 6.22
CA PRO A 292 -7.32 -5.09 6.40
C PRO A 292 -6.27 -5.33 5.35
N PRO A 293 -5.43 -4.31 5.10
CA PRO A 293 -4.37 -4.39 4.11
C PRO A 293 -3.51 -5.66 4.23
N GLY A 294 -3.29 -6.34 3.12
CA GLY A 294 -2.34 -7.43 3.02
C GLY A 294 -1.06 -6.88 2.48
N PRO A 295 -0.19 -7.75 1.92
CA PRO A 295 1.07 -7.28 1.33
C PRO A 295 0.84 -6.32 0.18
N ALA A 296 1.71 -5.34 0.05
CA ALA A 296 1.59 -4.27 -0.95
C ALA A 296 1.48 -4.84 -2.36
N PRO A 297 0.63 -4.22 -3.21
CA PRO A 297 0.58 -4.61 -4.61
C PRO A 297 1.81 -4.13 -5.35
N PRO A 298 1.99 -4.56 -6.59
CA PRO A 298 3.14 -4.17 -7.39
C PRO A 298 3.25 -2.68 -7.58
N LEU A 299 4.47 -2.20 -7.67
CA LEU A 299 4.76 -0.78 -7.79
C LEU A 299 5.78 -0.58 -8.87
N GLN A 300 5.60 0.48 -9.66
CA GLN A 300 6.43 0.75 -10.80
C GLN A 300 7.28 1.98 -10.56
N PHE A 301 8.51 1.97 -11.04
CA PHE A 301 9.39 3.13 -10.86
C PHE A 301 10.43 3.23 -11.94
N TYR A 302 11.08 4.39 -11.98
CA TYR A 302 11.96 4.74 -13.10
C TYR A 302 13.39 4.68 -12.58
N PRO A 303 14.07 3.53 -12.74
CA PRO A 303 15.37 3.31 -12.13
C PRO A 303 16.51 4.24 -12.56
N GLN A 304 16.36 5.01 -13.62
CA GLN A 304 17.41 5.97 -13.99
C GLN A 304 16.79 7.31 -14.31
N GLY A 305 15.79 7.67 -13.52
CA GLY A 305 15.08 8.92 -13.71
C GLY A 305 13.92 8.75 -14.67
N PRO A 306 13.01 9.73 -14.68
CA PRO A 306 11.91 9.66 -15.62
C PRO A 306 12.42 10.01 -16.99
N ARG A 307 11.67 9.64 -18.03
CA ARG A 307 12.14 9.82 -19.40
C ARG A 307 11.25 10.77 -20.19
N PHE A 308 10.53 11.61 -19.45
CA PHE A 308 9.72 12.68 -20.01
C PHE A 308 9.66 13.88 -19.05
N SER A 309 9.26 15.01 -19.59
CA SER A 309 9.18 16.20 -18.84
C SER A 309 7.82 16.84 -19.08
N VAL A 310 7.32 17.55 -18.07
CA VAL A 310 6.15 18.42 -18.21
C VAL A 310 6.52 19.88 -17.88
N GLN A 311 6.47 20.74 -18.87
CA GLN A 311 6.70 22.15 -18.63
C GLN A 311 5.39 22.84 -18.99
N GLY A 312 4.61 23.16 -17.99
CA GLY A 312 3.39 23.89 -18.21
C GLY A 312 2.36 22.98 -18.83
N SER A 313 1.89 23.33 -20.01
CA SER A 313 0.88 22.55 -20.71
C SER A 313 1.53 21.54 -21.66
N ARG A 314 2.85 21.57 -21.75
CA ARG A 314 3.59 20.94 -22.82
C ARG A 314 4.27 19.71 -22.24
N VAL A 315 4.08 18.56 -22.90
CA VAL A 315 4.82 17.34 -22.58
C VAL A 315 5.85 17.05 -23.68
N ALA A 316 7.00 16.54 -23.27
CA ALA A 316 8.05 16.19 -24.18
C ALA A 316 8.69 14.88 -23.74
N SER A 317 8.97 14.03 -24.71
CA SER A 317 9.71 12.82 -24.44
C SER A 317 10.57 12.58 -25.62
N SER A 318 11.31 11.48 -25.53
CA SER A 318 12.10 10.94 -26.63
C SER A 318 11.37 10.93 -27.97
N LEU A 319 10.14 10.45 -27.96
CA LEU A 319 9.36 10.24 -29.17
C LEU A 319 8.22 11.21 -29.38
N TRP A 320 7.58 11.61 -28.29
CA TRP A 320 6.35 12.37 -28.34
C TRP A 320 6.47 13.81 -27.83
N THR A 321 5.61 14.66 -28.40
CA THR A 321 5.53 16.08 -28.08
C THR A 321 4.12 16.55 -28.28
N PHE A 322 3.52 17.12 -27.23
CA PHE A 322 2.19 17.66 -27.36
C PHE A 322 1.85 18.62 -26.23
N SER A 323 0.86 19.47 -26.49
CA SER A 323 0.23 20.33 -25.47
C SER A 323 -1.13 19.77 -25.03
N PHE A 324 -1.41 19.83 -23.73
CA PHE A 324 -2.66 19.27 -23.19
C PHE A 324 -3.43 20.28 -22.39
N GLY A 325 -4.65 19.94 -22.02
CA GLY A 325 -5.55 20.87 -21.35
C GLY A 325 -6.98 20.37 -21.20
N LEU A 326 -7.85 21.22 -20.67
CA LEU A 326 -9.26 20.91 -20.44
C LEU A 326 -10.16 22.03 -20.86
N GLY A 327 -11.14 21.75 -21.71
CA GLY A 327 -12.28 22.64 -21.88
C GLY A 327 -13.19 22.52 -20.68
N ALA A 328 -13.69 23.63 -20.19
CA ALA A 328 -14.58 23.61 -19.02
C ALA A 328 -15.73 22.69 -19.27
N PHE A 329 -16.28 22.75 -20.46
CA PHE A 329 -17.47 22.00 -20.78
C PHE A 329 -17.16 20.76 -21.61
N SER A 330 -16.31 20.94 -22.63
CA SER A 330 -16.00 19.90 -23.56
C SER A 330 -15.10 18.85 -22.92
N GLY A 331 -14.26 19.24 -22.00
CA GLY A 331 -13.37 18.27 -21.37
C GLY A 331 -12.02 18.14 -22.05
N PRO A 332 -11.32 17.01 -21.82
CA PRO A 332 -9.91 16.82 -22.17
C PRO A 332 -9.55 16.98 -23.63
N ARG A 333 -8.37 17.51 -23.86
CA ARG A 333 -7.93 17.76 -25.20
C ARG A 333 -6.42 17.80 -25.29
N ILE A 334 -5.91 17.51 -26.48
CA ILE A 334 -4.48 17.51 -26.77
C ILE A 334 -4.22 18.23 -28.08
N PHE A 335 -3.08 18.89 -28.23
CA PHE A 335 -2.78 19.62 -29.47
C PHE A 335 -1.35 19.45 -29.92
N ASP A 336 -1.12 19.67 -31.22
CA ASP A 336 0.22 19.75 -31.79
C ASP A 336 1.06 18.57 -31.42
N VAL A 337 0.46 17.40 -31.62
CA VAL A 337 1.05 16.12 -31.28
C VAL A 337 2.09 15.78 -32.31
N ARG A 338 3.31 15.54 -31.87
CA ARG A 338 4.39 15.30 -32.77
C ARG A 338 5.17 14.04 -32.44
N PHE A 339 5.20 13.10 -33.40
CA PHE A 339 6.02 11.92 -33.28
C PHE A 339 7.34 12.22 -33.92
N GLN A 340 8.39 11.98 -33.14
CA GLN A 340 9.73 12.24 -33.57
C GLN A 340 9.76 13.48 -34.40
N GLY A 341 9.21 14.56 -33.85
CA GLY A 341 9.31 15.88 -34.47
C GLY A 341 8.26 16.22 -35.53
N GLU A 342 7.49 15.25 -35.98
CA GLU A 342 6.56 15.50 -37.06
C GLU A 342 5.11 15.47 -36.60
N ARG A 343 4.31 16.43 -37.05
CA ARG A 343 2.96 16.54 -36.56
C ARG A 343 2.06 15.47 -37.12
N LEU A 344 1.35 14.77 -36.24
CA LEU A 344 0.34 13.81 -36.67
C LEU A 344 -1.03 14.41 -36.55
N VAL A 345 -1.27 15.04 -35.41
CA VAL A 345 -2.58 15.60 -35.14
C VAL A 345 -2.45 17.05 -34.72
N TYR A 346 -3.31 17.91 -35.26
CA TYR A 346 -3.43 19.27 -34.79
C TYR A 346 -4.21 19.27 -33.47
N GLU A 347 -5.30 18.51 -33.41
CA GLU A 347 -6.14 18.53 -32.24
C GLU A 347 -6.83 17.21 -32.05
N ILE A 348 -6.83 16.68 -30.83
CA ILE A 348 -7.76 15.63 -30.42
C ILE A 348 -8.46 16.05 -29.14
N SER A 349 -9.76 16.18 -29.19
CA SER A 349 -10.50 16.68 -28.05
C SER A 349 -11.80 15.94 -27.81
N LEU A 350 -12.10 15.67 -26.55
CA LEU A 350 -13.44 15.21 -26.19
C LEU A 350 -14.42 16.32 -26.53
N GLN A 351 -15.58 15.91 -27.03
CA GLN A 351 -16.54 16.82 -27.55
C GLN A 351 -17.84 16.81 -26.76
N GLU A 352 -18.31 15.63 -26.40
CA GLU A 352 -19.52 15.50 -25.63
C GLU A 352 -19.61 14.10 -25.03
N ALA A 353 -20.39 13.97 -23.99
CA ALA A 353 -20.73 12.68 -23.41
C ALA A 353 -22.23 12.61 -23.13
N LEU A 354 -22.79 11.42 -23.22
CA LEU A 354 -24.22 11.24 -23.26
C LEU A 354 -24.61 10.01 -22.51
N ALA A 355 -25.62 10.11 -21.67
CA ALA A 355 -26.17 8.97 -20.95
C ALA A 355 -27.69 8.99 -21.09
N ILE A 356 -28.23 7.98 -21.75
CA ILE A 356 -29.65 7.87 -21.99
C ILE A 356 -30.21 6.75 -21.16
N TYR A 357 -31.28 7.01 -20.43
CA TYR A 357 -31.78 6.10 -19.40
C TYR A 357 -33.14 5.53 -19.75
N GLY A 358 -33.48 4.43 -19.11
CA GLY A 358 -34.83 3.89 -19.13
C GLY A 358 -35.20 3.54 -17.71
N GLY A 359 -36.47 3.50 -17.38
CA GLY A 359 -36.84 3.24 -16.01
C GLY A 359 -38.30 3.07 -15.71
N ASN A 360 -38.57 2.61 -14.49
CA ASN A 360 -39.95 2.43 -14.01
CA ASN A 360 -39.96 2.42 -14.02
C ASN A 360 -40.59 3.76 -13.57
N SER A 361 -39.75 4.76 -13.31
CA SER A 361 -40.15 6.04 -12.77
C SER A 361 -39.86 7.19 -13.73
N PRO A 362 -40.39 8.38 -13.44
CA PRO A 362 -40.25 9.49 -14.37
C PRO A 362 -38.84 10.05 -14.53
N ALA A 363 -38.09 10.11 -13.44
CA ALA A 363 -36.70 10.58 -13.52
C ALA A 363 -35.92 9.70 -14.48
N ALA A 364 -35.80 8.43 -14.11
CA ALA A 364 -35.11 7.44 -14.93
C ALA A 364 -35.59 7.42 -16.36
N MET A 365 -36.91 7.34 -16.58
CA MET A 365 -37.40 7.10 -17.93
C MET A 365 -37.31 8.28 -18.90
N THR A 366 -36.97 9.47 -18.43
CA THR A 366 -36.85 10.63 -19.30
C THR A 366 -35.50 11.28 -19.26
N THR A 367 -34.57 10.74 -18.47
CA THR A 367 -33.26 11.36 -18.32
C THR A 367 -32.41 11.16 -19.53
N ARG A 368 -31.88 12.24 -20.06
CA ARG A 368 -30.89 12.19 -21.10
C ARG A 368 -29.90 13.25 -20.77
N TYR A 369 -28.80 12.83 -20.13
CA TYR A 369 -27.72 13.74 -19.79
C TYR A 369 -26.83 14.01 -20.97
N VAL A 370 -26.71 15.27 -21.34
CA VAL A 370 -25.76 15.75 -22.32
C VAL A 370 -24.69 16.43 -21.49
N ASP A 371 -23.79 15.63 -20.93
CA ASP A 371 -22.90 16.04 -19.83
C ASP A 371 -22.10 17.33 -20.04
N GLY A 372 -21.81 17.68 -21.27
CA GLY A 372 -21.19 18.97 -21.56
C GLY A 372 -21.98 20.16 -21.04
N GLY A 373 -23.31 20.04 -20.97
CA GLY A 373 -24.16 21.06 -20.37
C GLY A 373 -23.91 21.31 -18.88
N PHE A 374 -23.24 20.37 -18.24
CA PHE A 374 -22.73 20.54 -16.89
C PHE A 374 -21.24 20.90 -16.96
N GLY A 375 -20.45 20.07 -17.60
CA GLY A 375 -19.06 20.40 -17.89
C GLY A 375 -18.06 19.33 -17.51
N MET A 376 -17.42 18.70 -18.48
CA MET A 376 -16.49 17.64 -18.17
C MET A 376 -15.24 18.17 -17.52
N GLY A 377 -14.78 19.35 -17.91
CA GLY A 377 -13.70 20.03 -17.19
C GLY A 377 -14.16 20.57 -15.85
N LYS A 378 -15.26 21.28 -15.86
CA LYS A 378 -15.80 21.88 -14.65
C LYS A 378 -15.93 20.86 -13.53
N TYR A 379 -16.22 19.62 -13.87
CA TYR A 379 -16.35 18.59 -12.87
C TYR A 379 -15.16 17.62 -12.86
N THR A 380 -13.98 18.05 -13.28
CA THR A 380 -12.80 17.21 -13.10
C THR A 380 -12.52 17.14 -11.63
N THR A 381 -12.26 15.93 -11.15
CA THR A 381 -11.90 15.69 -9.77
C THR A 381 -10.42 15.42 -9.65
N PRO A 382 -9.86 15.52 -8.44
CA PRO A 382 -8.46 15.24 -8.21
C PRO A 382 -8.13 13.77 -8.34
N LEU A 383 -6.94 13.48 -8.84
CA LEU A 383 -6.53 12.12 -9.02
C LEU A 383 -5.83 11.66 -7.77
N THR A 384 -6.35 10.61 -7.13
CA THR A 384 -5.69 9.98 -5.97
C THR A 384 -4.45 9.13 -6.31
N ARG A 385 -3.28 9.57 -5.87
CA ARG A 385 -2.01 8.92 -6.19
C ARG A 385 -1.96 7.46 -5.82
N GLY A 386 -1.72 6.59 -6.79
CA GLY A 386 -1.66 5.17 -6.56
C GLY A 386 -2.98 4.43 -6.62
N VAL A 387 -4.07 5.15 -6.88
CA VAL A 387 -5.34 4.51 -7.25
C VAL A 387 -5.71 4.91 -8.67
N ASP A 388 -5.83 6.22 -8.88
CA ASP A 388 -6.25 6.76 -10.16
C ASP A 388 -5.17 6.69 -11.20
N CYS A 389 -3.95 6.93 -10.79
CA CYS A 389 -2.79 6.76 -11.63
C CYS A 389 -1.75 6.09 -10.79
N PRO A 390 -0.66 5.66 -11.39
CA PRO A 390 0.41 5.12 -10.58
C PRO A 390 0.97 6.14 -9.61
N TYR A 391 1.37 5.68 -8.43
CA TYR A 391 1.91 6.55 -7.40
C TYR A 391 2.93 7.54 -7.94
N LEU A 392 3.88 7.03 -8.73
CA LEU A 392 4.97 7.83 -9.23
C LEU A 392 4.66 8.61 -10.47
N ALA A 393 3.40 8.73 -10.85
CA ALA A 393 3.00 9.62 -11.94
C ALA A 393 3.34 11.07 -11.62
N THR A 394 3.38 11.91 -12.64
CA THR A 394 3.50 13.36 -12.48
C THR A 394 2.12 13.96 -12.44
N TYR A 395 1.74 14.55 -11.32
CA TYR A 395 0.41 15.14 -11.21
C TYR A 395 0.44 16.65 -11.46
N VAL A 396 -0.64 17.19 -12.02
CA VAL A 396 -0.69 18.55 -12.51
C VAL A 396 -2.01 19.17 -12.16
N ASP A 397 -1.98 20.43 -11.75
CA ASP A 397 -3.17 21.14 -11.31
C ASP A 397 -3.87 21.80 -12.47
N TRP A 398 -5.18 21.96 -12.37
CA TRP A 398 -5.95 22.76 -13.33
C TRP A 398 -6.54 24.01 -12.66
N HIS A 399 -6.42 25.16 -13.32
CA HIS A 399 -7.02 26.40 -12.83
C HIS A 399 -8.24 26.75 -13.66
N PHE A 400 -9.27 27.27 -13.02
CA PHE A 400 -10.49 27.64 -13.71
C PHE A 400 -11.19 28.80 -13.00
N LEU A 401 -12.20 29.34 -13.66
CA LEU A 401 -13.00 30.47 -13.19
C LEU A 401 -14.42 30.24 -13.67
N LEU A 402 -15.19 29.47 -12.93
CA LEU A 402 -16.53 29.07 -13.33
C LEU A 402 -17.51 29.29 -12.17
N GLU A 403 -18.63 29.96 -12.45
CA GLU A 403 -19.67 30.25 -11.46
C GLU A 403 -19.08 30.92 -10.21
N SER A 404 -18.11 31.82 -10.41
CA SER A 404 -17.52 32.59 -9.32
C SER A 404 -16.81 33.83 -9.84
N GLN A 405 -16.19 34.60 -8.95
CA GLN A 405 -15.51 35.85 -9.32
C GLN A 405 -14.01 35.71 -9.27
N ALA A 406 -13.52 34.87 -8.38
CA ALA A 406 -12.10 34.57 -8.33
C ALA A 406 -11.85 33.18 -8.91
N PRO A 407 -10.72 33.00 -9.63
CA PRO A 407 -10.35 31.69 -10.14
C PRO A 407 -10.01 30.73 -9.03
N LYS A 408 -10.28 29.45 -9.25
CA LYS A 408 -9.96 28.41 -8.27
C LYS A 408 -9.05 27.36 -8.95
N THR A 409 -8.71 26.30 -8.22
CA THR A 409 -7.79 25.29 -8.71
C THR A 409 -8.30 23.90 -8.41
N ILE A 410 -8.24 22.97 -9.36
CA ILE A 410 -8.36 21.54 -9.04
C ILE A 410 -6.97 20.95 -9.00
N ARG A 411 -6.57 20.55 -7.80
CA ARG A 411 -5.24 20.00 -7.58
C ARG A 411 -5.19 18.56 -8.10
N ASP A 412 -4.11 18.24 -8.80
CA ASP A 412 -3.92 16.92 -9.40
C ASP A 412 -5.06 16.59 -10.36
N ALA A 413 -5.40 17.56 -11.20
CA ALA A 413 -6.46 17.37 -12.18
C ALA A 413 -6.02 16.35 -13.22
N PHE A 414 -4.78 16.50 -13.67
CA PHE A 414 -4.19 15.60 -14.63
C PHE A 414 -3.12 14.73 -14.02
N CYS A 415 -2.88 13.58 -14.62
CA CYS A 415 -1.66 12.82 -14.37
C CYS A 415 -1.03 12.33 -15.68
N VAL A 416 0.29 12.26 -15.66
CA VAL A 416 1.10 11.91 -16.81
C VAL A 416 2.18 10.96 -16.34
N PHE A 417 2.35 9.86 -17.05
CA PHE A 417 3.25 8.82 -16.62
C PHE A 417 3.56 7.86 -17.75
N GLU A 418 4.65 7.12 -17.56
CA GLU A 418 5.03 6.02 -18.44
C GLU A 418 4.65 4.75 -17.74
N GLN A 419 4.06 3.83 -18.48
CA GLN A 419 3.65 2.56 -17.95
C GLN A 419 4.34 1.48 -18.76
N ASN A 420 4.98 0.55 -18.06
CA ASN A 420 5.43 -0.69 -18.65
C ASN A 420 4.20 -1.55 -18.72
N GLN A 421 3.79 -1.86 -19.94
CA GLN A 421 2.61 -2.67 -20.19
C GLN A 421 2.80 -4.15 -19.86
N GLY A 422 4.04 -4.61 -19.70
CA GLY A 422 4.30 -5.99 -19.32
C GLY A 422 3.93 -6.95 -20.41
N LEU A 423 4.37 -6.62 -21.63
CA LEU A 423 3.82 -7.16 -22.86
C LEU A 423 4.70 -6.61 -23.96
N PRO A 424 5.14 -7.46 -24.89
CA PRO A 424 6.05 -6.98 -25.89
C PRO A 424 5.36 -6.11 -26.95
N LEU A 425 6.00 -5.00 -27.33
CA LEU A 425 5.56 -4.26 -28.49
C LEU A 425 5.75 -5.19 -29.68
N ARG A 426 6.92 -5.83 -29.76
CA ARG A 426 7.24 -6.75 -30.83
C ARG A 426 8.27 -7.80 -30.42
N ARG A 427 8.25 -8.94 -31.08
CA ARG A 427 9.08 -10.05 -30.67
C ARG A 427 9.20 -11.09 -31.74
N HIS A 428 10.40 -11.60 -31.95
CA HIS A 428 10.56 -12.84 -32.67
C HIS A 428 11.67 -13.73 -32.08
N HIS A 429 11.34 -15.02 -31.87
CA HIS A 429 12.28 -16.05 -31.47
C HIS A 429 12.52 -16.99 -32.65
N SER A 430 13.76 -17.01 -33.16
CA SER A 430 14.11 -17.90 -34.26
C SER A 430 14.93 -19.12 -33.86
N ASP A 431 14.27 -20.28 -33.89
CA ASP A 431 14.90 -21.58 -33.83
C ASP A 431 15.14 -22.13 -35.25
N LEU A 432 14.81 -21.36 -36.29
CA LEU A 432 14.83 -21.90 -37.65
C LEU A 432 15.91 -21.27 -38.52
N TYR A 433 16.92 -22.05 -38.85
CA TYR A 433 18.01 -21.67 -39.77
C TYR A 433 19.03 -20.74 -39.20
N SER A 434 18.60 -19.67 -38.57
CA SER A 434 19.52 -18.78 -37.82
C SER A 434 18.95 -18.63 -36.42
N HIS A 435 19.79 -18.74 -35.40
CA HIS A 435 19.31 -18.70 -34.02
C HIS A 435 19.47 -17.28 -33.48
N TYR A 436 18.36 -16.58 -33.33
CA TYR A 436 18.41 -15.20 -32.81
C TYR A 436 17.12 -14.84 -32.11
N PHE A 437 17.17 -13.81 -31.30
CA PHE A 437 15.99 -13.23 -30.68
C PHE A 437 16.03 -11.73 -30.79
N GLY A 438 14.87 -11.13 -31.04
CA GLY A 438 14.76 -9.69 -31.19
C GLY A 438 13.40 -9.22 -30.76
N GLY A 439 13.36 -8.35 -29.77
CA GLY A 439 12.11 -7.84 -29.25
C GLY A 439 12.27 -6.53 -28.53
N LEU A 440 11.18 -6.06 -27.94
CA LEU A 440 11.09 -4.75 -27.29
C LEU A 440 9.87 -4.72 -26.41
N ALA A 441 10.06 -4.56 -25.11
CA ALA A 441 8.91 -4.49 -24.22
C ALA A 441 8.17 -3.16 -24.45
N GLU A 442 6.84 -3.18 -24.33
CA GLU A 442 6.06 -1.98 -24.58
C GLU A 442 5.92 -1.08 -23.35
N THR A 443 6.37 0.14 -23.51
CA THR A 443 6.20 1.15 -22.54
C THR A 443 5.45 2.28 -23.21
N VAL A 444 4.31 2.63 -22.65
CA VAL A 444 3.45 3.68 -23.19
C VAL A 444 3.52 4.94 -22.33
N LEU A 445 3.14 6.08 -22.92
CA LEU A 445 3.02 7.35 -22.22
C LEU A 445 1.54 7.68 -22.14
N VAL A 446 1.05 7.91 -20.92
CA VAL A 446 -0.37 8.17 -20.65
C VAL A 446 -0.64 9.62 -20.22
N VAL A 447 -1.83 10.10 -20.54
CA VAL A 447 -2.33 11.34 -19.99
C VAL A 447 -3.76 11.07 -19.58
N ARG A 448 -4.10 11.45 -18.36
CA ARG A 448 -5.41 11.10 -17.81
C ARG A 448 -6.04 12.16 -16.92
N SER A 449 -7.34 12.37 -17.07
CA SER A 449 -8.15 13.20 -16.18
C SER A 449 -9.33 12.36 -15.81
N MET A 450 -10.04 12.74 -14.76
CA MET A 450 -11.31 12.08 -14.44
C MET A 450 -12.39 13.07 -14.12
N SER A 451 -13.56 12.86 -14.69
CA SER A 451 -14.70 13.70 -14.48
C SER A 451 -15.69 12.94 -13.67
N THR A 452 -16.10 13.52 -12.54
CA THR A 452 -17.17 12.98 -11.75
C THR A 452 -18.41 13.83 -11.91
N LEU A 453 -19.33 13.31 -12.70
CA LEU A 453 -20.60 13.92 -12.91
C LEU A 453 -21.68 13.13 -12.13
N LEU A 454 -22.02 13.68 -10.96
CA LEU A 454 -23.08 13.15 -10.14
C LEU A 454 -22.59 11.82 -9.62
N ASN A 455 -23.22 10.73 -10.04
CA ASN A 455 -22.77 9.39 -9.68
C ASN A 455 -21.58 8.87 -10.51
N TPQ A 456 -21.53 9.04 -11.84
CA TPQ A 456 -20.46 8.42 -12.64
CB TPQ A 456 -20.64 8.37 -14.18
C TPQ A 456 -19.17 9.15 -12.48
O TPQ A 456 -19.15 10.36 -12.44
C1 TPQ A 456 -21.96 8.84 -14.72
C2 TPQ A 456 -22.97 7.81 -14.79
O2 TPQ A 456 -22.68 6.65 -14.41
C3 TPQ A 456 -24.31 8.14 -15.30
C4 TPQ A 456 -24.57 9.43 -15.70
O4 TPQ A 456 -25.70 9.71 -16.12
C5 TPQ A 456 -23.53 10.46 -15.65
O5 TPQ A 456 -23.80 11.63 -16.03
C6 TPQ A 456 -22.19 10.12 -15.14
N ASP A 457 -18.09 8.38 -12.54
CA ASP A 457 -16.78 8.96 -12.74
C ASP A 457 -16.22 8.43 -14.04
N TYR A 458 -16.02 9.34 -14.98
CA TYR A 458 -15.54 8.99 -16.31
C TYR A 458 -14.04 9.08 -16.29
N VAL A 459 -13.36 8.08 -16.87
CA VAL A 459 -11.89 8.15 -16.99
C VAL A 459 -11.50 8.47 -18.44
N TRP A 460 -10.61 9.44 -18.66
CA TRP A 460 -10.26 9.86 -20.00
C TRP A 460 -8.80 9.57 -20.18
N ASP A 461 -8.48 8.49 -20.90
CA ASP A 461 -7.09 8.14 -21.27
C ASP A 461 -6.73 8.60 -22.66
N THR A 462 -5.52 9.07 -22.81
CA THR A 462 -4.89 9.20 -24.11
C THR A 462 -3.55 8.51 -23.97
N VAL A 463 -3.34 7.45 -24.73
CA VAL A 463 -2.13 6.66 -24.58
C VAL A 463 -1.29 6.78 -25.82
N PHE A 464 0.00 7.10 -25.63
CA PHE A 464 0.90 7.27 -26.76
C PHE A 464 1.86 6.10 -26.86
N HIS A 465 1.82 5.39 -27.98
CA HIS A 465 2.54 4.14 -28.12
C HIS A 465 3.85 4.38 -28.81
N PRO A 466 4.84 3.51 -28.57
CA PRO A 466 6.16 3.67 -29.18
C PRO A 466 6.18 3.43 -30.69
N SER A 467 5.13 2.80 -31.21
CA SER A 467 4.98 2.43 -32.60
C SER A 467 4.57 3.58 -33.47
N GLY A 468 4.25 4.73 -32.86
CA GLY A 468 3.63 5.86 -33.55
C GLY A 468 2.12 5.90 -33.42
N ALA A 469 1.53 4.95 -32.73
CA ALA A 469 0.09 4.87 -32.59
C ALA A 469 -0.39 5.72 -31.44
N ILE A 470 -1.56 6.31 -31.56
CA ILE A 470 -2.23 7.02 -30.47
C ILE A 470 -3.50 6.26 -30.16
N GLU A 471 -3.84 6.14 -28.88
CA GLU A 471 -5.03 5.43 -28.43
C GLU A 471 -5.80 6.33 -27.50
N ILE A 472 -7.10 6.46 -27.76
CA ILE A 472 -8.01 7.23 -26.95
C ILE A 472 -8.98 6.29 -26.32
N ARG A 473 -9.02 6.24 -25.00
CA ARG A 473 -9.95 5.37 -24.31
C ARG A 473 -10.78 6.17 -23.32
N PHE A 474 -11.94 5.63 -22.98
CA PHE A 474 -12.70 6.15 -21.85
C PHE A 474 -13.45 5.05 -21.10
N TYR A 475 -13.37 5.10 -19.78
CA TYR A 475 -14.04 4.15 -18.93
C TYR A 475 -15.04 4.88 -18.06
N ALA A 476 -16.17 4.21 -17.80
CA ALA A 476 -17.15 4.73 -16.84
C ALA A 476 -17.04 3.90 -15.59
N THR A 477 -16.92 4.58 -14.47
CA THR A 477 -16.91 3.93 -13.18
C THR A 477 -17.71 4.80 -12.24
N GLY A 478 -17.60 4.51 -10.95
CA GLY A 478 -18.33 5.22 -9.95
C GLY A 478 -19.64 4.51 -9.66
N TYR A 479 -20.59 5.30 -9.18
CA TYR A 479 -21.83 4.77 -8.68
C TYR A 479 -22.76 4.67 -9.85
N ILE A 480 -23.61 3.65 -9.87
CA ILE A 480 -24.74 3.64 -10.78
C ILE A 480 -25.80 4.53 -10.20
N SER A 481 -26.74 4.91 -11.04
CA SER A 481 -27.91 5.65 -10.62
C SER A 481 -29.03 4.65 -10.40
N SER A 482 -29.77 4.78 -9.32
CA SER A 482 -30.80 3.79 -8.97
C SER A 482 -32.18 4.39 -8.77
N ALA A 483 -33.18 3.53 -8.67
CA ALA A 483 -34.55 3.95 -8.44
C ALA A 483 -35.21 2.97 -7.50
N PHE A 484 -36.32 3.38 -6.90
CA PHE A 484 -37.03 2.52 -5.98
C PHE A 484 -37.71 1.43 -6.79
N LEU A 485 -37.63 0.20 -6.29
CA LEU A 485 -38.14 -0.95 -7.02
C LEU A 485 -39.60 -1.23 -6.74
N PHE A 486 -40.41 -1.23 -7.78
CA PHE A 486 -41.80 -1.69 -7.71
C PHE A 486 -42.11 -2.38 -9.07
N GLY A 487 -42.89 -3.46 -9.06
CA GLY A 487 -43.53 -3.98 -10.27
C GLY A 487 -42.80 -5.14 -10.91
N ALA A 488 -43.57 -5.96 -11.65
CA ALA A 488 -43.10 -7.24 -12.26
C ALA A 488 -43.06 -7.20 -13.81
N THR A 489 -41.98 -6.61 -14.33
CA THR A 489 -41.76 -6.49 -15.79
C THR A 489 -40.39 -7.04 -16.19
N GLY A 490 -39.35 -6.74 -15.41
CA GLY A 490 -37.99 -7.00 -15.82
C GLY A 490 -37.55 -6.16 -17.00
N LYS A 491 -38.40 -5.21 -17.42
CA LYS A 491 -38.15 -4.43 -18.63
C LYS A 491 -37.09 -3.34 -18.44
N TYR A 492 -36.83 -2.88 -17.21
CA TYR A 492 -36.06 -1.64 -17.02
C TYR A 492 -34.79 -1.79 -16.21
N GLY A 493 -34.37 -3.03 -15.99
CA GLY A 493 -33.10 -3.28 -15.32
C GLY A 493 -33.19 -4.44 -14.35
N ASN A 494 -32.16 -4.56 -13.52
CA ASN A 494 -32.07 -5.63 -12.57
C ASN A 494 -32.13 -5.12 -11.16
N GLN A 495 -32.64 -5.93 -10.24
CA GLN A 495 -32.57 -5.55 -8.85
C GLN A 495 -31.15 -5.78 -8.41
N VAL A 496 -30.53 -4.74 -7.87
CA VAL A 496 -29.14 -4.80 -7.43
C VAL A 496 -28.96 -4.73 -5.92
N SER A 497 -29.98 -4.35 -5.19
CA SER A 497 -29.98 -4.46 -3.74
C SER A 497 -31.39 -4.32 -3.19
N GLU A 498 -31.54 -4.40 -1.87
CA GLU A 498 -32.87 -4.39 -1.25
C GLU A 498 -33.60 -3.15 -1.75
N HIS A 499 -34.76 -3.36 -2.40
CA HIS A 499 -35.60 -2.27 -2.94
C HIS A 499 -35.00 -1.38 -4.03
N THR A 500 -33.90 -1.80 -4.65
CA THR A 500 -33.21 -0.95 -5.63
C THR A 500 -33.20 -1.53 -7.04
N LEU A 501 -33.76 -0.75 -7.97
CA LEU A 501 -33.64 -1.01 -9.39
C LEU A 501 -32.41 -0.32 -9.87
N GLY A 502 -31.53 -1.07 -10.52
CA GLY A 502 -30.38 -0.50 -11.20
C GLY A 502 -30.81 -0.19 -12.61
N THR A 503 -30.93 1.09 -12.92
CA THR A 503 -31.65 1.49 -14.14
C THR A 503 -30.78 1.37 -15.39
N VAL A 504 -31.33 0.69 -16.39
CA VAL A 504 -30.67 0.49 -17.66
C VAL A 504 -30.37 1.82 -18.29
N HIS A 505 -29.26 1.89 -19.01
CA HIS A 505 -28.89 3.09 -19.73
C HIS A 505 -27.72 2.80 -20.69
N THR A 506 -27.43 3.76 -21.56
CA THR A 506 -26.29 3.66 -22.46
C THR A 506 -25.36 4.82 -22.22
N HIS A 507 -24.07 4.58 -22.37
CA HIS A 507 -23.06 5.63 -22.37
C HIS A 507 -22.59 5.82 -23.78
N SER A 508 -22.23 7.04 -24.12
CA SER A 508 -21.52 7.31 -25.38
C SER A 508 -20.80 8.62 -25.34
N ALA A 509 -19.74 8.73 -26.13
CA ALA A 509 -18.86 9.86 -26.09
C ALA A 509 -18.44 10.19 -27.50
N HIS A 510 -18.20 11.47 -27.78
CA HIS A 510 -17.84 11.95 -29.10
C HIS A 510 -16.52 12.62 -29.08
N PHE A 511 -15.70 12.35 -30.08
CA PHE A 511 -14.36 12.92 -30.12
C PHE A 511 -14.11 13.58 -31.43
N LYS A 512 -13.45 14.73 -31.40
CA LYS A 512 -13.00 15.41 -32.59
C LYS A 512 -11.56 15.01 -32.77
N VAL A 513 -11.23 14.54 -33.95
CA VAL A 513 -9.92 14.07 -34.27
C VAL A 513 -9.48 14.79 -35.54
N ASP A 514 -8.68 15.83 -35.40
CA ASP A 514 -8.19 16.58 -36.53
C ASP A 514 -6.76 16.18 -36.85
N LEU A 515 -6.67 15.06 -37.54
CA LEU A 515 -5.43 14.56 -38.09
C LEU A 515 -5.01 15.44 -39.21
N ASP A 516 -3.72 15.72 -39.30
CA ASP A 516 -3.19 16.39 -40.48
C ASP A 516 -2.07 15.54 -41.00
N VAL A 517 -2.42 14.48 -41.74
CA VAL A 517 -1.44 13.45 -42.09
C VAL A 517 -0.45 13.98 -43.12
N ALA A 518 0.79 14.15 -42.71
CA ALA A 518 1.82 14.62 -43.59
C ALA A 518 1.45 15.92 -44.31
N GLY A 519 0.91 16.88 -43.55
CA GLY A 519 0.36 18.11 -44.11
C GLY A 519 -1.15 18.24 -43.92
N LEU A 520 -1.74 19.32 -44.41
CA LEU A 520 -3.20 19.53 -44.25
C LEU A 520 -4.05 18.71 -45.18
N GLU A 521 -3.72 18.75 -46.46
CA GLU A 521 -4.52 18.13 -47.50
C GLU A 521 -4.55 16.60 -47.37
N ASN A 522 -5.72 16.05 -47.11
CA ASN A 522 -5.83 14.65 -46.88
C ASN A 522 -7.00 14.06 -47.66
N TRP A 523 -6.98 12.75 -47.86
CA TRP A 523 -8.03 12.03 -48.55
C TRP A 523 -8.44 10.92 -47.65
N VAL A 524 -9.57 10.31 -47.91
CA VAL A 524 -10.07 9.23 -47.09
C VAL A 524 -10.15 7.94 -47.89
N TRP A 525 -9.57 6.88 -47.33
CA TRP A 525 -9.48 5.60 -47.99
C TRP A 525 -10.19 4.50 -47.22
N ALA A 526 -10.95 3.68 -47.92
CA ALA A 526 -11.53 2.48 -47.35
C ALA A 526 -10.95 1.26 -48.05
N GLU A 527 -10.36 0.32 -47.29
CA GLU A 527 -9.90 -0.96 -47.82
C GLU A 527 -10.59 -2.14 -47.12
N ASP A 528 -10.88 -3.20 -47.84
CA ASP A 528 -11.46 -4.38 -47.21
C ASP A 528 -11.03 -5.62 -47.98
N MET A 529 -11.67 -6.75 -47.70
CA MET A 529 -11.29 -8.01 -48.31
C MET A 529 -12.44 -8.58 -49.11
N VAL A 530 -12.13 -9.50 -50.02
CA VAL A 530 -13.16 -10.24 -50.73
C VAL A 530 -12.54 -11.51 -51.27
N PHE A 531 -13.34 -12.56 -51.45
CA PHE A 531 -12.91 -13.81 -52.07
C PHE A 531 -13.47 -13.95 -53.47
N VAL A 532 -12.66 -14.44 -54.41
CA VAL A 532 -13.10 -14.58 -55.80
C VAL A 532 -12.81 -15.96 -56.32
N PRO A 533 -13.85 -16.74 -56.63
CA PRO A 533 -13.65 -18.07 -57.20
C PRO A 533 -12.77 -18.01 -58.42
N MET A 534 -11.97 -19.05 -58.61
CA MET A 534 -11.00 -19.12 -59.69
C MET A 534 -10.55 -20.54 -59.96
N ALA A 535 -10.30 -20.82 -61.22
CA ALA A 535 -9.65 -22.05 -61.60
C ALA A 535 -8.23 -22.02 -61.07
N VAL A 536 -7.81 -23.16 -60.51
CA VAL A 536 -6.42 -23.31 -60.10
C VAL A 536 -5.53 -23.25 -61.34
N PRO A 537 -4.66 -22.25 -61.43
CA PRO A 537 -3.79 -22.09 -62.59
C PRO A 537 -3.08 -23.35 -63.07
N TRP A 538 -2.47 -24.10 -62.15
CA TRP A 538 -1.78 -25.33 -62.50
C TRP A 538 -2.68 -26.57 -62.49
N SER A 539 -3.99 -26.44 -62.36
CA SER A 539 -4.88 -27.62 -62.32
C SER A 539 -6.35 -27.19 -62.45
N PRO A 540 -6.73 -26.66 -63.63
CA PRO A 540 -7.99 -25.95 -63.83
C PRO A 540 -9.23 -26.79 -63.65
N GLU A 541 -9.09 -28.10 -63.59
CA GLU A 541 -10.18 -28.98 -63.14
C GLU A 541 -10.65 -28.56 -61.72
N HIS A 542 -9.82 -27.78 -61.00
CA HIS A 542 -10.07 -27.39 -59.60
C HIS A 542 -10.30 -25.89 -59.39
N GLN A 543 -10.99 -25.64 -58.29
CA GLN A 543 -11.48 -24.33 -57.93
C GLN A 543 -10.76 -23.85 -56.69
N LEU A 544 -10.24 -22.63 -56.69
CA LEU A 544 -9.76 -22.01 -55.43
C LEU A 544 -10.47 -20.67 -55.15
N GLN A 545 -10.57 -20.30 -53.87
CA GLN A 545 -11.19 -19.01 -53.45
C GLN A 545 -10.10 -18.01 -53.24
N ARG A 546 -9.96 -17.08 -54.18
CA ARG A 546 -8.82 -16.18 -54.24
C ARG A 546 -9.05 -14.92 -53.42
N LEU A 547 -8.41 -14.86 -52.25
CA LEU A 547 -8.52 -13.71 -51.35
C LEU A 547 -7.85 -12.49 -51.97
N GLN A 548 -8.57 -11.39 -51.95
CA GLN A 548 -8.11 -10.13 -52.55
C GLN A 548 -8.48 -8.95 -51.69
N VAL A 549 -7.76 -7.85 -51.89
CA VAL A 549 -8.05 -6.59 -51.19
C VAL A 549 -8.93 -5.71 -52.05
N THR A 550 -10.05 -5.22 -51.52
CA THR A 550 -10.83 -4.14 -52.17
C THR A 550 -10.44 -2.78 -51.60
N ARG A 551 -10.37 -1.77 -52.46
CA ARG A 551 -9.96 -0.41 -52.06
C ARG A 551 -10.86 0.64 -52.75
N LYS A 552 -11.27 1.64 -52.00
CA LYS A 552 -12.12 2.69 -52.54
C LYS A 552 -11.74 4.03 -51.93
N LEU A 553 -11.66 5.07 -52.73
CA LEU A 553 -11.48 6.44 -52.22
C LEU A 553 -12.84 7.05 -51.90
N LEU A 554 -12.99 7.56 -50.70
CA LEU A 554 -14.27 8.16 -50.29
C LEU A 554 -14.23 9.66 -50.58
N GLU A 555 -15.06 10.04 -51.55
CA GLU A 555 -14.93 11.32 -52.25
C GLU A 555 -15.73 12.45 -51.61
N MET A 556 -16.97 12.15 -51.31
CA MET A 556 -17.94 13.10 -50.74
C MET A 556 -18.16 12.83 -49.27
N GLU A 557 -18.46 13.88 -48.50
CA GLU A 557 -18.70 13.76 -47.05
C GLU A 557 -19.66 12.65 -46.69
N GLU A 558 -20.71 12.50 -47.47
CA GLU A 558 -21.77 11.56 -47.12
C GLU A 558 -21.28 10.10 -47.19
N GLN A 559 -20.27 9.85 -48.04
CA GLN A 559 -19.65 8.52 -48.14
C GLN A 559 -18.76 8.16 -46.94
N ALA A 560 -18.37 9.15 -46.15
CA ALA A 560 -17.53 8.95 -44.98
C ALA A 560 -18.36 9.05 -43.70
N ALA A 561 -19.66 9.00 -43.81
CA ALA A 561 -20.51 9.15 -42.65
C ALA A 561 -21.15 7.81 -42.31
N PHE A 562 -20.59 7.08 -41.36
CA PHE A 562 -21.07 5.74 -41.04
C PHE A 562 -22.03 5.69 -39.89
N LEU A 563 -23.29 5.42 -40.20
CA LEU A 563 -24.32 5.32 -39.18
C LEU A 563 -24.07 4.13 -38.29
N VAL A 564 -24.57 4.20 -37.08
CA VAL A 564 -24.49 3.10 -36.13
C VAL A 564 -25.34 1.96 -36.65
N GLY A 565 -24.77 0.76 -36.64
CA GLY A 565 -25.42 -0.43 -37.18
C GLY A 565 -25.03 -0.76 -38.61
N SER A 566 -24.57 0.23 -39.38
CA SER A 566 -23.98 -0.01 -40.70
C SER A 566 -22.72 -0.84 -40.62
N ALA A 567 -22.46 -1.52 -41.74
CA ALA A 567 -21.20 -2.21 -41.99
C ALA A 567 -20.15 -1.12 -42.19
N THR A 568 -18.95 -1.40 -41.75
CA THR A 568 -17.90 -0.44 -41.77
C THR A 568 -16.68 -1.07 -42.43
N PRO A 569 -15.96 -0.34 -43.27
CA PRO A 569 -14.75 -0.87 -43.85
C PRO A 569 -13.81 -1.37 -42.77
N ARG A 570 -13.17 -2.52 -42.99
CA ARG A 570 -12.25 -3.07 -42.01
C ARG A 570 -11.02 -2.22 -41.88
N TYR A 571 -10.61 -1.55 -42.94
CA TYR A 571 -9.48 -0.62 -42.90
C TYR A 571 -9.98 0.75 -43.41
N LEU A 572 -9.94 1.76 -42.53
CA LEU A 572 -10.32 3.08 -42.94
C LEU A 572 -9.27 4.01 -42.49
N TYR A 573 -8.76 4.81 -43.39
CA TYR A 573 -7.68 5.68 -43.03
C TYR A 573 -7.74 7.01 -43.73
N LEU A 574 -7.06 7.98 -43.16
CA LEU A 574 -6.87 9.26 -43.78
C LEU A 574 -5.46 9.34 -44.27
N ALA A 575 -5.22 9.88 -45.46
CA ALA A 575 -3.87 9.90 -46.00
C ALA A 575 -3.55 11.14 -46.76
N SER A 576 -2.27 11.38 -46.94
CA SER A 576 -1.84 12.46 -47.78
C SER A 576 -1.70 12.04 -49.22
N ASN A 577 -1.53 13.08 -50.00
CA ASN A 577 -1.12 13.07 -51.39
C ASN A 577 0.22 12.35 -51.55
N HIS A 578 1.18 12.62 -50.67
CA HIS A 578 2.54 12.12 -50.78
C HIS A 578 2.63 10.69 -50.30
N SER A 579 3.69 9.99 -50.74
CA SER A 579 3.83 8.57 -50.54
C SER A 579 5.01 8.31 -49.65
N ASN A 580 5.11 7.08 -49.15
CA ASN A 580 6.32 6.64 -48.48
C ASN A 580 7.30 6.11 -49.52
N LYS A 581 8.42 5.59 -49.07
CA LYS A 581 9.47 5.04 -49.94
C LYS A 581 8.95 3.98 -50.94
N TRP A 582 7.96 3.19 -50.55
CA TRP A 582 7.40 2.13 -51.37
C TRP A 582 6.15 2.54 -52.13
N GLY A 583 5.94 3.84 -52.27
CA GLY A 583 4.97 4.36 -53.20
C GLY A 583 3.54 4.38 -52.77
N HIS A 584 3.29 4.15 -51.50
CA HIS A 584 1.93 4.18 -50.96
C HIS A 584 1.67 5.53 -50.31
N PRO A 585 0.46 6.05 -50.43
CA PRO A 585 0.09 7.29 -49.78
C PRO A 585 0.29 7.22 -48.28
N ARG A 586 0.78 8.28 -47.66
CA ARG A 586 1.08 8.26 -46.21
C ARG A 586 -0.15 8.34 -45.36
N GLY A 587 -0.45 7.31 -44.61
CA GLY A 587 -1.75 7.21 -43.98
C GLY A 587 -1.72 7.01 -42.49
N TYR A 588 -2.80 7.42 -41.85
CA TYR A 588 -3.07 7.05 -40.48
C TYR A 588 -4.46 6.52 -40.44
N ARG A 589 -4.67 5.47 -39.68
CA ARG A 589 -5.86 4.68 -39.78
C ARG A 589 -6.64 4.76 -38.50
N ILE A 590 -7.95 4.90 -38.61
CA ILE A 590 -8.84 4.88 -37.44
C ILE A 590 -9.42 3.50 -37.26
N GLN A 591 -9.16 2.90 -36.09
CA GLN A 591 -9.60 1.56 -35.73
C GLN A 591 -10.40 1.70 -34.46
N MET A 592 -11.61 1.17 -34.45
CA MET A 592 -12.55 1.45 -33.37
C MET A 592 -12.81 0.28 -32.41
N LEU A 593 -12.57 0.55 -31.12
CA LEU A 593 -13.03 -0.33 -30.04
C LEU A 593 -14.33 0.23 -29.47
N SER A 594 -15.49 -0.17 -30.00
CA SER A 594 -16.82 0.31 -29.51
C SER A 594 -17.95 -0.74 -29.60
N PHE A 595 -18.73 -0.84 -28.51
CA PHE A 595 -19.85 -1.74 -28.39
C PHE A 595 -21.20 -0.95 -28.48
N ALA A 596 -21.21 0.12 -29.28
CA ALA A 596 -22.24 1.19 -29.23
C ALA A 596 -23.69 0.73 -29.09
N GLY A 597 -24.42 1.34 -28.17
CA GLY A 597 -25.84 1.06 -27.97
C GLY A 597 -26.71 1.66 -29.07
N GLU A 598 -27.93 1.16 -29.19
CA GLU A 598 -28.83 1.65 -30.21
C GLU A 598 -29.12 3.10 -29.86
N PRO A 599 -29.06 4.01 -30.84
CA PRO A 599 -29.32 5.42 -30.55
C PRO A 599 -30.82 5.78 -30.35
N LEU A 600 -31.07 6.89 -29.65
CA LEU A 600 -32.40 7.46 -29.53
C LEU A 600 -32.94 7.68 -30.93
N PRO A 601 -34.15 7.21 -31.20
CA PRO A 601 -34.76 7.37 -32.52
C PRO A 601 -34.86 8.79 -33.04
N GLN A 602 -34.70 8.97 -34.35
CA GLN A 602 -34.88 10.31 -34.94
C GLN A 602 -36.32 10.81 -34.78
N ASN A 603 -37.28 9.91 -34.85
CA ASN A 603 -38.66 10.21 -34.49
C ASN A 603 -38.75 11.10 -33.22
N SER A 604 -37.77 11.05 -32.34
CA SER A 604 -37.73 11.95 -31.18
C SER A 604 -37.22 13.34 -31.50
N SER A 605 -37.99 14.34 -31.09
CA SER A 605 -37.62 15.75 -31.26
C SER A 605 -36.35 16.13 -30.52
N MET A 606 -36.11 15.43 -29.44
CA MET A 606 -34.92 15.64 -28.63
C MET A 606 -33.64 15.30 -29.35
N ALA A 607 -33.70 14.34 -30.27
CA ALA A 607 -32.53 13.68 -30.84
C ALA A 607 -31.58 14.65 -31.48
N ARG A 608 -32.08 15.70 -32.14
CA ARG A 608 -31.23 16.69 -32.83
C ARG A 608 -30.20 17.35 -31.88
N GLY A 609 -30.45 17.31 -30.59
CA GLY A 609 -29.52 17.82 -29.61
C GLY A 609 -28.27 16.99 -29.40
N PHE A 610 -28.25 15.77 -29.92
CA PHE A 610 -27.04 14.96 -29.87
C PHE A 610 -27.03 14.02 -31.05
N SER A 611 -27.16 14.57 -32.25
CA SER A 611 -27.31 13.75 -33.45
C SER A 611 -26.02 12.98 -33.79
N TRP A 612 -24.89 13.41 -33.26
CA TRP A 612 -23.66 12.66 -33.38
C TRP A 612 -23.80 11.22 -32.89
N GLU A 613 -24.71 10.98 -31.97
CA GLU A 613 -24.97 9.64 -31.45
C GLU A 613 -25.29 8.60 -32.54
N ARG A 614 -25.83 9.06 -33.65
CA ARG A 614 -26.29 8.20 -34.72
C ARG A 614 -25.16 7.68 -35.59
N TYR A 615 -24.00 8.31 -35.51
CA TYR A 615 -22.84 7.92 -36.27
C TYR A 615 -21.79 7.19 -35.43
N GLN A 616 -21.03 6.29 -36.08
CA GLN A 616 -19.87 5.65 -35.47
C GLN A 616 -18.68 6.54 -35.75
N LEU A 617 -18.64 7.05 -36.96
CA LEU A 617 -17.52 7.81 -37.43
C LEU A 617 -18.01 8.70 -38.54
N ALA A 618 -17.41 9.87 -38.70
CA ALA A 618 -17.74 10.77 -39.80
C ALA A 618 -16.55 11.61 -40.09
N VAL A 619 -16.24 11.78 -41.35
CA VAL A 619 -15.19 12.69 -41.77
C VAL A 619 -15.82 13.87 -42.54
N THR A 620 -15.46 15.08 -42.12
CA THR A 620 -15.96 16.29 -42.74
C THR A 620 -14.83 17.27 -43.01
N GLN A 621 -15.08 18.22 -43.88
CA GLN A 621 -14.12 19.30 -44.09
C GLN A 621 -13.96 19.99 -42.76
N ARG A 622 -12.74 20.30 -42.38
CA ARG A 622 -12.54 21.13 -41.18
C ARG A 622 -12.81 22.58 -41.51
N LYS A 623 -13.50 23.27 -40.60
CA LYS A 623 -13.97 24.64 -40.80
C LYS A 623 -13.99 25.43 -39.49
N GLU A 624 -13.48 26.66 -39.52
CA GLU A 624 -13.40 27.48 -38.31
C GLU A 624 -14.76 27.65 -37.69
N GLU A 625 -15.76 27.87 -38.51
CA GLU A 625 -17.12 28.04 -38.03
C GLU A 625 -17.82 26.74 -37.62
N GLU A 626 -17.10 25.60 -37.57
CA GLU A 626 -17.64 24.29 -37.09
C GLU A 626 -16.70 23.72 -36.05
N PRO A 627 -16.46 24.44 -34.95
CA PRO A 627 -15.43 23.99 -34.02
C PRO A 627 -15.85 22.85 -33.09
N SER A 628 -17.16 22.61 -32.94
CA SER A 628 -17.62 21.62 -32.00
C SER A 628 -18.91 20.94 -32.37
N SER A 629 -19.01 19.68 -31.98
CA SER A 629 -20.15 18.85 -32.31
C SER A 629 -21.30 19.05 -31.33
N SER A 630 -21.00 19.65 -30.18
CA SER A 630 -22.03 19.93 -29.21
C SER A 630 -21.91 21.37 -28.73
N SER A 631 -22.68 21.69 -27.71
CA SER A 631 -22.71 23.01 -27.08
C SER A 631 -23.21 22.81 -25.67
N VAL A 632 -22.71 23.62 -24.75
CA VAL A 632 -23.19 23.57 -23.39
C VAL A 632 -24.67 23.92 -23.28
N PHE A 633 -25.25 24.50 -24.32
CA PHE A 633 -26.66 24.91 -24.35
C PHE A 633 -27.62 23.88 -24.92
N ASN A 634 -27.12 22.71 -25.26
CA ASN A 634 -27.99 21.68 -25.79
C ASN A 634 -28.73 20.95 -24.70
N GLN A 635 -28.06 20.72 -23.57
CA GLN A 635 -28.62 19.98 -22.46
C GLN A 635 -29.98 20.52 -22.09
N ASN A 636 -30.11 21.83 -22.01
CA ASN A 636 -31.36 22.39 -21.53
C ASN A 636 -32.37 22.68 -22.64
N ASP A 637 -31.93 22.80 -23.89
CA ASP A 637 -32.85 22.89 -25.04
C ASP A 637 -32.41 22.07 -26.23
N PRO A 638 -32.53 20.74 -26.12
CA PRO A 638 -32.15 19.85 -27.21
C PRO A 638 -33.16 19.85 -28.36
N TRP A 639 -34.38 20.28 -28.06
CA TRP A 639 -35.43 20.41 -29.05
C TRP A 639 -35.13 21.53 -30.04
N ALA A 640 -34.46 22.58 -29.57
CA ALA A 640 -34.00 23.65 -30.43
C ALA A 640 -32.47 23.77 -30.32
N PRO A 641 -31.76 22.75 -30.76
CA PRO A 641 -30.35 22.63 -30.46
C PRO A 641 -29.55 23.85 -30.86
N THR A 642 -28.61 24.27 -30.03
CA THR A 642 -27.73 25.34 -30.38
C THR A 642 -26.72 24.92 -31.43
N VAL A 643 -26.12 23.74 -31.25
CA VAL A 643 -25.32 23.07 -32.27
C VAL A 643 -26.00 21.75 -32.65
N ASP A 644 -26.08 21.46 -33.95
CA ASP A 644 -26.66 20.21 -34.47
C ASP A 644 -25.68 19.53 -35.40
N PHE A 645 -25.04 18.49 -34.90
CA PHE A 645 -23.92 17.90 -35.58
C PHE A 645 -24.22 17.47 -36.99
N SER A 646 -25.38 16.86 -37.19
CA SER A 646 -25.73 16.33 -38.49
C SER A 646 -25.61 17.39 -39.59
N ASP A 647 -25.81 18.65 -39.25
CA ASP A 647 -25.62 19.75 -40.21
C ASP A 647 -24.23 19.85 -40.80
N PHE A 648 -23.22 19.29 -40.15
CA PHE A 648 -21.86 19.40 -40.65
C PHE A 648 -21.69 18.54 -41.90
N ILE A 649 -22.44 17.45 -41.97
CA ILE A 649 -22.32 16.49 -43.03
C ILE A 649 -23.24 16.97 -44.11
N ASN A 650 -22.67 17.54 -45.15
CA ASN A 650 -23.42 18.39 -46.05
C ASN A 650 -23.04 18.25 -47.52
N ASN A 651 -22.59 17.08 -47.95
CA ASN A 651 -22.45 16.84 -49.38
C ASN A 651 -21.39 17.74 -50.06
N GLU A 652 -20.19 17.76 -49.50
CA GLU A 652 -19.03 18.42 -50.09
C GLU A 652 -17.94 17.39 -50.39
N THR A 653 -16.88 17.86 -51.02
CA THR A 653 -15.73 17.04 -51.24
C THR A 653 -15.00 16.88 -49.92
N ILE A 654 -14.45 15.69 -49.73
CA ILE A 654 -13.44 15.45 -48.72
C ILE A 654 -12.19 14.91 -49.42
N ALA A 655 -12.08 15.20 -50.70
CA ALA A 655 -10.99 14.74 -51.51
C ALA A 655 -9.96 15.83 -51.56
N GLY A 656 -9.07 15.84 -50.60
CA GLY A 656 -7.91 16.71 -50.66
C GLY A 656 -8.12 18.00 -49.92
N LYS A 657 -8.74 17.92 -48.77
CA LYS A 657 -8.93 19.07 -47.94
C LYS A 657 -8.34 18.86 -46.56
N ASP A 658 -8.35 19.90 -45.74
CA ASP A 658 -8.11 19.75 -44.31
C ASP A 658 -9.31 19.03 -43.73
N LEU A 659 -9.11 17.78 -43.33
CA LEU A 659 -10.19 16.93 -42.90
C LEU A 659 -10.14 16.78 -41.40
N VAL A 660 -11.28 16.35 -40.85
CA VAL A 660 -11.44 16.11 -39.43
C VAL A 660 -12.41 14.99 -39.19
N ALA A 661 -11.97 13.99 -38.42
CA ALA A 661 -12.80 12.84 -38.13
C ALA A 661 -13.52 13.05 -36.84
N TRP A 662 -14.72 12.51 -36.76
CA TRP A 662 -15.56 12.61 -35.60
C TRP A 662 -16.00 11.21 -35.18
N VAL A 663 -15.43 10.74 -34.09
CA VAL A 663 -15.62 9.38 -33.64
C VAL A 663 -16.54 9.32 -32.45
N THR A 664 -17.52 8.44 -32.54
CA THR A 664 -18.42 8.13 -31.45
C THR A 664 -18.04 6.79 -30.88
N ALA A 665 -18.05 6.67 -29.56
CA ALA A 665 -17.84 5.40 -28.90
C ALA A 665 -18.78 5.29 -27.70
N GLY A 666 -19.28 4.10 -27.43
CA GLY A 666 -20.13 3.90 -26.29
C GLY A 666 -20.50 2.46 -26.08
N PHE A 667 -21.50 2.23 -25.23
CA PHE A 667 -21.99 0.91 -24.92
C PHE A 667 -23.26 0.96 -24.07
N LEU A 668 -23.97 -0.17 -24.03
CA LEU A 668 -25.17 -0.34 -23.24
C LEU A 668 -24.81 -0.89 -21.89
N HIS A 669 -25.43 -0.38 -20.84
CA HIS A 669 -25.19 -0.89 -19.51
C HIS A 669 -26.50 -1.27 -18.86
N ILE A 670 -26.67 -2.55 -18.61
CA ILE A 670 -27.75 -3.07 -17.80
C ILE A 670 -27.15 -3.39 -16.45
N PRO A 671 -27.45 -2.57 -15.43
CA PRO A 671 -26.79 -2.82 -14.17
C PRO A 671 -27.10 -4.17 -13.56
N HIS A 672 -26.16 -4.64 -12.74
CA HIS A 672 -26.22 -5.95 -12.10
C HIS A 672 -25.48 -5.86 -10.76
N ALA A 673 -25.61 -6.90 -9.95
CA ALA A 673 -25.11 -6.89 -8.58
C ALA A 673 -23.70 -6.39 -8.47
N GLU A 674 -22.87 -6.78 -9.42
CA GLU A 674 -21.46 -6.47 -9.37
C GLU A 674 -21.15 -5.01 -9.67
N ASP A 675 -22.17 -4.23 -10.01
CA ASP A 675 -22.03 -2.77 -10.01
C ASP A 675 -22.18 -2.11 -8.63
N ILE A 676 -22.36 -2.90 -7.58
CA ILE A 676 -22.50 -2.39 -6.21
C ILE A 676 -21.32 -2.77 -5.36
N PRO A 677 -20.61 -1.80 -4.83
CA PRO A 677 -20.87 -0.40 -4.74
C PRO A 677 -20.63 0.38 -6.01
N ASN A 678 -19.52 0.10 -6.70
CA ASN A 678 -19.25 0.83 -7.93
C ASN A 678 -19.18 -0.11 -9.11
N THR A 679 -19.33 0.50 -10.28
CA THR A 679 -19.08 -0.14 -11.55
C THR A 679 -17.59 -0.23 -11.76
N VAL A 680 -17.12 -1.41 -12.12
CA VAL A 680 -15.70 -1.60 -12.38
C VAL A 680 -15.35 -1.22 -13.78
N THR A 681 -14.11 -0.82 -13.99
CA THR A 681 -13.63 -0.47 -15.35
C THR A 681 -13.32 -1.65 -16.27
N VAL A 682 -13.22 -2.86 -15.72
CA VAL A 682 -12.83 -4.06 -16.47
C VAL A 682 -13.73 -4.38 -17.65
N GLY A 683 -13.17 -4.27 -18.86
CA GLY A 683 -13.93 -4.54 -20.09
C GLY A 683 -14.87 -3.43 -20.54
N ASN A 684 -15.05 -2.41 -19.71
CA ASN A 684 -15.90 -1.26 -20.06
C ASN A 684 -15.16 -0.10 -20.72
N GLY A 685 -13.89 -0.27 -21.02
CA GLY A 685 -13.15 0.74 -21.78
C GLY A 685 -13.58 0.75 -23.23
N VAL A 686 -13.74 1.93 -23.80
CA VAL A 686 -14.28 2.04 -25.13
C VAL A 686 -13.58 3.19 -25.76
N GLY A 687 -13.28 3.10 -27.04
CA GLY A 687 -12.52 4.13 -27.73
C GLY A 687 -11.95 3.70 -29.07
N PHE A 688 -10.80 4.24 -29.43
CA PHE A 688 -10.26 3.98 -30.75
C PHE A 688 -8.76 4.20 -30.84
N PHE A 689 -8.16 3.61 -31.85
CA PHE A 689 -6.75 3.76 -32.10
C PHE A 689 -6.55 4.60 -33.32
N LEU A 690 -5.39 5.23 -33.39
CA LEU A 690 -4.96 5.91 -34.59
C LEU A 690 -3.62 5.31 -34.89
N ARG A 691 -3.54 4.52 -35.95
CA ARG A 691 -2.32 3.78 -36.26
C ARG A 691 -1.77 4.15 -37.61
N PRO A 692 -0.43 4.23 -37.73
CA PRO A 692 0.22 4.56 -38.97
C PRO A 692 0.04 3.46 -39.95
N TYR A 693 -0.36 3.80 -41.18
CA TYR A 693 -0.56 2.87 -42.28
C TYR A 693 0.22 3.37 -43.48
N ASN A 694 1.41 2.86 -43.67
CA ASN A 694 2.31 3.32 -44.72
C ASN A 694 2.65 4.79 -44.59
N PHE A 695 2.68 5.28 -43.37
CA PHE A 695 3.10 6.62 -43.08
C PHE A 695 4.60 6.68 -43.07
N PHE A 696 5.20 5.67 -42.43
CA PHE A 696 6.63 5.55 -42.37
C PHE A 696 7.14 4.62 -43.46
N ASP A 697 8.45 4.55 -43.56
CA ASP A 697 9.14 3.61 -44.44
C ASP A 697 9.39 2.27 -43.72
N GLU A 698 9.40 2.32 -42.39
CA GLU A 698 9.47 1.15 -41.55
C GLU A 698 9.01 1.49 -40.12
N ASP A 699 8.75 0.43 -39.37
CA ASP A 699 8.38 0.53 -37.98
C ASP A 699 9.39 1.37 -37.25
N PRO A 700 8.95 2.49 -36.62
CA PRO A 700 9.91 3.36 -35.97
C PRO A 700 10.52 2.78 -34.72
N SER A 701 9.88 1.76 -34.17
CA SER A 701 10.47 1.06 -33.04
C SER A 701 11.72 0.22 -33.39
N PHE A 702 12.03 0.05 -34.67
CA PHE A 702 13.28 -0.59 -35.05
C PHE A 702 14.44 0.17 -34.44
N TYR A 703 14.38 1.49 -34.55
N TYR A 703 14.31 1.49 -34.50
CA TYR A 703 15.40 2.34 -33.95
CA TYR A 703 15.27 2.44 -33.98
C TYR A 703 15.12 2.76 -32.49
C TYR A 703 15.15 2.73 -32.47
N SER A 704 14.38 1.95 -31.74
CA SER A 704 14.18 2.18 -30.33
C SER A 704 15.48 2.06 -29.53
N ALA A 705 15.66 2.98 -28.60
CA ALA A 705 16.79 2.90 -27.68
C ALA A 705 16.65 1.75 -26.70
N ASP A 706 15.51 1.09 -26.67
CA ASP A 706 15.30 0.03 -25.73
C ASP A 706 15.06 -1.33 -26.32
N SER A 707 15.27 -1.49 -27.63
CA SER A 707 15.08 -2.81 -28.27
C SER A 707 16.20 -3.77 -27.88
N ILE A 708 15.84 -5.02 -27.62
CA ILE A 708 16.80 -6.03 -27.27
C ILE A 708 17.03 -6.93 -28.45
N TYR A 709 18.27 -7.37 -28.63
CA TYR A 709 18.62 -8.29 -29.71
C TYR A 709 19.87 -9.08 -29.40
N PHE A 710 19.86 -10.37 -29.69
CA PHE A 710 21.05 -11.16 -29.59
C PHE A 710 20.98 -12.49 -30.33
N ARG A 711 22.10 -12.91 -30.91
CA ARG A 711 22.17 -14.19 -31.58
C ARG A 711 22.42 -15.32 -30.60
N GLY A 712 22.11 -16.52 -31.04
CA GLY A 712 22.24 -17.70 -30.20
C GLY A 712 23.69 -18.02 -29.87
N ASP A 713 24.59 -17.63 -30.74
CA ASP A 713 26.00 -17.85 -30.48
C ASP A 713 26.58 -16.80 -29.55
N GLN A 714 25.89 -15.67 -29.40
CA GLN A 714 26.34 -14.62 -28.47
C GLN A 714 26.00 -14.93 -27.02
N ASP A 715 26.49 -14.06 -26.14
CA ASP A 715 26.30 -14.22 -24.70
C ASP A 715 25.16 -13.32 -24.25
N ALA A 716 24.01 -13.93 -23.94
CA ALA A 716 22.84 -13.15 -23.55
C ALA A 716 22.97 -12.48 -22.16
N GLY A 717 23.81 -13.05 -21.29
CA GLY A 717 24.11 -12.44 -19.98
C GLY A 717 25.17 -11.33 -20.03
N ALA A 718 25.90 -11.28 -21.13
CA ALA A 718 26.93 -10.27 -21.31
C ALA A 718 26.24 -8.91 -21.48
N CYS A 719 26.36 -8.13 -20.42
CA CYS A 719 25.79 -6.79 -20.38
C CYS A 719 26.04 -5.95 -21.66
N GLU A 720 27.28 -5.93 -22.12
CA GLU A 720 27.63 -5.23 -23.39
C GLU A 720 26.87 -5.80 -24.58
N VAL A 721 26.49 -7.08 -24.54
CA VAL A 721 25.66 -7.66 -25.61
C VAL A 721 24.21 -7.26 -25.35
N ASN A 722 23.71 -7.53 -24.15
CA ASN A 722 22.29 -7.43 -23.83
C ASN A 722 21.99 -6.55 -22.60
N PRO A 723 21.47 -5.35 -22.81
CA PRO A 723 21.16 -4.42 -21.75
C PRO A 723 20.34 -4.98 -20.60
N LEU A 724 19.43 -5.91 -20.84
CA LEU A 724 18.68 -6.51 -19.74
C LEU A 724 19.59 -7.16 -18.67
N ALA A 725 20.78 -7.61 -19.07
CA ALA A 725 21.74 -8.21 -18.14
C ALA A 725 22.21 -7.21 -17.07
N CYS A 726 22.31 -5.93 -17.43
CA CYS A 726 22.80 -4.89 -16.52
C CYS A 726 21.69 -4.30 -15.66
N LEU A 727 20.47 -4.74 -15.91
CA LEU A 727 19.32 -4.28 -15.14
C LEU A 727 19.46 -4.49 -13.64
N PRO A 728 19.87 -5.68 -13.20
CA PRO A 728 19.99 -5.82 -11.74
C PRO A 728 20.97 -4.85 -11.09
N GLN A 729 22.01 -4.40 -11.82
CA GLN A 729 22.85 -3.31 -11.35
C GLN A 729 22.01 -2.03 -11.46
N ALA A 730 21.59 -1.69 -12.67
CA ALA A 730 20.75 -0.50 -12.95
C ALA A 730 19.65 -0.22 -11.91
N ALA A 731 18.98 -1.28 -11.48
CA ALA A 731 17.85 -1.17 -10.56
C ALA A 731 18.15 -1.66 -9.13
N ALA A 732 19.42 -1.61 -8.74
CA ALA A 732 19.77 -1.95 -7.37
C ALA A 732 19.76 -0.66 -6.54
N CYS A 733 18.55 -0.14 -6.33
CA CYS A 733 18.36 1.09 -5.52
C CYS A 733 16.93 1.21 -5.07
N ALA A 734 16.73 1.76 -3.87
CA ALA A 734 15.38 1.96 -3.35
C ALA A 734 14.84 3.24 -3.96
N PRO A 735 13.57 3.22 -4.42
CA PRO A 735 12.95 4.39 -5.04
C PRO A 735 12.63 5.48 -4.03
N ASP A 736 12.82 6.75 -4.40
CA ASP A 736 12.50 7.88 -3.49
C ASP A 736 11.04 8.31 -3.70
N LEU A 737 10.13 7.67 -2.99
CA LEU A 737 8.70 7.96 -3.11
C LEU A 737 8.30 9.22 -2.34
N PRO A 738 7.64 10.18 -3.00
CA PRO A 738 7.06 11.36 -2.34
C PRO A 738 6.04 11.01 -1.27
N ALA A 739 5.94 11.88 -0.27
CA ALA A 739 4.98 11.73 0.77
C ALA A 739 3.59 11.85 0.15
N PHE A 740 2.67 10.97 0.55
CA PHE A 740 1.33 10.98 -0.03
C PHE A 740 0.62 12.26 0.26
N SER A 741 0.19 12.96 -0.76
CA SER A 741 -0.73 14.08 -0.61
C SER A 741 -2.05 13.78 -1.33
N HIS A 742 -3.15 14.39 -0.88
CA HIS A 742 -4.41 14.38 -1.63
C HIS A 742 -4.93 15.79 -1.95
N GLY A 743 -5.54 15.94 -3.11
CA GLY A 743 -5.94 17.25 -3.61
C GLY A 743 -7.20 17.86 -3.01
N GLY A 744 -7.80 17.20 -2.02
CA GLY A 744 -8.91 17.74 -1.27
C GLY A 744 -10.23 17.83 -2.02
N PHE A 745 -11.21 18.49 -1.40
CA PHE A 745 -12.59 18.61 -1.89
C PHE A 745 -13.03 20.09 -2.04
N SER A 746 -14.33 20.37 -2.18
CA SER A 746 -14.82 21.70 -2.60
C SER A 746 -15.17 22.73 -1.52
N PRO B 24 17.43 -0.15 2.69
CA PRO B 24 18.29 -1.30 2.44
C PRO B 24 17.60 -2.70 2.44
N HIS B 25 17.82 -3.45 1.35
CA HIS B 25 17.43 -4.88 1.16
C HIS B 25 15.92 -5.01 1.02
N CYS B 26 15.42 -6.13 0.51
CA CYS B 26 14.04 -6.11 -0.01
C CYS B 26 13.50 -7.49 -0.43
N PRO B 27 12.49 -8.02 0.30
CA PRO B 27 12.12 -9.45 0.43
C PRO B 27 11.78 -10.29 -0.80
N SER B 28 11.55 -11.58 -0.55
CA SER B 28 10.90 -12.48 -1.51
C SER B 28 10.45 -13.81 -0.86
N SER B 42 -4.08 -30.31 -6.76
CA SER B 42 -4.34 -31.65 -7.27
C SER B 42 -3.91 -31.72 -8.74
N GLN B 43 -2.73 -32.29 -8.99
CA GLN B 43 -2.09 -32.13 -10.29
C GLN B 43 -2.48 -33.29 -11.19
N LEU B 44 -3.75 -33.22 -11.57
CA LEU B 44 -4.48 -34.23 -12.35
C LEU B 44 -4.56 -33.76 -13.81
N PHE B 45 -4.17 -32.50 -14.02
CA PHE B 45 -4.19 -31.81 -15.29
C PHE B 45 -2.79 -31.39 -15.68
N ALA B 46 -1.78 -31.69 -14.86
CA ALA B 46 -0.40 -31.31 -15.17
C ALA B 46 0.06 -32.00 -16.43
N ASP B 47 0.85 -31.30 -17.25
CA ASP B 47 1.44 -31.94 -18.42
C ASP B 47 2.37 -33.04 -17.92
N LEU B 48 2.54 -34.09 -18.72
CA LEU B 48 3.40 -35.20 -18.33
C LEU B 48 4.82 -34.72 -18.06
N SER B 49 5.44 -35.28 -17.02
CA SER B 49 6.83 -34.99 -16.65
C SER B 49 7.88 -35.76 -17.45
N ARG B 50 9.13 -35.32 -17.39
CA ARG B 50 10.27 -36.06 -18.01
C ARG B 50 10.15 -37.59 -17.77
N GLU B 51 9.91 -37.99 -16.52
CA GLU B 51 9.83 -39.41 -16.17
C GLU B 51 8.67 -40.05 -16.91
N GLU B 52 7.47 -39.53 -16.68
CA GLU B 52 6.26 -40.05 -17.29
C GLU B 52 6.39 -40.23 -18.78
N LEU B 53 7.01 -39.26 -19.43
CA LEU B 53 7.28 -39.34 -20.87
C LEU B 53 8.20 -40.51 -21.16
N THR B 54 9.37 -40.54 -20.52
CA THR B 54 10.31 -41.65 -20.64
C THR B 54 9.63 -43.01 -20.37
N ALA B 55 8.85 -43.05 -19.30
CA ALA B 55 8.14 -44.25 -18.92
C ALA B 55 7.27 -44.77 -20.04
N VAL B 56 6.61 -43.88 -20.76
CA VAL B 56 5.69 -44.29 -21.83
C VAL B 56 6.47 -44.68 -23.09
N MET B 57 7.54 -43.98 -23.35
CA MET B 57 8.39 -44.31 -24.48
C MET B 57 9.04 -45.70 -24.31
N ARG B 58 9.55 -45.98 -23.12
CA ARG B 58 10.07 -47.32 -22.81
C ARG B 58 8.95 -48.30 -23.18
N PHE B 59 7.79 -48.14 -22.55
CA PHE B 59 6.69 -49.10 -22.71
C PHE B 59 6.32 -49.26 -24.15
N LEU B 60 6.41 -48.18 -24.92
CA LEU B 60 6.09 -48.26 -26.33
C LEU B 60 7.12 -49.09 -27.09
N THR B 61 8.41 -48.73 -26.97
CA THR B 61 9.47 -49.49 -27.66
C THR B 61 9.34 -50.97 -27.41
N GLN B 62 9.08 -51.31 -26.15
CA GLN B 62 8.85 -52.70 -25.77
C GLN B 62 7.71 -53.27 -26.59
N ARG B 63 6.50 -52.72 -26.46
CA ARG B 63 5.29 -53.33 -27.01
CA ARG B 63 5.33 -53.37 -27.02
C ARG B 63 5.01 -53.00 -28.48
N LEU B 64 5.95 -52.37 -29.20
CA LEU B 64 5.64 -51.90 -30.57
C LEU B 64 6.37 -52.56 -31.78
N GLY B 65 7.22 -53.54 -31.49
CA GLY B 65 7.91 -54.31 -32.54
C GLY B 65 9.14 -53.56 -33.01
N PRO B 66 10.29 -54.24 -33.10
CA PRO B 66 11.41 -53.51 -33.71
C PRO B 66 11.13 -53.21 -35.18
N GLY B 67 12.00 -52.42 -35.77
CA GLY B 67 11.65 -51.67 -36.98
C GLY B 67 11.12 -50.28 -36.63
N LEU B 68 10.80 -50.09 -35.34
CA LEU B 68 10.50 -48.80 -34.76
C LEU B 68 11.75 -47.95 -34.97
N VAL B 69 11.57 -46.72 -35.41
CA VAL B 69 12.70 -45.81 -35.66
C VAL B 69 12.51 -44.53 -34.87
N ASP B 70 13.62 -43.84 -34.65
CA ASP B 70 13.58 -42.52 -34.05
C ASP B 70 12.92 -41.64 -35.07
N ALA B 71 11.78 -41.08 -34.68
CA ALA B 71 10.97 -40.21 -35.53
C ALA B 71 11.85 -39.15 -36.17
N ALA B 72 12.80 -38.63 -35.42
CA ALA B 72 13.68 -37.55 -35.87
C ALA B 72 14.63 -37.87 -37.03
N GLN B 73 14.67 -39.12 -37.45
CA GLN B 73 15.37 -39.47 -38.67
C GLN B 73 14.61 -40.59 -39.34
N ALA B 74 13.27 -40.58 -39.25
CA ALA B 74 12.44 -41.60 -39.88
C ALA B 74 12.24 -41.22 -41.34
N ARG B 75 11.73 -42.16 -42.13
CA ARG B 75 11.32 -41.92 -43.52
C ARG B 75 9.89 -42.40 -43.66
N PRO B 76 9.24 -42.10 -44.78
CA PRO B 76 7.81 -42.36 -44.87
C PRO B 76 7.42 -43.79 -44.59
N SER B 77 8.23 -44.73 -45.06
CA SER B 77 7.95 -46.17 -44.90
C SER B 77 8.38 -46.76 -43.54
N ASP B 78 8.98 -45.95 -42.67
CA ASP B 78 9.29 -46.36 -41.31
C ASP B 78 8.09 -46.39 -40.38
N ASN B 79 8.25 -47.07 -39.27
CA ASN B 79 7.29 -46.99 -38.17
C ASN B 79 7.91 -46.09 -37.13
N CYS B 80 7.13 -45.17 -36.59
CA CYS B 80 7.65 -44.45 -35.44
C CYS B 80 6.62 -43.79 -34.61
N VAL B 81 7.12 -43.18 -33.54
CA VAL B 81 6.31 -42.46 -32.59
C VAL B 81 6.50 -40.99 -32.90
N PHE B 82 5.39 -40.32 -33.15
CA PHE B 82 5.41 -38.92 -33.57
C PHE B 82 5.29 -38.01 -32.34
N SER B 83 4.44 -38.40 -31.40
CA SER B 83 4.11 -37.58 -30.26
C SER B 83 3.69 -38.42 -29.07
N VAL B 84 4.12 -37.99 -27.88
CA VAL B 84 3.57 -38.52 -26.63
C VAL B 84 3.20 -37.36 -25.73
N GLU B 85 1.94 -37.30 -25.30
CA GLU B 85 1.50 -36.25 -24.43
C GLU B 85 0.30 -36.67 -23.61
N LEU B 86 -0.02 -35.86 -22.60
CA LEU B 86 -1.11 -36.14 -21.65
C LEU B 86 -2.44 -36.38 -22.34
N GLN B 87 -3.14 -37.42 -21.93
CA GLN B 87 -4.49 -37.65 -22.37
C GLN B 87 -5.32 -37.12 -21.24
N LEU B 88 -6.17 -36.17 -21.54
CA LEU B 88 -6.97 -35.54 -20.48
C LEU B 88 -8.01 -36.50 -19.97
N PRO B 89 -8.32 -36.44 -18.66
CA PRO B 89 -9.29 -37.33 -18.02
C PRO B 89 -10.74 -37.00 -18.34
N PRO B 90 -11.64 -37.98 -18.24
CA PRO B 90 -13.07 -37.66 -18.34
C PRO B 90 -13.52 -36.70 -17.25
N LYS B 91 -14.54 -35.90 -17.52
CA LYS B 91 -14.93 -34.84 -16.59
C LYS B 91 -15.57 -35.45 -15.34
N ALA B 92 -16.50 -36.39 -15.53
CA ALA B 92 -17.26 -36.96 -14.42
C ALA B 92 -16.30 -37.50 -13.34
N ALA B 93 -15.32 -38.27 -13.77
CA ALA B 93 -14.32 -38.81 -12.86
C ALA B 93 -13.48 -37.69 -12.23
N ALA B 94 -12.94 -36.81 -13.08
CA ALA B 94 -12.13 -35.68 -12.63
C ALA B 94 -12.83 -34.88 -11.55
N LEU B 95 -14.12 -34.63 -11.75
CA LEU B 95 -14.91 -33.88 -10.78
C LEU B 95 -15.14 -34.68 -9.49
N ALA B 96 -15.64 -35.91 -9.65
CA ALA B 96 -15.80 -36.82 -8.53
C ALA B 96 -14.57 -36.74 -7.58
N HIS B 97 -13.39 -36.72 -8.18
CA HIS B 97 -12.16 -36.62 -7.42
C HIS B 97 -12.01 -35.24 -6.80
N LEU B 98 -12.21 -34.21 -7.60
CA LEU B 98 -11.92 -32.86 -7.16
C LEU B 98 -12.87 -32.40 -6.10
N ASP B 99 -14.11 -32.90 -6.14
CA ASP B 99 -15.16 -32.38 -5.28
C ASP B 99 -15.63 -33.43 -4.31
N ARG B 100 -16.28 -34.46 -4.85
CA ARG B 100 -16.83 -35.57 -4.04
C ARG B 100 -15.73 -36.34 -3.26
N GLY B 101 -14.47 -36.16 -3.67
CA GLY B 101 -13.36 -36.76 -2.96
C GLY B 101 -13.00 -38.17 -3.39
N SER B 102 -13.71 -38.70 -4.39
CA SER B 102 -13.41 -40.05 -4.95
C SER B 102 -11.96 -40.16 -5.48
N PRO B 103 -11.56 -41.37 -5.87
CA PRO B 103 -10.16 -41.52 -6.29
C PRO B 103 -9.94 -40.91 -7.65
N PRO B 104 -8.69 -40.58 -7.98
CA PRO B 104 -8.37 -40.00 -9.27
C PRO B 104 -8.65 -41.00 -10.37
N PRO B 105 -9.04 -40.51 -11.57
CA PRO B 105 -9.06 -41.40 -12.74
C PRO B 105 -7.66 -41.74 -13.21
N ALA B 106 -7.53 -42.85 -13.91
CA ALA B 106 -6.25 -43.30 -14.43
C ALA B 106 -5.57 -42.16 -15.13
N ARG B 107 -4.34 -41.86 -14.75
CA ARG B 107 -3.53 -40.91 -15.49
C ARG B 107 -2.92 -41.61 -16.70
N GLU B 108 -3.29 -41.13 -17.88
CA GLU B 108 -2.95 -41.76 -19.14
C GLU B 108 -2.18 -40.82 -20.04
N ALA B 109 -1.76 -41.33 -21.18
CA ALA B 109 -1.01 -40.55 -22.17
C ALA B 109 -1.53 -40.94 -23.51
N LEU B 110 -1.41 -40.04 -24.47
CA LEU B 110 -1.81 -40.35 -25.83
C LEU B 110 -0.60 -40.29 -26.71
N ALA B 111 -0.45 -41.30 -27.54
CA ALA B 111 0.68 -41.36 -28.46
C ALA B 111 0.18 -41.42 -29.90
N ILE B 112 0.79 -40.64 -30.76
CA ILE B 112 0.52 -40.74 -32.18
C ILE B 112 1.67 -41.49 -32.82
N VAL B 113 1.31 -42.58 -33.49
CA VAL B 113 2.28 -43.44 -34.13
C VAL B 113 2.06 -43.48 -35.63
N PHE B 114 3.12 -43.23 -36.40
CA PHE B 114 3.10 -43.42 -37.84
C PHE B 114 3.49 -44.87 -38.14
N PHE B 115 2.61 -45.61 -38.81
CA PHE B 115 2.86 -46.99 -39.17
C PHE B 115 3.08 -47.13 -40.67
N GLY B 116 4.31 -46.86 -41.06
CA GLY B 116 4.70 -46.89 -42.46
C GLY B 116 5.12 -48.27 -42.94
N ARG B 117 5.98 -48.98 -42.19
CA ARG B 117 6.44 -50.32 -42.61
C ARG B 117 5.24 -51.25 -42.57
N GLN B 118 4.43 -51.21 -43.63
CA GLN B 118 3.13 -51.87 -43.64
C GLN B 118 2.55 -51.83 -45.05
N PRO B 119 1.90 -52.91 -45.47
CA PRO B 119 1.16 -52.89 -46.74
C PRO B 119 0.16 -51.71 -46.83
N GLN B 120 -0.73 -51.56 -45.84
CA GLN B 120 -1.67 -50.42 -45.76
C GLN B 120 -1.26 -49.52 -44.58
N PRO B 121 -0.36 -48.56 -44.82
CA PRO B 121 0.13 -47.75 -43.73
C PRO B 121 -0.95 -46.84 -43.15
N ASN B 122 -0.92 -46.61 -41.85
CA ASN B 122 -1.90 -45.73 -41.20
C ASN B 122 -1.23 -44.85 -40.13
N VAL B 123 -1.91 -43.78 -39.72
CA VAL B 123 -1.56 -43.15 -38.47
C VAL B 123 -2.51 -43.75 -37.46
N SER B 124 -1.99 -44.01 -36.27
CA SER B 124 -2.82 -44.56 -35.21
C SER B 124 -2.67 -43.75 -33.91
N GLU B 125 -3.79 -43.67 -33.18
CA GLU B 125 -3.86 -43.00 -31.91
C GLU B 125 -3.98 -44.03 -30.80
N LEU B 126 -3.02 -44.00 -29.88
CA LEU B 126 -2.85 -45.03 -28.85
C LEU B 126 -2.88 -44.44 -27.43
N VAL B 127 -3.83 -44.87 -26.61
CA VAL B 127 -3.85 -44.47 -25.21
C VAL B 127 -2.98 -45.45 -24.39
N VAL B 128 -1.98 -44.91 -23.70
CA VAL B 128 -1.11 -45.71 -22.85
C VAL B 128 -1.25 -45.29 -21.40
N GLY B 129 -1.46 -46.26 -20.53
CA GLY B 129 -1.49 -46.02 -19.09
C GLY B 129 -1.49 -47.32 -18.27
N PRO B 130 -1.60 -47.20 -16.92
CA PRO B 130 -1.72 -45.98 -16.17
C PRO B 130 -0.38 -45.53 -15.63
N LEU B 131 -0.09 -44.23 -15.75
CA LEU B 131 1.14 -43.69 -15.19
C LEU B 131 1.03 -43.68 -13.68
N PRO B 132 2.17 -43.71 -12.96
CA PRO B 132 3.56 -43.55 -13.44
C PRO B 132 4.22 -44.81 -14.07
N HIS B 133 3.55 -45.96 -13.97
CA HIS B 133 4.10 -47.20 -14.55
C HIS B 133 3.07 -47.94 -15.42
N PRO B 134 3.08 -47.66 -16.72
CA PRO B 134 1.97 -48.10 -17.58
C PRO B 134 1.99 -49.58 -17.80
N SER B 135 0.80 -50.15 -17.97
CA SER B 135 0.64 -51.58 -18.16
C SER B 135 -0.15 -51.94 -19.45
N TYR B 136 -1.06 -51.06 -19.89
CA TYR B 136 -1.88 -51.29 -21.09
C TYR B 136 -1.60 -50.29 -22.20
N MET B 137 -2.28 -50.47 -23.33
CA MET B 137 -2.16 -49.61 -24.51
C MET B 137 -3.31 -49.92 -25.45
N ARG B 138 -4.16 -48.95 -25.75
CA ARG B 138 -5.38 -49.23 -26.49
C ARG B 138 -5.38 -48.36 -27.72
N ASP B 139 -5.69 -48.93 -28.88
CA ASP B 139 -5.86 -48.14 -30.11
C ASP B 139 -7.27 -47.57 -30.11
N VAL B 140 -7.36 -46.24 -30.03
CA VAL B 140 -8.65 -45.53 -29.96
C VAL B 140 -9.05 -44.94 -31.32
N THR B 141 -8.15 -45.03 -32.31
CA THR B 141 -8.40 -44.46 -33.63
C THR B 141 -9.83 -44.73 -34.09
N VAL B 142 -10.17 -46.01 -34.22
CA VAL B 142 -11.45 -46.38 -34.82
C VAL B 142 -12.61 -46.00 -33.92
N GLU B 143 -12.40 -46.10 -32.61
CA GLU B 143 -13.34 -45.56 -31.62
C GLU B 143 -13.62 -44.10 -31.93
N ARG B 144 -12.56 -43.31 -31.92
CA ARG B 144 -12.70 -41.87 -32.08
C ARG B 144 -13.14 -41.43 -33.48
N HIS B 145 -12.41 -41.85 -34.50
CA HIS B 145 -12.66 -41.33 -35.84
C HIS B 145 -13.51 -42.28 -36.72
N GLY B 146 -14.02 -43.36 -36.15
CA GLY B 146 -14.88 -44.27 -36.90
C GLY B 146 -14.22 -44.95 -38.09
N GLY B 147 -12.90 -45.17 -38.02
CA GLY B 147 -12.15 -45.77 -39.11
C GLY B 147 -10.69 -45.37 -39.05
N PRO B 148 -9.85 -45.97 -39.90
CA PRO B 148 -8.42 -45.68 -39.89
C PRO B 148 -8.10 -44.26 -40.32
N LEU B 149 -6.97 -43.75 -39.86
CA LEU B 149 -6.47 -42.47 -40.30
C LEU B 149 -5.54 -42.62 -41.52
N PRO B 150 -5.98 -42.11 -42.67
CA PRO B 150 -5.17 -42.15 -43.85
C PRO B 150 -3.80 -41.62 -43.64
N TYR B 151 -2.83 -42.27 -44.24
CA TYR B 151 -1.44 -41.98 -43.98
C TYR B 151 -1.07 -40.62 -44.52
N HIS B 152 -1.74 -40.19 -45.57
CA HIS B 152 -1.42 -38.89 -46.19
C HIS B 152 -1.76 -37.69 -45.27
N ARG B 153 -2.63 -37.92 -44.30
CA ARG B 153 -2.97 -36.90 -43.31
C ARG B 153 -1.87 -36.60 -42.31
N ARG B 154 -0.84 -37.43 -42.23
CA ARG B 154 0.18 -37.25 -41.23
C ARG B 154 0.92 -35.96 -41.48
N PRO B 155 1.33 -35.27 -40.43
CA PRO B 155 2.15 -34.08 -40.55
C PRO B 155 3.48 -34.34 -41.16
N VAL B 156 4.01 -33.39 -41.89
CA VAL B 156 5.30 -33.55 -42.53
C VAL B 156 6.35 -33.53 -41.45
N LEU B 157 7.11 -34.61 -41.37
CA LEU B 157 8.19 -34.78 -40.40
C LEU B 157 9.36 -33.86 -40.69
N PHE B 158 10.17 -33.65 -39.66
CA PHE B 158 11.36 -32.83 -39.76
C PHE B 158 12.31 -33.43 -40.77
N GLN B 159 12.47 -34.75 -40.72
CA GLN B 159 13.27 -35.49 -41.69
C GLN B 159 12.73 -35.37 -43.09
N GLU B 160 11.41 -35.50 -43.22
CA GLU B 160 10.76 -35.26 -44.49
C GLU B 160 11.13 -33.89 -45.07
N TYR B 161 11.17 -32.84 -44.23
CA TYR B 161 11.57 -31.50 -44.72
C TYR B 161 12.98 -31.53 -45.20
N LEU B 162 13.86 -32.19 -44.46
CA LEU B 162 15.27 -32.31 -44.86
C LEU B 162 15.46 -33.06 -46.19
N ASP B 163 14.76 -34.19 -46.32
CA ASP B 163 14.77 -34.96 -47.55
C ASP B 163 14.36 -34.08 -48.72
N ILE B 164 13.24 -33.38 -48.57
CA ILE B 164 12.76 -32.41 -49.58
C ILE B 164 13.84 -31.40 -49.96
N ASP B 165 14.61 -30.93 -48.99
CA ASP B 165 15.68 -29.98 -49.31
C ASP B 165 16.82 -30.65 -50.04
N GLN B 166 17.12 -31.90 -49.71
CA GLN B 166 18.12 -32.65 -50.47
C GLN B 166 17.73 -32.65 -51.94
N MET B 167 16.50 -33.08 -52.23
CA MET B 167 15.98 -33.06 -53.60
C MET B 167 16.16 -31.71 -54.29
N ILE B 168 15.69 -30.65 -53.63
CA ILE B 168 15.72 -29.32 -54.20
C ILE B 168 17.14 -28.85 -54.46
N PHE B 169 18.02 -29.06 -53.50
CA PHE B 169 19.33 -28.45 -53.57
C PHE B 169 20.35 -29.29 -54.31
N ASN B 170 20.25 -30.60 -54.16
CA ASN B 170 21.11 -31.54 -54.92
C ASN B 170 20.58 -31.83 -56.32
N ARG B 171 19.39 -32.46 -56.42
CA ARG B 171 18.87 -32.87 -57.74
C ARG B 171 18.33 -31.73 -58.59
N GLU B 172 17.73 -30.70 -58.01
CA GLU B 172 16.87 -29.81 -58.81
C GLU B 172 17.50 -28.47 -59.15
N LEU B 173 17.86 -27.69 -58.15
CA LEU B 173 18.29 -26.33 -58.41
C LEU B 173 19.48 -26.22 -59.32
N PRO B 174 20.39 -27.19 -59.26
CA PRO B 174 21.55 -27.10 -60.15
C PRO B 174 21.20 -27.03 -61.62
N GLN B 175 20.09 -27.67 -62.00
CA GLN B 175 19.59 -27.64 -63.36
C GLN B 175 19.33 -26.21 -63.87
N ALA B 176 19.22 -25.26 -62.94
CA ALA B 176 18.96 -23.88 -63.31
C ALA B 176 20.04 -22.95 -62.82
N SER B 177 21.19 -23.50 -62.49
CA SER B 177 22.29 -22.71 -61.93
C SER B 177 22.70 -21.55 -62.81
N GLY B 178 22.44 -21.63 -64.11
CA GLY B 178 22.74 -20.51 -65.02
C GLY B 178 22.00 -19.28 -64.58
N LEU B 179 20.67 -19.41 -64.52
CA LEU B 179 19.79 -18.38 -63.97
C LEU B 179 20.16 -17.96 -62.57
N LEU B 180 20.30 -18.94 -61.67
CA LEU B 180 20.57 -18.67 -60.25
C LEU B 180 21.86 -17.89 -60.05
N HIS B 181 22.90 -18.15 -60.84
CA HIS B 181 24.16 -17.39 -60.74
C HIS B 181 23.95 -15.94 -61.11
N HIS B 182 23.03 -15.70 -62.04
CA HIS B 182 22.74 -14.35 -62.52
C HIS B 182 21.89 -13.50 -61.55
N CYS B 183 20.99 -14.14 -60.83
CA CYS B 183 20.02 -13.39 -60.04
C CYS B 183 20.27 -13.40 -58.53
N CYS B 184 20.99 -14.42 -58.05
CA CYS B 184 20.82 -14.90 -56.69
C CYS B 184 22.09 -15.36 -55.99
N PHE B 185 23.23 -15.03 -56.56
CA PHE B 185 24.49 -15.34 -55.91
C PHE B 185 24.57 -16.81 -55.52
N TYR B 186 24.05 -17.69 -56.38
CA TYR B 186 24.19 -19.13 -56.24
C TYR B 186 25.67 -19.50 -56.35
N LYS B 187 26.12 -20.55 -55.63
CA LYS B 187 27.53 -20.99 -55.65
C LYS B 187 27.70 -22.38 -55.01
N ARG B 191 22.56 -23.31 -50.79
CA ARG B 191 23.68 -23.05 -49.86
C ARG B 191 23.47 -21.68 -49.15
N ASN B 192 23.24 -20.63 -49.93
CA ASN B 192 22.85 -19.33 -49.41
C ASN B 192 21.35 -19.09 -49.59
N LEU B 193 20.59 -20.15 -49.85
CA LEU B 193 19.14 -20.06 -49.99
C LEU B 193 18.45 -21.02 -49.07
N VAL B 194 17.23 -20.70 -48.69
CA VAL B 194 16.44 -21.55 -47.80
C VAL B 194 15.03 -21.63 -48.33
N THR B 195 14.32 -22.68 -47.94
CA THR B 195 12.96 -22.90 -48.37
C THR B 195 12.03 -22.71 -47.20
N MET B 196 10.78 -22.36 -47.48
CA MET B 196 9.77 -22.34 -46.45
C MET B 196 8.50 -23.02 -46.90
N THR B 197 7.98 -23.91 -46.09
CA THR B 197 6.78 -24.64 -46.47
C THR B 197 5.56 -23.76 -46.59
N THR B 198 4.49 -24.33 -47.13
CA THR B 198 3.17 -23.78 -47.07
C THR B 198 2.24 -24.93 -46.76
N ALA B 199 0.93 -24.67 -46.73
CA ALA B 199 -0.08 -25.70 -46.52
C ALA B 199 -1.43 -25.12 -46.88
N PRO B 200 -2.43 -25.95 -47.17
CA PRO B 200 -2.40 -27.40 -47.24
C PRO B 200 -1.63 -27.90 -48.44
N ARG B 201 -1.57 -29.20 -48.61
CA ARG B 201 -0.59 -29.76 -49.54
C ARG B 201 -1.26 -30.43 -50.73
N GLY B 202 -1.81 -29.60 -51.61
CA GLY B 202 -2.55 -30.05 -52.77
C GLY B 202 -3.89 -29.38 -52.96
N LEU B 203 -4.79 -30.09 -53.65
CA LEU B 203 -6.11 -29.54 -54.07
C LEU B 203 -7.27 -30.46 -53.72
N GLN B 204 -6.99 -31.55 -53.01
CA GLN B 204 -7.88 -32.68 -53.00
C GLN B 204 -7.45 -33.68 -51.98
N SER B 205 -8.43 -34.34 -51.36
CA SER B 205 -8.09 -35.30 -50.32
C SER B 205 -7.17 -36.37 -50.90
N GLY B 206 -6.09 -36.66 -50.18
CA GLY B 206 -5.07 -37.58 -50.66
C GLY B 206 -3.80 -36.91 -51.11
N ASP B 207 -3.87 -35.69 -51.65
CA ASP B 207 -2.67 -35.03 -52.20
C ASP B 207 -1.63 -34.73 -51.13
N ARG B 208 -0.38 -34.64 -51.57
CA ARG B 208 0.72 -34.22 -50.74
C ARG B 208 1.74 -33.48 -51.59
N ALA B 209 1.27 -32.47 -52.33
CA ALA B 209 2.14 -31.59 -53.08
C ALA B 209 2.16 -30.27 -52.35
N THR B 210 3.36 -29.74 -52.10
CA THR B 210 3.56 -28.55 -51.32
C THR B 210 4.37 -27.52 -52.07
N TRP B 211 3.86 -26.30 -52.16
CA TRP B 211 4.62 -25.17 -52.71
C TRP B 211 5.66 -24.69 -51.70
N PHE B 212 6.88 -24.52 -52.17
CA PHE B 212 7.95 -23.98 -51.32
C PHE B 212 8.52 -22.75 -51.96
N GLY B 213 8.58 -21.68 -51.21
CA GLY B 213 9.21 -20.46 -51.66
C GLY B 213 10.66 -20.51 -51.32
N LEU B 214 11.46 -19.72 -52.00
CA LEU B 214 12.89 -19.73 -51.80
C LEU B 214 13.31 -18.33 -51.35
N TYR B 215 14.15 -18.27 -50.32
CA TYR B 215 14.59 -17.01 -49.78
C TYR B 215 16.08 -17.03 -49.52
N TYR B 216 16.68 -15.84 -49.51
CA TYR B 216 18.04 -15.71 -49.07
C TYR B 216 18.10 -16.08 -47.59
N ASN B 217 19.06 -16.93 -47.25
CA ASN B 217 19.33 -17.30 -45.88
C ASN B 217 20.01 -16.14 -45.16
N ILE B 218 19.25 -15.09 -44.87
CA ILE B 218 19.78 -13.95 -44.12
C ILE B 218 20.26 -14.44 -42.78
N SER B 219 21.28 -13.77 -42.25
CA SER B 219 21.90 -14.11 -40.96
C SER B 219 21.50 -13.14 -39.85
N GLY B 220 20.95 -13.68 -38.76
CA GLY B 220 20.53 -12.89 -37.60
C GLY B 220 19.29 -12.01 -37.77
N ALA B 221 18.50 -12.29 -38.79
CA ALA B 221 17.31 -11.50 -39.09
C ALA B 221 16.39 -12.35 -39.94
N GLY B 222 15.15 -11.92 -40.10
CA GLY B 222 14.12 -12.70 -40.78
C GLY B 222 14.38 -12.83 -42.25
N PHE B 223 14.33 -14.06 -42.73
CA PHE B 223 14.52 -14.32 -44.16
C PHE B 223 13.25 -14.07 -44.91
N PHE B 224 12.14 -14.19 -44.18
CA PHE B 224 10.80 -14.07 -44.74
C PHE B 224 10.57 -12.84 -45.60
N LEU B 225 11.38 -11.81 -45.42
CA LEU B 225 11.30 -10.59 -46.19
C LEU B 225 12.20 -10.60 -47.41
N HIS B 226 12.71 -11.78 -47.80
CA HIS B 226 13.72 -11.87 -48.86
C HIS B 226 13.49 -13.03 -49.84
N HIS B 227 12.27 -13.12 -50.33
CA HIS B 227 11.85 -14.06 -51.35
C HIS B 227 12.59 -13.74 -52.64
N VAL B 228 13.21 -14.75 -53.23
CA VAL B 228 14.00 -14.51 -54.42
C VAL B 228 13.14 -14.55 -55.68
N GLY B 229 11.89 -14.96 -55.52
CA GLY B 229 10.95 -14.97 -56.63
C GLY B 229 10.64 -16.34 -57.19
N LEU B 230 11.11 -17.38 -56.53
CA LEU B 230 11.01 -18.72 -57.07
C LEU B 230 10.30 -19.61 -56.12
N GLU B 231 9.30 -20.33 -56.60
CA GLU B 231 8.57 -21.27 -55.79
C GLU B 231 8.47 -22.56 -56.57
N LEU B 232 8.51 -23.68 -55.87
CA LEU B 232 8.54 -24.97 -56.47
C LEU B 232 7.45 -25.86 -55.89
N LEU B 233 6.65 -26.47 -56.76
CA LEU B 233 5.62 -27.37 -56.31
C LEU B 233 6.20 -28.76 -56.20
N VAL B 234 6.53 -29.16 -54.96
CA VAL B 234 7.07 -30.48 -54.70
C VAL B 234 5.98 -31.51 -54.38
N ASN B 235 5.95 -32.59 -55.16
CA ASN B 235 5.09 -33.71 -54.86
C ASN B 235 5.88 -34.72 -54.07
N HIS B 236 5.57 -34.81 -52.77
CA HIS B 236 6.22 -35.71 -51.87
C HIS B 236 5.27 -36.71 -51.28
N LYS B 237 4.29 -37.15 -52.05
CA LYS B 237 3.34 -38.17 -51.58
C LYS B 237 3.97 -39.54 -51.49
N ALA B 238 4.83 -39.88 -52.45
CA ALA B 238 5.41 -41.23 -52.53
C ALA B 238 6.17 -41.62 -51.26
N LEU B 239 5.93 -42.86 -50.80
CA LEU B 239 6.66 -43.40 -49.66
C LEU B 239 8.17 -43.48 -49.89
N ASP B 240 8.59 -43.50 -51.15
CA ASP B 240 9.99 -43.52 -51.48
C ASP B 240 10.43 -42.15 -52.00
N PRO B 241 11.19 -41.43 -51.21
CA PRO B 241 11.66 -40.14 -51.66
C PRO B 241 12.28 -40.11 -53.04
N ALA B 242 12.85 -41.21 -53.50
CA ALA B 242 13.41 -41.28 -54.86
C ALA B 242 12.34 -40.93 -55.89
N ARG B 243 11.12 -41.39 -55.67
CA ARG B 243 10.01 -41.12 -56.59
C ARG B 243 9.42 -39.70 -56.51
N TRP B 244 9.85 -38.89 -55.54
CA TRP B 244 9.35 -37.52 -55.41
C TRP B 244 9.76 -36.70 -56.61
N THR B 245 8.83 -35.88 -57.08
CA THR B 245 9.02 -35.06 -58.27
C THR B 245 8.64 -33.59 -58.02
N ILE B 246 8.92 -32.76 -59.01
CA ILE B 246 8.51 -31.36 -58.98
C ILE B 246 7.49 -31.10 -60.08
N GLN B 247 6.25 -30.90 -59.68
CA GLN B 247 5.15 -30.69 -60.62
C GLN B 247 5.13 -29.34 -61.33
N LYS B 248 5.59 -28.27 -60.71
CA LYS B 248 5.55 -26.95 -61.34
C LYS B 248 6.58 -26.03 -60.74
N VAL B 249 6.87 -24.96 -61.46
CA VAL B 249 7.84 -24.00 -61.03
C VAL B 249 7.25 -22.64 -61.27
N PHE B 250 7.37 -21.76 -60.28
CA PHE B 250 6.96 -20.37 -60.47
C PHE B 250 8.16 -19.47 -60.33
N TYR B 251 8.40 -18.59 -61.29
CA TYR B 251 9.52 -17.70 -61.19
C TYR B 251 9.10 -16.32 -61.61
N GLN B 252 9.33 -15.34 -60.73
CA GLN B 252 9.15 -13.93 -61.01
C GLN B 252 7.98 -13.64 -61.92
N GLY B 253 6.83 -14.22 -61.61
CA GLY B 253 5.61 -13.88 -62.28
C GLY B 253 5.12 -14.85 -63.31
N ARG B 254 5.92 -15.87 -63.66
CA ARG B 254 5.50 -16.85 -64.69
C ARG B 254 5.65 -18.27 -64.19
N TYR B 255 4.76 -19.15 -64.63
CA TYR B 255 4.88 -20.59 -64.40
C TYR B 255 5.81 -21.30 -65.43
N TYR B 256 6.57 -22.28 -64.97
CA TYR B 256 7.33 -23.15 -65.86
C TYR B 256 7.07 -24.56 -65.42
N ASP B 257 7.29 -25.54 -66.30
CA ASP B 257 7.02 -26.95 -65.97
C ASP B 257 8.17 -27.60 -65.20
N SER B 258 9.39 -27.11 -65.42
CA SER B 258 10.59 -27.69 -64.78
C SER B 258 11.59 -26.60 -64.55
N LEU B 259 12.59 -26.88 -63.76
CA LEU B 259 13.72 -25.95 -63.72
C LEU B 259 14.51 -25.88 -65.04
N ALA B 260 14.39 -27.00 -65.81
CA ALA B 260 14.95 -27.18 -67.17
C ALA B 260 14.42 -26.02 -68.02
N GLN B 261 13.07 -25.94 -68.10
CA GLN B 261 12.42 -24.96 -68.97
C GLN B 261 12.89 -23.62 -68.53
N LEU B 262 12.48 -23.28 -67.32
CA LEU B 262 12.90 -22.05 -66.75
C LEU B 262 14.38 -21.77 -67.07
N GLU B 263 15.29 -22.74 -66.99
CA GLU B 263 16.66 -22.35 -67.34
C GLU B 263 16.78 -22.09 -68.84
N ALA B 264 16.18 -22.99 -69.61
CA ALA B 264 16.24 -22.83 -71.04
C ALA B 264 15.75 -21.42 -71.40
N GLN B 265 14.51 -21.11 -71.02
CA GLN B 265 13.88 -19.80 -71.30
C GLN B 265 14.73 -18.68 -70.80
N PHE B 266 15.28 -18.81 -69.62
CA PHE B 266 16.24 -17.79 -69.27
C PHE B 266 17.37 -17.70 -70.28
N GLU B 267 17.96 -18.82 -70.65
CA GLU B 267 19.02 -18.80 -71.70
C GLU B 267 18.54 -18.30 -73.08
N ALA B 268 17.37 -18.73 -73.52
CA ALA B 268 16.76 -18.22 -74.75
C ALA B 268 16.61 -16.69 -74.79
N GLY B 269 16.50 -16.09 -73.60
CA GLY B 269 16.46 -14.63 -73.37
C GLY B 269 15.07 -14.05 -73.34
N LEU B 270 14.10 -14.84 -72.92
CA LEU B 270 12.76 -14.35 -72.65
C LEU B 270 12.45 -14.45 -71.16
N VAL B 271 13.43 -14.24 -70.29
CA VAL B 271 13.19 -14.15 -68.87
C VAL B 271 14.04 -12.99 -68.41
N ASN B 272 13.38 -11.89 -68.13
CA ASN B 272 14.06 -10.69 -67.76
C ASN B 272 14.22 -10.62 -66.24
N VAL B 273 15.33 -11.13 -65.74
CA VAL B 273 15.58 -11.12 -64.31
C VAL B 273 15.78 -9.68 -63.74
N VAL B 274 14.89 -9.32 -62.81
CA VAL B 274 15.06 -8.16 -61.93
C VAL B 274 15.88 -8.63 -60.71
N LEU B 275 16.93 -7.89 -60.36
CA LEU B 275 17.99 -8.39 -59.44
C LEU B 275 17.62 -8.19 -57.97
N ILE B 276 17.37 -9.28 -57.22
CA ILE B 276 17.01 -9.07 -55.81
C ILE B 276 18.26 -9.10 -54.94
N PRO B 277 18.54 -7.98 -54.24
CA PRO B 277 19.81 -7.86 -53.49
C PRO B 277 19.97 -8.83 -52.34
N ASP B 278 21.23 -8.99 -51.97
CA ASP B 278 21.69 -10.08 -51.11
C ASP B 278 21.80 -9.61 -49.67
N ASN B 279 21.68 -8.30 -49.49
CA ASN B 279 22.28 -7.63 -48.39
C ASN B 279 21.82 -6.15 -48.31
N GLY B 280 21.84 -5.59 -47.12
CA GLY B 280 21.51 -4.18 -46.97
C GLY B 280 21.45 -3.73 -45.52
N THR B 281 20.69 -2.68 -45.24
CA THR B 281 20.56 -2.17 -43.87
C THR B 281 19.17 -1.62 -43.60
N GLY B 282 18.81 -1.55 -42.33
CA GLY B 282 17.47 -1.11 -41.93
C GLY B 282 16.65 -2.26 -41.44
N GLY B 283 15.36 -2.06 -41.33
CA GLY B 283 14.46 -3.06 -40.77
C GLY B 283 14.23 -4.21 -41.70
N SER B 284 14.38 -3.97 -43.00
CA SER B 284 14.29 -5.02 -43.99
C SER B 284 15.36 -6.07 -43.72
N TRP B 285 16.47 -5.64 -43.17
CA TRP B 285 17.64 -6.50 -43.04
C TRP B 285 17.99 -6.84 -41.60
N SER B 286 17.50 -6.06 -40.65
CA SER B 286 17.96 -6.24 -39.29
C SER B 286 16.89 -6.10 -38.23
N LEU B 287 17.18 -6.63 -37.04
CA LEU B 287 16.43 -6.34 -35.82
C LEU B 287 17.27 -5.54 -34.82
N LYS B 288 18.58 -5.44 -35.01
CA LYS B 288 19.42 -4.69 -34.11
C LYS B 288 19.27 -3.22 -34.40
N SER B 289 18.94 -2.45 -33.36
CA SER B 289 18.73 -1.01 -33.48
C SER B 289 20.06 -0.34 -33.62
N PRO B 290 20.14 0.74 -34.41
CA PRO B 290 21.31 1.59 -34.48
C PRO B 290 21.41 2.62 -33.36
N VAL B 291 20.50 2.58 -32.40
CA VAL B 291 20.48 3.62 -31.38
C VAL B 291 20.79 3.00 -30.04
N PRO B 292 21.81 3.52 -29.34
CA PRO B 292 22.24 2.95 -28.07
C PRO B 292 21.26 3.17 -26.94
N PRO B 293 21.26 2.30 -25.94
CA PRO B 293 20.37 2.40 -24.79
C PRO B 293 20.38 3.78 -24.14
N GLY B 294 19.18 4.29 -23.85
CA GLY B 294 19.01 5.49 -23.05
C GLY B 294 18.71 5.08 -21.63
N PRO B 295 18.16 5.99 -20.82
CA PRO B 295 17.74 5.63 -19.48
C PRO B 295 16.73 4.47 -19.45
N ALA B 296 16.84 3.62 -18.41
CA ALA B 296 16.01 2.42 -18.27
C ALA B 296 14.53 2.72 -18.28
N PRO B 297 13.73 1.85 -18.93
CA PRO B 297 12.29 2.02 -18.85
C PRO B 297 11.78 1.67 -17.47
N PRO B 298 10.49 1.92 -17.20
CA PRO B 298 9.89 1.61 -15.94
C PRO B 298 9.98 0.14 -15.57
N LEU B 299 10.13 -0.16 -14.29
CA LEU B 299 10.27 -1.51 -13.81
C LEU B 299 9.31 -1.72 -12.66
N GLN B 300 8.71 -2.90 -12.62
CA GLN B 300 7.70 -3.23 -11.61
C GLN B 300 8.25 -4.24 -10.64
N PHE B 301 7.91 -4.12 -9.37
CA PHE B 301 8.38 -5.05 -8.35
C PHE B 301 7.42 -5.18 -7.21
N TYR B 302 7.60 -6.23 -6.41
CA TYR B 302 6.63 -6.59 -5.35
C TYR B 302 7.26 -6.25 -3.97
N PRO B 303 7.00 -5.03 -3.46
CA PRO B 303 7.72 -4.51 -2.31
C PRO B 303 7.60 -5.32 -1.02
N GLN B 304 6.67 -6.26 -0.93
CA GLN B 304 6.53 -7.08 0.28
C GLN B 304 6.40 -8.55 -0.09
N GLY B 305 7.14 -8.93 -1.13
CA GLY B 305 7.09 -10.28 -1.65
C GLY B 305 5.98 -10.45 -2.66
N PRO B 306 6.05 -11.53 -3.43
CA PRO B 306 5.01 -11.81 -4.41
C PRO B 306 3.75 -12.28 -3.69
N ARG B 307 2.61 -12.22 -4.36
CA ARG B 307 1.35 -12.51 -3.69
C ARG B 307 0.68 -13.69 -4.31
N PHE B 308 1.48 -14.47 -5.04
CA PHE B 308 1.02 -15.73 -5.62
C PHE B 308 2.16 -16.75 -5.62
N SER B 309 1.78 -18.00 -5.77
CA SER B 309 2.73 -19.10 -5.81
C SER B 309 2.45 -19.95 -7.02
N VAL B 310 3.51 -20.57 -7.55
CA VAL B 310 3.35 -21.63 -8.54
C VAL B 310 3.94 -22.94 -8.03
N GLN B 311 3.10 -23.94 -7.81
CA GLN B 311 3.62 -25.24 -7.42
C GLN B 311 3.29 -26.21 -8.56
N GLY B 312 4.27 -26.47 -9.41
CA GLY B 312 4.08 -27.41 -10.50
C GLY B 312 3.23 -26.76 -11.55
N SER B 313 2.08 -27.38 -11.83
CA SER B 313 1.13 -26.89 -12.81
C SER B 313 0.09 -26.00 -12.18
N ARG B 314 0.18 -25.78 -10.88
CA ARG B 314 -0.89 -25.18 -10.12
C ARG B 314 -0.48 -23.75 -9.71
N VAL B 315 -1.36 -22.78 -9.95
CA VAL B 315 -1.17 -21.44 -9.43
C VAL B 315 -2.22 -21.16 -8.37
N ALA B 316 -1.78 -20.44 -7.34
CA ALA B 316 -2.64 -20.07 -6.23
C ALA B 316 -2.35 -18.62 -5.83
N SER B 317 -3.42 -17.90 -5.57
CA SER B 317 -3.32 -16.56 -5.05
C SER B 317 -4.47 -16.33 -4.09
N SER B 318 -4.46 -15.15 -3.50
CA SER B 318 -5.54 -14.67 -2.68
C SER B 318 -6.94 -14.98 -3.26
N LEU B 319 -7.12 -14.70 -4.54
CA LEU B 319 -8.43 -14.79 -5.19
C LEU B 319 -8.57 -15.96 -6.14
N TRP B 320 -7.46 -16.31 -6.80
CA TRP B 320 -7.50 -17.25 -7.90
C TRP B 320 -6.74 -18.55 -7.71
N THR B 321 -7.27 -19.59 -8.34
CA THR B 321 -6.74 -20.96 -8.28
C THR B 321 -7.01 -21.68 -9.57
N PHE B 322 -5.96 -22.17 -10.20
CA PHE B 322 -6.12 -22.93 -11.43
C PHE B 322 -4.89 -23.71 -11.74
N SER B 323 -5.06 -24.75 -12.55
CA SER B 323 -3.97 -25.52 -13.13
C SER B 323 -3.79 -25.05 -14.58
N PHE B 324 -2.55 -25.00 -15.05
CA PHE B 324 -2.22 -24.58 -16.41
C PHE B 324 -1.33 -25.59 -17.15
N GLY B 325 -1.14 -25.39 -18.46
CA GLY B 325 -0.42 -26.34 -19.30
C GLY B 325 -0.52 -26.04 -20.80
N LEU B 326 0.07 -26.93 -21.62
CA LEU B 326 0.11 -26.80 -23.07
C LEU B 326 -0.19 -28.12 -23.75
N GLY B 327 -1.20 -28.16 -24.60
CA GLY B 327 -1.32 -29.21 -25.59
C GLY B 327 -0.24 -29.04 -26.64
N ALA B 328 0.38 -30.13 -27.08
CA ALA B 328 1.45 -30.12 -28.08
C ALA B 328 0.97 -29.41 -29.32
N PHE B 329 -0.25 -29.75 -29.70
CA PHE B 329 -0.84 -29.23 -30.92
C PHE B 329 -1.84 -28.12 -30.65
N SER B 330 -2.75 -28.35 -29.72
CA SER B 330 -3.80 -27.41 -29.43
C SER B 330 -3.29 -26.14 -28.70
N GLY B 331 -2.17 -26.21 -28.00
CA GLY B 331 -1.61 -25.02 -27.34
C GLY B 331 -2.16 -24.78 -25.95
N PRO B 332 -2.02 -23.55 -25.44
CA PRO B 332 -2.28 -23.19 -24.04
C PRO B 332 -3.63 -23.57 -23.50
N ARG B 333 -3.69 -23.94 -22.24
CA ARG B 333 -4.95 -24.31 -21.60
C ARG B 333 -4.91 -24.16 -20.07
N ILE B 334 -6.08 -23.98 -19.48
CA ILE B 334 -6.22 -23.75 -18.04
C ILE B 334 -7.35 -24.63 -17.54
N PHE B 335 -7.30 -25.09 -16.30
CA PHE B 335 -8.37 -25.93 -15.78
C PHE B 335 -8.69 -25.60 -14.36
N ASP B 336 -9.88 -26.01 -13.93
CA ASP B 336 -10.28 -25.94 -12.52
C ASP B 336 -9.96 -24.57 -11.94
N VAL B 337 -10.45 -23.54 -12.66
CA VAL B 337 -10.28 -22.15 -12.28
C VAL B 337 -11.28 -21.81 -11.21
N ARG B 338 -10.77 -21.33 -10.07
CA ARG B 338 -11.58 -21.06 -8.91
C ARG B 338 -11.37 -19.66 -8.38
N PHE B 339 -12.47 -18.91 -8.34
CA PHE B 339 -12.46 -17.58 -7.73
C PHE B 339 -12.92 -17.67 -6.31
N GLN B 340 -12.08 -17.23 -5.40
CA GLN B 340 -12.36 -17.36 -3.98
C GLN B 340 -12.98 -18.72 -3.67
N GLY B 341 -12.30 -19.77 -4.13
CA GLY B 341 -12.64 -21.11 -3.77
C GLY B 341 -13.70 -21.76 -4.62
N GLU B 342 -14.38 -20.99 -5.46
CA GLU B 342 -15.52 -21.54 -6.23
C GLU B 342 -15.20 -21.67 -7.70
N ARG B 343 -15.56 -22.82 -8.29
CA ARG B 343 -15.23 -23.08 -9.68
C ARG B 343 -16.06 -22.23 -10.63
N LEU B 344 -15.37 -21.55 -11.55
CA LEU B 344 -16.05 -20.83 -12.65
C LEU B 344 -15.96 -21.64 -13.92
N VAL B 345 -14.78 -22.13 -14.21
CA VAL B 345 -14.56 -22.84 -15.43
C VAL B 345 -13.88 -24.16 -15.15
N TYR B 346 -14.33 -25.22 -15.80
CA TYR B 346 -13.65 -26.49 -15.78
C TYR B 346 -12.45 -26.40 -16.69
N GLU B 347 -12.62 -25.82 -17.87
CA GLU B 347 -11.55 -25.80 -18.86
C GLU B 347 -11.65 -24.57 -19.78
N ILE B 348 -10.53 -23.91 -20.02
CA ILE B 348 -10.42 -22.96 -21.10
C ILE B 348 -9.19 -23.29 -21.87
N SER B 349 -9.34 -23.65 -23.14
CA SER B 349 -8.20 -24.05 -23.94
C SER B 349 -8.21 -23.49 -25.35
N LEU B 350 -7.05 -23.08 -25.83
CA LEU B 350 -6.90 -22.77 -27.24
C LEU B 350 -7.14 -24.04 -28.02
N GLN B 351 -7.84 -23.90 -29.13
CA GLN B 351 -8.30 -25.05 -29.91
C GLN B 351 -7.70 -25.14 -31.30
N GLU B 352 -7.50 -24.00 -31.94
CA GLU B 352 -6.89 -23.95 -33.24
C GLU B 352 -6.56 -22.50 -33.59
N ALA B 353 -5.60 -22.31 -34.49
CA ALA B 353 -5.31 -21.02 -35.08
C ALA B 353 -5.16 -21.17 -36.60
N LEU B 354 -5.50 -20.10 -37.33
CA LEU B 354 -5.75 -20.17 -38.76
C LEU B 354 -5.24 -18.91 -39.40
N ALA B 355 -4.52 -19.04 -40.50
CA ALA B 355 -4.06 -17.90 -41.26
C ALA B 355 -4.33 -18.14 -42.73
N ILE B 356 -5.24 -17.34 -43.31
CA ILE B 356 -5.66 -17.49 -44.70
C ILE B 356 -5.08 -16.35 -45.50
N TYR B 357 -4.40 -16.68 -46.59
CA TYR B 357 -3.62 -15.73 -47.36
C TYR B 357 -4.20 -15.45 -48.76
N GLY B 358 -3.78 -14.33 -49.32
CA GLY B 358 -4.04 -14.01 -50.71
C GLY B 358 -2.73 -13.54 -51.27
N GLY B 359 -2.55 -13.63 -52.58
CA GLY B 359 -1.27 -13.22 -53.17
C GLY B 359 -1.15 -13.26 -54.67
N ASN B 360 -0.08 -12.66 -55.17
CA ASN B 360 0.21 -12.64 -56.61
C ASN B 360 0.80 -13.97 -57.09
N SER B 361 1.33 -14.74 -56.14
CA SER B 361 2.08 -15.96 -56.41
C SER B 361 1.34 -17.18 -55.84
N PRO B 362 1.76 -18.41 -56.23
CA PRO B 362 1.02 -19.62 -55.85
C PRO B 362 1.07 -19.96 -54.38
N ALA B 363 2.23 -19.71 -53.76
CA ALA B 363 2.42 -19.95 -52.33
C ALA B 363 1.40 -19.13 -51.58
N ALA B 364 1.56 -17.82 -51.67
CA ALA B 364 0.65 -16.87 -51.03
C ALA B 364 -0.80 -17.22 -51.32
N MET B 365 -1.17 -17.32 -52.59
CA MET B 365 -2.59 -17.35 -52.92
C MET B 365 -3.34 -18.62 -52.57
N THR B 366 -2.64 -19.65 -52.10
CA THR B 366 -3.28 -20.89 -51.70
C THR B 366 -2.97 -21.33 -50.28
N THR B 367 -2.18 -20.54 -49.56
CA THR B 367 -1.79 -20.92 -48.23
C THR B 367 -2.94 -20.78 -47.25
N ARG B 368 -3.22 -21.84 -46.54
CA ARG B 368 -4.15 -21.76 -45.44
C ARG B 368 -3.58 -22.59 -44.32
N TYR B 369 -2.86 -21.93 -43.41
CA TYR B 369 -2.28 -22.60 -42.27
C TYR B 369 -3.35 -22.92 -41.22
N VAL B 370 -3.47 -24.19 -40.89
CA VAL B 370 -4.25 -24.64 -39.76
C VAL B 370 -3.20 -25.03 -38.71
N ASP B 371 -2.70 -24.03 -38.00
CA ASP B 371 -1.47 -24.11 -37.22
C ASP B 371 -1.37 -25.24 -36.24
N GLY B 372 -2.50 -25.72 -35.75
CA GLY B 372 -2.52 -26.93 -34.92
C GLY B 372 -1.93 -28.16 -35.58
N GLY B 373 -1.99 -28.25 -36.90
CA GLY B 373 -1.32 -29.29 -37.67
C GLY B 373 0.21 -29.25 -37.63
N PHE B 374 0.76 -28.14 -37.16
CA PHE B 374 2.17 -28.02 -36.79
C PHE B 374 2.33 -28.18 -35.27
N GLY B 375 1.63 -27.32 -34.53
CA GLY B 375 1.52 -27.46 -33.07
C GLY B 375 1.84 -26.19 -32.30
N MET B 376 0.85 -25.65 -31.60
CA MET B 376 1.06 -24.40 -30.87
C MET B 376 1.93 -24.59 -29.65
N GLY B 377 1.75 -25.73 -28.98
CA GLY B 377 2.68 -26.14 -27.93
C GLY B 377 4.06 -26.52 -28.47
N LYS B 378 4.07 -27.42 -29.45
CA LYS B 378 5.28 -27.88 -30.06
C LYS B 378 6.19 -26.74 -30.45
N TYR B 379 5.61 -25.64 -30.87
CA TYR B 379 6.43 -24.50 -31.27
C TYR B 379 6.40 -23.37 -30.25
N THR B 380 6.17 -23.67 -28.97
CA THR B 380 6.34 -22.64 -27.95
C THR B 380 7.78 -22.26 -27.89
N THR B 381 8.04 -20.98 -27.81
CA THR B 381 9.39 -20.51 -27.70
C THR B 381 9.60 -20.04 -26.26
N PRO B 382 10.86 -19.93 -25.84
CA PRO B 382 11.18 -19.33 -24.57
C PRO B 382 10.81 -17.84 -24.47
N LEU B 383 10.41 -17.42 -23.27
CA LEU B 383 10.06 -16.06 -22.98
C LEU B 383 11.28 -15.29 -22.49
N THR B 384 11.71 -14.29 -23.25
CA THR B 384 12.79 -13.43 -22.83
C THR B 384 12.35 -12.48 -21.69
N ARG B 385 12.98 -12.63 -20.51
CA ARG B 385 12.72 -11.82 -19.32
C ARG B 385 12.85 -10.33 -19.58
N GLY B 386 11.79 -9.58 -19.31
CA GLY B 386 11.80 -8.15 -19.49
C GLY B 386 11.44 -7.65 -20.87
N VAL B 387 11.20 -8.56 -21.82
CA VAL B 387 10.65 -8.21 -23.11
C VAL B 387 9.31 -8.88 -23.20
N ASP B 388 9.31 -10.19 -23.16
CA ASP B 388 8.10 -10.96 -23.36
C ASP B 388 7.16 -10.89 -22.19
N CYS B 389 7.73 -10.89 -20.99
CA CYS B 389 7.00 -10.66 -19.75
C CYS B 389 7.82 -9.73 -18.93
N PRO B 390 7.27 -9.27 -17.80
CA PRO B 390 8.06 -8.40 -16.93
C PRO B 390 9.22 -9.16 -16.35
N TYR B 391 10.35 -8.47 -16.22
CA TYR B 391 11.56 -9.07 -15.68
C TYR B 391 11.28 -9.93 -14.48
N LEU B 392 10.51 -9.41 -13.52
CA LEU B 392 10.26 -10.12 -12.26
C LEU B 392 9.09 -11.10 -12.31
N ALA B 393 8.68 -11.53 -13.48
CA ALA B 393 7.72 -12.62 -13.57
C ALA B 393 8.31 -13.92 -13.06
N THR B 394 7.44 -14.89 -12.82
CA THR B 394 7.85 -16.25 -12.52
C THR B 394 7.83 -17.02 -13.82
N TYR B 395 8.98 -17.49 -14.27
CA TYR B 395 9.06 -18.25 -15.51
C TYR B 395 9.00 -19.75 -15.21
N VAL B 396 8.54 -20.53 -16.16
CA VAL B 396 8.32 -21.95 -15.95
C VAL B 396 8.63 -22.75 -17.20
N ASP B 397 9.22 -23.91 -17.01
CA ASP B 397 9.68 -24.72 -18.13
C ASP B 397 8.60 -25.66 -18.58
N TRP B 398 8.63 -26.00 -19.85
CA TRP B 398 7.75 -27.05 -20.41
C TRP B 398 8.57 -28.26 -20.89
N HIS B 399 8.06 -29.44 -20.59
CA HIS B 399 8.68 -30.68 -21.03
C HIS B 399 7.78 -31.35 -22.07
N PHE B 400 8.41 -31.87 -23.09
CA PHE B 400 7.69 -32.53 -24.17
C PHE B 400 8.48 -33.71 -24.79
N LEU B 401 7.77 -34.55 -25.53
CA LEU B 401 8.38 -35.59 -26.33
C LEU B 401 7.67 -35.58 -27.70
N LEU B 402 8.31 -34.97 -28.66
CA LEU B 402 7.74 -34.85 -29.98
C LEU B 402 8.82 -35.02 -31.03
N GLU B 403 8.57 -35.93 -31.97
CA GLU B 403 9.46 -36.19 -33.09
C GLU B 403 10.86 -36.60 -32.61
N SER B 404 10.91 -37.32 -31.49
CA SER B 404 12.18 -37.79 -30.93
C SER B 404 11.92 -38.94 -29.97
N GLN B 405 13.01 -39.49 -29.41
CA GLN B 405 12.95 -40.64 -28.48
C GLN B 405 13.06 -40.25 -27.02
N ALA B 406 13.87 -39.24 -26.74
CA ALA B 406 14.03 -38.72 -25.40
C ALA B 406 13.25 -37.46 -25.29
N PRO B 407 12.61 -37.21 -24.14
CA PRO B 407 11.93 -35.94 -23.91
C PRO B 407 12.88 -34.74 -23.90
N LYS B 408 12.40 -33.57 -24.30
CA LYS B 408 13.18 -32.36 -24.23
C LYS B 408 12.45 -31.30 -23.36
N THR B 409 13.05 -30.12 -23.23
CA THR B 409 12.48 -29.05 -22.42
C THR B 409 12.50 -27.75 -23.21
N ILE B 410 11.41 -27.00 -23.15
CA ILE B 410 11.47 -25.58 -23.49
C ILE B 410 11.54 -24.79 -22.20
N ARG B 411 12.67 -24.12 -22.00
CA ARG B 411 12.94 -23.34 -20.80
C ARG B 411 12.18 -22.02 -20.88
N ASP B 412 11.52 -21.64 -19.79
CA ASP B 412 10.73 -20.40 -19.71
C ASP B 412 9.58 -20.38 -20.72
N ALA B 413 8.96 -21.53 -20.88
CA ALA B 413 7.89 -21.67 -21.82
C ALA B 413 6.71 -20.80 -21.40
N PHE B 414 6.41 -20.80 -20.10
CA PHE B 414 5.37 -19.97 -19.52
C PHE B 414 5.92 -18.84 -18.68
N CYS B 415 5.16 -17.77 -18.54
CA CYS B 415 5.42 -16.81 -17.48
C CYS B 415 4.15 -16.49 -16.72
N VAL B 416 4.30 -16.22 -15.43
CA VAL B 416 3.17 -15.91 -14.55
C VAL B 416 3.56 -14.73 -13.66
N PHE B 417 2.68 -13.74 -13.55
CA PHE B 417 3.02 -12.49 -12.87
C PHE B 417 1.79 -11.65 -12.58
N GLU B 418 1.96 -10.74 -11.64
CA GLU B 418 0.94 -9.75 -11.33
C GLU B 418 1.37 -8.46 -11.92
N GLN B 419 0.43 -7.77 -12.56
CA GLN B 419 0.71 -6.49 -13.23
C GLN B 419 -0.21 -5.46 -12.61
N ASN B 420 0.40 -4.37 -12.19
CA ASN B 420 -0.35 -3.18 -11.85
C ASN B 420 -0.72 -2.50 -13.13
N GLN B 421 -1.99 -2.46 -13.43
CA GLN B 421 -2.49 -1.89 -14.66
C GLN B 421 -2.39 -0.35 -14.75
N GLY B 422 -2.19 0.33 -13.63
CA GLY B 422 -2.01 1.78 -13.60
C GLY B 422 -3.31 2.49 -13.96
N LEU B 423 -4.38 2.06 -13.31
CA LEU B 423 -5.73 2.30 -13.77
C LEU B 423 -6.65 1.72 -12.70
N PRO B 424 -7.61 2.49 -12.24
CA PRO B 424 -8.46 1.99 -11.17
C PRO B 424 -9.44 0.90 -11.57
N LEU B 425 -9.53 -0.16 -10.79
CA LEU B 425 -10.58 -1.13 -10.96
C LEU B 425 -11.88 -0.39 -10.78
N ARG B 426 -11.92 0.45 -9.74
CA ARG B 426 -13.09 1.21 -9.41
C ARG B 426 -12.75 2.47 -8.66
N ARG B 427 -13.63 3.45 -8.70
CA ARG B 427 -13.34 4.74 -8.08
C ARG B 427 -14.53 5.67 -7.99
N HIS B 428 -14.68 6.33 -6.86
CA HIS B 428 -15.62 7.43 -6.78
C HIS B 428 -15.05 8.56 -5.93
N HIS B 429 -15.14 9.78 -6.43
CA HIS B 429 -14.81 10.97 -5.65
C HIS B 429 -16.09 11.75 -5.40
N SER B 430 -16.48 11.89 -4.14
CA SER B 430 -17.69 12.62 -3.77
C SER B 430 -17.39 14.02 -3.17
N ASP B 431 -17.69 15.04 -3.98
CA ASP B 431 -17.82 16.42 -3.55
C ASP B 431 -19.27 16.78 -3.23
N LEU B 432 -20.21 15.84 -3.31
CA LEU B 432 -21.61 16.18 -3.19
C LEU B 432 -22.20 15.59 -1.93
N TYR B 433 -22.58 16.46 -1.01
CA TYR B 433 -23.30 16.13 0.22
C TYR B 433 -22.43 15.53 1.28
N SER B 434 -21.73 14.46 0.95
CA SER B 434 -20.77 13.82 1.85
C SER B 434 -19.44 13.84 1.10
N HIS B 435 -18.36 14.19 1.78
CA HIS B 435 -17.04 14.26 1.17
C HIS B 435 -16.23 13.03 1.49
N TYR B 436 -16.09 12.15 0.50
CA TYR B 436 -15.37 10.91 0.67
C TYR B 436 -14.72 10.48 -0.63
N PHE B 437 -13.75 9.58 -0.54
CA PHE B 437 -13.17 8.90 -1.69
C PHE B 437 -13.00 7.43 -1.42
N GLY B 438 -13.25 6.62 -2.44
CA GLY B 438 -13.19 5.19 -2.35
C GLY B 438 -12.82 4.62 -3.70
N GLY B 439 -11.71 3.88 -3.76
CA GLY B 439 -11.25 3.27 -4.98
C GLY B 439 -10.33 2.12 -4.72
N LEU B 440 -9.75 1.58 -5.78
CA LEU B 440 -8.90 0.39 -5.74
C LEU B 440 -8.15 0.33 -7.05
N ALA B 441 -6.83 0.38 -7.03
CA ALA B 441 -6.09 0.27 -8.27
C ALA B 441 -6.17 -1.14 -8.76
N GLU B 442 -6.21 -1.34 -10.08
CA GLU B 442 -6.33 -2.69 -10.64
C GLU B 442 -4.99 -3.38 -10.82
N THR B 443 -4.86 -4.54 -10.19
CA THR B 443 -3.73 -5.41 -10.34
C THR B 443 -4.27 -6.72 -10.87
N VAL B 444 -3.76 -7.17 -12.01
CA VAL B 444 -4.21 -8.41 -12.62
C VAL B 444 -3.14 -9.49 -12.50
N LEU B 445 -3.59 -10.74 -12.59
CA LEU B 445 -2.73 -11.94 -12.64
C LEU B 445 -2.74 -12.49 -14.08
N VAL B 446 -1.56 -12.61 -14.67
CA VAL B 446 -1.43 -13.03 -16.06
C VAL B 446 -0.79 -14.41 -16.17
N VAL B 447 -1.13 -15.14 -17.23
CA VAL B 447 -0.41 -16.35 -17.61
C VAL B 447 -0.18 -16.23 -19.08
N ARG B 448 1.04 -16.46 -19.53
CA ARG B 448 1.37 -16.25 -20.93
C ARG B 448 2.34 -17.28 -21.51
N SER B 449 2.10 -17.71 -22.74
CA SER B 449 3.03 -18.50 -23.57
C SER B 449 3.09 -17.83 -24.90
N MET B 450 4.14 -18.10 -25.66
CA MET B 450 4.22 -17.62 -27.02
C MET B 450 4.59 -18.78 -27.93
N SER B 451 3.93 -18.84 -29.08
CA SER B 451 4.19 -19.81 -30.13
C SER B 451 4.76 -19.11 -31.32
N THR B 452 5.93 -19.53 -31.79
CA THR B 452 6.49 -19.03 -33.04
C THR B 452 6.37 -20.11 -34.10
N LEU B 453 5.33 -20.04 -34.91
CA LEU B 453 5.16 -20.91 -36.07
C LEU B 453 5.58 -20.22 -37.38
N LEU B 454 6.76 -20.61 -37.85
CA LEU B 454 7.49 -20.04 -38.99
C LEU B 454 7.79 -18.61 -38.70
N ASN B 455 7.01 -17.69 -39.26
CA ASN B 455 7.23 -16.24 -39.11
C ASN B 455 6.37 -15.56 -38.02
N TPQ B 456 5.13 -16.03 -37.78
CA TPQ B 456 4.28 -15.40 -36.72
CB TPQ B 456 2.76 -15.74 -36.66
C TPQ B 456 4.78 -15.85 -35.38
O TPQ B 456 5.17 -16.99 -35.22
C1 TPQ B 456 2.23 -16.35 -37.89
C2 TPQ B 456 2.21 -15.48 -39.05
O2 TPQ B 456 2.62 -14.31 -38.95
C3 TPQ B 456 1.72 -16.02 -40.31
C4 TPQ B 456 1.28 -17.33 -40.35
O4 TPQ B 456 0.87 -17.76 -41.45
C5 TPQ B 456 1.30 -18.19 -39.14
O5 TPQ B 456 0.89 -19.36 -39.16
C6 TPQ B 456 1.79 -17.64 -37.89
N ASP B 457 4.72 -14.93 -34.42
CA ASP B 457 4.79 -15.23 -33.04
C ASP B 457 3.41 -14.88 -32.49
N TYR B 458 2.74 -15.90 -31.97
CA TYR B 458 1.41 -15.75 -31.40
C TYR B 458 1.66 -15.55 -29.96
N VAL B 459 0.80 -14.80 -29.29
CA VAL B 459 1.02 -14.47 -27.87
C VAL B 459 -0.23 -14.78 -27.17
N TRP B 460 -0.21 -15.67 -26.19
CA TRP B 460 -1.45 -16.17 -25.61
C TRP B 460 -1.58 -15.69 -24.18
N ASP B 461 -2.40 -14.66 -23.97
CA ASP B 461 -2.68 -14.14 -22.62
C ASP B 461 -3.92 -14.74 -22.01
N THR B 462 -3.86 -15.05 -20.73
CA THR B 462 -5.06 -15.27 -19.92
C THR B 462 -4.89 -14.36 -18.70
N VAL B 463 -5.78 -13.40 -18.55
CA VAL B 463 -5.65 -12.41 -17.51
C VAL B 463 -6.77 -12.53 -16.49
N PHE B 464 -6.42 -12.63 -15.22
CA PHE B 464 -7.40 -12.85 -14.18
C PHE B 464 -7.58 -11.54 -13.43
N HIS B 465 -8.82 -11.05 -13.39
CA HIS B 465 -9.10 -9.75 -12.83
C HIS B 465 -9.62 -9.89 -11.42
N PRO B 466 -9.45 -8.85 -10.61
CA PRO B 466 -9.85 -8.89 -9.22
C PRO B 466 -11.37 -8.83 -9.04
N SER B 467 -12.09 -8.50 -10.11
CA SER B 467 -13.54 -8.42 -10.12
C SER B 467 -14.26 -9.74 -10.27
N GLY B 468 -13.49 -10.79 -10.51
CA GLY B 468 -14.05 -12.08 -10.84
C GLY B 468 -14.09 -12.33 -12.33
N ALA B 469 -13.59 -11.39 -13.12
CA ALA B 469 -13.57 -11.52 -14.58
C ALA B 469 -12.34 -12.27 -15.09
N ILE B 470 -12.51 -13.06 -16.14
CA ILE B 470 -11.39 -13.69 -16.85
C ILE B 470 -11.35 -13.12 -18.24
N GLU B 471 -10.17 -12.85 -18.75
CA GLU B 471 -9.99 -12.27 -20.06
C GLU B 471 -9.01 -13.14 -20.81
N ILE B 472 -9.37 -13.55 -22.03
CA ILE B 472 -8.49 -14.29 -22.91
C ILE B 472 -8.13 -13.45 -24.10
N ARG B 473 -6.86 -13.17 -24.30
CA ARG B 473 -6.40 -12.37 -25.40
C ARG B 473 -5.42 -13.12 -26.25
N PHE B 474 -5.30 -12.71 -27.51
CA PHE B 474 -4.17 -13.15 -28.33
C PHE B 474 -3.67 -12.08 -29.30
N TYR B 475 -2.35 -11.93 -29.39
CA TYR B 475 -1.72 -10.97 -30.27
C TYR B 475 -0.90 -11.73 -31.28
N ALA B 476 -0.79 -11.20 -32.48
CA ALA B 476 0.14 -11.72 -33.47
C ALA B 476 1.23 -10.71 -33.64
N THR B 477 2.45 -11.18 -33.59
CA THR B 477 3.59 -10.32 -33.82
C THR B 477 4.61 -11.13 -34.58
N GLY B 478 5.81 -10.62 -34.70
CA GLY B 478 6.83 -11.33 -35.44
C GLY B 478 6.90 -10.80 -36.83
N TYR B 479 7.40 -11.64 -37.72
CA TYR B 479 7.65 -11.25 -39.07
C TYR B 479 6.40 -11.49 -39.89
N ILE B 480 6.11 -10.61 -40.83
CA ILE B 480 5.10 -10.92 -41.85
C ILE B 480 5.70 -11.88 -42.87
N SER B 481 4.84 -12.52 -43.63
CA SER B 481 5.27 -13.34 -44.72
C SER B 481 5.23 -12.50 -45.99
N SER B 482 6.27 -12.56 -46.81
CA SER B 482 6.36 -11.72 -47.99
C SER B 482 6.51 -12.51 -49.30
N ALA B 483 6.34 -11.81 -50.42
CA ALA B 483 6.50 -12.37 -51.75
C ALA B 483 7.19 -11.37 -52.62
N PHE B 484 7.75 -11.85 -53.73
CA PHE B 484 8.44 -10.99 -54.66
C PHE B 484 7.38 -10.14 -55.37
N LEU B 485 7.67 -8.87 -55.54
CA LEU B 485 6.70 -7.94 -56.13
C LEU B 485 6.80 -7.84 -57.65
N PHE B 486 5.68 -8.10 -58.33
CA PHE B 486 5.54 -7.84 -59.77
C PHE B 486 4.10 -7.38 -60.07
N THR B 489 -0.38 -3.99 -59.18
CA THR B 489 -1.73 -3.40 -59.13
C THR B 489 -2.62 -3.64 -57.83
N GLY B 490 -1.97 -3.69 -56.67
CA GLY B 490 -2.66 -3.56 -55.38
C GLY B 490 -3.79 -4.46 -54.91
N LYS B 491 -4.22 -5.46 -55.67
CA LYS B 491 -5.31 -6.32 -55.18
C LYS B 491 -4.84 -7.22 -54.03
N TYR B 492 -3.53 -7.41 -53.84
CA TYR B 492 -3.04 -8.47 -52.94
C TYR B 492 -2.11 -8.01 -51.82
N GLY B 493 -2.06 -6.70 -51.56
CA GLY B 493 -1.29 -6.16 -50.45
C GLY B 493 -0.54 -4.93 -50.82
N ASN B 494 0.35 -4.52 -49.95
CA ASN B 494 1.09 -3.29 -50.13
C ASN B 494 2.53 -3.62 -50.31
N GLN B 495 3.25 -2.77 -51.00
CA GLN B 495 4.67 -2.88 -51.05
C GLN B 495 5.19 -2.37 -49.74
N VAL B 496 5.96 -3.19 -49.04
CA VAL B 496 6.52 -2.83 -47.72
C VAL B 496 8.02 -2.62 -47.74
N SER B 497 8.71 -3.09 -48.77
CA SER B 497 10.13 -2.75 -48.99
C SER B 497 10.52 -3.03 -50.43
N GLU B 498 11.79 -2.79 -50.77
CA GLU B 498 12.28 -2.91 -52.16
C GLU B 498 11.90 -4.30 -52.65
N HIS B 499 11.11 -4.37 -53.73
CA HIS B 499 10.67 -5.63 -54.35
C HIS B 499 9.80 -6.55 -53.50
N THR B 500 9.27 -6.06 -52.39
CA THR B 500 8.54 -6.94 -51.47
C THR B 500 7.08 -6.60 -51.35
N LEU B 501 6.23 -7.56 -51.67
CA LEU B 501 4.80 -7.50 -51.41
C LEU B 501 4.52 -8.08 -50.05
N GLY B 502 3.89 -7.29 -49.20
CA GLY B 502 3.42 -7.80 -47.92
C GLY B 502 2.06 -8.41 -48.12
N THR B 503 1.96 -9.72 -48.07
CA THR B 503 0.76 -10.37 -48.55
C THR B 503 -0.36 -10.26 -47.55
N VAL B 504 -1.52 -9.86 -48.05
CA VAL B 504 -2.73 -9.80 -47.25
C VAL B 504 -3.11 -11.16 -46.71
N HIS B 505 -3.69 -11.18 -45.52
CA HIS B 505 -4.18 -12.40 -44.90
C HIS B 505 -5.05 -12.07 -43.68
N THR B 506 -5.69 -13.09 -43.15
CA THR B 506 -6.45 -12.97 -41.95
C THR B 506 -5.90 -13.92 -40.90
N HIS B 507 -5.97 -13.50 -39.65
CA HIS B 507 -5.72 -14.36 -38.51
C HIS B 507 -7.02 -14.68 -37.82
N SER B 508 -7.13 -15.87 -37.26
CA SER B 508 -8.25 -16.19 -36.38
C SER B 508 -7.90 -17.37 -35.51
N ALA B 509 -8.57 -17.47 -34.37
CA ALA B 509 -8.23 -18.41 -33.35
C ALA B 509 -9.52 -18.86 -32.69
N HIS B 510 -9.56 -20.12 -32.26
CA HIS B 510 -10.76 -20.72 -31.67
C HIS B 510 -10.48 -21.15 -30.24
N PHE B 511 -11.43 -20.93 -29.34
CA PHE B 511 -11.26 -21.26 -27.95
C PHE B 511 -12.40 -22.06 -27.46
N LYS B 512 -12.10 -23.09 -26.68
CA LYS B 512 -13.10 -23.86 -25.99
C LYS B 512 -13.21 -23.23 -24.61
N VAL B 513 -14.43 -22.95 -24.20
CA VAL B 513 -14.68 -22.32 -22.94
C VAL B 513 -15.73 -23.15 -22.24
N ASP B 514 -15.32 -24.06 -21.34
CA ASP B 514 -16.27 -24.88 -20.60
C ASP B 514 -16.52 -24.28 -19.23
N LEU B 515 -17.41 -23.30 -19.23
CA LEU B 515 -17.93 -22.71 -18.03
C LEU B 515 -18.83 -23.70 -17.37
N ASP B 516 -18.74 -23.78 -16.05
CA ASP B 516 -19.69 -24.52 -15.24
C ASP B 516 -20.22 -23.56 -14.18
N VAL B 517 -21.17 -22.70 -14.58
CA VAL B 517 -21.61 -21.59 -13.72
C VAL B 517 -22.42 -22.11 -12.55
N ALA B 518 -21.88 -22.00 -11.34
CA ALA B 518 -22.56 -22.46 -10.15
C ALA B 518 -23.09 -23.89 -10.31
N GLY B 519 -22.25 -24.80 -10.82
CA GLY B 519 -22.65 -26.18 -11.09
C GLY B 519 -22.56 -26.52 -12.56
N LEU B 520 -22.92 -27.73 -12.95
CA LEU B 520 -22.85 -28.15 -14.36
C LEU B 520 -24.00 -27.62 -15.20
N GLU B 521 -25.21 -27.83 -14.71
CA GLU B 521 -26.43 -27.50 -15.45
C GLU B 521 -26.52 -26.01 -15.65
N ASN B 522 -26.48 -25.59 -16.91
CA ASN B 522 -26.53 -24.19 -17.26
C ASN B 522 -27.58 -23.92 -18.33
N TRP B 523 -27.98 -22.65 -18.47
CA TRP B 523 -28.90 -22.18 -19.53
C TRP B 523 -28.26 -21.01 -20.22
N VAL B 524 -28.69 -20.70 -21.44
CA VAL B 524 -28.09 -19.57 -22.19
C VAL B 524 -29.08 -18.43 -22.32
N TRP B 525 -28.65 -17.24 -21.93
CA TRP B 525 -29.54 -16.08 -21.93
C TRP B 525 -29.06 -15.02 -22.87
N ALA B 526 -29.97 -14.43 -23.66
CA ALA B 526 -29.67 -13.24 -24.45
C ALA B 526 -30.49 -12.07 -23.97
N GLU B 527 -29.83 -10.96 -23.68
CA GLU B 527 -30.49 -9.71 -23.33
C GLU B 527 -30.02 -8.56 -24.20
N ASP B 528 -30.95 -7.71 -24.58
CA ASP B 528 -30.63 -6.53 -25.38
C ASP B 528 -31.59 -5.38 -25.03
N MET B 529 -31.58 -4.34 -25.86
CA MET B 529 -32.35 -3.13 -25.62
C MET B 529 -33.30 -2.86 -26.75
N VAL B 530 -34.31 -2.06 -26.47
CA VAL B 530 -35.22 -1.60 -27.46
C VAL B 530 -35.88 -0.31 -26.95
N PHE B 531 -36.34 0.54 -27.87
CA PHE B 531 -37.12 1.71 -27.54
C PHE B 531 -38.56 1.53 -27.96
N VAL B 532 -39.50 1.97 -27.14
CA VAL B 532 -40.93 1.85 -27.42
C VAL B 532 -41.60 3.22 -27.24
N PRO B 533 -42.12 3.79 -28.33
CA PRO B 533 -42.93 5.00 -28.24
C PRO B 533 -44.07 4.88 -27.23
N MET B 534 -44.33 5.99 -26.56
CA MET B 534 -45.29 6.04 -25.48
C MET B 534 -45.73 7.47 -25.23
N ALA B 535 -47.00 7.62 -24.87
CA ALA B 535 -47.55 8.88 -24.38
C ALA B 535 -46.91 9.13 -23.03
N VAL B 536 -46.48 10.36 -22.80
CA VAL B 536 -45.95 10.75 -21.51
C VAL B 536 -47.05 10.69 -20.46
N PRO B 537 -46.86 9.87 -19.41
CA PRO B 537 -47.92 9.63 -18.44
C PRO B 537 -48.55 10.89 -17.87
N TRP B 538 -47.70 11.85 -17.52
CA TRP B 538 -48.18 13.12 -16.95
C TRP B 538 -48.41 14.23 -17.99
N SER B 539 -48.45 13.89 -19.28
CA SER B 539 -48.72 14.90 -20.32
C SER B 539 -48.94 14.27 -21.71
N PRO B 540 -50.04 13.50 -21.86
CA PRO B 540 -50.23 12.54 -22.99
C PRO B 540 -50.29 13.19 -24.37
N GLU B 541 -50.44 14.51 -24.40
CA GLU B 541 -50.26 15.28 -25.63
C GLU B 541 -48.82 15.09 -26.17
N HIS B 542 -47.93 14.48 -25.37
CA HIS B 542 -46.52 14.28 -25.76
C HIS B 542 -46.08 12.84 -25.82
N GLN B 543 -45.00 12.65 -26.57
CA GLN B 543 -44.47 11.34 -26.91
C GLN B 543 -43.07 11.17 -26.33
N LEU B 544 -42.81 10.04 -25.67
CA LEU B 544 -41.43 9.71 -25.23
C LEU B 544 -41.05 8.36 -25.82
N GLN B 545 -39.76 8.15 -25.98
CA GLN B 545 -39.21 6.86 -26.41
C GLN B 545 -38.74 6.06 -25.21
N ARG B 546 -39.48 5.02 -24.85
CA ARG B 546 -39.26 4.34 -23.59
C ARG B 546 -38.23 3.22 -23.74
N LEU B 547 -37.03 3.42 -23.23
CA LEU B 547 -35.99 2.41 -23.30
C LEU B 547 -36.32 1.21 -22.43
N GLN B 548 -36.22 0.03 -23.01
CA GLN B 548 -36.53 -1.23 -22.33
C GLN B 548 -35.47 -2.29 -22.61
N VAL B 549 -35.42 -3.29 -21.74
CA VAL B 549 -34.59 -4.46 -21.93
C VAL B 549 -35.41 -5.56 -22.54
N THR B 550 -34.89 -6.15 -23.61
CA THR B 550 -35.40 -7.43 -24.13
C THR B 550 -34.58 -8.61 -23.59
N ARG B 551 -35.26 -9.70 -23.28
CA ARG B 551 -34.64 -10.93 -22.76
C ARG B 551 -35.21 -12.22 -23.39
N LYS B 552 -34.33 -13.11 -23.82
CA LYS B 552 -34.76 -14.37 -24.42
C LYS B 552 -33.86 -15.49 -23.89
N LEU B 553 -34.47 -16.63 -23.61
CA LEU B 553 -33.73 -17.85 -23.29
C LEU B 553 -33.45 -18.60 -24.59
N LEU B 554 -32.20 -18.96 -24.83
CA LEU B 554 -31.84 -19.70 -26.02
C LEU B 554 -31.92 -21.19 -25.70
N GLU B 555 -32.87 -21.86 -26.35
CA GLU B 555 -33.30 -23.20 -25.94
C GLU B 555 -32.58 -24.29 -26.67
N MET B 556 -32.44 -24.16 -27.99
CA MET B 556 -31.80 -25.16 -28.85
C MET B 556 -30.40 -24.70 -29.26
N GLU B 557 -29.50 -25.65 -29.56
CA GLU B 557 -28.14 -25.34 -29.99
C GLU B 557 -28.13 -24.35 -31.12
N GLU B 558 -29.01 -24.53 -32.09
CA GLU B 558 -28.98 -23.72 -33.31
C GLU B 558 -29.23 -22.23 -33.05
N GLN B 559 -29.94 -21.93 -31.97
CA GLN B 559 -30.19 -20.55 -31.54
C GLN B 559 -29.01 -19.90 -30.87
N ALA B 560 -28.02 -20.70 -30.47
CA ALA B 560 -26.82 -20.18 -29.82
C ALA B 560 -25.64 -20.23 -30.75
N ALA B 561 -25.87 -20.40 -32.04
CA ALA B 561 -24.78 -20.50 -33.01
C ALA B 561 -24.76 -19.23 -33.83
N PHE B 562 -23.87 -18.30 -33.53
CA PHE B 562 -23.84 -17.02 -34.22
C PHE B 562 -22.80 -16.95 -35.30
N LEU B 563 -23.27 -16.94 -36.54
CA LEU B 563 -22.39 -16.82 -37.70
C LEU B 563 -21.72 -15.47 -37.70
N VAL B 564 -20.53 -15.42 -38.31
CA VAL B 564 -19.80 -14.19 -38.50
C VAL B 564 -20.63 -13.26 -39.40
N GLY B 565 -20.73 -11.99 -39.02
CA GLY B 565 -21.51 -11.04 -39.80
C GLY B 565 -22.95 -10.88 -39.31
N SER B 566 -23.52 -11.92 -38.69
CA SER B 566 -24.77 -11.77 -37.95
C SER B 566 -24.71 -10.80 -36.77
N ALA B 567 -25.90 -10.26 -36.48
CA ALA B 567 -26.14 -9.42 -35.31
C ALA B 567 -26.04 -10.35 -34.12
N THR B 568 -25.51 -9.81 -33.04
CA THR B 568 -25.27 -10.58 -31.87
C THR B 568 -25.84 -9.87 -30.64
N PRO B 569 -26.53 -10.58 -29.74
CA PRO B 569 -27.09 -9.98 -28.55
C PRO B 569 -26.05 -9.23 -27.81
N ARG B 570 -26.39 -8.05 -27.31
CA ARG B 570 -25.43 -7.19 -26.61
C ARG B 570 -25.02 -7.78 -25.26
N TYR B 571 -25.90 -8.55 -24.66
CA TYR B 571 -25.57 -9.26 -23.43
C TYR B 571 -25.89 -10.71 -23.67
N LEU B 572 -24.90 -11.57 -23.62
CA LEU B 572 -25.13 -12.99 -23.76
C LEU B 572 -24.42 -13.68 -22.64
N TYR B 573 -25.12 -14.52 -21.91
CA TYR B 573 -24.51 -15.13 -20.77
C TYR B 573 -25.04 -16.52 -20.51
N LEU B 574 -24.20 -17.29 -19.84
CA LEU B 574 -24.53 -18.63 -19.41
C LEU B 574 -24.82 -18.54 -17.94
N ALA B 575 -25.89 -19.20 -17.48
CA ALA B 575 -26.28 -19.10 -16.10
C ALA B 575 -26.84 -20.36 -15.52
N SER B 576 -26.80 -20.40 -14.19
CA SER B 576 -27.39 -21.45 -13.38
C SER B 576 -28.87 -21.25 -13.14
N ASN B 577 -29.47 -22.38 -12.82
CA ASN B 577 -30.79 -22.54 -12.27
C ASN B 577 -30.97 -21.65 -11.05
N HIS B 578 -29.95 -21.63 -10.20
CA HIS B 578 -30.01 -20.97 -8.91
C HIS B 578 -29.81 -19.47 -9.10
N SER B 579 -30.26 -18.71 -8.12
CA SER B 579 -30.29 -17.25 -8.21
C SER B 579 -29.38 -16.66 -7.18
N ASN B 580 -29.08 -15.37 -7.33
CA ASN B 580 -28.35 -14.65 -6.29
C ASN B 580 -29.32 -14.10 -5.28
N LYS B 581 -28.80 -13.36 -4.31
CA LYS B 581 -29.61 -12.79 -3.24
C LYS B 581 -30.83 -12.03 -3.76
N TRP B 582 -30.69 -11.36 -4.89
CA TRP B 582 -31.75 -10.54 -5.44
C TRP B 582 -32.58 -11.24 -6.51
N GLY B 583 -32.55 -12.56 -6.54
CA GLY B 583 -33.48 -13.34 -7.36
C GLY B 583 -33.20 -13.43 -8.86
N HIS B 584 -31.98 -13.15 -9.26
CA HIS B 584 -31.59 -13.32 -10.62
C HIS B 584 -30.70 -14.54 -10.78
N PRO B 585 -30.86 -15.29 -11.88
CA PRO B 585 -30.02 -16.47 -12.14
C PRO B 585 -28.56 -16.10 -12.12
N ARG B 586 -27.73 -16.95 -11.56
CA ARG B 586 -26.34 -16.62 -11.38
CA ARG B 586 -26.34 -16.61 -11.38
C ARG B 586 -25.62 -16.85 -12.72
N GLY B 587 -25.05 -15.80 -13.27
CA GLY B 587 -24.57 -15.85 -14.64
C GLY B 587 -23.14 -15.41 -14.83
N TYR B 588 -22.54 -15.89 -15.91
CA TYR B 588 -21.30 -15.34 -16.40
C TYR B 588 -21.53 -15.05 -17.87
N ARG B 589 -20.95 -13.96 -18.32
CA ARG B 589 -21.28 -13.39 -19.58
C ARG B 589 -20.07 -13.40 -20.49
N ILE B 590 -20.29 -13.76 -21.75
CA ILE B 590 -19.26 -13.68 -22.76
C ILE B 590 -19.39 -12.35 -23.52
N GLN B 591 -18.30 -11.60 -23.56
CA GLN B 591 -18.22 -10.31 -24.21
C GLN B 591 -17.03 -10.39 -25.15
N MET B 592 -17.21 -10.04 -26.40
CA MET B 592 -16.20 -10.30 -27.39
C MET B 592 -15.48 -9.09 -27.90
N LEU B 593 -14.15 -9.09 -27.80
CA LEU B 593 -13.28 -8.13 -28.51
C LEU B 593 -12.74 -8.79 -29.80
N SER B 594 -13.45 -8.65 -30.92
CA SER B 594 -13.02 -9.26 -32.21
C SER B 594 -13.40 -8.39 -33.43
N PHE B 595 -12.43 -8.27 -34.36
CA PHE B 595 -12.57 -7.56 -35.62
C PHE B 595 -12.63 -8.56 -36.84
N ALA B 596 -13.29 -9.71 -36.61
CA ALA B 596 -13.18 -10.94 -37.46
C ALA B 596 -13.27 -10.71 -38.97
N GLY B 597 -12.31 -11.27 -39.71
CA GLY B 597 -12.30 -11.20 -41.16
C GLY B 597 -13.40 -12.03 -41.79
N GLU B 598 -13.66 -11.80 -43.07
CA GLU B 598 -14.63 -12.60 -43.79
C GLU B 598 -14.12 -14.04 -43.93
N PRO B 599 -14.94 -15.04 -43.60
CA PRO B 599 -14.44 -16.41 -43.68
C PRO B 599 -14.37 -16.99 -45.08
N LEU B 600 -13.50 -17.96 -45.25
CA LEU B 600 -13.39 -18.70 -46.50
C LEU B 600 -14.78 -19.25 -46.84
N PRO B 601 -15.24 -19.01 -48.08
CA PRO B 601 -16.60 -19.42 -48.49
C PRO B 601 -16.82 -20.89 -48.32
N GLN B 602 -18.04 -21.28 -47.97
CA GLN B 602 -18.43 -22.70 -47.91
C GLN B 602 -18.30 -23.39 -49.27
N ASN B 603 -18.64 -22.68 -50.33
CA ASN B 603 -18.38 -23.13 -51.69
C ASN B 603 -17.01 -23.81 -51.81
N SER B 604 -16.04 -23.44 -50.97
CA SER B 604 -14.73 -24.11 -50.96
C SER B 604 -14.78 -25.45 -50.26
N SER B 605 -14.29 -26.49 -50.92
CA SER B 605 -14.21 -27.85 -50.33
C SER B 605 -13.32 -27.90 -49.08
N MET B 606 -12.31 -27.05 -49.07
CA MET B 606 -11.36 -26.92 -47.97
C MET B 606 -12.00 -26.47 -46.66
N ALA B 607 -13.09 -25.73 -46.75
CA ALA B 607 -13.61 -25.01 -45.61
C ALA B 607 -13.99 -25.91 -44.46
N ARG B 608 -14.54 -27.09 -44.74
CA ARG B 608 -15.00 -28.00 -43.70
C ARG B 608 -13.87 -28.33 -42.74
N GLY B 609 -12.62 -28.13 -43.14
CA GLY B 609 -11.46 -28.33 -42.27
C GLY B 609 -11.24 -27.31 -41.18
N PHE B 610 -11.95 -26.20 -41.27
CA PHE B 610 -11.93 -25.20 -40.22
C PHE B 610 -13.25 -24.46 -40.20
N SER B 611 -14.32 -25.22 -40.12
CA SER B 611 -15.66 -24.64 -40.21
C SER B 611 -16.01 -23.77 -39.00
N TRP B 612 -15.27 -23.90 -37.91
CA TRP B 612 -15.38 -22.95 -36.78
C TRP B 612 -15.15 -21.48 -37.15
N GLU B 613 -14.38 -21.24 -38.21
CA GLU B 613 -14.14 -19.90 -38.69
C GLU B 613 -15.41 -19.13 -39.00
N ARG B 614 -16.46 -19.83 -39.39
CA ARG B 614 -17.72 -19.24 -39.80
C ARG B 614 -18.56 -18.69 -38.64
N TYR B 615 -18.28 -19.12 -37.42
CA TYR B 615 -18.99 -18.67 -36.22
C TYR B 615 -18.18 -17.64 -35.42
N GLN B 616 -18.88 -16.77 -34.71
CA GLN B 616 -18.27 -15.86 -33.74
C GLN B 616 -18.28 -16.60 -32.42
N LEU B 617 -19.37 -17.29 -32.15
CA LEU B 617 -19.62 -17.92 -30.90
C LEU B 617 -20.62 -19.04 -31.12
N ALA B 618 -20.50 -20.11 -30.36
CA ALA B 618 -21.46 -21.20 -30.42
C ALA B 618 -21.47 -21.87 -29.10
N VAL B 619 -22.65 -22.19 -28.59
CA VAL B 619 -22.79 -22.95 -27.38
C VAL B 619 -23.43 -24.29 -27.69
N THR B 620 -22.76 -25.38 -27.28
CA THR B 620 -23.23 -26.73 -27.56
C THR B 620 -23.25 -27.53 -26.28
N GLN B 621 -23.96 -28.66 -26.28
CA GLN B 621 -23.86 -29.60 -25.15
C GLN B 621 -22.42 -30.03 -25.08
N ARG B 622 -21.88 -30.10 -23.86
CA ARG B 622 -20.55 -30.70 -23.67
C ARG B 622 -20.65 -32.23 -23.74
N LYS B 623 -19.69 -32.84 -24.42
CA LYS B 623 -19.69 -34.28 -24.65
C LYS B 623 -18.28 -34.86 -24.72
N GLU B 624 -18.05 -36.00 -24.08
CA GLU B 624 -16.71 -36.61 -24.03
C GLU B 624 -16.20 -36.90 -25.42
N GLU B 625 -17.08 -37.38 -26.28
CA GLU B 625 -16.72 -37.69 -27.67
C GLU B 625 -16.53 -36.44 -28.58
N GLU B 626 -16.67 -35.22 -28.02
CA GLU B 626 -16.47 -33.94 -28.77
C GLU B 626 -15.47 -33.09 -28.00
N PRO B 627 -14.26 -33.59 -27.81
CA PRO B 627 -13.30 -32.84 -27.03
C PRO B 627 -12.65 -31.67 -27.73
N SER B 628 -12.64 -31.64 -29.05
CA SER B 628 -11.92 -30.59 -29.76
C SER B 628 -12.55 -30.16 -31.07
N SER B 629 -12.36 -28.90 -31.40
CA SER B 629 -12.96 -28.32 -32.61
C SER B 629 -12.09 -28.57 -33.82
N SER B 630 -10.85 -28.95 -33.59
CA SER B 630 -9.93 -29.22 -34.67
C SER B 630 -9.18 -30.52 -34.44
N SER B 631 -8.19 -30.78 -35.28
CA SER B 631 -7.37 -31.96 -35.19
C SER B 631 -6.09 -31.65 -35.91
N VAL B 632 -5.00 -32.22 -35.42
CA VAL B 632 -3.70 -32.04 -36.06
C VAL B 632 -3.70 -32.57 -37.50
N PHE B 633 -4.67 -33.43 -37.81
CA PHE B 633 -4.75 -34.04 -39.13
C PHE B 633 -5.59 -33.28 -40.13
N ASN B 634 -6.08 -32.10 -39.78
CA ASN B 634 -6.87 -31.30 -40.71
C ASN B 634 -5.98 -30.51 -41.65
N GLN B 635 -4.84 -30.03 -41.16
CA GLN B 635 -3.92 -29.24 -41.96
C GLN B 635 -3.55 -29.88 -43.26
N ASN B 636 -3.31 -31.18 -43.25
CA ASN B 636 -2.90 -31.86 -44.49
C ASN B 636 -4.04 -32.48 -45.31
N ASP B 637 -5.18 -32.72 -44.69
CA ASP B 637 -6.39 -33.13 -45.41
C ASP B 637 -7.68 -32.41 -44.90
N PRO B 638 -7.81 -31.13 -45.21
CA PRO B 638 -8.99 -30.38 -44.84
C PRO B 638 -10.18 -30.69 -45.70
N TRP B 639 -9.95 -31.26 -46.88
CA TRP B 639 -11.03 -31.70 -47.77
C TRP B 639 -11.77 -32.91 -47.19
N ALA B 640 -11.06 -33.73 -46.43
CA ALA B 640 -11.66 -34.87 -45.75
C ALA B 640 -11.37 -34.72 -44.28
N PRO B 641 -11.90 -33.66 -43.66
CA PRO B 641 -11.50 -33.31 -42.31
C PRO B 641 -11.68 -34.46 -41.30
N THR B 642 -10.69 -34.59 -40.43
CA THR B 642 -10.73 -35.55 -39.35
C THR B 642 -11.71 -35.11 -38.29
N VAL B 643 -11.67 -33.85 -37.92
CA VAL B 643 -12.71 -33.24 -37.09
C VAL B 643 -13.36 -32.13 -37.87
N ASP B 644 -14.70 -32.07 -37.86
CA ASP B 644 -15.50 -31.02 -38.53
C ASP B 644 -16.44 -30.32 -37.54
N PHE B 645 -16.05 -29.11 -37.13
CA PHE B 645 -16.70 -28.44 -36.03
C PHE B 645 -18.20 -28.27 -36.18
N SER B 646 -18.61 -27.88 -37.38
CA SER B 646 -20.02 -27.63 -37.62
C SER B 646 -20.88 -28.82 -37.20
N ASP B 647 -20.35 -30.04 -37.29
CA ASP B 647 -21.09 -31.22 -36.87
C ASP B 647 -21.55 -31.21 -35.42
N PHE B 648 -20.88 -30.43 -34.57
CA PHE B 648 -21.22 -30.38 -33.15
C PHE B 648 -22.54 -29.70 -32.91
N ILE B 649 -22.85 -28.75 -33.78
CA ILE B 649 -24.08 -27.95 -33.68
C ILE B 649 -25.19 -28.73 -34.35
N ASN B 650 -26.04 -29.37 -33.57
CA ASN B 650 -26.85 -30.44 -34.11
C ASN B 650 -28.27 -30.50 -33.61
N ASN B 651 -28.86 -29.36 -33.26
CA ASN B 651 -30.31 -29.33 -33.00
C ASN B 651 -30.75 -30.13 -31.76
N GLU B 652 -30.09 -29.86 -30.63
CA GLU B 652 -30.43 -30.45 -29.34
C GLU B 652 -30.78 -29.33 -28.38
N THR B 653 -31.19 -29.71 -27.17
CA THR B 653 -31.40 -28.74 -26.12
C THR B 653 -30.07 -28.26 -25.57
N ILE B 654 -30.03 -26.99 -25.24
CA ILE B 654 -28.98 -26.43 -24.42
C ILE B 654 -29.62 -25.78 -23.21
N ALA B 655 -30.83 -26.23 -22.87
CA ALA B 655 -31.59 -25.72 -21.72
C ALA B 655 -31.40 -26.57 -20.49
N GLY B 656 -30.34 -26.34 -19.75
CA GLY B 656 -30.12 -27.06 -18.52
C GLY B 656 -29.19 -28.25 -18.69
N LYS B 657 -28.12 -28.09 -19.44
CA LYS B 657 -27.12 -29.14 -19.58
C LYS B 657 -25.74 -28.60 -19.24
N ASP B 658 -24.77 -29.50 -19.19
CA ASP B 658 -23.40 -29.09 -19.10
C ASP B 658 -23.13 -28.49 -20.45
N LEU B 659 -22.90 -27.20 -20.47
CA LEU B 659 -22.70 -26.49 -21.72
C LEU B 659 -21.25 -26.13 -21.91
N VAL B 660 -20.90 -25.81 -23.14
CA VAL B 660 -19.59 -25.34 -23.48
C VAL B 660 -19.69 -24.34 -24.61
N ALA B 661 -19.03 -23.20 -24.45
CA ALA B 661 -19.01 -22.16 -25.46
C ALA B 661 -17.74 -22.25 -26.31
N TRP B 662 -17.88 -21.95 -27.59
CA TRP B 662 -16.78 -22.01 -28.54
C TRP B 662 -16.64 -20.66 -29.21
N VAL B 663 -15.57 -19.95 -28.88
CA VAL B 663 -15.40 -18.58 -29.29
C VAL B 663 -14.34 -18.43 -30.35
N THR B 664 -14.69 -17.74 -31.42
CA THR B 664 -13.77 -17.41 -32.48
C THR B 664 -13.40 -15.94 -32.36
N ALA B 665 -12.13 -15.65 -32.57
CA ALA B 665 -11.69 -14.29 -32.60
C ALA B 665 -10.67 -14.16 -33.69
N GLY B 666 -10.64 -13.04 -34.38
CA GLY B 666 -9.62 -12.82 -35.37
C GLY B 666 -9.69 -11.44 -35.99
N PHE B 667 -8.96 -11.24 -37.08
CA PHE B 667 -8.95 -9.97 -37.78
C PHE B 667 -8.26 -10.13 -39.15
N LEU B 668 -8.42 -9.12 -40.00
CA LEU B 668 -7.80 -9.05 -41.29
C LEU B 668 -6.56 -8.20 -41.18
N HIS B 669 -5.48 -8.65 -41.80
CA HIS B 669 -4.23 -7.91 -41.82
C HIS B 669 -3.80 -7.64 -43.26
N ILE B 670 -3.74 -6.35 -43.61
CA ILE B 670 -3.17 -5.90 -44.86
C ILE B 670 -1.85 -5.32 -44.47
N PRO B 671 -0.76 -5.99 -44.80
CA PRO B 671 0.49 -5.46 -44.31
C PRO B 671 0.80 -4.11 -44.86
N HIS B 672 1.64 -3.38 -44.12
CA HIS B 672 2.07 -2.03 -44.44
C HIS B 672 3.48 -1.77 -43.91
N ALA B 673 4.10 -0.65 -44.27
CA ALA B 673 5.50 -0.39 -43.95
C ALA B 673 5.84 -0.59 -42.49
N GLU B 674 4.91 -0.25 -41.61
CA GLU B 674 5.14 -0.29 -40.20
C GLU B 674 5.14 -1.72 -39.66
N ASP B 675 4.80 -2.69 -40.49
CA ASP B 675 5.04 -4.11 -40.14
C ASP B 675 6.50 -4.53 -40.39
N ILE B 676 7.39 -3.63 -40.80
CA ILE B 676 8.77 -3.97 -41.05
C ILE B 676 9.65 -3.28 -40.04
N PRO B 677 10.42 -4.05 -39.25
CA PRO B 677 10.72 -5.47 -39.34
C PRO B 677 9.61 -6.37 -38.86
N ASN B 678 9.00 -6.04 -37.75
CA ASN B 678 7.96 -6.87 -37.21
C ASN B 678 6.64 -6.16 -37.10
N THR B 679 5.59 -6.96 -37.06
CA THR B 679 4.25 -6.48 -36.74
C THR B 679 4.18 -6.17 -35.26
N VAL B 680 3.77 -4.96 -34.89
CA VAL B 680 3.59 -4.60 -33.50
C VAL B 680 2.30 -5.21 -32.92
N THR B 681 2.25 -5.34 -31.59
CA THR B 681 1.05 -5.82 -30.91
C THR B 681 -0.02 -4.78 -30.67
N VAL B 682 0.30 -3.50 -30.83
CA VAL B 682 -0.58 -2.38 -30.51
C VAL B 682 -1.88 -2.38 -31.28
N GLY B 683 -3.00 -2.57 -30.58
CA GLY B 683 -4.31 -2.61 -31.21
C GLY B 683 -4.66 -3.93 -31.90
N ASN B 684 -3.69 -4.83 -32.07
CA ASN B 684 -3.93 -6.16 -32.70
C ASN B 684 -4.33 -7.27 -31.73
N GLY B 685 -4.54 -6.94 -30.46
CA GLY B 685 -5.01 -7.93 -29.50
C GLY B 685 -6.47 -8.26 -29.80
N VAL B 686 -6.83 -9.51 -29.69
CA VAL B 686 -8.18 -9.92 -30.02
C VAL B 686 -8.52 -11.02 -29.05
N GLY B 687 -9.78 -11.09 -28.67
CA GLY B 687 -10.22 -12.09 -27.70
C GLY B 687 -11.56 -11.80 -27.05
N PHE B 688 -11.71 -12.18 -25.79
CA PHE B 688 -13.01 -12.04 -25.14
C PHE B 688 -12.89 -12.02 -23.64
N PHE B 689 -13.92 -11.50 -22.98
CA PHE B 689 -14.02 -11.46 -21.54
C PHE B 689 -15.08 -12.42 -21.04
N LEU B 690 -14.90 -12.90 -19.82
CA LEU B 690 -15.92 -13.69 -19.16
C LEU B 690 -16.19 -12.95 -17.88
N ARG B 691 -17.35 -12.32 -17.76
CA ARG B 691 -17.63 -11.43 -16.65
C ARG B 691 -18.81 -11.86 -15.90
N PRO B 692 -18.77 -11.72 -14.56
CA PRO B 692 -19.89 -12.12 -13.72
C PRO B 692 -21.08 -11.19 -13.89
N TYR B 693 -22.26 -11.79 -14.08
CA TYR B 693 -23.52 -11.10 -14.30
C TYR B 693 -24.57 -11.64 -13.36
N ASN B 694 -24.68 -11.02 -12.20
CA ASN B 694 -25.54 -11.49 -11.10
C ASN B 694 -25.13 -12.84 -10.50
N PHE B 695 -23.84 -13.15 -10.61
CA PHE B 695 -23.28 -14.35 -10.08
C PHE B 695 -23.14 -14.12 -8.59
N PHE B 696 -22.61 -12.95 -8.27
CA PHE B 696 -22.41 -12.58 -6.89
C PHE B 696 -23.58 -11.75 -6.40
N ASP B 697 -23.59 -11.54 -5.09
CA ASP B 697 -24.56 -10.68 -4.42
C ASP B 697 -24.05 -9.26 -4.47
N GLU B 698 -22.74 -9.10 -4.63
CA GLU B 698 -22.11 -7.79 -4.80
C GLU B 698 -20.73 -7.95 -5.37
N ASP B 699 -20.17 -6.86 -5.83
CA ASP B 699 -18.82 -6.82 -6.34
C ASP B 699 -17.85 -7.38 -5.31
N PRO B 700 -17.20 -8.52 -5.63
CA PRO B 700 -16.13 -9.10 -4.83
C PRO B 700 -15.08 -8.11 -4.36
N SER B 701 -14.72 -7.14 -5.19
CA SER B 701 -13.65 -6.22 -4.86
C SER B 701 -13.99 -5.26 -3.72
N PHE B 702 -15.24 -5.25 -3.26
CA PHE B 702 -15.63 -4.49 -2.09
C PHE B 702 -14.81 -4.88 -0.92
N TYR B 703 -14.65 -6.17 -0.74
CA TYR B 703 -13.83 -6.67 0.33
C TYR B 703 -12.39 -6.99 -0.08
N SER B 704 -11.85 -6.24 -1.03
CA SER B 704 -10.44 -6.34 -1.36
C SER B 704 -9.57 -5.90 -0.21
N ALA B 705 -8.49 -6.64 0.00
CA ALA B 705 -7.49 -6.24 0.97
C ALA B 705 -6.76 -4.98 0.54
N ASP B 706 -6.92 -4.56 -0.71
CA ASP B 706 -6.18 -3.39 -1.20
C ASP B 706 -7.02 -2.14 -1.52
N SER B 707 -8.30 -2.15 -1.17
CA SER B 707 -9.16 -1.03 -1.44
C SER B 707 -8.85 0.11 -0.51
N ILE B 708 -8.82 1.32 -1.05
CA ILE B 708 -8.53 2.53 -0.30
C ILE B 708 -9.80 3.31 -0.10
N TYR B 709 -9.96 3.87 1.09
CA TYR B 709 -11.15 4.64 1.44
C TYR B 709 -10.87 5.61 2.54
N PHE B 710 -11.37 6.84 2.39
CA PHE B 710 -11.26 7.84 3.45
C PHE B 710 -12.17 9.03 3.24
N ARG B 711 -12.69 9.53 4.36
CA ARG B 711 -13.59 10.68 4.39
C ARG B 711 -12.79 11.97 4.30
N GLY B 712 -13.47 13.02 3.89
CA GLY B 712 -12.86 14.34 3.73
C GLY B 712 -12.45 14.95 5.08
N ASP B 713 -13.14 14.56 6.15
CA ASP B 713 -12.79 15.04 7.48
C ASP B 713 -11.64 14.24 8.09
N GLN B 714 -11.35 13.03 7.58
CA GLN B 714 -10.22 12.21 8.06
C GLN B 714 -8.90 12.72 7.53
N ASP B 715 -7.83 12.10 7.98
CA ASP B 715 -6.48 12.47 7.56
C ASP B 715 -5.95 11.46 6.51
N ALA B 716 -5.86 11.91 5.25
CA ALA B 716 -5.49 11.03 4.13
C ALA B 716 -4.02 10.64 4.14
N GLY B 717 -3.19 11.43 4.80
CA GLY B 717 -1.79 11.06 5.05
C GLY B 717 -1.58 10.15 6.27
N ALA B 718 -2.59 10.00 7.12
CA ALA B 718 -2.47 9.13 8.29
C ALA B 718 -2.43 7.69 7.84
N CYS B 719 -1.25 7.11 7.94
CA CYS B 719 -1.04 5.75 7.56
C CYS B 719 -2.13 4.77 8.08
N GLU B 720 -2.48 4.88 9.35
CA GLU B 720 -3.56 4.05 9.94
C GLU B 720 -4.92 4.30 9.29
N VAL B 721 -5.13 5.50 8.75
CA VAL B 721 -6.34 5.79 7.96
C VAL B 721 -6.21 5.25 6.54
N ASN B 722 -5.08 5.55 5.88
CA ASN B 722 -4.88 5.27 4.45
C ASN B 722 -3.58 4.56 4.12
N PRO B 723 -3.65 3.26 3.80
CA PRO B 723 -2.47 2.47 3.49
C PRO B 723 -1.51 3.08 2.47
N LEU B 724 -2.01 3.82 1.50
CA LEU B 724 -1.11 4.47 0.55
C LEU B 724 -0.07 5.39 1.23
N ALA B 725 -0.42 5.97 2.38
CA ALA B 725 0.51 6.84 3.13
C ALA B 725 1.74 6.08 3.65
N CYS B 726 1.62 4.79 3.91
CA CYS B 726 2.73 3.96 4.40
C CYS B 726 3.57 3.36 3.27
N LEU B 727 3.10 3.52 2.04
CA LEU B 727 3.83 3.00 0.90
C LEU B 727 5.29 3.48 0.86
N PRO B 728 5.56 4.79 1.05
CA PRO B 728 6.97 5.17 0.95
C PRO B 728 7.88 4.46 1.96
N GLN B 729 7.34 4.07 3.11
CA GLN B 729 8.07 3.23 4.06
C GLN B 729 8.13 1.85 3.42
N ALA B 730 6.96 1.24 3.20
CA ALA B 730 6.82 -0.10 2.58
C ALA B 730 7.76 -0.35 1.40
N ALA B 731 7.95 0.64 0.55
CA ALA B 731 8.74 0.49 -0.66
C ALA B 731 10.08 1.21 -0.59
N ALA B 732 10.61 1.41 0.60
CA ALA B 732 11.95 2.01 0.74
C ALA B 732 12.99 0.88 0.80
N CYS B 733 13.16 0.20 -0.34
CA CYS B 733 14.13 -0.88 -0.45
C CYS B 733 14.41 -1.17 -1.92
N ALA B 734 15.67 -1.53 -2.21
CA ALA B 734 16.09 -1.87 -3.56
C ALA B 734 15.63 -3.29 -3.84
N PRO B 735 15.03 -3.53 -5.01
CA PRO B 735 14.58 -4.88 -5.37
C PRO B 735 15.76 -5.83 -5.64
N ASP B 736 15.61 -7.12 -5.30
CA ASP B 736 16.66 -8.13 -5.56
C ASP B 736 16.35 -8.76 -6.90
N LEU B 737 16.90 -8.20 -7.97
CA LEU B 737 16.70 -8.76 -9.31
C LEU B 737 17.64 -9.95 -9.63
N PRO B 738 17.07 -11.09 -10.03
CA PRO B 738 17.85 -12.22 -10.55
C PRO B 738 18.73 -11.89 -11.73
N ALA B 739 19.84 -12.60 -11.87
CA ALA B 739 20.72 -12.41 -12.99
C ALA B 739 19.97 -12.82 -14.22
N PHE B 740 20.13 -12.04 -15.28
CA PHE B 740 19.47 -12.35 -16.52
C PHE B 740 19.95 -13.71 -17.05
N SER B 741 19.00 -14.60 -17.30
CA SER B 741 19.23 -15.81 -18.03
C SER B 741 18.32 -15.85 -19.25
N HIS B 742 18.76 -16.52 -20.33
CA HIS B 742 17.90 -16.80 -21.49
C HIS B 742 17.74 -18.28 -21.78
N GLY B 743 16.56 -18.70 -22.18
CA GLY B 743 16.26 -20.13 -22.36
C GLY B 743 16.82 -20.81 -23.61
N GLY B 744 17.63 -20.12 -24.40
CA GLY B 744 18.36 -20.74 -25.51
C GLY B 744 17.51 -21.19 -26.67
N PHE B 745 18.14 -21.89 -27.63
CA PHE B 745 17.53 -22.28 -28.88
C PHE B 745 17.60 -23.83 -29.13
N SER B 746 17.38 -24.31 -30.36
CA SER B 746 17.17 -25.75 -30.64
C SER B 746 18.39 -26.63 -31.07
N PRO C 20 -87.73 32.33 35.81
CA PRO C 20 -86.83 32.95 36.76
C PRO C 20 -86.00 34.09 36.15
N SER C 21 -85.02 34.57 36.91
CA SER C 21 -84.18 35.75 36.59
C SER C 21 -82.67 35.36 36.50
N GLN C 22 -81.93 35.92 35.52
CA GLN C 22 -80.59 35.42 35.17
C GLN C 22 -79.58 36.55 34.92
N LEU C 23 -78.68 36.79 35.89
CA LEU C 23 -77.51 37.69 35.73
C LEU C 23 -76.57 37.21 34.61
N PRO C 24 -76.10 38.12 33.74
CA PRO C 24 -75.44 37.70 32.51
C PRO C 24 -73.89 37.71 32.54
N HIS C 25 -73.28 37.40 31.41
CA HIS C 25 -71.86 37.65 31.24
C HIS C 25 -71.61 39.06 30.76
N CYS C 26 -70.52 39.65 31.23
CA CYS C 26 -70.14 40.95 30.76
C CYS C 26 -69.50 40.72 29.39
N PRO C 27 -69.43 41.77 28.57
CA PRO C 27 -68.75 41.82 27.25
C PRO C 27 -67.33 41.24 27.15
N SER C 28 -66.82 41.06 25.93
CA SER C 28 -65.45 40.58 25.73
C SER C 28 -64.57 41.68 25.17
N SER C 42 -50.68 53.14 11.96
CA SER C 42 -49.51 53.37 11.12
C SER C 42 -48.25 52.74 11.72
N GLN C 43 -47.96 51.50 11.30
CA GLN C 43 -47.01 50.60 12.01
C GLN C 43 -45.64 50.69 11.32
N LEU C 44 -44.99 51.80 11.63
CA LEU C 44 -43.70 52.20 11.11
C LEU C 44 -42.65 51.99 12.18
N PHE C 45 -43.12 51.73 13.41
CA PHE C 45 -42.28 51.52 14.57
C PHE C 45 -42.45 50.12 15.13
N ALA C 46 -43.27 49.29 14.48
CA ALA C 46 -43.50 47.93 14.96
C ALA C 46 -42.22 47.14 14.89
N ASP C 47 -42.01 46.27 15.86
CA ASP C 47 -40.87 45.35 15.82
C ASP C 47 -41.09 44.49 14.60
N LEU C 48 -40.00 44.00 14.02
CA LEU C 48 -40.06 43.12 12.85
C LEU C 48 -40.84 41.85 13.14
N SER C 49 -41.66 41.43 12.18
CA SER C 49 -42.44 40.19 12.29
C SER C 49 -41.67 38.92 11.94
N ARG C 50 -42.20 37.77 12.33
CA ARG C 50 -41.65 36.46 11.92
C ARG C 50 -41.15 36.49 10.46
N GLU C 51 -41.99 36.96 9.56
CA GLU C 51 -41.68 36.96 8.13
C GLU C 51 -40.52 37.85 7.84
N GLU C 52 -40.64 39.10 8.23
CA GLU C 52 -39.58 40.06 8.03
C GLU C 52 -38.23 39.54 8.51
N LEU C 53 -38.20 38.92 9.68
CA LEU C 53 -36.98 38.36 10.24
C LEU C 53 -36.49 37.25 9.34
N THR C 54 -37.34 36.27 9.05
CA THR C 54 -36.98 35.22 8.08
C THR C 54 -36.44 35.79 6.76
N ALA C 55 -37.17 36.74 6.20
CA ALA C 55 -36.80 37.38 4.96
C ALA C 55 -35.36 37.91 5.03
N VAL C 56 -34.98 38.49 6.15
CA VAL C 56 -33.67 39.14 6.27
C VAL C 56 -32.59 38.10 6.46
N MET C 57 -32.91 37.07 7.21
CA MET C 57 -32.00 35.96 7.40
C MET C 57 -31.70 35.25 6.06
N ARG C 58 -32.76 34.97 5.28
CA ARG C 58 -32.63 34.39 3.93
C ARG C 58 -31.63 35.27 3.18
N PHE C 59 -31.95 36.54 3.06
CA PHE C 59 -31.11 37.45 2.32
C PHE C 59 -29.66 37.45 2.84
N LEU C 60 -29.49 37.33 4.15
CA LEU C 60 -28.13 37.32 4.72
C LEU C 60 -27.38 36.04 4.31
N THR C 61 -27.98 34.89 4.54
CA THR C 61 -27.32 33.64 4.18
C THR C 61 -26.89 33.64 2.69
N GLN C 62 -27.76 34.13 1.81
CA GLN C 62 -27.44 34.29 0.38
C GLN C 62 -26.28 35.24 0.20
N ARG C 63 -26.49 36.49 0.59
CA ARG C 63 -25.58 37.57 0.20
C ARG C 63 -24.34 37.66 1.11
N LEU C 64 -24.21 36.83 2.13
CA LEU C 64 -23.06 36.95 3.05
C LEU C 64 -22.03 35.87 2.77
N GLY C 65 -22.41 34.97 1.86
CA GLY C 65 -21.49 33.96 1.33
C GLY C 65 -21.37 32.79 2.29
N PRO C 66 -21.80 31.57 1.86
CA PRO C 66 -21.72 30.46 2.83
C PRO C 66 -20.32 30.30 3.47
N GLY C 67 -20.28 29.45 4.50
CA GLY C 67 -19.23 29.47 5.53
C GLY C 67 -19.89 29.97 6.81
N LEU C 68 -21.22 30.00 6.80
CA LEU C 68 -21.99 30.67 7.83
C LEU C 68 -22.62 29.70 8.84
N VAL C 69 -22.38 29.98 10.12
CA VAL C 69 -22.84 29.13 11.21
C VAL C 69 -24.00 29.73 11.96
N ASP C 70 -24.95 28.88 12.24
CA ASP C 70 -25.90 29.15 13.27
C ASP C 70 -25.18 29.63 14.53
N ALA C 71 -25.48 30.86 14.94
CA ALA C 71 -24.94 31.40 16.21
C ALA C 71 -25.08 30.47 17.42
N ALA C 72 -26.11 29.64 17.48
CA ALA C 72 -26.29 28.74 18.63
C ALA C 72 -25.10 27.79 18.80
N GLN C 73 -24.54 27.40 17.66
CA GLN C 73 -23.48 26.43 17.60
C GLN C 73 -22.14 27.14 17.42
N ALA C 74 -22.14 28.37 16.91
CA ALA C 74 -20.91 29.19 16.67
C ALA C 74 -19.71 29.08 17.66
N ARG C 75 -18.49 29.03 17.13
CA ARG C 75 -17.26 29.11 17.94
C ARG C 75 -16.61 30.42 17.59
N PRO C 76 -15.62 30.85 18.40
CA PRO C 76 -15.04 32.15 18.18
C PRO C 76 -14.58 32.40 16.74
N SER C 77 -13.95 31.42 16.11
CA SER C 77 -13.39 31.59 14.78
C SER C 77 -14.41 31.38 13.67
N ASP C 78 -15.67 31.11 14.03
CA ASP C 78 -16.77 31.07 13.04
C ASP C 78 -17.28 32.44 12.60
N ASN C 79 -18.02 32.44 11.50
CA ASN C 79 -18.74 33.63 11.04
C ASN C 79 -20.18 33.39 11.37
N CYS C 80 -20.85 34.44 11.82
CA CYS C 80 -22.06 34.30 12.64
C CYS C 80 -22.99 35.49 12.46
N VAL C 81 -24.30 35.23 12.44
CA VAL C 81 -25.27 36.30 12.64
C VAL C 81 -25.72 36.23 14.11
N PHE C 82 -25.47 37.31 14.83
CA PHE C 82 -25.72 37.35 16.25
C PHE C 82 -27.12 37.82 16.51
N SER C 83 -27.55 38.84 15.76
CA SER C 83 -28.83 39.52 16.00
C SER C 83 -29.40 40.09 14.72
N VAL C 84 -30.72 40.01 14.58
CA VAL C 84 -31.44 40.76 13.55
C VAL C 84 -32.62 41.45 14.17
N GLU C 85 -32.67 42.76 14.07
CA GLU C 85 -33.79 43.52 14.64
C GLU C 85 -34.04 44.83 13.90
N LEU C 86 -35.21 45.43 14.16
CA LEU C 86 -35.63 46.65 13.48
C LEU C 86 -34.61 47.76 13.57
N GLN C 87 -34.34 48.39 12.44
CA GLN C 87 -33.54 49.58 12.41
C GLN C 87 -34.53 50.73 12.41
N LEU C 88 -34.47 51.59 13.40
CA LEU C 88 -35.46 52.65 13.51
C LEU C 88 -35.26 53.66 12.40
N PRO C 89 -36.34 54.27 11.90
CA PRO C 89 -36.25 55.24 10.83
C PRO C 89 -35.72 56.61 11.27
N PRO C 90 -35.24 57.43 10.32
CA PRO C 90 -34.91 58.82 10.64
C PRO C 90 -36.16 59.62 11.00
N LYS C 91 -36.01 60.63 11.85
CA LYS C 91 -37.17 61.33 12.42
C LYS C 91 -37.88 62.17 11.34
N ALA C 92 -37.07 62.94 10.60
CA ALA C 92 -37.58 63.83 9.56
C ALA C 92 -38.49 63.07 8.61
N ALA C 93 -38.03 61.93 8.11
CA ALA C 93 -38.84 61.10 7.21
C ALA C 93 -40.05 60.52 7.92
N ALA C 94 -39.83 59.97 9.11
CA ALA C 94 -40.91 59.41 9.91
C ALA C 94 -42.04 60.41 10.15
N LEU C 95 -41.67 61.66 10.44
CA LEU C 95 -42.63 62.73 10.70
C LEU C 95 -43.32 63.15 9.42
N ALA C 96 -42.54 63.46 8.39
CA ALA C 96 -43.08 63.76 7.06
C ALA C 96 -44.21 62.81 6.74
N HIS C 97 -44.02 61.51 7.01
CA HIS C 97 -45.06 60.51 6.75
C HIS C 97 -46.24 60.63 7.68
N LEU C 98 -45.94 60.75 8.97
CA LEU C 98 -46.96 60.73 10.01
C LEU C 98 -47.86 61.95 9.97
N ASP C 99 -47.29 63.11 9.64
CA ASP C 99 -48.01 64.38 9.69
C ASP C 99 -48.29 64.96 8.28
N ARG C 100 -47.23 65.36 7.57
CA ARG C 100 -47.33 65.92 6.21
C ARG C 100 -47.99 64.93 5.21
N GLY C 101 -48.00 63.63 5.53
CA GLY C 101 -48.59 62.64 4.63
C GLY C 101 -47.68 62.05 3.54
N SER C 102 -46.40 62.43 3.54
CA SER C 102 -45.43 61.89 2.58
C SER C 102 -45.34 60.37 2.67
N PRO C 103 -44.61 59.74 1.73
CA PRO C 103 -44.47 58.28 1.85
C PRO C 103 -43.62 57.85 3.07
N PRO C 104 -43.75 56.58 3.49
CA PRO C 104 -42.94 56.06 4.56
C PRO C 104 -41.47 55.96 4.16
N PRO C 105 -40.54 56.15 5.11
CA PRO C 105 -39.17 55.79 4.84
C PRO C 105 -38.97 54.27 4.71
N ALA C 106 -37.89 53.86 4.05
CA ALA C 106 -37.57 52.46 3.87
C ALA C 106 -37.65 51.78 5.21
N ARG C 107 -38.37 50.68 5.29
CA ARG C 107 -38.36 49.85 6.48
C ARG C 107 -37.18 48.93 6.38
N GLU C 108 -36.25 49.09 7.34
CA GLU C 108 -34.96 48.40 7.33
C GLU C 108 -34.77 47.57 8.59
N ALA C 109 -33.68 46.82 8.62
CA ALA C 109 -33.34 45.98 9.76
C ALA C 109 -31.86 46.19 10.00
N LEU C 110 -31.42 45.96 11.23
CA LEU C 110 -30.00 45.98 11.56
C LEU C 110 -29.59 44.57 11.97
N ALA C 111 -28.45 44.10 11.43
CA ALA C 111 -27.93 42.80 11.81
C ALA C 111 -26.57 42.99 12.41
N ILE C 112 -26.30 42.31 13.52
CA ILE C 112 -24.93 42.25 14.06
C ILE C 112 -24.32 40.92 13.68
N VAL C 113 -23.19 40.98 12.99
CA VAL C 113 -22.51 39.80 12.48
C VAL C 113 -21.12 39.65 13.09
N PHE C 114 -20.84 38.48 13.63
CA PHE C 114 -19.48 38.17 14.07
C PHE C 114 -18.70 37.60 12.87
N PHE C 115 -17.60 38.24 12.50
CA PHE C 115 -16.75 37.73 11.44
C PHE C 115 -15.47 37.16 12.04
N GLY C 116 -15.55 35.89 12.46
CA GLY C 116 -14.41 35.18 13.04
C GLY C 116 -13.49 34.49 12.04
N ARG C 117 -14.05 33.78 11.04
CA ARG C 117 -13.23 33.09 10.02
C ARG C 117 -12.49 34.13 9.15
N GLN C 118 -11.44 34.74 9.71
CA GLN C 118 -10.80 35.91 9.12
C GLN C 118 -9.47 36.22 9.77
N PRO C 119 -8.48 36.65 8.98
CA PRO C 119 -7.20 37.03 9.55
C PRO C 119 -7.36 38.08 10.63
N GLN C 120 -8.10 39.16 10.34
CA GLN C 120 -8.42 40.23 11.33
C GLN C 120 -9.92 40.24 11.63
N PRO C 121 -10.35 39.46 12.64
CA PRO C 121 -11.77 39.30 12.85
C PRO C 121 -12.36 40.57 13.44
N ASN C 122 -13.59 40.87 13.06
CA ASN C 122 -14.32 42.02 13.57
C ASN C 122 -15.80 41.71 13.83
N VAL C 123 -16.46 42.56 14.63
CA VAL C 123 -17.92 42.56 14.64
C VAL C 123 -18.32 43.67 13.70
N SER C 124 -19.36 43.40 12.91
CA SER C 124 -19.85 44.37 11.94
C SER C 124 -21.36 44.62 12.11
N GLU C 125 -21.73 45.89 11.87
CA GLU C 125 -23.13 46.34 11.91
C GLU C 125 -23.61 46.56 10.48
N LEU C 126 -24.64 45.82 10.08
CA LEU C 126 -25.11 45.78 8.71
C LEU C 126 -26.58 46.20 8.62
N VAL C 127 -26.87 47.25 7.85
CA VAL C 127 -28.26 47.61 7.60
C VAL C 127 -28.78 46.89 6.38
N VAL C 128 -29.87 46.14 6.53
CA VAL C 128 -30.48 45.39 5.45
C VAL C 128 -31.88 45.88 5.18
N GLY C 129 -32.19 46.15 3.92
CA GLY C 129 -33.53 46.51 3.49
C GLY C 129 -33.68 46.55 1.95
N PRO C 130 -34.85 47.00 1.48
CA PRO C 130 -36.01 47.42 2.26
C PRO C 130 -37.00 46.28 2.42
N LEU C 131 -37.52 46.10 3.61
CA LEU C 131 -38.56 45.12 3.86
C LEU C 131 -39.85 45.56 3.17
N PRO C 132 -40.74 44.62 2.82
CA PRO C 132 -40.74 43.18 3.18
C PRO C 132 -39.83 42.27 2.34
N HIS C 133 -39.25 42.80 1.24
CA HIS C 133 -38.37 41.99 0.40
C HIS C 133 -37.04 42.71 0.13
N PRO C 134 -36.04 42.50 1.00
CA PRO C 134 -34.82 43.31 0.97
C PRO C 134 -34.01 43.08 -0.28
N SER C 135 -33.30 44.13 -0.71
CA SER C 135 -32.49 44.08 -1.88
C SER C 135 -31.05 44.52 -1.61
N TYR C 136 -30.82 45.42 -0.66
CA TYR C 136 -29.47 45.91 -0.36
C TYR C 136 -29.02 45.52 1.03
N MET C 137 -27.78 45.90 1.37
CA MET C 137 -27.15 45.61 2.66
C MET C 137 -25.94 46.55 2.75
N ARG C 138 -25.86 47.37 3.78
CA ARG C 138 -24.80 48.39 3.91
C ARG C 138 -24.08 48.26 5.25
N ASP C 139 -22.75 48.18 5.24
CA ASP C 139 -21.97 48.10 6.47
C ASP C 139 -21.85 49.50 7.00
N VAL C 140 -22.47 49.73 8.16
CA VAL C 140 -22.52 51.06 8.75
C VAL C 140 -21.53 51.19 9.89
N THR C 141 -20.83 50.11 10.22
CA THR C 141 -19.88 50.13 11.34
C THR C 141 -18.96 51.36 11.32
N VAL C 142 -18.25 51.55 10.21
CA VAL C 142 -17.25 52.61 10.15
C VAL C 142 -17.92 53.98 10.18
N GLU C 143 -19.04 54.08 9.46
CA GLU C 143 -19.88 55.28 9.49
C GLU C 143 -20.17 55.63 10.93
N ARG C 144 -20.79 54.69 11.63
CA ARG C 144 -21.26 54.96 12.98
C ARG C 144 -20.15 55.07 14.03
N HIS C 145 -19.25 54.10 14.09
CA HIS C 145 -18.23 54.12 15.13
C HIS C 145 -16.86 54.60 14.66
N GLY C 146 -16.75 55.06 13.42
CA GLY C 146 -15.49 55.66 12.94
C GLY C 146 -14.32 54.71 12.90
N GLY C 147 -14.61 53.44 12.67
CA GLY C 147 -13.60 52.38 12.61
C GLY C 147 -14.17 51.04 12.97
N PRO C 148 -13.38 49.97 12.77
CA PRO C 148 -13.88 48.61 13.00
C PRO C 148 -14.24 48.37 14.48
N LEU C 149 -15.13 47.43 14.72
CA LEU C 149 -15.42 46.98 16.06
C LEU C 149 -14.53 45.80 16.47
N PRO C 150 -13.63 46.01 17.43
CA PRO C 150 -12.77 44.96 17.89
C PRO C 150 -13.52 43.73 18.26
N TYR C 151 -12.94 42.57 17.96
CA TYR C 151 -13.65 41.32 18.12
C TYR C 151 -13.88 41.00 19.58
N HIS C 152 -12.97 41.47 20.44
CA HIS C 152 -13.05 41.16 21.87
C HIS C 152 -14.23 41.83 22.53
N ARG C 153 -14.79 42.85 21.89
CA ARG C 153 -16.02 43.48 22.36
C ARG C 153 -17.28 42.63 22.20
N ARG C 154 -17.23 41.59 21.35
CA ARG C 154 -18.43 40.82 21.07
CA ARG C 154 -18.39 40.72 21.05
C ARG C 154 -18.95 40.21 22.37
N PRO C 155 -20.28 40.15 22.50
CA PRO C 155 -20.87 39.49 23.66
C PRO C 155 -20.54 38.03 23.72
N VAL C 156 -20.47 37.47 24.91
CA VAL C 156 -20.19 36.04 25.04
C VAL C 156 -21.39 35.25 24.56
N LEU C 157 -21.17 34.43 23.55
CA LEU C 157 -22.24 33.60 22.97
C LEU C 157 -22.69 32.53 23.92
N PHE C 158 -23.87 32.00 23.63
CA PHE C 158 -24.39 30.91 24.42
C PHE C 158 -23.50 29.69 24.38
N GLN C 159 -23.06 29.36 23.16
CA GLN C 159 -22.08 28.29 22.93
C GLN C 159 -20.76 28.56 23.65
N GLU C 160 -20.29 29.79 23.62
CA GLU C 160 -19.11 30.15 24.38
C GLU C 160 -19.27 29.79 25.87
N TYR C 161 -20.45 30.04 26.44
CA TYR C 161 -20.69 29.71 27.85
C TYR C 161 -20.60 28.21 28.02
N LEU C 162 -21.20 27.46 27.10
CA LEU C 162 -21.18 26.00 27.16
C LEU C 162 -19.75 25.48 27.08
N ASP C 163 -18.97 25.98 26.13
CA ASP C 163 -17.55 25.60 26.00
C ASP C 163 -16.81 25.86 27.32
N ILE C 164 -17.02 27.03 27.89
CA ILE C 164 -16.41 27.35 29.18
C ILE C 164 -16.80 26.35 30.25
N ASP C 165 -18.03 25.89 30.24
CA ASP C 165 -18.39 24.89 31.23
C ASP C 165 -17.73 23.54 30.94
N GLN C 166 -17.61 23.16 29.68
CA GLN C 166 -16.90 21.94 29.34
C GLN C 166 -15.50 22.01 30.00
N MET C 167 -14.77 23.08 29.73
CA MET C 167 -13.46 23.27 30.35
C MET C 167 -13.50 23.08 31.86
N ILE C 168 -14.39 23.81 32.52
CA ILE C 168 -14.45 23.79 33.98
C ILE C 168 -14.75 22.39 34.47
N PHE C 169 -15.74 21.74 33.88
CA PHE C 169 -16.26 20.53 34.46
C PHE C 169 -15.51 19.28 34.03
N ASN C 170 -15.03 19.26 32.79
CA ASN C 170 -14.19 18.15 32.29
C ASN C 170 -12.74 18.37 32.66
N ARG C 171 -12.13 19.43 32.14
CA ARG C 171 -10.68 19.64 32.21
CA ARG C 171 -10.70 19.58 32.22
C ARG C 171 -10.20 20.13 33.59
N GLU C 172 -11.03 20.87 34.34
CA GLU C 172 -10.51 21.60 35.53
C GLU C 172 -10.94 21.09 36.89
N LEU C 173 -12.24 21.08 37.16
CA LEU C 173 -12.71 20.74 38.49
C LEU C 173 -12.20 19.38 38.98
N PRO C 174 -12.09 18.38 38.09
CA PRO C 174 -11.66 17.05 38.56
C PRO C 174 -10.31 17.09 39.29
N GLN C 175 -9.44 18.00 38.86
CA GLN C 175 -8.16 18.19 39.52
C GLN C 175 -8.31 18.55 40.97
N ALA C 176 -9.49 18.95 41.44
CA ALA C 176 -9.68 19.25 42.86
C ALA C 176 -10.80 18.39 43.48
N SER C 177 -11.11 17.27 42.84
CA SER C 177 -12.18 16.40 43.32
C SER C 177 -12.00 15.87 44.74
N GLY C 178 -10.78 15.90 45.24
CA GLY C 178 -10.55 15.54 46.63
C GLY C 178 -11.28 16.51 47.51
N LEU C 179 -10.92 17.79 47.37
CA LEU C 179 -11.64 18.86 48.05
C LEU C 179 -13.15 18.80 47.79
N LEU C 180 -13.53 18.76 46.53
CA LEU C 180 -14.92 18.88 46.16
C LEU C 180 -15.76 17.78 46.78
N HIS C 181 -15.19 16.60 46.91
CA HIS C 181 -15.93 15.50 47.56
C HIS C 181 -16.19 15.80 49.02
N HIS C 182 -15.26 16.49 49.65
CA HIS C 182 -15.35 16.76 51.07
C HIS C 182 -16.38 17.84 51.39
N CYS C 183 -16.51 18.84 50.52
CA CYS C 183 -17.26 20.07 50.83
C CYS C 183 -18.62 20.17 50.13
N CYS C 184 -18.79 19.46 49.01
CA CYS C 184 -19.72 19.89 47.99
C CYS C 184 -20.44 18.78 47.26
N PHE C 185 -20.41 17.57 47.80
CA PHE C 185 -21.18 16.45 47.24
C PHE C 185 -20.90 16.26 45.75
N TYR C 186 -19.63 16.48 45.37
CA TYR C 186 -19.15 16.22 44.00
C TYR C 186 -19.30 14.72 43.65
N LYS C 187 -19.56 14.39 42.38
CA LYS C 187 -19.72 12.96 42.00
C LYS C 187 -19.72 12.73 40.48
N ARG C 191 -21.69 18.65 37.81
CA ARG C 191 -22.85 17.75 37.65
C ARG C 191 -24.00 18.21 38.55
N ASN C 192 -23.71 18.40 39.84
CA ASN C 192 -24.64 19.04 40.76
C ASN C 192 -24.25 20.49 41.03
N LEU C 193 -23.36 21.03 40.20
CA LEU C 193 -22.91 22.40 40.35
C LEU C 193 -23.13 23.16 39.07
N VAL C 194 -23.26 24.47 39.21
CA VAL C 194 -23.53 25.35 38.09
C VAL C 194 -22.68 26.58 38.24
N THR C 195 -22.40 27.24 37.13
CA THR C 195 -21.59 28.45 37.12
C THR C 195 -22.47 29.66 36.81
N MET C 196 -22.08 30.85 37.26
CA MET C 196 -22.74 32.08 36.82
C MET C 196 -21.72 33.10 36.43
N THR C 197 -21.91 33.68 35.24
CA THR C 197 -20.96 34.68 34.76
C THR C 197 -20.94 35.94 35.61
N THR C 198 -19.92 36.77 35.34
CA THR C 198 -19.87 38.15 35.81
C THR C 198 -19.40 39.00 34.63
N ALA C 199 -19.21 40.29 34.84
CA ALA C 199 -18.69 41.19 33.83
C ALA C 199 -18.28 42.46 34.53
N PRO C 200 -17.47 43.31 33.91
CA PRO C 200 -16.83 43.12 32.64
C PRO C 200 -15.78 42.05 32.76
N ARG C 201 -15.08 41.79 31.67
CA ARG C 201 -14.27 40.59 31.58
C ARG C 201 -12.79 40.95 31.51
N GLY C 202 -12.27 41.40 32.64
CA GLY C 202 -10.89 41.78 32.74
C GLY C 202 -10.62 43.08 33.46
N LEU C 203 -9.52 43.73 33.11
CA LEU C 203 -9.08 44.97 33.76
C LEU C 203 -8.70 46.06 32.76
N GLN C 204 -8.91 45.81 31.48
CA GLN C 204 -8.23 46.55 30.46
C GLN C 204 -8.79 46.24 29.12
N SER C 205 -8.83 47.26 28.25
CA SER C 205 -9.38 47.08 26.91
C SER C 205 -8.65 45.98 26.22
N GLY C 206 -9.41 45.06 25.62
CA GLY C 206 -8.85 43.85 25.04
C GLY C 206 -9.04 42.57 25.86
N ASP C 207 -9.06 42.67 27.19
CA ASP C 207 -9.19 41.47 28.02
C ASP C 207 -10.48 40.72 27.78
N ARG C 208 -10.46 39.43 28.06
CA ARG C 208 -11.66 38.59 28.07
C ARG C 208 -11.48 37.47 29.12
N ALA C 209 -11.11 37.86 30.34
CA ALA C 209 -11.04 36.96 31.47
C ALA C 209 -12.21 37.21 32.40
N THR C 210 -12.99 36.17 32.68
CA THR C 210 -14.26 36.28 33.39
C THR C 210 -14.23 35.47 34.67
N TRP C 211 -14.54 36.09 35.79
CA TRP C 211 -14.75 35.35 37.04
C TRP C 211 -16.09 34.59 36.99
N PHE C 212 -16.07 33.30 37.35
CA PHE C 212 -17.28 32.52 37.47
C PHE C 212 -17.41 31.93 38.85
N GLY C 213 -18.53 32.21 39.51
CA GLY C 213 -18.81 31.63 40.80
C GLY C 213 -19.40 30.25 40.56
N LEU C 214 -19.37 29.43 41.59
CA LEU C 214 -19.91 28.08 41.54
C LEU C 214 -21.00 27.90 42.61
N TYR C 215 -22.13 27.34 42.19
CA TYR C 215 -23.28 27.21 43.05
C TYR C 215 -23.88 25.83 42.92
N TYR C 216 -24.56 25.38 43.97
CA TYR C 216 -25.35 24.18 43.90
C TYR C 216 -26.45 24.38 42.90
N ASN C 217 -26.64 23.42 42.01
CA ASN C 217 -27.75 23.45 41.08
C ASN C 217 -29.05 23.11 41.80
N ILE C 218 -29.55 24.04 42.61
CA ILE C 218 -30.83 23.84 43.29
C ILE C 218 -31.97 23.65 42.29
N SER C 219 -32.95 22.84 42.67
CA SER C 219 -34.05 22.47 41.79
C SER C 219 -35.33 23.21 42.18
N GLY C 220 -35.91 23.93 41.19
CA GLY C 220 -37.16 24.68 41.36
C GLY C 220 -37.06 25.92 42.22
N ALA C 221 -35.85 26.43 42.40
CA ALA C 221 -35.61 27.58 43.25
C ALA C 221 -34.24 28.18 42.93
N GLY C 222 -34.01 29.38 43.38
CA GLY C 222 -32.84 30.12 42.94
C GLY C 222 -31.56 29.52 43.48
N PHE C 223 -30.60 29.32 42.61
CA PHE C 223 -29.30 28.83 42.99
C PHE C 223 -28.42 29.94 43.55
N PHE C 224 -28.76 31.16 43.17
CA PHE C 224 -27.98 32.35 43.49
C PHE C 224 -27.66 32.52 44.95
N LEU C 225 -28.48 31.91 45.80
CA LEU C 225 -28.31 31.95 47.27
C LEU C 225 -27.42 30.80 47.80
N HIS C 226 -26.77 30.07 46.90
CA HIS C 226 -26.05 28.83 47.25
C HIS C 226 -24.68 28.73 46.58
N HIS C 227 -23.89 29.77 46.78
CA HIS C 227 -22.50 29.87 46.37
C HIS C 227 -21.72 28.91 47.20
N VAL C 228 -20.96 28.03 46.58
CA VAL C 228 -20.21 27.01 47.32
C VAL C 228 -18.90 27.57 47.86
N GLY C 229 -18.51 28.77 47.45
CA GLY C 229 -17.32 29.44 47.96
C GLY C 229 -16.12 29.45 47.02
N LEU C 230 -16.34 29.02 45.76
CA LEU C 230 -15.28 28.86 44.79
C LEU C 230 -15.57 29.68 43.56
N GLU C 231 -14.61 30.49 43.15
CA GLU C 231 -14.73 31.26 41.92
C GLU C 231 -13.47 31.01 41.09
N LEU C 232 -13.63 30.99 39.76
CA LEU C 232 -12.52 30.69 38.85
C LEU C 232 -12.36 31.78 37.82
N LEU C 233 -11.16 32.32 37.70
CA LEU C 233 -10.91 33.33 36.69
C LEU C 233 -10.58 32.69 35.34
N VAL C 234 -11.57 32.55 34.47
CA VAL C 234 -11.35 31.95 33.17
C VAL C 234 -10.92 32.97 32.13
N ASN C 235 -9.78 32.73 31.48
CA ASN C 235 -9.36 33.50 30.33
C ASN C 235 -9.83 32.83 29.04
N HIS C 236 -10.87 33.40 28.42
CA HIS C 236 -11.41 32.86 27.18
C HIS C 236 -11.25 33.81 25.98
N LYS C 237 -10.15 34.55 25.98
CA LYS C 237 -9.86 35.44 24.88
C LYS C 237 -9.49 34.69 23.60
N ALA C 238 -8.72 33.61 23.71
CA ALA C 238 -8.22 32.88 22.54
C ALA C 238 -9.35 32.43 21.65
N LEU C 239 -9.16 32.59 20.34
CA LEU C 239 -10.12 32.09 19.35
C LEU C 239 -10.26 30.56 19.41
N ASP C 240 -9.24 29.88 19.93
CA ASP C 240 -9.26 28.44 20.08
C ASP C 240 -9.50 28.04 21.54
N PRO C 241 -10.71 27.57 21.83
CA PRO C 241 -11.02 27.15 23.18
C PRO C 241 -9.96 26.26 23.84
N ALA C 242 -9.26 25.44 23.04
CA ALA C 242 -8.17 24.61 23.56
C ALA C 242 -7.20 25.50 24.32
N ARG C 243 -6.86 26.68 23.78
CA ARG C 243 -5.90 27.56 24.44
C ARG C 243 -6.41 28.26 25.69
N TRP C 244 -7.72 28.18 25.97
CA TRP C 244 -8.31 28.84 27.15
C TRP C 244 -7.76 28.26 28.43
N THR C 245 -7.43 29.11 29.38
CA THR C 245 -6.78 28.74 30.63
C THR C 245 -7.47 29.36 31.85
N ILE C 246 -7.05 28.96 33.04
CA ILE C 246 -7.60 29.50 34.30
C ILE C 246 -6.55 30.30 35.09
N GLN C 247 -6.66 31.61 35.07
CA GLN C 247 -5.64 32.48 35.63
C GLN C 247 -5.58 32.49 37.14
N LYS C 248 -6.69 32.21 37.82
CA LYS C 248 -6.72 32.28 39.29
C LYS C 248 -7.91 31.54 39.84
N VAL C 249 -7.78 31.21 41.12
CA VAL C 249 -8.81 30.47 41.80
C VAL C 249 -9.03 31.11 43.15
N PHE C 250 -10.30 31.29 43.49
CA PHE C 250 -10.63 31.79 44.80
C PHE C 250 -11.47 30.74 45.47
N TYR C 251 -11.09 30.43 46.71
CA TYR C 251 -11.83 29.47 47.50
C TYR C 251 -11.93 29.90 48.93
N GLN C 252 -13.17 30.00 49.40
CA GLN C 252 -13.49 30.30 50.79
C GLN C 252 -12.53 31.26 51.46
N GLY C 253 -12.26 32.38 50.81
CA GLY C 253 -11.51 33.45 51.45
C GLY C 253 -10.08 33.59 51.04
N ARG C 254 -9.55 32.65 50.23
CA ARG C 254 -8.15 32.70 49.82
C ARG C 254 -7.98 32.46 48.33
N TYR C 255 -6.90 33.03 47.79
CA TYR C 255 -6.54 32.85 46.39
C TYR C 255 -5.56 31.69 46.29
N TYR C 256 -5.55 31.07 45.11
CA TYR C 256 -4.60 30.07 44.71
C TYR C 256 -4.39 30.25 43.22
N ASP C 257 -3.27 29.70 42.71
CA ASP C 257 -2.91 29.89 41.30
C ASP C 257 -3.60 28.85 40.41
N SER C 258 -4.02 27.73 41.00
CA SER C 258 -4.68 26.67 40.23
C SER C 258 -5.44 25.70 41.12
N LEU C 259 -6.18 24.80 40.50
CA LEU C 259 -6.95 23.86 41.25
C LEU C 259 -6.03 22.77 41.85
N ALA C 260 -4.91 22.49 41.15
CA ALA C 260 -3.80 21.66 41.65
C ALA C 260 -3.39 22.24 42.98
N GLN C 261 -3.04 23.53 42.94
CA GLN C 261 -2.30 24.18 44.03
C GLN C 261 -3.13 24.18 45.27
N LEU C 262 -4.41 24.42 45.08
CA LEU C 262 -5.37 24.37 46.16
C LEU C 262 -5.43 22.93 46.60
N GLU C 263 -5.86 22.06 45.69
CA GLU C 263 -6.04 20.63 46.02
C GLU C 263 -4.86 20.05 46.85
N ALA C 264 -3.63 20.46 46.47
CA ALA C 264 -2.43 20.18 47.25
C ALA C 264 -2.67 20.63 48.65
N GLN C 265 -2.64 21.93 48.89
CA GLN C 265 -2.84 22.40 50.28
C GLN C 265 -4.00 21.69 50.99
N PHE C 266 -4.97 21.16 50.25
CA PHE C 266 -6.08 20.49 50.88
C PHE C 266 -5.69 19.17 51.45
N GLU C 267 -5.09 18.36 50.58
CA GLU C 267 -4.58 17.05 50.95
C GLU C 267 -3.45 17.17 51.98
N ALA C 268 -2.70 18.27 51.94
CA ALA C 268 -1.73 18.70 53.01
C ALA C 268 -2.34 19.04 54.34
N GLY C 269 -3.67 18.98 54.46
CA GLY C 269 -4.39 19.31 55.69
C GLY C 269 -4.49 20.78 56.14
N LEU C 270 -4.00 21.71 55.31
CA LEU C 270 -4.00 23.13 55.67
C LEU C 270 -4.84 23.93 54.68
N VAL C 271 -6.07 23.50 54.47
CA VAL C 271 -7.10 24.31 53.81
C VAL C 271 -8.41 23.90 54.42
N ASN C 272 -8.98 24.75 55.25
CA ASN C 272 -9.99 24.25 56.14
C ASN C 272 -11.39 24.52 55.65
N VAL C 273 -12.05 23.50 55.13
CA VAL C 273 -13.41 23.64 54.60
C VAL C 273 -14.48 24.10 55.66
N VAL C 274 -15.41 24.96 55.24
CA VAL C 274 -16.67 25.11 55.95
C VAL C 274 -17.71 24.45 55.09
N LEU C 275 -18.55 23.60 55.69
CA LEU C 275 -19.41 22.70 54.91
C LEU C 275 -20.69 23.39 54.48
N ILE C 276 -20.83 23.69 53.19
CA ILE C 276 -22.02 24.39 52.75
C ILE C 276 -23.11 23.35 52.39
N PRO C 277 -24.25 23.38 53.09
CA PRO C 277 -25.25 22.34 52.88
C PRO C 277 -25.85 22.32 51.49
N ASP C 278 -26.43 21.18 51.17
CA ASP C 278 -26.84 20.80 49.84
C ASP C 278 -28.33 21.02 49.65
N ASN C 279 -29.01 21.36 50.74
CA ASN C 279 -30.44 21.11 50.82
C ASN C 279 -30.98 21.72 52.08
N GLY C 280 -32.27 22.00 52.13
CA GLY C 280 -32.91 22.57 53.33
C GLY C 280 -34.34 23.01 53.06
N THR C 281 -34.83 23.94 53.88
CA THR C 281 -36.22 24.42 53.75
C THR C 281 -36.38 25.89 54.12
N GLY C 282 -37.44 26.52 53.64
CA GLY C 282 -37.62 27.94 53.85
C GLY C 282 -37.35 28.72 52.59
N GLY C 283 -37.25 30.02 52.72
CA GLY C 283 -37.07 30.88 51.57
C GLY C 283 -35.70 30.70 50.96
N SER C 284 -34.70 30.37 51.78
CA SER C 284 -33.36 30.11 51.27
C SER C 284 -33.40 29.02 50.24
N TRP C 285 -34.34 28.10 50.38
CA TRP C 285 -34.41 26.94 49.52
C TRP C 285 -35.61 26.90 48.58
N SER C 286 -36.64 27.67 48.86
CA SER C 286 -37.85 27.51 48.09
C SER C 286 -38.55 28.82 47.74
N LEU C 287 -39.43 28.72 46.74
CA LEU C 287 -40.42 29.73 46.44
C LEU C 287 -41.85 29.25 46.71
N LYS C 288 -42.06 27.93 46.85
CA LYS C 288 -43.39 27.38 47.16
C LYS C 288 -43.74 27.65 48.63
N SER C 289 -44.89 28.27 48.85
CA SER C 289 -45.35 28.60 50.19
C SER C 289 -45.84 27.34 50.88
N PRO C 290 -45.61 27.23 52.19
CA PRO C 290 -46.19 26.14 52.95
C PRO C 290 -47.65 26.40 53.38
N VAL C 291 -48.25 27.53 52.97
CA VAL C 291 -49.59 27.90 53.43
C VAL C 291 -50.56 27.84 52.29
N PRO C 292 -51.63 27.04 52.44
CA PRO C 292 -52.59 26.84 51.34
C PRO C 292 -53.42 28.10 51.05
N PRO C 293 -53.94 28.22 49.81
CA PRO C 293 -54.74 29.35 49.37
C PRO C 293 -55.89 29.63 50.31
N GLY C 294 -56.02 30.92 50.68
CA GLY C 294 -57.22 31.40 51.40
C GLY C 294 -58.20 31.98 50.38
N PRO C 295 -59.15 32.79 50.86
CA PRO C 295 -60.09 33.43 49.94
C PRO C 295 -59.39 34.27 48.88
N ALA C 296 -59.92 34.24 47.66
CA ALA C 296 -59.33 34.96 46.52
C ALA C 296 -59.06 36.45 46.83
N PRO C 297 -57.93 37.00 46.34
CA PRO C 297 -57.71 38.44 46.43
C PRO C 297 -58.60 39.21 45.47
N PRO C 298 -58.63 40.55 45.59
CA PRO C 298 -59.46 41.40 44.76
C PRO C 298 -59.16 41.21 43.29
N LEU C 299 -60.19 41.36 42.47
CA LEU C 299 -60.08 41.17 41.04
C LEU C 299 -60.74 42.36 40.38
N GLN C 300 -60.16 42.81 39.27
CA GLN C 300 -60.64 43.98 38.55
C GLN C 300 -61.18 43.56 37.20
N PHE C 301 -62.26 44.17 36.74
CA PHE C 301 -62.82 43.83 35.43
C PHE C 301 -63.50 45.02 34.80
N TYR C 302 -63.83 44.91 33.51
CA TYR C 302 -64.38 46.01 32.73
C TYR C 302 -65.86 45.72 32.45
N PRO C 303 -66.75 46.23 33.31
CA PRO C 303 -68.18 45.86 33.26
C PRO C 303 -68.92 46.16 31.97
N GLN C 304 -68.38 47.02 31.11
CA GLN C 304 -69.03 47.32 29.84
C GLN C 304 -68.05 47.21 28.69
N GLY C 305 -67.17 46.21 28.80
CA GLY C 305 -66.14 46.01 27.79
C GLY C 305 -64.90 46.80 28.11
N PRO C 306 -63.77 46.45 27.47
CA PRO C 306 -62.55 47.19 27.67
C PRO C 306 -62.65 48.51 26.94
N ARG C 307 -61.86 49.50 27.32
CA ARG C 307 -61.98 50.85 26.74
C ARG C 307 -60.74 51.24 25.98
N PHE C 308 -60.01 50.23 25.52
CA PHE C 308 -58.85 50.41 24.67
C PHE C 308 -58.70 49.22 23.75
N SER C 309 -57.91 49.40 22.71
CA SER C 309 -57.64 48.35 21.74
C SER C 309 -56.14 48.24 21.48
N VAL C 310 -55.69 47.03 21.20
CA VAL C 310 -54.33 46.82 20.68
C VAL C 310 -54.39 46.24 19.26
N GLN C 311 -53.92 46.98 18.27
CA GLN C 311 -53.81 46.45 16.91
C GLN C 311 -52.32 46.41 16.53
N GLY C 312 -51.71 45.25 16.67
CA GLY C 312 -50.33 45.10 16.34
C GLY C 312 -49.48 45.75 17.38
N SER C 313 -48.69 46.73 16.97
CA SER C 313 -47.82 47.46 17.88
C SER C 313 -48.49 48.74 18.41
N ARG C 314 -49.72 48.96 18.02
CA ARG C 314 -50.38 50.24 18.20
C ARG C 314 -51.47 50.09 19.26
N VAL C 315 -51.45 50.98 20.26
CA VAL C 315 -52.53 51.07 21.25
C VAL C 315 -53.29 52.35 21.06
N ALA C 316 -54.60 52.25 21.25
CA ALA C 316 -55.51 53.37 21.08
C ALA C 316 -56.55 53.31 22.18
N SER C 317 -56.84 54.48 22.74
CA SER C 317 -57.90 54.64 23.68
C SER C 317 -58.57 55.95 23.43
N SER C 318 -59.56 56.22 24.24
CA SER C 318 -60.20 57.52 24.31
C SER C 318 -59.23 58.71 24.30
N LEU C 319 -58.20 58.64 25.14
CA LEU C 319 -57.28 59.74 25.33
C LEU C 319 -55.94 59.54 24.68
N TRP C 320 -55.46 58.30 24.69
CA TRP C 320 -54.07 58.01 24.34
C TRP C 320 -53.90 57.22 23.05
N THR C 321 -52.77 57.43 22.40
CA THR C 321 -52.39 56.77 21.17
C THR C 321 -50.89 56.65 21.09
N PHE C 322 -50.38 55.43 20.96
CA PHE C 322 -48.94 55.21 20.82
C PHE C 322 -48.66 53.85 20.23
N SER C 323 -47.47 53.73 19.64
CA SER C 323 -46.87 52.47 19.24
C SER C 323 -45.85 52.02 20.31
N PHE C 324 -45.80 50.72 20.58
CA PHE C 324 -44.83 50.15 21.54
C PHE C 324 -43.98 49.03 20.93
N GLY C 325 -43.00 48.56 21.69
CA GLY C 325 -42.04 47.56 21.23
C GLY C 325 -40.88 47.31 22.18
N LEU C 326 -39.93 46.50 21.72
CA LEU C 326 -38.72 46.14 22.46
C LEU C 326 -37.51 46.15 21.57
N GLY C 327 -36.49 46.93 21.92
CA GLY C 327 -35.15 46.71 21.40
C GLY C 327 -34.59 45.45 22.03
N ALA C 328 -33.89 44.65 21.23
CA ALA C 328 -33.27 43.41 21.72
C ALA C 328 -32.35 43.69 22.87
N PHE C 329 -31.56 44.75 22.75
CA PHE C 329 -30.58 45.09 23.77
C PHE C 329 -31.00 46.22 24.66
N SER C 330 -31.54 47.27 24.05
CA SER C 330 -31.94 48.46 24.78
C SER C 330 -33.23 48.25 25.61
N GLY C 331 -34.09 47.32 25.19
CA GLY C 331 -35.31 47.05 25.93
C GLY C 331 -36.50 47.91 25.54
N PRO C 332 -37.48 48.07 26.45
CA PRO C 332 -38.79 48.67 26.14
C PRO C 332 -38.78 50.10 25.58
N ARG C 333 -39.72 50.38 24.69
CA ARG C 333 -39.80 51.68 24.08
C ARG C 333 -41.19 51.99 23.53
N ILE C 334 -41.52 53.28 23.50
CA ILE C 334 -42.81 53.76 23.03
C ILE C 334 -42.57 54.91 22.06
N PHE C 335 -43.45 55.06 21.05
CA PHE C 335 -43.29 56.09 20.03
C PHE C 335 -44.61 56.74 19.68
N ASP C 336 -44.52 57.96 19.13
CA ASP C 336 -45.66 58.72 18.58
C ASP C 336 -46.83 58.76 19.54
N VAL C 337 -46.52 59.17 20.76
CA VAL C 337 -47.47 59.21 21.84
C VAL C 337 -48.32 60.44 21.67
N ARG C 338 -49.64 60.25 21.64
CA ARG C 338 -50.57 61.32 21.37
C ARG C 338 -51.71 61.39 22.35
N PHE C 339 -51.79 62.52 23.03
CA PHE C 339 -52.87 62.77 23.96
C PHE C 339 -53.93 63.51 23.23
N GLN C 340 -55.12 62.96 23.23
CA GLN C 340 -56.24 63.52 22.50
C GLN C 340 -55.78 64.06 21.15
N GLY C 341 -55.08 63.19 20.42
CA GLY C 341 -54.71 63.48 19.04
C GLY C 341 -53.44 64.28 18.84
N GLU C 342 -52.86 64.81 19.89
CA GLU C 342 -51.69 65.65 19.74
C GLU C 342 -50.44 64.95 20.24
N ARG C 343 -49.34 65.06 19.49
CA ARG C 343 -48.12 64.38 19.88
C ARG C 343 -47.44 65.09 21.03
N LEU C 344 -47.11 64.31 22.07
CA LEU C 344 -46.31 64.81 23.22
C LEU C 344 -44.88 64.38 23.05
N VAL C 345 -44.71 63.09 22.77
CA VAL C 345 -43.39 62.52 22.66
C VAL C 345 -43.26 61.76 21.37
N TYR C 346 -42.12 61.96 20.70
CA TYR C 346 -41.74 61.17 19.55
C TYR C 346 -41.25 59.80 20.00
N GLU C 347 -40.45 59.78 21.06
CA GLU C 347 -39.86 58.52 21.54
C GLU C 347 -39.55 58.56 23.05
N ILE C 348 -39.93 57.48 23.75
CA ILE C 348 -39.40 57.24 25.09
C ILE C 348 -38.94 55.83 25.15
N SER C 349 -37.64 55.63 25.35
CA SER C 349 -37.07 54.30 25.31
C SER C 349 -36.11 54.07 26.42
N LEU C 350 -36.15 52.88 27.03
CA LEU C 350 -35.09 52.45 27.94
C LEU C 350 -33.81 52.39 27.14
N GLN C 351 -32.71 52.81 27.76
CA GLN C 351 -31.45 52.96 27.07
C GLN C 351 -30.36 52.00 27.59
N GLU C 352 -30.33 51.82 28.91
CA GLU C 352 -29.36 50.96 29.53
C GLU C 352 -29.77 50.73 30.97
N ALA C 353 -29.27 49.65 31.55
CA ALA C 353 -29.40 49.38 32.98
C ALA C 353 -28.04 48.92 33.49
N LEU C 354 -27.79 49.18 34.76
CA LEU C 354 -26.46 49.09 35.36
C LEU C 354 -26.54 48.60 36.79
N ALA C 355 -25.71 47.64 37.16
CA ALA C 355 -25.66 47.15 38.52
C ALA C 355 -24.21 47.06 38.94
N ILE C 356 -23.82 47.85 39.93
CA ILE C 356 -22.46 47.91 40.37
C ILE C 356 -22.38 47.30 41.73
N TYR C 357 -21.49 46.35 41.95
CA TYR C 357 -21.45 45.55 43.15
C TYR C 357 -20.23 45.85 44.02
N GLY C 358 -20.31 45.41 45.27
CA GLY C 358 -19.14 45.38 46.15
C GLY C 358 -19.20 44.05 46.83
N GLY C 359 -18.07 43.59 47.35
CA GLY C 359 -18.04 42.28 48.00
C GLY C 359 -16.77 41.89 48.69
N ASN C 360 -16.80 40.77 49.40
CA ASN C 360 -15.56 40.26 50.02
C ASN C 360 -14.79 39.31 49.07
N SER C 361 -15.40 38.90 47.95
CA SER C 361 -14.83 37.99 46.96
C SER C 361 -14.59 38.72 45.63
N PRO C 362 -13.89 38.09 44.68
CA PRO C 362 -13.53 38.75 43.42
C PRO C 362 -14.68 38.97 42.48
N ALA C 363 -15.59 38.01 42.42
CA ALA C 363 -16.79 38.14 41.57
C ALA C 363 -17.55 39.39 41.97
N ALA C 364 -18.07 39.37 43.20
CA ALA C 364 -18.83 40.48 43.74
C ALA C 364 -18.06 41.79 43.61
N MET C 365 -16.80 41.82 44.02
CA MET C 365 -16.14 43.11 44.14
C MET C 365 -15.71 43.76 42.85
N THR C 366 -15.84 43.06 41.74
CA THR C 366 -15.49 43.64 40.45
C THR C 366 -16.61 43.60 39.44
N THR C 367 -17.77 43.09 39.82
CA THR C 367 -18.90 42.99 38.90
C THR C 367 -19.51 44.37 38.60
N ARG C 368 -19.61 44.70 37.32
CA ARG C 368 -20.34 45.85 36.86
C ARG C 368 -21.10 45.44 35.61
N TYR C 369 -22.36 45.04 35.82
CA TYR C 369 -23.19 44.64 34.72
C TYR C 369 -23.71 45.87 34.00
N VAL C 370 -23.46 45.92 32.70
CA VAL C 370 -24.05 46.88 31.80
C VAL C 370 -25.04 46.03 31.02
N ASP C 371 -26.21 45.85 31.60
CA ASP C 371 -27.17 44.83 31.16
C ASP C 371 -27.56 44.84 29.70
N GLY C 372 -27.46 45.97 29.04
CA GLY C 372 -27.65 46.05 27.60
C GLY C 372 -26.70 45.17 26.81
N GLY C 373 -25.49 44.94 27.33
CA GLY C 373 -24.54 43.98 26.76
C GLY C 373 -25.03 42.52 26.72
N PHE C 374 -26.04 42.21 27.52
CA PHE C 374 -26.76 40.97 27.44
C PHE C 374 -28.05 41.15 26.65
N GLY C 375 -28.87 42.09 27.07
CA GLY C 375 -30.07 42.47 26.31
C GLY C 375 -31.40 42.47 27.08
N MET C 376 -31.97 43.64 27.31
CA MET C 376 -33.21 43.73 28.10
C MET C 376 -34.42 43.15 27.35
N GLY C 377 -34.42 43.32 26.04
CA GLY C 377 -35.40 42.63 25.21
C GLY C 377 -35.12 41.15 25.06
N LYS C 378 -33.86 40.82 24.73
CA LYS C 378 -33.46 39.44 24.58
C LYS C 378 -33.83 38.62 25.80
N TYR C 379 -33.79 39.20 26.97
CA TYR C 379 -34.14 38.42 28.15
C TYR C 379 -35.52 38.80 28.72
N THR C 380 -36.43 39.29 27.88
CA THR C 380 -37.78 39.49 28.35
C THR C 380 -38.34 38.14 28.65
N THR C 381 -39.00 38.03 29.79
CA THR C 381 -39.69 36.82 30.17
C THR C 381 -41.18 36.98 30.02
N PRO C 382 -41.91 35.86 29.93
CA PRO C 382 -43.36 35.91 29.84
C PRO C 382 -44.00 36.44 31.10
N LEU C 383 -45.11 37.14 30.94
CA LEU C 383 -45.82 37.70 32.05
C LEU C 383 -46.87 36.68 32.52
N THR C 384 -46.79 36.26 33.77
CA THR C 384 -47.79 35.38 34.36
C THR C 384 -49.10 36.12 34.71
N ARG C 385 -50.20 35.74 34.05
CA ARG C 385 -51.51 36.38 34.22
C ARG C 385 -52.03 36.36 35.62
N GLY C 386 -52.24 37.55 36.21
CA GLY C 386 -52.72 37.66 37.59
C GLY C 386 -51.65 37.77 38.65
N VAL C 387 -50.38 37.66 38.26
CA VAL C 387 -49.25 37.95 39.14
C VAL C 387 -48.55 39.16 38.56
N ASP C 388 -48.04 39.00 37.35
CA ASP C 388 -47.23 40.05 36.76
C ASP C 388 -48.02 41.25 36.31
N CYS C 389 -49.22 40.98 35.81
CA CYS C 389 -50.20 42.01 35.48
C CYS C 389 -51.53 41.49 35.98
N PRO C 390 -52.59 42.30 35.89
CA PRO C 390 -53.90 41.82 36.26
C PRO C 390 -54.37 40.76 35.31
N TYR C 391 -55.06 39.76 35.85
CA TYR C 391 -55.54 38.64 35.07
C TYR C 391 -56.13 39.10 33.76
N LEU C 392 -57.00 40.09 33.81
CA LEU C 392 -57.75 40.51 32.63
C LEU C 392 -57.02 41.52 31.75
N ALA C 393 -55.73 41.69 31.94
CA ALA C 393 -54.93 42.50 31.02
C ALA C 393 -54.95 41.90 29.61
N THR C 394 -54.56 42.68 28.63
CA THR C 394 -54.31 42.15 27.29
C THR C 394 -52.83 41.79 27.13
N TYR C 395 -52.54 40.51 26.92
CA TYR C 395 -51.17 40.02 26.78
C TYR C 395 -50.75 39.90 25.30
N VAL C 396 -49.47 40.17 25.04
CA VAL C 396 -48.98 40.30 23.67
C VAL C 396 -47.63 39.64 23.53
N ASP C 397 -47.44 38.97 22.40
CA ASP C 397 -46.23 38.20 22.15
C ASP C 397 -45.18 39.05 21.48
N TRP C 398 -43.92 38.72 21.75
CA TRP C 398 -42.78 39.34 21.07
C TRP C 398 -42.05 38.32 20.21
N HIS C 399 -41.72 38.72 18.99
CA HIS C 399 -40.95 37.88 18.10
C HIS C 399 -39.55 38.46 17.96
N PHE C 400 -38.56 37.58 17.92
CA PHE C 400 -37.18 37.95 17.81
C PHE C 400 -36.33 36.93 17.05
N LEU C 401 -35.18 37.38 16.61
CA LEU C 401 -34.22 36.51 16.02
C LEU C 401 -32.91 36.91 16.68
N LEU C 402 -32.42 36.09 17.62
CA LEU C 402 -31.17 36.37 18.33
C LEU C 402 -30.43 35.09 18.66
N GLU C 403 -29.14 35.03 18.29
CA GLU C 403 -28.30 33.84 18.45
C GLU C 403 -28.94 32.57 17.91
N SER C 404 -29.58 32.69 16.75
CA SER C 404 -30.16 31.54 16.07
C SER C 404 -30.44 31.86 14.60
N GLN C 405 -30.96 30.86 13.89
CA GLN C 405 -31.19 31.00 12.45
C GLN C 405 -32.67 31.19 12.12
N ALA C 406 -33.55 30.62 12.93
CA ALA C 406 -34.98 30.85 12.80
C ALA C 406 -35.44 31.80 13.91
N PRO C 407 -36.42 32.69 13.60
CA PRO C 407 -36.99 33.54 14.64
C PRO C 407 -37.78 32.74 15.66
N LYS C 408 -37.79 33.23 16.90
CA LYS C 408 -38.55 32.60 17.97
C LYS C 408 -39.58 33.61 18.52
N THR C 409 -40.32 33.21 19.54
CA THR C 409 -41.34 34.06 20.15
C THR C 409 -41.26 34.03 21.67
N ILE C 410 -41.34 35.18 22.32
CA ILE C 410 -41.69 35.19 23.75
C ILE C 410 -43.17 35.48 23.91
N ARG C 411 -43.90 34.48 24.36
CA ARG C 411 -45.34 34.60 24.50
C ARG C 411 -45.64 35.44 25.74
N ASP C 412 -46.58 36.38 25.61
CA ASP C 412 -46.99 37.26 26.69
C ASP C 412 -45.80 38.13 27.15
N ALA C 413 -45.05 38.62 26.19
CA ALA C 413 -43.91 39.46 26.50
C ALA C 413 -44.37 40.78 27.12
N PHE C 414 -45.43 41.34 26.54
CA PHE C 414 -46.03 42.59 27.04
C PHE C 414 -47.39 42.39 27.66
N CYS C 415 -47.77 43.26 28.59
CA CYS C 415 -49.17 43.33 28.97
C CYS C 415 -49.66 44.78 28.96
N VAL C 416 -50.94 44.95 28.64
CA VAL C 416 -51.56 46.26 28.50
C VAL C 416 -52.93 46.23 29.16
N PHE C 417 -53.21 47.21 30.00
CA PHE C 417 -54.40 47.16 30.80
C PHE C 417 -54.71 48.49 31.41
N GLU C 418 -55.97 48.66 31.81
CA GLU C 418 -56.42 49.81 32.58
C GLU C 418 -56.53 49.40 34.00
N GLN C 419 -56.03 50.24 34.88
CA GLN C 419 -56.10 50.00 36.32
C GLN C 419 -56.85 51.12 37.00
N ASN C 420 -57.86 50.77 37.77
CA ASN C 420 -58.48 51.69 38.67
C ASN C 420 -57.55 51.80 39.84
N GLN C 421 -57.01 52.99 40.04
CA GLN C 421 -56.04 53.25 41.08
C GLN C 421 -56.62 53.31 42.47
N GLY C 422 -57.95 53.43 42.58
CA GLY C 422 -58.63 53.45 43.88
C GLY C 422 -58.30 54.69 44.67
N LEU C 423 -58.41 55.82 44.01
CA LEU C 423 -57.78 57.03 44.45
C LEU C 423 -58.24 58.10 43.46
N PRO C 424 -58.72 59.24 43.96
CA PRO C 424 -59.23 60.23 43.03
C PRO C 424 -58.12 60.95 42.24
N LEU C 425 -58.35 61.12 40.94
CA LEU C 425 -57.54 62.01 40.16
C LEU C 425 -57.69 63.40 40.74
N ARG C 426 -58.94 63.76 41.02
CA ARG C 426 -59.26 65.08 41.58
C ARG C 426 -60.57 65.05 42.37
N ARG C 427 -60.71 66.00 43.28
CA ARG C 427 -61.86 66.01 44.11
C ARG C 427 -62.01 67.31 44.82
N HIS C 428 -63.26 67.78 44.94
CA HIS C 428 -63.59 68.80 45.92
C HIS C 428 -64.97 68.58 46.55
N HIS C 429 -65.04 68.69 47.88
CA HIS C 429 -66.30 68.66 48.63
C HIS C 429 -66.55 70.05 49.23
N SER C 430 -67.61 70.70 48.79
CA SER C 430 -67.95 72.03 49.30
C SER C 430 -69.14 72.04 50.27
N ASP C 431 -68.79 72.28 51.54
CA ASP C 431 -69.72 72.62 52.58
C ASP C 431 -69.77 74.13 52.74
N LEU C 432 -69.02 74.88 51.96
CA LEU C 432 -68.94 76.32 52.19
C LEU C 432 -69.62 77.21 51.12
N TYR C 433 -70.71 77.87 51.51
CA TYR C 433 -71.50 78.79 50.66
C TYR C 433 -72.36 78.15 49.59
N SER C 434 -71.80 77.22 48.82
CA SER C 434 -72.57 76.42 47.89
C SER C 434 -72.27 74.97 48.20
N HIS C 435 -73.29 74.14 48.22
CA HIS C 435 -73.12 72.75 48.57
C HIS C 435 -73.02 71.93 47.28
N TYR C 436 -71.82 71.44 46.96
CA TYR C 436 -71.62 70.62 45.78
C TYR C 436 -70.41 69.71 45.93
N PHE C 437 -70.39 68.64 45.12
CA PHE C 437 -69.25 67.75 45.04
C PHE C 437 -68.89 67.56 43.59
N GLY C 438 -67.59 67.44 43.32
CA GLY C 438 -67.07 67.22 41.98
C GLY C 438 -65.75 66.52 42.03
N GLY C 439 -65.69 65.34 41.43
CA GLY C 439 -64.47 64.53 41.40
C GLY C 439 -64.43 63.53 40.27
N LEU C 440 -63.41 62.70 40.27
CA LEU C 440 -63.15 61.75 39.21
C LEU C 440 -62.15 60.74 39.72
N ALA C 441 -62.54 59.47 39.76
CA ALA C 441 -61.61 58.43 40.18
C ALA C 441 -60.53 58.24 39.09
N GLU C 442 -59.30 57.95 39.52
CA GLU C 442 -58.19 57.80 38.58
C GLU C 442 -58.09 56.41 38.01
N THR C 443 -58.18 56.33 36.69
CA THR C 443 -57.95 55.10 36.00
C THR C 443 -56.81 55.34 35.03
N VAL C 444 -55.77 54.53 35.14
CA VAL C 444 -54.58 54.69 34.31
C VAL C 444 -54.51 53.60 33.26
N LEU C 445 -53.75 53.86 32.21
CA LEU C 445 -53.43 52.88 31.19
C LEU C 445 -51.96 52.48 31.34
N VAL C 446 -51.69 51.19 31.51
CA VAL C 446 -50.32 50.68 31.74
C VAL C 446 -49.78 49.87 30.54
N VAL C 447 -48.47 49.91 30.37
CA VAL C 447 -47.79 48.99 29.44
C VAL C 447 -46.60 48.49 30.18
N ARG C 448 -46.42 47.17 30.19
CA ARG C 448 -45.38 46.54 30.98
C ARG C 448 -44.71 45.38 30.30
N SER C 449 -43.39 45.29 30.49
CA SER C 449 -42.56 44.12 30.16
C SER C 449 -41.74 43.81 31.37
N MET C 450 -41.20 42.60 31.43
CA MET C 450 -40.21 42.23 32.46
C MET C 450 -39.00 41.55 31.87
N SER C 451 -37.83 41.98 32.31
CA SER C 451 -36.57 41.39 31.90
C SER C 451 -35.98 40.64 33.08
N THR C 452 -35.70 39.35 32.88
CA THR C 452 -35.00 38.57 33.88
C THR C 452 -33.58 38.31 33.42
N LEU C 453 -32.68 39.04 34.06
CA LEU C 453 -31.29 39.00 33.75
C LEU C 453 -30.64 38.30 34.91
N LEU C 454 -30.24 37.05 34.63
CA LEU C 454 -29.61 36.20 35.62
C LEU C 454 -30.48 36.16 36.88
N ASN C 455 -29.99 36.69 37.99
CA ASN C 455 -30.74 36.63 39.25
C ASN C 455 -31.94 37.57 39.38
N TPQ C 456 -31.86 38.83 38.86
CA TPQ C 456 -32.98 39.79 39.07
CB TPQ C 456 -32.62 41.24 39.48
C TPQ C 456 -33.91 39.87 37.88
O TPQ C 456 -33.52 39.72 36.74
C1 TPQ C 456 -31.30 41.68 38.96
C2 TPQ C 456 -30.29 42.15 39.93
O2 TPQ C 456 -30.56 42.21 41.16
C3 TPQ C 456 -28.94 42.55 39.44
C4 TPQ C 456 -28.69 42.49 38.08
O4 TPQ C 456 -27.59 42.82 37.63
C5 TPQ C 456 -29.73 42.02 37.13
O5 TPQ C 456 -29.46 41.98 35.92
C6 TPQ C 456 -31.06 41.61 37.60
N ASP C 457 -35.17 40.16 38.22
CA ASP C 457 -36.18 40.60 37.29
C ASP C 457 -36.49 42.12 37.44
N TYR C 458 -36.30 42.84 36.34
CA TYR C 458 -36.69 44.21 36.23
C TYR C 458 -38.10 44.28 35.60
N VAL C 459 -38.95 45.14 36.17
CA VAL C 459 -40.27 45.43 35.65
C VAL C 459 -40.11 46.81 35.04
N TRP C 460 -40.69 46.99 33.85
CA TRP C 460 -40.67 48.26 33.15
C TRP C 460 -42.08 48.71 32.93
N ASP C 461 -42.51 49.69 33.71
CA ASP C 461 -43.83 50.31 33.59
C ASP C 461 -43.80 51.60 32.80
N THR C 462 -44.78 51.79 31.95
CA THR C 462 -45.10 53.09 31.43
C THR C 462 -46.58 53.31 31.70
N VAL C 463 -46.89 54.32 32.49
CA VAL C 463 -48.27 54.56 32.94
C VAL C 463 -48.83 55.87 32.40
N PHE C 464 -49.95 55.79 31.72
CA PHE C 464 -50.52 56.95 31.06
C PHE C 464 -51.70 57.43 31.88
N HIS C 465 -51.62 58.68 32.32
CA HIS C 465 -52.61 59.22 33.24
C HIS C 465 -53.64 60.07 32.50
N PRO C 466 -54.85 60.14 33.05
CA PRO C 466 -55.96 60.86 32.41
C PRO C 466 -55.78 62.39 32.41
N SER C 467 -54.80 62.88 33.17
CA SER C 467 -54.44 64.29 33.26
C SER C 467 -53.59 64.80 32.08
N GLY C 468 -53.13 63.88 31.24
CA GLY C 468 -52.13 64.18 30.23
C GLY C 468 -50.70 63.83 30.64
N ALA C 469 -50.53 63.31 31.85
CA ALA C 469 -49.20 62.96 32.38
C ALA C 469 -48.75 61.57 31.93
N ILE C 470 -47.46 61.42 31.73
CA ILE C 470 -46.86 60.11 31.50
C ILE C 470 -45.93 59.83 32.66
N GLU C 471 -45.91 58.59 33.10
CA GLU C 471 -45.05 58.16 34.19
C GLU C 471 -44.27 56.95 33.73
N ILE C 472 -42.95 56.99 33.95
CA ILE C 472 -42.07 55.87 33.64
C ILE C 472 -41.49 55.39 34.94
N ARG C 473 -41.72 54.12 35.25
CA ARG C 473 -41.22 53.51 36.48
C ARG C 473 -40.44 52.23 36.19
N PHE C 474 -39.53 51.89 37.08
CA PHE C 474 -38.90 50.58 37.03
C PHE C 474 -38.62 50.02 38.44
N TYR C 475 -38.95 48.74 38.61
CA TYR C 475 -38.76 48.05 39.86
C TYR C 475 -37.79 46.93 39.63
N ALA C 476 -36.95 46.64 40.63
CA ALA C 476 -36.08 45.47 40.62
C ALA C 476 -36.64 44.49 41.62
N THR C 477 -36.82 43.26 41.18
CA THR C 477 -37.28 42.19 42.04
C THR C 477 -36.46 40.94 41.70
N GLY C 478 -36.94 39.78 42.11
CA GLY C 478 -36.29 38.53 41.82
C GLY C 478 -35.32 38.20 42.91
N TYR C 479 -34.28 37.45 42.55
CA TYR C 479 -33.32 36.95 43.50
C TYR C 479 -32.18 37.95 43.63
N ILE C 480 -31.68 38.12 44.85
CA ILE C 480 -30.45 38.86 45.01
C ILE C 480 -29.31 37.95 44.58
N SER C 481 -28.14 38.53 44.35
CA SER C 481 -26.94 37.76 44.12
C SER C 481 -26.19 37.62 45.43
N SER C 482 -25.66 36.43 45.71
CA SER C 482 -25.03 36.18 47.01
C SER C 482 -23.62 35.61 46.90
N ALA C 483 -22.91 35.62 48.03
CA ALA C 483 -21.57 35.10 48.08
C ALA C 483 -21.42 34.31 49.36
N PHE C 484 -20.36 33.51 49.43
CA PHE C 484 -20.08 32.74 50.62
C PHE C 484 -19.54 33.67 51.69
N LEU C 485 -20.01 33.49 52.92
CA LEU C 485 -19.68 34.42 54.00
C LEU C 485 -18.39 34.01 54.73
N PHE C 486 -17.45 34.93 54.84
CA PHE C 486 -16.25 34.73 55.69
C PHE C 486 -15.73 36.07 56.24
N GLY C 490 -18.79 43.39 58.39
CA GLY C 490 -19.80 43.91 57.45
C GLY C 490 -19.50 45.27 56.78
N LYS C 491 -18.41 45.34 56.03
CA LYS C 491 -18.23 46.41 55.07
C LYS C 491 -19.00 46.10 53.78
N TYR C 492 -19.41 44.86 53.52
CA TYR C 492 -19.84 44.50 52.16
C TYR C 492 -21.24 43.97 52.06
N GLY C 493 -22.02 44.13 53.12
CA GLY C 493 -23.40 43.69 53.12
C GLY C 493 -23.83 43.04 54.41
N ASN C 494 -24.95 42.36 54.36
CA ASN C 494 -25.51 41.72 55.52
C ASN C 494 -25.60 40.24 55.28
N GLN C 495 -25.56 39.48 56.37
CA GLN C 495 -25.80 38.07 56.31
C GLN C 495 -27.28 37.87 56.21
N VAL C 496 -27.72 37.19 55.16
CA VAL C 496 -29.12 37.01 54.87
C VAL C 496 -29.60 35.57 55.08
N SER C 497 -28.67 34.64 55.09
CA SER C 497 -28.98 33.27 55.50
C SER C 497 -27.72 32.52 55.95
N GLU C 498 -27.87 31.24 56.32
CA GLU C 498 -26.73 30.46 56.80
C GLU C 498 -25.60 30.51 55.76
N HIS C 499 -24.45 31.06 56.16
CA HIS C 499 -23.27 31.19 55.28
C HIS C 499 -23.41 32.11 54.06
N THR C 500 -24.44 32.98 54.01
CA THR C 500 -24.67 33.79 52.81
C THR C 500 -24.55 35.28 53.06
N LEU C 501 -23.62 35.92 52.35
CA LEU C 501 -23.49 37.37 52.31
C LEU C 501 -24.38 37.84 51.20
N GLY C 502 -25.31 38.73 51.52
CA GLY C 502 -26.10 39.44 50.50
C GLY C 502 -25.28 40.65 50.07
N THR C 503 -24.78 40.65 48.85
CA THR C 503 -23.76 41.61 48.47
C THR C 503 -24.40 42.95 48.12
N VAL C 504 -23.84 44.01 48.71
CA VAL C 504 -24.25 45.38 48.45
C VAL C 504 -24.06 45.73 46.99
N HIS C 505 -24.95 46.57 46.46
CA HIS C 505 -24.83 47.02 45.08
C HIS C 505 -25.79 48.15 44.82
N THR C 506 -25.65 48.79 43.68
CA THR C 506 -26.58 49.84 43.24
C THR C 506 -27.22 49.45 41.92
N HIS C 507 -28.49 49.84 41.77
CA HIS C 507 -29.17 49.75 40.50
C HIS C 507 -29.33 51.14 39.93
N SER C 508 -29.24 51.24 38.61
CA SER C 508 -29.58 52.45 37.89
C SER C 508 -29.90 52.19 36.43
N ALA C 509 -30.73 53.06 35.85
CA ALA C 509 -31.30 52.85 34.54
C ALA C 509 -31.34 54.18 33.86
N HIS C 510 -31.17 54.17 32.53
CA HIS C 510 -31.14 55.39 31.72
C HIS C 510 -32.27 55.38 30.74
N PHE C 511 -32.90 56.54 30.55
CA PHE C 511 -34.01 56.64 29.62
C PHE C 511 -33.82 57.79 28.68
N LYS C 512 -34.13 57.56 27.41
CA LYS C 512 -34.15 58.60 26.39
C LYS C 512 -35.58 59.09 26.29
N VAL C 513 -35.74 60.39 26.42
CA VAL C 513 -37.06 61.00 26.40
C VAL C 513 -37.02 62.07 25.35
N ASP C 514 -37.55 61.79 24.16
CA ASP C 514 -37.60 62.78 23.10
C ASP C 514 -38.97 63.41 23.02
N LEU C 515 -39.18 64.36 23.94
CA LEU C 515 -40.36 65.19 23.93
C LEU C 515 -40.28 66.11 22.77
N ASP C 516 -41.40 66.30 22.11
CA ASP C 516 -41.54 67.34 21.09
C ASP C 516 -42.72 68.21 21.48
N VAL C 517 -42.53 69.13 22.42
CA VAL C 517 -43.67 69.84 23.04
C VAL C 517 -44.27 70.84 22.06
N ALA C 518 -45.49 70.59 21.62
CA ALA C 518 -46.16 71.48 20.68
C ALA C 518 -45.27 71.84 19.48
N GLY C 519 -44.66 70.83 18.85
CA GLY C 519 -43.69 71.01 17.76
C GLY C 519 -42.28 70.56 18.14
N LEU C 520 -41.35 70.62 17.20
CA LEU C 520 -39.97 70.21 17.43
C LEU C 520 -39.20 71.21 18.26
N GLU C 521 -39.24 72.46 17.86
CA GLU C 521 -38.43 73.51 18.50
C GLU C 521 -38.85 73.69 19.94
N ASN C 522 -37.94 73.42 20.86
CA ASN C 522 -38.24 73.53 22.30
C ASN C 522 -37.14 74.29 23.02
N TRP C 523 -37.48 74.82 24.19
CA TRP C 523 -36.52 75.51 25.07
C TRP C 523 -36.62 74.85 26.44
N VAL C 524 -35.60 75.04 27.27
CA VAL C 524 -35.59 74.44 28.59
C VAL C 524 -35.72 75.50 29.67
N TRP C 525 -36.66 75.30 30.58
CA TRP C 525 -36.91 76.27 31.62
C TRP C 525 -36.67 75.68 33.01
N ALA C 526 -36.02 76.46 33.88
CA ALA C 526 -35.91 76.11 35.28
C ALA C 526 -36.61 77.17 36.13
N GLU C 527 -37.53 76.73 36.99
CA GLU C 527 -38.19 77.62 37.94
C GLU C 527 -38.03 77.11 39.37
N ASP C 528 -37.86 78.02 40.31
CA ASP C 528 -37.75 77.62 41.72
C ASP C 528 -38.32 78.70 42.62
N MET C 529 -38.05 78.61 43.91
CA MET C 529 -38.56 79.56 44.89
C MET C 529 -37.44 80.28 45.65
N VAL C 530 -37.77 81.41 46.22
CA VAL C 530 -36.87 82.15 47.06
C VAL C 530 -37.69 83.07 47.98
N PHE C 531 -37.15 83.38 49.15
CA PHE C 531 -37.76 84.33 50.06
C PHE C 531 -36.97 85.62 50.09
N VAL C 532 -37.66 86.74 50.13
CA VAL C 532 -37.01 88.05 50.15
C VAL C 532 -37.59 88.91 51.30
N PRO C 533 -36.72 89.28 52.26
CA PRO C 533 -37.10 90.17 53.33
C PRO C 533 -37.62 91.49 52.83
N MET C 534 -38.61 92.02 53.53
CA MET C 534 -39.36 93.20 53.07
C MET C 534 -40.08 93.84 54.24
N ALA C 535 -40.16 95.17 54.18
CA ALA C 535 -41.01 95.91 55.08
C ALA C 535 -42.45 95.58 54.75
N VAL C 536 -43.27 95.37 55.77
CA VAL C 536 -44.70 95.21 55.54
C VAL C 536 -45.27 96.54 55.00
N PRO C 537 -45.85 96.51 53.79
CA PRO C 537 -46.34 97.72 53.15
C PRO C 537 -47.24 98.56 54.07
N TRP C 538 -48.18 97.91 54.75
CA TRP C 538 -49.10 98.64 55.62
C TRP C 538 -48.61 98.73 57.06
N SER C 539 -47.34 98.43 57.33
CA SER C 539 -46.81 98.58 58.69
C SER C 539 -45.29 98.43 58.73
N PRO C 540 -44.57 99.39 58.11
CA PRO C 540 -43.14 99.21 57.76
C PRO C 540 -42.23 99.04 58.96
N GLU C 541 -42.72 99.33 60.16
CA GLU C 541 -42.00 98.95 61.38
C GLU C 541 -41.80 97.41 61.42
N HIS C 542 -42.47 96.67 60.55
CA HIS C 542 -42.38 95.20 60.54
C HIS C 542 -41.81 94.58 59.26
N GLN C 543 -41.34 93.36 59.43
CA GLN C 543 -40.60 92.64 58.42
C GLN C 543 -41.36 91.39 57.99
N LEU C 544 -41.55 91.18 56.70
CA LEU C 544 -42.12 89.90 56.22
C LEU C 544 -41.13 89.25 55.27
N GLN C 545 -41.24 87.92 55.14
CA GLN C 545 -40.46 87.12 54.18
C GLN C 545 -41.28 86.82 52.93
N ARG C 546 -40.98 87.52 51.84
CA ARG C 546 -41.83 87.54 50.67
C ARG C 546 -41.46 86.40 49.75
N LEU C 547 -42.29 85.38 49.67
CA LEU C 547 -42.05 84.25 48.80
C LEU C 547 -42.19 84.63 47.36
N GLN C 548 -41.22 84.28 46.54
CA GLN C 548 -41.21 84.61 45.11
C GLN C 548 -40.76 83.44 44.27
N VAL C 549 -41.13 83.46 42.99
CA VAL C 549 -40.67 82.47 42.02
C VAL C 549 -39.43 83.01 41.30
N THR C 550 -38.38 82.20 41.25
CA THR C 550 -37.24 82.43 40.35
C THR C 550 -37.37 81.61 39.06
N ARG C 551 -37.00 82.22 37.95
CA ARG C 551 -37.11 81.58 36.62
C ARG C 551 -35.87 81.86 35.74
N LYS C 552 -35.36 80.81 35.14
CA LYS C 552 -34.19 80.92 34.26
C LYS C 552 -34.37 80.08 33.01
N LEU C 553 -33.99 80.61 31.87
CA LEU C 553 -33.95 79.82 30.64
C LEU C 553 -32.56 79.19 30.57
N LEU C 554 -32.51 77.89 30.35
CA LEU C 554 -31.24 77.18 30.22
C LEU C 554 -30.80 77.12 28.74
N GLU C 555 -29.72 77.83 28.42
CA GLU C 555 -29.39 78.19 27.05
C GLU C 555 -28.50 77.15 26.41
N MET C 556 -27.41 76.84 27.10
CA MET C 556 -26.37 75.94 26.57
C MET C 556 -26.55 74.53 27.16
N GLU C 557 -26.17 73.50 26.41
CA GLU C 557 -26.27 72.12 26.88
C GLU C 557 -25.73 71.91 28.28
N GLU C 558 -24.60 72.55 28.55
CA GLU C 558 -23.90 72.30 29.82
C GLU C 558 -24.73 72.76 31.02
N GLN C 559 -25.56 73.77 30.84
CA GLN C 559 -26.44 74.28 31.89
C GLN C 559 -27.60 73.32 32.20
N ALA C 560 -27.89 72.40 31.28
CA ALA C 560 -28.99 71.45 31.44
C ALA C 560 -28.50 70.09 31.85
N ALA C 561 -27.24 70.00 32.24
CA ALA C 561 -26.63 68.74 32.57
C ALA C 561 -26.44 68.70 34.07
N PHE C 562 -27.32 68.02 34.78
CA PHE C 562 -27.26 67.95 36.23
C PHE C 562 -26.58 66.67 36.77
N LEU C 563 -25.41 66.87 37.37
CA LEU C 563 -24.66 65.75 37.94
C LEU C 563 -25.39 65.22 39.16
N VAL C 564 -25.18 63.95 39.47
CA VAL C 564 -25.76 63.33 40.65
C VAL C 564 -25.15 63.95 41.89
N GLY C 565 -26.00 64.33 42.84
CA GLY C 565 -25.57 65.07 44.03
C GLY C 565 -25.75 66.59 43.94
N SER C 566 -25.73 67.15 42.73
CA SER C 566 -26.06 68.56 42.54
C SER C 566 -27.50 68.90 42.97
N ALA C 567 -27.67 70.16 43.35
CA ALA C 567 -29.00 70.74 43.58
C ALA C 567 -29.66 70.87 42.22
N THR C 568 -30.94 70.60 42.19
CA THR C 568 -31.69 70.52 40.95
C THR C 568 -32.92 71.45 41.05
N PRO C 569 -33.20 72.21 39.99
CA PRO C 569 -34.39 73.07 40.01
C PRO C 569 -35.63 72.30 40.39
N ARG C 570 -36.46 72.87 41.24
CA ARG C 570 -37.68 72.19 41.68
C ARG C 570 -38.68 72.03 40.54
N TYR C 571 -38.66 72.94 39.59
CA TYR C 571 -39.52 72.84 38.42
C TYR C 571 -38.59 72.92 37.22
N LEU C 572 -38.54 71.86 36.42
CA LEU C 572 -37.76 71.89 35.23
C LEU C 572 -38.62 71.40 34.10
N TYR C 573 -38.67 72.13 33.00
CA TYR C 573 -39.56 71.75 31.95
C TYR C 573 -39.06 72.15 30.60
N LEU C 574 -39.51 71.43 29.59
CA LEU C 574 -39.23 71.74 28.20
C LEU C 574 -40.48 72.34 27.60
N ALA C 575 -40.33 73.42 26.84
CA ALA C 575 -41.50 74.14 26.36
C ALA C 575 -41.36 74.65 24.96
N SER C 576 -42.48 74.89 24.33
CA SER C 576 -42.53 75.49 23.03
C SER C 576 -42.45 77.00 23.05
N ASN C 577 -42.13 77.51 21.88
CA ASN C 577 -42.23 78.90 21.50
C ASN C 577 -43.63 79.47 21.76
N HIS C 578 -44.64 78.67 21.44
CA HIS C 578 -46.03 79.08 21.48
C HIS C 578 -46.58 78.98 22.87
N SER C 579 -47.65 79.74 23.12
CA SER C 579 -48.19 79.92 24.45
C SER C 579 -49.54 79.29 24.56
N ASN C 580 -50.02 79.10 25.76
CA ASN C 580 -51.41 78.73 25.95
C ASN C 580 -52.30 79.97 25.97
N LYS C 581 -53.59 79.77 26.21
CA LYS C 581 -54.53 80.89 26.24
C LYS C 581 -54.13 82.03 27.16
N TRP C 582 -53.45 81.72 28.27
CA TRP C 582 -53.04 82.74 29.25
C TRP C 582 -51.60 83.24 29.08
N GLY C 583 -51.03 83.03 27.92
CA GLY C 583 -49.77 83.65 27.53
C GLY C 583 -48.51 83.02 28.05
N HIS C 584 -48.59 81.80 28.57
CA HIS C 584 -47.43 81.08 29.04
C HIS C 584 -46.97 80.06 28.02
N PRO C 585 -45.65 79.93 27.81
CA PRO C 585 -45.11 78.92 26.91
C PRO C 585 -45.63 77.53 27.23
N ARG C 586 -45.97 76.76 26.21
CA ARG C 586 -46.61 75.46 26.44
C ARG C 586 -45.55 74.41 26.82
N GLY C 587 -45.67 73.87 28.02
CA GLY C 587 -44.60 73.13 28.62
C GLY C 587 -44.96 71.75 29.10
N TYR C 588 -43.97 70.88 29.13
CA TYR C 588 -44.07 69.62 29.82
C TYR C 588 -42.86 69.53 30.70
N ARG C 589 -43.08 68.99 31.89
CA ARG C 589 -42.16 69.10 32.99
C ARG C 589 -41.67 67.74 33.39
N ILE C 590 -40.37 67.64 33.65
CA ILE C 590 -39.79 66.40 34.14
C ILE C 590 -39.69 66.47 35.65
N GLN C 591 -40.26 65.48 36.32
CA GLN C 591 -40.25 65.41 37.78
C GLN C 591 -39.71 64.04 38.14
N MET C 592 -38.69 64.00 38.99
CA MET C 592 -37.93 62.77 39.19
C MET C 592 -38.15 62.06 40.53
N LEU C 593 -38.62 60.81 40.48
CA LEU C 593 -38.64 59.92 41.67
C LEU C 593 -37.38 59.03 41.63
N SER C 594 -36.28 59.50 42.25
CA SER C 594 -35.01 58.74 42.27
C SER C 594 -34.24 58.94 43.59
N PHE C 595 -33.73 57.80 44.10
CA PHE C 595 -32.91 57.71 45.30
C PHE C 595 -31.41 57.41 44.94
N ALA C 596 -30.95 57.95 43.80
CA ALA C 596 -29.71 57.49 43.08
C ALA C 596 -28.49 57.28 43.96
N GLY C 597 -27.84 56.12 43.78
CA GLY C 597 -26.60 55.80 44.48
C GLY C 597 -25.42 56.62 43.99
N GLU C 598 -24.36 56.68 44.79
CA GLU C 598 -23.14 57.36 44.42
C GLU C 598 -22.53 56.67 43.21
N PRO C 599 -22.15 57.42 42.16
CA PRO C 599 -21.64 56.76 40.97
C PRO C 599 -20.18 56.32 41.08
N LEU C 600 -19.82 55.33 40.25
CA LEU C 600 -18.44 54.87 40.14
C LEU C 600 -17.59 56.11 39.85
N PRO C 601 -16.49 56.28 40.59
CA PRO C 601 -15.64 57.44 40.38
C PRO C 601 -15.11 57.57 38.96
N GLN C 602 -14.93 58.79 38.50
CA GLN C 602 -14.28 59.02 37.20
C GLN C 602 -12.82 58.51 37.20
N ASN C 603 -12.13 58.69 38.32
CA ASN C 603 -10.80 58.06 38.50
C ASN C 603 -10.72 56.62 37.91
N SER C 604 -11.84 55.91 37.85
CA SER C 604 -11.90 54.59 37.23
C SER C 604 -11.93 54.68 35.72
N SER C 605 -11.04 53.93 35.09
CA SER C 605 -10.99 53.82 33.61
C SER C 605 -12.26 53.22 33.02
N MET C 606 -12.91 52.37 33.82
CA MET C 606 -14.14 51.71 33.41
C MET C 606 -15.31 52.67 33.22
N ALA C 607 -15.28 53.78 33.96
CA ALA C 607 -16.47 54.64 34.10
C ALA C 607 -16.98 55.19 32.78
N ARG C 608 -16.10 55.48 31.84
CA ARG C 608 -16.50 56.00 30.52
C ARG C 608 -17.50 55.05 29.82
N GLY C 609 -17.53 53.79 30.21
CA GLY C 609 -18.49 52.87 29.63
C GLY C 609 -19.92 53.02 30.09
N PHE C 610 -20.14 53.84 31.11
CA PHE C 610 -21.51 54.16 31.51
C PHE C 610 -21.53 55.53 32.17
N SER C 611 -21.03 56.52 31.45
CA SER C 611 -20.84 57.84 32.02
C SER C 611 -22.16 58.54 32.28
N TRP C 612 -23.24 58.06 31.67
CA TRP C 612 -24.60 58.53 32.02
C TRP C 612 -24.95 58.39 33.51
N GLU C 613 -24.37 57.41 34.16
CA GLU C 613 -24.56 57.22 35.58
C GLU C 613 -24.29 58.48 36.43
N ARG C 614 -23.40 59.31 35.95
CA ARG C 614 -22.98 60.50 36.67
C ARG C 614 -24.05 61.59 36.68
N TYR C 615 -24.98 61.54 35.73
CA TYR C 615 -26.02 62.56 35.62
C TYR C 615 -27.36 62.07 36.16
N GLN C 616 -28.17 63.00 36.66
CA GLN C 616 -29.57 62.71 37.05
C GLN C 616 -30.44 62.92 35.81
N LEU C 617 -30.09 63.98 35.07
CA LEU C 617 -30.82 64.43 33.93
C LEU C 617 -29.88 65.23 33.04
N ALA C 618 -30.08 65.15 31.74
CA ALA C 618 -29.32 65.95 30.80
C ALA C 618 -30.18 66.21 29.58
N VAL C 619 -30.21 67.46 29.10
CA VAL C 619 -30.92 67.76 27.86
C VAL C 619 -29.90 68.14 26.81
N THR C 620 -30.01 67.51 25.64
CA THR C 620 -29.07 67.73 24.55
C THR C 620 -29.84 67.92 23.26
N GLN C 621 -29.16 68.49 22.26
CA GLN C 621 -29.74 68.57 20.91
C GLN C 621 -29.99 67.16 20.46
N ARG C 622 -31.16 66.88 19.89
CA ARG C 622 -31.38 65.59 19.28
C ARG C 622 -30.68 65.48 17.93
N LYS C 623 -30.04 64.34 17.67
CA LYS C 623 -29.21 64.16 16.48
C LYS C 623 -29.26 62.74 16.02
N GLU C 624 -29.42 62.53 14.72
CA GLU C 624 -29.51 61.16 14.15
C GLU C 624 -28.28 60.33 14.49
N GLU C 625 -27.10 60.94 14.43
CA GLU C 625 -25.87 60.26 14.76
C GLU C 625 -25.65 60.04 16.28
N GLU C 626 -26.63 60.43 17.13
CA GLU C 626 -26.59 60.20 18.58
C GLU C 626 -27.87 59.49 19.04
N PRO C 627 -28.15 58.30 18.48
CA PRO C 627 -29.39 57.59 18.81
C PRO C 627 -29.44 56.89 20.15
N SER C 628 -28.31 56.67 20.81
CA SER C 628 -28.30 55.91 22.07
C SER C 628 -27.20 56.27 23.02
N SER C 629 -27.50 56.16 24.30
CA SER C 629 -26.55 56.53 25.34
C SER C 629 -25.58 55.39 25.67
N SER C 630 -25.92 54.19 25.23
CA SER C 630 -25.10 53.02 25.47
C SER C 630 -24.96 52.21 24.19
N SER C 631 -24.32 51.04 24.34
CA SER C 631 -24.07 50.12 23.25
C SER C 631 -23.92 48.76 23.86
N VAL C 632 -24.39 47.76 23.13
CA VAL C 632 -24.23 46.38 23.55
C VAL C 632 -22.77 46.00 23.69
N PHE C 633 -21.88 46.76 23.09
CA PHE C 633 -20.47 46.50 23.10
C PHE C 633 -19.73 47.15 24.23
N ASN C 634 -20.43 47.82 25.13
CA ASN C 634 -19.76 48.47 26.25
C ASN C 634 -19.47 47.52 27.38
N GLN C 635 -20.39 46.60 27.61
CA GLN C 635 -20.26 45.60 28.68
C GLN C 635 -18.89 44.88 28.67
N ASN C 636 -18.43 44.48 27.49
CA ASN C 636 -17.19 43.73 27.42
C ASN C 636 -15.95 44.60 27.24
N ASP C 637 -16.10 45.84 26.79
CA ASP C 637 -14.97 46.76 26.72
C ASP C 637 -15.34 48.18 27.12
N PRO C 638 -15.60 48.39 28.42
CA PRO C 638 -15.96 49.69 28.90
C PRO C 638 -14.76 50.62 28.99
N TRP C 639 -13.57 50.06 28.97
CA TRP C 639 -12.35 50.85 28.99
C TRP C 639 -12.15 51.58 27.66
N ALA C 640 -12.62 50.96 26.58
CA ALA C 640 -12.58 51.59 25.28
C ALA C 640 -14.02 51.61 24.78
N PRO C 641 -14.88 52.43 25.42
CA PRO C 641 -16.32 52.38 25.17
C PRO C 641 -16.68 52.61 23.72
N THR C 642 -17.62 51.83 23.22
CA THR C 642 -18.13 52.03 21.88
C THR C 642 -18.97 53.28 21.78
N VAL C 643 -19.87 53.47 22.73
CA VAL C 643 -20.59 54.75 22.93
C VAL C 643 -20.20 55.34 24.29
N ASP C 644 -19.91 56.64 24.32
CA ASP C 644 -19.58 57.36 25.57
C ASP C 644 -20.53 58.54 25.77
N PHE C 645 -21.50 58.38 26.64
CA PHE C 645 -22.58 59.34 26.75
C PHE C 645 -22.11 60.76 26.97
N SER C 646 -21.15 60.96 27.86
CA SER C 646 -20.69 62.29 28.20
C SER C 646 -20.31 63.12 26.96
N ASP C 647 -19.85 62.46 25.90
CA ASP C 647 -19.53 63.16 24.65
C ASP C 647 -20.72 63.91 24.04
N PHE C 648 -21.95 63.53 24.37
CA PHE C 648 -23.12 64.17 23.75
C PHE C 648 -23.29 65.59 24.28
N ILE C 649 -22.82 65.81 25.51
CA ILE C 649 -22.93 67.08 26.19
C ILE C 649 -21.72 67.87 25.80
N ASN C 650 -21.91 68.80 24.88
CA ASN C 650 -20.79 69.37 24.14
C ASN C 650 -20.90 70.87 23.86
N ASN C 651 -21.52 71.63 24.75
CA ASN C 651 -21.42 73.11 24.67
C ASN C 651 -22.07 73.74 23.42
N GLU C 652 -23.33 73.36 23.16
CA GLU C 652 -24.11 73.90 22.05
C GLU C 652 -25.36 74.51 22.59
N THR C 653 -26.13 75.17 21.72
CA THR C 653 -27.38 75.76 22.11
C THR C 653 -28.38 74.66 22.27
N ILE C 654 -29.26 74.83 23.26
CA ILE C 654 -30.48 74.03 23.41
C ILE C 654 -31.66 74.99 23.42
N ALA C 655 -31.43 76.20 22.90
CA ALA C 655 -32.42 77.25 22.88
C ALA C 655 -33.11 77.21 21.55
N GLY C 656 -34.15 76.40 21.44
CA GLY C 656 -34.99 76.39 20.26
C GLY C 656 -34.60 75.35 19.26
N LYS C 657 -34.27 74.16 19.72
CA LYS C 657 -33.95 73.08 18.84
C LYS C 657 -34.86 71.91 19.12
N ASP C 658 -34.75 70.87 18.31
CA ASP C 658 -35.32 69.58 18.66
C ASP C 658 -34.46 69.06 19.80
N LEU C 659 -35.06 68.96 20.99
CA LEU C 659 -34.35 68.57 22.18
C LEU C 659 -34.69 67.15 22.57
N VAL C 660 -33.84 66.59 23.42
CA VAL C 660 -34.08 65.27 23.97
C VAL C 660 -33.51 65.23 25.37
N ALA C 661 -34.31 64.76 26.32
CA ALA C 661 -33.89 64.64 27.71
C ALA C 661 -33.43 63.20 28.00
N TRP C 662 -32.41 63.09 28.83
CA TRP C 662 -31.82 61.81 29.22
C TRP C 662 -31.88 61.66 30.72
N VAL C 663 -32.72 60.79 31.19
CA VAL C 663 -32.97 60.67 32.62
C VAL C 663 -32.37 59.42 33.24
N THR C 664 -31.65 59.63 34.33
CA THR C 664 -31.09 58.53 35.07
C THR C 664 -31.90 58.35 36.33
N ALA C 665 -32.23 57.13 36.66
CA ALA C 665 -32.90 56.84 37.90
C ALA C 665 -32.29 55.58 38.51
N GLY C 666 -32.16 55.53 39.82
CA GLY C 666 -31.65 54.34 40.48
C GLY C 666 -31.64 54.45 41.99
N PHE C 667 -30.96 53.51 42.63
CA PHE C 667 -30.88 53.46 44.09
C PHE C 667 -29.83 52.47 44.57
N LEU C 668 -29.46 52.59 45.85
CA LEU C 668 -28.52 51.70 46.51
C LEU C 668 -29.25 50.59 47.21
N HIS C 669 -28.79 49.37 47.06
CA HIS C 669 -29.42 48.23 47.71
C HIS C 669 -28.41 47.49 48.58
N ILE C 670 -28.66 47.52 49.88
CA ILE C 670 -27.92 46.74 50.86
C ILE C 670 -28.81 45.60 51.24
N PRO C 671 -28.52 44.39 50.75
CA PRO C 671 -29.47 43.34 51.02
C PRO C 671 -29.66 43.03 52.47
N HIS C 672 -30.83 42.48 52.80
CA HIS C 672 -31.21 42.17 54.17
C HIS C 672 -32.14 40.97 54.16
N ALA C 673 -32.47 40.42 55.32
CA ALA C 673 -33.24 39.17 55.41
C ALA C 673 -34.47 39.12 54.53
N GLU C 674 -35.15 40.25 54.49
CA GLU C 674 -36.42 40.36 53.80
C GLU C 674 -36.29 40.34 52.28
N ASP C 675 -35.04 40.33 51.77
CA ASP C 675 -34.77 40.00 50.36
C ASP C 675 -34.72 38.47 50.07
N ILE C 676 -34.99 37.65 51.08
CA ILE C 676 -35.01 36.22 50.90
C ILE C 676 -36.42 35.67 51.08
N PRO C 677 -36.95 34.98 50.07
CA PRO C 677 -36.34 34.53 48.82
C PRO C 677 -36.09 35.60 47.77
N ASN C 678 -37.05 36.51 47.57
CA ASN C 678 -36.90 37.56 46.59
C ASN C 678 -36.95 38.94 47.19
N THR C 679 -36.40 39.90 46.47
CA THR C 679 -36.59 41.30 46.75
C THR C 679 -38.02 41.69 46.36
N VAL C 680 -38.70 42.35 47.28
CA VAL C 680 -40.03 42.86 46.99
C VAL C 680 -39.94 44.19 46.23
N THR C 681 -41.02 44.50 45.50
CA THR C 681 -41.09 45.74 44.76
C THR C 681 -41.42 46.97 45.61
N VAL C 682 -41.97 46.73 46.80
CA VAL C 682 -42.51 47.82 47.66
C VAL C 682 -41.51 48.94 47.96
N GLY C 683 -41.80 50.13 47.48
CA GLY C 683 -40.91 51.24 47.74
C GLY C 683 -39.67 51.28 46.87
N ASN C 684 -39.39 50.21 46.13
CA ASN C 684 -38.20 50.16 45.26
C ASN C 684 -38.44 50.66 43.84
N GLY C 685 -39.65 51.16 43.55
CA GLY C 685 -39.96 51.72 42.24
C GLY C 685 -39.25 53.05 42.08
N VAL C 686 -38.65 53.28 40.93
CA VAL C 686 -37.82 54.47 40.71
C VAL C 686 -38.11 54.91 39.29
N GLY C 687 -38.10 56.22 39.05
CA GLY C 687 -38.42 56.73 37.73
C GLY C 687 -38.80 58.19 37.74
N PHE C 688 -39.66 58.58 36.81
CA PHE C 688 -39.97 59.99 36.66
C PHE C 688 -41.32 60.20 36.00
N PHE C 689 -41.86 61.41 36.18
CA PHE C 689 -43.10 61.85 35.56
C PHE C 689 -42.84 62.85 34.50
N LEU C 690 -43.72 62.89 33.52
CA LEU C 690 -43.73 63.95 32.53
C LEU C 690 -45.11 64.57 32.61
N ARG C 691 -45.19 65.80 33.13
CA ARG C 691 -46.44 66.47 33.44
C ARG C 691 -46.64 67.76 32.70
N PRO C 692 -47.85 68.00 32.22
CA PRO C 692 -48.12 69.22 31.49
C PRO C 692 -48.08 70.44 32.37
N TYR C 693 -47.36 71.46 31.94
CA TYR C 693 -47.18 72.69 32.68
C TYR C 693 -47.50 73.84 31.75
N ASN C 694 -48.74 74.31 31.81
CA ASN C 694 -49.27 75.34 30.91
C ASN C 694 -49.27 74.91 29.46
N PHE C 695 -49.40 73.62 29.24
CA PHE C 695 -49.49 73.05 27.92
C PHE C 695 -50.89 73.23 27.46
N PHE C 696 -51.83 72.96 28.34
CA PHE C 696 -53.24 73.15 28.04
C PHE C 696 -53.76 74.49 28.55
N ASP C 697 -55.00 74.78 28.19
CA ASP C 697 -55.68 75.95 28.69
C ASP C 697 -56.40 75.62 29.98
N GLU C 698 -56.66 74.33 30.20
CA GLU C 698 -57.21 73.85 31.46
C GLU C 698 -56.97 72.35 31.58
N ASP C 699 -57.17 71.82 32.77
CA ASP C 699 -57.08 70.40 33.04
C ASP C 699 -57.97 69.68 32.07
N PRO C 700 -57.41 68.84 31.20
CA PRO C 700 -58.22 68.01 30.31
C PRO C 700 -59.24 67.08 30.97
N SER C 701 -59.01 66.69 32.21
CA SER C 701 -59.94 65.81 32.90
C SER C 701 -61.25 66.52 33.26
N PHE C 702 -61.34 67.82 33.02
CA PHE C 702 -62.59 68.56 33.18
C PHE C 702 -63.62 67.99 32.25
N TYR C 703 -63.16 67.72 31.04
CA TYR C 703 -63.93 67.08 30.01
C TYR C 703 -64.06 65.56 30.11
N SER C 704 -63.67 64.93 31.19
CA SER C 704 -63.70 63.48 31.27
C SER C 704 -65.09 62.92 31.15
N ALA C 705 -65.23 61.85 30.38
CA ALA C 705 -66.51 61.13 30.29
C ALA C 705 -66.87 60.49 31.61
N ASP C 706 -65.92 60.41 32.55
CA ASP C 706 -66.16 59.70 33.79
C ASP C 706 -66.19 60.57 35.03
N SER C 707 -66.19 61.89 34.86
CA SER C 707 -66.24 62.80 35.99
C SER C 707 -67.64 62.81 36.63
N ILE C 708 -67.66 62.79 37.95
CA ILE C 708 -68.88 62.84 38.70
C ILE C 708 -69.07 64.24 39.27
N TYR C 709 -70.32 64.70 39.28
CA TYR C 709 -70.64 66.01 39.83
C TYR C 709 -72.09 66.10 40.22
N PHE C 710 -72.37 66.66 41.39
CA PHE C 710 -73.72 66.91 41.82
C PHE C 710 -73.82 67.91 42.95
N ARG C 711 -74.89 68.71 42.91
CA ARG C 711 -75.16 69.70 43.94
C ARG C 711 -75.87 69.08 45.11
N GLY C 712 -75.83 69.77 46.24
CA GLY C 712 -76.41 69.28 47.49
C GLY C 712 -77.92 69.25 47.43
N ASP C 713 -78.49 70.12 46.62
CA ASP C 713 -79.91 70.07 46.45
C ASP C 713 -80.38 69.02 45.44
N GLN C 714 -79.47 68.46 44.64
CA GLN C 714 -79.83 67.40 43.69
C GLN C 714 -79.85 66.04 44.32
N ASP C 715 -80.29 65.03 43.57
CA ASP C 715 -80.44 63.68 44.07
C ASP C 715 -79.22 62.88 43.65
N ALA C 716 -78.35 62.58 44.61
CA ALA C 716 -77.11 61.87 44.32
C ALA C 716 -77.36 60.41 43.93
N GLY C 717 -78.46 59.79 44.39
CA GLY C 717 -78.83 58.42 43.98
C GLY C 717 -79.49 58.37 42.62
N ALA C 718 -79.95 59.52 42.14
CA ALA C 718 -80.65 59.59 40.86
C ALA C 718 -79.64 59.32 39.76
N CYS C 719 -79.80 58.16 39.17
CA CYS C 719 -78.93 57.70 38.10
C CYS C 719 -78.69 58.77 36.99
N GLU C 720 -79.76 59.38 36.51
CA GLU C 720 -79.67 60.45 35.52
C GLU C 720 -78.85 61.63 36.03
N VAL C 721 -78.82 61.84 37.34
CA VAL C 721 -77.98 62.90 37.93
C VAL C 721 -76.54 62.40 38.08
N ASN C 722 -76.36 61.21 38.63
CA ASN C 722 -75.04 60.70 39.03
C ASN C 722 -74.78 59.27 38.56
N PRO C 723 -73.91 59.10 37.56
CA PRO C 723 -73.60 57.79 36.97
C PRO C 723 -73.20 56.68 37.94
N LEU C 724 -72.56 57.02 39.05
CA LEU C 724 -72.27 56.00 40.06
C LEU C 724 -73.53 55.24 40.56
N ALA C 725 -74.69 55.92 40.62
CA ALA C 725 -75.94 55.31 41.06
C ALA C 725 -76.36 54.14 40.18
N CYS C 726 -76.01 54.18 38.89
CA CYS C 726 -76.35 53.12 37.91
C CYS C 726 -75.34 52.00 37.83
N LEU C 727 -74.24 52.16 38.55
CA LEU C 727 -73.22 51.14 38.58
C LEU C 727 -73.73 49.78 39.04
N PRO C 728 -74.52 49.73 40.11
CA PRO C 728 -74.95 48.39 40.49
C PRO C 728 -75.74 47.65 39.40
N GLN C 729 -76.47 48.38 38.56
CA GLN C 729 -77.11 47.80 37.37
C GLN C 729 -75.98 47.48 36.39
N ALA C 730 -75.20 48.50 36.01
CA ALA C 730 -74.04 48.32 35.08
C ALA C 730 -73.16 47.09 35.37
N ALA C 731 -72.87 46.84 36.65
CA ALA C 731 -71.95 45.82 37.06
C ALA C 731 -72.63 44.61 37.67
N ALA C 732 -73.90 44.38 37.32
CA ALA C 732 -74.62 43.18 37.76
C ALA C 732 -74.41 42.10 36.69
N CYS C 733 -73.18 41.61 36.60
CA CYS C 733 -72.84 40.50 35.68
C CYS C 733 -71.53 39.83 36.05
N ALA C 734 -71.47 38.52 35.86
CA ALA C 734 -70.26 37.75 36.14
C ALA C 734 -69.27 37.96 35.00
N PRO C 735 -68.01 38.28 35.33
CA PRO C 735 -66.99 38.48 34.30
C PRO C 735 -66.63 37.19 33.59
N ASP C 736 -66.38 37.26 32.28
CA ASP C 736 -66.02 36.10 31.46
C ASP C 736 -64.48 35.99 31.46
N LEU C 737 -63.92 35.34 32.47
CA LEU C 737 -62.48 35.17 32.57
C LEU C 737 -61.91 34.06 31.67
N PRO C 738 -60.90 34.39 30.85
CA PRO C 738 -60.20 33.38 30.03
C PRO C 738 -59.49 32.30 30.83
N ALA C 739 -59.45 31.10 30.29
CA ALA C 739 -58.79 29.99 30.97
C ALA C 739 -57.31 30.34 31.08
N PHE C 740 -56.74 30.06 32.25
CA PHE C 740 -55.37 30.40 32.53
C PHE C 740 -54.42 29.66 31.58
N SER C 741 -53.61 30.44 30.87
CA SER C 741 -52.50 29.92 30.10
C SER C 741 -51.21 30.53 30.64
N HIS C 742 -50.10 29.80 30.44
CA HIS C 742 -48.76 30.34 30.72
C HIS C 742 -47.84 30.25 29.53
N GLY C 743 -46.99 31.26 29.33
CA GLY C 743 -46.17 31.35 28.13
C GLY C 743 -44.94 30.44 28.03
N GLY C 744 -44.76 29.56 29.00
CA GLY C 744 -43.72 28.54 28.94
C GLY C 744 -42.29 29.06 29.11
N PHE C 745 -41.32 28.18 28.88
CA PHE C 745 -39.89 28.45 29.09
C PHE C 745 -39.05 28.17 27.81
N SER C 746 -37.71 28.09 27.94
CA SER C 746 -36.79 28.07 26.76
C SER C 746 -36.28 26.72 26.23
N HIS C 747 -35.34 26.80 25.28
CA HIS C 747 -34.41 25.69 24.98
C HIS C 747 -34.81 24.31 25.51
N SER D 21 -77.49 26.20 34.70
CA SER D 21 -78.28 27.16 35.53
C SER D 21 -77.59 28.54 35.57
N GLN D 22 -78.06 29.44 36.45
CA GLN D 22 -77.66 30.87 36.40
C GLN D 22 -76.43 31.18 37.26
N LEU D 23 -75.72 32.25 36.89
CA LEU D 23 -74.55 32.69 37.64
C LEU D 23 -75.06 33.33 38.92
N PRO D 24 -74.28 33.23 40.01
CA PRO D 24 -74.74 33.71 41.32
C PRO D 24 -74.11 35.05 41.74
N HIS D 25 -74.65 35.65 42.79
CA HIS D 25 -74.03 36.82 43.38
C HIS D 25 -72.79 36.37 44.12
N CYS D 26 -71.78 37.23 44.21
CA CYS D 26 -70.52 36.86 44.86
C CYS D 26 -70.62 36.94 46.41
N PRO D 27 -70.32 35.82 47.12
CA PRO D 27 -70.38 35.74 48.59
C PRO D 27 -69.97 37.03 49.30
N SER D 28 -70.83 37.60 50.17
CA SER D 28 -70.49 38.85 50.90
C SER D 28 -70.60 38.70 52.43
N SER D 42 -59.68 45.24 71.24
CA SER D 42 -59.68 46.23 72.33
C SER D 42 -59.83 47.68 71.81
N GLN D 43 -60.86 48.38 72.32
CA GLN D 43 -61.15 49.73 71.87
C GLN D 43 -60.87 50.76 72.98
N LEU D 44 -59.58 50.94 73.16
CA LEU D 44 -59.00 51.83 74.15
C LEU D 44 -58.49 53.09 73.45
N PHE D 45 -58.50 53.05 72.11
CA PHE D 45 -58.08 54.16 71.26
C PHE D 45 -59.20 54.66 70.36
N ALA D 46 -60.40 54.09 70.50
CA ALA D 46 -61.54 54.51 69.70
C ALA D 46 -61.89 55.97 70.02
N ASP D 47 -62.29 56.72 68.99
CA ASP D 47 -62.80 58.08 69.19
C ASP D 47 -64.06 57.97 70.03
N LEU D 48 -64.32 59.01 70.85
CA LEU D 48 -65.50 59.03 71.71
C LEU D 48 -66.79 58.86 70.91
N SER D 49 -67.71 58.06 71.43
CA SER D 49 -69.05 57.86 70.84
C SER D 49 -70.08 58.98 71.12
N ARG D 50 -71.16 58.98 70.34
CA ARG D 50 -72.28 59.90 70.58
C ARG D 50 -72.58 60.03 72.09
N GLU D 51 -72.74 58.88 72.75
CA GLU D 51 -73.10 58.87 74.17
C GLU D 51 -72.03 59.52 75.00
N GLU D 52 -70.81 59.01 74.89
CA GLU D 52 -69.67 59.55 75.62
C GLU D 52 -69.60 61.09 75.51
N LEU D 53 -69.78 61.58 74.29
CA LEU D 53 -69.72 63.02 74.02
C LEU D 53 -70.84 63.70 74.78
N THR D 54 -72.07 63.23 74.58
CA THR D 54 -73.23 63.73 75.32
C THR D 54 -73.02 63.66 76.83
N ALA D 55 -72.54 62.51 77.31
CA ALA D 55 -72.21 62.34 78.71
C ALA D 55 -71.27 63.47 79.21
N VAL D 56 -70.27 63.81 78.43
CA VAL D 56 -69.29 64.77 78.89
C VAL D 56 -69.83 66.17 78.82
N MET D 57 -70.64 66.42 77.81
CA MET D 57 -71.29 67.71 77.69
C MET D 57 -72.27 67.96 78.87
N ARG D 58 -73.09 66.96 79.19
CA ARG D 58 -73.98 67.03 80.34
C ARG D 58 -73.13 67.42 81.53
N PHE D 59 -72.11 66.62 81.82
CA PHE D 59 -71.27 66.86 83.01
C PHE D 59 -70.69 68.25 83.02
N LEU D 60 -70.32 68.77 81.85
CA LEU D 60 -69.75 70.12 81.77
C LEU D 60 -70.80 71.21 82.06
N THR D 61 -71.97 71.12 81.43
CA THR D 61 -73.06 72.07 81.71
C THR D 61 -73.27 72.20 83.22
N GLN D 62 -73.39 71.04 83.86
CA GLN D 62 -73.58 70.96 85.30
C GLN D 62 -72.46 71.69 86.03
N ARG D 63 -71.22 71.22 85.95
CA ARG D 63 -70.15 71.77 86.79
C ARG D 63 -69.62 73.15 86.40
N LEU D 64 -70.17 73.81 85.37
CA LEU D 64 -69.53 75.04 84.83
C LEU D 64 -70.24 76.37 85.14
N GLY D 65 -71.18 76.35 86.07
CA GLY D 65 -71.93 77.54 86.45
C GLY D 65 -72.84 77.88 85.29
N PRO D 66 -73.71 78.89 85.45
CA PRO D 66 -74.42 79.38 84.26
C PRO D 66 -73.63 80.43 83.48
N GLY D 67 -74.23 80.86 82.36
CA GLY D 67 -73.56 81.77 81.42
C GLY D 67 -72.94 81.04 80.25
N LEU D 68 -73.33 79.77 80.10
CA LEU D 68 -72.62 78.82 79.28
C LEU D 68 -73.36 78.71 77.95
N VAL D 69 -72.89 79.48 76.97
CA VAL D 69 -73.60 79.60 75.69
C VAL D 69 -73.23 78.47 74.73
N ASP D 70 -74.19 77.96 73.95
CA ASP D 70 -73.85 77.11 72.82
C ASP D 70 -72.82 77.83 71.92
N ALA D 71 -71.67 77.18 71.74
CA ALA D 71 -70.57 77.75 70.98
C ALA D 71 -71.02 78.11 69.58
N ALA D 72 -72.11 77.49 69.12
CA ALA D 72 -72.63 77.76 67.78
C ALA D 72 -73.08 79.19 67.61
N GLN D 73 -73.28 79.90 68.72
CA GLN D 73 -73.64 81.32 68.69
C GLN D 73 -72.94 82.12 69.78
N ALA D 74 -71.78 81.68 70.28
CA ALA D 74 -71.07 82.44 71.33
C ALA D 74 -70.44 83.69 70.75
N ARG D 75 -70.23 84.69 71.60
CA ARG D 75 -69.53 85.91 71.22
C ARG D 75 -68.24 85.93 72.04
N PRO D 76 -67.34 86.85 71.76
CA PRO D 76 -66.05 86.82 72.43
C PRO D 76 -66.14 86.81 73.94
N SER D 77 -67.01 87.64 74.51
CA SER D 77 -67.14 87.76 75.97
C SER D 77 -67.96 86.64 76.57
N ASP D 78 -68.50 85.71 75.78
CA ASP D 78 -69.21 84.53 76.33
C ASP D 78 -68.28 83.47 76.89
N ASN D 79 -68.84 82.57 77.69
CA ASN D 79 -68.14 81.40 78.12
C ASN D 79 -68.71 80.29 77.30
N CYS D 80 -67.87 79.47 76.68
N CYS D 80 -67.88 79.44 76.72
CA CYS D 80 -68.40 78.30 75.97
CA CYS D 80 -68.38 78.14 76.35
C CYS D 80 -67.38 77.19 75.84
C CYS D 80 -67.36 77.12 75.95
N VAL D 81 -67.90 76.03 75.44
CA VAL D 81 -67.17 74.84 75.17
C VAL D 81 -66.93 74.78 73.67
N PHE D 82 -65.66 74.78 73.30
CA PHE D 82 -65.23 74.83 71.90
C PHE D 82 -65.11 73.44 71.31
N SER D 83 -64.61 72.50 72.09
CA SER D 83 -64.35 71.16 71.62
C SER D 83 -64.43 70.14 72.72
N VAL D 84 -64.90 68.96 72.41
CA VAL D 84 -64.82 67.82 73.29
C VAL D 84 -64.34 66.63 72.48
N GLU D 85 -63.20 66.04 72.86
CA GLU D 85 -62.69 64.87 72.16
C GLU D 85 -61.87 63.98 73.07
N LEU D 86 -61.57 62.76 72.60
CA LEU D 86 -60.82 61.76 73.33
C LEU D 86 -59.49 62.30 73.82
N GLN D 87 -59.18 62.02 75.07
CA GLN D 87 -57.87 62.27 75.64
C GLN D 87 -57.16 60.93 75.62
N LEU D 88 -56.05 60.88 74.90
CA LEU D 88 -55.33 59.64 74.69
C LEU D 88 -54.69 59.20 75.98
N PRO D 89 -54.71 57.87 76.25
CA PRO D 89 -54.14 57.31 77.48
C PRO D 89 -52.60 57.32 77.54
N PRO D 90 -52.03 57.27 78.77
CA PRO D 90 -50.56 57.13 78.88
C PRO D 90 -50.11 55.76 78.35
N LYS D 91 -48.88 55.72 77.82
CA LYS D 91 -48.43 54.54 77.09
C LYS D 91 -48.25 53.35 78.02
N ALA D 92 -47.54 53.58 79.13
CA ALA D 92 -47.24 52.51 80.09
C ALA D 92 -48.53 51.79 80.47
N ALA D 93 -49.53 52.55 80.86
CA ALA D 93 -50.81 51.98 81.26
C ALA D 93 -51.46 51.24 80.09
N ALA D 94 -51.52 51.91 78.95
CA ALA D 94 -52.09 51.33 77.74
C ALA D 94 -51.43 49.99 77.37
N LEU D 95 -50.11 49.94 77.51
CA LEU D 95 -49.36 48.72 77.19
C LEU D 95 -49.56 47.65 78.21
N ALA D 96 -49.42 48.02 79.49
CA ALA D 96 -49.75 47.14 80.59
C ALA D 96 -51.05 46.39 80.29
N HIS D 97 -52.07 47.14 79.82
CA HIS D 97 -53.39 46.55 79.52
C HIS D 97 -53.33 45.65 78.31
N LEU D 98 -52.70 46.15 77.26
CA LEU D 98 -52.70 45.46 75.96
C LEU D 98 -51.87 44.18 75.98
N ASP D 99 -50.81 44.17 76.78
CA ASP D 99 -49.87 43.05 76.79
C ASP D 99 -49.88 42.28 78.12
N ARG D 100 -49.43 42.94 79.19
CA ARG D 100 -49.38 42.36 80.53
C ARG D 100 -50.78 41.92 81.03
N GLY D 101 -51.85 42.47 80.45
CA GLY D 101 -53.22 42.09 80.83
C GLY D 101 -53.81 42.90 81.99
N SER D 102 -53.08 43.89 82.50
CA SER D 102 -53.59 44.77 83.57
C SER D 102 -54.90 45.43 83.16
N PRO D 103 -55.55 46.10 84.12
CA PRO D 103 -56.79 46.81 83.75
C PRO D 103 -56.54 48.01 82.83
N PRO D 104 -57.57 48.47 82.11
CA PRO D 104 -57.46 49.64 81.23
C PRO D 104 -57.26 50.89 82.04
N PRO D 105 -56.51 51.87 81.51
CA PRO D 105 -56.48 53.19 82.18
C PRO D 105 -57.83 53.91 82.01
N ALA D 106 -58.07 54.88 82.89
CA ALA D 106 -59.30 55.68 82.84
C ALA D 106 -59.48 56.25 81.44
N ARG D 107 -60.63 55.96 80.86
CA ARG D 107 -60.99 56.56 79.57
C ARG D 107 -61.47 57.96 79.84
N GLU D 108 -60.74 58.93 79.29
CA GLU D 108 -60.97 60.33 79.56
C GLU D 108 -61.26 61.11 78.27
N ALA D 109 -61.58 62.38 78.44
CA ALA D 109 -61.91 63.28 77.34
C ALA D 109 -61.24 64.58 77.63
N LEU D 110 -60.90 65.31 76.58
CA LEU D 110 -60.33 66.63 76.74
C LEU D 110 -61.32 67.62 76.17
N ALA D 111 -61.53 68.71 76.91
CA ALA D 111 -62.43 69.79 76.50
C ALA D 111 -61.69 71.09 76.44
N ILE D 112 -61.87 71.83 75.36
CA ILE D 112 -61.35 73.19 75.28
C ILE D 112 -62.50 74.16 75.52
N VAL D 113 -62.33 75.01 76.54
CA VAL D 113 -63.36 75.95 76.95
C VAL D 113 -62.85 77.36 76.82
N PHE D 114 -63.64 78.20 76.15
CA PHE D 114 -63.35 79.64 76.10
C PHE D 114 -64.00 80.29 77.30
N PHE D 115 -63.21 80.98 78.12
CA PHE D 115 -63.73 81.71 79.27
C PHE D 115 -63.66 83.21 79.05
N GLY D 116 -64.70 83.72 78.38
CA GLY D 116 -64.80 85.13 78.04
C GLY D 116 -65.48 85.98 79.11
N ARG D 117 -66.58 85.50 79.69
CA ARG D 117 -67.28 86.25 80.76
C ARG D 117 -66.35 86.25 81.97
N GLN D 118 -65.32 87.10 81.97
CA GLN D 118 -64.30 87.07 83.01
C GLN D 118 -63.44 88.33 82.87
N PRO D 119 -63.02 88.92 84.00
CA PRO D 119 -62.11 90.07 83.99
C PRO D 119 -60.82 89.79 83.23
N GLN D 120 -60.18 88.65 83.48
CA GLN D 120 -59.00 88.18 82.70
C GLN D 120 -59.38 86.88 81.95
N PRO D 121 -59.92 87.01 80.70
CA PRO D 121 -60.42 85.82 80.01
C PRO D 121 -59.28 84.92 79.51
N ASN D 122 -59.51 83.62 79.57
CA ASN D 122 -58.51 82.66 79.10
C ASN D 122 -59.13 81.52 78.30
N VAL D 123 -58.30 80.79 77.56
CA VAL D 123 -58.73 79.48 77.07
C VAL D 123 -58.18 78.47 78.07
N SER D 124 -59.00 77.47 78.41
CA SER D 124 -58.56 76.45 79.36
C SER D 124 -58.77 75.07 78.78
N GLU D 125 -57.84 74.17 79.12
CA GLU D 125 -57.88 72.75 78.74
C GLU D 125 -58.26 71.94 79.96
N LEU D 126 -59.34 71.18 79.82
CA LEU D 126 -59.96 70.47 80.94
C LEU D 126 -60.10 68.99 80.67
N VAL D 127 -59.48 68.14 81.50
CA VAL D 127 -59.63 66.70 81.34
C VAL D 127 -60.83 66.23 82.12
N VAL D 128 -61.74 65.55 81.46
CA VAL D 128 -62.96 65.08 82.11
C VAL D 128 -63.03 63.58 82.04
N GLY D 129 -63.29 62.95 83.17
CA GLY D 129 -63.51 61.49 83.20
C GLY D 129 -64.03 61.00 84.54
N PRO D 130 -64.14 59.67 84.72
CA PRO D 130 -63.87 58.64 83.72
C PRO D 130 -65.14 58.22 83.03
N LEU D 131 -65.06 58.07 81.71
CA LEU D 131 -66.19 57.57 80.91
C LEU D 131 -66.41 56.08 81.20
N PRO D 132 -67.63 55.59 81.04
CA PRO D 132 -68.79 56.20 80.38
C PRO D 132 -69.61 57.20 81.26
N HIS D 133 -69.31 57.27 82.56
CA HIS D 133 -70.00 58.23 83.42
C HIS D 133 -69.07 59.08 84.28
N PRO D 134 -68.68 60.25 83.78
CA PRO D 134 -67.60 61.01 84.38
C PRO D 134 -67.95 61.57 85.73
N SER D 135 -66.94 61.69 86.57
CA SER D 135 -67.11 62.18 87.92
C SER D 135 -66.18 63.35 88.24
N TYR D 136 -65.02 63.43 87.59
CA TYR D 136 -64.05 64.52 87.85
C TYR D 136 -63.78 65.38 86.61
N MET D 137 -63.01 66.45 86.83
CA MET D 137 -62.67 67.41 85.79
C MET D 137 -61.47 68.22 86.26
N ARG D 138 -60.34 68.18 85.55
CA ARG D 138 -59.11 68.79 86.03
C ARG D 138 -58.60 69.76 85.00
N ASP D 139 -58.21 70.95 85.45
CA ASP D 139 -57.63 71.93 84.56
C ASP D 139 -56.14 71.59 84.40
N VAL D 140 -55.77 71.16 83.19
CA VAL D 140 -54.41 70.76 82.89
C VAL D 140 -53.60 71.86 82.21
N THR D 141 -54.27 72.96 81.86
CA THR D 141 -53.60 74.06 81.16
C THR D 141 -52.24 74.39 81.78
N VAL D 142 -52.21 74.73 83.06
CA VAL D 142 -50.98 75.24 83.65
C VAL D 142 -49.94 74.14 83.75
N GLU D 143 -50.40 72.93 84.05
CA GLU D 143 -49.58 71.74 84.03
C GLU D 143 -48.90 71.65 82.66
N ARG D 144 -49.70 71.63 81.60
CA ARG D 144 -49.18 71.41 80.26
C ARG D 144 -48.40 72.58 79.72
N HIS D 145 -48.98 73.77 79.73
CA HIS D 145 -48.33 74.90 79.09
C HIS D 145 -47.63 75.86 80.07
N GLY D 146 -47.54 75.48 81.36
CA GLY D 146 -46.77 76.26 82.33
C GLY D 146 -47.30 77.67 82.58
N GLY D 147 -48.61 77.84 82.39
CA GLY D 147 -49.26 79.15 82.53
C GLY D 147 -50.56 79.22 81.74
N PRO D 148 -51.32 80.31 81.90
CA PRO D 148 -52.62 80.44 81.22
C PRO D 148 -52.46 80.54 79.67
N LEU D 149 -53.48 80.11 78.95
CA LEU D 149 -53.52 80.34 77.52
C LEU D 149 -54.19 81.67 77.20
N PRO D 150 -53.40 82.62 76.65
CA PRO D 150 -53.95 83.91 76.27
C PRO D 150 -55.17 83.78 75.39
N TYR D 151 -56.12 84.68 75.59
CA TYR D 151 -57.43 84.58 74.95
C TYR D 151 -57.33 84.81 73.45
N HIS D 152 -56.36 85.63 73.06
CA HIS D 152 -56.19 85.97 71.65
C HIS D 152 -55.74 84.78 70.82
N ARG D 153 -55.19 83.77 71.45
CA ARG D 153 -54.84 82.53 70.76
C ARG D 153 -56.03 81.70 70.32
N ARG D 154 -57.21 81.96 70.85
CA ARG D 154 -58.30 81.02 70.55
C ARG D 154 -58.63 81.13 69.08
N PRO D 155 -59.02 80.00 68.47
CA PRO D 155 -59.51 79.97 67.10
C PRO D 155 -60.71 80.85 66.87
N VAL D 156 -60.80 81.43 65.68
CA VAL D 156 -61.94 82.25 65.32
C VAL D 156 -63.13 81.33 65.19
N LEU D 157 -64.14 81.59 66.01
CA LEU D 157 -65.40 80.84 66.00
C LEU D 157 -66.18 81.07 64.72
N PHE D 158 -67.10 80.15 64.48
CA PHE D 158 -68.00 80.26 63.36
C PHE D 158 -68.84 81.53 63.46
N GLN D 159 -69.37 81.80 64.66
CA GLN D 159 -70.12 83.02 64.95
C GLN D 159 -69.27 84.24 64.75
N GLU D 160 -68.04 84.18 65.21
CA GLU D 160 -67.12 85.28 64.97
C GLU D 160 -66.98 85.60 63.47
N TYR D 161 -66.96 84.59 62.61
CA TYR D 161 -66.85 84.83 61.17
C TYR D 161 -68.14 85.53 60.73
N LEU D 162 -69.28 85.05 61.21
CA LEU D 162 -70.55 85.64 60.83
C LEU D 162 -70.60 87.11 61.25
N ASP D 163 -70.24 87.41 62.50
CA ASP D 163 -70.22 88.77 62.97
C ASP D 163 -69.37 89.65 62.07
N ILE D 164 -68.17 89.16 61.70
CA ILE D 164 -67.23 89.84 60.77
C ILE D 164 -67.87 90.13 59.43
N ASP D 165 -68.68 89.20 58.95
CA ASP D 165 -69.38 89.48 57.72
C ASP D 165 -70.47 90.54 57.90
N GLN D 166 -71.20 90.52 59.02
CA GLN D 166 -72.18 91.56 59.32
C GLN D 166 -71.53 92.92 59.19
N MET D 167 -70.42 93.12 59.90
CA MET D 167 -69.66 94.35 59.78
C MET D 167 -69.37 94.73 58.30
N ILE D 168 -68.76 93.80 57.55
CA ILE D 168 -68.30 94.08 56.21
C ILE D 168 -69.47 94.46 55.32
N PHE D 169 -70.51 93.66 55.37
CA PHE D 169 -71.61 93.80 54.42
C PHE D 169 -72.63 94.87 54.83
N ASN D 170 -72.91 95.00 56.13
CA ASN D 170 -73.81 96.04 56.62
C ASN D 170 -73.06 97.34 56.82
N ARG D 171 -72.08 97.36 57.73
CA ARG D 171 -71.45 98.65 58.06
C ARG D 171 -70.45 99.19 57.04
N GLU D 172 -69.76 98.34 56.30
CA GLU D 172 -68.54 98.78 55.56
C GLU D 172 -68.65 98.91 54.03
N LEU D 173 -68.97 97.82 53.36
CA LEU D 173 -69.02 97.81 51.90
C LEU D 173 -69.96 98.89 51.34
N PRO D 174 -71.09 99.19 52.02
CA PRO D 174 -71.99 100.20 51.46
C PRO D 174 -71.34 101.55 51.26
N GLN D 175 -70.35 101.83 52.07
CA GLN D 175 -69.59 103.06 51.93
C GLN D 175 -68.83 103.16 50.62
N ALA D 176 -68.69 102.07 49.90
CA ALA D 176 -68.03 102.10 48.58
C ALA D 176 -68.92 101.56 47.46
N SER D 177 -70.24 101.56 47.69
CA SER D 177 -71.20 101.05 46.71
C SER D 177 -71.12 101.73 45.34
N GLY D 178 -70.58 102.94 45.30
CA GLY D 178 -70.39 103.60 44.02
C GLY D 178 -69.43 102.80 43.15
N LEU D 179 -68.26 102.53 43.71
CA LEU D 179 -67.32 101.62 43.09
C LEU D 179 -67.87 100.23 42.85
N LEU D 180 -68.43 99.61 43.87
CA LEU D 180 -68.90 98.22 43.76
C LEU D 180 -69.95 98.02 42.66
N HIS D 181 -70.83 99.00 42.49
CA HIS D 181 -71.84 98.95 41.42
C HIS D 181 -71.16 98.92 40.05
N HIS D 182 -70.05 99.64 39.94
CA HIS D 182 -69.33 99.75 38.67
C HIS D 182 -68.52 98.49 38.26
N CYS D 183 -67.98 97.78 39.23
CA CYS D 183 -67.04 96.69 38.99
C CYS D 183 -67.60 95.30 39.24
N CYS D 184 -68.64 95.19 40.06
CA CYS D 184 -68.90 93.97 40.82
C CYS D 184 -70.36 93.59 41.00
N PHE D 185 -71.26 94.22 40.23
CA PHE D 185 -72.66 93.83 40.22
C PHE D 185 -73.21 93.84 41.64
N TYR D 186 -72.75 94.79 42.45
CA TYR D 186 -73.25 95.01 43.81
C TYR D 186 -74.74 95.44 43.75
N LYS D 187 -75.56 95.01 44.73
CA LYS D 187 -77.03 95.32 44.71
C LYS D 187 -77.70 95.02 46.07
N ARG D 191 -73.90 90.37 49.26
CA ARG D 191 -75.10 89.62 48.79
C ARG D 191 -74.76 88.61 47.67
N ASN D 192 -74.10 89.10 46.62
CA ASN D 192 -73.47 88.24 45.62
C ASN D 192 -71.95 88.09 45.82
N LEU D 193 -71.43 88.53 46.96
CA LEU D 193 -70.01 88.43 47.29
C LEU D 193 -69.83 87.67 48.58
N VAL D 194 -68.67 87.03 48.72
CA VAL D 194 -68.32 86.22 49.89
C VAL D 194 -66.89 86.54 50.27
N THR D 195 -66.57 86.32 51.54
CA THR D 195 -65.24 86.58 52.05
C THR D 195 -64.58 85.26 52.33
N MET D 196 -63.24 85.23 52.30
CA MET D 196 -62.48 84.08 52.77
C MET D 196 -61.39 84.50 53.70
N THR D 197 -61.28 83.83 54.84
CA THR D 197 -60.23 84.20 55.81
C THR D 197 -58.81 83.91 55.35
N THR D 198 -57.86 84.48 56.07
CA THR D 198 -56.46 84.11 55.95
C THR D 198 -55.94 83.93 57.39
N ALA D 199 -54.65 83.64 57.53
CA ALA D 199 -54.01 83.53 58.83
C ALA D 199 -52.51 83.57 58.60
N PRO D 200 -51.72 83.86 59.65
CA PRO D 200 -52.11 84.22 60.98
C PRO D 200 -52.66 85.60 60.97
N ARG D 201 -53.06 86.10 62.14
CA ARG D 201 -53.93 87.25 62.21
C ARG D 201 -53.21 88.39 62.84
N GLY D 202 -52.28 88.95 62.08
CA GLY D 202 -51.49 90.10 62.54
C GLY D 202 -49.99 89.99 62.28
N LEU D 203 -49.20 90.70 63.08
CA LEU D 203 -47.78 90.77 62.89
C LEU D 203 -46.99 90.43 64.15
N GLN D 204 -47.69 90.03 65.21
CA GLN D 204 -47.10 90.15 66.53
C GLN D 204 -47.95 89.42 67.49
N SER D 205 -47.34 88.87 68.53
CA SER D 205 -48.12 88.13 69.51
C SER D 205 -49.14 89.04 70.16
N GLY D 206 -50.37 88.57 70.27
CA GLY D 206 -51.48 89.39 70.74
C GLY D 206 -52.44 89.87 69.65
N ASP D 207 -51.93 90.12 68.43
CA ASP D 207 -52.77 90.66 67.33
C ASP D 207 -53.95 89.73 66.94
N ARG D 208 -55.01 90.34 66.42
CA ARG D 208 -56.11 89.59 65.84
C ARG D 208 -56.70 90.39 64.69
N ALA D 209 -55.85 90.82 63.76
CA ALA D 209 -56.29 91.49 62.55
C ALA D 209 -56.11 90.51 61.42
N THR D 210 -57.16 90.32 60.63
CA THR D 210 -57.20 89.31 59.58
C THR D 210 -57.55 89.87 58.22
N TRP D 211 -56.71 89.62 57.22
CA TRP D 211 -57.03 90.03 55.85
C TRP D 211 -58.12 89.12 55.31
N PHE D 212 -59.15 89.70 54.71
CA PHE D 212 -60.19 88.93 54.03
C PHE D 212 -60.29 89.34 52.59
N GLY D 213 -60.23 88.37 51.69
CA GLY D 213 -60.40 88.62 50.27
C GLY D 213 -61.87 88.53 49.98
N LEU D 214 -62.30 89.13 48.88
CA LEU D 214 -63.70 89.17 48.47
C LEU D 214 -63.87 88.55 47.09
N TYR D 215 -64.81 87.62 46.98
CA TYR D 215 -65.00 86.85 45.76
C TYR D 215 -66.47 86.82 45.38
N TYR D 216 -66.74 86.62 44.12
CA TYR D 216 -68.08 86.35 43.66
C TYR D 216 -68.54 85.03 44.22
N ASN D 217 -69.74 85.03 44.80
CA ASN D 217 -70.35 83.83 45.31
C ASN D 217 -70.81 82.96 44.16
N ILE D 218 -69.89 82.34 43.46
CA ILE D 218 -70.24 81.44 42.37
C ILE D 218 -71.08 80.26 42.89
N SER D 219 -71.97 79.77 42.04
CA SER D 219 -72.91 78.73 42.41
C SER D 219 -72.51 77.41 41.81
N GLY D 220 -72.31 76.42 42.68
CA GLY D 220 -71.97 75.04 42.27
C GLY D 220 -70.56 74.85 41.74
N ALA D 221 -69.68 75.76 42.09
CA ALA D 221 -68.30 75.71 41.64
C ALA D 221 -67.51 76.66 42.53
N GLY D 222 -66.19 76.50 42.49
CA GLY D 222 -65.30 77.17 43.44
C GLY D 222 -65.26 78.65 43.26
N PHE D 223 -65.45 79.38 44.34
CA PHE D 223 -65.40 80.81 44.27
C PHE D 223 -63.97 81.32 44.33
N PHE D 224 -63.07 80.45 44.79
CA PHE D 224 -61.66 80.76 45.00
C PHE D 224 -60.95 81.29 43.77
N LEU D 225 -61.49 80.99 42.60
CA LEU D 225 -60.96 81.46 41.33
C LEU D 225 -61.59 82.77 40.86
N HIS D 226 -62.26 83.48 41.76
CA HIS D 226 -63.01 84.68 41.38
C HIS D 226 -62.90 85.80 42.39
N HIS D 227 -61.66 86.11 42.75
CA HIS D 227 -61.30 87.26 43.54
C HIS D 227 -61.66 88.52 42.82
N VAL D 228 -62.40 89.41 43.46
CA VAL D 228 -62.84 90.65 42.80
C VAL D 228 -61.79 91.74 42.87
N GLY D 229 -60.73 91.50 43.62
CA GLY D 229 -59.60 92.43 43.70
C GLY D 229 -59.54 93.28 44.95
N LEU D 230 -60.36 92.95 45.95
CA LEU D 230 -60.49 93.76 47.12
C LEU D 230 -60.24 92.93 48.33
N GLU D 231 -59.38 93.40 49.22
CA GLU D 231 -59.12 92.72 50.48
C GLU D 231 -59.23 93.74 51.58
N LEU D 232 -59.68 93.31 52.76
CA LEU D 232 -59.93 94.19 53.88
C LEU D 232 -59.26 93.67 55.14
N LEU D 233 -58.48 94.53 55.78
CA LEU D 233 -57.81 94.15 57.01
C LEU D 233 -58.70 94.42 58.23
N VAL D 234 -59.42 93.40 58.67
CA VAL D 234 -60.32 93.54 59.79
C VAL D 234 -59.63 93.32 61.10
N ASN D 235 -59.72 94.31 61.99
CA ASN D 235 -59.25 94.12 63.37
C ASN D 235 -60.39 93.67 64.26
N HIS D 236 -60.41 92.38 64.61
CA HIS D 236 -61.45 91.80 65.47
C HIS D 236 -60.90 91.30 66.80
N LYS D 237 -59.94 92.04 67.37
CA LYS D 237 -59.39 91.68 68.68
C LYS D 237 -60.34 92.01 69.81
N ALA D 238 -61.02 93.14 69.72
CA ALA D 238 -61.90 93.59 70.80
C ALA D 238 -62.95 92.52 71.14
N LEU D 239 -63.21 92.38 72.44
CA LEU D 239 -64.25 91.50 72.91
C LEU D 239 -65.63 91.97 72.49
N ASP D 240 -65.77 93.25 72.19
CA ASP D 240 -67.05 93.83 71.75
C ASP D 240 -67.00 94.09 70.23
N PRO D 241 -67.68 93.24 69.45
CA PRO D 241 -67.73 93.45 68.01
C PRO D 241 -67.99 94.87 67.57
N ALA D 242 -68.77 95.63 68.34
CA ALA D 242 -69.01 97.03 68.04
C ALA D 242 -67.68 97.75 67.83
N ARG D 243 -66.69 97.49 68.68
CA ARG D 243 -65.40 98.16 68.59
C ARG D 243 -64.51 97.67 67.45
N TRP D 244 -64.88 96.59 66.75
CA TRP D 244 -64.08 96.08 65.63
C TRP D 244 -64.03 97.09 64.50
N THR D 245 -62.83 97.25 63.91
CA THR D 245 -62.59 98.27 62.88
C THR D 245 -61.87 97.69 61.67
N ILE D 246 -61.72 98.49 60.63
CA ILE D 246 -61.02 98.07 59.42
C ILE D 246 -59.76 98.89 59.24
N GLN D 247 -58.61 98.27 59.48
CA GLN D 247 -57.33 98.98 59.46
C GLN D 247 -56.82 99.35 58.10
N LYS D 248 -57.13 98.57 57.07
CA LYS D 248 -56.60 98.83 55.73
C LYS D 248 -57.44 98.16 54.67
N VAL D 249 -57.32 98.71 53.46
CA VAL D 249 -58.06 98.24 52.34
C VAL D 249 -57.12 98.09 51.18
N PHE D 250 -57.24 96.98 50.48
CA PHE D 250 -56.46 96.81 49.28
C PHE D 250 -57.40 96.62 48.17
N TYR D 251 -57.20 97.36 47.08
CA TYR D 251 -58.04 97.24 45.90
C TYR D 251 -57.19 97.29 44.65
N GLN D 252 -57.34 96.25 43.82
CA GLN D 252 -56.73 96.15 42.51
C GLN D 252 -55.37 96.79 42.42
N GLY D 253 -54.50 96.45 43.35
CA GLY D 253 -53.13 96.87 43.28
C GLY D 253 -52.69 97.98 44.21
N ARG D 254 -53.63 98.67 44.85
CA ARG D 254 -53.28 99.81 45.70
C ARG D 254 -53.87 99.70 47.09
N TYR D 255 -53.15 100.27 48.07
CA TYR D 255 -53.50 100.21 49.50
C TYR D 255 -54.22 101.47 49.91
N TYR D 256 -55.21 101.32 50.79
CA TYR D 256 -56.01 102.43 51.33
C TYR D 256 -56.33 102.25 52.81
N ASP D 257 -56.45 103.39 53.51
CA ASP D 257 -56.83 103.46 54.93
C ASP D 257 -58.29 103.05 55.20
N SER D 258 -59.22 103.61 54.46
CA SER D 258 -60.62 103.35 54.75
C SER D 258 -61.27 103.01 53.46
N LEU D 259 -62.47 102.45 53.52
CA LEU D 259 -63.33 102.38 52.37
C LEU D 259 -63.87 103.81 51.98
N ALA D 260 -64.08 104.70 52.95
CA ALA D 260 -64.36 106.11 52.69
C ALA D 260 -63.30 106.63 51.72
N GLN D 261 -62.02 106.34 51.99
CA GLN D 261 -60.87 106.82 51.17
C GLN D 261 -60.84 106.25 49.75
N LEU D 262 -61.09 104.96 49.68
CA LEU D 262 -61.21 104.29 48.40
C LEU D 262 -62.26 105.04 47.58
N GLU D 263 -63.47 105.23 48.14
CA GLU D 263 -64.56 105.83 47.35
C GLU D 263 -64.24 107.28 46.98
N ALA D 264 -63.80 108.07 47.96
CA ALA D 264 -63.34 109.44 47.68
C ALA D 264 -62.39 109.42 46.49
N GLN D 265 -61.29 108.68 46.59
CA GLN D 265 -60.38 108.63 45.44
C GLN D 265 -61.03 108.19 44.12
N PHE D 266 -61.92 107.22 44.18
CA PHE D 266 -62.55 106.78 42.98
C PHE D 266 -63.24 107.98 42.44
N GLU D 267 -63.97 108.68 43.30
CA GLU D 267 -64.73 109.83 42.85
C GLU D 267 -63.84 111.02 42.51
N ALA D 268 -62.67 111.13 43.14
CA ALA D 268 -61.70 112.20 42.85
C ALA D 268 -60.94 111.95 41.58
N GLY D 269 -61.34 110.93 40.81
CA GLY D 269 -60.70 110.61 39.54
C GLY D 269 -59.39 109.84 39.55
N LEU D 270 -58.98 109.25 40.68
CA LEU D 270 -57.73 108.49 40.69
C LEU D 270 -57.97 107.01 40.39
N VAL D 271 -58.58 106.26 41.31
CA VAL D 271 -58.89 104.81 41.12
C VAL D 271 -59.53 104.43 39.79
N ASN D 272 -58.81 103.65 39.01
CA ASN D 272 -59.24 103.22 37.70
C ASN D 272 -59.83 101.80 37.79
N VAL D 273 -61.10 101.62 37.51
CA VAL D 273 -61.76 100.37 37.88
C VAL D 273 -61.63 99.28 36.84
N VAL D 274 -61.29 98.07 37.25
CA VAL D 274 -61.42 96.93 36.33
C VAL D 274 -62.68 96.10 36.62
N LEU D 275 -63.47 95.85 35.58
CA LEU D 275 -64.63 94.97 35.70
C LEU D 275 -64.14 93.50 35.55
N ILE D 276 -64.30 92.71 36.61
CA ILE D 276 -64.06 91.27 36.64
C ILE D 276 -65.41 90.62 36.36
N PRO D 277 -65.51 89.74 35.35
CA PRO D 277 -66.79 89.15 35.02
C PRO D 277 -67.43 88.29 36.09
N ASP D 278 -68.73 88.12 35.95
CA ASP D 278 -69.63 87.61 36.97
C ASP D 278 -69.93 86.17 36.71
N ASN D 279 -69.50 85.66 35.56
CA ASN D 279 -70.13 84.49 34.96
C ASN D 279 -69.34 84.03 33.71
N GLY D 280 -69.46 82.76 33.36
CA GLY D 280 -68.78 82.26 32.18
C GLY D 280 -68.90 80.76 32.05
N THR D 281 -67.95 80.14 31.36
CA THR D 281 -67.99 78.68 31.13
C THR D 281 -66.58 78.10 31.09
N GLY D 282 -66.48 76.80 31.33
CA GLY D 282 -65.21 76.13 31.37
C GLY D 282 -64.86 75.78 32.79
N GLY D 283 -63.61 75.37 33.00
CA GLY D 283 -63.13 74.97 34.31
C GLY D 283 -63.03 76.13 35.30
N SER D 284 -62.79 77.33 34.79
CA SER D 284 -62.80 78.51 35.62
C SER D 284 -64.15 78.64 36.32
N TRP D 285 -65.20 78.19 35.65
CA TRP D 285 -66.55 78.41 36.17
C TRP D 285 -67.27 77.15 36.62
N SER D 286 -66.80 75.99 36.22
CA SER D 286 -67.55 74.79 36.52
C SER D 286 -66.71 73.59 36.89
N LEU D 287 -67.36 72.61 37.51
CA LEU D 287 -66.83 71.27 37.69
C LEU D 287 -67.61 70.24 36.84
N LYS D 288 -68.79 70.60 36.34
CA LYS D 288 -69.60 69.67 35.54
C LYS D 288 -68.98 69.57 34.15
N SER D 289 -68.75 68.34 33.71
CA SER D 289 -68.18 68.09 32.40
C SER D 289 -69.21 68.26 31.30
N PRO D 290 -68.80 68.82 30.18
CA PRO D 290 -69.68 68.89 29.05
C PRO D 290 -69.78 67.57 28.25
N VAL D 291 -69.10 66.53 28.70
CA VAL D 291 -69.01 65.29 27.93
C VAL D 291 -69.77 64.18 28.64
N PRO D 292 -70.70 63.53 27.95
CA PRO D 292 -71.52 62.52 28.61
C PRO D 292 -70.75 61.23 28.89
N PRO D 293 -71.21 60.46 29.88
CA PRO D 293 -70.58 59.20 30.25
C PRO D 293 -70.35 58.24 29.11
N GLY D 294 -69.13 57.73 29.02
CA GLY D 294 -68.80 56.65 28.09
C GLY D 294 -68.90 55.34 28.85
N PRO D 295 -68.35 54.24 28.27
CA PRO D 295 -68.35 52.96 28.96
C PRO D 295 -67.73 53.06 30.35
N ALA D 296 -68.27 52.26 31.27
CA ALA D 296 -67.81 52.25 32.68
C ALA D 296 -66.33 51.99 32.85
N PRO D 297 -65.67 52.71 33.76
CA PRO D 297 -64.26 52.39 34.05
C PRO D 297 -64.13 51.07 34.83
N PRO D 298 -62.89 50.59 35.01
CA PRO D 298 -62.65 49.33 35.68
C PRO D 298 -63.17 49.35 37.07
N LEU D 299 -63.65 48.20 37.53
CA LEU D 299 -64.25 48.04 38.83
C LEU D 299 -63.61 46.84 39.52
N GLN D 300 -63.33 46.97 40.81
CA GLN D 300 -62.68 45.93 41.60
C GLN D 300 -63.66 45.30 42.60
N PHE D 301 -63.57 44.00 42.78
CA PHE D 301 -64.49 43.30 43.70
C PHE D 301 -63.84 42.12 44.32
N TYR D 302 -64.43 41.59 45.39
CA TYR D 302 -63.84 40.50 46.15
C TYR D 302 -64.63 39.21 45.91
N PRO D 303 -64.20 38.41 44.93
CA PRO D 303 -64.99 37.28 44.46
C PRO D 303 -65.35 36.21 45.48
N GLN D 304 -64.70 36.19 46.63
CA GLN D 304 -65.01 35.19 47.67
C GLN D 304 -65.17 35.84 49.03
N GLY D 305 -65.77 37.02 49.00
CA GLY D 305 -65.99 37.82 50.19
C GLY D 305 -64.78 38.68 50.50
N PRO D 306 -64.98 39.70 51.36
CA PRO D 306 -63.87 40.55 51.71
C PRO D 306 -62.96 39.73 52.60
N ARG D 307 -61.73 40.19 52.80
CA ARG D 307 -60.74 39.44 53.59
C ARG D 307 -60.26 40.25 54.78
N PHE D 308 -61.07 41.23 55.17
CA PHE D 308 -60.81 42.01 56.38
C PHE D 308 -62.14 42.38 56.99
N SER D 309 -62.08 42.79 58.25
CA SER D 309 -63.26 43.20 58.99
C SER D 309 -62.99 44.54 59.68
N VAL D 310 -64.04 45.35 59.85
CA VAL D 310 -63.98 46.51 60.71
C VAL D 310 -64.97 46.36 61.84
N GLN D 311 -64.50 46.28 63.07
CA GLN D 311 -65.37 46.29 64.25
C GLN D 311 -65.04 47.58 65.05
N GLY D 312 -65.89 48.60 64.90
CA GLY D 312 -65.71 49.82 65.64
C GLY D 312 -64.51 50.52 65.09
N SER D 313 -63.54 50.79 65.95
CA SER D 313 -62.32 51.51 65.55
C SER D 313 -61.21 50.57 65.10
N ARG D 314 -61.51 49.28 65.10
CA ARG D 314 -60.51 48.23 65.02
C ARG D 314 -60.62 47.56 63.67
N VAL D 315 -59.50 47.42 62.96
CA VAL D 315 -59.45 46.66 61.73
C VAL D 315 -58.64 45.41 61.95
N ALA D 316 -59.05 44.36 61.28
CA ALA D 316 -58.40 43.08 61.39
C ALA D 316 -58.40 42.38 60.04
N SER D 317 -57.24 41.80 59.71
CA SER D 317 -57.11 40.99 58.53
C SER D 317 -56.16 39.86 58.83
N SER D 318 -55.97 39.04 57.82
CA SER D 318 -54.99 37.97 57.82
C SER D 318 -53.64 38.37 58.40
N LEU D 319 -53.12 39.52 57.97
CA LEU D 319 -51.78 39.99 58.35
C LEU D 319 -51.76 41.16 59.33
N TRP D 320 -52.74 42.04 59.21
CA TRP D 320 -52.68 43.30 59.90
C TRP D 320 -53.75 43.48 60.97
N THR D 321 -53.42 44.29 61.97
CA THR D 321 -54.30 44.60 63.09
C THR D 321 -53.99 45.99 63.63
N PHE D 322 -54.98 46.86 63.66
CA PHE D 322 -54.77 48.20 64.20
C PHE D 322 -56.10 48.84 64.53
N SER D 323 -56.01 49.85 65.41
CA SER D 323 -57.11 50.76 65.68
C SER D 323 -56.91 52.08 64.95
N PHE D 324 -57.99 52.67 64.44
CA PHE D 324 -57.91 53.97 63.73
C PHE D 324 -58.85 55.04 64.31
N GLY D 325 -58.65 56.28 63.87
CA GLY D 325 -59.39 57.42 64.37
C GLY D 325 -58.92 58.78 63.86
N LEU D 326 -59.54 59.83 64.39
CA LEU D 326 -59.26 61.20 63.98
C LEU D 326 -59.18 62.11 65.19
N GLY D 327 -58.06 62.78 65.36
CA GLY D 327 -58.04 63.95 66.21
C GLY D 327 -58.81 65.08 65.54
N ALA D 328 -59.56 65.85 66.31
CA ALA D 328 -60.35 66.97 65.79
C ALA D 328 -59.43 67.95 65.07
N PHE D 329 -58.28 68.21 65.66
CA PHE D 329 -57.36 69.18 65.12
C PHE D 329 -56.19 68.54 64.41
N SER D 330 -55.62 67.52 65.05
CA SER D 330 -54.44 66.88 64.52
C SER D 330 -54.76 66.00 63.30
N GLY D 331 -55.97 65.48 63.20
CA GLY D 331 -56.30 64.66 62.05
C GLY D 331 -56.02 63.18 62.24
N PRO D 332 -55.88 62.43 61.13
CA PRO D 332 -55.88 60.96 61.13
C PRO D 332 -54.82 60.34 61.99
N ARG D 333 -55.12 59.17 62.51
CA ARG D 333 -54.17 58.46 63.34
C ARG D 333 -54.47 56.99 63.43
N ILE D 334 -53.43 56.19 63.67
CA ILE D 334 -53.53 54.74 63.81
C ILE D 334 -52.78 54.32 65.07
N PHE D 335 -53.21 53.24 65.70
CA PHE D 335 -52.55 52.74 66.91
C PHE D 335 -52.43 51.23 66.91
N ASP D 336 -51.49 50.74 67.73
CA ASP D 336 -51.35 49.32 68.05
C ASP D 336 -51.38 48.47 66.79
N VAL D 337 -50.52 48.87 65.85
CA VAL D 337 -50.43 48.23 64.55
C VAL D 337 -49.62 46.96 64.68
N ARG D 338 -50.20 45.85 64.26
CA ARG D 338 -49.61 44.54 64.47
C ARG D 338 -49.56 43.71 63.20
N PHE D 339 -48.34 43.38 62.81
CA PHE D 339 -48.13 42.48 61.70
C PHE D 339 -48.02 41.07 62.23
N GLN D 340 -48.88 40.21 61.69
CA GLN D 340 -48.96 38.82 62.14
C GLN D 340 -48.83 38.73 63.64
N GLY D 341 -49.63 39.54 64.35
CA GLY D 341 -49.72 39.45 65.79
C GLY D 341 -48.72 40.30 66.55
N GLU D 342 -47.69 40.81 65.89
CA GLU D 342 -46.61 41.50 66.59
C GLU D 342 -46.61 43.02 66.35
N ARG D 343 -46.47 43.78 67.44
CA ARG D 343 -46.57 45.22 67.33
C ARG D 343 -45.36 45.83 66.64
N LEU D 344 -45.63 46.63 65.61
CA LEU D 344 -44.57 47.39 64.95
C LEU D 344 -44.60 48.82 65.48
N VAL D 345 -45.80 49.39 65.50
CA VAL D 345 -45.94 50.78 65.88
C VAL D 345 -47.00 50.90 66.95
N TYR D 346 -46.68 51.69 67.98
CA TYR D 346 -47.65 52.08 68.98
C TYR D 346 -48.60 53.12 68.35
N GLU D 347 -48.04 54.12 67.70
CA GLU D 347 -48.84 55.24 67.17
C GLU D 347 -48.24 55.85 65.89
N ILE D 348 -49.09 56.04 64.87
CA ILE D 348 -48.74 56.89 63.75
C ILE D 348 -49.84 57.88 63.57
N SER D 349 -49.53 59.16 63.73
CA SER D 349 -50.55 60.19 63.67
C SER D 349 -50.09 61.41 62.91
N LEU D 350 -50.98 61.94 62.06
CA LEU D 350 -50.77 63.28 61.49
C LEU D 350 -50.70 64.27 62.63
N GLN D 351 -49.80 65.22 62.50
CA GLN D 351 -49.50 66.14 63.56
C GLN D 351 -49.83 67.58 63.22
N GLU D 352 -49.55 67.98 61.99
CA GLU D 352 -49.85 69.32 61.53
C GLU D 352 -49.71 69.38 60.02
N ALA D 353 -50.37 70.36 59.42
CA ALA D 353 -50.20 70.67 58.00
C ALA D 353 -50.03 72.16 57.87
N LEU D 354 -49.32 72.57 56.82
CA LEU D 354 -48.81 73.93 56.69
C LEU D 354 -48.82 74.35 55.25
N ALA D 355 -49.37 75.53 54.95
CA ALA D 355 -49.35 76.08 53.62
C ALA D 355 -48.83 77.51 53.66
N ILE D 356 -47.66 77.75 53.05
CA ILE D 356 -47.04 79.05 53.08
C ILE D 356 -47.14 79.65 51.69
N TYR D 357 -47.62 80.88 51.62
CA TYR D 357 -47.95 81.52 50.34
C TYR D 357 -47.05 82.72 50.01
N GLY D 358 -47.07 83.08 48.73
CA GLY D 358 -46.44 84.30 48.26
C GLY D 358 -47.44 84.92 47.32
N GLY D 359 -47.35 86.23 47.11
CA GLY D 359 -48.34 86.88 46.25
C GLY D 359 -48.16 88.36 45.96
N ASN D 360 -48.95 88.81 45.01
CA ASN D 360 -49.04 90.22 44.60
C ASN D 360 -49.74 91.10 45.62
N SER D 361 -50.56 90.48 46.44
CA SER D 361 -51.50 91.16 47.30
C SER D 361 -51.23 90.79 48.76
N PRO D 362 -51.89 91.47 49.72
CA PRO D 362 -51.60 91.26 51.13
C PRO D 362 -52.04 89.91 51.65
N ALA D 363 -53.22 89.47 51.24
CA ALA D 363 -53.72 88.17 51.67
C ALA D 363 -52.69 87.12 51.32
N ALA D 364 -52.49 86.92 50.03
CA ALA D 364 -51.55 85.90 49.54
C ALA D 364 -50.19 86.04 50.22
N MET D 365 -49.61 87.24 50.20
CA MET D 365 -48.22 87.37 50.57
C MET D 365 -47.89 87.16 52.04
N THR D 366 -48.91 87.10 52.91
CA THR D 366 -48.73 86.93 54.35
C THR D 366 -49.45 85.72 54.92
N THR D 367 -50.10 84.94 54.06
CA THR D 367 -50.83 83.80 54.53
C THR D 367 -49.91 82.66 54.89
N ARG D 368 -50.05 82.15 56.10
CA ARG D 368 -49.36 80.95 56.50
C ARG D 368 -50.33 80.14 57.31
N TYR D 369 -51.03 79.24 56.65
CA TYR D 369 -52.01 78.40 57.32
C TYR D 369 -51.31 77.29 58.10
N VAL D 370 -51.60 77.21 59.39
CA VAL D 370 -51.19 76.12 60.24
C VAL D 370 -52.46 75.34 60.48
N ASP D 371 -52.82 74.52 59.51
CA ASP D 371 -54.17 73.95 59.37
C ASP D 371 -54.75 73.26 60.59
N GLY D 372 -53.92 72.74 61.47
CA GLY D 372 -54.40 72.25 62.75
C GLY D 372 -55.17 73.27 63.57
N GLY D 373 -54.79 74.54 63.49
CA GLY D 373 -55.54 75.63 64.09
C GLY D 373 -57.02 75.73 63.67
N PHE D 374 -57.35 75.15 62.52
CA PHE D 374 -58.73 75.00 62.07
C PHE D 374 -59.22 73.60 62.44
N GLY D 375 -58.48 72.58 62.00
CA GLY D 375 -58.73 71.20 62.40
C GLY D 375 -58.85 70.21 61.26
N MET D 376 -57.91 69.29 61.14
CA MET D 376 -57.95 68.34 60.02
C MET D 376 -59.08 67.35 60.17
N GLY D 377 -59.37 66.96 61.41
CA GLY D 377 -60.57 66.14 61.71
C GLY D 377 -61.87 66.92 61.61
N LYS D 378 -61.88 68.07 62.25
CA LYS D 378 -63.03 68.94 62.22
C LYS D 378 -63.49 69.20 60.83
N TYR D 379 -62.58 69.29 59.86
CA TYR D 379 -62.96 69.50 58.50
C TYR D 379 -62.85 68.22 57.64
N THR D 380 -62.97 67.05 58.21
CA THR D 380 -63.07 65.87 57.38
C THR D 380 -64.37 65.87 56.59
N THR D 381 -64.29 65.59 55.32
CA THR D 381 -65.46 65.58 54.48
C THR D 381 -65.83 64.15 54.16
N PRO D 382 -67.09 63.90 53.77
CA PRO D 382 -67.51 62.57 53.38
C PRO D 382 -66.81 62.07 52.13
N LEU D 383 -66.58 60.77 52.06
CA LEU D 383 -65.91 60.17 50.93
C LEU D 383 -66.97 59.73 49.94
N THR D 384 -66.91 60.24 48.72
CA THR D 384 -67.83 59.81 47.67
C THR D 384 -67.47 58.44 47.06
N ARG D 385 -68.34 57.45 47.25
CA ARG D 385 -68.13 56.06 46.81
C ARG D 385 -67.82 55.96 45.34
N GLY D 386 -66.65 55.41 45.01
CA GLY D 386 -66.26 55.24 43.63
C GLY D 386 -65.49 56.41 43.01
N VAL D 387 -65.33 57.50 43.76
CA VAL D 387 -64.44 58.56 43.37
C VAL D 387 -63.31 58.64 44.41
N ASP D 388 -63.69 58.87 45.65
CA ASP D 388 -62.71 59.05 46.70
C ASP D 388 -62.04 57.76 47.11
N CYS D 389 -62.82 56.68 47.14
CA CYS D 389 -62.30 55.35 47.36
C CYS D 389 -63.02 54.45 46.40
N PRO D 390 -62.60 53.18 46.31
CA PRO D 390 -63.30 52.28 45.43
C PRO D 390 -64.74 52.06 45.88
N TYR D 391 -65.64 51.90 44.93
CA TYR D 391 -67.04 51.71 45.23
C TYR D 391 -67.28 50.71 46.33
N LEU D 392 -66.60 49.57 46.24
CA LEU D 392 -66.79 48.49 47.20
C LEU D 392 -65.91 48.56 48.44
N ALA D 393 -65.35 49.73 48.74
CA ALA D 393 -64.71 49.96 50.03
C ALA D 393 -65.72 49.89 51.19
N THR D 394 -65.19 49.73 52.39
CA THR D 394 -65.98 49.81 53.61
C THR D 394 -65.96 51.24 54.17
N TYR D 395 -67.09 51.92 54.16
CA TYR D 395 -67.15 53.31 54.62
C TYR D 395 -67.58 53.38 56.10
N VAL D 396 -67.06 54.37 56.81
CA VAL D 396 -67.23 54.45 58.25
C VAL D 396 -67.43 55.89 58.71
N ASP D 397 -68.38 56.07 59.62
CA ASP D 397 -68.80 57.40 60.05
C ASP D 397 -67.92 57.89 61.17
N TRP D 398 -67.77 59.20 61.29
CA TRP D 398 -67.09 59.80 62.43
C TRP D 398 -68.07 60.63 63.24
N HIS D 399 -67.99 60.54 64.56
CA HIS D 399 -68.80 61.36 65.43
C HIS D 399 -67.92 62.37 66.14
N PHE D 400 -68.42 63.59 66.30
CA PHE D 400 -67.66 64.68 66.93
C PHE D 400 -68.58 65.66 67.66
N LEU D 401 -67.99 66.51 68.51
CA LEU D 401 -68.72 67.56 69.23
C LEU D 401 -67.85 68.77 69.23
N LEU D 402 -68.01 69.63 68.23
CA LEU D 402 -67.15 70.78 68.04
C LEU D 402 -67.98 72.00 67.69
N GLU D 403 -67.76 73.09 68.42
CA GLU D 403 -68.49 74.34 68.21
C GLU D 403 -69.98 74.13 68.27
N SER D 404 -70.44 73.26 69.16
CA SER D 404 -71.86 73.01 69.34
C SER D 404 -72.12 72.32 70.69
N GLN D 405 -73.38 72.07 70.99
CA GLN D 405 -73.76 71.50 72.27
C GLN D 405 -74.17 70.04 72.12
N ALA D 406 -74.68 69.64 70.94
CA ALA D 406 -74.98 68.23 70.64
C ALA D 406 -73.96 67.68 69.65
N PRO D 407 -73.54 66.41 69.84
CA PRO D 407 -72.58 65.81 68.92
C PRO D 407 -73.19 65.61 67.56
N LYS D 408 -72.38 65.66 66.51
CA LYS D 408 -72.87 65.47 65.14
C LYS D 408 -72.10 64.28 64.55
N THR D 409 -72.29 64.04 63.26
CA THR D 409 -71.65 62.95 62.57
C THR D 409 -71.17 63.39 61.20
N ILE D 410 -69.98 63.00 60.80
CA ILE D 410 -69.62 63.01 59.37
C ILE D 410 -69.75 61.60 58.81
N ARG D 411 -70.69 61.43 57.90
CA ARG D 411 -70.98 60.12 57.34
C ARG D 411 -69.92 59.78 56.29
N ASP D 412 -69.44 58.54 56.33
CA ASP D 412 -68.40 58.08 55.42
C ASP D 412 -67.14 58.91 55.56
N ALA D 413 -66.75 59.20 56.79
CA ALA D 413 -65.54 59.98 57.06
C ALA D 413 -64.30 59.18 56.65
N PHE D 414 -64.30 57.89 56.97
CA PHE D 414 -63.22 57.00 56.61
C PHE D 414 -63.62 56.01 55.54
N CYS D 415 -62.64 55.53 54.78
CA CYS D 415 -62.86 54.32 53.99
C CYS D 415 -61.71 53.32 54.21
N VAL D 416 -62.05 52.05 54.13
CA VAL D 416 -61.11 50.97 54.30
C VAL D 416 -61.36 49.91 53.27
N PHE D 417 -60.30 49.45 52.61
CA PHE D 417 -60.44 48.58 51.47
C PHE D 417 -59.12 47.92 51.10
N GLU D 418 -59.24 46.84 50.34
CA GLU D 418 -58.12 46.16 49.76
C GLU D 418 -58.05 46.50 48.31
N GLN D 419 -56.86 46.86 47.83
CA GLN D 419 -56.66 47.21 46.44
C GLN D 419 -55.69 46.22 45.82
N ASN D 420 -56.06 45.63 44.72
CA ASN D 420 -55.11 44.93 43.90
C ASN D 420 -54.32 45.97 43.12
N GLN D 421 -53.02 46.04 43.39
CA GLN D 421 -52.13 47.05 42.79
C GLN D 421 -51.77 46.81 41.32
N GLY D 422 -52.08 45.62 40.82
CA GLY D 422 -51.89 45.26 39.40
C GLY D 422 -50.41 45.24 39.07
N LEU D 423 -49.63 44.56 39.89
CA LEU D 423 -48.19 44.78 39.98
C LEU D 423 -47.67 43.78 41.00
N PRO D 424 -46.68 42.99 40.64
CA PRO D 424 -46.25 41.94 41.54
C PRO D 424 -45.56 42.49 42.77
N LEU D 425 -45.87 41.91 43.93
CA LEU D 425 -45.08 42.14 45.11
C LEU D 425 -43.69 41.60 44.83
N ARG D 426 -43.65 40.40 44.24
CA ARG D 426 -42.39 39.76 43.93
C ARG D 426 -42.53 38.77 42.79
N ARG D 427 -41.43 38.51 42.09
CA ARG D 427 -41.49 37.65 40.95
C ARG D 427 -40.12 37.13 40.52
N HIS D 428 -40.07 35.88 40.12
CA HIS D 428 -38.95 35.42 39.35
C HIS D 428 -39.34 34.40 38.28
N HIS D 429 -38.86 34.60 37.06
CA HIS D 429 -39.03 33.64 35.97
C HIS D 429 -37.69 33.01 35.61
N SER D 430 -37.55 31.71 35.82
CA SER D 430 -36.29 31.03 35.57
C SER D 430 -36.32 30.20 34.30
N ASP D 431 -35.59 30.69 33.29
CA ASP D 431 -35.25 29.93 32.09
C ASP D 431 -33.87 29.27 32.25
N LEU D 432 -33.20 29.49 33.37
CA LEU D 432 -31.79 29.12 33.52
C LEU D 432 -31.60 27.94 34.47
N TYR D 433 -31.20 26.81 33.90
CA TYR D 433 -30.86 25.58 34.63
C TYR D 433 -32.06 24.81 35.17
N SER D 434 -32.92 25.48 35.91
CA SER D 434 -34.18 24.89 36.36
C SER D 434 -35.29 25.80 35.81
N HIS D 435 -36.34 25.20 35.28
CA HIS D 435 -37.45 25.95 34.72
C HIS D 435 -38.58 26.04 35.74
N TYR D 436 -38.74 27.23 36.34
CA TYR D 436 -39.82 27.50 37.31
C TYR D 436 -40.25 28.98 37.30
N PHE D 437 -41.41 29.23 37.86
CA PHE D 437 -41.88 30.58 38.12
C PHE D 437 -42.42 30.66 39.55
N GLY D 438 -42.19 31.80 40.17
CA GLY D 438 -42.68 32.04 41.52
C GLY D 438 -42.92 33.52 41.78
N GLY D 439 -44.17 33.88 42.05
CA GLY D 439 -44.51 35.27 42.27
C GLY D 439 -45.74 35.43 43.13
N LEU D 440 -46.19 36.66 43.26
CA LEU D 440 -47.30 37.01 44.13
C LEU D 440 -47.73 38.41 43.74
N ALA D 441 -48.97 38.57 43.31
CA ALA D 441 -49.48 39.88 42.98
C ALA D 441 -49.67 40.67 44.26
N GLU D 442 -49.42 41.99 44.21
CA GLU D 442 -49.52 42.82 45.42
C GLU D 442 -50.92 43.35 45.66
N THR D 443 -51.46 43.01 46.83
CA THR D 443 -52.74 43.52 47.25
C THR D 443 -52.45 44.23 48.53
N VAL D 444 -52.81 45.52 48.61
CA VAL D 444 -52.58 46.32 49.82
C VAL D 444 -53.87 46.58 50.55
N LEU D 445 -53.76 46.93 51.84
CA LEU D 445 -54.90 47.36 52.67
C LEU D 445 -54.76 48.87 52.95
N VAL D 446 -55.78 49.64 52.57
CA VAL D 446 -55.74 51.12 52.69
C VAL D 446 -56.68 51.64 53.77
N VAL D 447 -56.31 52.74 54.39
CA VAL D 447 -57.22 53.48 55.24
C VAL D 447 -57.10 54.93 54.86
N ARG D 448 -58.24 55.59 54.59
CA ARG D 448 -58.22 56.94 54.04
C ARG D 448 -59.27 57.86 54.67
N SER D 449 -58.91 59.14 54.84
CA SER D 449 -59.81 60.23 55.17
C SER D 449 -59.46 61.35 54.27
N MET D 450 -60.36 62.31 54.12
CA MET D 450 -60.03 63.53 53.40
C MET D 450 -60.46 64.75 54.19
N SER D 451 -59.60 65.75 54.26
CA SER D 451 -59.87 67.00 54.91
C SER D 451 -59.98 68.10 53.88
N THR D 452 -61.10 68.81 53.86
CA THR D 452 -61.26 69.97 52.99
C THR D 452 -61.23 71.24 53.82
N LEU D 453 -60.09 71.91 53.79
CA LEU D 453 -59.93 73.13 54.55
C LEU D 453 -59.91 74.29 53.58
N LEU D 454 -61.06 74.94 53.50
CA LEU D 454 -61.26 76.01 52.55
C LEU D 454 -61.03 75.38 51.19
N ASN D 455 -60.07 75.88 50.38
CA ASN D 455 -59.97 75.46 48.95
C ASN D 455 -59.39 74.06 48.72
N TPQ D 456 -58.34 73.71 49.45
CA TPQ D 456 -57.74 72.44 49.14
CB TPQ D 456 -56.20 72.40 49.32
C TPQ D 456 -58.42 71.33 49.93
O TPQ D 456 -59.03 71.58 50.95
C1 TPQ D 456 -55.55 73.52 50.09
C2 TPQ D 456 -54.61 74.48 49.41
O2 TPQ D 456 -54.29 74.43 48.17
C3 TPQ D 456 -54.00 75.54 50.22
C4 TPQ D 456 -54.30 75.62 51.56
O4 TPQ D 456 -53.80 76.51 52.27
C5 TPQ D 456 -55.20 74.68 52.22
O5 TPQ D 456 -55.41 74.83 53.43
C6 TPQ D 456 -55.83 73.61 51.44
N ASP D 457 -58.33 70.13 49.37
CA ASP D 457 -58.78 68.90 49.97
C ASP D 457 -57.57 68.00 50.05
N TYR D 458 -57.10 67.70 51.26
CA TYR D 458 -55.96 66.79 51.49
C TYR D 458 -56.45 65.35 51.56
N VAL D 459 -55.75 64.40 50.93
CA VAL D 459 -56.05 62.96 51.09
C VAL D 459 -55.01 62.34 51.97
N TRP D 460 -55.44 61.60 52.98
CA TRP D 460 -54.53 61.00 53.93
C TRP D 460 -54.62 59.51 53.72
N ASP D 461 -53.59 58.93 53.12
CA ASP D 461 -53.49 57.49 52.96
C ASP D 461 -52.58 56.86 54.01
N THR D 462 -52.97 55.69 54.50
CA THR D 462 -52.06 54.79 55.20
C THR D 462 -52.22 53.45 54.53
N VAL D 463 -51.15 52.97 53.91
CA VAL D 463 -51.23 51.75 53.13
C VAL D 463 -50.41 50.65 53.76
N PHE D 464 -51.04 49.50 53.99
CA PHE D 464 -50.40 48.38 54.64
C PHE D 464 -50.06 47.30 53.64
N HIS D 465 -48.76 47.01 53.51
CA HIS D 465 -48.28 46.13 52.47
C HIS D 465 -48.09 44.73 53.00
N PRO D 466 -48.19 43.72 52.13
CA PRO D 466 -48.09 42.32 52.52
C PRO D 466 -46.69 41.93 52.96
N SER D 467 -45.71 42.76 52.63
CA SER D 467 -44.31 42.54 52.98
C SER D 467 -43.94 42.90 54.41
N GLY D 468 -44.88 43.45 55.16
CA GLY D 468 -44.59 43.99 56.46
C GLY D 468 -44.29 45.49 56.44
N ALA D 469 -44.40 46.10 55.26
CA ALA D 469 -44.16 47.54 55.13
C ALA D 469 -45.41 48.39 55.34
N ILE D 470 -45.23 49.55 55.94
CA ILE D 470 -46.31 50.52 56.09
C ILE D 470 -45.93 51.76 55.30
N GLU D 471 -46.89 52.34 54.60
CA GLU D 471 -46.66 53.51 53.77
C GLU D 471 -47.64 54.60 54.18
N ILE D 472 -47.13 55.80 54.42
CA ILE D 472 -47.94 56.95 54.74
C ILE D 472 -47.81 57.96 53.59
N ARG D 473 -48.93 58.29 52.95
CA ARG D 473 -48.92 59.22 51.85
C ARG D 473 -49.92 60.31 52.12
N PHE D 474 -49.69 61.47 51.50
CA PHE D 474 -50.68 62.53 51.46
C PHE D 474 -50.65 63.28 50.12
N TYR D 475 -51.83 63.52 49.56
CA TYR D 475 -52.00 64.27 48.33
C TYR D 475 -52.80 65.53 48.61
N ALA D 476 -52.46 66.61 47.90
CA ALA D 476 -53.26 67.85 47.90
C ALA D 476 -53.98 67.95 46.58
N THR D 477 -55.29 68.12 46.67
CA THR D 477 -56.13 68.32 45.52
C THR D 477 -57.11 69.41 45.88
N GLY D 478 -58.15 69.55 45.07
CA GLY D 478 -59.14 70.58 45.26
C GLY D 478 -58.82 71.82 44.46
N TYR D 479 -59.27 72.93 44.98
CA TYR D 479 -59.11 74.20 44.30
C TYR D 479 -57.84 74.87 44.75
N ILE D 480 -57.16 75.55 43.84
CA ILE D 480 -56.08 76.42 44.24
C ILE D 480 -56.70 77.68 44.77
N SER D 481 -55.90 78.44 45.48
CA SER D 481 -56.28 79.76 45.95
C SER D 481 -55.78 80.75 44.90
N SER D 482 -56.59 81.73 44.55
CA SER D 482 -56.19 82.71 43.53
C SER D 482 -56.27 84.15 44.00
N ALA D 483 -55.74 85.05 43.18
CA ALA D 483 -55.80 86.49 43.45
C ALA D 483 -56.03 87.21 42.13
N PHE D 484 -56.39 88.47 42.23
CA PHE D 484 -56.63 89.27 41.04
C PHE D 484 -55.31 89.67 40.43
N LEU D 485 -55.22 89.53 39.12
CA LEU D 485 -53.94 89.72 38.45
C LEU D 485 -53.73 91.20 38.08
N PHE D 486 -52.58 91.73 38.50
CA PHE D 486 -52.07 93.04 38.07
C PHE D 486 -50.48 92.92 38.09
N GLY D 487 -49.82 93.46 37.06
CA GLY D 487 -48.35 93.41 36.94
C GLY D 487 -47.90 92.38 35.92
N ALA D 488 -46.88 92.73 35.11
CA ALA D 488 -46.15 91.77 34.22
C ALA D 488 -45.03 91.18 35.08
N THR D 489 -45.46 90.64 36.22
CA THR D 489 -44.68 90.44 37.44
C THR D 489 -43.65 89.28 37.29
N GLY D 490 -44.18 88.10 36.95
CA GLY D 490 -43.45 86.84 36.98
C GLY D 490 -43.29 86.27 38.38
N LYS D 491 -43.06 87.13 39.37
CA LYS D 491 -42.41 86.68 40.60
C LYS D 491 -43.30 85.86 41.47
N TYR D 492 -44.61 85.90 41.31
CA TYR D 492 -45.53 85.33 42.33
C TYR D 492 -46.49 84.27 41.84
N GLY D 493 -46.25 83.79 40.63
CA GLY D 493 -47.05 82.70 40.12
C GLY D 493 -47.35 82.85 38.66
N ASN D 494 -48.27 82.03 38.18
CA ASN D 494 -48.65 82.03 36.79
C ASN D 494 -50.07 82.47 36.63
N GLN D 495 -50.37 83.07 35.50
CA GLN D 495 -51.73 83.35 35.16
C GLN D 495 -52.39 82.06 34.73
N VAL D 496 -53.46 81.70 35.43
CA VAL D 496 -54.14 80.46 35.19
C VAL D 496 -55.50 80.62 34.53
N SER D 497 -56.05 81.83 34.55
CA SER D 497 -57.26 82.16 33.78
C SER D 497 -57.38 83.68 33.63
N GLU D 498 -58.46 84.15 32.99
CA GLU D 498 -58.65 85.60 32.73
C GLU D 498 -58.55 86.31 34.06
N HIS D 499 -57.62 87.25 34.18
CA HIS D 499 -57.42 88.05 35.40
C HIS D 499 -57.00 87.31 36.67
N THR D 500 -56.61 86.05 36.58
CA THR D 500 -56.34 85.24 37.79
C THR D 500 -54.88 84.84 37.93
N LEU D 501 -54.27 85.28 39.02
CA LEU D 501 -52.96 84.82 39.43
C LEU D 501 -53.14 83.59 40.28
N GLY D 502 -52.50 82.50 39.90
CA GLY D 502 -52.46 81.29 40.72
C GLY D 502 -51.29 81.47 41.63
N THR D 503 -51.54 81.64 42.93
CA THR D 503 -50.48 82.11 43.82
C THR D 503 -49.57 80.95 44.21
N VAL D 504 -48.26 81.18 44.07
CA VAL D 504 -47.25 80.21 44.47
C VAL D 504 -47.38 79.92 45.97
N HIS D 505 -47.05 78.70 46.37
CA HIS D 505 -47.05 78.29 47.77
C HIS D 505 -46.43 76.91 47.97
N THR D 506 -46.16 76.55 49.21
CA THR D 506 -45.63 75.26 49.56
C THR D 506 -46.61 74.54 50.45
N HIS D 507 -46.69 73.24 50.31
CA HIS D 507 -47.41 72.38 51.26
C HIS D 507 -46.38 71.61 52.03
N SER D 508 -46.71 71.32 53.29
CA SER D 508 -45.92 70.38 54.11
C SER D 508 -46.74 69.85 55.24
N ALA D 509 -46.39 68.68 55.73
CA ALA D 509 -47.16 67.95 56.73
C ALA D 509 -46.20 67.26 57.65
N HIS D 510 -46.56 67.13 58.91
CA HIS D 510 -45.69 66.52 59.92
C HIS D 510 -46.35 65.27 60.49
N PHE D 511 -45.58 64.22 60.68
CA PHE D 511 -46.13 62.97 61.19
C PHE D 511 -45.34 62.51 62.38
N LYS D 512 -46.07 62.05 63.40
CA LYS D 512 -45.46 61.41 64.55
C LYS D 512 -45.48 59.93 64.27
N VAL D 513 -44.32 59.30 64.40
CA VAL D 513 -44.19 57.89 64.14
C VAL D 513 -43.53 57.25 65.33
N ASP D 514 -44.32 56.65 66.21
CA ASP D 514 -43.79 55.99 67.40
C ASP D 514 -43.68 54.49 67.16
N LEU D 515 -42.60 54.13 66.47
CA LEU D 515 -42.21 52.77 66.26
C LEU D 515 -41.72 52.23 67.56
N ASP D 516 -42.09 50.98 67.85
CA ASP D 516 -41.54 50.24 68.98
C ASP D 516 -41.01 48.93 68.43
N VAL D 517 -39.82 48.98 67.85
CA VAL D 517 -39.30 47.84 67.09
C VAL D 517 -38.88 46.73 68.03
N ALA D 518 -39.60 45.59 67.95
CA ALA D 518 -39.33 44.43 68.81
C ALA D 518 -39.18 44.83 70.30
N GLY D 519 -40.12 45.66 70.80
CA GLY D 519 -40.04 46.19 72.15
C GLY D 519 -39.85 47.69 72.16
N LEU D 520 -39.83 48.30 73.34
CA LEU D 520 -39.69 49.75 73.48
C LEU D 520 -38.29 50.26 73.20
N GLU D 521 -37.30 49.63 73.82
CA GLU D 521 -35.92 50.12 73.75
C GLU D 521 -35.38 49.97 72.33
N ASN D 522 -35.08 51.11 71.71
CA ASN D 522 -34.63 51.11 70.33
C ASN D 522 -33.41 52.00 70.16
N TRP D 523 -32.66 51.75 69.09
CA TRP D 523 -31.45 52.53 68.75
C TRP D 523 -31.61 53.00 67.33
N VAL D 524 -30.85 54.01 66.94
CA VAL D 524 -30.97 54.56 65.60
C VAL D 524 -29.70 54.34 64.79
N TRP D 525 -29.86 53.74 63.62
CA TRP D 525 -28.72 53.35 62.79
C TRP D 525 -28.73 54.07 61.46
N ALA D 526 -27.58 54.58 61.06
CA ALA D 526 -27.39 55.15 59.72
C ALA D 526 -26.39 54.32 58.90
N GLU D 527 -26.81 53.82 57.73
CA GLU D 527 -25.90 53.10 56.83
C GLU D 527 -25.85 53.77 55.47
N ASP D 528 -24.70 53.76 54.85
CA ASP D 528 -24.58 54.35 53.52
C ASP D 528 -23.45 53.65 52.76
N MET D 529 -23.04 54.19 51.62
CA MET D 529 -22.04 53.56 50.76
C MET D 529 -20.82 54.45 50.57
N VAL D 530 -19.73 53.83 50.19
CA VAL D 530 -18.52 54.56 49.87
C VAL D 530 -17.66 53.68 48.98
N PHE D 531 -16.84 54.29 48.14
CA PHE D 531 -15.86 53.59 47.33
C PHE D 531 -14.45 53.82 47.88
N VAL D 532 -13.64 52.76 47.85
CA VAL D 532 -12.27 52.86 48.33
C VAL D 532 -11.32 52.30 47.29
N PRO D 533 -10.41 53.14 46.78
CA PRO D 533 -9.39 52.66 45.85
C PRO D 533 -8.52 51.55 46.45
N MET D 534 -8.09 50.63 45.60
CA MET D 534 -7.42 49.44 46.04
C MET D 534 -6.71 48.79 44.86
N ALA D 535 -5.55 48.20 45.16
CA ALA D 535 -4.86 47.34 44.21
C ALA D 535 -5.71 46.08 44.02
N VAL D 536 -5.84 45.67 42.78
CA VAL D 536 -6.45 44.40 42.49
C VAL D 536 -5.59 43.31 43.11
N PRO D 537 -6.14 42.58 44.09
CA PRO D 537 -5.43 41.47 44.73
C PRO D 537 -4.65 40.57 43.73
N TRP D 538 -5.30 40.09 42.68
CA TRP D 538 -4.63 39.16 41.75
C TRP D 538 -3.89 39.89 40.62
N SER D 539 -3.71 41.19 40.71
CA SER D 539 -3.02 41.93 39.64
C SER D 539 -2.74 43.38 40.09
N PRO D 540 -1.84 43.54 41.09
CA PRO D 540 -1.67 44.78 41.81
C PRO D 540 -1.17 45.94 40.96
N GLU D 541 -0.66 45.64 39.76
CA GLU D 541 -0.40 46.69 38.77
C GLU D 541 -1.69 47.53 38.48
N HIS D 542 -2.85 46.98 38.86
CA HIS D 542 -4.14 47.60 38.59
C HIS D 542 -4.93 48.05 39.83
N GLN D 543 -5.83 48.98 39.57
CA GLN D 543 -6.57 49.71 40.60
C GLN D 543 -8.05 49.43 40.48
N LEU D 544 -8.73 49.05 41.56
CA LEU D 544 -10.20 48.88 41.50
C LEU D 544 -10.82 49.77 42.55
N GLN D 545 -12.07 50.18 42.33
CA GLN D 545 -12.80 51.00 43.29
C GLN D 545 -13.70 50.13 44.13
N ARG D 546 -13.31 49.89 45.36
CA ARG D 546 -13.95 48.86 46.17
C ARG D 546 -15.17 49.43 46.91
N LEU D 547 -16.37 49.05 46.45
CA LEU D 547 -17.62 49.51 47.07
C LEU D 547 -17.74 48.87 48.44
N GLN D 548 -18.08 49.72 49.42
CA GLN D 548 -18.25 49.30 50.81
C GLN D 548 -19.46 49.97 51.45
N VAL D 549 -19.96 49.35 52.51
CA VAL D 549 -21.01 49.93 53.34
C VAL D 549 -20.40 50.65 54.50
N THR D 550 -20.79 51.91 54.70
CA THR D 550 -20.53 52.64 55.96
C THR D 550 -21.74 52.56 56.92
N ARG D 551 -21.45 52.40 58.22
CA ARG D 551 -22.47 52.24 59.25
C ARG D 551 -22.09 53.09 60.46
N LYS D 552 -23.06 53.80 61.04
CA LYS D 552 -22.86 54.62 62.25
C LYS D 552 -24.07 54.53 63.17
N LEU D 553 -23.84 54.38 64.47
CA LEU D 553 -24.92 54.43 65.44
C LEU D 553 -25.10 55.89 65.83
N LEU D 554 -26.35 56.38 65.76
CA LEU D 554 -26.65 57.75 66.12
C LEU D 554 -27.02 57.81 67.58
N GLU D 555 -26.16 58.45 68.36
CA GLU D 555 -26.20 58.30 69.82
C GLU D 555 -27.04 59.36 70.52
N MET D 556 -26.81 60.61 70.14
CA MET D 556 -27.49 61.76 70.73
C MET D 556 -28.62 62.26 69.82
N GLU D 557 -29.67 62.82 70.41
CA GLU D 557 -30.81 63.38 69.65
C GLU D 557 -30.36 64.27 68.48
N GLU D 558 -29.36 65.11 68.73
CA GLU D 558 -28.98 66.13 67.76
C GLU D 558 -28.41 65.46 66.47
N GLN D 559 -27.83 64.26 66.61
CA GLN D 559 -27.30 63.52 65.46
C GLN D 559 -28.41 62.89 64.63
N ALA D 560 -29.62 62.82 65.15
CA ALA D 560 -30.75 62.23 64.42
C ALA D 560 -31.68 63.31 63.92
N ALA D 561 -31.23 64.55 63.94
CA ALA D 561 -32.07 65.66 63.56
C ALA D 561 -31.60 66.21 62.22
N PHE D 562 -32.26 65.80 61.15
CA PHE D 562 -31.83 66.19 59.80
C PHE D 562 -32.57 67.38 59.22
N LEU D 563 -31.87 68.52 59.14
CA LEU D 563 -32.45 69.73 58.58
C LEU D 563 -32.73 69.54 57.09
N VAL D 564 -33.72 70.30 56.60
CA VAL D 564 -34.09 70.27 55.19
C VAL D 564 -32.96 70.87 54.40
N GLY D 565 -32.55 70.16 53.35
CA GLY D 565 -31.38 70.56 52.55
C GLY D 565 -30.12 69.78 52.89
N SER D 566 -29.99 69.34 54.15
CA SER D 566 -28.90 68.44 54.51
C SER D 566 -28.93 67.10 53.73
N ALA D 567 -27.72 66.52 53.62
CA ALA D 567 -27.52 65.17 53.10
C ALA D 567 -28.09 64.26 54.16
N THR D 568 -28.66 63.17 53.71
CA THR D 568 -29.33 62.28 54.57
C THR D 568 -28.78 60.85 54.31
N PRO D 569 -28.56 60.06 55.37
CA PRO D 569 -28.15 58.70 55.15
C PRO D 569 -29.10 58.02 54.21
N ARG D 570 -28.56 57.24 53.27
CA ARG D 570 -29.40 56.49 52.35
C ARG D 570 -30.22 55.39 53.03
N TYR D 571 -29.71 54.83 54.13
CA TYR D 571 -30.43 53.84 54.93
C TYR D 571 -30.45 54.42 56.34
N LEU D 572 -31.64 54.66 56.88
CA LEU D 572 -31.76 55.10 58.24
C LEU D 572 -32.83 54.29 58.90
N TYR D 573 -32.51 53.64 60.01
CA TYR D 573 -33.47 52.76 60.62
C TYR D 573 -33.40 52.77 62.13
N LEU D 574 -34.52 52.38 62.75
CA LEU D 574 -34.63 52.24 64.17
C LEU D 574 -34.65 50.77 64.44
N ALA D 575 -33.88 50.33 65.44
CA ALA D 575 -33.76 48.90 65.68
C ALA D 575 -33.66 48.58 67.15
N SER D 576 -34.01 47.33 67.44
CA SER D 576 -33.89 46.75 68.75
C SER D 576 -32.45 46.31 69.07
N ASN D 577 -32.28 46.10 70.35
CA ASN D 577 -31.17 45.37 70.94
C ASN D 577 -31.02 43.96 70.33
N HIS D 578 -32.14 43.24 70.24
CA HIS D 578 -32.16 41.83 69.84
C HIS D 578 -31.87 41.71 68.37
N SER D 579 -31.55 40.51 67.91
CA SER D 579 -31.17 40.29 66.53
C SER D 579 -32.07 39.31 65.89
N ASN D 580 -32.02 39.22 64.57
CA ASN D 580 -32.74 38.16 63.88
C ASN D 580 -31.85 36.90 63.86
N LYS D 581 -32.35 35.85 63.19
CA LYS D 581 -31.63 34.56 63.07
C LYS D 581 -30.18 34.75 62.59
N TRP D 582 -29.93 35.70 61.72
CA TRP D 582 -28.59 35.91 61.15
C TRP D 582 -27.80 37.02 61.86
N GLY D 583 -28.17 37.29 63.10
CA GLY D 583 -27.32 38.08 63.98
C GLY D 583 -27.31 39.57 63.74
N HIS D 584 -28.29 40.07 63.02
CA HIS D 584 -28.42 41.52 62.83
C HIS D 584 -29.53 42.05 63.67
N PRO D 585 -29.34 43.28 64.21
CA PRO D 585 -30.38 43.94 65.02
C PRO D 585 -31.67 44.11 64.28
N ARG D 586 -32.79 43.89 64.97
CA ARG D 586 -34.09 43.89 64.32
C ARG D 586 -34.55 45.31 64.05
N GLY D 587 -34.66 45.64 62.76
CA GLY D 587 -34.84 47.02 62.38
C GLY D 587 -36.05 47.30 61.51
N TYR D 588 -36.54 48.52 61.60
CA TYR D 588 -37.47 49.06 60.65
C TYR D 588 -36.89 50.36 60.20
N ARG D 589 -37.05 50.62 58.92
CA ARG D 589 -36.33 51.67 58.24
C ARG D 589 -37.27 52.71 57.72
N ILE D 590 -36.92 53.98 57.89
CA ILE D 590 -37.70 55.07 57.34
C ILE D 590 -37.09 55.45 56.00
N GLN D 591 -37.92 55.46 54.97
CA GLN D 591 -37.53 55.84 53.62
C GLN D 591 -38.49 56.91 53.16
N MET D 592 -37.95 58.03 52.70
CA MET D 592 -38.76 59.24 52.49
C MET D 592 -39.02 59.58 51.04
N LEU D 593 -40.30 59.63 50.65
CA LEU D 593 -40.73 60.23 49.37
C LEU D 593 -41.15 61.73 49.61
N SER D 594 -40.22 62.68 49.47
CA SER D 594 -40.51 64.10 49.70
C SER D 594 -39.69 65.04 48.81
N PHE D 595 -40.38 66.03 48.25
CA PHE D 595 -39.80 67.06 47.39
C PHE D 595 -39.76 68.45 48.12
N ALA D 596 -39.49 68.41 49.44
CA ALA D 596 -39.76 69.51 50.37
C ALA D 596 -39.30 70.88 49.92
N GLY D 597 -40.18 71.87 50.05
CA GLY D 597 -39.87 73.26 49.72
C GLY D 597 -38.96 73.90 50.72
N GLU D 598 -38.35 75.02 50.36
CA GLU D 598 -37.46 75.73 51.28
C GLU D 598 -38.30 76.26 52.40
N PRO D 599 -37.87 76.09 53.65
CA PRO D 599 -38.68 76.56 54.78
C PRO D 599 -38.63 78.08 55.00
N LEU D 600 -39.67 78.58 55.65
CA LEU D 600 -39.67 79.96 56.11
C LEU D 600 -38.42 80.19 56.95
N PRO D 601 -37.67 81.26 56.66
CA PRO D 601 -36.43 81.55 57.41
C PRO D 601 -36.61 81.71 58.90
N GLN D 602 -35.61 81.27 59.66
CA GLN D 602 -35.62 81.46 61.12
C GLN D 602 -35.62 82.94 61.50
N ASN D 603 -34.87 83.75 60.76
CA ASN D 603 -34.98 85.21 60.87
C ASN D 603 -36.45 85.72 61.10
N SER D 604 -37.45 84.95 60.64
CA SER D 604 -38.86 85.29 60.86
C SER D 604 -39.33 84.88 62.23
N SER D 605 -39.90 85.83 62.98
CA SER D 605 -40.47 85.60 64.32
C SER D 605 -41.59 84.54 64.33
N MET D 606 -42.30 84.51 63.23
CA MET D 606 -43.37 83.55 63.03
C MET D 606 -42.92 82.06 63.04
N ALA D 607 -41.66 81.82 62.63
CA ALA D 607 -41.20 80.46 62.31
C ALA D 607 -41.30 79.50 63.47
N ARG D 608 -41.04 79.98 64.68
CA ARG D 608 -41.14 79.14 65.88
C ARG D 608 -42.51 78.41 66.00
N GLY D 609 -43.54 78.94 65.36
CA GLY D 609 -44.86 78.33 65.39
C GLY D 609 -44.99 77.06 64.57
N PHE D 610 -44.01 76.79 63.74
CA PHE D 610 -43.99 75.54 62.95
C PHE D 610 -42.55 75.18 62.63
N SER D 611 -41.74 75.10 63.67
CA SER D 611 -40.31 74.89 63.49
C SER D 611 -40.04 73.49 62.94
N TRP D 612 -40.96 72.53 63.08
CA TRP D 612 -40.84 71.20 62.44
C TRP D 612 -40.62 71.26 60.92
N GLU D 613 -41.06 72.35 60.33
CA GLU D 613 -40.86 72.58 58.90
C GLU D 613 -39.38 72.48 58.50
N ARG D 614 -38.50 72.88 59.40
CA ARG D 614 -37.06 72.96 59.13
C ARG D 614 -36.39 71.60 59.03
N TYR D 615 -37.05 70.57 59.53
CA TYR D 615 -36.50 69.21 59.56
C TYR D 615 -37.17 68.28 58.55
N GLN D 616 -36.41 67.34 58.01
CA GLN D 616 -36.95 66.30 57.16
C GLN D 616 -37.39 65.19 58.07
N LEU D 617 -36.57 64.95 59.09
CA LEU D 617 -36.74 63.84 60.01
C LEU D 617 -36.06 64.19 61.33
N ALA D 618 -36.60 63.69 62.42
CA ALA D 618 -35.98 63.86 63.73
C ALA D 618 -36.40 62.72 64.63
N VAL D 619 -35.44 62.14 65.34
CA VAL D 619 -35.77 61.10 66.31
C VAL D 619 -35.46 61.65 67.69
N THR D 620 -36.43 61.55 68.60
CA THR D 620 -36.28 62.06 69.96
C THR D 620 -36.78 61.02 70.93
N GLN D 621 -36.39 61.18 72.21
CA GLN D 621 -36.94 60.32 73.25
C GLN D 621 -38.42 60.57 73.26
N ARG D 622 -39.21 59.49 73.36
CA ARG D 622 -40.63 59.65 73.56
C ARG D 622 -40.92 60.02 75.01
N LYS D 623 -41.84 60.96 75.21
CA LYS D 623 -42.17 61.52 76.52
C LYS D 623 -43.65 61.94 76.62
N GLU D 624 -44.29 61.58 77.74
CA GLU D 624 -45.71 61.89 77.95
C GLU D 624 -45.98 63.37 77.85
N GLU D 625 -45.08 64.17 78.38
CA GLU D 625 -45.19 65.63 78.30
C GLU D 625 -44.79 66.24 76.94
N GLU D 626 -44.51 65.42 75.92
CA GLU D 626 -44.26 65.86 74.53
C GLU D 626 -45.14 65.08 73.54
N PRO D 627 -46.47 65.17 73.69
CA PRO D 627 -47.35 64.36 72.86
C PRO D 627 -47.53 64.86 71.43
N SER D 628 -47.22 66.13 71.15
CA SER D 628 -47.48 66.69 69.82
C SER D 628 -46.53 67.78 69.40
N SER D 629 -46.31 67.84 68.10
CA SER D 629 -45.37 68.78 67.54
C SER D 629 -46.00 70.14 67.28
N SER D 630 -47.32 70.18 67.29
CA SER D 630 -48.05 71.42 67.06
C SER D 630 -49.14 71.57 68.09
N SER D 631 -49.96 72.62 67.94
CA SER D 631 -51.04 72.93 68.86
C SER D 631 -52.03 73.74 68.09
N VAL D 632 -53.31 73.56 68.37
CA VAL D 632 -54.36 74.31 67.68
C VAL D 632 -54.22 75.81 67.94
N PHE D 633 -53.43 76.18 68.94
CA PHE D 633 -53.25 77.57 69.33
C PHE D 633 -52.08 78.27 68.68
N ASN D 634 -51.39 77.56 67.77
CA ASN D 634 -50.24 78.16 67.09
C ASN D 634 -50.67 79.05 65.93
N GLN D 635 -51.70 78.60 65.22
CA GLN D 635 -52.21 79.33 64.06
C GLN D 635 -52.44 80.80 64.37
N ASN D 636 -53.05 81.11 65.50
CA ASN D 636 -53.38 82.49 65.82
C ASN D 636 -52.30 83.23 66.57
N ASP D 637 -51.40 82.53 67.24
CA ASP D 637 -50.21 83.17 67.85
C ASP D 637 -48.95 82.33 67.66
N PRO D 638 -48.40 82.32 66.45
CA PRO D 638 -47.16 81.62 66.15
C PRO D 638 -45.94 82.37 66.66
N TRP D 639 -46.07 83.66 66.91
CA TRP D 639 -44.97 84.47 67.47
C TRP D 639 -44.67 84.04 68.90
N ALA D 640 -45.72 83.65 69.62
CA ALA D 640 -45.58 83.14 70.98
C ALA D 640 -46.14 81.71 71.02
N PRO D 641 -45.45 80.78 70.35
CA PRO D 641 -46.03 79.48 70.08
C PRO D 641 -46.41 78.76 71.35
N THR D 642 -47.54 78.10 71.33
CA THR D 642 -47.95 77.28 72.44
C THR D 642 -47.10 76.03 72.52
N VAL D 643 -46.92 75.35 71.39
CA VAL D 643 -45.93 74.28 71.28
C VAL D 643 -44.84 74.68 70.28
N ASP D 644 -43.59 74.44 70.63
CA ASP D 644 -42.45 74.74 69.74
C ASP D 644 -41.58 73.52 69.52
N PHE D 645 -41.75 72.88 68.37
CA PHE D 645 -41.19 71.57 68.17
C PHE D 645 -39.71 71.48 68.42
N SER D 646 -38.97 72.47 67.93
CA SER D 646 -37.52 72.46 68.07
C SER D 646 -37.06 72.19 69.52
N ASP D 647 -37.85 72.63 70.49
CA ASP D 647 -37.55 72.37 71.90
C ASP D 647 -37.42 70.90 72.25
N PHE D 648 -38.04 70.02 71.47
CA PHE D 648 -37.98 68.59 71.78
C PHE D 648 -36.58 68.01 71.55
N ILE D 649 -35.85 68.64 70.65
CA ILE D 649 -34.53 68.17 70.27
C ILE D 649 -33.62 68.88 71.21
N ASN D 650 -33.12 68.12 72.19
CA ASN D 650 -32.50 68.72 73.38
C ASN D 650 -31.26 68.02 73.93
N ASN D 651 -30.50 67.34 73.07
CA ASN D 651 -29.16 66.86 73.49
C ASN D 651 -29.22 65.77 74.57
N GLU D 652 -30.04 64.76 74.34
CA GLU D 652 -30.12 63.60 75.20
C GLU D 652 -29.68 62.35 74.44
N THR D 653 -29.65 61.23 75.13
CA THR D 653 -29.39 59.98 74.49
C THR D 653 -30.65 59.54 73.77
N ILE D 654 -30.43 58.90 72.62
CA ILE D 654 -31.44 58.12 71.91
C ILE D 654 -30.90 56.71 71.72
N ALA D 655 -29.93 56.35 72.56
CA ALA D 655 -29.31 55.05 72.49
C ALA D 655 -30.00 54.16 73.48
N GLY D 656 -31.06 53.49 73.04
CA GLY D 656 -31.71 52.47 73.87
C GLY D 656 -32.81 53.05 74.72
N LYS D 657 -33.65 53.88 74.10
CA LYS D 657 -34.84 54.39 74.77
C LYS D 657 -36.07 54.10 73.93
N ASP D 658 -37.24 54.43 74.49
CA ASP D 658 -38.46 54.47 73.73
C ASP D 658 -38.30 55.68 72.81
N LEU D 659 -38.18 55.41 71.53
CA LEU D 659 -37.92 56.47 70.58
C LEU D 659 -39.17 56.79 69.78
N VAL D 660 -39.14 57.96 69.15
CA VAL D 660 -40.23 58.40 68.29
C VAL D 660 -39.67 59.26 67.16
N ALA D 661 -40.04 58.90 65.93
CA ALA D 661 -39.58 59.61 64.75
C ALA D 661 -40.61 60.64 64.32
N TRP D 662 -40.12 61.80 63.89
CA TRP D 662 -40.98 62.89 63.45
C TRP D 662 -40.61 63.22 62.02
N VAL D 663 -41.51 62.90 61.09
CA VAL D 663 -41.25 63.02 59.68
C VAL D 663 -41.97 64.21 59.04
N THR D 664 -41.23 65.02 58.32
CA THR D 664 -41.81 66.10 57.56
C THR D 664 -41.83 65.67 56.10
N ALA D 665 -42.93 65.95 55.42
CA ALA D 665 -42.99 65.76 53.97
C ALA D 665 -43.73 66.93 53.34
N GLY D 666 -43.34 67.31 52.13
CA GLY D 666 -44.02 68.39 51.44
C GLY D 666 -43.46 68.65 50.08
N PHE D 667 -43.86 69.78 49.50
CA PHE D 667 -43.40 70.22 48.18
C PHE D 667 -43.85 71.63 47.81
N LEU D 668 -43.22 72.20 46.79
CA LEU D 668 -43.52 73.52 46.32
C LEU D 668 -44.50 73.43 45.22
N HIS D 669 -45.48 74.31 45.21
CA HIS D 669 -46.49 74.33 44.15
C HIS D 669 -46.58 75.70 43.49
N ILE D 670 -46.18 75.74 42.21
CA ILE D 670 -46.35 76.90 41.40
C ILE D 670 -47.55 76.60 40.50
N PRO D 671 -48.71 77.20 40.82
CA PRO D 671 -49.87 76.84 40.03
C PRO D 671 -49.74 77.13 38.55
N HIS D 672 -50.46 76.36 37.75
CA HIS D 672 -50.41 76.45 36.31
C HIS D 672 -51.78 76.09 35.74
N ALA D 673 -52.01 76.30 34.45
CA ALA D 673 -53.33 76.09 33.85
C ALA D 673 -53.98 74.79 34.24
N GLU D 674 -53.19 73.75 34.33
CA GLU D 674 -53.71 72.42 34.54
C GLU D 674 -54.20 72.22 35.96
N ASP D 675 -53.95 73.21 36.83
CA ASP D 675 -54.62 73.26 38.14
C ASP D 675 -56.09 73.77 38.08
N ILE D 676 -56.59 74.10 36.90
CA ILE D 676 -57.93 74.62 36.78
C ILE D 676 -58.82 73.62 36.05
N PRO D 677 -59.89 73.16 36.66
CA PRO D 677 -60.52 73.61 37.90
C PRO D 677 -59.83 73.18 39.17
N ASN D 678 -59.39 71.92 39.22
CA ASN D 678 -58.72 71.42 40.42
C ASN D 678 -57.32 70.97 40.13
N THR D 679 -56.52 70.95 41.20
CA THR D 679 -55.20 70.34 41.22
C THR D 679 -55.37 68.84 41.23
N VAL D 680 -54.71 68.14 40.30
CA VAL D 680 -54.77 66.68 40.25
C VAL D 680 -53.80 66.06 41.25
N THR D 681 -54.09 64.85 41.66
CA THR D 681 -53.20 64.12 42.57
C THR D 681 -51.93 63.51 41.95
N VAL D 682 -51.90 63.38 40.64
CA VAL D 682 -50.83 62.70 39.92
C VAL D 682 -49.46 63.28 40.17
N GLY D 683 -48.60 62.48 40.79
CA GLY D 683 -47.26 62.90 41.12
C GLY D 683 -47.11 63.83 42.32
N ASN D 684 -48.22 64.32 42.86
CA ASN D 684 -48.18 65.18 44.05
C ASN D 684 -48.27 64.45 45.37
N GLY D 685 -48.27 63.13 45.36
CA GLY D 685 -48.30 62.35 46.59
C GLY D 685 -46.95 62.43 47.26
N VAL D 686 -46.94 62.60 48.57
CA VAL D 686 -45.71 62.84 49.29
C VAL D 686 -45.84 62.09 50.58
N GLY D 687 -44.73 61.57 51.11
CA GLY D 687 -44.78 60.80 52.33
C GLY D 687 -43.58 59.93 52.54
N PHE D 688 -43.79 58.78 53.19
CA PHE D 688 -42.68 57.91 53.56
C PHE D 688 -43.10 56.48 53.76
N PHE D 689 -42.11 55.59 53.68
CA PHE D 689 -42.31 54.17 53.94
C PHE D 689 -41.64 53.79 55.24
N LEU D 690 -42.20 52.76 55.85
CA LEU D 690 -41.61 52.10 56.99
C LEU D 690 -41.45 50.63 56.60
N ARG D 691 -40.18 50.22 56.40
CA ARG D 691 -39.86 48.91 55.84
C ARG D 691 -38.99 48.12 56.76
N PRO D 692 -39.26 46.81 56.84
CA PRO D 692 -38.50 45.94 57.69
C PRO D 692 -37.10 45.74 57.12
N TYR D 693 -36.12 45.88 57.99
CA TYR D 693 -34.71 45.74 57.67
C TYR D 693 -34.07 44.79 58.68
N ASN D 694 -34.00 43.51 58.32
CA ASN D 694 -33.55 42.45 59.24
C ASN D 694 -34.38 42.33 60.52
N PHE D 695 -35.65 42.66 60.38
CA PHE D 695 -36.60 42.49 61.44
C PHE D 695 -36.98 41.03 61.43
N PHE D 696 -37.26 40.49 60.24
CA PHE D 696 -37.63 39.10 60.10
C PHE D 696 -36.42 38.26 59.78
N ASP D 697 -36.65 36.95 59.76
CA ASP D 697 -35.67 35.99 59.35
C ASP D 697 -35.77 35.81 57.85
N GLU D 698 -36.96 36.04 57.31
CA GLU D 698 -37.16 36.01 55.87
C GLU D 698 -38.42 36.79 55.48
N ASP D 699 -38.52 37.13 54.20
CA ASP D 699 -39.65 37.81 53.67
C ASP D 699 -40.88 37.08 54.10
N PRO D 700 -41.69 37.72 54.96
CA PRO D 700 -43.02 37.28 55.38
C PRO D 700 -43.90 36.76 54.26
N SER D 701 -43.83 37.36 53.08
CA SER D 701 -44.67 36.98 51.93
C SER D 701 -44.34 35.62 51.32
N PHE D 702 -43.27 34.99 51.77
CA PHE D 702 -42.98 33.62 51.37
C PHE D 702 -44.14 32.75 51.76
N TYR D 703 -44.65 33.07 52.96
CA TYR D 703 -45.78 32.38 53.60
C TYR D 703 -47.18 32.75 53.08
N SER D 704 -47.26 33.59 52.07
CA SER D 704 -48.51 34.13 51.65
C SER D 704 -49.45 33.03 51.19
N ALA D 705 -50.71 33.15 51.60
CA ALA D 705 -51.75 32.26 51.13
C ALA D 705 -52.05 32.50 49.66
N ASP D 706 -51.50 33.56 49.09
CA ASP D 706 -51.80 33.87 47.71
C ASP D 706 -50.62 33.70 46.71
N SER D 707 -49.47 33.24 47.20
CA SER D 707 -48.30 33.15 46.33
C SER D 707 -48.47 32.02 45.33
N ILE D 708 -48.13 32.30 44.07
CA ILE D 708 -48.21 31.35 42.98
C ILE D 708 -46.83 30.78 42.72
N TYR D 709 -46.80 29.49 42.40
CA TYR D 709 -45.56 28.84 42.07
C TYR D 709 -45.79 27.60 41.26
N PHE D 710 -44.99 27.40 40.22
CA PHE D 710 -45.03 26.16 39.46
C PHE D 710 -43.75 25.95 38.65
N ARG D 711 -43.38 24.68 38.47
CA ARG D 711 -42.24 24.27 37.63
C ARG D 711 -42.65 24.09 36.18
N GLY D 712 -41.65 24.15 35.30
CA GLY D 712 -41.88 24.09 33.88
C GLY D 712 -42.40 22.74 33.45
N ASP D 713 -42.07 21.71 34.21
CA ASP D 713 -42.58 20.39 33.89
C ASP D 713 -44.01 20.14 34.40
N GLN D 714 -44.47 20.94 35.36
CA GLN D 714 -45.84 20.82 35.86
C GLN D 714 -46.86 21.44 34.90
N ASP D 715 -48.13 21.28 35.22
CA ASP D 715 -49.24 21.82 34.41
C ASP D 715 -49.72 23.14 35.04
N ALA D 716 -49.43 24.26 34.37
CA ALA D 716 -49.78 25.58 34.91
C ALA D 716 -51.29 25.83 34.88
N GLY D 717 -52.02 25.18 33.96
CA GLY D 717 -53.50 25.23 33.92
C GLY D 717 -54.21 24.32 34.93
N ALA D 718 -53.48 23.38 35.50
CA ALA D 718 -54.05 22.43 36.48
C ALA D 718 -54.34 23.18 37.75
N CYS D 719 -55.62 23.40 37.97
CA CYS D 719 -56.09 24.12 39.13
C CYS D 719 -55.42 23.66 40.46
N GLU D 720 -55.34 22.36 40.67
CA GLU D 720 -54.66 21.85 41.85
C GLU D 720 -53.18 22.25 41.90
N VAL D 721 -52.55 22.47 40.76
CA VAL D 721 -51.18 22.99 40.73
C VAL D 721 -51.18 24.50 40.96
N ASN D 722 -51.99 25.24 40.22
CA ASN D 722 -51.94 26.71 40.16
C ASN D 722 -53.31 27.37 40.39
N PRO D 723 -53.50 27.99 41.56
CA PRO D 723 -54.75 28.63 41.92
C PRO D 723 -55.34 29.61 40.89
N LEU D 724 -54.47 30.32 40.18
CA LEU D 724 -54.94 31.21 39.12
C LEU D 724 -55.81 30.49 38.09
N ALA D 725 -55.57 29.19 37.86
CA ALA D 725 -56.34 28.36 36.91
C ALA D 725 -57.82 28.23 37.31
N CYS D 726 -58.08 28.27 38.61
CA CYS D 726 -59.47 28.17 39.15
C CYS D 726 -60.20 29.52 39.24
N LEU D 727 -59.47 30.61 39.02
CA LEU D 727 -60.05 31.93 39.09
C LEU D 727 -61.29 32.04 38.21
N PRO D 728 -61.23 31.57 36.94
CA PRO D 728 -62.45 31.78 36.14
C PRO D 728 -63.71 31.11 36.71
N GLN D 729 -63.55 30.02 37.44
CA GLN D 729 -64.67 29.44 38.23
C GLN D 729 -64.94 30.38 39.44
N ALA D 730 -63.92 30.57 40.27
CA ALA D 730 -64.02 31.44 41.45
C ALA D 730 -64.71 32.78 41.19
N ALA D 731 -64.44 33.41 40.05
CA ALA D 731 -64.97 34.73 39.73
C ALA D 731 -66.06 34.68 38.66
N ALA D 732 -66.75 33.55 38.55
CA ALA D 732 -67.91 33.44 37.66
C ALA D 732 -69.17 33.82 38.47
N CYS D 733 -69.26 35.11 38.83
CA CYS D 733 -70.41 35.62 39.53
C CYS D 733 -70.47 37.15 39.46
N ALA D 734 -71.70 37.69 39.38
CA ALA D 734 -71.92 39.13 39.34
C ALA D 734 -71.79 39.64 40.76
N PRO D 735 -71.06 40.75 40.94
CA PRO D 735 -70.89 41.33 42.26
C PRO D 735 -72.15 42.03 42.77
N ASP D 736 -72.44 41.90 44.07
CA ASP D 736 -73.62 42.54 44.69
C ASP D 736 -73.25 43.94 45.14
N LEU D 737 -73.36 44.90 44.25
CA LEU D 737 -73.06 46.30 44.59
C LEU D 737 -74.21 46.95 45.39
N PRO D 738 -73.88 47.58 46.52
CA PRO D 738 -74.80 48.46 47.26
C PRO D 738 -75.28 49.68 46.50
N ALA D 739 -76.52 50.09 46.76
CA ALA D 739 -77.05 51.25 46.09
C ALA D 739 -76.22 52.44 46.50
N PHE D 740 -75.98 53.33 45.56
CA PHE D 740 -75.18 54.49 45.86
C PHE D 740 -75.86 55.37 46.88
N SER D 741 -75.14 55.66 47.94
CA SER D 741 -75.53 56.70 48.88
C SER D 741 -74.42 57.77 48.99
N HIS D 742 -74.81 58.98 49.33
CA HIS D 742 -73.84 60.04 49.62
C HIS D 742 -74.04 60.64 51.00
N GLY D 743 -72.95 60.99 51.67
CA GLY D 743 -73.01 61.43 53.06
C GLY D 743 -73.47 62.85 53.32
N GLY D 744 -73.91 63.56 52.28
CA GLY D 744 -74.51 64.89 52.45
C GLY D 744 -73.57 66.01 52.87
N PHE D 745 -74.15 67.16 53.19
CA PHE D 745 -73.42 68.38 53.52
C PHE D 745 -73.82 68.98 54.90
N SER D 746 -73.49 70.24 55.20
CA SER D 746 -73.60 70.80 56.56
C SER D 746 -74.88 71.61 56.94
N HIS D 747 -74.99 71.89 58.25
CA HIS D 747 -76.12 72.65 58.89
C HIS D 747 -77.38 71.80 59.16
N PRO E 24 20.36 -24.27 18.56
CA PRO E 24 19.33 -23.69 17.67
C PRO E 24 17.90 -24.05 18.10
N HIS E 25 16.98 -23.09 18.08
CA HIS E 25 15.56 -23.38 18.33
C HIS E 25 14.95 -24.06 17.11
N CYS E 26 13.67 -24.47 17.20
CA CYS E 26 12.97 -25.17 16.12
C CYS E 26 11.59 -24.56 15.83
N GLN E 43 -16.26 -22.95 5.47
CA GLN E 43 -16.68 -22.85 6.87
C GLN E 43 -18.20 -22.60 6.91
N LEU E 44 -18.89 -23.70 6.64
CA LEU E 44 -20.31 -23.80 6.54
C LEU E 44 -20.85 -24.48 7.79
N PHE E 45 -19.92 -25.05 8.57
CA PHE E 45 -20.21 -25.75 9.82
C PHE E 45 -19.55 -25.07 11.03
N ALA E 46 -18.88 -23.95 10.82
CA ALA E 46 -18.25 -23.22 11.92
C ALA E 46 -19.32 -22.75 12.91
N ASP E 47 -18.98 -22.75 14.18
CA ASP E 47 -19.88 -22.16 15.19
C ASP E 47 -19.94 -20.67 14.91
N LEU E 48 -21.07 -20.04 15.24
CA LEU E 48 -21.28 -18.60 15.01
C LEU E 48 -20.24 -17.75 15.71
N SER E 49 -19.73 -16.72 15.02
CA SER E 49 -18.73 -15.79 15.57
C SER E 49 -19.31 -14.71 16.49
N ARG E 50 -18.44 -14.06 17.28
CA ARG E 50 -18.84 -12.88 18.07
C ARG E 50 -19.86 -11.98 17.27
N GLU E 51 -19.48 -11.65 16.04
CA GLU E 51 -20.24 -10.72 15.23
C GLU E 51 -21.60 -11.30 14.99
N GLU E 52 -21.61 -12.48 14.36
CA GLU E 52 -22.83 -13.18 13.99
C GLU E 52 -23.79 -13.27 15.17
N LEU E 53 -23.24 -13.58 16.36
CA LEU E 53 -24.06 -13.66 17.58
C LEU E 53 -24.65 -12.28 17.92
N THR E 54 -23.80 -11.25 17.97
CA THR E 54 -24.26 -9.88 18.16
C THR E 54 -25.29 -9.42 17.13
N ALA E 55 -25.01 -9.73 15.86
CA ALA E 55 -25.93 -9.44 14.78
C ALA E 55 -27.32 -10.00 15.03
N VAL E 56 -27.39 -11.21 15.56
CA VAL E 56 -28.69 -11.90 15.76
C VAL E 56 -29.37 -11.37 16.98
N MET E 57 -28.60 -11.07 18.01
CA MET E 57 -29.14 -10.46 19.21
C MET E 57 -29.73 -9.10 18.91
N ARG E 58 -28.99 -8.27 18.18
CA ARG E 58 -29.49 -7.00 17.73
C ARG E 58 -30.84 -7.27 17.09
N PHE E 59 -30.85 -8.07 16.03
CA PHE E 59 -32.08 -8.33 15.27
C PHE E 59 -33.22 -8.83 16.16
N LEU E 60 -32.88 -9.62 17.17
CA LEU E 60 -33.93 -10.13 18.07
C LEU E 60 -34.52 -9.01 18.92
N THR E 61 -33.67 -8.24 19.62
CA THR E 61 -34.17 -7.14 20.45
C THR E 61 -35.10 -6.21 19.66
N GLN E 62 -34.69 -5.90 18.41
CA GLN E 62 -35.58 -5.13 17.49
C GLN E 62 -36.99 -5.80 17.35
N ARG E 63 -37.12 -7.03 16.83
CA ARG E 63 -38.50 -7.56 16.59
C ARG E 63 -39.19 -8.20 17.81
N LEU E 64 -38.53 -8.21 18.97
CA LEU E 64 -38.96 -9.03 20.12
C LEU E 64 -40.28 -8.58 20.75
N GLY E 65 -40.51 -7.27 20.73
CA GLY E 65 -41.48 -6.63 21.62
C GLY E 65 -40.65 -6.21 22.82
N PRO E 66 -40.53 -4.87 23.07
CA PRO E 66 -39.81 -4.46 24.30
C PRO E 66 -40.55 -4.99 25.54
N GLY E 67 -39.85 -4.95 26.68
CA GLY E 67 -40.24 -5.70 27.89
C GLY E 67 -39.47 -7.03 27.82
N LEU E 68 -38.19 -6.89 27.46
CA LEU E 68 -37.37 -7.99 26.93
C LEU E 68 -36.06 -7.89 27.73
N VAL E 69 -36.04 -8.54 28.90
CA VAL E 69 -34.87 -8.51 29.79
C VAL E 69 -33.68 -9.32 29.26
N ASP E 70 -32.47 -8.85 29.56
CA ASP E 70 -31.25 -9.66 29.46
C ASP E 70 -31.49 -10.84 30.42
N ALA E 71 -31.32 -12.05 29.91
CA ALA E 71 -31.63 -13.27 30.65
C ALA E 71 -30.81 -13.49 31.95
N ALA E 72 -29.62 -12.87 32.05
CA ALA E 72 -28.74 -13.09 33.22
C ALA E 72 -29.46 -12.66 34.48
N GLN E 73 -30.40 -11.72 34.33
CA GLN E 73 -31.18 -11.18 35.44
C GLN E 73 -32.69 -11.66 35.52
N ALA E 74 -33.21 -12.20 34.42
CA ALA E 74 -34.65 -12.56 34.25
C ALA E 74 -35.35 -13.40 35.32
N ARG E 75 -36.66 -13.24 35.41
CA ARG E 75 -37.51 -13.98 36.35
C ARG E 75 -38.53 -14.77 35.55
N PRO E 76 -39.22 -15.71 36.19
CA PRO E 76 -40.05 -16.63 35.43
C PRO E 76 -40.99 -15.90 34.48
N SER E 77 -41.64 -14.84 34.97
CA SER E 77 -42.66 -14.11 34.19
C SER E 77 -42.08 -13.15 33.15
N ASP E 78 -40.76 -13.05 33.09
CA ASP E 78 -40.11 -12.25 32.03
C ASP E 78 -40.11 -12.92 30.66
N ASN E 79 -39.84 -12.10 29.66
CA ASN E 79 -39.49 -12.58 28.33
C ASN E 79 -37.96 -12.53 28.17
N CYS E 80 -37.36 -13.72 27.94
CA CYS E 80 -35.88 -13.92 27.75
C CYS E 80 -35.50 -14.48 26.41
N VAL E 81 -34.27 -14.14 26.02
CA VAL E 81 -33.53 -14.94 25.05
C VAL E 81 -32.58 -15.79 25.88
N PHE E 82 -32.75 -17.10 25.76
CA PHE E 82 -32.00 -18.05 26.58
C PHE E 82 -30.69 -18.43 25.89
N SER E 83 -30.77 -18.63 24.57
CA SER E 83 -29.67 -19.17 23.81
C SER E 83 -29.73 -18.69 22.37
N VAL E 84 -28.54 -18.42 21.82
CA VAL E 84 -28.40 -18.21 20.38
C VAL E 84 -27.20 -19.01 19.87
N GLU E 85 -27.45 -19.90 18.93
CA GLU E 85 -26.38 -20.71 18.37
C GLU E 85 -26.68 -21.17 16.94
N LEU E 86 -25.65 -21.70 16.28
CA LEU E 86 -25.75 -22.08 14.87
C LEU E 86 -26.89 -23.03 14.64
N GLN E 87 -27.65 -22.78 13.58
CA GLN E 87 -28.63 -23.75 13.11
C GLN E 87 -27.97 -24.50 11.95
N LEU E 88 -27.82 -25.82 12.08
CA LEU E 88 -27.08 -26.58 11.08
C LEU E 88 -27.88 -26.65 9.77
N PRO E 89 -27.19 -26.58 8.64
CA PRO E 89 -27.82 -26.58 7.35
C PRO E 89 -28.36 -27.95 6.95
N PRO E 90 -29.38 -28.00 6.07
CA PRO E 90 -29.82 -29.29 5.49
C PRO E 90 -28.69 -30.00 4.71
N LYS E 91 -28.73 -31.34 4.67
CA LYS E 91 -27.62 -32.09 4.12
C LYS E 91 -27.51 -31.91 2.60
N ALA E 92 -28.64 -32.12 1.91
CA ALA E 92 -28.72 -32.01 0.43
C ALA E 92 -28.10 -30.69 -0.08
N ALA E 93 -28.48 -29.58 0.55
CA ALA E 93 -27.91 -28.30 0.21
C ALA E 93 -26.41 -28.26 0.54
N ALA E 94 -26.07 -28.64 1.79
CA ALA E 94 -24.68 -28.63 2.24
C ALA E 94 -23.76 -29.40 1.28
N LEU E 95 -24.25 -30.55 0.83
CA LEU E 95 -23.51 -31.41 -0.08
C LEU E 95 -23.42 -30.87 -1.51
N ALA E 96 -24.57 -30.43 -2.03
CA ALA E 96 -24.61 -29.69 -3.30
C ALA E 96 -23.48 -28.63 -3.31
N HIS E 97 -23.32 -27.90 -2.20
CA HIS E 97 -22.28 -26.89 -2.13
C HIS E 97 -20.88 -27.50 -2.09
N LEU E 98 -20.73 -28.48 -1.20
CA LEU E 98 -19.41 -29.05 -0.93
C LEU E 98 -18.86 -29.88 -2.09
N ASP E 99 -19.75 -30.50 -2.84
CA ASP E 99 -19.33 -31.40 -3.93
C ASP E 99 -19.72 -30.91 -5.35
N ARG E 100 -21.03 -30.84 -5.62
CA ARG E 100 -21.52 -30.31 -6.89
C ARG E 100 -21.12 -28.82 -7.15
N GLY E 101 -20.68 -28.08 -6.12
CA GLY E 101 -20.21 -26.70 -6.31
C GLY E 101 -21.31 -25.64 -6.33
N SER E 102 -22.56 -26.04 -6.06
CA SER E 102 -23.69 -25.11 -5.92
C SER E 102 -23.48 -24.10 -4.82
N PRO E 103 -24.37 -23.09 -4.74
CA PRO E 103 -24.15 -22.08 -3.70
C PRO E 103 -24.38 -22.66 -2.29
N PRO E 104 -23.80 -22.02 -1.26
CA PRO E 104 -24.08 -22.40 0.11
C PRO E 104 -25.55 -22.21 0.46
N PRO E 105 -26.08 -23.02 1.37
CA PRO E 105 -27.39 -22.72 1.94
C PRO E 105 -27.32 -21.55 2.93
N ALA E 106 -28.48 -20.94 3.17
CA ALA E 106 -28.59 -19.79 4.07
C ALA E 106 -27.96 -20.14 5.40
N ARG E 107 -26.97 -19.36 5.83
CA ARG E 107 -26.39 -19.55 7.16
C ARG E 107 -27.36 -18.93 8.14
N GLU E 108 -27.86 -19.74 9.06
CA GLU E 108 -28.91 -19.35 10.00
C GLU E 108 -28.47 -19.56 11.44
N ALA E 109 -29.32 -19.17 12.36
CA ALA E 109 -29.06 -19.35 13.78
C ALA E 109 -30.37 -19.80 14.42
N LEU E 110 -30.27 -20.48 15.55
CA LEU E 110 -31.45 -20.88 16.30
C LEU E 110 -31.42 -20.20 17.66
N ALA E 111 -32.55 -19.63 18.03
CA ALA E 111 -32.67 -18.94 19.28
C ALA E 111 -33.73 -19.62 20.11
N ILE E 112 -33.42 -19.86 21.37
CA ILE E 112 -34.44 -20.28 22.31
C ILE E 112 -34.89 -19.08 23.16
N VAL E 113 -36.19 -18.80 23.09
CA VAL E 113 -36.77 -17.68 23.79
C VAL E 113 -37.78 -18.15 24.83
N PHE E 114 -37.63 -17.65 26.06
CA PHE E 114 -38.64 -17.87 27.10
C PHE E 114 -39.64 -16.77 27.00
N PHE E 115 -40.91 -17.10 26.80
CA PHE E 115 -41.98 -16.11 26.75
C PHE E 115 -42.84 -16.20 28.02
N GLY E 116 -42.38 -15.52 29.07
CA GLY E 116 -43.09 -15.50 30.35
C GLY E 116 -44.17 -14.43 30.48
N ARG E 117 -43.85 -13.17 30.10
CA ARG E 117 -44.84 -12.06 30.18
C ARG E 117 -45.98 -12.37 29.19
N GLN E 118 -46.87 -13.28 29.59
CA GLN E 118 -47.88 -13.82 28.70
C GLN E 118 -48.94 -14.58 29.52
N PRO E 119 -50.21 -14.45 29.11
CA PRO E 119 -51.25 -15.30 29.71
C PRO E 119 -50.93 -16.80 29.66
N GLN E 120 -50.63 -17.33 28.46
CA GLN E 120 -50.17 -18.74 28.29
C GLN E 120 -48.67 -18.77 27.90
N PRO E 121 -47.78 -18.75 28.91
CA PRO E 121 -46.34 -18.65 28.59
C PRO E 121 -45.81 -19.93 27.92
N ASN E 122 -44.89 -19.77 26.98
CA ASN E 122 -44.28 -20.91 26.29
C ASN E 122 -42.78 -20.70 26.11
N VAL E 123 -42.06 -21.78 25.82
CA VAL E 123 -40.71 -21.64 25.26
C VAL E 123 -40.90 -21.78 23.76
N SER E 124 -40.18 -20.96 22.99
CA SER E 124 -40.30 -21.00 21.53
C SER E 124 -38.95 -21.10 20.86
N GLU E 125 -38.93 -21.83 19.75
CA GLU E 125 -37.71 -22.06 18.98
C GLU E 125 -37.79 -21.24 17.70
N LEU E 126 -36.84 -20.32 17.52
CA LEU E 126 -36.89 -19.33 16.46
C LEU E 126 -35.67 -19.36 15.53
N VAL E 127 -35.88 -19.66 14.26
CA VAL E 127 -34.78 -19.64 13.30
C VAL E 127 -34.61 -18.22 12.75
N VAL E 128 -33.41 -17.67 12.89
CA VAL E 128 -33.10 -16.32 12.45
C VAL E 128 -32.01 -16.37 11.41
N GLY E 129 -32.26 -15.71 10.27
CA GLY E 129 -31.23 -15.58 9.23
C GLY E 129 -31.66 -14.60 8.17
N PRO E 130 -30.86 -14.47 7.09
CA PRO E 130 -29.60 -15.14 6.89
C PRO E 130 -28.43 -14.30 7.35
N LEU E 131 -27.47 -14.91 8.02
CA LEU E 131 -26.23 -14.24 8.41
C LEU E 131 -25.36 -14.00 7.18
N PRO E 132 -24.48 -12.98 7.21
CA PRO E 132 -24.07 -12.16 8.39
C PRO E 132 -25.06 -11.03 8.80
N HIS E 133 -26.07 -10.73 7.95
CA HIS E 133 -27.06 -9.66 8.26
C HIS E 133 -28.49 -10.19 8.11
N PRO E 134 -29.07 -10.67 9.22
CA PRO E 134 -30.34 -11.37 9.15
C PRO E 134 -31.49 -10.46 8.83
N SER E 135 -32.47 -11.02 8.12
CA SER E 135 -33.64 -10.28 7.71
C SER E 135 -34.95 -10.95 8.20
N TYR E 136 -34.96 -12.28 8.33
CA TYR E 136 -36.21 -13.00 8.73
C TYR E 136 -36.05 -13.70 10.05
N MET E 137 -37.15 -14.28 10.52
CA MET E 137 -37.20 -14.96 11.82
C MET E 137 -38.45 -15.84 11.80
N ARG E 138 -38.31 -17.15 11.93
CA ARG E 138 -39.45 -18.06 11.79
C ARG E 138 -39.59 -18.94 13.03
N ASP E 139 -40.80 -19.01 13.60
CA ASP E 139 -41.03 -19.87 14.77
C ASP E 139 -41.20 -21.29 14.26
N VAL E 140 -40.26 -22.17 14.61
CA VAL E 140 -40.26 -23.55 14.12
C VAL E 140 -40.80 -24.50 15.16
N THR E 141 -41.10 -23.98 16.36
CA THR E 141 -41.60 -24.83 17.44
C THR E 141 -42.69 -25.81 17.00
N VAL E 142 -43.75 -25.30 16.43
CA VAL E 142 -44.89 -26.16 16.12
C VAL E 142 -44.55 -27.08 14.94
N GLU E 143 -43.79 -26.56 13.98
CA GLU E 143 -43.27 -27.40 12.89
C GLU E 143 -42.56 -28.61 13.50
N ARG E 144 -41.56 -28.33 14.33
CA ARG E 144 -40.70 -29.38 14.87
C ARG E 144 -41.38 -30.28 15.89
N HIS E 145 -41.96 -29.70 16.92
CA HIS E 145 -42.50 -30.52 18.00
C HIS E 145 -44.02 -30.75 17.91
N GLY E 146 -44.65 -30.31 16.83
CA GLY E 146 -46.10 -30.54 16.63
C GLY E 146 -46.99 -29.86 17.66
N GLY E 147 -46.53 -28.73 18.23
CA GLY E 147 -47.29 -28.01 19.26
C GLY E 147 -46.36 -27.14 20.09
N PRO E 148 -46.96 -26.32 20.99
CA PRO E 148 -46.16 -25.43 21.86
C PRO E 148 -45.32 -26.21 22.85
N LEU E 149 -44.20 -25.60 23.28
CA LEU E 149 -43.37 -26.17 24.33
C LEU E 149 -43.83 -25.63 25.67
N PRO E 150 -44.38 -26.51 26.52
CA PRO E 150 -44.79 -26.12 27.85
C PRO E 150 -43.70 -25.40 28.59
N TYR E 151 -44.11 -24.40 29.38
CA TYR E 151 -43.15 -23.50 30.05
C TYR E 151 -42.35 -24.17 31.13
N HIS E 152 -42.94 -25.19 31.75
CA HIS E 152 -42.28 -25.92 32.85
C HIS E 152 -41.07 -26.72 32.37
N ARG E 153 -41.01 -27.02 31.07
CA ARG E 153 -39.85 -27.71 30.48
C ARG E 153 -38.62 -26.86 30.38
N ARG E 154 -38.74 -25.55 30.53
CA ARG E 154 -37.58 -24.71 30.32
C ARG E 154 -36.54 -25.02 31.40
N PRO E 155 -35.27 -24.94 31.05
CA PRO E 155 -34.18 -25.11 32.00
C PRO E 155 -34.22 -24.07 33.08
N VAL E 156 -33.77 -24.45 34.27
CA VAL E 156 -33.67 -23.50 35.38
C VAL E 156 -32.56 -22.49 35.11
N LEU E 157 -32.96 -21.23 35.06
CA LEU E 157 -32.04 -20.13 34.80
C LEU E 157 -31.08 -19.93 35.94
N PHE E 158 -29.99 -19.23 35.63
CA PHE E 158 -29.00 -18.89 36.62
C PHE E 158 -29.61 -18.06 37.75
N GLN E 159 -30.38 -17.05 37.32
CA GLN E 159 -31.13 -16.18 38.22
C GLN E 159 -32.10 -16.99 39.06
N GLU E 160 -32.80 -17.94 38.41
CA GLU E 160 -33.71 -18.84 39.14
C GLU E 160 -32.97 -19.58 40.26
N TYR E 161 -31.72 -20.01 40.01
CA TYR E 161 -30.94 -20.66 41.07
C TYR E 161 -30.65 -19.66 42.20
N LEU E 162 -30.29 -18.43 41.84
CA LEU E 162 -30.03 -17.39 42.84
C LEU E 162 -31.25 -17.10 43.69
N ASP E 163 -32.40 -16.94 43.05
CA ASP E 163 -33.65 -16.69 43.76
C ASP E 163 -33.88 -17.81 44.77
N ILE E 164 -33.74 -19.06 44.30
CA ILE E 164 -33.90 -20.25 45.15
C ILE E 164 -32.99 -20.19 46.38
N ASP E 165 -31.80 -19.67 46.20
CA ASP E 165 -30.89 -19.55 47.32
C ASP E 165 -31.33 -18.46 48.28
N GLN E 166 -31.82 -17.36 47.73
CA GLN E 166 -32.40 -16.29 48.57
C GLN E 166 -33.41 -16.93 49.54
N MET E 167 -34.40 -17.62 48.96
CA MET E 167 -35.41 -18.29 49.75
C MET E 167 -34.74 -19.13 50.84
N ILE E 168 -33.86 -20.05 50.44
CA ILE E 168 -33.31 -21.00 51.38
C ILE E 168 -32.60 -20.29 52.53
N PHE E 169 -31.77 -19.32 52.15
CA PHE E 169 -30.83 -18.73 53.09
C PHE E 169 -31.41 -17.57 53.91
N ASN E 170 -32.29 -16.79 53.28
CA ASN E 170 -33.05 -15.76 54.01
C ASN E 170 -34.28 -16.33 54.70
N ARG E 171 -35.25 -16.80 53.91
CA ARG E 171 -36.55 -17.15 54.48
C ARG E 171 -36.57 -18.49 55.24
N GLU E 172 -35.70 -19.45 54.91
CA GLU E 172 -35.92 -20.84 55.38
C GLU E 172 -34.94 -21.34 56.45
N LEU E 173 -33.64 -21.36 56.12
CA LEU E 173 -32.64 -21.95 57.04
C LEU E 173 -32.63 -21.32 58.44
N PRO E 174 -32.89 -20.00 58.52
CA PRO E 174 -32.88 -19.39 59.83
C PRO E 174 -33.87 -20.09 60.78
N GLN E 175 -34.99 -20.55 60.25
CA GLN E 175 -35.97 -21.21 61.09
C GLN E 175 -35.42 -22.41 61.80
N ALA E 176 -34.26 -22.88 61.39
CA ALA E 176 -33.64 -24.04 62.04
C ALA E 176 -32.24 -23.70 62.57
N SER E 177 -31.95 -22.42 62.73
CA SER E 177 -30.61 -21.99 63.17
C SER E 177 -30.15 -22.58 64.50
N GLY E 178 -31.08 -23.08 65.29
CA GLY E 178 -30.70 -23.75 66.53
C GLY E 178 -29.88 -24.99 66.19
N LEU E 179 -30.51 -25.88 65.44
CA LEU E 179 -29.84 -27.07 64.92
C LEU E 179 -28.54 -26.71 64.17
N LEU E 180 -28.66 -25.78 63.23
CA LEU E 180 -27.55 -25.45 62.35
C LEU E 180 -26.33 -24.95 63.11
N HIS E 181 -26.56 -24.18 64.17
CA HIS E 181 -25.45 -23.71 65.03
C HIS E 181 -24.75 -24.92 65.67
N HIS E 182 -25.54 -25.93 66.02
CA HIS E 182 -25.01 -27.08 66.76
C HIS E 182 -24.16 -28.00 65.89
N CYS E 183 -24.53 -28.15 64.61
CA CYS E 183 -23.94 -29.20 63.73
C CYS E 183 -22.98 -28.66 62.66
N CYS E 184 -23.11 -27.36 62.34
CA CYS E 184 -22.73 -26.86 61.02
C CYS E 184 -22.13 -25.46 61.00
N PHE E 185 -21.72 -24.96 62.16
CA PHE E 185 -20.99 -23.69 62.20
C PHE E 185 -21.73 -22.58 61.43
N TYR E 186 -23.07 -22.63 61.53
CA TYR E 186 -23.96 -21.58 60.99
C TYR E 186 -23.71 -20.23 61.73
N LYS E 187 -23.87 -19.10 61.04
CA LYS E 187 -23.56 -17.77 61.64
C LYS E 187 -24.08 -16.58 60.81
N ARG E 191 -24.34 -18.93 54.32
CA ARG E 191 -23.14 -18.08 54.39
C ARG E 191 -21.85 -18.92 54.23
N ASN E 192 -21.67 -19.95 55.07
CA ASN E 192 -20.61 -20.96 54.88
C ASN E 192 -21.17 -22.28 54.28
N LEU E 193 -22.37 -22.23 53.71
CA LEU E 193 -23.00 -23.40 53.12
C LEU E 193 -23.43 -23.09 51.70
N VAL E 194 -23.51 -24.14 50.88
CA VAL E 194 -23.85 -24.00 49.47
C VAL E 194 -24.80 -25.11 49.11
N THR E 195 -25.59 -24.87 48.07
CA THR E 195 -26.58 -25.84 47.63
C THR E 195 -26.14 -26.37 46.28
N MET E 196 -26.56 -27.61 45.98
CA MET E 196 -26.35 -28.18 44.66
C MET E 196 -27.63 -28.76 44.15
N THR E 197 -28.00 -28.40 42.92
CA THR E 197 -29.19 -28.92 42.30
C THR E 197 -29.14 -30.43 42.03
N THR E 198 -30.32 -30.95 41.71
CA THR E 198 -30.49 -32.28 41.19
C THR E 198 -31.49 -32.17 40.06
N ALA E 199 -31.86 -33.29 39.46
CA ALA E 199 -32.86 -33.36 38.40
C ALA E 199 -33.22 -34.80 38.18
N PRO E 200 -34.34 -35.07 37.53
CA PRO E 200 -35.36 -34.17 37.11
C PRO E 200 -36.08 -33.57 38.30
N ARG E 201 -37.04 -32.71 38.03
CA ARG E 201 -37.56 -31.84 39.08
C ARG E 201 -38.99 -32.19 39.37
N GLY E 202 -39.18 -33.34 40.04
CA GLY E 202 -40.49 -33.85 40.40
C GLY E 202 -40.75 -35.33 40.11
N LEU E 203 -42.02 -35.67 39.92
CA LEU E 203 -42.42 -37.05 39.73
C LEU E 203 -43.34 -37.24 38.53
N GLN E 204 -43.52 -36.19 37.75
CA GLN E 204 -44.67 -36.15 36.88
C GLN E 204 -44.58 -34.97 35.94
N SER E 205 -45.06 -35.15 34.70
CA SER E 205 -44.97 -34.08 33.73
C SER E 205 -45.68 -32.85 34.27
N GLY E 206 -45.01 -31.70 34.19
CA GLY E 206 -45.53 -30.48 34.79
C GLY E 206 -44.82 -30.08 36.06
N ASP E 207 -44.33 -31.03 36.85
CA ASP E 207 -43.70 -30.68 38.14
C ASP E 207 -42.45 -29.77 37.99
N ARG E 208 -42.14 -29.01 39.03
CA ARG E 208 -40.88 -28.28 39.10
C ARG E 208 -40.50 -28.15 40.59
N ALA E 209 -40.40 -29.31 41.24
CA ALA E 209 -39.85 -29.40 42.59
C ALA E 209 -38.49 -30.08 42.48
N THR E 210 -37.48 -29.47 43.09
CA THR E 210 -36.09 -29.91 42.99
C THR E 210 -35.47 -30.12 44.34
N TRP E 211 -34.93 -31.32 44.57
CA TRP E 211 -34.17 -31.58 45.82
C TRP E 211 -32.81 -30.89 45.76
N PHE E 212 -32.46 -30.15 46.81
CA PHE E 212 -31.15 -29.49 46.92
C PHE E 212 -30.45 -29.97 48.15
N GLY E 213 -29.23 -30.46 47.97
CA GLY E 213 -28.40 -30.91 49.08
C GLY E 213 -27.65 -29.69 49.52
N LEU E 214 -27.15 -29.74 50.75
CA LEU E 214 -26.43 -28.63 51.38
C LEU E 214 -25.01 -29.09 51.79
N TYR E 215 -24.01 -28.30 51.43
CA TYR E 215 -22.65 -28.68 51.67
C TYR E 215 -21.87 -27.53 52.24
N TYR E 216 -20.79 -27.84 52.94
CA TYR E 216 -19.84 -26.81 53.35
C TYR E 216 -19.19 -26.17 52.14
N ASN E 217 -19.19 -24.83 52.10
CA ASN E 217 -18.55 -24.10 51.01
C ASN E 217 -17.05 -24.15 51.18
N ILE E 218 -16.48 -25.34 50.94
CA ILE E 218 -15.03 -25.52 51.01
C ILE E 218 -14.28 -24.60 50.02
N SER E 219 -13.09 -24.16 50.42
CA SER E 219 -12.36 -23.20 49.65
C SER E 219 -11.20 -23.85 48.91
N GLY E 220 -11.16 -23.66 47.57
CA GLY E 220 -10.08 -24.22 46.71
C GLY E 220 -10.09 -25.76 46.50
N ALA E 221 -11.23 -26.38 46.78
CA ALA E 221 -11.35 -27.83 46.69
C ALA E 221 -12.86 -28.19 46.64
N GLY E 222 -13.16 -29.43 46.25
CA GLY E 222 -14.52 -29.79 45.91
C GLY E 222 -15.36 -29.83 47.14
N PHE E 223 -16.51 -29.16 47.10
CA PHE E 223 -17.47 -29.17 48.18
C PHE E 223 -18.30 -30.43 48.16
N PHE E 224 -18.35 -31.07 47.00
CA PHE E 224 -19.18 -32.28 46.75
C PHE E 224 -18.96 -33.42 47.74
N LEU E 225 -17.79 -33.41 48.38
CA LEU E 225 -17.44 -34.41 49.39
C LEU E 225 -17.79 -34.00 50.82
N HIS E 226 -18.63 -32.97 50.98
CA HIS E 226 -18.93 -32.38 52.30
C HIS E 226 -20.40 -32.00 52.45
N HIS E 227 -21.23 -33.00 52.20
CA HIS E 227 -22.68 -32.94 52.43
C HIS E 227 -22.88 -32.82 53.93
N VAL E 228 -23.64 -31.83 54.37
CA VAL E 228 -23.87 -31.66 55.80
C VAL E 228 -25.00 -32.58 56.31
N GLY E 229 -25.73 -33.24 55.42
CA GLY E 229 -26.78 -34.20 55.80
C GLY E 229 -28.21 -33.71 55.62
N LEU E 230 -28.36 -32.56 54.97
CA LEU E 230 -29.64 -31.89 54.87
C LEU E 230 -29.99 -31.62 53.41
N GLU E 231 -31.18 -32.06 53.00
CA GLU E 231 -31.66 -31.79 51.65
C GLU E 231 -33.07 -31.17 51.76
N LEU E 232 -33.40 -30.28 50.83
CA LEU E 232 -34.67 -29.56 50.88
C LEU E 232 -35.41 -29.64 49.55
N LEU E 233 -36.65 -30.14 49.58
CA LEU E 233 -37.41 -30.25 48.38
C LEU E 233 -38.06 -28.89 48.08
N VAL E 234 -37.46 -28.13 47.19
CA VAL E 234 -38.00 -26.81 46.82
C VAL E 234 -38.96 -26.85 45.64
N ASN E 235 -40.19 -26.39 45.85
CA ASN E 235 -41.13 -26.26 44.76
C ASN E 235 -41.03 -24.87 44.19
N HIS E 236 -40.43 -24.79 43.01
CA HIS E 236 -40.27 -23.51 42.32
C HIS E 236 -41.02 -23.46 40.99
N LYS E 237 -42.19 -24.10 40.95
CA LYS E 237 -43.03 -24.05 39.74
C LYS E 237 -43.67 -22.68 39.51
N ALA E 238 -44.12 -22.04 40.59
CA ALA E 238 -44.84 -20.77 40.48
C ALA E 238 -44.04 -19.71 39.73
N LEU E 239 -44.71 -19.00 38.83
CA LEU E 239 -44.11 -17.88 38.15
C LEU E 239 -43.66 -16.76 39.12
N ASP E 240 -44.26 -16.71 40.31
CA ASP E 240 -43.90 -15.72 41.32
C ASP E 240 -43.08 -16.38 42.42
N PRO E 241 -41.79 -16.07 42.47
CA PRO E 241 -40.94 -16.64 43.52
C PRO E 241 -41.52 -16.54 44.94
N ALA E 242 -42.26 -15.47 45.22
CA ALA E 242 -42.91 -15.32 46.51
C ALA E 242 -43.70 -16.62 46.86
N ARG E 243 -44.43 -17.15 45.88
CA ARG E 243 -45.24 -18.35 46.09
C ARG E 243 -44.45 -19.68 46.17
N TRP E 244 -43.14 -19.63 45.94
CA TRP E 244 -42.33 -20.83 46.07
C TRP E 244 -42.28 -21.29 47.51
N THR E 245 -42.37 -22.61 47.69
CA THR E 245 -42.45 -23.22 49.02
C THR E 245 -41.47 -24.39 49.14
N ILE E 246 -41.36 -24.95 50.33
CA ILE E 246 -40.53 -26.13 50.56
C ILE E 246 -41.37 -27.31 50.98
N GLN E 247 -41.54 -28.27 50.09
CA GLN E 247 -42.41 -29.40 50.32
C GLN E 247 -41.90 -30.41 51.34
N LYS E 248 -40.60 -30.53 51.52
CA LYS E 248 -40.09 -31.58 52.42
C LYS E 248 -38.68 -31.24 52.85
N VAL E 249 -38.25 -31.91 53.90
CA VAL E 249 -36.92 -31.71 54.41
C VAL E 249 -36.39 -33.04 54.82
N PHE E 250 -35.16 -33.32 54.41
CA PHE E 250 -34.50 -34.56 54.80
C PHE E 250 -33.30 -34.15 55.60
N TYR E 251 -33.16 -34.78 56.76
CA TYR E 251 -32.01 -34.50 57.62
C TYR E 251 -31.49 -35.78 58.22
N GLN E 252 -30.19 -36.01 58.01
CA GLN E 252 -29.44 -37.11 58.61
C GLN E 252 -30.29 -38.34 58.83
N GLY E 253 -30.95 -38.78 57.77
CA GLY E 253 -31.62 -40.07 57.74
C GLY E 253 -33.12 -40.01 57.88
N ARG E 254 -33.68 -38.84 58.23
CA ARG E 254 -35.13 -38.73 58.45
C ARG E 254 -35.82 -37.57 57.66
N TYR E 255 -37.12 -37.75 57.41
CA TYR E 255 -38.01 -36.81 56.69
C TYR E 255 -38.84 -35.92 57.62
N TYR E 256 -39.16 -34.71 57.18
CA TYR E 256 -39.68 -33.69 58.10
C TYR E 256 -40.43 -32.60 57.34
N ASP E 257 -41.75 -32.57 57.50
CA ASP E 257 -42.62 -31.64 56.78
C ASP E 257 -42.01 -30.25 56.54
N SER E 258 -41.18 -29.74 57.47
CA SER E 258 -40.50 -28.45 57.26
C SER E 258 -39.31 -28.13 58.18
N LEU E 259 -38.66 -26.99 57.90
CA LEU E 259 -37.59 -26.48 58.76
C LEU E 259 -38.10 -26.14 60.14
N ALA E 260 -39.13 -25.28 60.22
CA ALA E 260 -39.83 -25.00 61.48
C ALA E 260 -40.11 -26.32 62.24
N GLN E 261 -40.59 -27.32 61.50
CA GLN E 261 -40.98 -28.60 62.12
C GLN E 261 -39.80 -29.45 62.55
N LEU E 262 -38.61 -29.13 62.08
CA LEU E 262 -37.42 -29.91 62.44
C LEU E 262 -36.77 -29.24 63.65
N GLU E 263 -36.48 -27.94 63.50
CA GLU E 263 -36.03 -27.08 64.60
C GLU E 263 -36.85 -27.39 65.82
N ALA E 264 -38.14 -27.61 65.58
CA ALA E 264 -39.08 -28.14 66.57
C ALA E 264 -38.66 -29.50 67.14
N GLN E 265 -38.79 -30.59 66.40
CA GLN E 265 -38.41 -31.91 66.96
C GLN E 265 -36.98 -31.93 67.57
N PHE E 266 -36.10 -31.06 67.03
CA PHE E 266 -34.74 -30.95 67.53
C PHE E 266 -34.75 -30.44 68.95
N GLU E 267 -35.40 -29.29 69.11
CA GLU E 267 -35.48 -28.60 70.40
C GLU E 267 -36.31 -29.38 71.37
N ALA E 268 -37.24 -30.20 70.88
CA ALA E 268 -38.03 -31.08 71.73
C ALA E 268 -37.15 -32.20 72.20
N GLY E 269 -35.90 -32.18 71.77
CA GLY E 269 -34.95 -33.21 72.14
C GLY E 269 -35.40 -34.55 71.61
N LEU E 270 -35.51 -34.63 70.28
CA LEU E 270 -35.69 -35.90 69.59
C LEU E 270 -34.62 -36.15 68.51
N VAL E 271 -34.01 -35.06 68.02
CA VAL E 271 -32.97 -35.11 66.98
C VAL E 271 -31.56 -35.37 67.53
N ASN E 272 -31.15 -36.63 67.49
CA ASN E 272 -29.76 -36.99 67.76
C ASN E 272 -28.85 -36.35 66.68
N VAL E 273 -28.37 -35.12 66.94
CA VAL E 273 -27.59 -34.37 65.93
C VAL E 273 -26.15 -34.87 65.79
N VAL E 274 -25.87 -35.55 64.67
CA VAL E 274 -24.48 -35.93 64.29
C VAL E 274 -23.72 -34.70 63.73
N LEU E 275 -22.42 -34.63 64.06
CA LEU E 275 -21.57 -33.48 63.68
C LEU E 275 -20.52 -33.81 62.59
N ILE E 276 -20.63 -33.04 61.52
CA ILE E 276 -19.79 -33.15 60.34
C ILE E 276 -18.70 -32.03 60.34
N PRO E 277 -17.42 -32.39 60.34
CA PRO E 277 -16.39 -31.38 60.48
C PRO E 277 -16.35 -30.38 59.36
N ASP E 278 -15.68 -29.27 59.64
CA ASP E 278 -15.74 -28.06 58.83
C ASP E 278 -14.50 -27.97 57.92
N ASN E 279 -13.54 -28.85 58.18
CA ASN E 279 -12.17 -28.56 57.84
C ASN E 279 -11.33 -29.84 58.07
N GLY E 280 -10.19 -29.91 57.39
CA GLY E 280 -9.27 -31.05 57.55
C GLY E 280 -8.15 -31.05 56.53
N THR E 281 -7.59 -32.23 56.29
CA THR E 281 -6.45 -32.36 55.35
C THR E 281 -6.46 -33.70 54.63
N GLY E 282 -5.82 -33.73 53.46
CA GLY E 282 -5.83 -34.89 52.60
C GLY E 282 -6.71 -34.67 51.37
N GLY E 283 -6.99 -35.76 50.68
CA GLY E 283 -7.73 -35.66 49.42
C GLY E 283 -9.18 -35.26 49.64
N SER E 284 -9.73 -35.64 50.81
CA SER E 284 -11.08 -35.24 51.18
C SER E 284 -11.17 -33.72 51.21
N TRP E 285 -10.07 -33.05 51.52
CA TRP E 285 -10.10 -31.61 51.70
C TRP E 285 -9.36 -30.82 50.67
N SER E 286 -8.48 -31.47 49.92
CA SER E 286 -7.63 -30.71 49.01
C SER E 286 -7.36 -31.39 47.67
N LEU E 287 -6.90 -30.57 46.73
CA LEU E 287 -6.28 -31.03 45.50
C LEU E 287 -4.78 -30.69 45.42
N LYS E 288 -4.28 -29.76 46.26
CA LYS E 288 -2.85 -29.40 46.29
C LYS E 288 -2.08 -30.58 46.93
N SER E 289 -1.02 -31.03 46.24
CA SER E 289 -0.20 -32.13 46.72
C SER E 289 0.75 -31.60 47.76
N PRO E 290 1.04 -32.44 48.78
CA PRO E 290 2.05 -32.11 49.76
C PRO E 290 3.48 -32.43 49.31
N VAL E 291 3.65 -32.87 48.08
CA VAL E 291 4.96 -33.32 47.63
C VAL E 291 5.45 -32.40 46.55
N PRO E 292 6.65 -31.87 46.71
CA PRO E 292 7.16 -30.88 45.75
C PRO E 292 7.57 -31.51 44.43
N PRO E 293 7.55 -30.72 43.36
CA PRO E 293 7.95 -31.18 42.02
C PRO E 293 9.31 -31.94 42.00
N GLY E 294 9.30 -33.09 41.34
CA GLY E 294 10.53 -33.78 41.04
C GLY E 294 10.96 -33.42 39.63
N PRO E 295 11.84 -34.25 39.03
CA PRO E 295 12.25 -34.01 37.64
C PRO E 295 11.06 -33.99 36.68
N ALA E 296 11.14 -33.14 35.66
CA ALA E 296 10.05 -33.00 34.68
C ALA E 296 9.61 -34.31 34.03
N PRO E 297 8.30 -34.49 33.82
CA PRO E 297 7.86 -35.66 33.07
C PRO E 297 8.18 -35.50 31.59
N PRO E 298 7.98 -36.57 30.80
CA PRO E 298 8.25 -36.56 29.38
C PRO E 298 7.48 -35.49 28.65
N LEU E 299 8.10 -34.92 27.63
CA LEU E 299 7.53 -33.84 26.86
C LEU E 299 7.67 -34.20 25.39
N GLN E 300 6.63 -33.91 24.62
CA GLN E 300 6.59 -34.21 23.21
C GLN E 300 6.66 -32.94 22.38
N PHE E 301 7.40 -32.97 21.26
CA PHE E 301 7.53 -31.78 20.39
C PHE E 301 7.73 -32.17 18.93
N TYR E 302 7.54 -31.18 18.03
CA TYR E 302 7.54 -31.41 16.60
C TYR E 302 8.86 -30.86 16.05
N PRO E 303 9.89 -31.72 15.93
CA PRO E 303 11.24 -31.26 15.56
C PRO E 303 11.37 -30.54 14.23
N GLN E 304 10.41 -30.67 13.31
CA GLN E 304 10.49 -29.99 12.00
C GLN E 304 9.19 -29.27 11.68
N GLY E 305 8.61 -28.68 12.71
CA GLY E 305 7.35 -27.93 12.60
C GLY E 305 6.17 -28.86 12.76
N PRO E 306 5.00 -28.30 13.09
CA PRO E 306 3.83 -29.13 13.24
C PRO E 306 3.47 -29.62 11.84
N ARG E 307 2.63 -30.64 11.75
CA ARG E 307 2.25 -31.25 10.47
C ARG E 307 0.75 -31.14 10.21
N PHE E 308 0.12 -30.18 10.87
CA PHE E 308 -1.29 -29.88 10.62
C PHE E 308 -1.52 -28.40 10.82
N SER E 309 -2.68 -27.95 10.38
CA SER E 309 -3.04 -26.56 10.53
C SER E 309 -4.45 -26.46 11.02
N VAL E 310 -4.73 -25.40 11.78
CA VAL E 310 -6.10 -25.06 12.12
C VAL E 310 -6.44 -23.67 11.59
N GLN E 311 -7.36 -23.59 10.65
CA GLN E 311 -7.84 -22.33 10.12
C GLN E 311 -9.33 -22.22 10.49
N GLY E 312 -9.62 -21.51 11.57
CA GLY E 312 -10.99 -21.30 12.00
C GLY E 312 -11.53 -22.57 12.59
N SER E 313 -12.59 -23.11 12.00
CA SER E 313 -13.23 -24.35 12.43
C SER E 313 -12.70 -25.57 11.66
N ARG E 314 -11.72 -25.35 10.81
CA ARG E 314 -11.29 -26.34 9.87
C ARG E 314 -9.90 -26.83 10.24
N VAL E 315 -9.72 -28.15 10.31
CA VAL E 315 -8.39 -28.74 10.49
C VAL E 315 -8.02 -29.45 9.19
N ALA E 316 -6.73 -29.39 8.90
CA ALA E 316 -6.19 -30.03 7.73
C ALA E 316 -4.82 -30.62 8.09
N SER E 317 -4.58 -31.81 7.56
CA SER E 317 -3.29 -32.43 7.66
C SER E 317 -3.05 -33.23 6.39
N SER E 318 -1.87 -33.84 6.35
CA SER E 318 -1.52 -34.76 5.32
C SER E 318 -2.66 -35.71 4.93
N LEU E 319 -3.31 -36.31 5.93
CA LEU E 319 -4.30 -37.35 5.69
C LEU E 319 -5.72 -36.89 5.92
N TRP E 320 -5.90 -36.05 6.93
CA TRP E 320 -7.24 -35.76 7.44
C TRP E 320 -7.72 -34.35 7.23
N THR E 321 -9.02 -34.23 7.09
CA THR E 321 -9.66 -32.97 6.85
C THR E 321 -11.03 -32.98 7.46
N PHE E 322 -11.30 -32.02 8.33
CA PHE E 322 -12.63 -31.91 8.96
C PHE E 322 -12.85 -30.56 9.64
N SER E 323 -14.13 -30.23 9.78
CA SER E 323 -14.56 -29.07 10.51
C SER E 323 -15.04 -29.52 11.89
N PHE E 324 -14.70 -28.76 12.91
CA PHE E 324 -15.11 -29.08 14.29
C PHE E 324 -15.92 -27.94 14.95
N GLY E 325 -16.48 -28.21 16.12
CA GLY E 325 -17.31 -27.27 16.84
C GLY E 325 -18.03 -27.86 18.05
N LEU E 326 -18.88 -27.03 18.67
CA LEU E 326 -19.63 -27.37 19.88
C LEU E 326 -21.06 -26.91 19.78
N GLY E 327 -22.00 -27.84 19.93
CA GLY E 327 -23.37 -27.47 20.25
C GLY E 327 -23.41 -26.97 21.69
N ALA E 328 -24.20 -25.94 21.96
CA ALA E 328 -24.37 -25.40 23.30
C ALA E 328 -24.83 -26.48 24.26
N PHE E 329 -25.77 -27.29 23.80
CA PHE E 329 -26.36 -28.30 24.64
C PHE E 329 -25.85 -29.68 24.31
N SER E 330 -25.81 -29.99 23.02
CA SER E 330 -25.38 -31.31 22.55
C SER E 330 -23.88 -31.58 22.72
N GLY E 331 -23.05 -30.55 22.73
CA GLY E 331 -21.63 -30.71 22.94
C GLY E 331 -20.85 -30.94 21.65
N PRO E 332 -19.66 -31.55 21.75
CA PRO E 332 -18.72 -31.65 20.63
C PRO E 332 -19.26 -32.27 19.37
N ARG E 333 -18.75 -31.82 18.24
CA ARG E 333 -19.14 -32.39 16.96
C ARG E 333 -18.11 -32.12 15.86
N ILE E 334 -18.08 -33.02 14.88
CA ILE E 334 -17.17 -32.93 13.75
C ILE E 334 -17.98 -33.12 12.47
N PHE E 335 -17.54 -32.48 11.38
CA PHE E 335 -18.21 -32.62 10.07
C PHE E 335 -17.26 -32.77 8.88
N ASP E 336 -17.79 -33.34 7.80
CA ASP E 336 -17.12 -33.38 6.51
C ASP E 336 -15.70 -33.89 6.71
N VAL E 337 -15.63 -35.04 7.36
CA VAL E 337 -14.36 -35.70 7.65
C VAL E 337 -13.90 -36.40 6.39
N ARG E 338 -12.67 -36.09 5.98
CA ARG E 338 -12.13 -36.60 4.73
C ARG E 338 -10.74 -37.24 4.88
N PHE E 339 -10.68 -38.52 4.56
CA PHE E 339 -9.42 -39.21 4.55
C PHE E 339 -8.89 -39.12 3.16
N GLN E 340 -7.65 -38.64 3.04
CA GLN E 340 -7.00 -38.44 1.78
C GLN E 340 -8.00 -37.97 0.74
N GLY E 341 -8.74 -36.91 1.09
CA GLY E 341 -9.59 -36.23 0.16
C GLY E 341 -10.99 -36.75 0.11
N GLU E 342 -11.22 -37.95 0.62
CA GLU E 342 -12.50 -38.62 0.44
C GLU E 342 -13.34 -38.60 1.72
N ARG E 343 -14.64 -38.28 1.58
CA ARG E 343 -15.50 -38.18 2.74
C ARG E 343 -15.83 -39.55 3.32
N LEU E 344 -15.61 -39.68 4.63
CA LEU E 344 -16.02 -40.87 5.36
C LEU E 344 -17.33 -40.57 6.11
N VAL E 345 -17.32 -39.47 6.82
CA VAL E 345 -18.47 -39.12 7.64
C VAL E 345 -18.93 -37.70 7.34
N TYR E 346 -20.23 -37.54 7.21
CA TYR E 346 -20.81 -36.22 7.09
C TYR E 346 -20.79 -35.55 8.45
N GLU E 347 -21.19 -36.29 9.48
CA GLU E 347 -21.31 -35.75 10.85
C GLU E 347 -21.03 -36.80 11.92
N ILE E 348 -20.24 -36.43 12.92
CA ILE E 348 -20.15 -37.20 14.17
C ILE E 348 -20.30 -36.26 15.34
N SER E 349 -21.39 -36.40 16.07
CA SER E 349 -21.68 -35.47 17.14
C SER E 349 -22.12 -36.18 18.42
N LEU E 350 -21.64 -35.68 19.55
CA LEU E 350 -22.21 -36.06 20.85
C LEU E 350 -23.65 -35.61 20.91
N GLN E 351 -24.51 -36.46 21.45
CA GLN E 351 -25.93 -36.22 21.39
C GLN E 351 -26.52 -35.98 22.74
N GLU E 352 -26.07 -36.74 23.73
CA GLU E 352 -26.55 -36.61 25.08
C GLU E 352 -25.62 -37.34 26.03
N ALA E 353 -25.65 -36.95 27.29
CA ALA E 353 -24.98 -37.68 28.35
C ALA E 353 -25.93 -37.82 29.53
N LEU E 354 -25.77 -38.91 30.29
CA LEU E 354 -26.75 -39.37 31.26
C LEU E 354 -26.02 -39.92 32.47
N ALA E 355 -26.46 -39.54 33.67
CA ALA E 355 -25.94 -40.08 34.92
C ALA E 355 -27.12 -40.46 35.82
N ILE E 356 -27.28 -41.76 36.08
CA ILE E 356 -28.38 -42.27 36.88
C ILE E 356 -27.82 -42.77 38.20
N TYR E 357 -28.40 -42.29 39.29
CA TYR E 357 -27.87 -42.48 40.63
C TYR E 357 -28.75 -43.35 41.51
N GLY E 358 -28.13 -43.88 42.56
CA GLY E 358 -28.83 -44.62 43.62
C GLY E 358 -28.28 -44.09 44.92
N GLY E 359 -29.02 -44.21 46.00
CA GLY E 359 -28.55 -43.64 47.25
C GLY E 359 -29.39 -43.85 48.49
N ASN E 360 -28.80 -43.44 49.61
CA ASN E 360 -29.40 -43.50 50.96
C ASN E 360 -30.49 -42.43 51.15
N SER E 361 -30.33 -41.35 50.38
CA SER E 361 -31.03 -40.09 50.58
C SER E 361 -31.86 -39.76 49.33
N PRO E 362 -32.72 -38.74 49.40
CA PRO E 362 -33.64 -38.44 48.29
C PRO E 362 -32.96 -37.84 47.07
N ALA E 363 -31.96 -36.98 47.29
CA ALA E 363 -31.23 -36.39 46.16
C ALA E 363 -30.61 -37.52 45.33
N ALA E 364 -29.68 -38.23 45.95
CA ALA E 364 -29.03 -39.34 45.31
C ALA E 364 -30.03 -40.29 44.67
N MET E 365 -31.03 -40.77 45.43
CA MET E 365 -31.83 -41.90 44.95
C MET E 365 -32.79 -41.56 43.81
N THR E 366 -32.96 -40.29 43.49
CA THR E 366 -33.87 -39.89 42.39
C THR E 366 -33.21 -39.09 41.28
N THR E 367 -31.90 -38.85 41.41
CA THR E 367 -31.20 -38.02 40.46
C THR E 367 -31.01 -38.76 39.15
N ARG E 368 -31.43 -38.13 38.06
CA ARG E 368 -31.15 -38.63 36.74
C ARG E 368 -30.81 -37.42 35.91
N TYR E 369 -29.53 -37.12 35.80
CA TYR E 369 -29.10 -35.99 35.01
C TYR E 369 -29.12 -36.36 33.53
N VAL E 370 -29.84 -35.56 32.76
CA VAL E 370 -29.79 -35.61 31.33
C VAL E 370 -29.01 -34.36 30.96
N ASP E 371 -27.68 -34.48 31.01
CA ASP E 371 -26.77 -33.34 30.98
C ASP E 371 -26.96 -32.33 29.87
N GLY E 372 -27.45 -32.77 28.72
CA GLY E 372 -27.80 -31.84 27.65
C GLY E 372 -28.75 -30.74 28.10
N GLY E 373 -29.65 -31.06 29.02
CA GLY E 373 -30.56 -30.09 29.59
C GLY E 373 -29.86 -28.97 30.34
N PHE E 374 -28.59 -29.17 30.68
CA PHE E 374 -27.72 -28.11 31.19
C PHE E 374 -26.85 -27.58 30.08
N GLY E 375 -26.15 -28.46 29.37
CA GLY E 375 -25.42 -28.11 28.15
C GLY E 375 -23.95 -28.49 28.14
N MET E 376 -23.58 -29.47 27.34
CA MET E 376 -22.19 -29.91 27.31
C MET E 376 -21.26 -28.81 26.77
N GLY E 377 -21.71 -28.08 25.75
CA GLY E 377 -20.96 -26.94 25.25
C GLY E 377 -20.98 -25.80 26.24
N LYS E 378 -22.18 -25.46 26.68
CA LYS E 378 -22.37 -24.37 27.64
C LYS E 378 -21.42 -24.49 28.83
N TYR E 379 -21.14 -25.73 29.26
CA TYR E 379 -20.25 -25.92 30.39
C TYR E 379 -18.87 -26.43 29.96
N THR E 380 -18.44 -26.14 28.75
CA THR E 380 -17.06 -26.49 28.41
C THR E 380 -16.16 -25.62 29.24
N THR E 381 -15.11 -26.21 29.77
CA THR E 381 -14.16 -25.48 30.56
C THR E 381 -12.89 -25.35 29.74
N PRO E 382 -12.01 -24.39 30.11
CA PRO E 382 -10.72 -24.19 29.46
C PRO E 382 -9.80 -25.37 29.69
N LEU E 383 -8.97 -25.65 28.70
CA LEU E 383 -8.02 -26.75 28.80
C LEU E 383 -6.70 -26.22 29.34
N THR E 384 -6.26 -26.74 30.47
CA THR E 384 -4.96 -26.37 31.04
C THR E 384 -3.78 -27.03 30.31
N ARG E 385 -2.97 -26.20 29.67
CA ARG E 385 -1.83 -26.65 28.85
C ARG E 385 -0.86 -27.57 29.60
N GLY E 386 -0.67 -28.79 29.09
CA GLY E 386 0.25 -29.72 29.73
C GLY E 386 -0.37 -30.58 30.82
N VAL E 387 -1.66 -30.39 31.09
CA VAL E 387 -2.42 -31.32 31.91
C VAL E 387 -3.53 -31.93 31.08
N ASP E 388 -4.39 -31.07 30.57
CA ASP E 388 -5.54 -31.52 29.82
C ASP E 388 -5.18 -32.00 28.42
N CYS E 389 -4.21 -31.35 27.80
CA CYS E 389 -3.66 -31.79 26.54
C CYS E 389 -2.19 -31.57 26.69
N PRO E 390 -1.41 -32.00 25.69
CA PRO E 390 0.03 -31.75 25.72
C PRO E 390 0.31 -30.27 25.65
N TYR E 391 1.34 -29.84 26.34
CA TYR E 391 1.74 -28.44 26.34
C TYR E 391 1.75 -27.82 24.94
N LEU E 392 2.36 -28.52 23.98
CA LEU E 392 2.52 -28.00 22.63
C LEU E 392 1.34 -28.27 21.70
N ALA E 393 0.18 -28.62 22.24
CA ALA E 393 -1.04 -28.66 21.44
C ALA E 393 -1.45 -27.28 20.94
N THR E 394 -2.29 -27.26 19.91
CA THR E 394 -2.89 -26.02 19.45
C THR E 394 -4.21 -25.79 20.16
N TYR E 395 -4.29 -24.73 20.98
CA TYR E 395 -5.52 -24.44 21.74
C TYR E 395 -6.40 -23.42 21.00
N VAL E 396 -7.70 -23.54 21.18
CA VAL E 396 -8.67 -22.78 20.37
C VAL E 396 -9.86 -22.35 21.20
N ASP E 397 -10.28 -21.11 21.00
CA ASP E 397 -11.30 -20.51 21.84
C ASP E 397 -12.67 -20.82 21.29
N TRP E 398 -13.66 -20.85 22.17
CA TRP E 398 -15.06 -20.98 21.77
C TRP E 398 -15.82 -19.72 22.16
N HIS E 399 -16.66 -19.24 21.23
CA HIS E 399 -17.53 -18.10 21.46
C HIS E 399 -18.96 -18.57 21.55
N PHE E 400 -19.70 -17.99 22.48
CA PHE E 400 -21.11 -18.36 22.70
C PHE E 400 -21.98 -17.17 23.19
N LEU E 401 -23.29 -17.32 23.03
CA LEU E 401 -24.27 -16.43 23.65
C LEU E 401 -25.34 -17.25 24.35
N LEU E 402 -25.21 -17.35 25.67
CA LEU E 402 -26.12 -18.14 26.44
C LEU E 402 -26.43 -17.46 27.77
N GLU E 403 -27.71 -17.33 28.07
CA GLU E 403 -28.18 -16.69 29.30
C GLU E 403 -27.54 -15.31 29.49
N SER E 404 -27.41 -14.54 28.41
CA SER E 404 -26.89 -13.17 28.51
C SER E 404 -27.26 -12.41 27.24
N GLN E 405 -26.88 -11.12 27.17
CA GLN E 405 -27.21 -10.26 26.02
C GLN E 405 -25.98 -10.02 25.11
N ALA E 406 -24.76 -10.08 25.68
CA ALA E 406 -23.52 -10.04 24.89
C ALA E 406 -22.87 -11.42 24.83
N PRO E 407 -22.29 -11.75 23.67
CA PRO E 407 -21.55 -13.02 23.55
C PRO E 407 -20.30 -13.02 24.40
N LYS E 408 -19.92 -14.21 24.90
CA LYS E 408 -18.72 -14.37 25.72
C LYS E 408 -17.78 -15.40 25.04
N THR E 409 -16.67 -15.69 25.69
CA THR E 409 -15.69 -16.61 25.11
C THR E 409 -15.22 -17.59 26.15
N ILE E 410 -15.12 -18.88 25.81
CA ILE E 410 -14.30 -19.82 26.60
C ILE E 410 -12.96 -20.02 25.94
N ARG E 411 -11.91 -19.55 26.63
CA ARG E 411 -10.56 -19.54 26.08
C ARG E 411 -10.02 -20.95 26.23
N ASP E 412 -9.36 -21.43 25.17
CA ASP E 412 -8.80 -22.77 25.12
C ASP E 412 -9.89 -23.81 25.38
N ALA E 413 -11.03 -23.63 24.71
CA ALA E 413 -12.14 -24.58 24.79
C ALA E 413 -11.75 -25.92 24.18
N PHE E 414 -11.10 -25.85 23.01
CA PHE E 414 -10.62 -27.01 22.30
C PHE E 414 -9.12 -27.11 22.31
N CYS E 415 -8.60 -28.32 22.14
CA CYS E 415 -7.20 -28.49 21.80
C CYS E 415 -7.06 -29.50 20.67
N VAL E 416 -6.04 -29.31 19.86
CA VAL E 416 -5.78 -30.16 18.71
C VAL E 416 -4.28 -30.41 18.69
N PHE E 417 -3.90 -31.67 18.44
CA PHE E 417 -2.51 -32.06 18.51
C PHE E 417 -2.27 -33.44 17.94
N GLU E 418 -1.01 -33.68 17.60
CA GLU E 418 -0.57 -34.96 17.16
C GLU E 418 0.13 -35.59 18.32
N GLN E 419 -0.14 -36.88 18.55
CA GLN E 419 0.50 -37.60 19.64
C GLN E 419 1.22 -38.78 19.04
N ASN E 420 2.49 -38.93 19.40
CA ASN E 420 3.18 -40.17 19.13
C ASN E 420 2.71 -41.14 20.20
N GLN E 421 2.04 -42.20 19.77
CA GLN E 421 1.51 -43.23 20.66
C GLN E 421 2.55 -44.16 21.28
N GLY E 422 3.78 -44.16 20.78
CA GLY E 422 4.87 -44.95 21.35
C GLY E 422 4.59 -46.42 21.20
N LEU E 423 4.24 -46.81 19.98
CA LEU E 423 3.56 -48.06 19.73
C LEU E 423 3.41 -48.12 18.23
N PRO E 424 3.82 -49.23 17.61
CA PRO E 424 3.77 -49.31 16.15
C PRO E 424 2.37 -49.45 15.60
N LEU E 425 2.07 -48.69 14.56
CA LEU E 425 0.86 -48.91 13.78
C LEU E 425 0.91 -50.30 13.17
N ARG E 426 2.09 -50.64 12.65
CA ARG E 426 2.34 -51.94 12.07
C ARG E 426 3.81 -52.30 12.05
N ARG E 427 4.09 -53.58 12.01
CA ARG E 427 5.46 -54.03 12.10
C ARG E 427 5.62 -55.45 11.64
N HIS E 428 6.72 -55.74 10.97
CA HIS E 428 7.16 -57.13 10.82
C HIS E 428 8.67 -57.25 10.81
N HIS E 429 9.19 -58.20 11.58
CA HIS E 429 10.62 -58.50 11.60
C HIS E 429 10.78 -59.91 11.04
N SER E 430 11.49 -60.00 9.91
CA SER E 430 11.71 -61.31 9.25
C SER E 430 13.13 -61.85 9.42
N ASP E 431 13.25 -62.89 10.25
CA ASP E 431 14.44 -63.72 10.32
C ASP E 431 14.30 -64.93 9.37
N LEU E 432 13.16 -65.07 8.68
CA LEU E 432 12.84 -66.30 7.97
C LEU E 432 12.93 -66.13 6.47
N TYR E 433 13.92 -66.81 5.87
CA TYR E 433 14.13 -66.85 4.40
C TYR E 433 14.71 -65.56 3.83
N SER E 434 14.03 -64.44 4.08
CA SER E 434 14.55 -63.13 3.67
C SER E 434 14.68 -62.30 4.93
N HIS E 435 15.81 -61.62 5.07
CA HIS E 435 16.06 -60.80 6.26
C HIS E 435 15.67 -59.33 6.00
N TYR E 436 14.53 -58.91 6.57
CA TYR E 436 14.07 -57.52 6.41
C TYR E 436 13.23 -57.10 7.60
N PHE E 437 13.09 -55.79 7.75
CA PHE E 437 12.19 -55.18 8.71
C PHE E 437 11.37 -54.10 8.03
N GLY E 438 10.12 -53.97 8.43
CA GLY E 438 9.21 -52.95 7.90
C GLY E 438 8.15 -52.61 8.93
N GLY E 439 8.13 -51.35 9.32
CA GLY E 439 7.17 -50.86 10.30
C GLY E 439 6.91 -49.38 10.20
N LEU E 440 6.14 -48.86 11.14
CA LEU E 440 5.69 -47.47 11.15
C LEU E 440 5.18 -47.21 12.55
N ALA E 441 5.77 -46.22 13.22
CA ALA E 441 5.29 -45.84 14.55
C ALA E 441 3.96 -45.10 14.39
N GLU E 442 3.04 -45.32 15.33
CA GLU E 442 1.72 -44.68 15.23
C GLU E 442 1.72 -43.27 15.80
N THR E 443 1.30 -42.34 14.98
CA THR E 443 1.08 -40.98 15.40
C THR E 443 -0.35 -40.67 15.05
N VAL E 444 -1.12 -40.25 16.05
CA VAL E 444 -2.53 -39.94 15.86
C VAL E 444 -2.75 -38.42 15.95
N LEU E 445 -3.88 -37.98 15.42
CA LEU E 445 -4.33 -36.61 15.48
C LEU E 445 -5.56 -36.59 16.40
N VAL E 446 -5.49 -35.79 17.46
CA VAL E 446 -6.57 -35.70 18.47
C VAL E 446 -7.32 -34.37 18.41
N VAL E 447 -8.60 -34.40 18.78
CA VAL E 447 -9.37 -33.17 19.04
C VAL E 447 -10.09 -33.38 20.34
N ARG E 448 -10.00 -32.43 21.25
CA ARG E 448 -10.54 -32.64 22.57
C ARG E 448 -11.19 -31.38 23.15
N SER E 449 -12.32 -31.57 23.84
CA SER E 449 -12.94 -30.56 24.70
C SER E 449 -13.21 -31.24 26.01
N MET E 450 -13.47 -30.45 27.05
CA MET E 450 -13.90 -30.99 28.35
C MET E 450 -15.06 -30.22 28.89
N SER E 451 -16.06 -30.95 29.36
CA SER E 451 -17.24 -30.37 29.96
C SER E 451 -17.22 -30.66 31.44
N THR E 452 -17.29 -29.61 32.25
CA THR E 452 -17.45 -29.75 33.70
C THR E 452 -18.86 -29.35 34.15
N LEU E 453 -19.71 -30.34 34.46
CA LEU E 453 -21.10 -30.08 34.90
C LEU E 453 -21.28 -30.46 36.39
N LEU E 454 -21.13 -29.45 37.24
CA LEU E 454 -21.10 -29.64 38.69
C LEU E 454 -19.86 -30.48 39.09
N ASN E 455 -19.99 -31.79 39.36
CA ASN E 455 -18.86 -32.59 39.86
C ASN E 455 -18.01 -33.26 38.78
N TPQ E 456 -18.62 -33.75 37.70
CA TPQ E 456 -17.89 -34.48 36.58
CB TPQ E 456 -18.77 -35.04 35.43
C TPQ E 456 -16.97 -33.59 35.84
O TPQ E 456 -17.25 -32.42 35.62
C1 TPQ E 456 -20.11 -35.40 35.95
C2 TPQ E 456 -20.08 -36.29 37.13
O2 TPQ E 456 -18.97 -36.71 37.58
C3 TPQ E 456 -21.38 -36.66 37.76
C4 TPQ E 456 -22.57 -36.17 37.23
O4 TPQ E 456 -23.64 -36.49 37.78
C5 TPQ E 456 -22.59 -35.27 36.04
O5 TPQ E 456 -23.68 -34.84 35.58
C6 TPQ E 456 -21.28 -34.89 35.40
N ASP E 457 -15.88 -34.16 35.40
CA ASP E 457 -15.26 -33.66 34.18
C ASP E 457 -15.30 -34.71 33.08
N TYR E 458 -16.02 -34.34 32.03
CA TYR E 458 -16.25 -35.19 30.93
C TYR E 458 -15.17 -34.79 29.99
N VAL E 459 -14.65 -35.74 29.28
CA VAL E 459 -13.55 -35.48 28.42
C VAL E 459 -13.80 -36.20 27.12
N TRP E 460 -13.90 -35.39 26.06
CA TRP E 460 -14.40 -35.85 24.76
C TRP E 460 -13.25 -35.91 23.76
N ASP E 461 -12.79 -37.12 23.49
CA ASP E 461 -11.74 -37.34 22.46
C ASP E 461 -12.35 -37.74 21.14
N THR E 462 -11.77 -37.23 20.07
CA THR E 462 -11.93 -37.80 18.74
C THR E 462 -10.51 -37.99 18.22
N VAL E 463 -10.15 -39.24 17.95
CA VAL E 463 -8.78 -39.55 17.56
C VAL E 463 -8.76 -40.09 16.14
N PHE E 464 -7.92 -39.47 15.32
CA PHE E 464 -7.83 -39.84 13.90
C PHE E 464 -6.57 -40.63 13.67
N HIS E 465 -6.74 -41.85 13.17
CA HIS E 465 -5.62 -42.76 13.02
C HIS E 465 -5.08 -42.77 11.60
N PRO E 466 -3.79 -43.09 11.44
CA PRO E 466 -3.15 -43.09 10.13
C PRO E 466 -3.63 -44.21 9.21
N SER E 467 -4.34 -45.18 9.78
CA SER E 467 -4.91 -46.32 9.07
C SER E 467 -6.22 -46.01 8.36
N GLY E 468 -6.76 -44.82 8.54
CA GLY E 468 -8.10 -44.50 8.06
C GLY E 468 -9.19 -44.69 9.13
N ALA E 469 -8.81 -45.13 10.32
CA ALA E 469 -9.73 -45.37 11.42
C ALA E 469 -10.00 -44.09 12.21
N ILE E 470 -11.24 -43.93 12.64
CA ILE E 470 -11.63 -42.85 13.57
C ILE E 470 -12.03 -43.49 14.90
N GLU E 471 -11.63 -42.88 16.00
CA GLU E 471 -11.93 -43.39 17.33
C GLU E 471 -12.57 -42.27 18.13
N ILE E 472 -13.71 -42.59 18.74
CA ILE E 472 -14.42 -41.67 19.60
C ILE E 472 -14.36 -42.22 21.01
N ARG E 473 -13.80 -41.45 21.92
CA ARG E 473 -13.70 -41.84 23.32
C ARG E 473 -14.31 -40.77 24.24
N PHE E 474 -14.73 -41.21 25.41
CA PHE E 474 -15.05 -40.28 26.47
C PHE E 474 -14.71 -40.84 27.85
N TYR E 475 -14.08 -40.01 28.67
CA TYR E 475 -13.70 -40.35 30.03
C TYR E 475 -14.47 -39.47 30.99
N ALA E 476 -14.81 -40.02 32.14
CA ALA E 476 -15.38 -39.20 33.21
C ALA E 476 -14.33 -39.08 34.29
N THR E 477 -14.08 -37.86 34.71
CA THR E 477 -13.14 -37.60 35.80
C THR E 477 -13.75 -36.51 36.69
N GLY E 478 -12.94 -35.91 37.54
CA GLY E 478 -13.42 -34.88 38.42
C GLY E 478 -13.87 -35.51 39.72
N TYR E 479 -14.77 -34.81 40.40
CA TYR E 479 -15.19 -35.18 41.70
C TYR E 479 -16.37 -36.08 41.57
N ILE E 480 -16.44 -37.09 42.43
CA ILE E 480 -17.66 -37.85 42.58
C ILE E 480 -18.67 -37.01 43.36
N SER E 481 -19.93 -37.42 43.29
CA SER E 481 -20.98 -36.79 44.09
C SER E 481 -21.16 -37.63 45.34
N SER E 482 -21.27 -36.98 46.49
CA SER E 482 -21.36 -37.73 47.74
C SER E 482 -22.62 -37.41 48.54
N ALA E 483 -22.83 -38.19 49.59
CA ALA E 483 -23.95 -38.01 50.52
C ALA E 483 -23.48 -38.31 51.95
N PHE E 484 -24.26 -37.86 52.92
CA PHE E 484 -23.94 -38.12 54.31
C PHE E 484 -24.25 -39.60 54.63
N LEU E 485 -23.32 -40.23 55.32
CA LEU E 485 -23.39 -41.65 55.58
C LEU E 485 -24.23 -41.88 56.83
N PHE E 486 -25.22 -42.76 56.68
CA PHE E 486 -25.94 -43.36 57.82
C PHE E 486 -26.31 -44.80 57.34
N GLY E 487 -25.76 -45.83 58.01
CA GLY E 487 -26.07 -47.25 57.71
C GLY E 487 -25.21 -48.01 56.69
N GLY E 490 -25.01 -51.02 52.91
CA GLY E 490 -24.04 -50.84 51.83
C GLY E 490 -24.62 -50.99 50.44
N LYS E 491 -25.94 -51.18 50.37
CA LYS E 491 -26.67 -51.37 49.11
C LYS E 491 -26.39 -50.23 48.13
N TYR E 492 -25.93 -49.07 48.60
CA TYR E 492 -25.93 -47.84 47.80
C TYR E 492 -24.56 -47.23 47.54
N GLY E 493 -23.50 -47.97 47.88
CA GLY E 493 -22.13 -47.52 47.59
C GLY E 493 -21.17 -47.89 48.66
N ASN E 494 -20.01 -47.23 48.63
CA ASN E 494 -18.95 -47.49 49.59
C ASN E 494 -18.66 -46.24 50.35
N GLN E 495 -18.17 -46.42 51.58
CA GLN E 495 -17.68 -45.31 52.34
C GLN E 495 -16.32 -44.94 51.78
N VAL E 496 -16.19 -43.69 51.36
CA VAL E 496 -14.96 -43.20 50.76
C VAL E 496 -14.19 -42.25 51.65
N SER E 497 -14.85 -41.64 52.64
CA SER E 497 -14.15 -40.84 53.68
C SER E 497 -15.02 -40.69 54.92
N GLU E 498 -14.50 -40.00 55.94
CA GLU E 498 -15.22 -39.85 57.23
C GLU E 498 -16.62 -39.32 56.91
N HIS E 499 -17.62 -40.13 57.28
CA HIS E 499 -19.06 -39.80 57.09
C HIS E 499 -19.53 -39.67 55.66
N THR E 500 -18.77 -40.12 54.67
CA THR E 500 -19.16 -39.88 53.27
C THR E 500 -19.49 -41.18 52.54
N LEU E 501 -20.72 -41.26 52.03
CA LEU E 501 -21.11 -42.31 51.08
C LEU E 501 -20.76 -41.81 49.68
N GLY E 502 -20.01 -42.61 48.94
CA GLY E 502 -19.77 -42.36 47.53
C GLY E 502 -20.89 -43.07 46.80
N THR E 503 -21.78 -42.31 46.20
CA THR E 503 -23.06 -42.88 45.72
C THR E 503 -22.88 -43.58 44.40
N VAL E 504 -23.38 -44.79 44.32
CA VAL E 504 -23.32 -45.56 43.10
C VAL E 504 -24.09 -44.83 42.02
N HIS E 505 -23.67 -45.02 40.77
CA HIS E 505 -24.35 -44.46 39.60
C HIS E 505 -23.76 -45.04 38.31
N THR E 506 -24.42 -44.78 37.18
CA THR E 506 -23.92 -45.20 35.89
C THR E 506 -23.72 -43.98 35.03
N HIS E 507 -22.73 -44.00 34.16
CA HIS E 507 -22.58 -43.00 33.16
C HIS E 507 -22.93 -43.63 31.84
N SER E 508 -23.48 -42.83 30.92
CA SER E 508 -23.63 -43.24 29.52
C SER E 508 -23.77 -42.01 28.61
N ALA E 509 -23.40 -42.20 27.36
CA ALA E 509 -23.31 -41.13 26.40
C ALA E 509 -23.77 -41.64 25.06
N HIS E 510 -24.44 -40.78 24.29
CA HIS E 510 -25.01 -41.14 22.96
C HIS E 510 -24.33 -40.37 21.86
N PHE E 511 -24.03 -41.05 20.75
CA PHE E 511 -23.39 -40.39 19.66
C PHE E 511 -24.12 -40.62 18.37
N LYS E 512 -24.27 -39.56 17.59
CA LYS E 512 -24.81 -39.67 16.25
C LYS E 512 -23.63 -39.84 15.33
N VAL E 513 -23.69 -40.86 14.49
CA VAL E 513 -22.60 -41.14 13.57
C VAL E 513 -23.17 -41.28 12.19
N ASP E 514 -23.10 -40.20 11.39
CA ASP E 514 -23.62 -40.24 10.02
C ASP E 514 -22.49 -40.50 9.05
N LEU E 515 -22.20 -41.78 8.92
CA LEU E 515 -21.29 -42.27 7.91
C LEU E 515 -21.96 -42.18 6.57
N ASP E 516 -21.20 -41.77 5.57
CA ASP E 516 -21.63 -41.85 4.19
C ASP E 516 -20.56 -42.64 3.41
N VAL E 517 -20.62 -43.95 3.52
CA VAL E 517 -19.52 -44.76 3.03
C VAL E 517 -19.54 -44.79 1.51
N ALA E 518 -18.50 -44.18 0.90
CA ALA E 518 -18.38 -44.14 -0.54
C ALA E 518 -19.68 -43.68 -1.20
N GLY E 519 -20.27 -42.59 -0.69
CA GLY E 519 -21.56 -42.08 -1.17
C GLY E 519 -22.60 -42.17 -0.10
N LEU E 520 -23.81 -41.69 -0.39
CA LEU E 520 -24.90 -41.69 0.58
C LEU E 520 -25.48 -43.08 0.80
N GLU E 521 -25.82 -43.74 -0.31
CA GLU E 521 -26.57 -45.01 -0.26
C GLU E 521 -25.70 -46.08 0.40
N ASN E 522 -26.17 -46.59 1.53
CA ASN E 522 -25.41 -47.57 2.29
C ASN E 522 -26.30 -48.73 2.70
N TRP E 523 -25.67 -49.86 3.01
CA TRP E 523 -26.36 -51.05 3.52
C TRP E 523 -25.67 -51.50 4.80
N VAL E 524 -26.36 -52.26 5.62
CA VAL E 524 -25.77 -52.70 6.90
C VAL E 524 -25.45 -54.20 6.88
N TRP E 525 -24.23 -54.55 7.20
CA TRP E 525 -23.79 -55.93 7.15
C TRP E 525 -23.36 -56.51 8.50
N ALA E 526 -23.85 -57.70 8.82
CA ALA E 526 -23.40 -58.39 10.02
C ALA E 526 -22.62 -59.62 9.61
N GLU E 527 -21.39 -59.74 10.08
CA GLU E 527 -20.62 -60.98 9.92
C GLU E 527 -20.15 -61.57 11.25
N ASP E 528 -20.17 -62.88 11.36
CA ASP E 528 -19.71 -63.54 12.58
C ASP E 528 -19.04 -64.87 12.21
N MET E 529 -18.81 -65.72 13.21
CA MET E 529 -18.18 -67.01 13.00
C MET E 529 -19.08 -68.15 13.45
N VAL E 530 -18.75 -69.33 12.97
CA VAL E 530 -19.42 -70.53 13.45
C VAL E 530 -18.53 -71.73 13.14
N PHE E 531 -18.68 -72.80 13.92
CA PHE E 531 -17.98 -74.05 13.65
C PHE E 531 -18.96 -75.08 13.11
N VAL E 532 -18.50 -75.88 12.15
CA VAL E 532 -19.33 -76.94 11.59
C VAL E 532 -18.60 -78.28 11.55
N PRO E 533 -19.10 -79.27 12.33
CA PRO E 533 -18.53 -80.60 12.32
C PRO E 533 -18.46 -81.15 10.92
N MET E 534 -17.42 -81.93 10.66
CA MET E 534 -17.17 -82.44 9.32
C MET E 534 -16.17 -83.58 9.31
N ALA E 535 -16.43 -84.55 8.42
CA ALA E 535 -15.47 -85.61 8.17
C ALA E 535 -14.23 -84.96 7.59
N VAL E 536 -13.06 -85.39 8.08
CA VAL E 536 -11.79 -84.97 7.51
C VAL E 536 -11.66 -85.54 6.10
N PRO E 537 -11.60 -84.67 5.09
CA PRO E 537 -11.57 -85.08 3.69
C PRO E 537 -10.59 -86.20 3.34
N TRP E 538 -9.37 -86.10 3.83
CA TRP E 538 -8.40 -87.15 3.58
C TRP E 538 -8.40 -88.29 4.64
N SER E 539 -9.38 -88.38 5.53
CA SER E 539 -9.39 -89.44 6.56
C SER E 539 -10.74 -89.49 7.30
N PRO E 540 -11.79 -89.81 6.56
CA PRO E 540 -13.19 -89.64 7.03
C PRO E 540 -13.53 -90.41 8.29
N GLU E 541 -12.70 -91.38 8.67
CA GLU E 541 -12.84 -91.98 9.98
C GLU E 541 -12.71 -90.89 11.08
N HIS E 542 -12.27 -89.67 10.71
CA HIS E 542 -12.07 -88.57 11.65
C HIS E 542 -12.93 -87.31 11.42
N GLN E 543 -13.10 -86.59 12.53
CA GLN E 543 -14.02 -85.48 12.62
C GLN E 543 -13.16 -84.23 12.81
N LEU E 544 -13.43 -83.17 12.04
CA LEU E 544 -12.86 -81.84 12.32
C LEU E 544 -13.98 -80.79 12.50
N GLN E 545 -13.68 -79.74 13.29
CA GLN E 545 -14.61 -78.62 13.49
C GLN E 545 -14.21 -77.53 12.51
N ARG E 546 -15.05 -77.32 11.50
CA ARG E 546 -14.71 -76.44 10.38
C ARG E 546 -15.15 -75.00 10.58
N LEU E 547 -14.20 -74.13 10.91
CA LEU E 547 -14.48 -72.70 11.17
C LEU E 547 -14.91 -71.99 9.91
N GLN E 548 -16.03 -71.30 10.01
CA GLN E 548 -16.65 -70.59 8.88
C GLN E 548 -17.15 -69.20 9.28
N VAL E 549 -17.28 -68.35 8.27
CA VAL E 549 -17.85 -67.04 8.45
C VAL E 549 -19.35 -67.06 8.17
N THR E 550 -20.17 -66.56 9.09
CA THR E 550 -21.56 -66.25 8.79
C THR E 550 -21.68 -64.78 8.38
N ARG E 551 -22.57 -64.51 7.43
CA ARG E 551 -22.83 -63.15 6.92
C ARG E 551 -24.33 -62.93 6.68
N LYS E 552 -24.86 -61.81 7.14
CA LYS E 552 -26.25 -61.47 6.95
C LYS E 552 -26.34 -59.97 6.59
N LEU E 553 -27.23 -59.63 5.66
CA LEU E 553 -27.60 -58.25 5.39
C LEU E 553 -28.78 -57.85 6.27
N LEU E 554 -28.62 -56.76 7.01
CA LEU E 554 -29.69 -56.28 7.87
C LEU E 554 -30.58 -55.32 7.08
N GLU E 555 -31.82 -55.73 6.88
CA GLU E 555 -32.66 -55.12 5.85
C GLU E 555 -33.54 -54.05 6.44
N MET E 556 -34.19 -54.34 7.57
CA MET E 556 -35.14 -53.44 8.21
C MET E 556 -34.48 -52.77 9.40
N GLU E 557 -34.94 -51.57 9.76
CA GLU E 557 -34.43 -50.81 10.92
C GLU E 557 -34.38 -51.65 12.19
N GLU E 558 -35.45 -52.42 12.42
CA GLU E 558 -35.59 -53.15 13.67
C GLU E 558 -34.49 -54.22 13.83
N GLN E 559 -33.98 -54.73 12.71
CA GLN E 559 -32.89 -55.71 12.73
C GLN E 559 -31.56 -55.08 13.03
N ALA E 560 -31.43 -53.76 12.98
CA ALA E 560 -30.17 -53.08 13.28
C ALA E 560 -30.23 -52.36 14.62
N ALA E 561 -31.23 -52.68 15.43
CA ALA E 561 -31.42 -52.03 16.72
C ALA E 561 -31.05 -52.96 17.86
N PHE E 562 -29.83 -52.86 18.36
CA PHE E 562 -29.36 -53.82 19.35
C PHE E 562 -29.51 -53.36 20.78
N LEU E 563 -30.45 -53.97 21.49
CA LEU E 563 -30.69 -53.64 22.90
C LEU E 563 -29.47 -54.00 23.77
N VAL E 564 -29.32 -53.27 24.86
CA VAL E 564 -28.25 -53.55 25.83
C VAL E 564 -28.47 -54.92 26.47
N GLY E 565 -27.41 -55.72 26.49
CA GLY E 565 -27.53 -57.09 27.00
C GLY E 565 -27.71 -58.12 25.92
N SER E 566 -28.27 -57.75 24.76
CA SER E 566 -28.30 -58.62 23.54
C SER E 566 -26.92 -58.99 23.01
N ALA E 567 -26.86 -60.17 22.42
CA ALA E 567 -25.67 -60.63 21.69
C ALA E 567 -25.56 -59.72 20.47
N THR E 568 -24.35 -59.39 20.10
CA THR E 568 -24.09 -58.43 19.04
C THR E 568 -23.12 -59.05 18.01
N PRO E 569 -23.39 -58.88 16.71
CA PRO E 569 -22.49 -59.41 15.70
C PRO E 569 -21.05 -58.99 15.94
N ARG E 570 -20.11 -59.90 15.76
CA ARG E 570 -18.71 -59.57 16.01
C ARG E 570 -18.13 -58.58 15.01
N TYR E 571 -18.69 -58.60 13.81
CA TYR E 571 -18.35 -57.64 12.76
C TYR E 571 -19.64 -56.99 12.27
N LEU E 572 -19.79 -55.69 12.50
CA LEU E 572 -20.94 -54.98 12.01
C LEU E 572 -20.47 -53.80 11.27
N TYR E 573 -20.87 -53.67 10.03
CA TYR E 573 -20.40 -52.55 9.23
C TYR E 573 -21.41 -52.00 8.27
N LEU E 574 -21.22 -50.73 7.92
CA LEU E 574 -22.04 -50.04 6.95
C LEU E 574 -21.22 -49.97 5.68
N ALA E 575 -21.86 -50.29 4.54
CA ALA E 575 -21.14 -50.35 3.28
C ALA E 575 -21.89 -49.79 2.06
N SER E 576 -21.07 -49.47 1.07
CA SER E 576 -21.53 -49.05 -0.25
C SER E 576 -21.96 -50.23 -1.12
N ASN E 577 -22.82 -49.88 -2.06
CA ASN E 577 -23.12 -50.66 -3.24
C ASN E 577 -21.86 -51.10 -3.98
N HIS E 578 -20.93 -50.15 -4.14
CA HIS E 578 -19.70 -50.35 -4.94
C HIS E 578 -18.69 -51.15 -4.20
N SER E 579 -17.75 -51.73 -4.93
CA SER E 579 -16.83 -52.68 -4.33
C SER E 579 -15.43 -52.15 -4.40
N ASN E 580 -14.51 -52.77 -3.69
CA ASN E 580 -13.11 -52.44 -3.88
C ASN E 580 -12.55 -53.28 -5.04
N LYS E 581 -11.26 -53.15 -5.28
CA LYS E 581 -10.60 -53.90 -6.33
C LYS E 581 -10.91 -55.42 -6.25
N TRP E 582 -11.03 -55.98 -5.05
CA TRP E 582 -11.22 -57.44 -4.91
C TRP E 582 -12.66 -57.86 -4.79
N GLY E 583 -13.56 -56.99 -5.21
CA GLY E 583 -14.97 -57.35 -5.36
C GLY E 583 -15.83 -57.35 -4.12
N HIS E 584 -15.33 -56.78 -3.03
CA HIS E 584 -16.10 -56.67 -1.79
C HIS E 584 -16.71 -55.28 -1.66
N PRO E 585 -17.95 -55.20 -1.16
CA PRO E 585 -18.54 -53.89 -0.88
C PRO E 585 -17.64 -53.02 0.00
N ARG E 586 -17.57 -51.73 -0.28
CA ARG E 586 -16.68 -50.84 0.49
C ARG E 586 -17.36 -50.47 1.80
N GLY E 587 -16.68 -50.82 2.90
CA GLY E 587 -17.32 -50.76 4.18
C GLY E 587 -16.51 -50.02 5.21
N TYR E 588 -17.25 -49.53 6.20
CA TYR E 588 -16.67 -49.05 7.44
C TYR E 588 -17.43 -49.74 8.55
N ARG E 589 -16.70 -50.09 9.60
CA ARG E 589 -17.15 -51.01 10.61
C ARG E 589 -17.18 -50.31 11.92
N ILE E 590 -18.27 -50.50 12.66
CA ILE E 590 -18.38 -50.00 14.02
C ILE E 590 -17.93 -51.10 14.99
N GLN E 591 -17.00 -50.73 15.86
CA GLN E 591 -16.46 -51.61 16.89
C GLN E 591 -16.55 -50.89 18.22
N MET E 592 -17.16 -51.53 19.20
CA MET E 592 -17.55 -50.86 20.43
C MET E 592 -16.70 -51.22 21.63
N LEU E 593 -16.08 -50.22 22.25
CA LEU E 593 -15.47 -50.33 23.59
C LEU E 593 -16.46 -49.82 24.69
N SER E 594 -17.33 -50.69 25.20
CA SER E 594 -18.32 -50.26 26.19
C SER E 594 -18.63 -51.35 27.24
N PHE E 595 -18.70 -50.90 28.50
CA PHE E 595 -19.03 -51.74 29.67
C PHE E 595 -20.46 -51.39 30.22
N ALA E 596 -21.37 -51.08 29.29
CA ALA E 596 -22.65 -50.39 29.60
C ALA E 596 -23.45 -50.92 30.76
N GLY E 597 -23.88 -50.02 31.66
CA GLY E 597 -24.67 -50.38 32.83
C GLY E 597 -26.09 -50.76 32.46
N GLU E 598 -26.77 -51.45 33.37
CA GLU E 598 -28.15 -51.87 33.14
C GLU E 598 -28.99 -50.61 33.02
N PRO E 599 -29.85 -50.52 32.01
CA PRO E 599 -30.64 -49.29 31.85
C PRO E 599 -31.86 -49.16 32.76
N LEU E 600 -32.27 -47.92 33.00
CA LEU E 600 -33.47 -47.67 33.78
C LEU E 600 -34.57 -48.47 33.12
N PRO E 601 -35.35 -49.19 33.93
CA PRO E 601 -36.46 -50.00 33.40
C PRO E 601 -37.51 -49.19 32.64
N GLN E 602 -38.06 -49.81 31.61
CA GLN E 602 -39.16 -49.22 30.84
C GLN E 602 -40.38 -49.00 31.74
N ASN E 603 -40.65 -49.95 32.63
CA ASN E 603 -41.66 -49.75 33.67
C ASN E 603 -41.67 -48.31 34.26
N SER E 604 -40.50 -47.62 34.25
CA SER E 604 -40.44 -46.22 34.67
C SER E 604 -40.96 -45.23 33.64
N SER E 605 -41.88 -44.37 34.04
CA SER E 605 -42.41 -43.32 33.17
C SER E 605 -41.30 -42.39 32.65
N MET E 606 -40.31 -42.14 33.49
CA MET E 606 -39.21 -41.27 33.15
C MET E 606 -38.40 -41.75 31.94
N ALA E 607 -38.37 -43.05 31.71
CA ALA E 607 -37.44 -43.68 30.79
C ALA E 607 -37.49 -43.14 29.38
N ARG E 608 -38.70 -42.84 28.90
CA ARG E 608 -38.92 -42.34 27.54
C ARG E 608 -38.08 -41.06 27.26
N GLY E 609 -37.71 -40.32 28.30
CA GLY E 609 -36.83 -39.16 28.16
C GLY E 609 -35.38 -39.44 27.77
N PHE E 610 -34.97 -40.71 27.84
CA PHE E 610 -33.64 -41.08 27.40
C PHE E 610 -33.67 -42.53 26.98
N SER E 611 -34.58 -42.86 26.08
CA SER E 611 -34.78 -44.23 25.68
C SER E 611 -33.58 -44.77 24.89
N TRP E 612 -32.74 -43.90 24.35
CA TRP E 612 -31.48 -44.34 23.70
C TRP E 612 -30.58 -45.22 24.61
N GLU E 613 -30.71 -44.99 25.92
CA GLU E 613 -29.98 -45.75 26.91
C GLU E 613 -30.15 -47.24 26.70
N ARG E 614 -31.31 -47.64 26.20
CA ARG E 614 -31.67 -49.03 26.10
C ARG E 614 -30.95 -49.73 25.00
N TYR E 615 -30.40 -48.97 24.06
CA TYR E 615 -29.68 -49.55 22.92
C TYR E 615 -28.17 -49.41 23.05
N GLN E 616 -27.43 -50.35 22.45
CA GLN E 616 -25.97 -50.27 22.33
C GLN E 616 -25.69 -49.54 21.05
N LEU E 617 -26.47 -49.86 20.03
CA LEU E 617 -26.28 -49.38 18.69
C LEU E 617 -27.59 -49.48 17.95
N ALA E 618 -27.83 -48.52 17.05
CA ALA E 618 -29.02 -48.53 16.22
C ALA E 618 -28.71 -47.82 14.93
N VAL E 619 -29.14 -48.40 13.81
CA VAL E 619 -28.98 -47.76 12.51
C VAL E 619 -30.35 -47.46 11.96
N THR E 620 -30.59 -46.19 11.62
CA THR E 620 -31.88 -45.75 11.13
C THR E 620 -31.66 -44.98 9.84
N GLN E 621 -32.75 -44.77 9.07
CA GLN E 621 -32.70 -43.87 7.93
C GLN E 621 -32.33 -42.50 8.45
N ARG E 622 -31.45 -41.79 7.77
CA ARG E 622 -31.23 -40.38 8.11
C ARG E 622 -32.33 -39.46 7.57
N LYS E 623 -32.81 -38.54 8.41
CA LYS E 623 -33.95 -37.70 8.08
C LYS E 623 -33.80 -36.30 8.69
N GLU E 624 -34.09 -35.27 7.89
CA GLU E 624 -33.94 -33.88 8.36
C GLU E 624 -34.77 -33.62 9.62
N GLU E 625 -35.98 -34.16 9.64
CA GLU E 625 -36.86 -34.02 10.80
C GLU E 625 -36.49 -34.90 12.03
N GLU E 626 -35.37 -35.65 11.98
CA GLU E 626 -34.83 -36.46 13.12
C GLU E 626 -33.36 -36.10 13.34
N PRO E 627 -33.07 -34.82 13.65
CA PRO E 627 -31.68 -34.40 13.76
C PRO E 627 -31.00 -34.85 15.06
N SER E 628 -31.78 -35.14 16.10
CA SER E 628 -31.19 -35.43 17.40
C SER E 628 -31.93 -36.44 18.23
N SER E 629 -31.16 -37.19 19.03
CA SER E 629 -31.71 -38.24 19.86
C SER E 629 -32.24 -37.70 21.19
N SER E 630 -31.84 -36.48 21.53
CA SER E 630 -32.27 -35.85 22.77
C SER E 630 -32.72 -34.42 22.49
N SER E 631 -33.03 -33.71 23.59
CA SER E 631 -33.47 -32.33 23.55
C SER E 631 -33.09 -31.73 24.87
N VAL E 632 -32.76 -30.46 24.88
CA VAL E 632 -32.47 -29.78 26.12
C VAL E 632 -33.69 -29.73 27.05
N PHE E 633 -34.87 -30.00 26.52
CA PHE E 633 -36.12 -29.95 27.29
C PHE E 633 -36.54 -31.27 27.90
N ASN E 634 -35.70 -32.30 27.76
CA ASN E 634 -36.03 -33.60 28.33
C ASN E 634 -35.71 -33.65 29.82
N GLN E 635 -34.59 -33.02 30.18
CA GLN E 635 -34.13 -33.00 31.57
C GLN E 635 -35.21 -32.62 32.53
N ASN E 636 -35.99 -31.59 32.22
CA ASN E 636 -37.03 -31.12 33.13
C ASN E 636 -38.40 -31.79 32.95
N ASP E 637 -38.66 -32.37 31.78
CA ASP E 637 -39.89 -33.13 31.59
C ASP E 637 -39.65 -34.39 30.78
N PRO E 638 -39.00 -35.38 31.41
CA PRO E 638 -38.74 -36.65 30.76
C PRO E 638 -39.96 -37.53 30.69
N TRP E 639 -40.95 -37.24 31.54
CA TRP E 639 -42.22 -37.95 31.51
C TRP E 639 -43.01 -37.64 30.23
N ALA E 640 -42.86 -36.41 29.74
CA ALA E 640 -43.48 -35.98 28.50
C ALA E 640 -42.35 -35.53 27.56
N PRO E 641 -41.50 -36.46 27.16
CA PRO E 641 -40.28 -36.10 26.48
C PRO E 641 -40.55 -35.26 25.23
N THR E 642 -39.72 -34.26 25.02
CA THR E 642 -39.79 -33.47 23.81
C THR E 642 -39.30 -34.28 22.60
N VAL E 643 -38.15 -34.92 22.75
CA VAL E 643 -37.65 -35.91 21.80
C VAL E 643 -37.63 -37.29 22.45
N ASP E 644 -38.13 -38.29 21.72
CA ASP E 644 -38.13 -39.68 22.19
C ASP E 644 -37.45 -40.61 21.18
N PHE E 645 -36.22 -40.98 21.48
CA PHE E 645 -35.38 -41.64 20.51
C PHE E 645 -35.98 -42.88 19.91
N SER E 646 -36.58 -43.71 20.76
CA SER E 646 -37.15 -44.97 20.33
C SER E 646 -38.10 -44.80 19.16
N ASP E 647 -38.79 -43.66 19.09
CA ASP E 647 -39.63 -43.36 17.94
C ASP E 647 -38.93 -43.40 16.58
N PHE E 648 -37.61 -43.23 16.55
CA PHE E 648 -36.88 -43.20 15.26
C PHE E 648 -36.83 -44.58 14.60
N ILE E 649 -36.85 -45.59 15.45
CA ILE E 649 -36.75 -46.97 15.02
C ILE E 649 -38.14 -47.42 14.72
N ASN E 650 -38.49 -47.47 13.44
CA ASN E 650 -39.90 -47.52 13.04
C ASN E 650 -40.18 -48.44 11.87
N ASN E 651 -39.43 -49.53 11.71
CA ASN E 651 -39.86 -50.57 10.74
C ASN E 651 -39.85 -50.10 9.27
N GLU E 652 -38.72 -49.52 8.85
CA GLU E 652 -38.48 -49.12 7.46
C GLU E 652 -37.31 -49.90 6.92
N THR E 653 -37.02 -49.68 5.64
CA THR E 653 -35.82 -50.23 5.04
C THR E 653 -34.62 -49.41 5.46
N ILE E 654 -33.52 -50.12 5.64
CA ILE E 654 -32.21 -49.52 5.75
C ILE E 654 -31.34 -50.18 4.70
N ALA E 655 -31.97 -50.70 3.65
CA ALA E 655 -31.25 -51.36 2.54
C ALA E 655 -31.02 -50.39 1.39
N GLY E 656 -29.96 -49.61 1.46
CA GLY E 656 -29.62 -48.68 0.39
C GLY E 656 -30.14 -47.27 0.57
N LYS E 657 -30.06 -46.74 1.78
CA LYS E 657 -30.47 -45.37 2.04
C LYS E 657 -29.31 -44.61 2.62
N ASP E 658 -29.50 -43.31 2.82
CA ASP E 658 -28.61 -42.52 3.64
C ASP E 658 -28.87 -42.99 5.06
N LEU E 659 -27.89 -43.67 5.64
CA LEU E 659 -28.04 -44.27 6.95
C LEU E 659 -27.31 -43.47 7.98
N VAL E 660 -27.68 -43.67 9.23
CA VAL E 660 -27.02 -43.01 10.38
C VAL E 660 -27.05 -43.94 11.57
N ALA E 661 -25.88 -44.16 12.14
CA ALA E 661 -25.71 -45.02 13.31
C ALA E 661 -25.78 -44.21 14.59
N TRP E 662 -26.42 -44.78 15.60
CA TRP E 662 -26.54 -44.15 16.88
C TRP E 662 -25.90 -45.07 17.94
N VAL E 663 -24.79 -44.63 18.49
CA VAL E 663 -24.01 -45.46 19.40
C VAL E 663 -24.15 -44.99 20.84
N THR E 664 -24.46 -45.92 21.72
CA THR E 664 -24.48 -45.68 23.15
C THR E 664 -23.25 -46.31 23.79
N ALA E 665 -22.61 -45.58 24.69
CA ALA E 665 -21.50 -46.13 25.42
C ALA E 665 -21.56 -45.66 26.86
N GLY E 666 -21.18 -46.52 27.78
CA GLY E 666 -21.19 -46.16 29.19
C GLY E 666 -20.69 -47.27 30.09
N PHE E 667 -20.88 -47.07 31.40
CA PHE E 667 -20.42 -47.99 32.40
C PHE E 667 -21.03 -47.71 33.78
N LEU E 668 -20.91 -48.66 34.68
CA LEU E 668 -21.37 -48.53 36.05
C LEU E 668 -20.21 -48.08 36.92
N HIS E 669 -20.47 -47.17 37.83
CA HIS E 669 -19.44 -46.68 38.74
C HIS E 669 -19.94 -46.84 40.17
N ILE E 670 -19.25 -47.70 40.91
CA ILE E 670 -19.40 -47.84 42.34
C ILE E 670 -18.21 -47.13 42.95
N PRO E 671 -18.43 -45.95 43.53
CA PRO E 671 -17.25 -45.24 44.01
C PRO E 671 -16.48 -46.02 45.07
N HIS E 672 -15.20 -45.69 45.19
CA HIS E 672 -14.30 -46.33 46.13
C HIS E 672 -13.21 -45.34 46.51
N ALA E 673 -12.42 -45.66 47.53
CA ALA E 673 -11.46 -44.71 48.10
C ALA E 673 -10.61 -43.99 47.08
N GLU E 674 -10.23 -44.71 46.03
CA GLU E 674 -9.34 -44.18 45.01
C GLU E 674 -9.99 -43.16 44.08
N ASP E 675 -11.31 -42.98 44.22
CA ASP E 675 -12.00 -41.80 43.62
C ASP E 675 -11.83 -40.48 44.43
N ILE E 676 -11.10 -40.51 45.54
CA ILE E 676 -10.86 -39.33 46.36
C ILE E 676 -9.39 -38.90 46.26
N PRO E 677 -9.15 -37.67 45.81
CA PRO E 677 -10.07 -36.57 45.55
C PRO E 677 -10.85 -36.71 44.28
N ASN E 678 -10.21 -37.13 43.20
CA ASN E 678 -10.92 -37.25 41.93
C ASN E 678 -10.93 -38.67 41.45
N THR E 679 -11.88 -38.94 40.55
CA THR E 679 -11.92 -40.15 39.77
C THR E 679 -10.86 -40.07 38.67
N VAL E 680 -10.01 -41.09 38.56
CA VAL E 680 -9.00 -41.14 37.51
C VAL E 680 -9.58 -41.63 36.20
N THR E 681 -8.93 -41.23 35.11
CA THR E 681 -9.36 -41.66 33.79
C THR E 681 -8.96 -43.10 33.44
N VAL E 682 -7.97 -43.66 34.14
CA VAL E 682 -7.40 -44.96 33.81
C VAL E 682 -8.44 -46.05 33.73
N GLY E 683 -8.62 -46.62 32.53
CA GLY E 683 -9.57 -47.72 32.31
C GLY E 683 -11.04 -47.32 32.26
N ASN E 684 -11.33 -46.04 32.53
CA ASN E 684 -12.70 -45.53 32.42
C ASN E 684 -13.06 -44.90 31.09
N GLY E 685 -12.16 -44.98 30.10
CA GLY E 685 -12.46 -44.52 28.75
C GLY E 685 -13.42 -45.49 28.11
N VAL E 686 -14.42 -44.96 27.41
CA VAL E 686 -15.48 -45.78 26.80
C VAL E 686 -15.81 -45.10 25.47
N GLY E 687 -16.15 -45.90 24.48
CA GLY E 687 -16.46 -45.39 23.16
C GLY E 687 -16.43 -46.45 22.09
N PHE E 688 -16.00 -46.05 20.90
CA PHE E 688 -16.04 -46.95 19.75
C PHE E 688 -15.09 -46.55 18.66
N PHE E 689 -14.81 -47.49 17.78
CA PHE E 689 -13.97 -47.26 16.61
C PHE E 689 -14.81 -47.32 15.35
N LEU E 690 -14.35 -46.62 14.33
CA LEU E 690 -14.88 -46.74 12.99
C LEU E 690 -13.71 -47.12 12.13
N ARG E 691 -13.73 -48.35 11.63
CA ARG E 691 -12.56 -48.89 10.92
C ARG E 691 -12.93 -49.31 9.52
N PRO E 692 -12.01 -49.07 8.57
CA PRO E 692 -12.24 -49.46 7.21
C PRO E 692 -12.21 -50.98 7.02
N TYR E 693 -13.23 -51.49 6.36
CA TYR E 693 -13.38 -52.91 6.10
C TYR E 693 -13.65 -53.08 4.61
N ASN E 694 -12.57 -53.36 3.87
CA ASN E 694 -12.58 -53.48 2.41
C ASN E 694 -13.02 -52.19 1.73
N PHE E 695 -12.71 -51.08 2.36
CA PHE E 695 -13.03 -49.77 1.82
C PHE E 695 -11.96 -49.46 0.83
N PHE E 696 -10.74 -49.70 1.24
CA PHE E 696 -9.58 -49.49 0.37
C PHE E 696 -9.22 -50.76 -0.35
N ASP E 697 -8.24 -50.63 -1.22
CA ASP E 697 -7.67 -51.77 -1.93
C ASP E 697 -6.48 -52.31 -1.18
N GLU E 698 -5.91 -51.48 -0.33
CA GLU E 698 -4.87 -51.90 0.61
C GLU E 698 -4.72 -50.87 1.71
N ASP E 699 -4.05 -51.28 2.78
CA ASP E 699 -3.74 -50.43 3.91
C ASP E 699 -3.14 -49.14 3.36
N PRO E 700 -3.84 -48.02 3.52
CA PRO E 700 -3.20 -46.73 3.15
C PRO E 700 -1.81 -46.53 3.73
N SER E 701 -1.61 -46.90 4.99
CA SER E 701 -0.33 -46.60 5.66
C SER E 701 0.89 -47.22 4.95
N PHE E 702 0.65 -48.04 3.93
CA PHE E 702 1.72 -48.54 3.07
C PHE E 702 2.47 -47.36 2.45
N TYR E 703 1.73 -46.39 1.95
CA TYR E 703 2.30 -45.18 1.34
C TYR E 703 2.78 -44.11 2.35
N SER E 704 2.72 -44.41 3.64
CA SER E 704 2.99 -43.39 4.65
C SER E 704 4.34 -42.76 4.38
N ALA E 705 4.39 -41.45 4.46
CA ALA E 705 5.65 -40.75 4.33
C ALA E 705 6.58 -41.11 5.49
N ASP E 706 6.09 -41.79 6.52
CA ASP E 706 6.90 -42.05 7.71
C ASP E 706 7.27 -43.51 7.93
N SER E 707 6.90 -44.37 6.99
CA SER E 707 7.15 -45.79 7.16
C SER E 707 8.62 -46.10 7.01
N ILE E 708 9.15 -46.94 7.89
CA ILE E 708 10.55 -47.34 7.85
C ILE E 708 10.67 -48.74 7.27
N TYR E 709 11.72 -48.93 6.48
CA TYR E 709 11.96 -50.24 5.85
C TYR E 709 13.41 -50.40 5.48
N PHE E 710 13.95 -51.58 5.76
CA PHE E 710 15.31 -51.90 5.36
C PHE E 710 15.60 -53.39 5.42
N ARG E 711 16.42 -53.86 4.47
CA ARG E 711 16.82 -55.26 4.41
C ARG E 711 18.00 -55.50 5.30
N GLY E 712 18.20 -56.77 5.65
CA GLY E 712 19.30 -57.16 6.55
C GLY E 712 20.69 -56.95 5.95
N ASP E 713 20.76 -57.00 4.62
CA ASP E 713 22.03 -56.71 3.94
C ASP E 713 22.33 -55.19 3.81
N GLN E 714 21.30 -54.35 3.93
CA GLN E 714 21.50 -52.91 3.84
C GLN E 714 22.08 -52.37 5.14
N ASP E 715 22.37 -51.06 5.14
CA ASP E 715 22.93 -50.36 6.30
C ASP E 715 21.84 -49.59 7.05
N ALA E 716 21.43 -50.11 8.21
CA ALA E 716 20.31 -49.52 8.97
C ALA E 716 20.65 -48.13 9.55
N GLY E 717 21.96 -47.89 9.81
CA GLY E 717 22.46 -46.60 10.26
C GLY E 717 22.66 -45.60 9.13
N ALA E 718 22.63 -46.07 7.89
CA ALA E 718 22.74 -45.18 6.73
C ALA E 718 21.46 -44.34 6.62
N CYS E 719 21.61 -43.06 6.92
CA CYS E 719 20.52 -42.09 6.83
C CYS E 719 19.71 -42.13 5.51
N GLU E 720 20.41 -42.19 4.37
CA GLU E 720 19.69 -42.36 3.08
C GLU E 720 18.90 -43.68 2.97
N VAL E 721 19.34 -44.71 3.70
CA VAL E 721 18.60 -45.98 3.78
C VAL E 721 17.43 -45.88 4.75
N ASN E 722 17.73 -45.37 5.96
CA ASN E 722 16.78 -45.35 7.07
C ASN E 722 16.67 -43.98 7.75
N PRO E 723 15.55 -43.26 7.49
CA PRO E 723 15.29 -41.93 8.09
C PRO E 723 15.55 -41.85 9.61
N LEU E 724 15.23 -42.91 10.35
CA LEU E 724 15.48 -42.89 11.79
C LEU E 724 16.94 -42.54 12.12
N ALA E 725 17.86 -42.95 11.27
CA ALA E 725 19.28 -42.64 11.47
C ALA E 725 19.60 -41.13 11.48
N CYS E 726 18.81 -40.35 10.75
CA CYS E 726 18.97 -38.89 10.65
C CYS E 726 18.21 -38.15 11.76
N LEU E 727 17.43 -38.88 12.57
CA LEU E 727 16.68 -38.26 13.67
C LEU E 727 17.60 -37.46 14.63
N PRO E 728 18.73 -38.06 15.06
CA PRO E 728 19.55 -37.24 16.00
C PRO E 728 20.06 -35.88 15.45
N GLN E 729 20.24 -35.79 14.12
CA GLN E 729 20.49 -34.49 13.45
C GLN E 729 19.18 -33.70 13.48
N ALA E 730 18.14 -34.30 12.88
CA ALA E 730 16.77 -33.70 12.83
C ALA E 730 16.27 -33.08 14.13
N ALA E 731 16.53 -33.75 15.25
CA ALA E 731 16.05 -33.33 16.57
C ALA E 731 17.13 -32.78 17.49
N ALA E 732 18.22 -32.27 16.90
CA ALA E 732 19.27 -31.64 17.68
C ALA E 732 18.92 -30.13 17.77
N CYS E 733 17.86 -29.82 18.52
CA CYS E 733 17.46 -28.44 18.72
C CYS E 733 16.50 -28.32 19.90
N ALA E 734 16.62 -27.22 20.65
CA ALA E 734 15.76 -26.96 21.82
C ALA E 734 14.43 -26.46 21.32
N PRO E 735 13.32 -27.01 21.85
CA PRO E 735 11.98 -26.60 21.42
C PRO E 735 11.63 -25.21 21.93
N ASP E 736 10.94 -24.41 21.09
CA ASP E 736 10.51 -23.05 21.47
C ASP E 736 9.15 -23.12 22.15
N LEU E 737 9.13 -23.36 23.45
CA LEU E 737 7.87 -23.48 24.21
C LEU E 737 7.25 -22.11 24.59
N PRO E 738 6.00 -21.85 24.14
CA PRO E 738 5.24 -20.66 24.56
C PRO E 738 5.12 -20.50 26.07
N ALA E 739 5.03 -19.24 26.52
CA ALA E 739 4.89 -18.95 27.93
C ALA E 739 3.54 -19.44 28.41
N PHE E 740 3.52 -20.06 29.59
CA PHE E 740 2.28 -20.65 30.06
C PHE E 740 1.20 -19.62 30.30
N SER E 741 0.07 -19.81 29.63
CA SER E 741 -1.13 -19.03 29.89
C SER E 741 -2.25 -19.96 30.36
N HIS E 742 -3.17 -19.43 31.17
CA HIS E 742 -4.39 -20.15 31.52
C HIS E 742 -5.62 -19.36 31.16
N GLY E 743 -6.67 -20.06 30.73
CA GLY E 743 -7.88 -19.42 30.19
C GLY E 743 -8.85 -18.78 31.17
N GLY E 744 -8.53 -18.80 32.46
CA GLY E 744 -9.33 -18.12 33.48
C GLY E 744 -10.69 -18.74 33.80
N PHE E 745 -11.47 -18.03 34.62
CA PHE E 745 -12.74 -18.56 35.18
C PHE E 745 -13.88 -17.59 34.85
N SER E 746 -15.04 -17.73 35.52
CA SER E 746 -16.30 -17.02 35.12
C SER E 746 -16.63 -15.62 35.71
N CYS F 26 38.26 -38.04 -57.03
CA CYS F 26 39.69 -37.93 -56.63
C CYS F 26 39.85 -36.97 -55.44
N SER F 42 31.13 -45.24 -27.43
CA SER F 42 31.50 -44.43 -26.28
C SER F 42 32.03 -43.02 -26.66
N GLN F 43 31.16 -42.01 -26.41
CA GLN F 43 31.59 -40.61 -26.14
C GLN F 43 31.22 -40.28 -24.65
N LEU F 44 32.08 -40.80 -23.79
CA LEU F 44 31.98 -40.70 -22.34
C LEU F 44 33.11 -39.73 -21.85
N PHE F 45 34.01 -39.41 -22.77
CA PHE F 45 35.15 -38.55 -22.54
C PHE F 45 35.12 -37.33 -23.45
N ALA F 46 34.03 -37.16 -24.23
CA ALA F 46 33.87 -35.98 -25.09
C ALA F 46 33.71 -34.72 -24.20
N ASP F 47 34.32 -33.60 -24.66
CA ASP F 47 34.16 -32.32 -23.97
C ASP F 47 32.70 -31.99 -24.07
N LEU F 48 32.17 -31.27 -23.07
CA LEU F 48 30.76 -30.88 -23.09
C LEU F 48 30.39 -30.07 -24.38
N SER F 49 29.20 -30.35 -24.93
CA SER F 49 28.67 -29.65 -26.11
C SER F 49 28.03 -28.29 -25.78
N ARG F 50 27.86 -27.44 -26.80
CA ARG F 50 27.07 -26.21 -26.65
C ARG F 50 25.84 -26.40 -25.70
N GLU F 51 25.03 -27.45 -25.94
CA GLU F 51 23.78 -27.67 -25.18
C GLU F 51 24.07 -27.95 -23.71
N GLU F 52 24.91 -28.95 -23.52
CA GLU F 52 25.29 -29.38 -22.20
C GLU F 52 25.77 -28.20 -21.36
N LEU F 53 26.63 -27.38 -21.96
CA LEU F 53 27.11 -26.16 -21.30
C LEU F 53 25.92 -25.22 -20.95
N THR F 54 25.12 -24.86 -21.96
CA THR F 54 23.92 -24.04 -21.71
C THR F 54 23.01 -24.66 -20.64
N ALA F 55 22.83 -25.98 -20.74
CA ALA F 55 22.01 -26.74 -19.79
C ALA F 55 22.48 -26.50 -18.35
N VAL F 56 23.78 -26.49 -18.18
CA VAL F 56 24.36 -26.36 -16.87
C VAL F 56 24.28 -24.91 -16.36
N MET F 57 24.57 -23.98 -17.26
CA MET F 57 24.46 -22.56 -16.95
C MET F 57 23.03 -22.20 -16.54
N ARG F 58 22.04 -22.66 -17.32
CA ARG F 58 20.64 -22.47 -16.95
C ARG F 58 20.49 -22.94 -15.50
N PHE F 59 20.85 -24.21 -15.26
CA PHE F 59 20.66 -24.83 -13.93
C PHE F 59 21.35 -24.05 -12.84
N LEU F 60 22.52 -23.51 -13.16
CA LEU F 60 23.25 -22.73 -12.21
C LEU F 60 22.54 -21.41 -11.86
N THR F 61 22.19 -20.60 -12.87
CA THR F 61 21.52 -19.32 -12.62
C THR F 61 20.24 -19.51 -11.79
N GLN F 62 19.46 -20.55 -12.09
CA GLN F 62 18.30 -20.92 -11.28
C GLN F 62 18.79 -21.16 -9.86
N ARG F 63 19.87 -21.94 -9.75
CA ARG F 63 20.31 -22.51 -8.49
C ARG F 63 21.20 -21.61 -7.61
N LEU F 64 22.15 -20.85 -8.16
CA LEU F 64 23.26 -20.19 -7.34
C LEU F 64 23.03 -18.78 -6.69
N GLY F 65 22.37 -18.77 -5.50
CA GLY F 65 22.23 -17.58 -4.60
C GLY F 65 21.61 -16.35 -5.24
N PRO F 66 21.79 -15.17 -4.64
CA PRO F 66 21.48 -13.93 -5.39
C PRO F 66 22.76 -13.29 -5.97
N GLY F 67 22.62 -12.21 -6.72
CA GLY F 67 23.77 -11.38 -7.05
C GLY F 67 24.78 -11.93 -8.06
N LEU F 68 24.47 -13.05 -8.70
CA LEU F 68 25.39 -13.61 -9.69
C LEU F 68 25.55 -12.70 -10.94
N VAL F 69 26.65 -12.79 -11.65
CA VAL F 69 26.97 -11.74 -12.62
C VAL F 69 27.99 -12.22 -13.62
N ASP F 70 27.66 -12.09 -14.91
CA ASP F 70 28.61 -12.45 -15.95
C ASP F 70 30.03 -12.02 -15.60
N ALA F 71 30.96 -12.90 -15.92
CA ALA F 71 32.36 -12.73 -15.61
C ALA F 71 33.02 -11.79 -16.61
N ALA F 72 32.36 -11.51 -17.73
CA ALA F 72 32.93 -10.58 -18.72
C ALA F 72 32.99 -9.20 -18.07
N GLN F 73 32.04 -8.96 -17.17
CA GLN F 73 31.79 -7.65 -16.58
C GLN F 73 31.94 -7.58 -15.05
N ALA F 74 31.72 -8.70 -14.36
CA ALA F 74 31.75 -8.73 -12.86
C ALA F 74 33.09 -8.29 -12.23
N ARG F 75 32.97 -7.91 -10.95
CA ARG F 75 34.00 -7.19 -10.16
C ARG F 75 34.29 -8.07 -8.96
N PRO F 76 35.38 -7.76 -8.22
CA PRO F 76 35.78 -8.63 -7.11
C PRO F 76 34.67 -9.00 -6.15
N SER F 77 33.85 -8.04 -5.76
CA SER F 77 32.81 -8.33 -4.77
C SER F 77 31.55 -8.98 -5.38
N ASP F 78 31.57 -9.21 -6.71
CA ASP F 78 30.47 -9.94 -7.36
C ASP F 78 30.53 -11.47 -7.13
N ASN F 79 29.37 -12.12 -7.32
CA ASN F 79 29.27 -13.57 -7.40
C ASN F 79 29.28 -13.96 -8.85
N CYS F 80 30.18 -14.86 -9.18
CA CYS F 80 30.44 -15.25 -10.55
C CYS F 80 30.22 -16.76 -10.81
N VAL F 81 30.15 -17.11 -12.10
CA VAL F 81 30.58 -18.41 -12.62
C VAL F 81 31.76 -18.17 -13.54
N PHE F 82 32.88 -18.74 -13.15
CA PHE F 82 34.14 -18.50 -13.82
C PHE F 82 34.33 -19.48 -14.98
N SER F 83 33.95 -20.72 -14.74
CA SER F 83 34.17 -21.84 -15.68
C SER F 83 33.12 -22.92 -15.53
N VAL F 84 32.74 -23.50 -16.67
CA VAL F 84 31.94 -24.72 -16.70
C VAL F 84 32.62 -25.63 -17.72
N GLU F 85 33.03 -26.81 -17.23
CA GLU F 85 33.64 -27.82 -18.12
C GLU F 85 33.41 -29.23 -17.59
N LEU F 86 33.70 -30.20 -18.47
CA LEU F 86 33.49 -31.63 -18.17
C LEU F 86 34.19 -32.05 -16.87
N GLN F 87 33.44 -32.79 -16.05
CA GLN F 87 33.99 -33.45 -14.88
C GLN F 87 34.23 -34.88 -15.34
N LEU F 88 35.50 -35.31 -15.31
CA LEU F 88 35.88 -36.64 -15.78
C LEU F 88 35.34 -37.73 -14.85
N PRO F 89 34.92 -38.88 -15.45
CA PRO F 89 34.27 -39.95 -14.67
C PRO F 89 35.27 -40.76 -13.86
N PRO F 90 34.81 -41.40 -12.77
CA PRO F 90 35.71 -42.37 -12.11
C PRO F 90 36.15 -43.51 -13.09
N LYS F 91 37.32 -44.09 -12.86
CA LYS F 91 37.89 -45.05 -13.78
C LYS F 91 37.13 -46.36 -13.69
N ALA F 92 36.89 -46.87 -12.47
CA ALA F 92 36.20 -48.15 -12.27
C ALA F 92 34.88 -48.18 -13.07
N ALA F 93 34.05 -47.15 -12.89
CA ALA F 93 32.76 -47.06 -13.61
C ALA F 93 32.98 -46.93 -15.09
N ALA F 94 33.85 -46.01 -15.48
CA ALA F 94 34.19 -45.82 -16.91
C ALA F 94 34.58 -47.15 -17.62
N LEU F 95 35.43 -47.94 -16.93
CA LEU F 95 35.92 -49.25 -17.42
C LEU F 95 34.78 -50.30 -17.43
N ALA F 96 34.09 -50.43 -16.28
CA ALA F 96 32.89 -51.27 -16.23
C ALA F 96 32.05 -51.07 -17.51
N HIS F 97 31.83 -49.81 -17.88
CA HIS F 97 31.02 -49.51 -19.05
C HIS F 97 31.77 -49.95 -20.30
N LEU F 98 33.01 -49.51 -20.43
CA LEU F 98 33.75 -49.68 -21.70
C LEU F 98 33.98 -51.13 -22.05
N ASP F 99 34.21 -51.97 -21.02
CA ASP F 99 34.63 -53.36 -21.19
C ASP F 99 33.50 -54.28 -20.74
N ARG F 100 33.22 -54.32 -19.43
CA ARG F 100 32.24 -55.23 -18.84
C ARG F 100 30.83 -54.95 -19.41
N GLY F 101 30.65 -53.81 -20.07
CA GLY F 101 29.33 -53.50 -20.67
C GLY F 101 28.27 -52.94 -19.70
N SER F 102 28.65 -52.65 -18.44
CA SER F 102 27.74 -52.00 -17.47
C SER F 102 27.26 -50.63 -17.98
N PRO F 103 26.26 -50.04 -17.30
CA PRO F 103 25.83 -48.69 -17.76
C PRO F 103 26.93 -47.62 -17.62
N PRO F 104 26.81 -46.52 -18.36
CA PRO F 104 27.72 -45.37 -18.16
C PRO F 104 27.56 -44.75 -16.75
N PRO F 105 28.66 -44.17 -16.21
CA PRO F 105 28.52 -43.32 -15.01
C PRO F 105 27.86 -41.98 -15.35
N ALA F 106 27.28 -41.33 -14.33
CA ALA F 106 26.65 -40.00 -14.49
C ALA F 106 27.58 -39.07 -15.25
N ARG F 107 27.11 -38.53 -16.36
CA ARG F 107 27.89 -37.51 -17.07
C ARG F 107 27.71 -36.21 -16.32
N GLU F 108 28.79 -35.67 -15.80
CA GLU F 108 28.75 -34.49 -14.92
C GLU F 108 29.61 -33.36 -15.49
N ALA F 109 29.54 -32.21 -14.82
CA ALA F 109 30.32 -31.04 -15.19
C ALA F 109 30.82 -30.46 -13.93
N LEU F 110 31.91 -29.73 -14.06
CA LEU F 110 32.46 -29.02 -12.92
C LEU F 110 32.41 -27.55 -13.21
N ALA F 111 31.94 -26.78 -12.22
CA ALA F 111 31.86 -25.33 -12.35
C ALA F 111 32.71 -24.69 -11.27
N ILE F 112 33.49 -23.68 -11.67
CA ILE F 112 34.17 -22.83 -10.68
C ILE F 112 33.41 -21.50 -10.52
N VAL F 113 33.00 -21.25 -9.28
CA VAL F 113 32.25 -20.07 -8.93
C VAL F 113 33.03 -19.18 -7.96
N PHE F 114 33.16 -17.90 -8.30
CA PHE F 114 33.68 -16.87 -7.37
C PHE F 114 32.51 -16.38 -6.54
N PHE F 115 32.62 -16.49 -5.24
CA PHE F 115 31.60 -15.96 -4.37
C PHE F 115 32.18 -14.73 -3.67
N GLY F 116 32.00 -13.57 -4.30
CA GLY F 116 32.45 -12.29 -3.76
C GLY F 116 31.45 -11.58 -2.84
N ARG F 117 30.17 -11.48 -3.29
CA ARG F 117 29.11 -10.80 -2.49
C ARG F 117 28.85 -11.63 -1.21
N GLN F 118 29.77 -11.52 -0.25
CA GLN F 118 29.79 -12.43 0.88
C GLN F 118 30.73 -11.85 1.93
N PRO F 119 30.38 -11.96 3.23
CA PRO F 119 31.29 -11.55 4.31
C PRO F 119 32.68 -12.23 4.19
N GLN F 120 32.68 -13.56 4.04
CA GLN F 120 33.93 -14.34 3.86
C GLN F 120 33.98 -14.94 2.46
N PRO F 121 34.46 -14.17 1.48
CA PRO F 121 34.33 -14.63 0.10
C PRO F 121 35.22 -15.81 -0.19
N ASN F 122 34.76 -16.75 -1.00
CA ASN F 122 35.56 -17.93 -1.34
C ASN F 122 35.43 -18.28 -2.82
N VAL F 123 36.37 -19.05 -3.35
CA VAL F 123 36.14 -19.71 -4.62
C VAL F 123 35.58 -21.07 -4.23
N SER F 124 34.60 -21.56 -4.98
CA SER F 124 34.01 -22.90 -4.73
C SER F 124 34.04 -23.75 -6.02
N GLU F 125 34.19 -25.07 -5.80
CA GLU F 125 34.17 -26.06 -6.89
C GLU F 125 32.89 -26.87 -6.76
N LEU F 126 32.06 -26.83 -7.82
CA LEU F 126 30.70 -27.37 -7.81
C LEU F 126 30.56 -28.41 -8.91
N VAL F 127 30.16 -29.62 -8.53
CA VAL F 127 29.83 -30.64 -9.51
C VAL F 127 28.36 -30.59 -9.79
N VAL F 128 28.05 -30.45 -11.08
CA VAL F 128 26.66 -30.40 -11.53
C VAL F 128 26.40 -31.58 -12.44
N GLY F 129 25.28 -32.27 -12.19
CA GLY F 129 24.76 -33.30 -13.11
C GLY F 129 23.37 -33.78 -12.74
N PRO F 130 22.86 -34.84 -13.40
CA PRO F 130 23.51 -35.50 -14.51
C PRO F 130 23.02 -34.95 -15.82
N LEU F 131 23.95 -34.68 -16.74
CA LEU F 131 23.62 -34.29 -18.11
C LEU F 131 22.93 -35.48 -18.84
N PRO F 132 22.12 -35.19 -19.88
CA PRO F 132 21.89 -33.86 -20.52
C PRO F 132 20.93 -32.86 -19.74
N HIS F 133 20.25 -33.35 -18.69
CA HIS F 133 19.30 -32.51 -17.94
C HIS F 133 19.58 -32.60 -16.41
N PRO F 134 20.50 -31.73 -15.91
CA PRO F 134 20.97 -31.83 -14.52
C PRO F 134 19.90 -31.56 -13.49
N SER F 135 20.03 -32.25 -12.37
CA SER F 135 19.08 -32.17 -11.30
C SER F 135 19.75 -31.86 -9.95
N TYR F 136 21.03 -32.22 -9.79
CA TYR F 136 21.78 -31.94 -8.54
C TYR F 136 23.02 -31.05 -8.75
N MET F 137 23.62 -30.69 -7.61
CA MET F 137 24.78 -29.78 -7.60
C MET F 137 25.44 -29.93 -6.23
N ARG F 138 26.70 -30.34 -6.22
CA ARG F 138 27.40 -30.67 -4.99
C ARG F 138 28.66 -29.84 -4.87
N ASP F 139 28.87 -29.21 -3.70
CA ASP F 139 30.12 -28.47 -3.43
C ASP F 139 31.17 -29.50 -2.97
N VAL F 140 32.18 -29.68 -3.83
CA VAL F 140 33.24 -30.65 -3.60
C VAL F 140 34.51 -29.98 -3.08
N THR F 141 34.51 -28.66 -2.97
CA THR F 141 35.71 -27.94 -2.50
C THR F 141 36.35 -28.57 -1.24
N VAL F 142 35.55 -28.68 -0.17
CA VAL F 142 36.09 -29.14 1.12
C VAL F 142 36.46 -30.63 1.08
N GLU F 143 35.68 -31.40 0.34
CA GLU F 143 36.00 -32.81 0.03
C GLU F 143 37.39 -32.82 -0.57
N ARG F 144 37.54 -32.12 -1.67
CA ARG F 144 38.78 -32.18 -2.43
C ARG F 144 39.96 -31.49 -1.74
N HIS F 145 39.81 -30.24 -1.34
CA HIS F 145 40.96 -29.49 -0.81
C HIS F 145 40.99 -29.38 0.71
N GLY F 146 40.12 -30.13 1.39
CA GLY F 146 40.12 -30.19 2.86
C GLY F 146 39.91 -28.84 3.52
N GLY F 147 39.14 -27.95 2.88
CA GLY F 147 38.85 -26.61 3.42
C GLY F 147 38.59 -25.62 2.29
N PRO F 148 38.11 -24.41 2.66
CA PRO F 148 37.70 -23.43 1.65
C PRO F 148 38.87 -22.95 0.80
N LEU F 149 38.61 -22.61 -0.45
CA LEU F 149 39.62 -21.99 -1.29
C LEU F 149 39.64 -20.47 -1.06
N PRO F 150 40.76 -19.94 -0.53
CA PRO F 150 40.93 -18.50 -0.33
C PRO F 150 40.70 -17.66 -1.59
N TYR F 151 40.03 -16.53 -1.39
CA TYR F 151 39.53 -15.76 -2.50
C TYR F 151 40.69 -15.22 -3.29
N HIS F 152 41.80 -14.96 -2.61
CA HIS F 152 42.96 -14.35 -3.28
C HIS F 152 43.59 -15.30 -4.29
N ARG F 153 43.29 -16.59 -4.18
CA ARG F 153 43.74 -17.56 -5.18
C ARG F 153 43.07 -17.49 -6.53
N ARG F 154 41.92 -16.80 -6.58
CA ARG F 154 41.11 -16.67 -7.80
C ARG F 154 41.99 -16.11 -8.94
N PRO F 155 41.86 -16.67 -10.16
CA PRO F 155 42.55 -16.05 -11.31
C PRO F 155 42.07 -14.60 -11.53
N VAL F 156 42.95 -13.77 -12.08
CA VAL F 156 42.58 -12.41 -12.39
C VAL F 156 41.66 -12.45 -13.56
N LEU F 157 40.43 -11.94 -13.36
CA LEU F 157 39.40 -11.86 -14.43
C LEU F 157 39.79 -10.90 -15.55
N PHE F 158 39.12 -11.08 -16.69
CA PHE F 158 39.28 -10.20 -17.83
C PHE F 158 38.89 -8.75 -17.47
N GLN F 159 37.75 -8.64 -16.77
CA GLN F 159 37.31 -7.37 -16.23
C GLN F 159 38.33 -6.77 -15.32
N GLU F 160 38.84 -7.58 -14.39
CA GLU F 160 39.87 -7.13 -13.48
C GLU F 160 41.04 -6.53 -14.24
N TYR F 161 41.47 -7.15 -15.34
CA TYR F 161 42.58 -6.58 -16.13
C TYR F 161 42.19 -5.23 -16.71
N LEU F 162 40.94 -5.12 -17.19
CA LEU F 162 40.42 -3.84 -17.70
C LEU F 162 40.37 -2.75 -16.61
N ASP F 163 39.83 -3.10 -15.43
CA ASP F 163 39.82 -2.16 -14.33
C ASP F 163 41.24 -1.64 -14.06
N ILE F 164 42.19 -2.57 -13.96
CA ILE F 164 43.58 -2.24 -13.73
C ILE F 164 44.12 -1.26 -14.79
N ASP F 165 43.70 -1.45 -16.03
CA ASP F 165 44.15 -0.52 -17.05
C ASP F 165 43.48 0.86 -16.91
N GLN F 166 42.24 0.88 -16.43
CA GLN F 166 41.58 2.14 -16.14
C GLN F 166 42.49 2.90 -15.18
N MET F 167 42.79 2.26 -14.05
CA MET F 167 43.63 2.88 -13.05
C MET F 167 44.90 3.41 -13.68
N ILE F 168 45.62 2.56 -14.38
CA ILE F 168 46.92 2.95 -14.92
C ILE F 168 46.83 4.16 -15.87
N PHE F 169 45.84 4.10 -16.75
CA PHE F 169 45.77 5.04 -17.86
C PHE F 169 45.00 6.32 -17.55
N ASN F 170 43.96 6.19 -16.73
CA ASN F 170 43.24 7.37 -16.22
C ASN F 170 43.95 7.95 -15.00
N ARG F 171 43.97 7.22 -13.88
CA ARG F 171 44.44 7.73 -12.56
C ARG F 171 45.96 7.92 -12.43
N GLU F 172 46.76 7.13 -13.14
CA GLU F 172 48.18 7.04 -12.80
C GLU F 172 49.09 7.67 -13.83
N LEU F 173 49.10 7.16 -15.06
CA LEU F 173 50.12 7.59 -16.05
C LEU F 173 50.13 9.08 -16.31
N PRO F 174 48.95 9.73 -16.21
CA PRO F 174 48.95 11.19 -16.46
C PRO F 174 49.87 11.99 -15.53
N GLN F 175 50.00 11.51 -14.29
CA GLN F 175 50.87 12.12 -13.31
C GLN F 175 52.30 12.19 -13.79
N ALA F 176 52.64 11.43 -14.83
CA ALA F 176 54.02 11.43 -15.38
C ALA F 176 54.09 11.83 -16.87
N SER F 177 53.00 12.44 -17.33
CA SER F 177 52.90 12.79 -18.74
C SER F 177 54.05 13.65 -19.25
N GLY F 178 54.72 14.36 -18.36
CA GLY F 178 55.86 15.17 -18.75
C GLY F 178 56.91 14.26 -19.33
N LEU F 179 57.33 13.30 -18.50
CA LEU F 179 58.26 12.23 -18.95
C LEU F 179 57.74 11.48 -20.20
N LEU F 180 56.51 11.00 -20.10
CA LEU F 180 55.94 10.19 -21.14
C LEU F 180 55.94 10.90 -22.50
N HIS F 181 55.65 12.19 -22.49
CA HIS F 181 55.70 12.97 -23.73
C HIS F 181 57.09 13.00 -24.31
N HIS F 182 58.09 13.00 -23.45
CA HIS F 182 59.49 13.11 -23.93
C HIS F 182 60.06 11.82 -24.52
N CYS F 183 59.61 10.68 -24.00
CA CYS F 183 60.22 9.40 -24.30
C CYS F 183 59.38 8.50 -25.22
N CYS F 184 58.07 8.74 -25.21
CA CYS F 184 57.09 7.68 -25.51
C CYS F 184 55.85 8.10 -26.34
N PHE F 185 55.91 9.29 -26.94
CA PHE F 185 54.84 9.71 -27.83
C PHE F 185 53.48 9.53 -27.15
N TYR F 186 53.44 9.84 -25.85
CA TYR F 186 52.20 9.89 -25.07
C TYR F 186 51.33 11.02 -25.63
N LYS F 187 50.00 10.85 -25.57
CA LYS F 187 49.08 11.90 -26.10
C LYS F 187 47.62 11.69 -25.68
N ARG F 191 47.09 5.04 -24.36
CA ARG F 191 46.41 5.23 -25.66
C ARG F 191 47.21 4.55 -26.76
N ASN F 192 48.48 4.92 -26.89
CA ASN F 192 49.39 4.16 -27.76
C ASN F 192 50.26 3.14 -26.99
N LEU F 193 49.88 2.86 -25.74
CA LEU F 193 50.64 1.97 -24.88
C LEU F 193 49.72 0.91 -24.35
N VAL F 194 50.35 -0.25 -24.08
CA VAL F 194 49.64 -1.42 -23.58
C VAL F 194 50.44 -2.05 -22.45
N THR F 195 49.70 -2.71 -21.56
CA THR F 195 50.29 -3.35 -20.42
C THR F 195 50.30 -4.85 -20.61
N MET F 196 51.30 -5.55 -20.04
CA MET F 196 51.25 -7.04 -19.99
C MET F 196 51.41 -7.57 -18.56
N THR F 197 50.51 -8.44 -18.15
CA THR F 197 50.65 -9.01 -16.81
C THR F 197 51.93 -9.84 -16.62
N THR F 198 52.20 -10.14 -15.34
CA THR F 198 53.17 -11.15 -14.93
C THR F 198 52.50 -12.00 -13.83
N ALA F 199 53.24 -12.98 -13.31
CA ALA F 199 52.76 -13.79 -12.19
C ALA F 199 53.98 -14.49 -11.60
N PRO F 200 53.86 -14.97 -10.36
CA PRO F 200 52.75 -14.86 -9.44
C PRO F 200 52.66 -13.46 -8.91
N ARG F 201 51.69 -13.19 -8.04
CA ARG F 201 51.28 -11.83 -7.77
C ARG F 201 51.58 -11.49 -6.34
N GLY F 202 52.88 -11.26 -6.10
CA GLY F 202 53.38 -10.91 -4.78
C GLY F 202 54.56 -11.75 -4.30
N LEU F 203 54.70 -11.84 -2.98
CA LEU F 203 55.84 -12.48 -2.34
C LEU F 203 55.44 -13.48 -1.29
N GLN F 204 54.17 -13.78 -1.15
CA GLN F 204 53.71 -14.40 0.06
C GLN F 204 52.27 -14.76 -0.08
N SER F 205 51.85 -15.87 0.54
CA SER F 205 50.47 -16.32 0.40
C SER F 205 49.56 -15.20 0.88
N GLY F 206 48.51 -14.93 0.09
CA GLY F 206 47.60 -13.80 0.33
C GLY F 206 47.82 -12.59 -0.60
N ASP F 207 49.05 -12.34 -1.01
CA ASP F 207 49.32 -11.18 -1.85
C ASP F 207 48.61 -11.23 -3.20
N ARG F 208 48.33 -10.04 -3.75
CA ARG F 208 47.81 -9.86 -5.10
C ARG F 208 48.35 -8.53 -5.65
N ALA F 209 49.67 -8.42 -5.67
CA ALA F 209 50.34 -7.31 -6.32
C ALA F 209 51.02 -7.85 -7.55
N THR F 210 50.78 -7.21 -8.69
CA THR F 210 51.27 -7.69 -9.98
C THR F 210 52.09 -6.67 -10.70
N TRP F 211 53.29 -7.03 -11.10
CA TRP F 211 54.08 -6.15 -11.93
C TRP F 211 53.51 -6.14 -13.35
N PHE F 212 53.34 -4.94 -13.93
CA PHE F 212 52.93 -4.79 -15.34
C PHE F 212 53.95 -3.98 -16.12
N GLY F 213 54.43 -4.56 -17.21
CA GLY F 213 55.34 -3.85 -18.10
C GLY F 213 54.48 -3.03 -19.04
N LEU F 214 55.12 -2.04 -19.68
CA LEU F 214 54.45 -1.17 -20.61
C LEU F 214 55.18 -1.21 -21.96
N TYR F 215 54.37 -1.40 -23.00
CA TYR F 215 54.89 -1.54 -24.35
C TYR F 215 54.07 -0.70 -25.34
N TYR F 216 54.75 -0.29 -26.41
CA TYR F 216 54.10 0.36 -27.53
C TYR F 216 53.11 -0.60 -28.12
N ASN F 217 51.87 -0.16 -28.27
CA ASN F 217 50.83 -0.95 -28.93
C ASN F 217 51.11 -1.06 -30.42
N ILE F 218 52.11 -1.86 -30.80
CA ILE F 218 52.44 -2.08 -32.19
C ILE F 218 51.23 -2.72 -32.89
N SER F 219 51.08 -2.37 -34.17
CA SER F 219 49.98 -2.81 -35.01
C SER F 219 50.37 -3.93 -35.98
N GLY F 220 49.66 -5.05 -35.90
CA GLY F 220 49.90 -6.20 -36.80
C GLY F 220 51.20 -6.98 -36.58
N ALA F 221 51.79 -6.79 -35.40
CA ALA F 221 53.08 -7.42 -35.03
C ALA F 221 53.18 -7.43 -33.50
N GLY F 222 54.14 -8.18 -33.00
CA GLY F 222 54.26 -8.38 -31.57
C GLY F 222 54.69 -7.10 -30.87
N PHE F 223 53.99 -6.76 -29.79
CA PHE F 223 54.39 -5.63 -28.96
C PHE F 223 55.53 -6.02 -28.01
N PHE F 224 55.55 -7.32 -27.69
CA PHE F 224 56.42 -7.93 -26.68
C PHE F 224 57.86 -7.54 -26.84
N LEU F 225 58.23 -7.15 -28.05
CA LEU F 225 59.60 -6.70 -28.36
C LEU F 225 59.78 -5.18 -28.23
N HIS F 226 58.81 -4.51 -27.61
CA HIS F 226 58.78 -3.04 -27.54
C HIS F 226 58.39 -2.51 -26.16
N HIS F 227 59.13 -3.00 -25.15
CA HIS F 227 59.06 -2.54 -23.78
C HIS F 227 59.60 -1.11 -23.75
N VAL F 228 58.80 -0.20 -23.18
CA VAL F 228 59.20 1.21 -23.13
C VAL F 228 60.14 1.50 -21.99
N GLY F 229 60.30 0.54 -21.07
CA GLY F 229 61.24 0.67 -19.94
C GLY F 229 60.56 0.96 -18.61
N LEU F 230 59.23 0.83 -18.55
CA LEU F 230 58.50 1.20 -17.36
C LEU F 230 57.65 0.07 -16.89
N GLU F 231 57.76 -0.28 -15.62
CA GLU F 231 56.92 -1.34 -15.05
C GLU F 231 56.28 -0.73 -13.80
N LEU F 232 55.08 -1.19 -13.47
CA LEU F 232 54.35 -0.68 -12.34
C LEU F 232 53.81 -1.80 -11.47
N LEU F 233 54.11 -1.72 -10.17
CA LEU F 233 53.67 -2.74 -9.24
C LEU F 233 52.27 -2.41 -8.75
N VAL F 234 51.27 -3.00 -9.35
CA VAL F 234 49.91 -2.74 -8.94
C VAL F 234 49.45 -3.65 -7.84
N ASN F 235 48.96 -3.08 -6.75
CA ASN F 235 48.31 -3.88 -5.72
C ASN F 235 46.82 -3.89 -5.91
N HIS F 236 46.30 -5.00 -6.44
CA HIS F 236 44.86 -5.11 -6.69
C HIS F 236 44.17 -6.13 -5.84
N LYS F 237 44.60 -6.25 -4.58
CA LYS F 237 44.01 -7.22 -3.66
C LYS F 237 42.63 -6.76 -3.21
N ALA F 238 42.47 -5.47 -2.98
CA ALA F 238 41.22 -4.93 -2.40
C ALA F 238 40.02 -5.31 -3.24
N LEU F 239 38.95 -5.73 -2.57
CA LEU F 239 37.69 -6.02 -3.25
C LEU F 239 37.10 -4.76 -3.96
N ASP F 240 37.49 -3.58 -3.49
CA ASP F 240 37.04 -2.34 -4.09
C ASP F 240 38.15 -1.73 -4.90
N PRO F 241 38.04 -1.82 -6.24
CA PRO F 241 39.06 -1.22 -7.11
C PRO F 241 39.48 0.20 -6.75
N ALA F 242 38.57 0.98 -6.16
CA ALA F 242 38.94 2.33 -5.71
C ALA F 242 40.19 2.26 -4.83
N ARG F 243 40.20 1.29 -3.91
CA ARG F 243 41.32 1.14 -2.95
C ARG F 243 42.60 0.58 -3.58
N TRP F 244 42.56 0.11 -4.82
CA TRP F 244 43.79 -0.36 -5.44
C TRP F 244 44.80 0.77 -5.57
N THR F 245 46.09 0.45 -5.32
CA THR F 245 47.19 1.41 -5.31
C THR F 245 48.36 0.90 -6.11
N ILE F 246 49.36 1.74 -6.29
CA ILE F 246 50.59 1.36 -6.96
C ILE F 246 51.75 1.41 -5.98
N GLN F 247 52.25 0.24 -5.60
CA GLN F 247 53.32 0.13 -4.60
C GLN F 247 54.70 0.58 -5.10
N LYS F 248 55.01 0.43 -6.37
CA LYS F 248 56.36 0.77 -6.85
C LYS F 248 56.37 1.02 -8.33
N VAL F 249 57.41 1.67 -8.78
CA VAL F 249 57.55 2.01 -10.15
C VAL F 249 58.97 1.76 -10.57
N PHE F 250 59.14 1.07 -11.69
CA PHE F 250 60.47 0.84 -12.23
C PHE F 250 60.49 1.59 -13.54
N TYR F 251 61.55 2.36 -13.74
CA TYR F 251 61.77 3.03 -15.00
C TYR F 251 63.24 2.95 -15.40
N GLN F 252 63.49 2.47 -16.60
CA GLN F 252 64.82 2.47 -17.21
C GLN F 252 65.99 2.29 -16.25
N GLY F 253 65.85 1.28 -15.38
CA GLY F 253 66.94 0.87 -14.52
C GLY F 253 66.79 1.27 -13.04
N ARG F 254 65.82 2.12 -12.71
CA ARG F 254 65.70 2.66 -11.31
C ARG F 254 64.29 2.57 -10.77
N TYR F 255 64.07 2.71 -9.48
CA TYR F 255 62.70 2.55 -8.93
C TYR F 255 62.21 3.81 -8.26
N TYR F 256 60.91 3.96 -8.13
CA TYR F 256 60.32 5.13 -7.53
C TYR F 256 59.06 4.68 -6.84
N ASP F 257 58.60 5.45 -5.87
CA ASP F 257 57.45 5.04 -5.02
C ASP F 257 56.10 5.29 -5.72
N SER F 258 56.11 6.19 -6.72
CA SER F 258 54.90 6.67 -7.37
C SER F 258 55.23 7.39 -8.70
N LEU F 259 54.18 7.65 -9.46
CA LEU F 259 54.36 8.31 -10.73
C LEU F 259 54.68 9.82 -10.55
N ALA F 260 53.96 10.46 -9.62
CA ALA F 260 54.25 11.83 -9.16
C ALA F 260 55.73 11.97 -8.88
N GLN F 261 56.24 11.06 -8.05
CA GLN F 261 57.66 10.98 -7.77
C GLN F 261 58.49 11.02 -9.05
N LEU F 262 58.27 10.03 -9.91
CA LEU F 262 59.08 9.88 -11.14
C LEU F 262 59.06 11.15 -11.98
N GLU F 263 57.85 11.70 -12.16
CA GLU F 263 57.68 12.92 -12.98
C GLU F 263 58.44 14.09 -12.38
N ALA F 264 58.09 14.33 -11.11
CA ALA F 264 58.76 15.27 -10.25
C ALA F 264 60.24 15.24 -10.57
N GLN F 265 60.85 14.08 -10.40
CA GLN F 265 62.29 13.99 -10.54
C GLN F 265 62.74 14.22 -11.98
N PHE F 266 61.84 13.97 -12.94
CA PHE F 266 62.14 14.26 -14.33
C PHE F 266 62.07 15.76 -14.50
N GLU F 267 60.91 16.38 -14.20
CA GLU F 267 60.86 17.86 -14.12
C GLU F 267 62.07 18.28 -13.31
N ALA F 268 62.32 17.60 -12.19
CA ALA F 268 63.36 18.01 -11.22
C ALA F 268 64.79 17.94 -11.74
N GLY F 269 64.94 17.42 -12.95
CA GLY F 269 66.17 17.60 -13.71
C GLY F 269 67.09 16.40 -13.70
N LEU F 270 66.56 15.24 -13.30
CA LEU F 270 67.41 14.08 -12.93
C LEU F 270 67.21 12.84 -13.77
N VAL F 271 65.95 12.39 -13.82
CA VAL F 271 65.55 11.16 -14.47
C VAL F 271 65.72 11.21 -15.98
N ASN F 272 66.97 11.31 -16.43
CA ASN F 272 67.29 11.59 -17.84
C ASN F 272 66.98 10.38 -18.79
N VAL F 273 66.42 10.62 -19.97
CA VAL F 273 65.76 9.54 -20.76
C VAL F 273 66.43 9.24 -22.11
N VAL F 274 66.47 7.97 -22.48
CA VAL F 274 66.81 7.57 -23.84
C VAL F 274 65.51 7.15 -24.54
N LEU F 275 65.13 7.86 -25.62
CA LEU F 275 63.83 7.69 -26.30
C LEU F 275 63.78 6.43 -27.22
N ILE F 276 62.98 5.45 -26.81
CA ILE F 276 62.78 4.15 -27.47
C ILE F 276 61.85 4.40 -28.67
N PRO F 277 62.31 4.04 -29.89
CA PRO F 277 61.52 4.37 -31.09
C PRO F 277 60.17 3.69 -31.18
N ASP F 278 59.31 4.30 -31.97
CA ASP F 278 57.87 4.07 -32.01
C ASP F 278 57.48 3.09 -33.13
N ASN F 279 58.47 2.83 -33.99
CA ASN F 279 58.22 2.44 -35.35
C ASN F 279 59.54 2.01 -36.02
N GLY F 280 59.42 1.18 -37.06
CA GLY F 280 60.59 0.75 -37.85
C GLY F 280 60.26 -0.36 -38.84
N THR F 281 61.28 -1.12 -39.20
CA THR F 281 61.13 -2.20 -40.17
C THR F 281 62.06 -3.39 -39.90
N GLY F 282 61.65 -4.55 -40.40
CA GLY F 282 62.34 -5.81 -40.11
C GLY F 282 61.51 -6.67 -39.15
N GLY F 283 62.18 -7.70 -38.62
CA GLY F 283 61.54 -8.69 -37.77
C GLY F 283 61.16 -8.11 -36.42
N SER F 284 61.96 -7.11 -35.97
CA SER F 284 61.65 -6.39 -34.72
C SER F 284 60.23 -5.81 -34.81
N TRP F 285 59.85 -5.41 -36.02
CA TRP F 285 58.62 -4.65 -36.24
C TRP F 285 57.54 -5.45 -36.94
N SER F 286 57.94 -6.49 -37.67
CA SER F 286 56.97 -7.11 -38.56
C SER F 286 57.06 -8.63 -38.62
N LEU F 287 55.93 -9.23 -39.04
CA LEU F 287 55.87 -10.64 -39.44
C LEU F 287 55.73 -10.81 -40.97
N LYS F 288 55.23 -9.78 -41.67
CA LYS F 288 55.03 -9.84 -43.11
C LYS F 288 56.40 -9.81 -43.80
N SER F 289 56.61 -10.77 -44.68
CA SER F 289 57.87 -10.89 -45.39
C SER F 289 57.93 -9.87 -46.49
N PRO F 290 59.14 -9.34 -46.75
CA PRO F 290 59.36 -8.47 -47.94
C PRO F 290 59.62 -9.23 -49.25
N VAL F 291 59.50 -10.57 -49.23
CA VAL F 291 59.83 -11.37 -50.41
C VAL F 291 58.56 -12.09 -50.86
N PRO F 292 58.24 -11.90 -52.17
CA PRO F 292 56.98 -12.46 -52.71
C PRO F 292 57.04 -13.98 -52.88
N PRO F 293 55.86 -14.62 -52.87
CA PRO F 293 55.76 -16.09 -53.05
C PRO F 293 56.57 -16.60 -54.25
N GLY F 294 57.40 -17.62 -54.02
CA GLY F 294 58.02 -18.38 -55.10
C GLY F 294 57.13 -19.57 -55.42
N PRO F 295 57.69 -20.58 -56.12
CA PRO F 295 56.92 -21.80 -56.36
C PRO F 295 56.39 -22.44 -55.06
N ALA F 296 55.19 -23.02 -55.15
CA ALA F 296 54.56 -23.70 -53.99
C ALA F 296 55.48 -24.78 -53.31
N PRO F 297 55.49 -24.81 -51.97
CA PRO F 297 56.18 -25.89 -51.29
C PRO F 297 55.41 -27.22 -51.46
N PRO F 298 56.06 -28.36 -51.12
CA PRO F 298 55.43 -29.68 -51.18
C PRO F 298 54.07 -29.77 -50.50
N LEU F 299 53.17 -30.54 -51.09
CA LEU F 299 51.82 -30.72 -50.58
C LEU F 299 51.48 -32.22 -50.56
N GLN F 300 50.85 -32.65 -49.49
CA GLN F 300 50.60 -34.05 -49.23
C GLN F 300 49.14 -34.30 -49.47
N PHE F 301 48.81 -35.49 -49.97
CA PHE F 301 47.40 -35.83 -50.20
C PHE F 301 47.16 -37.34 -50.10
N TYR F 302 45.88 -37.69 -49.91
CA TYR F 302 45.45 -39.08 -49.70
C TYR F 302 44.80 -39.66 -51.00
N PRO F 303 45.63 -40.19 -51.94
CA PRO F 303 45.19 -40.55 -53.29
C PRO F 303 44.03 -41.53 -53.40
N GLN F 304 43.63 -42.19 -52.31
CA GLN F 304 42.47 -43.11 -52.39
C GLN F 304 41.50 -42.88 -51.23
N GLY F 305 41.43 -41.61 -50.83
CA GLY F 305 40.63 -41.23 -49.69
C GLY F 305 41.48 -41.22 -48.45
N PRO F 306 40.97 -40.60 -47.39
CA PRO F 306 41.66 -40.62 -46.11
C PRO F 306 41.47 -42.03 -45.49
N ARG F 307 42.33 -42.39 -44.53
CA ARG F 307 42.31 -43.74 -43.94
C ARG F 307 41.97 -43.71 -42.47
N PHE F 308 41.34 -42.61 -42.05
CA PHE F 308 40.83 -42.46 -40.69
C PHE F 308 39.55 -41.64 -40.72
N SER F 309 38.83 -41.69 -39.62
CA SER F 309 37.61 -40.93 -39.48
C SER F 309 37.66 -40.22 -38.15
N VAL F 310 36.98 -39.08 -38.06
CA VAL F 310 36.69 -38.42 -36.77
C VAL F 310 35.18 -38.31 -36.57
N GLN F 311 34.64 -39.00 -35.56
CA GLN F 311 33.22 -38.86 -35.26
C GLN F 311 33.13 -38.26 -33.86
N GLY F 312 32.95 -36.96 -33.80
CA GLY F 312 32.80 -36.27 -32.51
C GLY F 312 34.16 -36.14 -31.86
N SER F 313 34.29 -36.72 -30.65
CA SER F 313 35.55 -36.73 -29.90
C SER F 313 36.47 -37.92 -30.27
N ARG F 314 35.94 -38.84 -31.07
CA ARG F 314 36.47 -40.18 -31.23
C ARG F 314 37.18 -40.26 -32.56
N VAL F 315 38.42 -40.72 -32.56
CA VAL F 315 39.11 -41.02 -33.81
C VAL F 315 39.20 -42.53 -33.96
N ALA F 316 39.17 -42.98 -35.21
CA ALA F 316 39.29 -44.40 -35.50
C ALA F 316 40.07 -44.56 -36.80
N SER F 317 40.96 -45.54 -36.82
CA SER F 317 41.70 -45.89 -38.01
C SER F 317 41.87 -47.39 -38.05
N SER F 318 42.59 -47.82 -39.07
CA SER F 318 43.06 -49.20 -39.17
C SER F 318 43.66 -49.76 -37.86
N LEU F 319 44.57 -49.01 -37.25
CA LEU F 319 45.34 -49.46 -36.09
C LEU F 319 44.89 -48.83 -34.79
N TRP F 320 44.56 -47.54 -34.84
CA TRP F 320 44.37 -46.75 -33.62
C TRP F 320 42.92 -46.35 -33.31
N THR F 321 42.65 -46.18 -32.02
CA THR F 321 41.33 -45.82 -31.53
C THR F 321 41.45 -45.06 -30.21
N PHE F 322 40.96 -43.82 -30.19
CA PHE F 322 41.01 -43.02 -28.99
C PHE F 322 40.07 -41.84 -29.03
N SER F 323 39.67 -41.41 -27.84
CA SER F 323 38.89 -40.18 -27.66
C SER F 323 39.88 -39.01 -27.37
N PHE F 324 39.60 -37.82 -27.91
CA PHE F 324 40.45 -36.61 -27.65
C PHE F 324 39.61 -35.46 -27.09
N GLY F 325 40.31 -34.42 -26.60
CA GLY F 325 39.67 -33.26 -25.96
C GLY F 325 40.64 -32.25 -25.34
N LEU F 326 40.07 -31.26 -24.64
CA LEU F 326 40.83 -30.19 -23.97
C LEU F 326 40.23 -29.88 -22.61
N GLY F 327 41.06 -30.00 -21.58
CA GLY F 327 40.77 -29.33 -20.31
C GLY F 327 40.93 -27.82 -20.52
N ALA F 328 40.03 -27.04 -19.92
CA ALA F 328 40.10 -25.56 -20.00
C ALA F 328 41.47 -25.07 -19.55
N PHE F 329 41.90 -25.61 -18.41
CA PHE F 329 43.11 -25.17 -17.76
C PHE F 329 44.26 -26.11 -18.05
N SER F 330 43.98 -27.42 -17.88
CA SER F 330 44.99 -28.45 -18.04
C SER F 330 45.43 -28.66 -19.49
N GLY F 331 44.56 -28.40 -20.45
CA GLY F 331 44.94 -28.50 -21.86
C GLY F 331 44.71 -29.88 -22.43
N PRO F 332 45.41 -30.20 -23.52
CA PRO F 332 45.11 -31.39 -24.35
C PRO F 332 45.12 -32.71 -23.62
N ARG F 333 44.28 -33.63 -24.05
CA ARG F 333 44.22 -34.94 -23.44
C ARG F 333 43.61 -35.99 -24.37
N ILE F 334 44.01 -37.25 -24.17
CA ILE F 334 43.54 -38.37 -24.97
C ILE F 334 43.11 -39.46 -24.01
N PHE F 335 42.14 -40.27 -24.39
CA PHE F 335 41.66 -41.39 -23.55
C PHE F 335 41.39 -42.66 -24.33
N ASP F 336 41.32 -43.78 -23.60
CA ASP F 336 40.93 -45.07 -24.11
C ASP F 336 41.62 -45.37 -25.43
N VAL F 337 42.93 -45.19 -25.44
CA VAL F 337 43.75 -45.39 -26.64
C VAL F 337 43.92 -46.89 -26.89
N ARG F 338 43.60 -47.33 -28.10
CA ARG F 338 43.58 -48.76 -28.41
C ARG F 338 44.31 -49.06 -29.69
N PHE F 339 45.34 -49.89 -29.56
CA PHE F 339 46.07 -50.37 -30.72
C PHE F 339 45.48 -51.72 -31.09
N GLN F 340 45.10 -51.82 -32.35
CA GLN F 340 44.41 -52.99 -32.89
C GLN F 340 43.46 -53.57 -31.87
N GLY F 341 42.63 -52.72 -31.28
CA GLY F 341 41.53 -53.19 -30.44
C GLY F 341 41.86 -53.25 -28.99
N GLU F 342 43.13 -53.15 -28.64
CA GLU F 342 43.54 -53.40 -27.26
C GLU F 342 43.98 -52.12 -26.57
N ARG F 343 43.52 -51.92 -25.33
CA ARG F 343 43.87 -50.68 -24.63
C ARG F 343 45.36 -50.59 -24.20
N LEU F 344 46.04 -49.53 -24.58
CA LEU F 344 47.38 -49.29 -24.05
C LEU F 344 47.33 -48.29 -22.89
N VAL F 345 46.60 -47.21 -23.10
CA VAL F 345 46.50 -46.15 -22.12
C VAL F 345 45.04 -45.82 -21.83
N TYR F 346 44.72 -45.65 -20.54
CA TYR F 346 43.45 -45.10 -20.14
C TYR F 346 43.43 -43.58 -20.36
N GLU F 347 44.53 -42.90 -20.04
CA GLU F 347 44.57 -41.44 -20.13
C GLU F 347 45.97 -40.89 -20.39
N ILE F 348 46.12 -39.98 -21.33
CA ILE F 348 47.33 -39.19 -21.42
C ILE F 348 46.96 -37.73 -21.55
N SER F 349 47.30 -36.94 -20.55
CA SER F 349 46.87 -35.55 -20.51
C SER F 349 48.01 -34.63 -20.16
N LEU F 350 48.08 -33.48 -20.83
CA LEU F 350 48.89 -32.35 -20.34
C LEU F 350 48.34 -31.93 -18.97
N GLN F 351 49.27 -31.62 -18.07
CA GLN F 351 48.93 -31.37 -16.68
C GLN F 351 49.24 -29.98 -16.25
N GLU F 352 50.35 -29.42 -16.74
CA GLU F 352 50.74 -28.06 -16.44
C GLU F 352 51.89 -27.65 -17.31
N ALA F 353 52.07 -26.33 -17.46
CA ALA F 353 53.26 -25.79 -18.13
C ALA F 353 53.78 -24.65 -17.31
N LEU F 354 55.08 -24.38 -17.46
CA LEU F 354 55.82 -23.54 -16.54
C LEU F 354 56.92 -22.79 -17.27
N ALA F 355 57.03 -21.49 -17.00
CA ALA F 355 58.10 -20.69 -17.59
C ALA F 355 58.71 -19.83 -16.50
N ILE F 356 59.96 -20.04 -16.21
CA ILE F 356 60.60 -19.32 -15.13
C ILE F 356 61.59 -18.40 -15.78
N TYR F 357 61.60 -17.16 -15.34
CA TYR F 357 62.38 -16.14 -16.00
C TYR F 357 63.46 -15.59 -15.13
N GLY F 358 64.43 -14.94 -15.77
CA GLY F 358 65.45 -14.15 -15.08
C GLY F 358 65.52 -12.84 -15.83
N GLY F 359 65.97 -11.77 -15.18
CA GLY F 359 66.07 -10.48 -15.86
C GLY F 359 66.72 -9.33 -15.13
N ASN F 360 66.94 -8.25 -15.90
CA ASN F 360 67.54 -7.04 -15.34
CA ASN F 360 67.50 -7.00 -15.41
C ASN F 360 66.48 -6.19 -14.60
N SER F 361 65.21 -6.50 -14.81
CA SER F 361 64.10 -5.72 -14.32
C SER F 361 63.19 -6.55 -13.39
N PRO F 362 62.17 -5.93 -12.78
CA PRO F 362 61.39 -6.67 -11.78
C PRO F 362 60.42 -7.67 -12.37
N ALA F 363 59.82 -7.30 -13.49
CA ALA F 363 58.87 -8.21 -14.17
C ALA F 363 59.62 -9.49 -14.50
N ALA F 364 60.59 -9.37 -15.40
CA ALA F 364 61.43 -10.49 -15.81
C ALA F 364 61.93 -11.29 -14.60
N MET F 365 62.63 -10.64 -13.70
CA MET F 365 63.35 -11.39 -12.67
C MET F 365 62.46 -12.10 -11.63
N THR F 366 61.15 -11.86 -11.61
CA THR F 366 60.27 -12.55 -10.66
C THR F 366 59.12 -13.31 -11.29
N THR F 367 59.09 -13.34 -12.63
CA THR F 367 58.00 -14.00 -13.35
C THR F 367 58.12 -15.54 -13.31
N ARG F 368 57.08 -16.17 -12.82
CA ARG F 368 57.00 -17.60 -12.88
C ARG F 368 55.60 -17.96 -13.27
N TYR F 369 55.41 -18.18 -14.57
CA TYR F 369 54.10 -18.50 -15.10
C TYR F 369 53.83 -19.95 -14.85
N VAL F 370 52.73 -20.22 -14.17
CA VAL F 370 52.17 -21.54 -14.03
C VAL F 370 50.95 -21.53 -14.94
N ASP F 371 51.20 -21.73 -16.25
CA ASP F 371 50.23 -21.44 -17.33
C ASP F 371 48.84 -22.03 -17.15
N GLY F 372 48.72 -23.12 -16.43
CA GLY F 372 47.42 -23.68 -16.11
C GLY F 372 46.54 -22.70 -15.36
N GLY F 373 47.14 -21.83 -14.55
CA GLY F 373 46.37 -20.78 -13.86
C GLY F 373 45.66 -19.78 -14.79
N PHE F 374 46.13 -19.68 -16.04
CA PHE F 374 45.47 -18.98 -17.13
C PHE F 374 44.57 -19.92 -17.92
N GLY F 375 45.16 -21.00 -18.45
CA GLY F 375 44.39 -22.11 -19.06
C GLY F 375 44.88 -22.48 -20.45
N MET F 376 45.48 -23.67 -20.60
CA MET F 376 46.01 -24.09 -21.92
C MET F 376 44.90 -24.33 -22.95
N GLY F 377 43.77 -24.88 -22.50
CA GLY F 377 42.56 -24.96 -23.34
C GLY F 377 41.89 -23.61 -23.61
N LYS F 378 41.63 -22.88 -22.51
CA LYS F 378 41.06 -21.54 -22.58
C LYS F 378 41.79 -20.68 -23.61
N TYR F 379 43.10 -20.83 -23.76
CA TYR F 379 43.83 -20.03 -24.72
C TYR F 379 44.30 -20.81 -25.92
N THR F 380 43.52 -21.84 -26.29
CA THR F 380 43.76 -22.55 -27.58
C THR F 380 43.38 -21.60 -28.71
N THR F 381 44.28 -21.48 -29.66
CA THR F 381 44.06 -20.65 -30.83
C THR F 381 43.70 -21.55 -32.02
N PRO F 382 43.04 -20.96 -33.06
CA PRO F 382 42.70 -21.69 -34.27
C PRO F 382 43.95 -22.10 -35.06
N LEU F 383 43.84 -23.24 -35.72
CA LEU F 383 44.94 -23.75 -36.51
C LEU F 383 44.78 -23.24 -37.97
N THR F 384 45.78 -22.50 -38.42
CA THR F 384 45.83 -22.03 -39.80
C THR F 384 46.23 -23.16 -40.76
N ARG F 385 45.25 -23.59 -41.59
CA ARG F 385 45.41 -24.66 -42.57
C ARG F 385 46.62 -24.45 -43.47
N GLY F 386 47.52 -25.42 -43.46
CA GLY F 386 48.72 -25.38 -44.32
C GLY F 386 49.91 -24.66 -43.73
N VAL F 387 49.76 -24.10 -42.52
CA VAL F 387 50.92 -23.62 -41.72
C VAL F 387 51.03 -24.49 -40.45
N ASP F 388 49.94 -24.47 -39.67
CA ASP F 388 49.91 -25.12 -38.37
C ASP F 388 49.92 -26.61 -38.52
N CYS F 389 49.05 -27.04 -39.43
CA CYS F 389 48.96 -28.44 -39.82
C CYS F 389 49.04 -28.47 -41.34
N PRO F 390 49.06 -29.68 -41.91
CA PRO F 390 48.94 -29.77 -43.36
C PRO F 390 47.58 -29.32 -43.82
N TYR F 391 47.56 -28.65 -44.97
CA TYR F 391 46.31 -28.15 -45.56
C TYR F 391 45.18 -29.19 -45.47
N LEU F 392 45.48 -30.41 -45.90
CA LEU F 392 44.46 -31.46 -45.99
C LEU F 392 44.17 -32.18 -44.67
N ALA F 393 44.62 -31.63 -43.55
CA ALA F 393 44.22 -32.13 -42.24
C ALA F 393 42.71 -32.03 -42.04
N THR F 394 42.20 -32.79 -41.09
CA THR F 394 40.84 -32.66 -40.63
C THR F 394 40.83 -31.75 -39.44
N TYR F 395 40.20 -30.58 -39.59
CA TYR F 395 40.11 -29.59 -38.51
C TYR F 395 38.80 -29.75 -37.74
N VAL F 396 38.85 -29.40 -36.46
CA VAL F 396 37.75 -29.67 -35.56
C VAL F 396 37.63 -28.53 -34.57
N ASP F 397 36.40 -28.19 -34.25
CA ASP F 397 36.14 -27.03 -33.39
C ASP F 397 36.13 -27.49 -31.95
N TRP F 398 36.46 -26.54 -31.09
CA TRP F 398 36.25 -26.68 -29.64
C TRP F 398 35.16 -25.72 -29.12
N HIS F 399 34.31 -26.24 -28.26
CA HIS F 399 33.31 -25.42 -27.58
C HIS F 399 33.69 -25.30 -26.12
N PHE F 400 33.43 -24.13 -25.56
CA PHE F 400 33.75 -23.85 -24.16
C PHE F 400 32.88 -22.80 -23.54
N LEU F 401 32.93 -22.78 -22.22
CA LEU F 401 32.16 -21.83 -21.43
C LEU F 401 33.10 -21.30 -20.36
N LEU F 402 33.72 -20.15 -20.63
CA LEU F 402 34.66 -19.57 -19.68
C LEU F 402 34.58 -18.03 -19.63
N GLU F 403 34.44 -17.50 -18.40
CA GLU F 403 34.34 -16.05 -18.18
C GLU F 403 33.20 -15.40 -18.99
N SER F 404 32.07 -16.11 -19.08
CA SER F 404 30.91 -15.62 -19.80
C SER F 404 29.70 -16.42 -19.37
N GLN F 405 28.54 -16.10 -19.94
CA GLN F 405 27.30 -16.84 -19.60
C GLN F 405 26.79 -17.71 -20.79
N ALA F 406 27.18 -17.36 -22.02
CA ALA F 406 26.91 -18.21 -23.18
C ALA F 406 28.20 -18.92 -23.61
N PRO F 407 28.07 -20.20 -23.96
CA PRO F 407 29.22 -20.90 -24.52
C PRO F 407 29.70 -20.28 -25.84
N LYS F 408 30.99 -20.37 -26.09
CA LYS F 408 31.59 -19.89 -27.35
C LYS F 408 32.33 -21.04 -28.05
N THR F 409 32.97 -20.77 -29.16
CA THR F 409 33.61 -21.81 -29.95
C THR F 409 34.96 -21.36 -30.40
N ILE F 410 35.98 -22.21 -30.27
CA ILE F 410 37.22 -22.01 -31.05
C ILE F 410 37.23 -22.92 -32.31
N ARG F 411 37.17 -22.24 -33.45
CA ARG F 411 37.06 -22.93 -34.71
C ARG F 411 38.45 -23.45 -35.02
N ASP F 412 38.50 -24.70 -35.48
CA ASP F 412 39.76 -25.34 -35.87
C ASP F 412 40.73 -25.32 -34.67
N ALA F 413 40.18 -25.67 -33.51
CA ALA F 413 40.95 -25.81 -32.32
C ALA F 413 41.98 -26.94 -32.52
N PHE F 414 41.48 -28.11 -32.95
CA PHE F 414 42.28 -29.32 -33.18
C PHE F 414 42.52 -29.58 -34.66
N CYS F 415 43.63 -30.23 -34.98
CA CYS F 415 43.75 -30.82 -36.29
C CYS F 415 44.28 -32.28 -36.21
N VAL F 416 43.78 -33.12 -37.12
CA VAL F 416 44.05 -34.57 -37.12
C VAL F 416 44.38 -34.98 -38.53
N PHE F 417 45.45 -35.74 -38.68
CA PHE F 417 45.94 -36.04 -40.02
C PHE F 417 46.97 -37.17 -40.03
N GLU F 418 47.15 -37.76 -41.20
CA GLU F 418 48.20 -38.73 -41.41
C GLU F 418 49.34 -38.05 -42.13
N GLN F 419 50.56 -38.31 -41.68
CA GLN F 419 51.72 -37.71 -42.30
C GLN F 419 52.66 -38.81 -42.79
N ASN F 420 53.01 -38.73 -44.05
CA ASN F 420 54.07 -39.56 -44.53
C ASN F 420 55.38 -38.94 -44.08
N GLN F 421 56.10 -39.65 -43.22
CA GLN F 421 57.31 -39.15 -42.62
C GLN F 421 58.52 -39.05 -43.59
N GLY F 422 58.43 -39.77 -44.72
CA GLY F 422 59.48 -39.73 -45.75
C GLY F 422 60.74 -40.44 -45.28
N LEU F 423 60.52 -41.61 -44.73
CA LEU F 423 61.48 -42.23 -43.86
C LEU F 423 60.88 -43.63 -43.54
N PRO F 424 61.69 -44.68 -43.71
CA PRO F 424 61.14 -46.02 -43.52
C PRO F 424 60.89 -46.33 -42.07
N LEU F 425 59.72 -46.87 -41.75
CA LEU F 425 59.51 -47.49 -40.44
C LEU F 425 60.51 -48.63 -40.27
N ARG F 426 60.70 -49.43 -41.32
CA ARG F 426 61.67 -50.52 -41.31
C ARG F 426 62.13 -50.91 -42.69
N ARG F 427 63.29 -51.53 -42.77
CA ARG F 427 63.87 -51.80 -44.05
C ARG F 427 65.02 -52.79 -43.93
N HIS F 428 65.08 -53.70 -44.89
CA HIS F 428 66.31 -54.45 -45.13
C HIS F 428 66.54 -54.71 -46.64
N HIS F 429 67.78 -54.47 -47.06
CA HIS F 429 68.23 -54.84 -48.40
C HIS F 429 69.29 -55.97 -48.33
N SER F 430 68.94 -57.15 -48.85
CA SER F 430 69.86 -58.27 -48.82
C SER F 430 70.53 -58.52 -50.16
N ASP F 431 71.81 -58.21 -50.20
CA ASP F 431 72.73 -58.67 -51.25
C ASP F 431 73.46 -59.95 -50.82
N LEU F 432 73.16 -60.48 -49.61
CA LEU F 432 73.96 -61.57 -49.05
C LEU F 432 73.18 -62.89 -48.99
N TYR F 433 73.60 -63.84 -49.85
CA TYR F 433 73.07 -65.22 -49.88
C TYR F 433 71.70 -65.34 -50.56
N SER F 434 70.73 -64.57 -50.09
CA SER F 434 69.42 -64.51 -50.74
C SER F 434 69.26 -63.03 -51.11
N HIS F 435 68.78 -62.79 -52.35
CA HIS F 435 68.53 -61.41 -52.86
C HIS F 435 67.06 -61.04 -52.65
N TYR F 436 66.81 -60.18 -51.67
CA TYR F 436 65.45 -59.71 -51.39
C TYR F 436 65.50 -58.31 -50.76
N PHE F 437 64.35 -57.65 -50.84
CA PHE F 437 64.08 -56.40 -50.13
C PHE F 437 62.73 -56.45 -49.39
N GLY F 438 62.71 -55.83 -48.23
CA GLY F 438 61.51 -55.76 -47.42
C GLY F 438 61.58 -54.50 -46.56
N GLY F 439 60.57 -53.65 -46.74
CA GLY F 439 60.46 -52.43 -45.96
C GLY F 439 59.03 -51.94 -45.90
N LEU F 440 58.88 -50.73 -45.35
CA LEU F 440 57.56 -50.10 -45.08
C LEU F 440 57.86 -48.64 -44.76
N ALA F 441 57.36 -47.73 -45.60
CA ALA F 441 57.53 -46.28 -45.31
C ALA F 441 56.62 -45.89 -44.10
N GLU F 442 57.14 -45.00 -43.24
CA GLU F 442 56.44 -44.65 -42.02
C GLU F 442 55.40 -43.55 -42.25
N THR F 443 54.16 -43.86 -41.89
CA THR F 443 53.09 -42.92 -41.94
C THR F 443 52.49 -42.88 -40.57
N VAL F 444 52.52 -41.70 -39.96
CA VAL F 444 52.03 -41.48 -38.60
C VAL F 444 50.68 -40.77 -38.59
N LEU F 445 49.93 -40.96 -37.50
CA LEU F 445 48.65 -40.30 -37.25
C LEU F 445 48.86 -39.24 -36.15
N VAL F 446 48.62 -37.95 -36.44
CA VAL F 446 48.91 -36.84 -35.50
C VAL F 446 47.63 -36.27 -34.92
N VAL F 447 47.72 -35.70 -33.73
CA VAL F 447 46.65 -34.90 -33.17
C VAL F 447 47.33 -33.67 -32.58
N ARG F 448 46.82 -32.49 -32.86
CA ARG F 448 47.53 -31.28 -32.49
C ARG F 448 46.60 -30.14 -32.12
N SER F 449 46.91 -29.41 -31.04
CA SER F 449 46.26 -28.15 -30.64
C SER F 449 47.36 -27.17 -30.45
N MET F 450 47.03 -25.89 -30.42
CA MET F 450 48.03 -24.89 -30.07
C MET F 450 47.45 -23.92 -29.06
N SER F 451 48.28 -23.59 -28.06
CA SER F 451 47.92 -22.64 -27.01
C SER F 451 48.81 -21.43 -27.15
N THR F 452 48.16 -20.27 -27.34
CA THR F 452 48.91 -19.01 -27.36
C THR F 452 48.63 -18.30 -26.06
N LEU F 453 49.73 -18.24 -25.29
CA LEU F 453 49.75 -17.55 -24.01
C LEU F 453 50.74 -16.42 -24.07
N LEU F 454 50.16 -15.22 -24.23
CA LEU F 454 50.92 -14.03 -24.35
C LEU F 454 51.95 -14.23 -25.44
N ASN F 455 53.23 -14.01 -25.18
CA ASN F 455 54.19 -13.94 -26.30
C ASN F 455 54.46 -15.27 -27.04
N TPQ F 456 54.34 -16.38 -26.35
CA TPQ F 456 54.78 -17.66 -26.89
CB TPQ F 456 55.77 -18.41 -25.93
C TPQ F 456 53.55 -18.55 -27.24
O TPQ F 456 52.52 -18.59 -26.52
C1 TPQ F 456 55.47 -18.30 -24.43
C2 TPQ F 456 56.47 -17.74 -23.46
O2 TPQ F 456 57.59 -17.34 -23.86
C3 TPQ F 456 56.13 -17.64 -21.99
C4 TPQ F 456 54.87 -18.07 -21.54
O4 TPQ F 456 54.50 -18.03 -20.34
C5 TPQ F 456 53.92 -18.61 -22.51
O5 TPQ F 456 52.84 -19.01 -22.07
C6 TPQ F 456 54.23 -18.72 -23.95
N ASP F 457 53.68 -19.23 -28.40
CA ASP F 457 52.72 -20.23 -28.86
C ASP F 457 53.21 -21.65 -28.54
N TYR F 458 52.29 -22.50 -28.07
CA TYR F 458 52.60 -23.86 -27.55
C TYR F 458 52.01 -25.07 -28.37
N VAL F 459 52.84 -25.70 -29.20
CA VAL F 459 52.41 -26.78 -30.12
C VAL F 459 52.35 -28.14 -29.40
N TRP F 460 51.14 -28.70 -29.22
CA TRP F 460 50.94 -29.97 -28.50
C TRP F 460 50.69 -31.12 -29.48
N ASP F 461 51.73 -31.88 -29.80
CA ASP F 461 51.60 -33.09 -30.65
C ASP F 461 51.36 -34.38 -29.84
N THR F 462 50.52 -35.23 -30.39
CA THR F 462 50.45 -36.62 -29.98
C THR F 462 50.53 -37.46 -31.26
N VAL F 463 51.62 -38.17 -31.45
CA VAL F 463 51.85 -38.86 -32.70
C VAL F 463 51.78 -40.37 -32.52
N PHE F 464 50.89 -41.02 -33.25
CA PHE F 464 50.65 -42.46 -33.11
C PHE F 464 51.37 -43.19 -34.21
N HIS F 465 52.25 -44.08 -33.83
CA HIS F 465 53.11 -44.71 -34.82
C HIS F 465 52.51 -46.06 -35.21
N PRO F 466 52.90 -46.56 -36.41
CA PRO F 466 52.41 -47.87 -36.89
C PRO F 466 52.99 -49.07 -36.12
N SER F 467 54.11 -48.84 -35.42
CA SER F 467 54.80 -49.84 -34.59
C SER F 467 54.10 -50.14 -33.26
N GLY F 468 53.05 -49.40 -32.93
CA GLY F 468 52.43 -49.49 -31.60
C GLY F 468 52.94 -48.40 -30.64
N ALA F 469 53.89 -47.59 -31.10
CA ALA F 469 54.45 -46.57 -30.25
C ALA F 469 53.60 -45.31 -30.23
N ILE F 470 53.53 -44.67 -29.07
CA ILE F 470 52.93 -43.34 -28.93
C ILE F 470 54.05 -42.33 -28.64
N GLU F 471 53.94 -41.13 -29.20
CA GLU F 471 54.95 -40.10 -28.99
C GLU F 471 54.23 -38.87 -28.58
N ILE F 472 54.66 -38.22 -27.50
CA ILE F 472 54.07 -36.95 -27.03
C ILE F 472 55.16 -35.91 -27.16
N ARG F 473 54.93 -34.89 -27.98
CA ARG F 473 55.89 -33.81 -28.16
C ARG F 473 55.23 -32.50 -27.81
N PHE F 474 56.06 -31.50 -27.48
CA PHE F 474 55.63 -30.11 -27.37
C PHE F 474 56.75 -29.15 -27.78
N TYR F 475 56.36 -28.15 -28.59
CA TYR F 475 57.28 -27.13 -29.09
C TYR F 475 56.80 -25.81 -28.56
N ALA F 476 57.75 -24.92 -28.32
CA ALA F 476 57.44 -23.53 -27.97
C ALA F 476 57.85 -22.67 -29.15
N THR F 477 56.92 -21.84 -29.59
CA THR F 477 57.23 -20.89 -30.67
C THR F 477 56.54 -19.59 -30.34
N GLY F 478 56.49 -18.69 -31.30
CA GLY F 478 55.83 -17.42 -31.08
C GLY F 478 56.90 -16.43 -30.72
N TYR F 479 56.46 -15.39 -30.00
CA TYR F 479 57.29 -14.25 -29.66
C TYR F 479 57.96 -14.49 -28.32
N ILE F 480 59.24 -14.11 -28.21
CA ILE F 480 59.89 -14.12 -26.92
C ILE F 480 59.35 -12.93 -26.14
N SER F 481 59.57 -12.97 -24.83
CA SER F 481 59.25 -11.84 -23.98
C SER F 481 60.54 -11.01 -23.79
N SER F 482 60.42 -9.69 -23.91
CA SER F 482 61.63 -8.86 -23.87
C SER F 482 61.56 -7.78 -22.80
N ALA F 483 62.68 -7.13 -22.57
CA ALA F 483 62.75 -6.05 -21.61
C ALA F 483 63.66 -4.96 -22.18
N PHE F 484 63.61 -3.79 -21.55
CA PHE F 484 64.42 -2.69 -22.01
C PHE F 484 65.85 -2.97 -21.55
N LEU F 485 66.80 -2.73 -22.44
CA LEU F 485 68.21 -3.04 -22.19
C LEU F 485 68.94 -1.86 -21.49
N PHE F 486 69.55 -2.17 -20.34
CA PHE F 486 70.49 -1.26 -19.64
C PHE F 486 71.58 -2.09 -18.92
N THR F 489 75.29 -7.56 -16.12
CA THR F 489 75.69 -7.30 -17.50
C THR F 489 76.29 -8.55 -18.16
N GLY F 490 75.64 -8.95 -19.24
CA GLY F 490 75.69 -10.33 -19.72
C GLY F 490 74.64 -11.19 -19.03
N LYS F 491 74.53 -11.08 -17.72
CA LYS F 491 74.05 -12.17 -16.85
C LYS F 491 72.60 -12.62 -17.10
N TYR F 492 71.83 -11.86 -17.86
CA TYR F 492 70.39 -12.12 -17.95
C TYR F 492 69.85 -12.35 -19.37
N GLY F 493 70.74 -12.51 -20.33
CA GLY F 493 70.32 -12.78 -21.71
C GLY F 493 71.16 -12.07 -22.75
N ASN F 494 70.66 -12.09 -23.97
CA ASN F 494 71.38 -11.48 -25.08
C ASN F 494 70.57 -10.31 -25.60
N GLN F 495 71.29 -9.35 -26.17
CA GLN F 495 70.62 -8.28 -26.89
C GLN F 495 70.18 -8.88 -28.21
N VAL F 496 68.89 -8.81 -28.47
CA VAL F 496 68.34 -9.35 -29.70
C VAL F 496 67.96 -8.27 -30.73
N SER F 497 67.75 -7.03 -30.28
CA SER F 497 67.50 -5.91 -31.19
C SER F 497 67.87 -4.59 -30.52
N GLU F 498 67.66 -3.47 -31.23
CA GLU F 498 67.96 -2.14 -30.66
C GLU F 498 67.21 -2.01 -29.30
N HIS F 499 68.00 -1.78 -28.23
CA HIS F 499 67.48 -1.58 -26.85
C HIS F 499 66.67 -2.74 -26.24
N THR F 500 66.80 -3.95 -26.81
CA THR F 500 66.00 -5.08 -26.34
C THR F 500 66.83 -6.23 -25.78
N LEU F 501 66.59 -6.52 -24.50
CA LEU F 501 67.13 -7.70 -23.85
C LEU F 501 66.14 -8.81 -24.11
N GLY F 502 66.63 -9.93 -24.67
CA GLY F 502 65.86 -11.16 -24.75
C GLY F 502 66.07 -11.96 -23.48
N THR F 503 65.04 -12.00 -22.65
CA THR F 503 65.24 -12.46 -21.28
C THR F 503 65.31 -13.98 -21.21
N VAL F 504 66.37 -14.45 -20.54
CA VAL F 504 66.58 -15.87 -20.32
C VAL F 504 65.43 -16.46 -19.53
N HIS F 505 65.11 -17.72 -19.78
CA HIS F 505 64.07 -18.43 -19.05
C HIS F 505 64.11 -19.91 -19.39
N THR F 506 63.31 -20.68 -18.66
CA THR F 506 63.20 -22.09 -18.93
C THR F 506 61.76 -22.43 -19.20
N HIS F 507 61.52 -23.39 -20.08
CA HIS F 507 60.21 -23.95 -20.31
C HIS F 507 60.20 -25.36 -19.74
N SER F 508 59.05 -25.78 -19.23
CA SER F 508 58.85 -27.17 -18.86
C SER F 508 57.38 -27.48 -18.73
N ALA F 509 57.06 -28.74 -18.92
CA ALA F 509 55.70 -29.17 -19.03
C ALA F 509 55.59 -30.53 -18.35
N HIS F 510 54.42 -30.81 -17.78
CA HIS F 510 54.15 -32.04 -17.05
C HIS F 510 53.03 -32.84 -17.71
N PHE F 511 53.18 -34.16 -17.79
CA PHE F 511 52.17 -34.98 -18.41
C PHE F 511 51.80 -36.10 -17.50
N LYS F 512 50.51 -36.37 -17.43
CA LYS F 512 50.01 -37.53 -16.73
C LYS F 512 49.89 -38.63 -17.80
N VAL F 513 50.45 -39.80 -17.51
CA VAL F 513 50.43 -40.91 -18.44
C VAL F 513 49.92 -42.12 -17.67
N ASP F 514 48.63 -42.41 -17.77
CA ASP F 514 48.07 -43.56 -17.08
C ASP F 514 48.00 -44.76 -18.03
N LEU F 515 49.15 -45.43 -18.19
CA LEU F 515 49.25 -46.68 -18.91
C LEU F 515 48.52 -47.70 -18.10
N ASP F 516 47.84 -48.60 -18.81
CA ASP F 516 47.28 -49.82 -18.23
C ASP F 516 47.74 -51.02 -19.06
N VAL F 517 49.01 -51.41 -18.87
CA VAL F 517 49.64 -52.36 -19.79
C VAL F 517 49.01 -53.73 -19.60
N ALA F 518 48.32 -54.21 -20.63
CA ALA F 518 47.62 -55.50 -20.61
C ALA F 518 46.80 -55.72 -19.33
N GLY F 519 46.02 -54.71 -18.95
CA GLY F 519 45.26 -54.75 -17.70
C GLY F 519 45.68 -53.61 -16.77
N LEU F 520 45.03 -53.52 -15.62
CA LEU F 520 45.35 -52.48 -14.62
C LEU F 520 46.69 -52.73 -13.88
N GLU F 521 46.79 -53.92 -13.29
CA GLU F 521 47.88 -54.25 -12.42
C GLU F 521 49.18 -54.18 -13.23
N ASN F 522 50.07 -53.29 -12.78
CA ASN F 522 51.34 -53.13 -13.44
C ASN F 522 52.51 -53.10 -12.43
N TRP F 523 53.71 -53.35 -12.94
CA TRP F 523 54.93 -53.29 -12.16
C TRP F 523 55.87 -52.41 -12.92
N VAL F 524 56.92 -51.92 -12.25
CA VAL F 524 57.88 -51.05 -12.90
C VAL F 524 59.22 -51.74 -12.97
N TRP F 525 59.84 -51.72 -14.13
CA TRP F 525 61.10 -52.38 -14.34
C TRP F 525 62.15 -51.42 -14.76
N ALA F 526 63.37 -51.55 -14.23
CA ALA F 526 64.50 -50.81 -14.76
C ALA F 526 65.50 -51.79 -15.29
N GLU F 527 65.96 -51.61 -16.52
CA GLU F 527 67.07 -52.38 -17.09
C GLU F 527 68.21 -51.49 -17.55
N ASP F 528 69.45 -51.96 -17.43
CA ASP F 528 70.58 -51.18 -17.92
C ASP F 528 71.71 -52.14 -18.29
N MET F 529 72.90 -51.59 -18.54
CA MET F 529 74.03 -52.37 -18.98
C MET F 529 75.17 -52.27 -17.99
N VAL F 530 76.07 -53.24 -18.04
CA VAL F 530 77.31 -53.18 -17.28
C VAL F 530 78.31 -54.12 -17.93
N PHE F 531 79.59 -53.80 -17.77
CA PHE F 531 80.69 -54.64 -18.25
C PHE F 531 81.31 -55.40 -17.07
N VAL F 532 81.70 -56.64 -17.29
CA VAL F 532 82.33 -57.44 -16.25
C VAL F 532 83.60 -58.11 -16.77
N PRO F 533 84.76 -57.74 -16.20
CA PRO F 533 86.00 -58.38 -16.60
C PRO F 533 85.90 -59.88 -16.42
N MET F 534 86.61 -60.60 -17.30
CA MET F 534 86.54 -62.05 -17.37
C MET F 534 87.68 -62.62 -18.15
N ALA F 535 88.17 -63.78 -17.70
CA ALA F 535 89.12 -64.59 -18.47
C ALA F 535 88.39 -65.08 -19.70
N VAL F 536 89.08 -64.97 -20.85
CA VAL F 536 88.56 -65.52 -22.10
C VAL F 536 88.52 -67.03 -21.93
N PRO F 537 87.32 -67.62 -22.04
CA PRO F 537 87.11 -69.07 -21.85
C PRO F 537 88.09 -69.97 -22.61
N TRP F 538 88.30 -69.71 -23.90
CA TRP F 538 89.23 -70.50 -24.71
C TRP F 538 90.68 -69.94 -24.71
N SER F 539 91.02 -69.00 -23.81
CA SER F 539 92.41 -68.49 -23.75
C SER F 539 92.60 -67.64 -22.48
N PRO F 540 92.49 -68.30 -21.30
CA PRO F 540 92.43 -67.60 -20.02
C PRO F 540 93.62 -66.73 -19.70
N GLU F 541 94.76 -66.88 -20.39
CA GLU F 541 95.84 -65.91 -20.30
C GLU F 541 95.32 -64.47 -20.71
N HIS F 542 94.10 -64.41 -21.30
CA HIS F 542 93.52 -63.15 -21.79
C HIS F 542 92.21 -62.74 -21.12
N GLN F 543 92.00 -61.42 -21.18
CA GLN F 543 90.96 -60.73 -20.44
C GLN F 543 89.98 -60.12 -21.45
N LEU F 544 88.68 -60.40 -21.27
CA LEU F 544 87.63 -59.72 -22.06
C LEU F 544 86.62 -59.01 -21.16
N GLN F 545 86.05 -57.90 -21.67
CA GLN F 545 85.04 -57.11 -20.92
C GLN F 545 83.66 -57.57 -21.31
N ARG F 546 83.01 -58.33 -20.46
CA ARG F 546 81.79 -59.05 -20.82
C ARG F 546 80.53 -58.26 -20.63
N LEU F 547 79.98 -57.74 -21.71
CA LEU F 547 78.77 -56.90 -21.63
C LEU F 547 77.56 -57.71 -21.17
N GLN F 548 76.84 -57.14 -20.20
CA GLN F 548 75.69 -57.77 -19.56
C GLN F 548 74.55 -56.80 -19.29
N VAL F 549 73.35 -57.36 -19.16
CA VAL F 549 72.19 -56.56 -18.83
C VAL F 549 71.89 -56.63 -17.36
N THR F 550 71.81 -55.47 -16.69
CA THR F 550 71.28 -55.40 -15.30
C THR F 550 69.79 -55.15 -15.34
N ARG F 551 69.07 -55.76 -14.42
CA ARG F 551 67.62 -55.60 -14.30
C ARG F 551 67.16 -55.52 -12.85
N LYS F 552 66.30 -54.56 -12.54
CA LYS F 552 65.78 -54.38 -11.18
C LYS F 552 64.28 -54.11 -11.22
N LEU F 553 63.54 -54.72 -10.31
CA LEU F 553 62.13 -54.35 -10.13
C LEU F 553 61.99 -53.22 -9.11
N LEU F 554 61.33 -52.12 -9.49
CA LEU F 554 61.19 -50.96 -8.62
C LEU F 554 59.93 -51.19 -7.80
N GLU F 555 60.10 -51.37 -6.49
CA GLU F 555 59.04 -51.89 -5.63
C GLU F 555 58.24 -50.81 -4.93
N MET F 556 58.91 -49.76 -4.44
CA MET F 556 58.26 -48.65 -3.72
C MET F 556 58.24 -47.39 -4.57
N GLU F 557 57.23 -46.54 -4.34
CA GLU F 557 57.10 -45.30 -5.09
C GLU F 557 58.40 -44.55 -5.17
N GLU F 558 59.10 -44.48 -4.04
CA GLU F 558 60.24 -43.58 -3.94
C GLU F 558 61.38 -44.03 -4.86
N GLN F 559 61.42 -45.32 -5.18
CA GLN F 559 62.39 -45.88 -6.12
C GLN F 559 62.06 -45.60 -7.57
N ALA F 560 60.84 -45.13 -7.82
CA ALA F 560 60.42 -44.73 -9.17
C ALA F 560 60.36 -43.20 -9.33
N ALA F 561 60.94 -42.44 -8.41
CA ALA F 561 60.87 -41.01 -8.45
C ALA F 561 62.21 -40.44 -8.81
N PHE F 562 62.44 -40.12 -10.08
CA PHE F 562 63.76 -39.66 -10.52
C PHE F 562 63.90 -38.13 -10.58
N LEU F 563 64.67 -37.58 -9.68
CA LEU F 563 64.91 -36.15 -9.66
C LEU F 563 65.69 -35.71 -10.90
N VAL F 564 65.51 -34.46 -11.27
CA VAL F 564 66.24 -33.89 -12.39
C VAL F 564 67.71 -33.86 -12.03
N GLY F 565 68.56 -34.30 -12.95
CA GLY F 565 70.01 -34.34 -12.69
C GLY F 565 70.50 -35.70 -12.26
N SER F 566 69.63 -36.49 -11.61
CA SER F 566 69.93 -37.90 -11.35
C SER F 566 70.13 -38.74 -12.62
N ALA F 567 70.96 -39.79 -12.45
CA ALA F 567 71.18 -40.82 -13.47
C ALA F 567 69.87 -41.55 -13.53
N THR F 568 69.53 -41.96 -14.75
CA THR F 568 68.26 -42.60 -15.02
C THR F 568 68.49 -43.95 -15.74
N PRO F 569 67.72 -44.98 -15.40
CA PRO F 569 67.84 -46.25 -16.12
C PRO F 569 67.68 -46.11 -17.64
N ARG F 570 68.57 -46.73 -18.41
CA ARG F 570 68.51 -46.60 -19.84
C ARG F 570 67.21 -47.18 -20.38
N TYR F 571 66.66 -48.19 -19.71
CA TYR F 571 65.40 -48.82 -20.12
C TYR F 571 64.50 -48.86 -18.91
N LEU F 572 63.42 -48.11 -18.97
CA LEU F 572 62.48 -48.09 -17.85
C LEU F 572 61.12 -48.31 -18.41
N TYR F 573 60.41 -49.27 -17.86
CA TYR F 573 59.14 -49.63 -18.43
C TYR F 573 58.17 -50.10 -17.41
N LEU F 574 56.90 -50.01 -17.77
CA LEU F 574 55.80 -50.52 -16.96
C LEU F 574 55.26 -51.75 -17.65
N ALA F 575 54.98 -52.79 -16.85
CA ALA F 575 54.60 -54.08 -17.40
C ALA F 575 53.54 -54.79 -16.59
N SER F 576 52.88 -55.70 -17.27
CA SER F 576 51.90 -56.56 -16.59
CA SER F 576 51.89 -56.61 -16.73
C SER F 576 52.56 -57.82 -16.05
N ASN F 577 51.78 -58.43 -15.18
CA ASN F 577 51.98 -59.75 -14.65
C ASN F 577 52.20 -60.80 -15.78
N HIS F 578 51.38 -60.70 -16.84
CA HIS F 578 51.36 -61.69 -17.93
C HIS F 578 52.52 -61.50 -18.89
N SER F 579 52.81 -62.55 -19.65
CA SER F 579 53.99 -62.56 -20.49
C SER F 579 53.56 -62.68 -21.93
N ASN F 580 54.49 -62.39 -22.84
CA ASN F 580 54.26 -62.66 -24.23
C ASN F 580 54.59 -64.13 -24.52
N LYS F 581 54.54 -64.49 -25.79
CA LYS F 581 54.83 -65.82 -26.24
C LYS F 581 56.18 -66.30 -25.73
N TRP F 582 57.19 -65.42 -25.69
CA TRP F 582 58.54 -65.83 -25.29
C TRP F 582 58.86 -65.62 -23.79
N GLY F 583 57.79 -65.59 -22.98
CA GLY F 583 57.92 -65.64 -21.51
C GLY F 583 58.44 -64.38 -20.80
N HIS F 584 58.42 -63.24 -21.49
CA HIS F 584 58.75 -61.98 -20.88
C HIS F 584 57.47 -61.28 -20.50
N PRO F 585 57.46 -60.57 -19.36
CA PRO F 585 56.34 -59.69 -18.97
C PRO F 585 56.03 -58.65 -20.06
N ARG F 586 54.74 -58.40 -20.29
CA ARG F 586 54.36 -57.53 -21.41
C ARG F 586 54.45 -56.08 -20.97
N GLY F 587 55.33 -55.36 -21.67
CA GLY F 587 55.74 -54.05 -21.21
C GLY F 587 55.55 -52.94 -22.23
N TYR F 588 55.44 -51.73 -21.68
CA TYR F 588 55.59 -50.51 -22.45
C TYR F 588 56.59 -49.60 -21.72
N ARG F 589 57.45 -49.00 -22.50
CA ARG F 589 58.63 -48.39 -22.02
C ARG F 589 58.56 -46.89 -22.22
N ILE F 590 58.92 -46.12 -21.20
CA ILE F 590 59.02 -44.68 -21.34
C ILE F 590 60.43 -44.33 -21.72
N GLN F 591 60.56 -43.53 -22.79
CA GLN F 591 61.85 -43.06 -23.31
C GLN F 591 61.71 -41.56 -23.45
N MET F 592 62.66 -40.81 -22.90
CA MET F 592 62.49 -39.38 -22.75
C MET F 592 63.38 -38.58 -23.63
N LEU F 593 62.79 -37.73 -24.48
CA LEU F 593 63.51 -36.66 -25.20
C LEU F 593 63.37 -35.35 -24.39
N SER F 594 64.33 -35.05 -23.50
CA SER F 594 64.29 -33.80 -22.69
C SER F 594 65.69 -33.22 -22.34
N PHE F 595 65.82 -31.91 -22.51
CA PHE F 595 67.06 -31.15 -22.20
C PHE F 595 66.84 -30.29 -20.90
N ALA F 596 66.09 -30.86 -19.93
CA ALA F 596 65.47 -30.10 -18.78
C ALA F 596 66.39 -29.11 -18.06
N GLY F 597 65.90 -27.88 -17.87
CA GLY F 597 66.68 -26.85 -17.17
C GLY F 597 66.73 -27.09 -15.66
N GLU F 598 67.68 -26.44 -15.01
CA GLU F 598 67.84 -26.59 -13.55
C GLU F 598 66.56 -26.04 -12.86
N PRO F 599 65.93 -26.84 -11.98
CA PRO F 599 64.71 -26.37 -11.35
C PRO F 599 64.88 -25.29 -10.28
N LEU F 600 63.81 -24.51 -10.07
CA LEU F 600 63.78 -23.51 -9.00
C LEU F 600 64.11 -24.20 -7.67
N PRO F 601 65.07 -23.64 -6.91
CA PRO F 601 65.50 -24.29 -5.68
C PRO F 601 64.37 -24.52 -4.70
N GLN F 602 64.46 -25.61 -3.95
CA GLN F 602 63.50 -25.88 -2.87
C GLN F 602 63.57 -24.82 -1.77
N ASN F 603 64.77 -24.32 -1.50
CA ASN F 603 64.93 -23.15 -0.64
C ASN F 603 63.88 -22.04 -0.90
N SER F 604 63.34 -21.98 -2.14
CA SER F 604 62.25 -21.03 -2.46
C SER F 604 60.90 -21.50 -1.98
N SER F 605 60.21 -20.62 -1.26
CA SER F 605 58.84 -20.90 -0.77
C SER F 605 57.80 -21.16 -1.89
N MET F 606 58.05 -20.50 -3.01
CA MET F 606 57.24 -20.62 -4.20
C MET F 606 57.27 -22.02 -4.83
N ALA F 607 58.39 -22.74 -4.64
CA ALA F 607 58.64 -23.99 -5.36
C ALA F 607 57.57 -25.08 -5.14
N ARG F 608 56.96 -25.16 -3.95
CA ARG F 608 55.91 -26.17 -3.68
C ARG F 608 54.70 -26.06 -4.67
N GLY F 609 54.51 -24.88 -5.26
CA GLY F 609 53.48 -24.68 -6.28
C GLY F 609 53.71 -25.37 -7.62
N PHE F 610 54.91 -25.87 -7.84
CA PHE F 610 55.18 -26.64 -9.04
C PHE F 610 56.32 -27.63 -8.77
N SER F 611 56.13 -28.43 -7.73
CA SER F 611 57.21 -29.30 -7.31
C SER F 611 57.47 -30.41 -8.31
N TRP F 612 56.53 -30.68 -9.20
CA TRP F 612 56.76 -31.62 -10.28
C TRP F 612 57.98 -31.25 -11.11
N GLU F 613 58.31 -29.97 -11.15
CA GLU F 613 59.48 -29.50 -11.90
C GLU F 613 60.77 -30.24 -11.52
N ARG F 614 60.83 -30.70 -10.28
CA ARG F 614 62.03 -31.32 -9.70
C ARG F 614 62.28 -32.75 -10.19
N TYR F 615 61.23 -33.39 -10.70
CA TYR F 615 61.33 -34.73 -11.25
C TYR F 615 61.42 -34.78 -12.75
N GLN F 616 62.06 -35.80 -13.28
CA GLN F 616 62.08 -36.09 -14.73
C GLN F 616 60.91 -36.97 -14.99
N LEU F 617 60.66 -37.88 -14.04
CA LEU F 617 59.69 -38.96 -14.17
C LEU F 617 59.35 -39.48 -12.79
N ALA F 618 58.11 -39.89 -12.57
CA ALA F 618 57.72 -40.43 -11.28
C ALA F 618 56.56 -41.32 -11.47
N VAL F 619 56.58 -42.51 -10.88
CA VAL F 619 55.46 -43.45 -11.00
C VAL F 619 54.81 -43.61 -9.66
N THR F 620 53.51 -43.43 -9.61
CA THR F 620 52.78 -43.50 -8.34
C THR F 620 51.55 -44.35 -8.49
N GLN F 621 51.00 -44.78 -7.38
CA GLN F 621 49.73 -45.46 -7.43
C GLN F 621 48.72 -44.51 -8.04
N ARG F 622 47.88 -44.98 -8.96
CA ARG F 622 46.78 -44.15 -9.44
C ARG F 622 45.64 -44.12 -8.42
N LYS F 623 45.10 -42.93 -8.19
CA LYS F 623 44.10 -42.69 -7.13
C LYS F 623 43.10 -41.58 -7.52
N GLU F 624 41.81 -41.84 -7.30
CA GLU F 624 40.77 -40.91 -7.72
C GLU F 624 41.00 -39.56 -7.09
N GLU F 625 41.35 -39.57 -5.81
CA GLU F 625 41.61 -38.32 -5.09
C GLU F 625 42.94 -37.63 -5.45
N GLU F 626 43.66 -38.14 -6.47
CA GLU F 626 44.90 -37.52 -6.99
C GLU F 626 44.83 -37.37 -8.52
N PRO F 627 43.83 -36.66 -9.02
CA PRO F 627 43.63 -36.58 -10.46
C PRO F 627 44.59 -35.66 -11.20
N SER F 628 45.25 -34.73 -10.51
CA SER F 628 46.13 -33.80 -11.21
C SER F 628 47.30 -33.29 -10.40
N SER F 629 48.37 -33.02 -11.12
CA SER F 629 49.63 -32.63 -10.51
C SER F 629 49.65 -31.15 -10.20
N SER F 630 48.73 -30.40 -10.82
CA SER F 630 48.63 -28.96 -10.60
C SER F 630 47.21 -28.57 -10.30
N SER F 631 47.01 -27.27 -10.24
CA SER F 631 45.70 -26.67 -10.01
C SER F 631 45.75 -25.28 -10.59
N VAL F 632 44.62 -24.82 -11.14
CA VAL F 632 44.52 -23.44 -11.70
C VAL F 632 44.80 -22.38 -10.60
N PHE F 633 44.64 -22.79 -9.32
CA PHE F 633 44.82 -21.91 -8.16
C PHE F 633 46.25 -21.80 -7.62
N ASN F 634 47.18 -22.46 -8.29
CA ASN F 634 48.55 -22.41 -7.84
C ASN F 634 49.22 -21.15 -8.34
N GLN F 635 48.93 -20.75 -9.58
CA GLN F 635 49.55 -19.57 -10.19
C GLN F 635 49.50 -18.37 -9.27
N ASN F 636 48.36 -18.15 -8.62
CA ASN F 636 48.23 -16.94 -7.82
C ASN F 636 48.67 -17.14 -6.36
N ASP F 637 48.62 -18.38 -5.85
CA ASP F 637 49.16 -18.67 -4.47
C ASP F 637 50.04 -19.94 -4.40
N PRO F 638 51.23 -19.88 -5.00
CA PRO F 638 52.12 -21.02 -5.02
C PRO F 638 52.80 -21.25 -3.68
N TRP F 639 52.79 -20.22 -2.82
CA TRP F 639 53.32 -20.30 -1.47
C TRP F 639 52.41 -21.18 -0.63
N ALA F 640 51.13 -21.20 -0.93
CA ALA F 640 50.19 -22.07 -0.21
C ALA F 640 49.46 -22.94 -1.22
N PRO F 641 50.21 -23.79 -1.94
CA PRO F 641 49.72 -24.48 -3.12
C PRO F 641 48.46 -25.25 -2.85
N THR F 642 47.54 -25.18 -3.79
CA THR F 642 46.28 -25.91 -3.69
C THR F 642 46.54 -27.38 -3.94
N VAL F 643 47.33 -27.68 -4.95
CA VAL F 643 47.84 -29.03 -5.19
C VAL F 643 49.36 -28.97 -5.06
N ASP F 644 49.93 -29.94 -4.37
CA ASP F 644 51.41 -30.09 -4.24
C ASP F 644 51.87 -31.48 -4.67
N PHE F 645 52.45 -31.55 -5.86
CA PHE F 645 52.70 -32.80 -6.51
C PHE F 645 53.51 -33.77 -5.67
N SER F 646 54.56 -33.24 -5.07
CA SER F 646 55.47 -34.04 -4.26
C SER F 646 54.73 -34.88 -3.20
N ASP F 647 53.61 -34.39 -2.70
CA ASP F 647 52.80 -35.19 -1.77
C ASP F 647 52.29 -36.54 -2.31
N PHE F 648 52.22 -36.70 -3.62
CA PHE F 648 51.73 -37.95 -4.19
C PHE F 648 52.73 -39.09 -3.95
N ILE F 649 54.02 -38.73 -3.95
CA ILE F 649 55.12 -39.68 -3.82
C ILE F 649 55.27 -39.90 -2.36
N ASN F 650 54.76 -41.02 -1.86
CA ASN F 650 54.53 -41.19 -0.42
C ASN F 650 54.82 -42.56 0.16
N ASN F 651 55.77 -43.30 -0.43
CA ASN F 651 56.32 -44.51 0.22
C ASN F 651 55.33 -45.68 0.30
N GLU F 652 54.74 -46.01 -0.83
CA GLU F 652 53.80 -47.13 -0.91
C GLU F 652 54.35 -48.10 -1.92
N THR F 653 53.63 -49.21 -2.10
CA THR F 653 53.96 -50.15 -3.15
C THR F 653 53.52 -49.68 -4.52
N ILE F 654 54.35 -49.94 -5.51
CA ILE F 654 53.96 -49.77 -6.89
C ILE F 654 54.16 -51.10 -7.57
N ALA F 655 54.14 -52.16 -6.77
CA ALA F 655 54.35 -53.54 -7.23
C ALA F 655 52.99 -54.21 -7.44
N GLY F 656 52.44 -54.02 -8.62
CA GLY F 656 51.21 -54.70 -8.95
C GLY F 656 50.00 -53.89 -8.59
N LYS F 657 49.99 -52.61 -8.94
CA LYS F 657 48.81 -51.77 -8.77
C LYS F 657 48.48 -51.08 -10.10
N ASP F 658 47.35 -50.36 -10.09
CA ASP F 658 47.08 -49.43 -11.18
C ASP F 658 48.02 -48.28 -11.02
N LEU F 659 48.96 -48.21 -11.94
CA LEU F 659 50.02 -47.22 -11.85
C LEU F 659 49.74 -46.05 -12.79
N VAL F 660 50.48 -44.97 -12.55
CA VAL F 660 50.44 -43.83 -13.42
C VAL F 660 51.77 -43.13 -13.39
N ALA F 661 52.34 -42.88 -14.56
CA ALA F 661 53.60 -42.19 -14.69
C ALA F 661 53.36 -40.71 -14.87
N TRP F 662 54.26 -39.91 -14.33
CA TRP F 662 54.22 -38.47 -14.44
C TRP F 662 55.52 -37.96 -15.06
N VAL F 663 55.44 -37.51 -16.30
CA VAL F 663 56.64 -37.12 -17.02
C VAL F 663 56.81 -35.60 -17.06
N THR F 664 58.01 -35.13 -16.79
CA THR F 664 58.35 -33.74 -16.96
C THR F 664 59.28 -33.63 -18.14
N ALA F 665 59.06 -32.62 -18.98
CA ALA F 665 59.99 -32.36 -20.05
C ALA F 665 60.16 -30.83 -20.17
N GLY F 666 61.35 -30.39 -20.55
CA GLY F 666 61.56 -28.99 -20.75
C GLY F 666 62.95 -28.68 -21.24
N PHE F 667 63.29 -27.39 -21.19
CA PHE F 667 64.63 -26.94 -21.62
C PHE F 667 64.85 -25.50 -21.22
N LEU F 668 66.12 -25.09 -21.30
CA LEU F 668 66.52 -23.73 -21.04
C LEU F 668 66.57 -22.95 -22.34
N HIS F 669 66.02 -21.73 -22.33
CA HIS F 669 66.10 -20.85 -23.48
C HIS F 669 66.81 -19.53 -23.16
N ILE F 670 67.95 -19.32 -23.77
CA ILE F 670 68.65 -18.05 -23.72
C ILE F 670 68.37 -17.43 -25.07
N PRO F 671 67.46 -16.46 -25.13
CA PRO F 671 67.17 -15.88 -26.42
C PRO F 671 68.40 -15.30 -27.14
N HIS F 672 68.27 -15.27 -28.47
CA HIS F 672 69.35 -14.82 -29.38
C HIS F 672 68.66 -14.20 -30.62
N ALA F 673 69.47 -13.57 -31.49
CA ALA F 673 68.92 -12.83 -32.67
C ALA F 673 67.89 -13.64 -33.47
N GLU F 674 68.18 -14.93 -33.64
CA GLU F 674 67.34 -15.83 -34.46
C GLU F 674 65.95 -16.15 -33.84
N ASP F 675 65.73 -15.70 -32.61
CA ASP F 675 64.38 -15.69 -32.04
C ASP F 675 63.55 -14.48 -32.49
N ILE F 676 64.12 -13.61 -33.35
CA ILE F 676 63.41 -12.42 -33.86
C ILE F 676 63.10 -12.53 -35.37
N PRO F 677 61.80 -12.51 -35.70
CA PRO F 677 60.61 -12.18 -34.91
C PRO F 677 60.17 -13.23 -33.96
N ASN F 678 60.12 -14.47 -34.44
CA ASN F 678 59.67 -15.56 -33.58
C ASN F 678 60.80 -16.54 -33.27
N THR F 679 60.54 -17.35 -32.24
CA THR F 679 61.31 -18.54 -31.95
C THR F 679 60.84 -19.67 -32.87
N VAL F 680 61.81 -20.26 -33.57
CA VAL F 680 61.54 -21.43 -34.44
C VAL F 680 61.42 -22.75 -33.65
N THR F 681 60.60 -23.66 -34.19
CA THR F 681 60.38 -24.97 -33.56
C THR F 681 61.53 -25.96 -33.77
N VAL F 682 62.44 -25.66 -34.69
CA VAL F 682 63.57 -26.55 -35.04
C VAL F 682 64.47 -26.92 -33.85
N GLY F 683 64.46 -28.20 -33.48
CA GLY F 683 65.28 -28.69 -32.36
C GLY F 683 64.74 -28.35 -30.96
N ASN F 684 63.66 -27.54 -30.88
CA ASN F 684 63.04 -27.18 -29.59
C ASN F 684 61.90 -28.08 -29.15
N GLY F 685 61.68 -29.16 -29.91
CA GLY F 685 60.66 -30.13 -29.55
C GLY F 685 61.16 -30.98 -28.40
N VAL F 686 60.29 -31.20 -27.42
CA VAL F 686 60.69 -31.90 -26.21
C VAL F 686 59.53 -32.78 -25.81
N GLY F 687 59.83 -33.95 -25.24
CA GLY F 687 58.77 -34.89 -24.85
C GLY F 687 59.26 -36.30 -24.62
N PHE F 688 58.44 -37.28 -24.96
CA PHE F 688 58.79 -38.66 -24.68
C PHE F 688 58.02 -39.67 -25.54
N PHE F 689 58.59 -40.87 -25.64
CA PHE F 689 57.97 -41.94 -26.38
C PHE F 689 57.41 -42.92 -25.40
N LEU F 690 56.40 -43.67 -25.86
CA LEU F 690 55.90 -44.86 -25.17
C LEU F 690 55.97 -46.02 -26.16
N ARG F 691 56.96 -46.90 -25.98
CA ARG F 691 57.25 -47.96 -26.94
C ARG F 691 57.02 -49.32 -26.35
N PRO F 692 56.48 -50.25 -27.14
CA PRO F 692 56.20 -51.60 -26.68
C PRO F 692 57.51 -52.35 -26.48
N TYR F 693 57.61 -53.03 -25.34
CA TYR F 693 58.79 -53.79 -24.95
C TYR F 693 58.31 -55.16 -24.52
N ASN F 694 58.38 -56.12 -25.45
CA ASN F 694 57.86 -57.48 -25.25
C ASN F 694 56.40 -57.45 -24.86
N PHE F 695 55.67 -56.50 -25.42
CA PHE F 695 54.22 -56.44 -25.28
C PHE F 695 53.55 -57.39 -26.31
N PHE F 696 54.11 -57.38 -27.51
CA PHE F 696 53.66 -58.24 -28.59
C PHE F 696 54.58 -59.45 -28.71
N ASP F 697 54.13 -60.38 -29.55
CA ASP F 697 54.93 -61.54 -29.89
C ASP F 697 55.86 -61.24 -31.06
N GLU F 698 55.50 -60.22 -31.84
CA GLU F 698 56.35 -59.69 -32.92
C GLU F 698 55.86 -58.32 -33.32
N ASP F 699 56.72 -57.63 -34.07
CA ASP F 699 56.43 -56.30 -34.60
C ASP F 699 55.09 -56.32 -35.34
N PRO F 700 54.10 -55.49 -34.92
N PRO F 700 54.01 -55.65 -34.86
CA PRO F 700 52.77 -55.45 -35.56
CA PRO F 700 52.85 -55.88 -35.75
C PRO F 700 52.82 -55.03 -37.01
C PRO F 700 52.76 -54.98 -37.00
N SER F 701 53.83 -54.23 -37.33
CA SER F 701 54.00 -53.72 -38.72
C SER F 701 54.40 -54.81 -39.72
N PHE F 702 54.67 -56.02 -39.25
CA PHE F 702 54.86 -57.17 -40.13
C PHE F 702 53.59 -57.35 -40.96
N TYR F 703 52.46 -57.25 -40.26
CA TYR F 703 51.13 -57.42 -40.83
C TYR F 703 50.63 -56.24 -41.67
N SER F 704 51.44 -55.17 -41.74
CA SER F 704 51.00 -53.92 -42.30
C SER F 704 50.45 -54.15 -43.68
N ALA F 705 49.28 -53.53 -43.92
CA ALA F 705 48.65 -53.52 -45.23
C ALA F 705 49.54 -52.78 -46.23
N ASP F 706 50.53 -52.03 -45.77
CA ASP F 706 51.36 -51.24 -46.67
C ASP F 706 52.80 -51.71 -46.86
N SER F 707 53.16 -52.84 -46.27
CA SER F 707 54.57 -53.27 -46.32
C SER F 707 54.93 -53.77 -47.72
N ILE F 708 56.09 -53.37 -48.20
CA ILE F 708 56.54 -53.74 -49.52
C ILE F 708 57.63 -54.83 -49.38
N TYR F 709 57.53 -55.83 -50.26
CA TYR F 709 58.46 -56.96 -50.25
C TYR F 709 58.60 -57.58 -51.65
N PHE F 710 59.82 -57.91 -52.01
CA PHE F 710 60.05 -58.61 -53.25
C PHE F 710 61.46 -59.17 -53.38
N ARG F 711 61.52 -60.37 -53.98
CA ARG F 711 62.81 -61.06 -54.18
C ARG F 711 63.52 -60.53 -55.43
N GLY F 712 64.83 -60.76 -55.47
CA GLY F 712 65.67 -60.27 -56.58
C GLY F 712 65.34 -60.95 -57.89
N ASP F 713 64.84 -62.19 -57.83
CA ASP F 713 64.43 -62.88 -59.04
C ASP F 713 63.03 -62.43 -59.51
N GLN F 714 62.21 -61.84 -58.62
CA GLN F 714 60.87 -61.36 -59.01
C GLN F 714 60.97 -60.04 -59.79
N ASP F 715 59.81 -59.59 -60.28
CA ASP F 715 59.68 -58.34 -61.05
C ASP F 715 59.17 -57.21 -60.15
N ALA F 716 60.10 -56.28 -59.84
CA ALA F 716 59.82 -55.16 -58.92
C ALA F 716 58.86 -54.14 -59.55
N GLY F 717 58.86 -54.04 -60.88
CA GLY F 717 57.88 -53.22 -61.60
C GLY F 717 56.50 -53.90 -61.75
N ALA F 718 56.44 -55.22 -61.56
CA ALA F 718 55.15 -55.91 -61.69
C ALA F 718 54.20 -55.51 -60.54
N CYS F 719 53.19 -54.72 -60.91
CA CYS F 719 52.21 -54.23 -59.98
C CYS F 719 51.67 -55.32 -59.05
N GLU F 720 51.29 -56.46 -59.59
CA GLU F 720 50.81 -57.58 -58.75
C GLU F 720 51.91 -58.11 -57.76
N VAL F 721 53.20 -57.93 -58.13
CA VAL F 721 54.30 -58.25 -57.22
C VAL F 721 54.46 -57.13 -56.15
N ASN F 722 54.56 -55.87 -56.63
CA ASN F 722 54.93 -54.70 -55.84
C ASN F 722 53.96 -53.50 -55.98
N PRO F 723 53.10 -53.27 -54.96
CA PRO F 723 52.14 -52.17 -54.96
C PRO F 723 52.70 -50.78 -55.36
N LEU F 724 53.95 -50.47 -55.02
CA LEU F 724 54.56 -49.18 -55.44
C LEU F 724 54.59 -48.97 -56.97
N ALA F 725 54.64 -50.06 -57.71
CA ALA F 725 54.56 -50.00 -59.18
C ALA F 725 53.19 -49.43 -59.68
N CYS F 726 52.10 -49.70 -58.95
CA CYS F 726 50.72 -49.23 -59.31
C CYS F 726 50.43 -47.81 -58.80
N LEU F 727 51.37 -47.25 -58.05
CA LEU F 727 51.22 -45.88 -57.52
C LEU F 727 50.90 -44.90 -58.66
N PRO F 728 51.77 -44.86 -59.70
CA PRO F 728 51.51 -43.81 -60.73
C PRO F 728 50.11 -43.88 -61.37
N GLN F 729 49.47 -45.05 -61.40
CA GLN F 729 48.03 -45.16 -61.73
C GLN F 729 47.19 -44.66 -60.50
N ALA F 730 47.41 -45.29 -59.34
CA ALA F 730 46.71 -44.89 -58.10
C ALA F 730 46.64 -43.37 -57.90
N ALA F 731 47.76 -42.67 -58.17
CA ALA F 731 47.91 -41.24 -57.90
C ALA F 731 47.96 -40.39 -59.16
N ALA F 732 47.28 -40.85 -60.20
CA ALA F 732 47.10 -40.02 -61.43
C ALA F 732 45.75 -39.31 -61.29
N CYS F 733 45.70 -38.33 -60.38
CA CYS F 733 44.49 -37.51 -60.21
C CYS F 733 44.83 -36.23 -59.45
N ALA F 734 44.13 -35.15 -59.78
CA ALA F 734 44.33 -33.87 -59.09
C ALA F 734 43.49 -33.89 -57.80
N PRO F 735 44.12 -33.46 -56.68
CA PRO F 735 43.44 -33.51 -55.36
C PRO F 735 42.35 -32.46 -55.24
N ASP F 736 41.25 -32.80 -54.55
CA ASP F 736 40.13 -31.86 -54.39
C ASP F 736 40.31 -31.02 -53.14
N LEU F 737 41.16 -29.96 -53.24
CA LEU F 737 41.49 -29.07 -52.08
C LEU F 737 40.34 -28.11 -51.70
N PRO F 738 39.75 -28.25 -50.48
CA PRO F 738 38.79 -27.25 -49.94
C PRO F 738 39.31 -25.81 -50.02
N ALA F 739 38.38 -24.89 -50.17
CA ALA F 739 38.69 -23.48 -50.22
C ALA F 739 39.19 -23.05 -48.83
N PHE F 740 40.25 -22.24 -48.83
CA PHE F 740 40.90 -21.81 -47.61
C PHE F 740 39.95 -21.00 -46.73
N SER F 741 39.69 -21.49 -45.51
CA SER F 741 39.00 -20.74 -44.49
C SER F 741 39.99 -20.48 -43.35
N HIS F 742 39.71 -19.44 -42.57
CA HIS F 742 40.39 -19.22 -41.28
C HIS F 742 39.40 -19.07 -40.12
N GLY F 743 39.79 -19.54 -38.93
CA GLY F 743 38.86 -19.59 -37.78
C GLY F 743 38.62 -18.29 -37.04
N GLY F 744 39.23 -17.20 -37.51
CA GLY F 744 38.96 -15.86 -36.96
C GLY F 744 39.56 -15.62 -35.60
N PHE F 745 39.20 -14.47 -35.00
CA PHE F 745 39.74 -13.96 -33.72
C PHE F 745 38.62 -13.70 -32.67
N SER F 746 38.93 -12.97 -31.60
CA SER F 746 38.02 -12.89 -30.42
C SER F 746 37.00 -11.73 -30.41
N LEU G 23 41.94 -31.98 -64.37
CA LEU G 23 43.15 -31.11 -64.43
C LEU G 23 44.10 -31.52 -65.58
N PRO G 24 45.20 -30.75 -65.81
CA PRO G 24 46.37 -31.18 -66.62
C PRO G 24 47.50 -31.82 -65.78
N HIS G 25 48.55 -32.32 -66.43
CA HIS G 25 49.73 -32.83 -65.70
C HIS G 25 50.57 -31.65 -65.19
N CYS G 26 51.06 -31.75 -63.96
CA CYS G 26 51.87 -30.69 -63.33
C CYS G 26 53.27 -30.58 -63.96
N PRO G 27 54.11 -29.67 -63.42
CA PRO G 27 55.49 -29.55 -63.89
C PRO G 27 56.47 -30.35 -63.05
N SER G 42 81.68 -26.08 -58.67
CA SER G 42 83.07 -26.54 -58.43
C SER G 42 83.14 -27.98 -57.83
N GLN G 43 83.36 -28.98 -58.71
CA GLN G 43 83.28 -30.40 -58.31
C GLN G 43 84.70 -30.90 -58.04
N LEU G 44 85.20 -30.44 -56.90
CA LEU G 44 86.53 -30.67 -56.40
C LEU G 44 86.41 -31.72 -55.26
N PHE G 45 85.16 -32.01 -54.86
CA PHE G 45 84.87 -32.96 -53.81
C PHE G 45 84.06 -34.13 -54.33
N ALA G 46 83.75 -34.14 -55.62
CA ALA G 46 82.96 -35.25 -56.21
C ALA G 46 83.71 -36.56 -56.01
N ASP G 47 82.95 -37.64 -55.82
CA ASP G 47 83.55 -38.98 -55.82
C ASP G 47 84.04 -39.25 -57.23
N LEU G 48 85.13 -40.01 -57.33
CA LEU G 48 85.75 -40.35 -58.63
C LEU G 48 84.73 -41.01 -59.56
N SER G 49 84.78 -40.62 -60.85
CA SER G 49 83.89 -41.16 -61.91
C SER G 49 84.40 -42.48 -62.50
N ARG G 50 83.48 -43.21 -63.14
CA ARG G 50 83.84 -44.45 -63.86
C ARG G 50 85.24 -44.30 -64.52
N GLU G 51 85.41 -43.21 -65.28
CA GLU G 51 86.62 -42.99 -66.10
C GLU G 51 87.82 -42.86 -65.19
N GLU G 52 87.73 -41.92 -64.26
CA GLU G 52 88.81 -41.67 -63.31
C GLU G 52 89.26 -42.99 -62.64
N LEU G 53 88.28 -43.77 -62.22
CA LEU G 53 88.60 -45.05 -61.57
C LEU G 53 89.36 -45.93 -62.55
N THR G 54 88.79 -46.14 -63.73
CA THR G 54 89.45 -46.90 -64.79
C THR G 54 90.87 -46.37 -65.06
N ALA G 55 90.95 -45.05 -65.19
CA ALA G 55 92.22 -44.38 -65.46
C ALA G 55 93.28 -44.74 -64.44
N VAL G 56 92.87 -44.84 -63.18
CA VAL G 56 93.82 -45.12 -62.08
C VAL G 56 94.20 -46.62 -62.07
N MET G 57 93.20 -47.45 -62.32
CA MET G 57 93.42 -48.86 -62.38
C MET G 57 94.40 -49.18 -63.49
N ARG G 58 94.15 -48.63 -64.69
CA ARG G 58 95.08 -48.79 -65.79
C ARG G 58 96.46 -48.43 -65.25
N PHE G 59 96.63 -47.21 -64.80
CA PHE G 59 97.95 -46.76 -64.37
C PHE G 59 98.58 -47.70 -63.33
N LEU G 60 97.75 -48.27 -62.45
CA LEU G 60 98.26 -49.16 -61.41
C LEU G 60 98.76 -50.47 -62.08
N THR G 61 97.90 -51.13 -62.87
CA THR G 61 98.28 -52.38 -63.58
CA THR G 61 98.28 -52.38 -63.57
C THR G 61 99.67 -52.18 -64.22
N GLN G 62 99.82 -51.04 -64.93
CA GLN G 62 101.10 -50.70 -65.56
C GLN G 62 102.27 -50.57 -64.53
N ARG G 63 102.28 -49.46 -63.76
CA ARG G 63 103.50 -49.01 -63.02
C ARG G 63 103.93 -49.99 -61.95
N LEU G 64 102.95 -50.63 -61.31
CA LEU G 64 103.25 -51.46 -60.13
C LEU G 64 104.02 -52.71 -60.58
N GLY G 65 103.51 -53.40 -61.60
CA GLY G 65 104.13 -54.64 -62.11
C GLY G 65 103.14 -55.76 -62.48
N PRO G 66 103.66 -56.83 -63.16
CA PRO G 66 102.81 -58.00 -63.51
C PRO G 66 102.69 -59.01 -62.36
N GLY G 67 101.60 -59.76 -62.38
CA GLY G 67 101.24 -60.61 -61.24
C GLY G 67 100.24 -59.91 -60.35
N LEU G 68 99.86 -58.68 -60.72
CA LEU G 68 98.81 -57.96 -60.00
C LEU G 68 97.42 -58.62 -60.30
N VAL G 69 97.23 -59.84 -59.78
CA VAL G 69 95.92 -60.54 -59.72
C VAL G 69 94.69 -59.62 -59.42
N ASP G 70 93.60 -59.83 -60.16
CA ASP G 70 92.26 -59.29 -59.81
C ASP G 70 91.88 -59.71 -58.38
N ALA G 71 91.05 -58.90 -57.69
CA ALA G 71 90.70 -59.17 -56.26
C ALA G 71 89.59 -60.23 -55.99
N ALA G 72 88.47 -60.23 -56.75
CA ALA G 72 87.37 -61.23 -56.50
C ALA G 72 87.81 -62.74 -56.58
N GLN G 73 89.12 -62.97 -56.70
CA GLN G 73 89.73 -64.29 -56.53
C GLN G 73 91.26 -64.14 -56.37
N ALA G 74 91.68 -63.25 -55.47
CA ALA G 74 93.04 -63.31 -54.93
C ALA G 74 92.99 -64.13 -53.65
N ARG G 75 94.20 -64.52 -53.27
CA ARG G 75 94.45 -65.34 -52.12
C ARG G 75 95.47 -64.60 -51.32
N PRO G 76 95.64 -65.01 -50.07
CA PRO G 76 96.46 -64.22 -49.13
C PRO G 76 97.83 -63.84 -49.71
N SER G 77 98.48 -64.79 -50.36
CA SER G 77 99.85 -64.60 -50.87
C SER G 77 99.87 -63.87 -52.21
N ASP G 78 98.71 -63.51 -52.76
CA ASP G 78 98.66 -62.66 -53.96
C ASP G 78 98.98 -61.18 -53.67
N ASN G 79 99.29 -60.47 -54.75
CA ASN G 79 99.33 -59.02 -54.77
C ASN G 79 98.01 -58.54 -55.34
N CYS G 80 97.27 -57.78 -54.52
CA CYS G 80 95.97 -57.25 -54.91
C CYS G 80 95.80 -55.74 -54.69
N VAL G 81 94.95 -55.12 -55.56
CA VAL G 81 94.40 -53.77 -55.37
C VAL G 81 93.05 -54.00 -54.72
N PHE G 82 92.95 -53.48 -53.49
CA PHE G 82 91.77 -53.68 -52.66
C PHE G 82 90.73 -52.58 -52.89
N SER G 83 91.20 -51.35 -53.04
CA SER G 83 90.33 -50.19 -53.10
C SER G 83 90.97 -49.02 -53.86
N VAL G 84 90.15 -48.36 -54.67
CA VAL G 84 90.56 -47.10 -55.32
C VAL G 84 89.42 -46.11 -55.07
N GLU G 85 89.77 -45.01 -54.41
CA GLU G 85 88.79 -43.96 -54.16
C GLU G 85 89.46 -42.59 -54.01
N LEU G 86 88.61 -41.54 -54.03
CA LEU G 86 89.04 -40.14 -54.01
C LEU G 86 89.93 -39.87 -52.80
N GLN G 87 91.05 -39.20 -53.05
CA GLN G 87 91.89 -38.70 -51.96
C GLN G 87 91.47 -37.25 -51.81
N LEU G 88 90.98 -36.89 -50.62
CA LEU G 88 90.48 -35.53 -50.41
C LEU G 88 91.62 -34.51 -50.42
N PRO G 89 91.34 -33.32 -50.97
CA PRO G 89 92.38 -32.27 -51.08
C PRO G 89 92.72 -31.58 -49.76
N PRO G 90 93.94 -31.02 -49.64
CA PRO G 90 94.23 -30.18 -48.47
C PRO G 90 93.24 -28.96 -48.40
N LYS G 91 92.99 -28.47 -47.19
CA LYS G 91 91.99 -27.43 -46.99
C LYS G 91 92.44 -26.07 -47.57
N ALA G 92 93.68 -25.71 -47.22
CA ALA G 92 94.27 -24.43 -47.61
C ALA G 92 94.17 -24.26 -49.13
N ALA G 93 94.62 -25.29 -49.88
CA ALA G 93 94.50 -25.27 -51.35
C ALA G 93 93.02 -25.26 -51.83
N ALA G 94 92.21 -26.16 -51.26
CA ALA G 94 90.77 -26.24 -51.58
C ALA G 94 90.08 -24.88 -51.42
N LEU G 95 90.41 -24.20 -50.31
CA LEU G 95 89.82 -22.87 -50.01
C LEU G 95 90.35 -21.78 -50.94
N ALA G 96 91.69 -21.70 -51.05
CA ALA G 96 92.34 -20.79 -52.03
C ALA G 96 91.56 -20.81 -53.34
N HIS G 97 91.21 -22.02 -53.80
CA HIS G 97 90.47 -22.18 -55.06
C HIS G 97 89.03 -21.66 -54.93
N LEU G 98 88.37 -22.13 -53.87
CA LEU G 98 86.95 -21.90 -53.72
C LEU G 98 86.65 -20.44 -53.48
N ASP G 99 87.56 -19.75 -52.79
CA ASP G 99 87.34 -18.35 -52.38
C ASP G 99 88.25 -17.32 -53.08
N ARG G 100 89.55 -17.41 -52.78
CA ARG G 100 90.57 -16.54 -53.39
C ARG G 100 90.64 -16.68 -54.93
N GLY G 101 90.08 -17.78 -55.48
CA GLY G 101 90.05 -17.98 -56.94
C GLY G 101 91.29 -18.61 -57.56
N SER G 102 92.27 -19.00 -56.72
CA SER G 102 93.50 -19.70 -57.17
C SER G 102 93.14 -21.00 -57.93
N PRO G 103 94.17 -21.64 -58.54
CA PRO G 103 93.88 -22.90 -59.24
C PRO G 103 93.52 -24.05 -58.28
N PRO G 104 92.78 -25.07 -58.80
CA PRO G 104 92.44 -26.26 -58.00
C PRO G 104 93.72 -26.98 -57.58
N PRO G 105 93.71 -27.64 -56.40
CA PRO G 105 94.80 -28.59 -56.10
C PRO G 105 94.64 -29.87 -56.96
N ALA G 106 95.78 -30.57 -57.12
CA ALA G 106 95.86 -31.83 -57.88
C ALA G 106 94.71 -32.76 -57.41
N ARG G 107 93.85 -33.16 -58.35
CA ARG G 107 92.83 -34.16 -58.05
C ARG G 107 93.56 -35.52 -58.03
N GLU G 108 93.48 -36.18 -56.88
CA GLU G 108 94.21 -37.42 -56.64
C GLU G 108 93.25 -38.53 -56.21
N ALA G 109 93.85 -39.72 -56.07
CA ALA G 109 93.14 -40.91 -55.68
C ALA G 109 94.03 -41.66 -54.71
N LEU G 110 93.36 -42.42 -53.85
CA LEU G 110 94.04 -43.26 -52.90
C LEU G 110 93.71 -44.70 -53.22
N ALA G 111 94.78 -45.50 -53.23
CA ALA G 111 94.66 -46.92 -53.48
C ALA G 111 95.19 -47.69 -52.28
N ILE G 112 94.44 -48.71 -51.87
CA ILE G 112 94.93 -49.67 -50.91
C ILE G 112 95.29 -50.94 -51.66
N VAL G 113 96.55 -51.33 -51.48
CA VAL G 113 97.12 -52.51 -52.15
C VAL G 113 97.56 -53.57 -51.12
N PHE G 114 97.09 -54.79 -51.33
CA PHE G 114 97.63 -55.90 -50.56
C PHE G 114 98.88 -56.47 -51.30
N PHE G 115 100.01 -56.48 -50.62
CA PHE G 115 101.27 -57.02 -51.16
C PHE G 115 101.61 -58.32 -50.44
N GLY G 116 100.96 -59.40 -50.94
CA GLY G 116 101.14 -60.77 -50.41
C GLY G 116 102.37 -61.51 -51.00
N ARG G 117 102.51 -61.48 -52.34
CA ARG G 117 103.63 -62.18 -53.02
C ARG G 117 104.95 -61.47 -52.62
N GLN G 118 105.38 -61.72 -51.38
CA GLN G 118 106.47 -60.96 -50.78
C GLN G 118 106.97 -61.68 -49.56
N PRO G 119 108.31 -61.69 -49.36
CA PRO G 119 108.87 -62.24 -48.11
C PRO G 119 108.26 -61.60 -46.85
N GLN G 120 108.24 -60.24 -46.78
CA GLN G 120 107.56 -59.51 -45.68
C GLN G 120 106.33 -58.79 -46.26
N PRO G 121 105.16 -59.49 -46.31
CA PRO G 121 103.99 -58.87 -46.92
C PRO G 121 103.43 -57.73 -46.09
N ASN G 122 102.94 -56.70 -46.79
CA ASN G 122 102.33 -55.55 -46.13
C ASN G 122 101.06 -55.10 -46.86
N VAL G 123 100.26 -54.27 -46.20
CA VAL G 123 99.25 -53.46 -46.91
C VAL G 123 99.91 -52.08 -47.09
N SER G 124 99.73 -51.51 -48.27
CA SER G 124 100.30 -50.21 -48.57
C SER G 124 99.19 -49.23 -49.04
N GLU G 125 99.39 -47.96 -48.66
CA GLU G 125 98.52 -46.85 -49.04
C GLU G 125 99.28 -46.02 -50.09
N LEU G 126 98.68 -45.91 -51.27
CA LEU G 126 99.31 -45.28 -52.43
C LEU G 126 98.47 -44.13 -52.98
N VAL G 127 99.08 -42.94 -53.01
CA VAL G 127 98.42 -41.81 -53.65
C VAL G 127 98.78 -41.78 -55.14
N VAL G 128 97.74 -41.81 -55.99
CA VAL G 128 97.94 -41.76 -57.43
C VAL G 128 97.27 -40.53 -58.01
N GLY G 129 98.03 -39.77 -58.82
CA GLY G 129 97.52 -38.61 -59.54
C GLY G 129 98.49 -38.09 -60.59
N PRO G 130 98.17 -36.92 -61.21
CA PRO G 130 96.90 -36.19 -61.04
C PRO G 130 95.89 -36.62 -62.08
N LEU G 131 94.63 -36.81 -61.66
CA LEU G 131 93.51 -37.07 -62.60
C LEU G 131 93.23 -35.81 -63.43
N PRO G 132 92.63 -35.98 -64.62
CA PRO G 132 92.06 -37.23 -65.22
C PRO G 132 93.09 -38.22 -65.82
N HIS G 133 94.35 -37.79 -65.99
CA HIS G 133 95.38 -38.68 -66.56
C HIS G 133 96.64 -38.73 -65.66
N PRO G 134 96.64 -39.68 -64.71
CA PRO G 134 97.68 -39.72 -63.66
C PRO G 134 99.06 -39.97 -64.20
N SER G 135 100.06 -39.40 -63.54
CA SER G 135 101.46 -39.55 -63.96
C SER G 135 102.37 -40.09 -62.83
N TYR G 136 102.02 -39.82 -61.57
CA TYR G 136 102.81 -40.26 -60.40
C TYR G 136 102.03 -41.21 -59.47
N MET G 137 102.76 -41.68 -58.46
CA MET G 137 102.20 -42.60 -57.48
C MET G 137 103.15 -42.59 -56.27
N ARG G 138 102.65 -42.21 -55.10
CA ARG G 138 103.50 -42.07 -53.91
C ARG G 138 102.98 -42.98 -52.78
N ASP G 139 103.90 -43.75 -52.17
CA ASP G 139 103.57 -44.58 -50.99
C ASP G 139 103.58 -43.63 -49.78
N VAL G 140 102.38 -43.46 -49.20
CA VAL G 140 102.19 -42.55 -48.08
C VAL G 140 102.13 -43.29 -46.75
N THR G 141 102.10 -44.63 -46.83
CA THR G 141 101.94 -45.46 -45.64
C THR G 141 102.84 -44.97 -44.51
N VAL G 142 104.15 -44.93 -44.76
CA VAL G 142 105.10 -44.64 -43.66
C VAL G 142 104.99 -43.16 -43.22
N GLU G 143 104.71 -42.26 -44.18
CA GLU G 143 104.40 -40.85 -43.88
C GLU G 143 103.27 -40.84 -42.87
N ARG G 144 102.15 -41.45 -43.26
CA ARG G 144 100.94 -41.39 -42.44
C ARG G 144 100.99 -42.21 -41.15
N HIS G 145 101.32 -43.48 -41.22
CA HIS G 145 101.27 -44.33 -40.04
C HIS G 145 102.64 -44.60 -39.38
N GLY G 146 103.68 -43.88 -39.81
CA GLY G 146 105.01 -43.96 -39.16
C GLY G 146 105.65 -45.34 -39.21
N GLY G 147 105.30 -46.12 -40.26
CA GLY G 147 105.77 -47.49 -40.39
C GLY G 147 104.80 -48.32 -41.25
N PRO G 148 105.25 -49.55 -41.63
CA PRO G 148 104.48 -50.41 -42.52
C PRO G 148 103.19 -50.83 -41.84
N LEU G 149 102.18 -51.14 -42.67
CA LEU G 149 100.94 -51.74 -42.17
C LEU G 149 101.07 -53.28 -42.14
N PRO G 150 101.05 -53.87 -40.92
CA PRO G 150 101.02 -55.33 -40.79
C PRO G 150 99.92 -55.99 -41.63
N TYR G 151 100.32 -57.10 -42.24
CA TYR G 151 99.50 -57.75 -43.23
C TYR G 151 98.22 -58.29 -42.60
N HIS G 152 98.31 -58.67 -41.32
CA HIS G 152 97.18 -59.24 -40.59
C HIS G 152 96.03 -58.23 -40.40
N ARG G 153 96.35 -56.94 -40.43
CA ARG G 153 95.33 -55.90 -40.35
C ARG G 153 94.36 -55.87 -41.53
N ARG G 154 94.76 -56.51 -42.62
CA ARG G 154 93.99 -56.41 -43.86
C ARG G 154 92.55 -56.93 -43.64
N PRO G 155 91.55 -56.23 -44.22
CA PRO G 155 90.20 -56.76 -44.20
C PRO G 155 90.13 -58.11 -44.87
N VAL G 156 89.24 -58.95 -44.37
CA VAL G 156 89.02 -60.26 -44.98
C VAL G 156 88.35 -60.05 -46.30
N LEU G 157 89.01 -60.54 -47.35
CA LEU G 157 88.51 -60.45 -48.74
C LEU G 157 87.27 -61.28 -48.96
N PHE G 158 86.57 -60.95 -50.02
CA PHE G 158 85.43 -61.75 -50.42
C PHE G 158 85.83 -63.22 -50.71
N GLN G 159 86.91 -63.37 -51.49
CA GLN G 159 87.50 -64.67 -51.79
C GLN G 159 87.93 -65.42 -50.52
N GLU G 160 88.55 -64.69 -49.59
CA GLU G 160 88.88 -65.27 -48.31
C GLU G 160 87.61 -65.84 -47.64
N TYR G 161 86.48 -65.14 -47.70
CA TYR G 161 85.27 -65.69 -47.10
C TYR G 161 84.84 -66.98 -47.80
N LEU G 162 84.95 -66.98 -49.13
CA LEU G 162 84.61 -68.19 -49.91
C LEU G 162 85.53 -69.38 -49.57
N ASP G 163 86.84 -69.13 -49.55
CA ASP G 163 87.77 -70.18 -49.15
C ASP G 163 87.37 -70.79 -47.78
N ILE G 164 87.16 -69.90 -46.78
CA ILE G 164 86.74 -70.29 -45.44
C ILE G 164 85.46 -71.17 -45.52
N ASP G 165 84.53 -70.86 -46.40
CA ASP G 165 83.36 -71.73 -46.52
C ASP G 165 83.71 -73.10 -47.15
N GLN G 166 84.64 -73.09 -48.12
CA GLN G 166 85.13 -74.34 -48.73
C GLN G 166 85.61 -75.26 -47.62
N MET G 167 86.51 -74.76 -46.76
CA MET G 167 86.97 -75.50 -45.56
C MET G 167 85.78 -76.03 -44.73
N ILE G 168 84.91 -75.12 -44.33
CA ILE G 168 83.85 -75.49 -43.43
C ILE G 168 83.00 -76.56 -44.03
N PHE G 169 82.61 -76.38 -45.28
CA PHE G 169 81.56 -77.21 -45.88
C PHE G 169 82.05 -78.48 -46.55
N ASN G 170 83.26 -78.42 -47.10
CA ASN G 170 83.94 -79.59 -47.62
C ASN G 170 84.70 -80.28 -46.49
N ARG G 171 85.77 -79.65 -46.00
CA ARG G 171 86.73 -80.29 -45.08
C ARG G 171 86.11 -80.64 -43.68
N GLU G 172 85.21 -79.81 -43.15
CA GLU G 172 84.90 -79.84 -41.72
C GLU G 172 83.54 -80.41 -41.36
N LEU G 173 82.46 -79.77 -41.79
CA LEU G 173 81.11 -80.18 -41.35
C LEU G 173 80.75 -81.65 -41.60
N PRO G 174 81.30 -82.23 -42.68
CA PRO G 174 81.00 -83.64 -42.92
C PRO G 174 81.40 -84.54 -41.76
N GLN G 175 82.50 -84.20 -41.08
CA GLN G 175 82.96 -84.93 -39.92
C GLN G 175 81.91 -85.02 -38.85
N ALA G 176 80.89 -84.15 -38.91
CA ALA G 176 79.80 -84.17 -37.93
C ALA G 176 78.44 -84.38 -38.59
N SER G 177 78.43 -84.92 -39.78
CA SER G 177 77.18 -85.13 -40.47
C SER G 177 76.17 -86.01 -39.73
N GLY G 178 76.63 -86.86 -38.80
CA GLY G 178 75.72 -87.70 -38.01
C GLY G 178 74.77 -86.79 -37.24
N LEU G 179 75.39 -85.93 -36.43
CA LEU G 179 74.69 -84.88 -35.68
C LEU G 179 73.84 -84.01 -36.60
N LEU G 180 74.49 -83.46 -37.63
CA LEU G 180 73.86 -82.50 -38.52
C LEU G 180 72.60 -83.09 -39.16
N HIS G 181 72.64 -84.35 -39.56
CA HIS G 181 71.44 -84.99 -40.11
C HIS G 181 70.31 -85.01 -39.10
N HIS G 182 70.65 -85.18 -37.82
CA HIS G 182 69.63 -85.31 -36.80
C HIS G 182 68.89 -84.00 -36.48
N CYS G 183 69.64 -82.89 -36.53
CA CYS G 183 69.17 -81.62 -35.99
C CYS G 183 68.77 -80.61 -37.06
N CYS G 184 69.34 -80.75 -38.25
CA CYS G 184 69.54 -79.61 -39.15
C CYS G 184 69.30 -79.88 -40.63
N PHE G 185 68.70 -81.03 -40.94
CA PHE G 185 68.35 -81.36 -42.32
C PHE G 185 69.57 -81.24 -43.27
N TYR G 186 70.74 -81.62 -42.77
CA TYR G 186 71.96 -81.67 -43.58
C TYR G 186 71.73 -82.69 -44.71
N LYS G 187 72.40 -82.50 -45.85
CA LYS G 187 72.26 -83.43 -46.99
C LYS G 187 73.31 -83.21 -48.08
N ARG G 191 75.16 -76.65 -47.54
CA ARG G 191 74.26 -76.67 -48.71
C ARG G 191 72.94 -75.94 -48.40
N ASN G 192 72.26 -76.31 -47.31
CA ASN G 192 71.12 -75.54 -46.76
C ASN G 192 71.52 -74.70 -45.53
N LEU G 193 72.83 -74.54 -45.32
CA LEU G 193 73.33 -73.74 -44.22
C LEU G 193 74.27 -72.67 -44.72
N VAL G 194 74.34 -71.58 -43.96
CA VAL G 194 75.16 -70.40 -44.29
C VAL G 194 75.87 -69.90 -43.05
N THR G 195 77.00 -69.25 -43.25
CA THR G 195 77.83 -68.79 -42.17
C THR G 195 77.73 -67.29 -42.15
N MET G 196 77.93 -66.69 -40.97
CA MET G 196 78.07 -65.24 -40.82
C MET G 196 79.27 -64.87 -40.01
N THR G 197 80.10 -64.00 -40.55
CA THR G 197 81.29 -63.57 -39.82
C THR G 197 80.96 -62.80 -38.54
N THR G 198 82.00 -62.64 -37.72
CA THR G 198 82.02 -61.71 -36.59
C THR G 198 83.36 -60.97 -36.67
N ALA G 199 83.62 -60.14 -35.65
CA ALA G 199 84.90 -59.44 -35.54
C ALA G 199 84.95 -58.84 -34.17
N PRO G 200 86.12 -58.47 -33.68
CA PRO G 200 87.43 -58.63 -34.30
C PRO G 200 87.83 -60.11 -34.31
N ARG G 201 89.02 -60.39 -34.83
CA ARG G 201 89.35 -61.73 -35.19
C ARG G 201 90.48 -62.23 -34.31
N GLY G 202 90.11 -62.51 -33.05
CA GLY G 202 91.07 -63.03 -32.07
C GLY G 202 91.02 -62.34 -30.71
N LEU G 203 92.18 -62.29 -30.05
CA LEU G 203 92.27 -61.74 -28.70
C LEU G 203 93.45 -60.80 -28.54
N GLN G 204 94.16 -60.52 -29.63
CA GLN G 204 95.53 -60.04 -29.50
C GLN G 204 96.03 -59.58 -30.83
N SER G 205 96.88 -58.55 -30.81
CA SER G 205 97.38 -58.00 -32.06
C SER G 205 98.12 -59.08 -32.80
N GLY G 206 97.79 -59.22 -34.08
CA GLY G 206 98.32 -60.31 -34.87
C GLY G 206 97.29 -61.38 -35.19
N ASP G 207 96.40 -61.65 -34.25
CA ASP G 207 95.47 -62.77 -34.45
C ASP G 207 94.60 -62.60 -35.71
N ARG G 208 94.14 -63.74 -36.25
CA ARG G 208 93.13 -63.76 -37.32
C ARG G 208 92.30 -65.03 -37.21
N ALA G 209 91.77 -65.25 -36.01
CA ALA G 209 90.79 -66.33 -35.79
C ALA G 209 89.39 -65.72 -35.66
N THR G 210 88.42 -66.23 -36.40
CA THR G 210 87.10 -65.62 -36.46
C THR G 210 86.02 -66.62 -36.12
N TRP G 211 85.15 -66.25 -35.20
CA TRP G 211 84.00 -67.08 -34.91
C TRP G 211 82.99 -66.94 -36.02
N PHE G 212 82.47 -68.06 -36.50
CA PHE G 212 81.37 -68.05 -37.48
C PHE G 212 80.20 -68.82 -36.96
N GLY G 213 79.04 -68.18 -36.95
CA GLY G 213 77.82 -68.86 -36.58
C GLY G 213 77.25 -69.52 -37.81
N LEU G 214 76.32 -70.45 -37.60
CA LEU G 214 75.73 -71.22 -38.68
C LEU G 214 74.23 -71.13 -38.62
N TYR G 215 73.65 -70.78 -39.76
CA TYR G 215 72.24 -70.52 -39.85
C TYR G 215 71.63 -71.23 -41.05
N TYR G 216 70.33 -71.54 -40.92
CA TYR G 216 69.57 -72.03 -42.06
C TYR G 216 69.55 -70.97 -43.13
N ASN G 217 69.88 -71.36 -44.37
CA ASN G 217 69.79 -70.47 -45.55
C ASN G 217 68.30 -70.25 -45.93
N ILE G 218 67.61 -69.48 -45.09
CA ILE G 218 66.23 -69.10 -45.39
C ILE G 218 66.18 -68.33 -46.72
N SER G 219 65.07 -68.54 -47.42
CA SER G 219 64.83 -67.97 -48.75
C SER G 219 63.87 -66.77 -48.67
N GLY G 220 64.37 -65.63 -49.17
CA GLY G 220 63.57 -64.41 -49.27
C GLY G 220 63.30 -63.71 -47.94
N ALA G 221 64.03 -64.09 -46.91
CA ALA G 221 63.84 -63.55 -45.57
C ALA G 221 65.15 -63.70 -44.81
N GLY G 222 65.24 -63.02 -43.67
CA GLY G 222 66.49 -62.97 -42.92
C GLY G 222 66.86 -64.30 -42.28
N PHE G 223 68.10 -64.69 -42.52
CA PHE G 223 68.59 -65.93 -41.94
C PHE G 223 69.05 -65.70 -40.53
N PHE G 224 69.39 -64.44 -40.25
CA PHE G 224 69.91 -64.01 -38.94
C PHE G 224 69.09 -64.51 -37.75
N LEU G 225 67.79 -64.74 -37.95
CA LEU G 225 66.91 -65.22 -36.90
C LEU G 225 66.86 -66.76 -36.79
N HIS G 226 67.82 -67.43 -37.41
CA HIS G 226 67.79 -68.90 -37.55
C HIS G 226 69.17 -69.53 -37.40
N HIS G 227 69.79 -69.17 -36.29
CA HIS G 227 71.03 -69.76 -35.79
C HIS G 227 70.70 -71.22 -35.44
N VAL G 228 71.49 -72.15 -35.96
CA VAL G 228 71.25 -73.58 -35.69
C VAL G 228 71.90 -74.03 -34.38
N GLY G 229 72.71 -73.18 -33.76
CA GLY G 229 73.29 -73.47 -32.46
C GLY G 229 74.75 -73.85 -32.53
N LEU G 230 75.38 -73.61 -33.67
CA LEU G 230 76.75 -74.06 -33.85
C LEU G 230 77.61 -72.90 -34.29
N GLU G 231 78.76 -72.72 -33.64
CA GLU G 231 79.71 -71.70 -34.06
C GLU G 231 81.08 -72.37 -34.15
N LEU G 232 81.92 -71.88 -35.06
CA LEU G 232 83.23 -72.48 -35.29
C LEU G 232 84.36 -71.47 -35.30
N LEU G 233 85.34 -71.67 -34.45
CA LEU G 233 86.41 -70.71 -34.38
C LEU G 233 87.43 -71.06 -35.45
N VAL G 234 87.35 -70.37 -36.61
CA VAL G 234 88.29 -70.60 -37.71
C VAL G 234 89.53 -69.74 -37.62
N ASN G 235 90.70 -70.39 -37.61
CA ASN G 235 91.98 -69.67 -37.68
C ASN G 235 92.45 -69.60 -39.13
N HIS G 236 92.30 -68.41 -39.71
CA HIS G 236 92.70 -68.18 -41.11
C HIS G 236 93.85 -67.19 -41.27
N LYS G 237 94.75 -67.19 -40.30
CA LYS G 237 95.92 -66.31 -40.36
C LYS G 237 96.91 -66.74 -41.45
N ALA G 238 97.14 -68.04 -41.57
CA ALA G 238 98.13 -68.57 -42.52
C ALA G 238 97.86 -68.04 -43.94
N LEU G 239 98.97 -67.67 -44.62
CA LEU G 239 98.92 -67.26 -46.02
C LEU G 239 98.44 -68.41 -46.94
N ASP G 240 98.60 -69.65 -46.49
CA ASP G 240 98.16 -70.81 -47.26
C ASP G 240 96.90 -71.40 -46.67
N PRO G 241 95.76 -71.19 -47.32
CA PRO G 241 94.50 -71.74 -46.83
C PRO G 241 94.55 -73.22 -46.41
N ALA G 242 95.42 -73.99 -47.05
CA ALA G 242 95.63 -75.38 -46.63
C ALA G 242 95.89 -75.46 -45.13
N ARG G 243 96.80 -74.60 -44.64
CA ARG G 243 97.17 -74.62 -43.22
C ARG G 243 96.08 -74.09 -42.26
N TRP G 244 95.01 -73.51 -42.78
CA TRP G 244 93.92 -73.01 -41.91
C TRP G 244 93.28 -74.15 -41.14
N THR G 245 92.99 -73.89 -39.86
CA THR G 245 92.47 -74.90 -38.94
C THR G 245 91.23 -74.37 -38.19
N ILE G 246 90.59 -75.26 -37.42
CA ILE G 246 89.48 -74.87 -36.56
C ILE G 246 89.82 -75.06 -35.09
N GLN G 247 90.06 -73.95 -34.38
CA GLN G 247 90.53 -74.00 -32.99
C GLN G 247 89.49 -74.48 -31.97
N LYS G 248 88.22 -74.18 -32.21
CA LYS G 248 87.19 -74.55 -31.25
C LYS G 248 85.84 -74.64 -31.89
N VAL G 249 84.94 -75.34 -31.21
CA VAL G 249 83.59 -75.55 -31.68
C VAL G 249 82.63 -75.34 -30.53
N PHE G 250 81.57 -74.59 -30.81
CA PHE G 250 80.55 -74.37 -29.82
C PHE G 250 79.28 -74.91 -30.40
N TYR G 251 78.59 -75.73 -29.63
CA TYR G 251 77.33 -76.26 -30.05
C TYR G 251 76.35 -76.27 -28.91
N GLN G 252 75.21 -75.66 -29.13
CA GLN G 252 74.08 -75.66 -28.21
C GLN G 252 74.46 -75.60 -26.74
N GLY G 253 75.33 -74.67 -26.40
CA GLY G 253 75.63 -74.42 -25.02
C GLY G 253 76.93 -74.99 -24.52
N ARG G 254 77.60 -75.83 -25.30
CA ARG G 254 78.87 -76.41 -24.86
C ARG G 254 79.97 -76.22 -25.84
N TYR G 255 81.16 -76.04 -25.31
CA TYR G 255 82.33 -76.01 -26.12
C TYR G 255 82.69 -77.49 -26.44
N TYR G 256 83.24 -77.74 -27.62
CA TYR G 256 83.87 -79.03 -27.91
C TYR G 256 85.14 -78.67 -28.59
N ASP G 257 86.00 -79.63 -28.88
CA ASP G 257 87.33 -79.26 -29.42
C ASP G 257 87.38 -79.30 -30.95
N SER G 258 86.45 -80.05 -31.52
CA SER G 258 86.45 -80.36 -32.95
C SER G 258 85.15 -81.08 -33.26
N LEU G 259 84.76 -81.04 -34.53
CA LEU G 259 83.47 -81.57 -34.94
C LEU G 259 83.42 -83.10 -34.77
N ALA G 260 84.59 -83.74 -34.93
CA ALA G 260 84.74 -85.18 -34.71
C ALA G 260 84.25 -85.49 -33.29
N GLN G 261 84.86 -84.76 -32.36
CA GLN G 261 84.55 -84.86 -30.92
C GLN G 261 83.04 -84.78 -30.70
N LEU G 262 82.51 -83.62 -31.07
CA LEU G 262 81.10 -83.35 -31.03
C LEU G 262 80.24 -84.53 -31.53
N GLU G 263 80.71 -85.12 -32.64
CA GLU G 263 79.96 -86.13 -33.40
C GLU G 263 79.96 -87.49 -32.70
N ALA G 264 81.09 -87.81 -32.05
CA ALA G 264 81.22 -89.03 -31.28
C ALA G 264 80.33 -88.94 -30.05
N GLN G 265 80.42 -87.84 -29.29
CA GLN G 265 79.56 -87.71 -28.11
C GLN G 265 78.14 -87.85 -28.55
N PHE G 266 77.85 -87.26 -29.70
CA PHE G 266 76.51 -87.37 -30.18
C PHE G 266 76.06 -88.80 -30.37
N GLU G 267 76.78 -89.55 -31.21
CA GLU G 267 76.40 -90.93 -31.56
C GLU G 267 76.38 -91.82 -30.33
N ALA G 268 77.30 -91.51 -29.41
CA ALA G 268 77.37 -92.13 -28.10
C ALA G 268 76.20 -91.78 -27.17
N GLY G 269 75.17 -91.13 -27.66
CA GLY G 269 73.98 -90.98 -26.86
C GLY G 269 74.11 -89.94 -25.76
N LEU G 270 75.12 -89.07 -25.82
CA LEU G 270 75.24 -87.97 -24.85
C LEU G 270 75.60 -86.63 -25.51
N VAL G 271 74.67 -86.15 -26.33
CA VAL G 271 74.51 -84.75 -26.60
C VAL G 271 73.03 -84.61 -26.84
N ASN G 272 72.25 -84.26 -25.81
CA ASN G 272 70.84 -83.93 -26.01
C ASN G 272 70.75 -82.79 -27.06
N VAL G 273 70.20 -83.11 -28.25
CA VAL G 273 70.07 -82.15 -29.34
C VAL G 273 68.64 -81.61 -29.43
N VAL G 274 68.52 -80.28 -29.39
CA VAL G 274 67.24 -79.60 -29.53
C VAL G 274 66.96 -79.30 -31.00
N LEU G 275 65.72 -79.56 -31.45
CA LEU G 275 65.45 -79.54 -32.90
C LEU G 275 65.01 -78.17 -33.45
N ILE G 276 65.95 -77.47 -34.09
CA ILE G 276 65.64 -76.11 -34.54
C ILE G 276 64.95 -76.24 -35.92
N PRO G 277 63.64 -75.86 -35.99
CA PRO G 277 62.91 -76.03 -37.24
C PRO G 277 63.49 -75.29 -38.45
N ASP G 278 63.08 -75.79 -39.60
CA ASP G 278 63.64 -75.48 -40.92
C ASP G 278 62.86 -74.37 -41.63
N ASN G 279 61.69 -74.08 -41.07
CA ASN G 279 60.62 -73.53 -41.85
C ASN G 279 59.49 -73.14 -40.93
N GLY G 280 58.69 -72.18 -41.35
CA GLY G 280 57.49 -71.75 -40.61
C GLY G 280 56.79 -70.56 -41.26
N THR G 281 56.08 -69.79 -40.43
CA THR G 281 55.37 -68.60 -40.93
C THR G 281 55.33 -67.51 -39.89
N GLY G 282 55.12 -66.28 -40.35
CA GLY G 282 55.11 -65.10 -39.47
C GLY G 282 56.39 -64.33 -39.72
N GLY G 283 56.64 -63.36 -38.82
CA GLY G 283 57.76 -62.43 -38.99
C GLY G 283 59.10 -63.12 -38.80
N SER G 284 59.09 -64.18 -37.99
CA SER G 284 60.29 -65.01 -37.80
C SER G 284 60.78 -65.55 -39.13
N TRP G 285 59.83 -65.80 -40.03
CA TRP G 285 60.14 -66.46 -41.30
C TRP G 285 60.06 -65.56 -42.53
N SER G 286 59.28 -64.48 -42.46
CA SER G 286 58.99 -63.73 -43.68
C SER G 286 59.07 -62.21 -43.48
N LEU G 287 59.14 -61.50 -44.60
CA LEU G 287 58.87 -60.05 -44.69
C LEU G 287 57.57 -59.71 -45.46
N LYS G 288 57.07 -60.67 -46.24
CA LYS G 288 55.85 -60.47 -47.03
C LYS G 288 54.64 -60.51 -46.06
N SER G 289 53.83 -59.46 -46.13
CA SER G 289 52.65 -59.33 -45.30
C SER G 289 51.59 -60.27 -45.82
N PRO G 290 50.76 -60.81 -44.92
CA PRO G 290 49.56 -61.54 -45.31
C PRO G 290 48.34 -60.66 -45.55
N VAL G 291 48.53 -59.35 -45.54
CA VAL G 291 47.38 -58.45 -45.72
C VAL G 291 47.54 -57.65 -47.04
N PRO G 292 46.48 -57.71 -47.89
CA PRO G 292 46.56 -57.03 -49.19
C PRO G 292 46.47 -55.52 -49.06
N PRO G 293 47.07 -54.79 -50.02
CA PRO G 293 47.05 -53.31 -50.05
C PRO G 293 45.65 -52.73 -49.83
N GLY G 294 45.57 -51.75 -48.93
CA GLY G 294 44.37 -50.94 -48.76
C GLY G 294 44.58 -49.62 -49.54
N PRO G 295 43.73 -48.61 -49.26
CA PRO G 295 43.93 -47.32 -49.94
C PRO G 295 45.34 -46.74 -49.78
N ALA G 296 45.84 -46.14 -50.86
CA ALA G 296 47.19 -45.58 -50.89
C ALA G 296 47.48 -44.66 -49.70
N PRO G 297 48.70 -44.73 -49.16
CA PRO G 297 49.08 -43.75 -48.16
C PRO G 297 49.33 -42.38 -48.79
N PRO G 298 49.47 -41.33 -47.96
CA PRO G 298 49.73 -39.99 -48.44
C PRO G 298 50.93 -39.89 -49.36
N LEU G 299 50.84 -39.00 -50.35
CA LEU G 299 51.90 -38.79 -51.33
C LEU G 299 52.19 -37.29 -51.41
N GLN G 300 53.48 -36.99 -51.53
CA GLN G 300 53.95 -35.60 -51.57
C GLN G 300 54.45 -35.24 -52.99
N PHE G 301 54.16 -34.01 -53.43
CA PHE G 301 54.56 -33.56 -54.78
C PHE G 301 54.90 -32.08 -54.79
N TYR G 302 55.57 -31.63 -55.85
CA TYR G 302 55.99 -30.23 -55.98
C TYR G 302 55.16 -29.55 -57.07
N PRO G 303 53.97 -28.97 -56.70
CA PRO G 303 52.96 -28.46 -57.65
C PRO G 303 53.44 -27.42 -58.66
N GLN G 304 54.63 -26.83 -58.47
CA GLN G 304 55.16 -25.85 -59.45
C GLN G 304 56.63 -26.14 -59.78
N GLY G 305 56.93 -27.45 -59.84
CA GLY G 305 58.28 -27.90 -60.14
C GLY G 305 59.06 -28.01 -58.85
N PRO G 306 60.19 -28.75 -58.92
CA PRO G 306 61.04 -28.92 -57.74
C PRO G 306 61.75 -27.60 -57.49
N ARG G 307 62.27 -27.40 -56.29
CA ARG G 307 62.88 -26.10 -55.95
C ARG G 307 64.35 -26.26 -55.63
N PHE G 308 64.91 -27.35 -56.13
CA PHE G 308 66.34 -27.60 -56.02
C PHE G 308 66.80 -28.41 -57.24
N SER G 309 68.11 -28.41 -57.42
CA SER G 309 68.74 -29.08 -58.51
C SER G 309 69.88 -29.94 -57.98
N VAL G 310 70.15 -31.04 -58.69
CA VAL G 310 71.39 -31.77 -58.46
C VAL G 310 72.20 -31.80 -59.73
N GLN G 311 73.37 -31.19 -59.73
CA GLN G 311 74.30 -31.28 -60.86
C GLN G 311 75.56 -32.01 -60.38
N GLY G 312 75.62 -33.30 -60.69
CA GLY G 312 76.78 -34.12 -60.32
C GLY G 312 76.76 -34.38 -58.82
N SER G 313 77.83 -33.92 -58.14
CA SER G 313 77.95 -34.07 -56.70
C SER G 313 77.34 -32.83 -55.98
N ARG G 314 76.83 -31.87 -56.74
CA ARG G 314 76.54 -30.54 -56.20
C ARG G 314 75.02 -30.35 -56.10
N VAL G 315 74.55 -29.96 -54.92
CA VAL G 315 73.14 -29.58 -54.76
C VAL G 315 73.09 -28.07 -54.59
N ALA G 316 72.00 -27.52 -55.10
CA ALA G 316 71.74 -26.10 -55.00
C ALA G 316 70.25 -25.92 -54.79
N SER G 317 69.93 -24.97 -53.93
CA SER G 317 68.56 -24.52 -53.76
C SER G 317 68.58 -23.02 -53.45
N SER G 318 67.37 -22.49 -53.28
CA SER G 318 67.18 -21.14 -52.80
C SER G 318 68.16 -20.72 -51.67
N LEU G 319 68.26 -21.57 -50.64
CA LEU G 319 69.00 -21.28 -49.40
C LEU G 319 70.32 -22.03 -49.28
N TRP G 320 70.32 -23.26 -49.78
CA TRP G 320 71.44 -24.17 -49.53
C TRP G 320 72.31 -24.56 -50.75
N THR G 321 73.56 -24.81 -50.44
CA THR G 321 74.58 -25.15 -51.44
C THR G 321 75.63 -26.06 -50.80
N PHE G 322 75.78 -27.25 -51.36
CA PHE G 322 76.79 -28.16 -50.84
C PHE G 322 77.09 -29.27 -51.85
N SER G 323 78.30 -29.84 -51.72
CA SER G 323 78.75 -31.04 -52.44
C SER G 323 78.59 -32.27 -51.51
N PHE G 324 78.09 -33.37 -52.07
CA PHE G 324 77.91 -34.61 -51.31
C PHE G 324 78.75 -35.79 -51.95
N GLY G 325 78.77 -36.92 -51.22
CA GLY G 325 79.54 -38.09 -51.62
C GLY G 325 79.64 -39.17 -50.54
N LEU G 326 80.40 -40.22 -50.83
CA LEU G 326 80.55 -41.38 -49.94
C LEU G 326 81.99 -41.79 -49.92
N GLY G 327 82.59 -41.80 -48.74
CA GLY G 327 83.81 -42.60 -48.53
C GLY G 327 83.45 -44.10 -48.60
N ALA G 328 84.33 -44.87 -49.24
CA ALA G 328 84.13 -46.31 -49.34
C ALA G 328 83.90 -46.89 -47.95
N PHE G 329 84.77 -46.50 -47.04
CA PHE G 329 84.80 -47.07 -45.70
C PHE G 329 84.12 -46.16 -44.68
N SER G 330 84.50 -44.89 -44.72
CA SER G 330 83.98 -43.90 -43.77
C SER G 330 82.48 -43.57 -44.00
N GLY G 331 81.97 -43.76 -45.21
CA GLY G 331 80.55 -43.52 -45.45
C GLY G 331 80.22 -42.06 -45.76
N PRO G 332 78.92 -41.65 -45.62
CA PRO G 332 78.40 -40.41 -46.17
C PRO G 332 79.18 -39.18 -45.75
N ARG G 333 79.21 -38.17 -46.61
CA ARG G 333 79.88 -36.91 -46.28
C ARG G 333 79.37 -35.76 -47.14
N ILE G 334 79.50 -34.55 -46.59
CA ILE G 334 79.05 -33.30 -47.25
C ILE G 334 80.20 -32.29 -47.17
N PHE G 335 80.28 -31.40 -48.15
CA PHE G 335 81.31 -30.35 -48.12
C PHE G 335 80.80 -29.02 -48.60
N ASP G 336 81.53 -27.97 -48.22
CA ASP G 336 81.33 -26.59 -48.73
C ASP G 336 79.83 -26.20 -48.70
N VAL G 337 79.26 -26.44 -47.50
CA VAL G 337 77.85 -26.17 -47.21
C VAL G 337 77.75 -24.66 -47.03
N ARG G 338 76.80 -24.09 -47.79
CA ARG G 338 76.59 -22.64 -47.82
C ARG G 338 75.12 -22.23 -47.67
N PHE G 339 74.89 -21.49 -46.60
CA PHE G 339 73.58 -20.93 -46.41
C PHE G 339 73.60 -19.55 -47.02
N GLN G 340 72.62 -19.31 -47.89
CA GLN G 340 72.49 -18.06 -48.61
C GLN G 340 73.87 -17.53 -48.94
N GLY G 341 74.66 -18.36 -49.60
CA GLY G 341 75.95 -17.95 -50.16
C GLY G 341 77.14 -18.04 -49.23
N GLU G 342 76.91 -18.22 -47.93
CA GLU G 342 78.00 -18.14 -46.95
C GLU G 342 78.31 -19.51 -46.36
N ARG G 343 79.61 -19.83 -46.29
CA ARG G 343 80.01 -21.13 -45.79
C ARG G 343 79.80 -21.29 -44.29
N LEU G 344 79.09 -22.35 -43.90
CA LEU G 344 78.93 -22.73 -42.46
C LEU G 344 79.95 -23.81 -42.08
N VAL G 345 79.99 -24.84 -42.93
CA VAL G 345 80.83 -25.99 -42.71
C VAL G 345 81.66 -26.29 -43.94
N TYR G 346 82.95 -26.51 -43.72
CA TYR G 346 83.86 -27.03 -44.75
C TYR G 346 83.60 -28.51 -45.01
N GLU G 347 83.38 -29.29 -43.95
CA GLU G 347 83.15 -30.75 -44.07
C GLU G 347 82.28 -31.34 -42.94
N ILE G 348 81.28 -32.15 -43.30
CA ILE G 348 80.62 -33.00 -42.30
C ILE G 348 80.60 -34.42 -42.78
N SER G 349 81.30 -35.31 -42.10
CA SER G 349 81.44 -36.68 -42.60
C SER G 349 81.30 -37.73 -41.51
N LEU G 350 80.50 -38.77 -41.80
CA LEU G 350 80.47 -39.94 -40.94
C LEU G 350 81.91 -40.43 -40.88
N GLN G 351 82.30 -40.89 -39.70
CA GLN G 351 83.69 -41.29 -39.46
C GLN G 351 83.84 -42.76 -39.11
N GLU G 352 82.87 -43.31 -38.38
CA GLU G 352 82.90 -44.71 -37.99
C GLU G 352 81.55 -45.08 -37.40
N ALA G 353 81.24 -46.37 -37.40
CA ALA G 353 80.10 -46.89 -36.66
C ALA G 353 80.54 -48.16 -35.94
N LEU G 354 79.84 -48.45 -34.84
CA LEU G 354 80.31 -49.41 -33.85
C LEU G 354 79.12 -50.15 -33.28
N ALA G 355 79.24 -51.48 -33.17
CA ALA G 355 78.20 -52.29 -32.50
C ALA G 355 78.85 -53.30 -31.54
N ILE G 356 78.57 -53.11 -30.24
CA ILE G 356 79.18 -53.93 -29.21
C ILE G 356 78.11 -54.83 -28.63
N TYR G 357 78.41 -56.13 -28.62
CA TYR G 357 77.43 -57.15 -28.32
C TYR G 357 77.71 -57.84 -26.99
N GLY G 358 76.67 -58.45 -26.45
CA GLY G 358 76.80 -59.35 -25.34
C GLY G 358 75.99 -60.60 -25.65
N GLY G 359 76.32 -61.73 -25.05
CA GLY G 359 75.59 -62.95 -25.35
C GLY G 359 75.86 -64.20 -24.51
N ASN G 360 75.00 -65.20 -24.78
CA ASN G 360 75.10 -66.57 -24.24
C ASN G 360 76.24 -67.39 -24.88
N SER G 361 76.64 -67.01 -26.10
CA SER G 361 77.54 -67.77 -26.95
C SER G 361 78.80 -66.96 -27.31
N PRO G 362 79.81 -67.60 -27.91
CA PRO G 362 81.08 -66.91 -28.16
C PRO G 362 81.02 -65.83 -29.22
N ALA G 363 80.26 -66.07 -30.28
CA ALA G 363 80.10 -65.08 -31.35
C ALA G 363 79.55 -63.80 -30.71
N ALA G 364 78.31 -63.88 -30.22
CA ALA G 364 77.67 -62.73 -29.57
C ALA G 364 78.60 -62.06 -28.56
N MET G 365 79.10 -62.83 -27.60
CA MET G 365 79.72 -62.22 -26.45
C MET G 365 81.06 -61.56 -26.72
N THR G 366 81.63 -61.74 -27.91
CA THR G 366 82.94 -61.12 -28.23
C THR G 366 82.89 -60.22 -29.46
N THR G 367 81.70 -60.08 -30.07
CA THR G 367 81.59 -59.32 -31.30
C THR G 367 81.68 -57.84 -31.03
N ARG G 368 82.60 -57.19 -31.72
CA ARG G 368 82.66 -55.75 -31.70
C ARG G 368 82.92 -55.31 -33.11
N TYR G 369 81.84 -54.99 -33.83
CA TYR G 369 81.98 -54.52 -35.19
C TYR G 369 82.41 -53.06 -35.21
N VAL G 370 83.52 -52.80 -35.86
CA VAL G 370 83.96 -51.46 -36.22
C VAL G 370 83.68 -51.34 -37.72
N ASP G 371 82.40 -51.07 -38.03
CA ASP G 371 81.85 -51.20 -39.39
C ASP G 371 82.68 -50.59 -40.56
N GLY G 372 83.43 -49.53 -40.28
CA GLY G 372 84.33 -48.94 -41.26
C GLY G 372 85.37 -49.92 -41.81
N GLY G 373 85.75 -50.90 -40.98
CA GLY G 373 86.62 -52.02 -41.44
C GLY G 373 86.00 -52.90 -42.54
N PHE G 374 84.67 -52.82 -42.69
CA PHE G 374 83.94 -53.41 -43.83
C PHE G 374 83.66 -52.37 -44.90
N GLY G 375 83.01 -51.26 -44.50
CA GLY G 375 82.85 -50.07 -45.35
C GLY G 375 81.41 -49.60 -45.46
N MET G 376 81.13 -48.41 -44.94
CA MET G 376 79.75 -47.91 -44.97
C MET G 376 79.36 -47.55 -46.42
N GLY G 377 80.31 -46.99 -47.18
CA GLY G 377 80.07 -46.71 -48.59
C GLY G 377 79.98 -48.02 -49.35
N LYS G 378 81.01 -48.84 -49.17
CA LYS G 378 81.09 -50.14 -49.85
C LYS G 378 79.82 -50.95 -49.75
N TYR G 379 79.12 -50.85 -48.64
CA TYR G 379 77.90 -51.60 -48.50
C TYR G 379 76.68 -50.73 -48.60
N THR G 380 76.77 -49.57 -49.27
CA THR G 380 75.56 -48.79 -49.49
C THR G 380 74.62 -49.60 -50.34
N THR G 381 73.34 -49.61 -49.98
CA THR G 381 72.37 -50.31 -50.77
C THR G 381 71.51 -49.31 -51.54
N PRO G 382 70.85 -49.78 -52.62
CA PRO G 382 69.93 -48.94 -53.36
C PRO G 382 68.69 -48.57 -52.53
N LEU G 383 68.21 -47.35 -52.80
CA LEU G 383 67.09 -46.79 -52.09
C LEU G 383 65.83 -47.10 -52.87
N THR G 384 64.95 -47.88 -52.27
CA THR G 384 63.67 -48.21 -52.88
C THR G 384 62.72 -47.03 -52.86
N ARG G 385 62.35 -46.53 -54.04
CA ARG G 385 61.43 -45.36 -54.23
C ARG G 385 60.07 -45.48 -53.53
N GLY G 386 59.81 -44.55 -52.63
CA GLY G 386 58.53 -44.57 -51.92
C GLY G 386 58.50 -45.39 -50.66
N VAL G 387 59.63 -46.06 -50.35
CA VAL G 387 59.83 -46.70 -49.03
C VAL G 387 60.99 -45.98 -48.30
N ASP G 388 62.18 -46.10 -48.90
CA ASP G 388 63.39 -45.49 -48.34
C ASP G 388 63.43 -43.96 -48.37
N CYS G 389 62.91 -43.36 -49.44
CA CYS G 389 62.71 -41.93 -49.52
C CYS G 389 61.35 -41.77 -50.12
N PRO G 390 60.87 -40.53 -50.24
CA PRO G 390 59.62 -40.30 -50.95
C PRO G 390 59.75 -40.62 -52.45
N TYR G 391 58.66 -41.17 -52.99
CA TYR G 391 58.62 -41.56 -54.40
C TYR G 391 59.26 -40.52 -55.31
N LEU G 392 58.84 -39.26 -55.14
CA LEU G 392 59.28 -38.16 -56.00
C LEU G 392 60.62 -37.54 -55.62
N ALA G 393 61.40 -38.22 -54.78
CA ALA G 393 62.78 -37.77 -54.54
C ALA G 393 63.62 -37.86 -55.78
N THR G 394 64.72 -37.16 -55.78
CA THR G 394 65.72 -37.31 -56.84
C THR G 394 66.74 -38.37 -56.42
N TYR G 395 66.76 -39.51 -57.11
CA TYR G 395 67.72 -40.55 -56.78
C TYR G 395 69.02 -40.38 -57.58
N VAL G 396 70.12 -40.88 -57.05
CA VAL G 396 71.45 -40.67 -57.64
C VAL G 396 72.35 -41.90 -57.45
N ASP G 397 73.12 -42.21 -58.48
CA ASP G 397 73.94 -43.42 -58.48
C ASP G 397 75.27 -43.13 -57.86
N TRP G 398 75.86 -44.18 -57.29
CA TRP G 398 77.23 -44.12 -56.80
C TRP G 398 78.12 -45.08 -57.59
N HIS G 399 79.30 -44.59 -57.98
CA HIS G 399 80.29 -45.41 -58.70
C HIS G 399 81.48 -45.68 -57.81
N PHE G 400 81.98 -46.93 -57.85
CA PHE G 400 83.10 -47.36 -56.99
C PHE G 400 84.04 -48.40 -57.65
N LEU G 401 85.30 -48.54 -57.19
CA LEU G 401 86.32 -49.56 -57.49
C LEU G 401 86.79 -50.31 -56.22
N LEU G 402 86.08 -51.36 -55.82
CA LEU G 402 86.43 -52.05 -54.58
C LEU G 402 86.38 -53.56 -54.78
N GLU G 403 87.50 -54.22 -54.44
CA GLU G 403 87.66 -55.70 -54.53
C GLU G 403 87.38 -56.23 -55.94
N SER G 404 87.82 -55.46 -56.94
CA SER G 404 87.63 -55.87 -58.34
C SER G 404 88.63 -55.11 -59.21
N GLN G 405 88.52 -55.29 -60.54
CA GLN G 405 89.39 -54.62 -61.50
C GLN G 405 88.65 -53.55 -62.30
N ALA G 406 87.35 -53.77 -62.55
CA ALA G 406 86.52 -52.78 -63.26
C ALA G 406 85.59 -52.14 -62.25
N PRO G 407 85.40 -50.79 -62.34
CA PRO G 407 84.44 -50.08 -61.47
C PRO G 407 83.01 -50.58 -61.67
N LYS G 408 82.21 -50.49 -60.62
CA LYS G 408 80.80 -50.88 -60.68
C LYS G 408 79.94 -49.67 -60.24
N THR G 409 78.63 -49.89 -60.13
CA THR G 409 77.72 -48.80 -59.75
C THR G 409 76.67 -49.29 -58.80
N ILE G 410 76.43 -48.52 -57.72
CA ILE G 410 75.21 -48.71 -56.93
C ILE G 410 74.16 -47.69 -57.38
N ARG G 411 73.11 -48.23 -58.00
CA ARG G 411 72.05 -47.41 -58.55
C ARG G 411 71.20 -46.94 -57.39
N ASP G 412 70.84 -45.65 -57.42
CA ASP G 412 70.00 -45.00 -56.41
C ASP G 412 70.70 -45.11 -55.03
N ALA G 413 72.00 -44.88 -55.02
CA ALA G 413 72.76 -44.90 -53.78
C ALA G 413 72.23 -43.79 -52.85
N PHE G 414 72.07 -42.58 -53.41
CA PHE G 414 71.59 -41.43 -52.66
C PHE G 414 70.18 -41.10 -53.03
N CYS G 415 69.48 -40.42 -52.13
CA CYS G 415 68.27 -39.70 -52.53
C CYS G 415 68.27 -38.27 -51.90
N VAL G 416 67.68 -37.33 -52.64
CA VAL G 416 67.64 -35.90 -52.29
C VAL G 416 66.23 -35.40 -52.57
N PHE G 417 65.66 -34.68 -51.63
CA PHE G 417 64.27 -34.31 -51.74
C PHE G 417 63.94 -33.26 -50.69
N GLU G 418 62.85 -32.54 -50.95
CA GLU G 418 62.25 -31.61 -50.00
C GLU G 418 61.06 -32.28 -49.36
N GLN G 419 60.96 -32.13 -48.06
CA GLN G 419 59.88 -32.70 -47.31
C GLN G 419 59.14 -31.54 -46.63
N ASN G 420 57.82 -31.55 -46.80
CA ASN G 420 56.98 -30.71 -45.99
C ASN G 420 56.82 -31.46 -44.71
N GLN G 421 57.33 -30.88 -43.62
CA GLN G 421 57.27 -31.49 -42.27
C GLN G 421 55.87 -31.51 -41.63
N GLY G 422 54.91 -30.75 -42.18
CA GLY G 422 53.53 -30.73 -41.67
C GLY G 422 53.43 -30.16 -40.27
N LEU G 423 54.09 -28.99 -40.10
CA LEU G 423 54.54 -28.49 -38.80
C LEU G 423 55.21 -27.10 -39.06
N PRO G 424 54.76 -26.08 -38.31
CA PRO G 424 55.28 -24.73 -38.56
C PRO G 424 56.71 -24.54 -38.10
N LEU G 425 57.54 -23.96 -38.97
CA LEU G 425 58.86 -23.50 -38.59
C LEU G 425 58.64 -22.47 -37.52
N ARG G 426 57.66 -21.59 -37.74
CA ARG G 426 57.34 -20.54 -36.77
C ARG G 426 55.91 -20.05 -36.90
N ARG G 427 55.37 -19.51 -35.83
CA ARG G 427 53.98 -19.15 -35.87
C ARG G 427 53.62 -18.22 -34.72
N HIS G 428 52.80 -17.19 -34.99
CA HIS G 428 52.14 -16.49 -33.91
C HIS G 428 50.71 -16.11 -34.31
N HIS G 429 49.77 -16.35 -33.40
CA HIS G 429 48.41 -15.88 -33.57
C HIS G 429 48.13 -14.82 -32.51
N SER G 430 47.86 -13.58 -32.93
CA SER G 430 47.56 -12.46 -32.00
C SER G 430 46.08 -12.12 -31.95
N ASP G 431 45.45 -12.52 -30.85
CA ASP G 431 44.15 -12.00 -30.41
C ASP G 431 44.33 -10.85 -29.43
N LEU G 432 45.56 -10.39 -29.17
CA LEU G 432 45.78 -9.38 -28.13
C LEU G 432 46.26 -8.04 -28.70
N TYR G 433 45.37 -7.03 -28.58
CA TYR G 433 45.65 -5.62 -28.99
C TYR G 433 45.66 -5.36 -30.50
N SER G 434 46.46 -6.13 -31.24
CA SER G 434 46.43 -6.09 -32.68
C SER G 434 46.07 -7.51 -33.11
N HIS G 435 45.16 -7.62 -34.07
CA HIS G 435 44.72 -8.93 -34.61
C HIS G 435 45.51 -9.29 -35.86
N TYR G 436 46.48 -10.18 -35.75
CA TYR G 436 47.26 -10.59 -36.92
C TYR G 436 47.70 -12.03 -36.78
N PHE G 437 48.08 -12.65 -37.89
CA PHE G 437 48.72 -13.95 -37.90
C PHE G 437 49.95 -13.90 -38.79
N GLY G 438 50.99 -14.63 -38.39
CA GLY G 438 52.27 -14.69 -39.13
C GLY G 438 53.03 -15.97 -38.83
N GLY G 439 53.18 -16.78 -39.88
CA GLY G 439 53.80 -18.09 -39.75
C GLY G 439 54.45 -18.55 -41.04
N LEU G 440 54.87 -19.82 -41.06
CA LEU G 440 55.64 -20.37 -42.16
C LEU G 440 55.72 -21.83 -41.91
N ALA G 441 55.17 -22.66 -42.80
CA ALA G 441 55.25 -24.12 -42.62
C ALA G 441 56.69 -24.58 -42.93
N GLU G 442 57.15 -25.60 -42.22
CA GLU G 442 58.53 -26.06 -42.38
C GLU G 442 58.66 -27.08 -43.52
N THR G 443 59.54 -26.73 -44.46
CA THR G 443 59.93 -27.61 -45.52
C THR G 443 61.42 -27.75 -45.43
N VAL G 444 61.88 -29.00 -45.27
CA VAL G 444 63.32 -29.27 -45.15
C VAL G 444 63.85 -29.96 -46.37
N LEU G 445 65.17 -29.82 -46.57
CA LEU G 445 65.92 -30.45 -47.67
C LEU G 445 66.78 -31.60 -47.07
N VAL G 446 66.50 -32.83 -47.55
CA VAL G 446 67.12 -34.06 -47.03
C VAL G 446 68.15 -34.64 -47.98
N VAL G 447 69.18 -35.27 -47.43
CA VAL G 447 70.13 -36.09 -48.22
C VAL G 447 70.39 -37.42 -47.48
N ARG G 448 70.16 -38.53 -48.17
CA ARG G 448 70.09 -39.81 -47.48
C ARG G 448 70.78 -40.92 -48.24
N SER G 449 71.52 -41.76 -47.53
CA SER G 449 72.07 -43.03 -48.04
C SER G 449 71.70 -44.08 -47.03
N MET G 450 71.77 -45.35 -47.42
CA MET G 450 71.59 -46.42 -46.47
C MET G 450 72.71 -47.42 -46.67
N SER G 451 73.28 -47.84 -45.53
CA SER G 451 74.29 -48.91 -45.51
C SER G 451 73.69 -50.16 -44.88
N THR G 452 73.76 -51.29 -45.62
CA THR G 452 73.36 -52.58 -45.07
C THR G 452 74.63 -53.42 -44.85
N LEU G 453 74.92 -53.75 -43.59
CA LEU G 453 76.10 -54.55 -43.20
C LEU G 453 75.70 -55.77 -42.35
N LEU G 454 75.67 -56.96 -42.96
CA LEU G 454 75.17 -58.18 -42.32
C LEU G 454 73.69 -57.96 -42.14
N ASN G 455 73.20 -57.73 -40.92
CA ASN G 455 71.75 -57.64 -40.62
C ASN G 455 71.27 -56.23 -40.34
N TPQ G 456 72.18 -55.26 -40.42
CA TPQ G 456 71.82 -53.85 -40.17
CB TPQ G 456 72.96 -52.94 -39.67
C TPQ G 456 71.44 -53.19 -41.46
O TPQ G 456 72.04 -53.47 -42.51
C1 TPQ G 456 73.81 -53.47 -38.59
C2 TPQ G 456 73.20 -53.98 -37.32
O2 TPQ G 456 71.95 -53.97 -37.15
C3 TPQ G 456 74.08 -54.51 -36.27
C4 TPQ G 456 75.46 -54.51 -36.47
O4 TPQ G 456 76.20 -54.96 -35.58
C5 TPQ G 456 76.08 -53.97 -37.74
O5 TPQ G 456 77.32 -53.97 -37.91
C6 TPQ G 456 75.19 -53.44 -38.79
N ASP G 457 70.46 -52.29 -41.35
CA ASP G 457 70.27 -51.23 -42.32
C ASP G 457 70.33 -49.91 -41.54
N TYR G 458 71.49 -49.27 -41.58
CA TYR G 458 71.71 -47.94 -41.00
C TYR G 458 71.38 -46.70 -41.88
N VAL G 459 70.19 -46.11 -41.81
CA VAL G 459 70.01 -44.79 -42.46
C VAL G 459 71.12 -43.75 -42.11
N TRP G 460 71.37 -42.86 -43.05
CA TRP G 460 72.14 -41.66 -42.79
C TRP G 460 71.46 -40.39 -43.32
N ASP G 461 70.76 -39.66 -42.44
CA ASP G 461 70.11 -38.37 -42.81
C ASP G 461 71.02 -37.16 -42.59
N THR G 462 70.95 -36.23 -43.51
CA THR G 462 71.43 -34.91 -43.27
C THR G 462 70.29 -34.01 -43.71
N VAL G 463 69.70 -33.28 -42.76
CA VAL G 463 68.50 -32.49 -43.04
C VAL G 463 68.86 -31.01 -42.93
N PHE G 464 68.55 -30.24 -43.99
CA PHE G 464 68.85 -28.82 -44.01
C PHE G 464 67.58 -28.06 -43.73
N HIS G 465 67.62 -27.20 -42.72
CA HIS G 465 66.42 -26.50 -42.28
C HIS G 465 66.43 -25.09 -42.84
N PRO G 466 65.22 -24.49 -42.96
CA PRO G 466 65.09 -23.12 -43.50
C PRO G 466 65.63 -22.03 -42.57
N SER G 467 65.78 -22.38 -41.29
CA SER G 467 66.26 -21.50 -40.23
C SER G 467 67.75 -21.28 -40.22
N GLY G 468 68.50 -22.00 -41.06
CA GLY G 468 69.98 -21.96 -41.03
C GLY G 468 70.55 -23.11 -40.20
N ALA G 469 69.66 -23.97 -39.67
CA ALA G 469 70.07 -25.15 -38.92
C ALA G 469 70.38 -26.37 -39.84
N ILE G 470 71.42 -27.13 -39.47
CA ILE G 470 71.71 -28.41 -40.09
C ILE G 470 71.46 -29.50 -39.03
N GLU G 471 70.86 -30.61 -39.43
CA GLU G 471 70.58 -31.71 -38.53
C GLU G 471 71.21 -33.00 -39.13
N ILE G 472 71.95 -33.73 -38.33
CA ILE G 472 72.51 -34.99 -38.76
C ILE G 472 71.85 -36.06 -37.91
N ARG G 473 71.18 -37.00 -38.56
CA ARG G 473 70.51 -38.11 -37.85
C ARG G 473 71.00 -39.44 -38.37
N PHE G 474 70.88 -40.48 -37.53
CA PHE G 474 71.08 -41.85 -38.01
C PHE G 474 70.19 -42.85 -37.28
N TYR G 475 69.52 -43.69 -38.07
CA TYR G 475 68.61 -44.72 -37.55
C TYR G 475 69.19 -46.08 -37.88
N ALA G 476 68.95 -47.04 -36.99
CA ALA G 476 69.30 -48.43 -37.26
C ALA G 476 67.99 -49.17 -37.45
N THR G 477 67.94 -49.89 -38.58
CA THR G 477 66.82 -50.75 -38.86
C THR G 477 67.36 -52.06 -39.46
N GLY G 478 66.44 -52.85 -39.97
CA GLY G 478 66.83 -54.12 -40.51
C GLY G 478 66.65 -55.20 -39.50
N TYR G 479 67.48 -56.24 -39.69
CA TYR G 479 67.36 -57.45 -38.91
C TYR G 479 68.25 -57.35 -37.70
N ILE G 480 67.75 -57.81 -36.55
CA ILE G 480 68.61 -57.98 -35.38
C ILE G 480 69.46 -59.21 -35.64
N SER G 481 70.52 -59.31 -34.87
CA SER G 481 71.37 -60.48 -34.87
C SER G 481 70.89 -61.35 -33.71
N SER G 482 70.76 -62.67 -33.95
CA SER G 482 70.22 -63.58 -32.93
C SER G 482 71.19 -64.73 -32.64
N ALA G 483 70.83 -65.48 -31.59
CA ALA G 483 71.57 -66.68 -31.18
C ALA G 483 70.60 -67.73 -30.68
N PHE G 484 71.10 -68.96 -30.60
CA PHE G 484 70.28 -70.05 -30.15
C PHE G 484 70.07 -69.94 -28.65
N LEU G 485 68.84 -70.15 -28.21
CA LEU G 485 68.51 -69.93 -26.81
C LEU G 485 68.77 -71.17 -25.96
N PHE G 486 69.56 -70.99 -24.91
CA PHE G 486 69.73 -72.00 -23.85
C PHE G 486 70.10 -71.28 -22.52
N GLY G 487 69.93 -71.95 -21.39
CA GLY G 487 70.13 -71.28 -20.10
C GLY G 487 68.89 -70.45 -19.84
N ALA G 488 68.99 -69.45 -18.95
CA ALA G 488 67.86 -68.57 -18.63
C ALA G 488 68.12 -67.13 -19.08
N GLY G 490 68.46 -64.48 -19.72
CA GLY G 490 68.16 -63.58 -18.60
C GLY G 490 69.08 -62.36 -18.52
N LYS G 491 70.37 -62.61 -18.47
CA LYS G 491 71.39 -61.56 -18.46
C LYS G 491 71.79 -61.00 -19.84
N TYR G 492 71.41 -61.68 -20.93
CA TYR G 492 71.95 -61.34 -22.25
C TYR G 492 70.94 -60.96 -23.31
N GLY G 493 69.68 -60.76 -22.92
CA GLY G 493 68.68 -60.32 -23.85
C GLY G 493 67.33 -60.95 -23.60
N ASN G 494 66.46 -60.84 -24.58
CA ASN G 494 65.13 -61.38 -24.46
C ASN G 494 64.95 -62.44 -25.49
N GLN G 495 64.05 -63.37 -25.19
CA GLN G 495 63.61 -64.32 -26.18
C GLN G 495 62.62 -63.62 -27.09
N VAL G 496 62.94 -63.59 -28.39
CA VAL G 496 62.14 -62.89 -29.39
C VAL G 496 61.38 -63.84 -30.32
N SER G 497 61.79 -65.09 -30.40
CA SER G 497 60.98 -66.12 -31.07
C SER G 497 61.39 -67.52 -30.59
N GLU G 498 60.71 -68.56 -31.13
CA GLU G 498 60.94 -69.94 -30.71
C GLU G 498 62.45 -70.18 -30.81
N HIS G 499 63.07 -70.52 -29.66
CA HIS G 499 64.51 -70.83 -29.56
C HIS G 499 65.47 -69.68 -29.87
N THR G 500 64.99 -68.43 -29.93
CA THR G 500 65.85 -67.34 -30.35
C THR G 500 66.07 -66.30 -29.24
N LEU G 501 67.34 -66.11 -28.92
CA LEU G 501 67.77 -65.02 -28.10
C LEU G 501 68.05 -63.84 -29.02
N GLY G 502 67.43 -62.70 -28.71
CA GLY G 502 67.78 -61.44 -29.35
C GLY G 502 68.87 -60.87 -28.50
N THR G 503 70.08 -60.80 -29.04
CA THR G 503 71.24 -60.45 -28.24
C THR G 503 71.36 -58.95 -28.03
N VAL G 504 71.56 -58.57 -26.76
CA VAL G 504 71.76 -57.19 -26.38
C VAL G 504 73.02 -56.62 -27.01
N HIS G 505 72.96 -55.34 -27.32
CA HIS G 505 74.11 -54.63 -27.90
C HIS G 505 73.86 -53.15 -27.91
N THR G 506 74.91 -52.41 -28.20
CA THR G 506 74.84 -50.97 -28.33
C THR G 506 75.28 -50.53 -29.70
N HIS G 507 74.61 -49.52 -30.23
CA HIS G 507 75.05 -48.86 -31.45
C HIS G 507 75.67 -47.54 -31.10
N SER G 508 76.64 -47.13 -31.90
CA SER G 508 77.18 -45.77 -31.82
C SER G 508 77.92 -45.37 -33.10
N ALA G 509 77.98 -44.06 -33.34
CA ALA G 509 78.49 -43.52 -34.58
C ALA G 509 79.22 -42.23 -34.28
N HIS G 510 80.30 -42.00 -35.01
CA HIS G 510 81.14 -40.84 -34.82
C HIS G 510 81.09 -39.93 -36.07
N PHE G 511 81.03 -38.62 -35.82
CA PHE G 511 80.97 -37.67 -36.93
C PHE G 511 82.07 -36.67 -36.78
N LYS G 512 82.68 -36.32 -37.91
CA LYS G 512 83.63 -35.22 -37.96
C LYS G 512 82.81 -34.04 -38.45
N VAL G 513 82.86 -32.93 -37.70
CA VAL G 513 82.09 -31.70 -38.01
C VAL G 513 83.05 -30.52 -38.05
N ASP G 514 83.51 -30.16 -39.24
CA ASP G 514 84.48 -29.06 -39.39
C ASP G 514 83.73 -27.81 -39.78
N LEU G 515 83.17 -27.19 -38.76
CA LEU G 515 82.56 -25.89 -38.88
C LEU G 515 83.69 -24.92 -39.08
N ASP G 516 83.41 -23.93 -39.94
CA ASP G 516 84.25 -22.75 -40.07
C ASP G 516 83.40 -21.45 -39.90
N VAL G 517 83.04 -21.15 -38.65
CA VAL G 517 81.98 -20.16 -38.39
C VAL G 517 82.50 -18.78 -38.75
N ALA G 518 81.90 -18.19 -39.79
CA ALA G 518 82.29 -16.87 -40.24
C ALA G 518 83.83 -16.75 -40.41
N GLY G 519 84.43 -17.75 -41.07
CA GLY G 519 85.89 -17.83 -41.21
C GLY G 519 86.46 -19.06 -40.52
N LEU G 520 87.79 -19.22 -40.62
CA LEU G 520 88.48 -20.37 -40.01
C LEU G 520 88.59 -20.23 -38.47
N GLU G 521 89.13 -19.09 -38.04
CA GLU G 521 89.50 -18.89 -36.62
C GLU G 521 88.21 -18.92 -35.81
N ASN G 522 88.15 -19.88 -34.89
CA ASN G 522 86.99 -20.02 -34.05
C ASN G 522 87.39 -20.18 -32.58
N TRP G 523 86.42 -19.97 -31.69
CA TRP G 523 86.58 -20.17 -30.25
C TRP G 523 85.38 -20.96 -29.76
N VAL G 524 85.56 -21.65 -28.64
CA VAL G 524 84.51 -22.52 -28.14
C VAL G 524 83.92 -21.92 -26.90
N TRP G 525 82.59 -21.83 -26.88
CA TRP G 525 81.88 -21.21 -25.76
C TRP G 525 80.89 -22.12 -25.08
N ALA G 526 80.93 -22.13 -23.75
CA ALA G 526 79.95 -22.88 -22.99
C ALA G 526 79.11 -21.91 -22.24
N GLU G 527 77.79 -22.04 -22.33
CA GLU G 527 76.88 -21.26 -21.50
C GLU G 527 75.88 -22.14 -20.80
N ASP G 528 75.52 -21.76 -19.59
CA ASP G 528 74.52 -22.52 -18.83
C ASP G 528 73.72 -21.58 -17.90
N MET G 529 72.95 -22.17 -17.00
CA MET G 529 72.14 -21.40 -16.07
C MET G 529 72.55 -21.62 -14.59
N VAL G 530 72.12 -20.72 -13.73
CA VAL G 530 72.29 -20.91 -12.30
C VAL G 530 71.31 -19.99 -11.56
N PHE G 531 70.93 -20.39 -10.35
CA PHE G 531 70.07 -19.55 -9.51
C PHE G 531 70.90 -18.94 -8.37
N VAL G 532 70.61 -17.70 -8.02
CA VAL G 532 71.34 -17.04 -6.94
C VAL G 532 70.35 -16.40 -5.99
N PRO G 533 70.35 -16.85 -4.73
CA PRO G 533 69.51 -16.23 -3.73
C PRO G 533 69.82 -14.78 -3.59
N MET G 534 68.77 -14.01 -3.29
CA MET G 534 68.85 -12.55 -3.27
C MET G 534 67.69 -11.95 -2.53
N ALA G 535 67.97 -10.85 -1.82
CA ALA G 535 66.94 -10.03 -1.20
C ALA G 535 66.14 -9.37 -2.28
N VAL G 536 64.82 -9.39 -2.16
CA VAL G 536 63.93 -8.70 -3.11
C VAL G 536 64.21 -7.21 -2.99
N PRO G 537 64.64 -6.56 -4.09
CA PRO G 537 65.03 -5.14 -4.08
C PRO G 537 63.98 -4.22 -3.46
N TRP G 538 62.72 -4.40 -3.81
CA TRP G 538 61.65 -3.58 -3.25
C TRP G 538 61.00 -4.18 -1.99
N SER G 539 61.59 -5.19 -1.37
CA SER G 539 61.03 -5.75 -0.13
C SER G 539 61.99 -6.73 0.56
N PRO G 540 63.11 -6.20 1.07
CA PRO G 540 64.26 -7.03 1.47
C PRO G 540 63.99 -8.00 2.62
N GLU G 541 62.87 -7.84 3.30
CA GLU G 541 62.43 -8.88 4.20
C GLU G 541 62.24 -10.22 3.45
N HIS G 542 62.25 -10.18 2.12
CA HIS G 542 62.00 -11.38 1.30
C HIS G 542 63.14 -11.80 0.39
N GLN G 543 63.07 -13.08 0.04
CA GLN G 543 64.11 -13.77 -0.69
C GLN G 543 63.58 -14.25 -2.05
N LEU G 544 64.32 -13.97 -3.14
CA LEU G 544 63.98 -14.49 -4.48
C LEU G 544 65.17 -15.22 -5.05
N GLN G 545 64.90 -16.23 -5.88
CA GLN G 545 65.96 -17.01 -6.55
C GLN G 545 66.27 -16.45 -7.94
N ARG G 546 67.36 -15.72 -8.04
CA ARG G 546 67.60 -14.93 -9.23
C ARG G 546 68.25 -15.79 -10.31
N LEU G 547 67.49 -16.18 -11.34
CA LEU G 547 68.04 -16.93 -12.48
C LEU G 547 69.06 -16.11 -13.28
N GLN G 548 70.18 -16.73 -13.58
CA GLN G 548 71.28 -16.09 -14.28
C GLN G 548 71.90 -17.02 -15.33
N VAL G 549 72.58 -16.41 -16.30
CA VAL G 549 73.36 -17.17 -17.26
C VAL G 549 74.83 -17.24 -16.85
N THR G 550 75.39 -18.45 -16.81
CA THR G 550 76.85 -18.61 -16.69
C THR G 550 77.47 -18.79 -18.09
N ARG G 551 78.66 -18.21 -18.28
CA ARG G 551 79.34 -18.31 -19.54
C ARG G 551 80.84 -18.51 -19.34
N LYS G 552 81.45 -19.43 -20.08
CA LYS G 552 82.89 -19.73 -19.98
C LYS G 552 83.49 -19.96 -21.38
N LEU G 553 84.67 -19.45 -21.61
CA LEU G 553 85.36 -19.74 -22.86
C LEU G 553 86.22 -20.96 -22.63
N LEU G 554 86.10 -21.96 -23.51
CA LEU G 554 86.92 -23.15 -23.39
C LEU G 554 88.25 -22.97 -24.13
N GLU G 555 89.34 -22.95 -23.37
CA GLU G 555 90.61 -22.49 -23.90
C GLU G 555 91.48 -23.61 -24.43
N MET G 556 91.59 -24.70 -23.67
CA MET G 556 92.43 -25.83 -24.04
C MET G 556 91.58 -26.96 -24.59
N GLU G 557 92.18 -27.80 -25.43
CA GLU G 557 91.51 -28.97 -26.00
C GLU G 557 90.83 -29.78 -24.94
N GLU G 558 91.55 -30.03 -23.84
CA GLU G 558 91.07 -30.98 -22.81
C GLU G 558 89.75 -30.52 -22.15
N GLN G 559 89.53 -29.20 -22.10
CA GLN G 559 88.28 -28.58 -21.59
C GLN G 559 87.09 -28.75 -22.53
N ALA G 560 87.36 -29.10 -23.79
CA ALA G 560 86.28 -29.31 -24.77
C ALA G 560 86.04 -30.80 -25.03
N ALA G 561 86.62 -31.64 -24.19
CA ALA G 561 86.53 -33.08 -24.38
C ALA G 561 85.56 -33.69 -23.38
N PHE G 562 84.32 -33.90 -23.77
CA PHE G 562 83.32 -34.37 -22.81
C PHE G 562 83.06 -35.87 -22.83
N LEU G 563 83.56 -36.55 -21.79
CA LEU G 563 83.39 -37.99 -21.66
C LEU G 563 81.92 -38.30 -21.53
N VAL G 564 81.57 -39.52 -21.92
CA VAL G 564 80.20 -40.05 -21.79
C VAL G 564 79.86 -40.21 -20.33
N GLY G 565 78.70 -39.70 -19.94
CA GLY G 565 78.31 -39.74 -18.53
C GLY G 565 78.55 -38.44 -17.81
N SER G 566 79.60 -37.69 -18.20
CA SER G 566 79.81 -36.32 -17.69
C SER G 566 78.64 -35.37 -17.95
N ALA G 567 78.52 -34.38 -17.06
CA ALA G 567 77.58 -33.27 -17.21
C ALA G 567 78.14 -32.44 -18.37
N THR G 568 77.19 -31.91 -19.16
CA THR G 568 77.52 -31.20 -20.37
C THR G 568 76.85 -29.82 -20.37
N PRO G 569 77.59 -28.77 -20.75
CA PRO G 569 76.96 -27.45 -20.85
C PRO G 569 75.69 -27.49 -21.66
N ARG G 570 74.64 -26.83 -21.19
CA ARG G 570 73.36 -26.82 -21.92
C ARG G 570 73.39 -26.02 -23.23
N TYR G 571 74.33 -25.10 -23.36
CA TYR G 571 74.57 -24.39 -24.60
C TYR G 571 76.05 -24.47 -24.87
N LEU G 572 76.42 -25.14 -25.95
CA LEU G 572 77.82 -25.21 -26.32
C LEU G 572 77.91 -24.80 -27.77
N TYR G 573 78.79 -23.86 -28.09
CA TYR G 573 78.86 -23.38 -29.45
C TYR G 573 80.26 -22.91 -29.85
N LEU G 574 80.49 -23.00 -31.16
CA LEU G 574 81.73 -22.54 -31.75
C LEU G 574 81.40 -21.20 -32.31
N ALA G 575 82.31 -20.26 -32.20
CA ALA G 575 82.04 -18.93 -32.72
C ALA G 575 83.26 -18.22 -33.24
N SER G 576 83.00 -17.24 -34.09
CA SER G 576 84.06 -16.39 -34.63
C SER G 576 84.41 -15.23 -33.66
N ASN G 577 85.59 -14.70 -33.91
CA ASN G 577 86.04 -13.40 -33.40
C ASN G 577 85.01 -12.27 -33.62
N HIS G 578 84.41 -12.25 -34.81
CA HIS G 578 83.52 -11.16 -35.22
C HIS G 578 82.14 -11.34 -34.60
N SER G 579 81.41 -10.24 -34.58
CA SER G 579 80.14 -10.17 -33.86
C SER G 579 79.01 -9.93 -34.81
N ASN G 580 77.78 -10.16 -34.37
CA ASN G 580 76.66 -9.75 -35.17
C ASN G 580 76.34 -8.31 -34.85
N LYS G 581 75.26 -7.80 -35.43
CA LYS G 581 74.84 -6.40 -35.27
C LYS G 581 74.76 -5.98 -33.82
N TRP G 582 74.30 -6.91 -32.95
CA TRP G 582 74.08 -6.63 -31.50
C TRP G 582 75.27 -7.03 -30.62
N GLY G 583 76.45 -7.10 -31.23
CA GLY G 583 77.73 -7.19 -30.51
C GLY G 583 78.08 -8.54 -29.94
N HIS G 584 77.36 -9.59 -30.33
CA HIS G 584 77.66 -10.95 -29.87
C HIS G 584 78.46 -11.70 -30.89
N PRO G 585 79.46 -12.49 -30.45
CA PRO G 585 80.28 -13.31 -31.37
C PRO G 585 79.38 -14.20 -32.24
N ARG G 586 79.79 -14.38 -33.49
CA ARG G 586 78.97 -15.12 -34.46
C ARG G 586 79.15 -16.62 -34.23
N GLY G 587 78.06 -17.28 -33.86
CA GLY G 587 78.19 -18.62 -33.37
C GLY G 587 77.26 -19.62 -34.00
N TYR G 588 77.72 -20.86 -33.95
CA TYR G 588 76.89 -22.00 -34.27
C TYR G 588 77.02 -22.98 -33.15
N ARG G 589 75.90 -23.61 -32.83
CA ARG G 589 75.78 -24.35 -31.61
C ARG G 589 75.51 -25.81 -31.87
N ILE G 590 76.27 -26.68 -31.20
CA ILE G 590 76.01 -28.11 -31.25
C ILE G 590 75.00 -28.51 -30.16
N GLN G 591 73.93 -29.15 -30.58
CA GLN G 591 72.91 -29.63 -29.68
C GLN G 591 72.76 -31.13 -29.97
N MET G 592 72.78 -31.97 -28.93
CA MET G 592 72.87 -33.43 -29.10
C MET G 592 71.59 -34.19 -28.76
N LEU G 593 71.06 -34.90 -29.75
CA LEU G 593 70.04 -35.94 -29.52
C LEU G 593 70.75 -37.32 -29.43
N SER G 594 71.13 -37.74 -28.20
CA SER G 594 71.82 -39.05 -27.97
C SER G 594 71.44 -39.71 -26.61
N PHE G 595 71.18 -41.01 -26.68
CA PHE G 595 70.86 -41.88 -25.53
C PHE G 595 72.07 -42.84 -25.18
N ALA G 596 73.30 -42.34 -25.42
CA ALA G 596 74.54 -43.15 -25.51
C ALA G 596 74.71 -44.28 -24.46
N GLY G 597 75.03 -45.49 -24.92
CA GLY G 597 75.27 -46.62 -24.04
C GLY G 597 76.62 -46.52 -23.36
N GLU G 598 76.79 -47.27 -22.29
CA GLU G 598 78.04 -47.23 -21.52
C GLU G 598 79.15 -47.77 -22.41
N PRO G 599 80.27 -47.07 -22.50
CA PRO G 599 81.32 -47.55 -23.38
C PRO G 599 82.10 -48.78 -22.87
N LEU G 600 82.68 -49.52 -23.80
CA LEU G 600 83.63 -50.58 -23.45
C LEU G 600 84.69 -49.95 -22.48
N PRO G 601 84.96 -50.62 -21.34
CA PRO G 601 85.93 -50.15 -20.39
C PRO G 601 87.31 -49.98 -20.98
N GLN G 602 88.03 -48.97 -20.52
CA GLN G 602 89.43 -48.79 -20.92
C GLN G 602 90.35 -49.96 -20.51
N ASN G 603 90.06 -50.54 -19.34
CA ASN G 603 90.68 -51.80 -18.90
C ASN G 603 90.83 -52.80 -20.08
N SER G 604 89.91 -52.74 -21.08
CA SER G 604 90.01 -53.60 -22.28
C SER G 604 91.06 -53.11 -23.27
N SER G 605 91.97 -54.00 -23.63
CA SER G 605 93.04 -53.70 -24.61
C SER G 605 92.46 -53.32 -25.98
N MET G 606 91.30 -53.88 -26.29
CA MET G 606 90.59 -53.60 -27.53
C MET G 606 90.12 -52.14 -27.67
N ALA G 607 89.86 -51.49 -26.52
CA ALA G 607 89.18 -50.19 -26.50
C ALA G 607 89.89 -49.05 -27.30
N ARG G 608 91.24 -49.07 -27.29
CA ARG G 608 92.01 -48.06 -28.03
C ARG G 608 91.66 -48.03 -29.53
N GLY G 609 91.11 -49.13 -30.05
CA GLY G 609 90.61 -49.18 -31.46
C GLY G 609 89.35 -48.37 -31.76
N PHE G 610 88.64 -47.91 -30.75
CA PHE G 610 87.49 -47.03 -30.98
C PHE G 610 87.34 -46.13 -29.77
N SER G 611 88.42 -45.44 -29.41
CA SER G 611 88.42 -44.66 -28.19
C SER G 611 87.45 -43.48 -28.28
N TRP G 612 87.07 -43.08 -29.48
CA TRP G 612 86.03 -42.05 -29.65
C TRP G 612 84.71 -42.40 -28.96
N GLU G 613 84.46 -43.68 -28.75
CA GLU G 613 83.26 -44.13 -28.05
C GLU G 613 83.10 -43.50 -26.61
N ARG G 614 84.22 -43.19 -26.01
CA ARG G 614 84.27 -42.69 -24.67
C ARG G 614 83.75 -41.24 -24.58
N TYR G 615 83.82 -40.50 -25.68
CA TYR G 615 83.42 -39.08 -25.69
C TYR G 615 81.99 -38.91 -26.24
N GLN G 616 81.32 -37.86 -25.81
CA GLN G 616 80.04 -37.44 -26.40
C GLN G 616 80.41 -36.46 -27.51
N LEU G 617 81.40 -35.62 -27.22
CA LEU G 617 81.76 -34.50 -28.06
C LEU G 617 83.19 -34.11 -27.72
N ALA G 618 83.94 -33.69 -28.72
CA ALA G 618 85.30 -33.22 -28.49
C ALA G 618 85.61 -32.20 -29.57
N VAL G 619 86.26 -31.10 -29.19
CA VAL G 619 86.72 -30.13 -30.17
C VAL G 619 88.25 -30.08 -30.16
N THR G 620 88.85 -30.22 -31.34
CA THR G 620 90.30 -30.23 -31.42
C THR G 620 90.75 -29.26 -32.49
N GLN G 621 92.03 -28.92 -32.47
CA GLN G 621 92.57 -28.17 -33.58
C GLN G 621 92.39 -29.06 -34.81
N ARG G 622 91.99 -28.48 -35.94
CA ARG G 622 91.99 -29.20 -37.20
C ARG G 622 93.41 -29.28 -37.80
N LYS G 623 93.77 -30.47 -38.29
CA LYS G 623 95.13 -30.75 -38.77
C LYS G 623 95.11 -31.74 -39.95
N GLU G 624 95.91 -31.45 -40.98
CA GLU G 624 95.94 -32.28 -42.18
C GLU G 624 96.27 -33.73 -41.80
N GLU G 625 97.28 -33.88 -40.95
CA GLU G 625 97.72 -35.19 -40.51
C GLU G 625 96.73 -35.91 -39.53
N GLU G 626 95.56 -35.30 -39.27
CA GLU G 626 94.51 -35.89 -38.42
C GLU G 626 93.18 -35.84 -39.18
N PRO G 627 93.13 -36.49 -40.35
CA PRO G 627 91.91 -36.43 -41.14
C PRO G 627 90.78 -37.29 -40.66
N SER G 628 91.06 -38.33 -39.84
CA SER G 628 90.00 -39.28 -39.45
C SER G 628 90.17 -39.91 -38.09
N SER G 629 89.01 -40.20 -37.48
CA SER G 629 88.97 -40.71 -36.11
C SER G 629 89.19 -42.22 -36.08
N SER G 630 88.96 -42.84 -37.23
CA SER G 630 89.10 -44.29 -37.37
C SER G 630 89.98 -44.64 -38.56
N SER G 631 90.02 -45.94 -38.83
CA SER G 631 90.75 -46.50 -39.97
C SER G 631 90.13 -47.83 -40.27
N VAL G 632 90.09 -48.14 -41.56
CA VAL G 632 89.54 -49.44 -42.00
C VAL G 632 90.32 -50.61 -41.40
N PHE G 633 91.54 -50.32 -40.92
CA PHE G 633 92.45 -51.33 -40.35
C PHE G 633 92.34 -51.55 -38.83
N ASN G 634 91.39 -50.88 -38.20
CA ASN G 634 91.20 -51.05 -36.76
C ASN G 634 90.37 -52.30 -36.45
N GLN G 635 89.34 -52.54 -37.28
CA GLN G 635 88.45 -53.70 -37.11
C GLN G 635 89.22 -55.01 -36.88
N ASN G 636 90.28 -55.23 -37.63
CA ASN G 636 91.02 -56.48 -37.50
C ASN G 636 92.16 -56.43 -36.50
N ASP G 637 92.69 -55.23 -36.20
CA ASP G 637 93.71 -55.10 -35.15
C ASP G 637 93.47 -53.89 -34.23
N PRO G 638 92.37 -53.95 -33.44
CA PRO G 638 92.07 -52.86 -32.51
C PRO G 638 93.02 -52.82 -31.32
N TRP G 639 93.68 -53.93 -31.02
CA TRP G 639 94.70 -53.97 -29.97
C TRP G 639 95.92 -53.13 -30.37
N ALA G 640 96.22 -53.08 -31.65
CA ALA G 640 97.33 -52.26 -32.12
C ALA G 640 96.75 -51.27 -33.16
N PRO G 641 95.84 -50.37 -32.68
CA PRO G 641 95.05 -49.54 -33.57
C PRO G 641 95.90 -48.74 -34.52
N THR G 642 95.46 -48.68 -35.77
CA THR G 642 96.14 -47.90 -36.78
C THR G 642 95.92 -46.42 -36.54
N VAL G 643 94.65 -46.05 -36.31
CA VAL G 643 94.31 -44.70 -35.80
C VAL G 643 93.76 -44.83 -34.36
N ASP G 644 94.22 -43.96 -33.45
CA ASP G 644 93.70 -43.91 -32.06
C ASP G 644 93.18 -42.51 -31.72
N PHE G 645 91.85 -42.38 -31.72
CA PHE G 645 91.28 -41.05 -31.62
C PHE G 645 91.76 -40.21 -30.44
N SER G 646 91.78 -40.84 -29.27
CA SER G 646 92.16 -40.16 -28.04
C SER G 646 93.49 -39.38 -28.20
N ASP G 647 94.42 -39.88 -29.02
CA ASP G 647 95.66 -39.14 -29.29
C ASP G 647 95.47 -37.73 -29.86
N PHE G 648 94.31 -37.45 -30.46
CA PHE G 648 94.07 -36.12 -31.04
C PHE G 648 93.94 -35.04 -29.96
N ILE G 649 93.38 -35.46 -28.81
CA ILE G 649 93.10 -34.55 -27.71
C ILE G 649 94.39 -34.46 -26.92
N ASN G 650 95.12 -33.36 -27.11
CA ASN G 650 96.51 -33.34 -26.69
C ASN G 650 96.98 -32.05 -26.05
N ASN G 651 96.11 -31.36 -25.31
CA ASN G 651 96.57 -30.24 -24.44
C ASN G 651 97.18 -29.04 -25.24
N GLU G 652 96.43 -28.57 -26.25
CA GLU G 652 96.81 -27.40 -27.03
C GLU G 652 95.71 -26.38 -26.88
N THR G 653 95.93 -25.22 -27.52
CA THR G 653 94.92 -24.18 -27.57
C THR G 653 93.87 -24.52 -28.61
N ILE G 654 92.63 -24.20 -28.27
CA ILE G 654 91.54 -24.21 -29.23
C ILE G 654 90.96 -22.82 -29.23
N ALA G 655 91.77 -21.86 -28.80
CA ALA G 655 91.34 -20.46 -28.66
C ALA G 655 91.73 -19.67 -29.90
N GLY G 656 90.91 -19.72 -30.93
CA GLY G 656 91.18 -18.96 -32.15
C GLY G 656 91.98 -19.71 -33.20
N LYS G 657 91.60 -20.97 -33.41
CA LYS G 657 92.19 -21.80 -34.46
C LYS G 657 91.10 -22.30 -35.39
N ASP G 658 91.55 -22.95 -36.46
CA ASP G 658 90.64 -23.76 -37.28
C ASP G 658 90.28 -24.93 -36.41
N LEU G 659 89.04 -25.01 -36.00
CA LEU G 659 88.63 -26.04 -35.05
C LEU G 659 87.83 -27.07 -35.79
N VAL G 660 87.67 -28.22 -35.14
CA VAL G 660 86.80 -29.28 -35.65
C VAL G 660 86.15 -30.02 -34.48
N ALA G 661 84.83 -30.22 -34.57
CA ALA G 661 84.11 -30.93 -33.53
C ALA G 661 83.98 -32.38 -33.93
N TRP G 662 84.04 -33.28 -32.94
CA TRP G 662 83.86 -34.72 -33.17
C TRP G 662 82.71 -35.22 -32.31
N VAL G 663 81.59 -35.53 -32.92
CA VAL G 663 80.43 -35.90 -32.12
C VAL G 663 80.18 -37.43 -32.14
N THR G 664 79.92 -37.97 -30.96
CA THR G 664 79.49 -39.34 -30.84
C THR G 664 78.01 -39.38 -30.56
N ALA G 665 77.31 -40.29 -31.18
CA ALA G 665 75.92 -40.48 -30.85
C ALA G 665 75.63 -41.98 -30.92
N GLY G 666 74.74 -42.46 -30.03
CA GLY G 666 74.40 -43.87 -30.01
C GLY G 666 73.36 -44.19 -29.00
N PHE G 667 73.16 -45.48 -28.74
CA PHE G 667 72.18 -45.95 -27.77
C PHE G 667 72.34 -47.45 -27.49
N LEU G 668 71.65 -47.92 -26.46
CA LEU G 668 71.67 -49.32 -26.09
C LEU G 668 70.42 -49.97 -26.62
N HIS G 669 70.58 -51.19 -27.17
CA HIS G 669 69.45 -51.94 -27.72
C HIS G 669 69.39 -53.31 -27.06
N ILE G 670 68.28 -53.52 -26.35
CA ILE G 670 67.93 -54.79 -25.82
C ILE G 670 66.81 -55.29 -26.66
N PRO G 671 67.09 -56.26 -27.52
CA PRO G 671 66.00 -56.65 -28.40
C PRO G 671 64.75 -57.14 -27.69
N HIS G 672 63.63 -57.07 -28.39
CA HIS G 672 62.33 -57.50 -27.87
C HIS G 672 61.46 -57.94 -29.05
N ALA G 673 60.29 -58.51 -28.75
CA ALA G 673 59.44 -59.11 -29.79
C ALA G 673 59.24 -58.19 -31.01
N GLU G 674 59.08 -56.91 -30.73
CA GLU G 674 58.74 -55.94 -31.76
C GLU G 674 59.91 -55.61 -32.68
N ASP G 675 61.07 -56.16 -32.39
CA ASP G 675 62.14 -56.17 -33.39
C ASP G 675 62.00 -57.32 -34.43
N ILE G 676 60.92 -58.09 -34.36
CA ILE G 676 60.72 -59.17 -35.32
C ILE G 676 59.53 -58.90 -36.24
N PRO G 677 59.79 -58.82 -37.55
CA PRO G 677 60.99 -59.18 -38.32
C PRO G 677 62.11 -58.18 -38.29
N ASN G 678 61.77 -56.90 -38.36
CA ASN G 678 62.84 -55.90 -38.32
C ASN G 678 62.66 -55.01 -37.15
N THR G 679 63.77 -54.34 -36.82
CA THR G 679 63.77 -53.21 -35.90
C THR G 679 63.23 -51.95 -36.59
N VAL G 680 62.22 -51.35 -35.96
CA VAL G 680 61.64 -50.10 -36.45
C VAL G 680 62.57 -48.89 -36.17
N THR G 681 62.46 -47.86 -37.00
CA THR G 681 63.18 -46.61 -36.81
C THR G 681 62.55 -45.68 -35.76
N VAL G 682 61.27 -45.92 -35.38
CA VAL G 682 60.53 -45.05 -34.47
C VAL G 682 61.27 -44.85 -33.16
N GLY G 683 61.69 -43.61 -32.90
CA GLY G 683 62.35 -43.27 -31.64
C GLY G 683 63.81 -43.67 -31.57
N ASN G 684 64.29 -44.45 -32.54
CA ASN G 684 65.71 -44.88 -32.56
C ASN G 684 66.65 -43.94 -33.32
N GLY G 685 66.15 -42.81 -33.79
CA GLY G 685 67.00 -41.85 -34.48
C GLY G 685 67.88 -41.16 -33.45
N VAL G 686 69.11 -40.95 -33.81
CA VAL G 686 70.01 -40.39 -32.87
C VAL G 686 70.96 -39.53 -33.67
N GLY G 687 71.45 -38.43 -33.07
CA GLY G 687 72.30 -37.49 -33.79
C GLY G 687 72.35 -36.13 -33.13
N PHE G 688 72.49 -35.07 -33.92
CA PHE G 688 72.68 -33.76 -33.36
C PHE G 688 72.32 -32.65 -34.32
N PHE G 689 72.07 -31.47 -33.76
CA PHE G 689 71.76 -30.28 -34.53
C PHE G 689 72.95 -29.35 -34.57
N LEU G 690 73.01 -28.53 -35.60
CA LEU G 690 73.91 -27.41 -35.65
C LEU G 690 73.03 -26.19 -35.88
N ARG G 691 72.94 -25.34 -34.86
CA ARG G 691 72.02 -24.19 -34.90
C ARG G 691 72.75 -22.87 -34.73
N PRO G 692 72.28 -21.87 -35.49
CA PRO G 692 72.90 -20.57 -35.42
C PRO G 692 72.54 -19.91 -34.11
N TYR G 693 73.58 -19.35 -33.48
CA TYR G 693 73.47 -18.68 -32.19
C TYR G 693 74.14 -17.32 -32.30
N ASN G 694 73.34 -16.28 -32.59
CA ASN G 694 73.86 -14.92 -32.86
C ASN G 694 74.87 -14.91 -34.00
N PHE G 695 74.61 -15.77 -34.98
CA PHE G 695 75.35 -15.79 -36.21
C PHE G 695 74.79 -14.69 -37.06
N PHE G 696 73.45 -14.67 -37.17
CA PHE G 696 72.74 -13.69 -37.96
C PHE G 696 72.38 -12.50 -37.10
N ASP G 697 71.82 -11.49 -37.75
CA ASP G 697 71.22 -10.31 -37.09
C ASP G 697 69.72 -10.55 -36.83
N GLU G 698 69.15 -11.53 -37.50
CA GLU G 698 67.79 -11.95 -37.24
C GLU G 698 67.53 -13.26 -37.95
N ASP G 699 66.43 -13.89 -37.57
CA ASP G 699 65.99 -15.14 -38.15
C ASP G 699 65.95 -15.00 -39.64
N PRO G 700 66.80 -15.80 -40.35
CA PRO G 700 66.80 -15.80 -41.81
C PRO G 700 65.39 -15.97 -42.42
N SER G 701 64.56 -16.81 -41.79
CA SER G 701 63.20 -17.16 -42.30
C SER G 701 62.17 -16.04 -42.28
N PHE G 702 62.57 -14.88 -41.76
CA PHE G 702 61.76 -13.66 -41.86
C PHE G 702 61.55 -13.32 -43.35
N TYR G 703 62.66 -13.30 -44.07
CA TYR G 703 62.61 -13.03 -45.48
C TYR G 703 62.46 -14.31 -46.34
N SER G 704 61.74 -15.32 -45.82
CA SER G 704 61.34 -16.48 -46.61
C SER G 704 60.33 -16.09 -47.68
N ALA G 705 60.53 -16.65 -48.89
CA ALA G 705 59.59 -16.52 -49.98
C ALA G 705 58.26 -17.25 -49.71
N ASP G 706 58.19 -18.03 -48.63
CA ASP G 706 56.97 -18.80 -48.37
C ASP G 706 56.23 -18.40 -47.09
N SER G 707 56.73 -17.37 -46.41
CA SER G 707 56.12 -16.98 -45.14
C SER G 707 54.74 -16.40 -45.42
N ILE G 708 53.76 -16.78 -44.59
CA ILE G 708 52.39 -16.28 -44.65
C ILE G 708 52.15 -15.19 -43.59
N TYR G 709 51.43 -14.13 -43.97
CA TYR G 709 51.12 -13.05 -43.02
C TYR G 709 49.87 -12.32 -43.39
N PHE G 710 49.01 -12.06 -42.41
CA PHE G 710 47.85 -11.23 -42.66
C PHE G 710 47.18 -10.74 -41.40
N ARG G 711 46.68 -9.51 -41.46
CA ARG G 711 45.96 -8.88 -40.36
C ARG G 711 44.50 -9.37 -40.33
N GLY G 712 43.88 -9.17 -39.17
CA GLY G 712 42.50 -9.58 -38.92
C GLY G 712 41.51 -8.73 -39.69
N ASP G 713 41.90 -7.50 -40.05
CA ASP G 713 41.03 -6.65 -40.89
C ASP G 713 41.16 -6.99 -42.37
N GLN G 714 42.27 -7.64 -42.76
CA GLN G 714 42.47 -8.02 -44.16
C GLN G 714 41.62 -9.24 -44.55
N ASP G 715 41.69 -9.58 -45.84
CA ASP G 715 40.97 -10.73 -46.39
C ASP G 715 41.96 -11.89 -46.55
N ALA G 716 41.76 -12.90 -45.69
CA ALA G 716 42.66 -14.07 -45.67
C ALA G 716 42.48 -14.99 -46.87
N GLY G 717 41.26 -14.98 -47.45
CA GLY G 717 40.96 -15.68 -48.74
C GLY G 717 41.44 -14.94 -50.00
N ALA G 718 41.71 -13.65 -49.86
CA ALA G 718 42.17 -12.87 -50.98
C ALA G 718 43.58 -13.36 -51.33
N CYS G 719 43.64 -14.07 -52.45
CA CYS G 719 44.89 -14.61 -52.99
C CYS G 719 46.09 -13.59 -53.02
N GLU G 720 45.81 -12.35 -53.46
CA GLU G 720 46.83 -11.26 -53.46
C GLU G 720 47.26 -10.89 -52.04
N VAL G 721 46.40 -11.14 -51.04
CA VAL G 721 46.79 -10.97 -49.64
C VAL G 721 47.56 -12.20 -49.15
N ASN G 722 46.99 -13.38 -49.37
CA ASN G 722 47.45 -14.64 -48.77
C ASN G 722 47.66 -15.77 -49.79
N PRO G 723 48.93 -16.07 -50.14
CA PRO G 723 49.30 -17.11 -51.11
C PRO G 723 48.65 -18.49 -50.90
N LEU G 724 48.38 -18.86 -49.65
CA LEU G 724 47.64 -20.12 -49.41
C LEU G 724 46.28 -20.16 -50.08
N ALA G 725 45.62 -18.99 -50.25
CA ALA G 725 44.32 -18.90 -50.95
C ALA G 725 44.37 -19.38 -52.41
N CYS G 726 45.51 -19.14 -53.07
CA CYS G 726 45.75 -19.51 -54.49
C CYS G 726 46.25 -20.96 -54.66
N LEU G 727 46.58 -21.62 -53.55
CA LEU G 727 47.03 -23.03 -53.60
C LEU G 727 46.01 -23.95 -54.40
N PRO G 728 44.67 -23.87 -54.10
CA PRO G 728 43.77 -24.81 -54.84
C PRO G 728 43.84 -24.64 -56.36
N GLN G 729 44.14 -23.43 -56.84
CA GLN G 729 44.45 -23.21 -58.28
C GLN G 729 45.85 -23.84 -58.51
N ALA G 730 46.88 -23.28 -57.87
CA ALA G 730 48.29 -23.79 -57.99
C ALA G 730 48.44 -25.33 -58.05
N ALA G 731 47.67 -26.05 -57.23
CA ALA G 731 47.79 -27.54 -57.15
C ALA G 731 46.52 -28.21 -57.70
N ALA G 732 45.86 -27.59 -58.68
CA ALA G 732 44.77 -28.29 -59.43
C ALA G 732 45.44 -28.92 -60.67
N CYS G 733 46.23 -29.97 -60.42
CA CYS G 733 46.87 -30.75 -61.49
C CYS G 733 47.30 -32.12 -60.95
N ALA G 734 47.20 -33.15 -61.79
CA ALA G 734 47.66 -34.49 -61.40
C ALA G 734 49.18 -34.52 -61.59
N PRO G 735 49.91 -35.12 -60.61
CA PRO G 735 51.39 -35.18 -60.67
C PRO G 735 51.87 -36.21 -61.67
N ASP G 736 52.95 -35.88 -62.40
CA ASP G 736 53.56 -36.79 -63.42
C ASP G 736 54.60 -37.71 -62.71
N LEU G 737 54.09 -38.84 -62.15
CA LEU G 737 54.90 -39.85 -61.42
C LEU G 737 55.69 -40.78 -62.35
N PRO G 738 57.06 -40.76 -62.27
CA PRO G 738 57.91 -41.72 -63.04
C PRO G 738 57.55 -43.19 -62.82
N ALA G 739 57.77 -44.02 -63.85
CA ALA G 739 57.48 -45.44 -63.71
C ALA G 739 58.46 -46.01 -62.68
N PHE G 740 57.93 -46.87 -61.80
CA PHE G 740 58.71 -47.44 -60.70
C PHE G 740 59.87 -48.25 -61.23
N SER G 741 61.08 -47.84 -60.89
CA SER G 741 62.28 -48.63 -61.14
C SER G 741 62.91 -49.09 -59.80
N HIS G 742 63.59 -50.25 -59.80
CA HIS G 742 64.44 -50.63 -58.65
C HIS G 742 65.93 -50.89 -59.02
N GLY G 743 66.85 -50.47 -58.16
CA GLY G 743 68.26 -50.46 -58.50
C GLY G 743 68.96 -51.81 -58.52
N GLY G 744 68.20 -52.90 -58.26
CA GLY G 744 68.73 -54.29 -58.37
C GLY G 744 69.72 -54.69 -57.28
N PHE G 745 70.31 -55.88 -57.44
CA PHE G 745 71.17 -56.52 -56.43
C PHE G 745 72.56 -56.83 -57.02
N SER G 746 73.36 -57.69 -56.35
CA SER G 746 74.82 -57.88 -56.68
C SER G 746 75.24 -59.01 -57.66
C1 NAG H . -28.02 40.30 -25.32
C2 NAG H . -28.11 41.23 -26.52
C3 NAG H . -27.11 42.36 -26.56
C4 NAG H . -27.05 43.11 -25.25
C5 NAG H . -27.09 42.19 -24.03
C6 NAG H . -27.59 42.96 -22.79
C7 NAG H . -28.93 40.17 -28.56
C8 NAG H . -28.53 39.41 -29.81
N2 NAG H . -27.95 40.52 -27.77
O3 NAG H . -27.56 43.27 -27.56
O4 NAG H . -25.81 43.82 -25.29
O5 NAG H . -27.94 41.07 -24.14
O6 NAG H . -26.59 43.92 -22.48
O7 NAG H . -30.10 40.41 -28.32
C1 NAG H . -25.96 45.24 -25.34
C2 NAG H . -24.57 45.87 -25.29
C3 NAG H . -24.61 47.39 -25.23
C4 NAG H . -25.43 47.93 -26.38
C5 NAG H . -26.75 47.14 -26.45
C6 NAG H . -27.61 47.46 -27.66
C7 NAG H . -23.05 44.19 -24.51
C8 NAG H . -22.25 43.58 -23.40
N2 NAG H . -23.79 45.25 -24.23
O3 NAG H . -23.33 47.89 -25.39
O4 NAG H . -25.60 49.34 -26.18
O5 NAG H . -26.52 45.74 -26.51
O6 NAG H . -28.95 47.40 -27.25
O7 NAG H . -22.99 43.68 -25.63
C1 BMA H . -24.90 50.19 -27.17
C2 BMA H . -25.90 51.09 -27.97
C3 BMA H . -25.78 52.60 -27.67
C4 BMA H . -25.44 52.70 -26.18
C5 BMA H . -23.97 52.26 -26.09
C6 BMA H . -23.46 52.35 -24.65
O2 BMA H . -27.27 50.70 -27.73
O3 BMA H . -26.94 53.37 -28.01
O4 BMA H . -25.67 54.01 -25.68
O5 BMA H . -23.77 50.93 -26.61
O6 BMA H . -22.98 53.68 -24.42
C1 NAG I . -25.38 14.99 4.75
C2 NAG I . -25.00 16.32 5.38
C3 NAG I . -23.50 16.56 5.62
C4 NAG I . -22.91 15.35 6.30
C5 NAG I . -23.27 14.23 5.33
C6 NAG I . -22.58 12.96 5.69
C7 NAG I . -26.85 17.61 4.66
C8 NAG I . -27.52 17.39 6.00
N2 NAG I . -25.63 17.14 4.41
O3 NAG I . -23.29 17.66 6.47
O4 NAG I . -21.51 15.44 6.35
O5 NAG I . -24.65 13.96 5.36
O6 NAG I . -22.60 12.92 7.09
O7 NAG I . -27.38 18.25 3.79
C1 NAG I . -20.91 15.90 7.59
C2 NAG I . -19.37 15.84 7.46
C3 NAG I . -18.66 16.38 8.71
C4 NAG I . -19.15 17.82 8.97
C5 NAG I . -20.69 17.77 9.06
C6 NAG I . -21.29 19.14 9.25
C7 NAG I . -18.48 14.23 5.80
C8 NAG I . -18.08 12.80 5.53
N2 NAG I . -18.92 14.50 7.05
O3 NAG I . -17.26 16.35 8.58
O4 NAG I . -18.59 18.33 10.18
O5 NAG I . -21.32 17.22 7.89
O6 NAG I . -20.72 19.97 8.27
O7 NAG I . -18.37 15.09 4.90
C1 NAG J . -1.10 16.80 -54.86
C2 NAG J . 0.26 17.05 -55.52
C3 NAG J . 0.82 18.38 -54.92
C4 NAG J . 0.01 19.52 -55.57
C5 NAG J . -1.34 19.44 -54.86
C6 NAG J . -2.26 20.55 -55.36
C7 NAG J . 1.04 14.63 -55.87
C8 NAG J . 2.33 13.79 -55.70
N2 NAG J . 1.22 15.91 -55.44
O3 NAG J . 2.23 18.50 -55.11
O4 NAG J . 0.60 20.86 -55.51
O5 NAG J . -1.94 18.08 -55.05
O6 NAG J . -3.61 20.17 -55.12
O7 NAG J . 0.00 14.09 -56.29
C1 FUL J . -4.56 20.43 -56.13
C2 FUL J . -5.62 19.51 -55.61
O2 FUL J . -5.95 19.80 -54.26
C3 FUL J . -6.86 19.71 -56.45
O3 FUL J . -8.04 19.14 -55.82
C4 FUL J . -6.57 19.15 -57.85
O4 FUL J . -6.45 17.73 -57.76
C5 FUL J . -5.29 19.71 -58.49
C6 FUL J . -4.77 18.68 -59.56
O5 FUL J . -4.24 20.12 -57.50
C1 NAG K . -3.19 -49.63 -38.35
C2 NAG K . -4.05 -50.87 -38.10
C3 NAG K . -3.66 -51.61 -36.82
C4 NAG K . -2.26 -52.13 -36.90
C5 NAG K . -1.47 -50.84 -37.11
C6 NAG K . -0.02 -51.17 -37.28
C7 NAG K . -6.25 -50.06 -38.74
C8 NAG K . -7.70 -49.90 -38.33
N2 NAG K . -5.45 -50.62 -37.87
O3 NAG K . -4.59 -52.65 -36.55
O4 NAG K . -1.95 -52.79 -35.65
O5 NAG K . -1.84 -50.12 -38.30
O6 NAG K . 0.01 -52.31 -38.13
O7 NAG K . -5.79 -49.72 -39.82
C1 NAG K . -1.81 -54.26 -35.59
C2 NAG K . -1.37 -54.59 -34.16
C3 NAG K . -1.72 -55.98 -33.61
C4 NAG K . -2.29 -57.04 -34.54
C5 NAG K . -3.01 -56.43 -35.76
C6 NAG K . -4.50 -56.80 -35.68
C7 NAG K . 0.62 -53.41 -33.32
C8 NAG K . 2.14 -53.40 -33.32
N2 NAG K . 0.08 -54.39 -34.04
O3 NAG K . -2.70 -55.83 -32.61
O4 NAG K . -1.33 -58.08 -34.85
O5 NAG K . -2.98 -55.01 -35.90
O6 NAG K . -5.09 -56.90 -36.95
O7 NAG K . -0.11 -52.57 -32.73
C1 BMA K . -1.94 -59.42 -34.91
C2 BMA K . -1.25 -60.34 -35.94
C3 BMA K . -1.88 -61.76 -36.05
C4 BMA K . -2.60 -62.26 -34.77
C5 BMA K . -2.79 -61.24 -33.62
C6 BMA K . -2.57 -61.91 -32.27
O2 BMA K . 0.14 -60.37 -35.63
O3 BMA K . -0.94 -62.80 -36.43
O4 BMA K . -3.89 -62.75 -35.16
O5 BMA K . -1.93 -60.08 -33.65
O6 BMA K . -2.43 -60.90 -31.27
C1 NAG L . -33.48 -25.96 -10.44
C2 NAG L . -34.54 -25.82 -9.38
C3 NAG L . -34.73 -27.09 -8.54
C4 NAG L . -34.56 -28.38 -9.38
C5 NAG L . -33.25 -28.28 -10.20
C6 NAG L . -32.70 -29.36 -11.14
C7 NAG L . -34.60 -23.41 -9.00
C8 NAG L . -34.39 -22.23 -8.06
N2 NAG L . -34.27 -24.63 -8.55
O3 NAG L . -36.05 -27.05 -8.00
O4 NAG L . -34.54 -29.51 -8.51
O5 NAG L . -33.60 -27.25 -11.09
O6 NAG L . -33.61 -29.67 -12.18
O7 NAG L . -35.04 -23.20 -10.11
C1 NAG L . -34.97 -30.72 -8.88
C2 NAG L . -34.44 -32.02 -8.26
C3 NAG L . -35.51 -33.05 -7.91
C4 NAG L . -36.91 -32.49 -7.60
C5 NAG L . -37.23 -31.39 -8.63
C6 NAG L . -38.64 -30.82 -8.53
C7 NAG L . -32.27 -32.48 -9.26
C8 NAG L . -31.51 -33.28 -10.30
N2 NAG L . -33.57 -32.70 -9.20
O3 NAG L . -34.91 -33.79 -6.87
O4 NAG L . -37.94 -33.50 -7.55
O5 NAG L . -36.29 -30.34 -8.51
O6 NAG L . -39.22 -30.70 -9.82
O7 NAG L . -31.69 -31.66 -8.53
C1 FUL L . -34.40 -30.71 -12.81
C2 FUL L . -33.82 -30.06 -14.10
O2 FUL L . -32.45 -30.41 -14.32
C3 FUL L . -34.62 -30.48 -15.28
O3 FUL L . -34.15 -29.64 -16.28
C4 FUL L . -36.08 -30.16 -15.08
O4 FUL L . -36.16 -28.81 -14.61
C5 FUL L . -36.68 -31.04 -13.99
C6 FUL L . -38.20 -30.69 -13.84
O5 FUL L . -35.89 -30.85 -12.75
C1 NAG M . -14.84 43.88 8.94
C2 NAG M . -14.31 44.81 7.85
C3 NAG M . -15.19 44.67 6.61
C4 NAG M . -15.39 43.24 6.23
C5 NAG M . -15.77 42.38 7.40
C6 NAG M . -15.52 40.93 7.05
C7 NAG M . -13.15 46.79 8.73
C8 NAG M . -13.14 48.21 9.24
N2 NAG M . -14.28 46.18 8.34
O3 NAG M . -14.60 45.17 5.43
O4 NAG M . -16.41 43.23 5.25
O5 NAG M . -14.87 42.59 8.45
O6 NAG M . -16.52 40.44 6.19
O7 NAG M . -12.07 46.21 8.68
C1 NAG M . -15.85 42.71 4.05
C2 NAG M . -16.91 42.39 3.00
C3 NAG M . -16.30 42.47 1.58
C4 NAG M . -14.77 42.52 1.45
C5 NAG M . -13.99 42.77 2.76
C6 NAG M . -12.70 43.56 2.61
C7 NAG M . -18.13 40.17 2.77
C8 NAG M . -18.21 38.81 3.46
N2 NAG M . -17.30 41.03 3.38
O3 NAG M . -16.80 43.57 0.84
O4 NAG M . -14.27 41.38 0.76
O5 NAG M . -14.85 43.55 3.55
O6 NAG M . -12.78 44.50 1.55
O7 NAG M . -18.78 40.42 1.75
C1 BMA M . -13.71 41.89 -0.48
C2 BMA M . -12.53 41.07 -1.05
C3 BMA M . -12.13 41.51 -2.51
C4 BMA M . -13.13 42.41 -3.29
C5 BMA M . -14.16 43.12 -2.40
C6 BMA M . -15.26 43.81 -3.17
O2 BMA M . -12.76 39.65 -0.88
O3 BMA M . -11.82 40.36 -3.31
O4 BMA M . -12.41 43.43 -3.99
O5 BMA M . -14.69 42.16 -1.49
O6 BMA M . -15.39 45.13 -2.66
C1 NAG N . -29.84 20.86 37.41
C2 NAG N . -29.56 20.19 36.09
C3 NAG N . -30.85 20.20 35.26
C4 NAG N . -32.12 19.83 36.06
C5 NAG N . -32.20 20.54 37.43
C6 NAG N . -33.26 20.00 38.41
C7 NAG N . -27.28 21.08 35.96
C8 NAG N . -26.89 20.22 37.12
N2 NAG N . -28.54 21.02 35.49
O3 NAG N . -30.62 19.34 34.16
O4 NAG N . -33.31 20.03 35.28
O5 NAG N . -30.97 20.35 38.08
O6 NAG N . -34.47 20.71 38.40
O7 NAG N . -26.42 21.81 35.47
C1 NAG N . -34.20 18.86 35.27
C2 NAG N . -35.47 19.11 34.41
C3 NAG N . -35.96 17.72 33.93
C4 NAG N . -34.95 17.26 32.88
C5 NAG N . -33.59 17.06 33.57
C6 NAG N . -32.40 17.42 32.66
C7 NAG N . -36.69 21.21 35.08
C8 NAG N . -37.98 21.74 35.66
N2 NAG N . -36.60 19.87 34.97
O3 NAG N . -37.30 17.68 33.49
O4 NAG N . -35.36 16.07 32.24
O5 NAG N . -33.48 17.66 34.87
O6 NAG N . -32.45 18.75 32.17
O7 NAG N . -35.80 22.00 34.74
C1 NAG O . -41.81 80.60 17.03
C2 NAG O . -42.09 82.08 16.87
C3 NAG O . -42.23 82.49 15.36
C4 NAG O . -41.02 82.01 14.46
C5 NAG O . -40.68 80.58 14.83
C6 NAG O . -39.38 80.42 15.64
C7 NAG O . -43.18 82.99 18.91
C8 NAG O . -44.49 83.19 19.71
N2 NAG O . -43.27 82.36 17.72
O3 NAG O . -42.26 83.91 15.34
O4 NAG O . -41.19 82.13 13.00
O5 NAG O . -41.76 80.08 15.63
O6 NAG O . -38.38 79.87 14.80
O7 NAG O . -42.13 83.41 19.40
C1 FUL O . -37.15 80.59 14.68
C2 FUL O . -36.35 81.86 14.58
O2 FUL O . -37.28 82.89 14.27
C3 FUL O . -35.71 82.21 15.90
O3 FUL O . -34.73 83.24 15.68
C4 FUL O . -35.14 80.94 16.59
O4 FUL O . -33.94 80.64 15.93
C5 FUL O . -36.05 79.70 16.46
C6 FUL O . -35.50 78.31 16.79
O5 FUL O . -36.32 79.52 15.10
C1 NAG P . -58.69 80.41 83.52
C2 NAG P . -58.18 80.27 84.94
C3 NAG P . -59.08 79.31 85.68
C4 NAG P . -60.50 79.81 85.67
C5 NAG P . -60.98 80.24 84.29
C6 NAG P . -62.02 81.38 84.33
C7 NAG P . -55.75 80.66 84.89
C8 NAG P . -54.38 80.09 85.02
N2 NAG P . -56.79 79.84 85.02
O3 NAG P . -58.72 79.28 87.04
O4 NAG P . -61.25 78.74 86.21
O5 NAG P . -60.00 80.86 83.51
O6 NAG P . -63.16 80.84 84.90
O7 NAG P . -55.87 81.85 84.67
C1 NAG P . -61.70 79.01 87.56
C2 NAG P . -61.65 77.72 88.36
C3 NAG P . -62.49 77.94 89.64
C4 NAG P . -61.79 79.00 90.50
C5 NAG P . -61.48 80.22 89.63
C6 NAG P . -60.51 81.15 90.35
C7 NAG P . -63.06 75.99 87.24
C8 NAG P . -64.34 76.60 87.78
N2 NAG P . -61.88 76.53 87.54
O3 NAG P . -62.75 76.73 90.32
O4 NAG P . -62.57 79.53 91.57
O5 NAG P . -60.94 79.92 88.34
O6 NAG P . -59.28 80.50 90.52
O7 NAG P . -63.13 74.98 86.54
C1 BMA P . -62.56 78.94 92.90
C2 BMA P . -63.22 77.59 93.14
C3 BMA P . -64.60 78.07 93.55
C4 BMA P . -64.54 79.02 94.78
C5 BMA P . -63.23 79.82 95.06
C6 BMA P . -62.73 79.60 96.49
O2 BMA P . -62.50 76.78 94.11
O3 BMA P . -65.47 76.94 93.72
O4 BMA P . -65.54 80.03 94.56
O5 BMA P . -62.14 79.58 94.11
O6 BMA P . -62.42 80.86 97.10
C1 NAG Q . -74.25 81.99 47.67
C2 NAG Q . -75.36 82.22 48.67
C3 NAG Q . -76.09 80.91 48.98
C4 NAG Q . -76.61 80.23 47.73
C5 NAG Q . -75.38 80.02 46.84
C6 NAG Q . -75.68 79.37 45.47
C7 NAG Q . -74.28 83.96 49.99
C8 NAG Q . -74.57 84.96 48.90
N2 NAG Q . -74.67 82.69 49.84
O3 NAG Q . -77.16 81.02 49.88
O4 NAG Q . -77.03 79.01 48.27
O5 NAG Q . -74.76 81.26 46.57
O6 NAG Q . -75.68 77.94 45.42
O7 NAG Q . -73.68 84.30 51.01
C1 NAG Q . -78.41 78.69 48.05
C2 NAG Q . -78.60 77.19 48.39
C3 NAG Q . -80.05 76.78 48.76
C4 NAG Q . -80.73 77.87 49.58
C5 NAG Q . -80.58 79.13 48.75
C6 NAG Q . -81.44 80.33 49.13
C7 NAG Q . -76.89 75.64 47.40
C8 NAG Q . -76.54 74.76 46.23
N2 NAG Q . -78.08 76.30 47.35
O3 NAG Q . -80.10 75.54 49.47
O4 NAG Q . -82.08 77.49 49.86
O5 NAG Q . -79.23 79.55 48.80
O6 NAG Q . -81.39 81.16 47.99
O7 NAG Q . -76.10 75.71 48.34
C1 NAG R . -29.93 44.06 75.58
C2 NAG R . -29.74 42.57 76.03
C3 NAG R . -30.81 42.17 77.08
C4 NAG R . -30.80 43.20 78.20
C5 NAG R . -31.29 44.51 77.55
C6 NAG R . -31.71 45.67 78.47
C7 NAG R . -29.14 41.81 73.71
C8 NAG R . -29.42 40.66 72.72
N2 NAG R . -29.80 41.64 74.87
O3 NAG R . -30.56 40.88 77.62
O4 NAG R . -31.62 42.78 79.33
O5 NAG R . -30.15 44.92 76.76
O6 NAG R . -30.88 46.81 78.23
O7 NAG R . -28.41 42.78 73.41
C1 FUL R . -29.93 46.99 79.30
C2 FUL R . -29.14 48.14 78.65
O2 FUL R . -29.99 49.25 78.21
C3 FUL R . -28.02 48.58 79.61
O3 FUL R . -27.21 49.56 78.94
C4 FUL R . -27.22 47.33 80.26
O4 FUL R . -25.76 47.44 80.35
C5 FUL R . -27.62 45.92 79.68
C6 FUL R . -26.90 45.46 78.37
O5 FUL R . -29.11 45.78 79.63
C1 NAG S . -45.79 -18.78 21.98
C2 NAG S . -46.57 -18.83 20.68
C3 NAG S . -45.92 -17.92 19.62
C4 NAG S . -46.24 -16.51 20.08
C5 NAG S . -45.50 -16.42 21.43
C6 NAG S . -45.54 -14.99 21.96
C7 NAG S . -47.67 -20.99 20.75
C8 NAG S . -47.92 -22.33 20.08
N2 NAG S . -46.83 -20.16 20.16
O3 NAG S . -46.36 -18.09 18.29
O4 NAG S . -45.88 -15.53 19.08
O5 NAG S . -45.95 -17.41 22.40
O6 NAG S . -45.08 -14.09 20.97
O7 NAG S . -48.23 -20.69 21.79
C1 NAG S . -46.84 -14.44 18.85
C2 NAG S . -46.29 -13.41 17.84
C3 NAG S . -47.31 -12.30 17.49
C4 NAG S . -48.75 -12.78 17.32
C5 NAG S . -49.07 -13.77 18.44
C6 NAG S . -50.48 -14.35 18.35
C7 NAG S . -43.87 -13.19 18.12
C8 NAG S . -42.78 -12.38 18.76
N2 NAG S . -45.10 -12.77 18.37
O3 NAG S . -46.90 -11.61 16.33
O4 NAG S . -49.60 -11.65 17.35
O5 NAG S . -48.11 -14.83 18.39
O6 NAG S . -50.50 -15.44 17.46
O7 NAG S . -43.60 -14.17 17.41
C1 BMA S . -50.49 -11.50 16.20
C2 BMA S . -51.65 -10.51 16.51
C3 BMA S . -52.57 -10.26 15.31
C4 BMA S . -51.73 -9.99 14.05
C5 BMA S . -50.62 -11.05 13.86
C6 BMA S . -49.70 -10.74 12.69
O2 BMA S . -51.15 -9.23 16.96
O3 BMA S . -53.47 -9.17 15.56
O4 BMA S . -52.62 -9.95 12.92
O5 BMA S . -49.77 -11.13 15.01
O6 BMA S . -48.66 -9.88 13.14
C1 NAG T . -17.16 -19.67 49.45
C2 NAG T . -17.66 -18.25 49.24
C3 NAG T . -16.90 -17.54 48.12
C4 NAG T . -15.40 -17.59 48.42
C5 NAG T . -14.99 -19.02 48.79
C6 NAG T . -13.50 -19.12 49.14
C7 NAG T . -19.90 -18.56 50.12
C8 NAG T . -19.30 -18.38 51.49
N2 NAG T . -19.08 -18.45 49.07
O3 NAG T . -17.30 -16.20 47.96
O4 NAG T . -14.72 -17.26 47.24
O5 NAG T . -15.80 -19.61 49.80
O6 NAG T . -12.78 -19.80 48.11
O7 NAG T . -21.11 -18.78 49.96
C1 NAG T . -14.36 -15.88 47.08
C2 NAG T . -13.37 -15.81 45.91
C3 NAG T . -12.90 -14.34 45.78
C4 NAG T . -14.07 -13.33 45.84
C5 NAG T . -15.11 -13.69 46.90
C6 NAG T . -16.38 -12.86 46.74
C7 NAG T . -11.80 -17.69 45.22
C8 NAG T . -10.77 -18.65 45.74
N2 NAG T . -12.33 -16.84 46.14
O3 NAG T . -12.17 -14.12 44.58
O4 NAG T . -13.61 -12.02 46.04
O5 NAG T . -15.46 -15.05 46.80
O6 NAG T . -17.31 -13.33 47.68
O7 NAG T . -12.08 -17.72 44.03
C1 NAG U . -26.48 -49.77 -7.12
C2 NAG U . -26.10 -50.12 -8.58
C3 NAG U . -26.49 -49.05 -9.65
C4 NAG U . -27.96 -48.61 -9.57
C5 NAG U . -28.33 -48.29 -8.12
C6 NAG U . -29.73 -48.75 -7.96
C7 NAG U . -24.05 -51.44 -8.21
C8 NAG U . -22.53 -51.44 -8.42
N2 NAG U . -24.65 -50.34 -8.67
O3 NAG U . -26.23 -49.63 -10.93
O4 NAG U . -28.23 -47.48 -10.45
O5 NAG U . -27.78 -49.05 -7.00
O6 NAG U . -30.01 -48.72 -6.59
O7 NAG U . -24.64 -52.37 -7.64
C1 FUL U . -31.36 -49.15 -6.74
C2 FUL U . -31.53 -49.03 -5.21
O2 FUL U . -31.19 -47.74 -4.78
C3 FUL U . -32.99 -49.27 -4.85
O3 FUL U . -33.18 -49.22 -3.46
C4 FUL U . -33.30 -50.67 -5.34
O4 FUL U . -32.22 -51.50 -4.89
C5 FUL U . -33.35 -50.62 -6.89
C6 FUL U . -34.13 -51.81 -7.51
O5 FUL U . -31.96 -50.38 -7.37
C1 NAG V . 31.81 -20.82 0.38
C2 NAG V . 31.71 -21.40 1.79
C3 NAG V . 30.30 -21.77 2.35
C4 NAG V . 29.08 -21.11 1.67
C5 NAG V . 29.45 -20.79 0.21
C6 NAG V . 28.39 -19.94 -0.50
C7 NAG V . 33.04 -23.22 2.76
C8 NAG V . 34.08 -24.24 2.42
N2 NAG V . 32.68 -22.47 1.72
O3 NAG V . 30.21 -21.51 3.75
O4 NAG V . 27.98 -22.01 1.75
O5 NAG V . 30.65 -20.06 0.12
O6 NAG V . 28.96 -19.14 -1.52
O7 NAG V . 32.55 -23.12 3.89
C1 NAG V . 26.68 -21.60 2.29
C2 NAG V . 25.61 -22.47 1.63
C3 NAG V . 24.20 -22.11 2.06
C4 NAG V . 23.95 -22.18 3.57
C5 NAG V . 25.23 -21.70 4.32
C6 NAG V . 25.38 -22.43 5.68
C7 NAG V . 26.30 -23.23 -0.62
C8 NAG V . 26.34 -22.88 -2.08
N2 NAG V . 25.73 -22.33 0.19
O3 NAG V . 23.32 -22.99 1.42
O4 NAG V . 22.79 -21.38 3.82
O5 NAG V . 26.51 -21.82 3.67
O6 NAG V . 24.88 -21.71 6.79
O7 NAG V . 26.77 -24.29 -0.22
C1 BMA V . 21.68 -21.63 4.80
C2 BMA V . 21.24 -23.08 5.14
C3 BMA V . 20.00 -23.10 6.08
C4 BMA V . 20.07 -22.09 7.24
C5 BMA V . 20.61 -20.72 6.77
C6 BMA V . 20.88 -19.79 7.96
O2 BMA V . 22.30 -23.85 5.74
O3 BMA V . 19.77 -24.40 6.67
O4 BMA V . 18.77 -21.92 7.80
O5 BMA V . 21.83 -20.89 6.03
O6 BMA V . 19.81 -19.84 8.90
C1 NAG W . 46.06 -0.95 -30.34
C2 NAG W . 44.68 -0.45 -29.91
C3 NAG W . 43.61 -1.43 -30.38
C4 NAG W . 43.64 -1.29 -31.90
C5 NAG W . 45.04 -1.69 -32.42
C6 NAG W . 45.25 -1.53 -33.92
C7 NAG W . 43.80 0.89 -28.09
C8 NAG W . 43.04 1.69 -29.14
N2 NAG W . 44.58 -0.13 -28.50
O3 NAG W . 42.33 -1.20 -29.83
O4 NAG W . 42.53 -1.97 -32.51
O5 NAG W . 46.12 -1.00 -31.75
O6 NAG W . 46.57 -1.90 -34.25
O7 NAG W . 43.68 1.18 -26.91
C1 NAG W . 41.91 -1.16 -33.58
C2 NAG W . 40.97 -2.06 -34.43
C3 NAG W . 39.50 -1.84 -34.05
C4 NAG W . 39.41 -1.43 -32.58
C5 NAG W . 39.95 0.01 -32.56
C6 NAG W . 39.86 0.74 -31.20
C7 NAG W . 42.23 -2.30 -36.58
C8 NAG W . 42.26 -2.10 -38.08
N2 NAG W . 41.14 -1.91 -35.89
O3 NAG W . 38.71 -2.97 -34.39
O4 NAG W . 38.09 -1.52 -32.07
O5 NAG W . 41.27 0.05 -33.12
O6 NAG W . 40.27 2.10 -31.30
O7 NAG W . 43.20 -2.82 -36.04
C1 NAG X . 49.02 -62.55 -12.50
C2 NAG X . 48.70 -64.06 -12.48
C3 NAG X . 47.21 -64.35 -12.14
C4 NAG X . 46.78 -63.68 -10.87
C5 NAG X . 47.01 -62.20 -11.15
C6 NAG X . 47.04 -61.20 -10.05
C7 NAG X . 50.09 -64.76 -14.36
C8 NAG X . 50.05 -65.38 -15.77
N2 NAG X . 48.90 -64.63 -13.82
O3 NAG X . 46.97 -65.74 -11.96
O4 NAG X . 45.41 -64.08 -10.62
O5 NAG X . 48.41 -61.92 -11.34
O6 NAG X . 46.07 -61.53 -9.05
O7 NAG X . 51.13 -64.41 -13.80
C1 FUL X . 46.73 -60.56 -8.23
C2 FUL X . 47.77 -59.60 -7.69
O2 FUL X . 47.87 -58.45 -8.53
C3 FUL X . 47.36 -59.22 -6.28
O3 FUL X . 48.46 -58.54 -5.72
C4 FUL X . 46.90 -60.47 -5.46
O4 FUL X . 47.98 -61.41 -5.24
C5 FUL X . 45.76 -61.18 -6.26
C6 FUL X . 44.76 -62.21 -5.67
O5 FUL X . 46.52 -61.73 -7.38
C1 NAG Y . 105.71 -52.78 -48.63
C2 NAG Y . 106.59 -51.55 -48.44
C3 NAG Y . 107.49 -51.12 -49.62
C4 NAG Y . 107.48 -51.98 -50.89
C5 NAG Y . 106.17 -52.78 -50.91
C6 NAG Y . 105.99 -53.76 -52.07
C7 NAG Y . 105.20 -50.28 -46.90
C8 NAG Y . 104.10 -49.29 -46.79
N2 NAG Y . 105.57 -50.58 -48.14
O3 NAG Y . 108.82 -50.99 -49.19
O4 NAG Y . 107.66 -51.07 -51.99
O5 NAG Y . 106.13 -53.56 -49.73
O6 NAG Y . 107.03 -54.70 -51.99
O7 NAG Y . 105.73 -50.76 -45.90
C1 NAG Y . 108.66 -51.35 -53.00
C2 NAG Y . 108.19 -50.86 -54.39
C3 NAG Y . 109.22 -51.28 -55.45
C4 NAG Y . 110.63 -50.79 -55.14
C5 NAG Y . 110.97 -51.10 -53.65
C6 NAG Y . 112.29 -50.54 -53.09
C7 NAG Y . 105.82 -50.62 -55.12
C8 NAG Y . 104.56 -51.34 -55.46
N2 NAG Y . 106.87 -51.38 -54.74
O3 NAG Y . 108.85 -50.89 -56.77
O4 NAG Y . 111.41 -51.52 -56.07
O5 NAG Y . 109.91 -50.72 -52.75
O6 NAG Y . 112.78 -49.42 -53.79
O7 NAG Y . 105.84 -49.41 -55.21
C1 BMA Y . 112.58 -50.84 -56.57
C2 BMA Y . 113.83 -51.66 -56.20
C3 BMA Y . 115.08 -50.82 -56.47
C4 BMA Y . 114.85 -49.68 -57.49
C5 BMA Y . 113.60 -49.69 -58.42
C6 BMA Y . 113.94 -49.96 -59.90
O2 BMA Y . 113.89 -52.91 -56.90
O3 BMA Y . 116.17 -51.69 -56.83
O4 BMA Y . 114.77 -48.48 -56.72
O5 BMA Y . 112.60 -50.63 -57.99
O6 BMA Y . 113.89 -48.80 -60.74
C1 NAG Z . 70.88 -70.22 -50.49
C2 NAG Z . 71.29 -70.65 -51.91
C3 NAG Z . 71.32 -69.42 -52.84
C4 NAG Z . 69.84 -69.08 -53.02
C5 NAG Z . 69.16 -68.95 -51.64
C6 NAG Z . 68.00 -69.95 -51.46
C7 NAG Z . 72.14 -72.93 -52.08
C8 NAG Z . 70.72 -73.43 -52.18
N2 NAG Z . 72.39 -71.61 -51.95
O3 NAG Z . 71.89 -69.63 -54.12
O4 NAG Z . 69.65 -67.93 -53.81
O5 NAG Z . 70.14 -69.00 -50.60
O6 NAG Z . 67.76 -70.27 -50.11
O7 NAG Z . 73.03 -73.78 -52.12
C1 NAG Z . 69.08 -68.32 -55.08
C2 NAG Z . 68.28 -67.16 -55.72
C3 NAG Z . 67.71 -67.67 -57.04
C4 NAG Z . 68.89 -68.13 -57.90
C5 NAG Z . 69.68 -69.22 -57.17
C6 NAG Z . 70.89 -69.67 -57.97
C7 NAG Z . 67.03 -65.36 -54.54
C8 NAG Z . 65.82 -65.00 -53.72
N2 NAG Z . 67.17 -66.65 -54.90
O3 NAG Z . 66.96 -66.66 -57.67
O4 NAG Z . 68.45 -68.58 -59.17
O5 NAG Z . 70.13 -68.74 -55.93
O6 NAG Z . 71.05 -68.83 -59.09
O7 NAG Z . 67.84 -64.48 -54.85
C1 NAG AA . 89.93 -10.96 -35.12
C2 NAG AA . 90.32 -9.61 -34.49
C3 NAG AA . 91.12 -8.77 -35.50
C4 NAG AA . 92.47 -9.43 -35.68
C5 NAG AA . 92.24 -10.89 -36.11
C6 NAG AA . 93.46 -11.75 -35.81
C7 NAG AA . 88.81 -8.91 -32.66
C8 NAG AA . 89.88 -9.49 -31.72
N2 NAG AA . 89.08 -8.98 -33.97
O3 NAG AA . 91.36 -7.45 -35.04
O4 NAG AA . 93.29 -8.69 -36.62
O5 NAG AA . 91.20 -11.62 -35.38
O6 NAG AA . 93.19 -12.42 -34.58
O7 NAG AA . 87.78 -8.40 -32.20
C1 FUC AA . 93.83 -11.89 -33.40
C2 FUC AA . 94.01 -13.07 -32.41
C3 FUC AA . 95.49 -13.43 -32.27
C4 FUC AA . 96.31 -12.20 -31.79
C5 FUC AA . 96.20 -11.02 -32.81
C6 FUC AA . 96.96 -9.76 -32.29
O2 FUC AA . 93.30 -14.24 -32.84
O3 FUC AA . 95.64 -14.51 -31.38
O4 FUC AA . 95.91 -11.79 -30.47
O5 FUC AA . 94.79 -10.74 -33.23
CU CU BA . -23.40 2.70 -16.81
CA CA CA . -6.94 17.98 -40.63
CA CA DA . -19.17 19.91 -43.74
C1 GOL EA . -36.29 34.22 -23.76
O1 GOL EA . -35.87 35.37 -23.03
C2 GOL EA . -36.96 33.15 -22.86
O2 GOL EA . -36.62 31.84 -23.27
C3 GOL EA . -38.49 33.25 -22.90
O3 GOL EA . -39.00 32.63 -21.74
CU CU FA . -0.97 -10.66 -39.60
CA CA GA . -20.15 -26.45 -18.58
CA CA HA . -23.81 -31.09 -29.95
C1 NAG IA . 22.46 -20.46 -43.46
C2 NAG IA . 22.31 -21.84 -44.09
C3 NAG IA . 23.03 -22.68 -43.07
C4 NAG IA . 24.44 -22.59 -43.61
C5 NAG IA . 24.89 -21.12 -43.40
C6 NAG IA . 26.01 -20.69 -44.37
C7 NAG IA . 20.81 -23.60 -44.85
C8 NAG IA . 22.01 -24.35 -45.38
N2 NAG IA . 21.00 -22.42 -44.24
O3 NAG IA . 22.53 -23.97 -42.93
O4 NAG IA . 25.27 -23.58 -43.02
O5 NAG IA . 23.85 -20.11 -43.48
O6 NAG IA . 26.97 -19.86 -43.73
O7 NAG IA . 19.70 -24.11 -44.98
CU CU JA . -30.91 44.89 44.35
CA CA KA . -37.51 66.73 20.78
CA CA LA . -25.08 67.31 21.75
CU CU MA . -50.89 73.59 46.12
CA CA NA . -40.96 54.05 70.31
CA CA OA . -36.57 65.51 73.96
C1 NAG PA . -24.79 67.63 75.53
C2 NAG PA . -23.75 68.76 75.47
C3 NAG PA . -22.36 68.14 75.69
C4 NAG PA . -22.31 67.33 76.99
C5 NAG PA . -23.42 66.27 77.04
C6 NAG PA . -23.43 65.57 78.42
C7 NAG PA . -23.17 70.25 73.47
C8 NAG PA . -23.80 70.91 72.27
N2 NAG PA . -24.02 69.54 74.23
O3 NAG PA . -21.33 69.11 75.76
O4 NAG PA . -21.04 66.73 77.18
O5 NAG PA . -24.67 66.91 76.77
O6 NAG PA . -24.04 64.30 78.41
O7 NAG PA . -21.97 70.41 73.68
CU CU QA . -18.78 -41.98 37.94
CA CA RA . -25.27 -41.98 5.69
CA CA SA . -36.68 -43.87 11.02
CU CU TA . 61.65 -19.91 -24.59
CA CA UA . 47.30 -47.70 -14.98
CA CA VA . 49.78 -41.60 -2.72
CU CU WA . 70.17 -52.52 -32.08
CA CA XA . 87.35 -24.59 -38.53
CA CA YA . 94.98 -31.93 -31.52
#